data_6C3P
#
_entry.id   6C3P
#
_cell.length_a   1
_cell.length_b   1
_cell.length_c   1
_cell.angle_alpha   90
_cell.angle_beta   90
_cell.angle_gamma   90
#
_symmetry.space_group_name_H-M   'P 1'
#
loop_
_entity.id
_entity.type
_entity.pdbx_description
1 polymer 'ATP-sensitive inward rectifier potassium channel 11'
2 polymer 'ATP-binding cassette sub-family C member 8'
3 non-polymer "ADENOSINE-5'-TRIPHOSPHATE"
4 non-polymer "ADENOSINE-5'-DIPHOSPHATE"
5 non-polymer 'MAGNESIUM ION'
#
loop_
_entity_poly.entity_id
_entity_poly.type
_entity_poly.pdbx_seq_one_letter_code
_entity_poly.pdbx_strand_id
1 'polypeptide(L)'
;SASASAMLSRKGIIPEEYVLTRLAEDPAEPRYRARQRRARFVSKKGNCNVAHKNIREQGRFLQDVFTTLVDLKWPHTLLI
FTMSFLCSWLLFAMAWWLIAFAHGDLAPSEGTAEPCVTSIHSFSSAFLFSIEVQVTIGFGGRMVTEECPLAILILIVQNI
VGLMINAIMLGCIFMKTAQAHRRAETLIFSKHAVIALRHGRLCFMLRVGDLRKSMIISATIHMQVVRKTTSPEGEVVPLH
QVDIPMENGVGGNSIFLVAPLIIYHVIDANSPLYDLAPSDLHHHQDLEIIVILEGVVETTGITTQARTSYLADEILWGQR
FVPIVAEEDGRYSVDYSKFGNTIKVPTPLCTARQLDEDHSLLEALTLASARGPLRKRSVPMAKAKPKFSISPDSLSSNSL
EVLFQG
;
A,D,B,C
2 'polypeptide(L)'
;MPLAFCGSENHSAAYRVDQGVLNNGCFVDALNVVPHVFLLFITFPILFIGWGSQSSKVHIHHSTWLHFPGHNLRWILTFM
LLFVLVCEIAEGILSDGVTESHHLHLYMPAGMAFMAAVTSVVYYHNIETSNFPKLLIALLVYWTLAFITKTIKFVKFLDH
AIGFSQLRFCLTGLLVILYGMLLLVEVNVIRVRRYIFFKTPREVKPPEDLQDLGVRFLQPFVNLLSKGTYWWMNAFIKTA
HKKPIDLRAIGKLPIAMRALTNYQRLCEAFDAQVRKDIQGTQGARAIWQALSHAFGRRLVLSSTFRILADLLGFAGPLCI
FGIVDHLGKENDVFQPKTQFLGVYFVSSQEFLANAYVLAVLLFLALLLQRTFLQASYYVAIETGINLRGAIQTKIYNKIM
HLSTSNLSMGEMTAGQICNLVAIDTNQLMWFFFLCPNLWAMPVQIIVGVILLYYILGVSALIGAAVIILLAPVQYFVATK
LSQAQRSTLEYSNERLKQTNEMLRGIKLLKLYAWENIFRTRVETTRRKEMTSLRAFAIYTSISIFMNTAIPIAAVLITFV
GHVSFFKEADFSPSVAFASLSLFHILVTPLFLLSSVVRSTVKALVSVQKLSEFLSSAEIREEQCAPHEPTPQGPASKYQA
VPLRVVNRKRPAREDCRGLTGPLQSLVPSADGDADNCCVQIMGGYFTWTPDGIPTLSNITIRIPRGQLTMIVGQVGCGKS
SLLLAALGEMQKVSGAVFWSSLPDSEIGEDPSPERETATDLDIRKRGPVAYASQKPWLLNATVEENIIFESPFNKQRYKM
VIEACSLQPDIDILPHGDQTQIGERGINLSGGQRQRISVARALYQHANVVFLDDPFSALDIHLSDHLMQAGILELLRDDK
RTVVLVTHKLQYLPHADWIIAMKDGTIQREGTLKDFQRSECQLFEHWKTLMNRQDQELEKETVTERKATEPPQGLSRAMS
SRDGLLQDEEEEEEEAAESEEDDNLSSMLHQRAEIPWRACAKYLSSAGILLLSLLVFSQLLKHMVLVAIDYWLAKWTDSA
LTLTPAARNCSLSQECTLDQTVYAMVFTVLCSLGIVLCLVTSVTVEWTGLKVAKRLHRSLLNRIILAPMRFFETTPLGSI
LNRFSSDCNTIDQHIPSTLECLSRSTLLCVSALAVISYVTPVFLVALLPLAIVCYFIQKYFRVASRDLQQLDDTTQLPLL
SHFAETVEGLTTIRAFRYEARFQQKLLEYTDSNNIASLFLTAANRWLEVRMEYIGACVVLIAAVTSISNSLHRELSAGLV
GLGLTYALMVSNYLNWMVRNLADMELQLGAVKRIHGLLKTEAESYEGLLAPSLIPKNWPDQGKIQIQNLSVRYDSSLKPV
LKHVNALIAPGQKIGICGRTGSGKSSFSLAFFRMVDTFEGHIIIDGIDIAKLPLHTLRSRLSIILQDPVLFSGTIRFNLD
PERKCSDSTLWEALEIAQLKLVVKALPGGLDAIITEGGENFSQGQRQLFCLARAFVRKTSIFIMDEATASIDMATENILQ
KVVMTAFADRTVVTIAHRVHTILSADLVIVLKRGAILEFDKPEKLLSRKDSVFASFVRADK
;
E,H,G,F
#
loop_
_chem_comp.id
_chem_comp.type
_chem_comp.name
_chem_comp.formula
ADP non-polymer ADENOSINE-5'-DIPHOSPHATE 'C10 H15 N5 O10 P2'
ATP non-polymer ADENOSINE-5'-TRIPHOSPHATE 'C10 H16 N5 O13 P3'
MG non-polymer 'MAGNESIUM ION' 'Mg 2'
#
# COMPACT_ATOMS: atom_id res chain seq x y z
N ARG A 38 -18.60 22.93 23.53
CA ARG A 38 -17.52 23.24 22.59
C ARG A 38 -16.32 22.31 22.78
N ALA A 39 -16.39 21.13 22.18
CA ALA A 39 -15.30 20.16 22.25
C ALA A 39 -14.34 20.35 21.08
N ARG A 40 -13.15 19.78 21.17
CA ARG A 40 -12.24 19.69 20.03
C ARG A 40 -12.64 18.51 19.17
N PHE A 41 -12.74 18.73 17.87
CA PHE A 41 -13.02 17.63 16.95
C PHE A 41 -11.98 16.53 17.10
N VAL A 42 -10.72 16.85 16.86
CA VAL A 42 -9.61 15.94 17.08
C VAL A 42 -8.70 16.56 18.12
N SER A 43 -8.27 15.75 19.09
CA SER A 43 -7.38 16.22 20.13
C SER A 43 -6.05 16.68 19.51
N LYS A 44 -5.32 17.51 20.26
CA LYS A 44 -3.99 17.92 19.83
C LYS A 44 -3.03 16.75 19.66
N LYS A 45 -3.50 15.52 19.90
CA LYS A 45 -2.68 14.33 19.74
C LYS A 45 -3.35 13.27 18.88
N GLY A 46 -4.32 13.65 18.05
CA GLY A 46 -4.89 12.73 17.09
C GLY A 46 -6.10 11.96 17.56
N ASN A 47 -6.61 12.23 18.76
CA ASN A 47 -7.77 11.51 19.25
C ASN A 47 -9.05 12.07 18.65
N CYS A 48 -9.78 11.21 17.93
CA CYS A 48 -11.04 11.60 17.33
C CYS A 48 -12.09 11.67 18.43
N ASN A 49 -12.31 12.88 18.95
CA ASN A 49 -13.08 13.09 20.17
C ASN A 49 -14.58 13.11 19.88
N VAL A 50 -15.08 12.01 19.34
CA VAL A 50 -16.47 11.89 18.93
C VAL A 50 -16.95 10.50 19.33
N ALA A 51 -18.08 10.42 20.03
CA ALA A 51 -18.67 9.12 20.36
C ALA A 51 -19.77 8.78 19.37
N HIS A 52 -20.02 7.49 19.23
CA HIS A 52 -20.98 6.98 18.26
C HIS A 52 -22.40 6.95 18.81
N LYS A 53 -22.62 6.35 19.97
CA LYS A 53 -23.92 6.47 20.61
C LYS A 53 -25.07 5.93 19.75
N ASN A 54 -25.28 4.61 19.81
CA ASN A 54 -26.43 3.91 19.21
C ASN A 54 -26.24 3.57 17.73
N ILE A 55 -25.13 2.92 17.40
CA ILE A 55 -25.05 2.15 16.15
C ILE A 55 -26.24 1.21 16.11
N ARG A 56 -26.87 1.09 14.94
CA ARG A 56 -28.01 0.20 14.79
C ARG A 56 -27.63 -1.26 15.00
N GLU A 57 -26.77 -1.78 14.14
CA GLU A 57 -26.61 -3.22 13.97
C GLU A 57 -25.60 -3.79 14.96
N GLN A 58 -25.29 -5.07 14.80
CA GLN A 58 -24.30 -5.77 15.59
C GLN A 58 -22.95 -5.68 14.87
N GLY A 59 -21.97 -6.45 15.32
CA GLY A 59 -20.64 -6.41 14.74
C GLY A 59 -20.45 -7.44 13.65
N ARG A 60 -19.19 -7.80 13.41
CA ARG A 60 -18.85 -8.82 12.41
C ARG A 60 -19.02 -10.19 13.04
N PHE A 61 -19.63 -11.11 12.31
CA PHE A 61 -20.03 -12.41 12.82
C PHE A 61 -18.90 -13.12 13.57
N LEU A 62 -17.80 -13.45 12.88
CA LEU A 62 -16.63 -14.06 13.51
C LEU A 62 -15.33 -13.56 12.90
N GLN A 63 -15.32 -12.39 12.29
CA GLN A 63 -14.09 -11.79 11.77
C GLN A 63 -13.63 -10.62 12.62
N ASP A 64 -14.58 -9.91 13.24
CA ASP A 64 -14.26 -8.82 14.15
C ASP A 64 -13.31 -9.31 15.24
N VAL A 65 -13.26 -10.61 15.46
CA VAL A 65 -12.35 -11.15 16.47
C VAL A 65 -10.90 -10.78 16.13
N PHE A 66 -10.50 -10.96 14.88
CA PHE A 66 -9.12 -10.70 14.50
C PHE A 66 -8.81 -9.21 14.54
N THR A 67 -9.66 -8.39 13.94
CA THR A 67 -9.43 -6.95 13.95
C THR A 67 -9.40 -6.38 15.36
N THR A 68 -10.42 -6.70 16.16
CA THR A 68 -10.46 -6.25 17.55
C THR A 68 -9.31 -6.85 18.34
N LEU A 69 -8.74 -7.94 17.84
CA LEU A 69 -7.62 -8.57 18.54
C LEU A 69 -6.33 -7.81 18.28
N VAL A 70 -6.13 -7.36 17.03
CA VAL A 70 -4.87 -6.75 16.67
C VAL A 70 -4.60 -5.51 17.52
N ASP A 71 -5.42 -4.48 17.34
CA ASP A 71 -5.25 -3.23 18.06
C ASP A 71 -5.87 -3.38 19.43
N LEU A 72 -5.03 -3.54 20.44
CA LEU A 72 -5.50 -3.84 21.78
C LEU A 72 -4.29 -3.81 22.69
N LYS A 73 -4.53 -3.49 23.95
CA LYS A 73 -3.43 -3.33 24.88
C LYS A 73 -2.65 -4.65 25.02
N TRP A 74 -1.32 -4.53 25.05
CA TRP A 74 -0.45 -5.69 25.05
C TRP A 74 -0.77 -6.70 26.14
N PRO A 75 -0.80 -6.32 27.43
CA PRO A 75 -1.07 -7.32 28.46
C PRO A 75 -2.39 -8.03 28.27
N HIS A 76 -3.43 -7.35 27.82
CA HIS A 76 -4.70 -8.02 27.59
C HIS A 76 -4.58 -9.08 26.50
N THR A 77 -3.93 -8.74 25.39
CA THR A 77 -3.72 -9.72 24.31
C THR A 77 -2.90 -10.91 24.78
N LEU A 78 -1.77 -10.62 25.43
CA LEU A 78 -0.96 -11.65 26.07
C LEU A 78 -1.84 -12.58 26.89
N LEU A 79 -2.61 -12.02 27.82
CA LEU A 79 -3.43 -12.84 28.70
C LEU A 79 -4.40 -13.68 27.91
N ILE A 80 -5.00 -13.11 26.86
CA ILE A 80 -5.95 -13.86 26.06
C ILE A 80 -5.28 -15.08 25.44
N PHE A 81 -4.07 -14.90 24.90
CA PHE A 81 -3.41 -16.03 24.26
C PHE A 81 -2.99 -17.08 25.27
N THR A 82 -2.40 -16.64 26.38
CA THR A 82 -2.05 -17.55 27.46
C THR A 82 -3.25 -18.37 27.90
N MET A 83 -4.39 -17.71 28.09
CA MET A 83 -5.53 -18.42 28.62
C MET A 83 -6.14 -19.33 27.56
N SER A 84 -5.98 -18.96 26.28
CA SER A 84 -6.35 -19.89 25.21
C SER A 84 -5.52 -21.16 25.28
N PHE A 85 -4.22 -21.02 25.47
CA PHE A 85 -3.37 -22.21 25.61
C PHE A 85 -3.75 -23.02 26.84
N LEU A 86 -4.04 -22.35 27.95
CA LEU A 86 -4.45 -23.07 29.15
C LEU A 86 -5.72 -23.86 28.91
N CYS A 87 -6.73 -23.24 28.30
CA CYS A 87 -7.98 -23.96 28.11
C CYS A 87 -7.81 -25.09 27.12
N SER A 88 -7.03 -24.87 26.07
CA SER A 88 -6.76 -25.94 25.12
C SER A 88 -6.05 -27.11 25.78
N TRP A 89 -5.12 -26.83 26.69
CA TRP A 89 -4.42 -27.90 27.36
C TRP A 89 -5.35 -28.63 28.32
N LEU A 90 -6.06 -27.90 29.16
CA LEU A 90 -6.95 -28.53 30.13
C LEU A 90 -8.06 -29.33 29.49
N LEU A 91 -8.61 -28.87 28.37
CA LEU A 91 -9.71 -29.60 27.76
C LEU A 91 -9.26 -30.99 27.35
N PHE A 92 -8.19 -31.07 26.57
CA PHE A 92 -7.68 -32.39 26.21
C PHE A 92 -7.11 -33.13 27.40
N ALA A 93 -6.71 -32.42 28.46
CA ALA A 93 -6.28 -33.11 29.66
C ALA A 93 -7.43 -33.89 30.26
N MET A 94 -8.58 -33.22 30.41
CA MET A 94 -9.78 -33.91 30.83
C MET A 94 -10.10 -35.06 29.88
N ALA A 95 -9.90 -34.85 28.58
CA ALA A 95 -10.18 -35.91 27.61
C ALA A 95 -9.32 -37.14 27.88
N TRP A 96 -8.01 -36.96 27.93
CA TRP A 96 -7.12 -38.10 28.16
C TRP A 96 -7.41 -38.78 29.48
N TRP A 97 -7.60 -37.98 30.54
CA TRP A 97 -7.90 -38.57 31.84
C TRP A 97 -9.16 -39.41 31.77
N LEU A 98 -10.20 -38.87 31.17
CA LEU A 98 -11.46 -39.60 31.04
C LEU A 98 -11.26 -40.87 30.24
N ILE A 99 -10.44 -40.83 29.20
CA ILE A 99 -10.21 -42.04 28.41
C ILE A 99 -9.50 -43.09 29.23
N ALA A 100 -8.45 -42.71 29.95
CA ALA A 100 -7.76 -43.67 30.80
C ALA A 100 -8.72 -44.26 31.82
N PHE A 101 -9.64 -43.44 32.31
CA PHE A 101 -10.55 -43.94 33.33
C PHE A 101 -11.63 -44.84 32.74
N ALA A 102 -12.04 -44.58 31.50
CA ALA A 102 -13.03 -45.44 30.86
C ALA A 102 -12.41 -46.76 30.43
N HIS A 103 -11.13 -46.73 30.06
CA HIS A 103 -10.42 -47.95 29.73
C HIS A 103 -10.21 -48.84 30.95
N GLY A 104 -10.60 -48.37 32.13
CA GLY A 104 -10.35 -49.12 33.34
C GLY A 104 -8.86 -49.24 33.54
N ASP A 105 -8.18 -48.10 33.49
CA ASP A 105 -6.72 -48.09 33.54
C ASP A 105 -6.16 -47.41 34.77
N LEU A 106 -6.98 -46.80 35.61
CA LEU A 106 -6.48 -46.16 36.82
C LEU A 106 -6.45 -47.14 37.99
N ALA A 107 -7.45 -48.00 38.07
CA ALA A 107 -7.58 -48.90 39.20
C ALA A 107 -6.62 -50.09 39.15
N PRO A 108 -6.63 -50.90 38.07
CA PRO A 108 -6.07 -52.25 38.18
C PRO A 108 -4.58 -52.30 38.47
N SER A 109 -3.78 -51.71 37.58
CA SER A 109 -2.32 -51.86 37.61
C SER A 109 -1.94 -53.33 37.71
N GLU A 110 -2.78 -54.20 37.13
CA GLU A 110 -2.59 -55.64 37.26
C GLU A 110 -1.35 -56.12 36.52
N GLY A 111 -0.86 -55.32 35.57
CA GLY A 111 0.32 -55.69 34.81
C GLY A 111 0.00 -56.24 33.44
N THR A 112 -1.15 -56.91 33.33
CA THR A 112 -1.53 -57.52 32.07
C THR A 112 -2.07 -56.49 31.08
N ALA A 113 -3.20 -55.85 31.40
CA ALA A 113 -3.85 -54.95 30.48
C ALA A 113 -3.00 -53.70 30.26
N GLU A 114 -2.74 -53.38 29.01
CA GLU A 114 -1.91 -52.25 28.64
C GLU A 114 -2.76 -51.01 28.50
N PRO A 115 -2.27 -49.86 28.92
CA PRO A 115 -3.11 -48.66 28.93
C PRO A 115 -3.39 -48.12 27.54
N CYS A 116 -4.40 -47.26 27.43
CA CYS A 116 -4.50 -46.42 26.24
C CYS A 116 -3.23 -45.59 26.06
N VAL A 117 -2.77 -44.99 27.15
CA VAL A 117 -1.56 -44.19 27.16
C VAL A 117 -0.73 -44.60 28.37
N THR A 118 0.56 -44.78 28.16
CA THR A 118 1.42 -45.36 29.18
C THR A 118 1.51 -44.46 30.40
N SER A 119 1.42 -45.08 31.57
CA SER A 119 1.85 -44.50 32.84
C SER A 119 1.18 -43.15 33.10
N ILE A 120 -0.14 -43.18 33.25
CA ILE A 120 -0.84 -42.06 33.82
C ILE A 120 -1.73 -42.59 34.94
N HIS A 121 -1.71 -41.89 36.06
CA HIS A 121 -2.37 -42.37 37.26
C HIS A 121 -3.17 -41.27 37.94
N SER A 122 -3.01 -40.03 37.51
CA SER A 122 -3.71 -38.91 38.12
C SER A 122 -4.08 -37.95 37.01
N PHE A 123 -5.09 -37.13 37.28
CA PHE A 123 -5.41 -36.07 36.34
C PHE A 123 -4.19 -35.20 36.07
N SER A 124 -3.33 -35.05 37.06
CA SER A 124 -2.07 -34.36 36.84
C SER A 124 -1.28 -35.04 35.73
N SER A 125 -1.29 -36.37 35.70
CA SER A 125 -0.59 -37.08 34.65
C SER A 125 -1.17 -36.77 33.28
N ALA A 126 -2.50 -36.83 33.16
CA ALA A 126 -3.12 -36.53 31.87
C ALA A 126 -2.86 -35.10 31.46
N PHE A 127 -2.74 -34.19 32.43
CA PHE A 127 -2.48 -32.81 32.07
C PHE A 127 -1.05 -32.63 31.57
N LEU A 128 -0.09 -33.20 32.27
CA LEU A 128 1.27 -33.21 31.76
C LEU A 128 1.33 -33.82 30.37
N PHE A 129 0.59 -34.89 30.15
CA PHE A 129 0.58 -35.52 28.84
C PHE A 129 0.02 -34.59 27.79
N SER A 130 -1.07 -33.89 28.10
CA SER A 130 -1.63 -32.97 27.12
C SER A 130 -0.66 -31.86 26.79
N ILE A 131 0.05 -31.36 27.79
CA ILE A 131 1.05 -30.32 27.52
C ILE A 131 2.15 -30.87 26.64
N GLU A 132 2.65 -32.07 26.97
CA GLU A 132 3.69 -32.66 26.14
C GLU A 132 3.24 -32.83 24.70
N VAL A 133 2.00 -33.25 24.50
CA VAL A 133 1.50 -33.49 23.15
C VAL A 133 1.39 -32.16 22.41
N GLN A 134 0.57 -31.25 22.92
CA GLN A 134 0.21 -30.08 22.15
C GLN A 134 1.40 -29.14 21.97
N VAL A 135 2.31 -29.08 22.95
CA VAL A 135 3.52 -28.28 22.77
C VAL A 135 4.57 -29.02 21.97
N THR A 136 4.30 -30.27 21.59
CA THR A 136 5.19 -31.07 20.76
C THR A 136 6.49 -31.41 21.49
N ILE A 137 6.40 -31.61 22.79
CA ILE A 137 7.57 -31.98 23.57
C ILE A 137 7.71 -33.48 23.59
N GLY A 138 6.74 -34.17 24.17
CA GLY A 138 6.73 -35.62 24.15
C GLY A 138 7.93 -36.27 24.80
N PHE A 139 8.03 -36.17 26.12
CA PHE A 139 9.17 -36.77 26.82
C PHE A 139 9.26 -38.26 26.56
N GLY A 140 8.19 -39.00 26.79
CA GLY A 140 8.20 -40.40 26.45
C GLY A 140 7.78 -41.32 27.58
N GLY A 141 7.92 -40.84 28.82
CA GLY A 141 7.47 -41.63 29.95
C GLY A 141 5.99 -41.91 29.95
N ARG A 142 5.21 -41.06 29.28
CA ARG A 142 3.78 -41.24 29.14
C ARG A 142 3.43 -41.11 27.66
N MET A 143 3.03 -42.23 27.06
CA MET A 143 3.06 -42.38 25.61
C MET A 143 1.82 -43.11 25.12
N VAL A 144 1.33 -42.69 23.96
CA VAL A 144 0.14 -43.30 23.39
C VAL A 144 0.46 -44.72 22.95
N THR A 145 -0.50 -45.62 23.09
CA THR A 145 -0.34 -47.02 22.74
C THR A 145 -1.45 -47.41 21.77
N GLU A 146 -1.22 -48.49 21.02
CA GLU A 146 -2.21 -48.98 20.07
C GLU A 146 -3.45 -49.53 20.74
N GLU A 147 -3.44 -49.71 22.06
CA GLU A 147 -4.54 -50.39 22.73
C GLU A 147 -5.85 -49.64 22.67
N CYS A 148 -5.84 -48.37 22.25
CA CYS A 148 -7.08 -47.61 22.19
C CYS A 148 -7.11 -46.77 20.93
N PRO A 149 -7.78 -47.23 19.87
CA PRO A 149 -7.90 -46.40 18.68
C PRO A 149 -8.61 -45.09 18.93
N LEU A 150 -9.56 -45.08 19.86
CA LEU A 150 -10.20 -43.83 20.24
C LEU A 150 -9.18 -42.85 20.78
N ALA A 151 -8.19 -43.34 21.53
CA ALA A 151 -7.11 -42.49 22.00
C ALA A 151 -6.30 -41.94 20.84
N ILE A 152 -6.13 -42.75 19.78
CA ILE A 152 -5.44 -42.27 18.60
C ILE A 152 -6.23 -41.13 17.96
N LEU A 153 -7.56 -41.27 17.92
CA LEU A 153 -8.39 -40.18 17.43
C LEU A 153 -8.18 -38.93 18.26
N ILE A 154 -8.20 -39.07 19.58
CA ILE A 154 -7.96 -37.91 20.45
C ILE A 154 -6.61 -37.28 20.14
N LEU A 155 -5.59 -38.10 19.92
CA LEU A 155 -4.27 -37.56 19.60
C LEU A 155 -4.32 -36.74 18.31
N ILE A 156 -4.94 -37.29 17.27
CA ILE A 156 -5.05 -36.57 16.01
C ILE A 156 -5.78 -35.26 16.22
N VAL A 157 -6.88 -35.31 16.96
CA VAL A 157 -7.67 -34.11 17.21
C VAL A 157 -6.84 -33.06 17.92
N GLN A 158 -6.11 -33.45 18.95
CA GLN A 158 -5.37 -32.46 19.71
C GLN A 158 -4.23 -31.89 18.90
N ASN A 159 -3.62 -32.70 18.03
CA ASN A 159 -2.55 -32.17 17.20
C ASN A 159 -3.09 -31.16 16.19
N ILE A 160 -4.21 -31.48 15.55
CA ILE A 160 -4.80 -30.55 14.59
C ILE A 160 -5.20 -29.26 15.29
N VAL A 161 -5.89 -29.37 16.41
CA VAL A 161 -6.28 -28.18 17.16
C VAL A 161 -5.06 -27.39 17.59
N GLY A 162 -4.01 -28.07 18.03
CA GLY A 162 -2.81 -27.37 18.45
C GLY A 162 -2.19 -26.59 17.32
N LEU A 163 -2.11 -27.20 16.15
CA LEU A 163 -1.52 -26.48 15.02
C LEU A 163 -2.39 -25.30 14.61
N MET A 164 -3.71 -25.49 14.57
CA MET A 164 -4.60 -24.39 14.20
C MET A 164 -4.48 -23.24 15.18
N ILE A 165 -4.57 -23.54 16.47
CA ILE A 165 -4.50 -22.47 17.46
C ILE A 165 -3.13 -21.83 17.45
N ASN A 166 -2.08 -22.61 17.21
CA ASN A 166 -0.75 -22.04 17.19
C ASN A 166 -0.59 -21.07 16.03
N ALA A 167 -1.08 -21.46 14.85
CA ALA A 167 -0.99 -20.57 13.69
C ALA A 167 -1.82 -19.32 13.90
N ILE A 168 -2.99 -19.44 14.52
CA ILE A 168 -3.80 -18.25 14.78
C ILE A 168 -3.07 -17.32 15.72
N MET A 169 -2.55 -17.85 16.84
CA MET A 169 -1.82 -17.03 17.78
C MET A 169 -0.63 -16.36 17.11
N LEU A 170 0.05 -17.07 16.22
CA LEU A 170 1.26 -16.54 15.64
C LEU A 170 0.95 -15.50 14.58
N GLY A 171 -0.10 -15.70 13.80
CA GLY A 171 -0.53 -14.66 12.88
C GLY A 171 -0.95 -13.40 13.60
N CYS A 172 -1.68 -13.56 14.71
CA CYS A 172 -2.06 -12.40 15.49
C CYS A 172 -0.85 -11.69 16.08
N ILE A 173 0.07 -12.45 16.68
CA ILE A 173 1.28 -11.84 17.24
C ILE A 173 2.07 -11.14 16.16
N PHE A 174 2.10 -11.71 14.95
CA PHE A 174 2.80 -11.03 13.88
C PHE A 174 2.13 -9.71 13.55
N MET A 175 0.89 -9.76 13.09
CA MET A 175 0.27 -8.51 12.68
C MET A 175 0.15 -7.53 13.83
N LYS A 176 0.36 -7.96 15.06
CA LYS A 176 0.43 -7.00 16.16
C LYS A 176 1.83 -6.42 16.31
N THR A 177 2.87 -7.24 16.16
CA THR A 177 4.23 -6.73 16.24
C THR A 177 4.62 -5.93 15.01
N ALA A 178 3.93 -6.11 13.89
CA ALA A 178 4.08 -5.21 12.76
C ALA A 178 3.18 -3.98 12.87
N GLN A 179 2.73 -3.65 14.08
CA GLN A 179 1.80 -2.56 14.27
C GLN A 179 2.42 -1.23 13.87
N ALA A 180 1.58 -0.35 13.37
CA ALA A 180 1.90 1.04 13.10
C ALA A 180 1.58 1.90 14.32
N HIS A 181 1.49 3.21 14.10
CA HIS A 181 1.16 4.30 15.01
C HIS A 181 2.15 4.39 16.15
N ARG A 182 3.19 3.55 16.19
CA ARG A 182 4.35 3.89 17.00
C ARG A 182 5.11 5.03 16.36
N ARG A 183 5.21 5.01 15.02
CA ARG A 183 5.82 6.14 14.32
C ARG A 183 4.91 7.37 14.35
N ALA A 184 3.59 7.16 14.25
CA ALA A 184 2.64 8.27 14.19
C ALA A 184 2.68 9.15 15.42
N GLU A 185 3.36 8.72 16.48
CA GLU A 185 3.54 9.58 17.65
C GLU A 185 4.76 10.47 17.51
N THR A 186 5.75 10.04 16.73
CA THR A 186 6.95 10.86 16.54
C THR A 186 6.70 12.00 15.57
N LEU A 187 5.66 11.90 14.74
CA LEU A 187 5.33 12.95 13.81
C LEU A 187 4.72 14.12 14.57
N ILE A 188 5.51 15.12 14.89
CA ILE A 188 5.10 16.16 15.82
C ILE A 188 4.59 17.38 15.08
N PHE A 189 3.81 18.19 15.78
CA PHE A 189 3.22 19.40 15.25
C PHE A 189 3.20 20.46 16.34
N SER A 190 3.70 21.65 16.01
CA SER A 190 3.73 22.74 16.95
C SER A 190 2.33 22.99 17.52
N LYS A 191 2.29 23.44 18.78
CA LYS A 191 1.03 23.67 19.46
C LYS A 191 0.29 24.87 18.87
N HIS A 192 0.93 25.63 17.99
CA HIS A 192 0.36 26.85 17.45
C HIS A 192 0.57 26.90 15.95
N ALA A 193 -0.30 27.63 15.26
CA ALA A 193 -0.14 27.93 13.85
C ALA A 193 -0.18 29.44 13.67
N VAL A 194 0.65 29.95 12.77
CA VAL A 194 0.78 31.39 12.59
C VAL A 194 0.36 31.74 11.17
N ILE A 195 -0.10 32.98 11.01
CA ILE A 195 -0.35 33.55 9.69
C ILE A 195 0.66 34.67 9.49
N ALA A 196 0.96 34.98 8.24
CA ALA A 196 1.83 36.11 7.93
C ALA A 196 1.59 36.52 6.49
N LEU A 197 2.41 37.45 6.01
CA LEU A 197 2.37 37.87 4.62
C LEU A 197 3.48 37.16 3.85
N ARG A 198 3.09 36.48 2.78
CA ARG A 198 4.03 35.89 1.85
C ARG A 198 3.57 36.21 0.44
N HIS A 199 4.51 36.67 -0.38
CA HIS A 199 4.21 37.08 -1.76
C HIS A 199 3.13 38.16 -1.78
N GLY A 200 3.21 39.09 -0.82
CA GLY A 200 2.16 40.07 -0.68
C GLY A 200 0.82 39.50 -0.32
N ARG A 201 0.74 38.21 0.00
CA ARG A 201 -0.51 37.56 0.31
C ARG A 201 -0.48 37.05 1.75
N LEU A 202 -1.67 37.00 2.33
CA LEU A 202 -1.85 36.65 3.74
C LEU A 202 -2.21 35.17 3.83
N CYS A 203 -1.22 34.34 4.17
CA CYS A 203 -1.35 32.89 4.09
C CYS A 203 -1.22 32.27 5.47
N PHE A 204 -2.12 31.35 5.77
CA PHE A 204 -2.08 30.57 7.01
C PHE A 204 -0.99 29.51 6.93
N MET A 205 -0.22 29.37 8.00
CA MET A 205 0.94 28.50 8.01
C MET A 205 0.93 27.61 9.25
N LEU A 206 1.76 26.58 9.23
CA LEU A 206 2.13 25.82 10.42
C LEU A 206 3.35 24.98 10.11
N ARG A 207 4.16 24.73 11.13
CA ARG A 207 5.36 23.91 10.99
C ARG A 207 5.03 22.46 11.27
N VAL A 208 5.60 21.57 10.49
CA VAL A 208 5.46 20.13 10.64
C VAL A 208 6.75 19.62 11.23
N GLY A 209 6.69 18.48 11.91
CA GLY A 209 7.90 17.92 12.49
C GLY A 209 7.90 16.41 12.46
N ASP A 210 9.03 15.87 12.02
CA ASP A 210 9.32 14.44 12.11
C ASP A 210 10.58 14.25 12.93
N LEU A 211 10.48 13.41 13.96
CA LEU A 211 11.58 13.21 14.89
C LEU A 211 12.43 11.98 14.59
N ARG A 212 11.89 11.00 13.89
CA ARG A 212 12.64 9.80 13.55
C ARG A 212 13.48 10.04 12.30
N LYS A 213 14.68 9.49 12.29
CA LYS A 213 15.47 9.48 11.07
C LYS A 213 14.88 8.56 10.03
N SER A 214 14.09 7.58 10.44
CA SER A 214 13.36 6.73 9.51
C SER A 214 12.41 7.58 8.69
N MET A 215 12.29 7.25 7.40
CA MET A 215 11.65 8.16 6.48
C MET A 215 10.21 7.73 6.20
N ILE A 216 9.35 8.71 6.03
CA ILE A 216 7.97 8.48 5.61
C ILE A 216 7.92 8.66 4.10
N ILE A 217 7.16 7.80 3.43
CA ILE A 217 7.10 7.80 1.98
C ILE A 217 5.74 8.34 1.55
N SER A 218 5.73 9.16 0.50
CA SER A 218 4.52 9.74 -0.04
C SER A 218 3.76 10.53 1.02
N ALA A 219 4.51 11.19 1.90
CA ALA A 219 3.93 12.03 2.94
C ALA A 219 3.01 13.05 2.32
N THR A 220 1.72 12.96 2.63
CA THR A 220 0.69 13.76 1.99
C THR A 220 -0.08 14.53 3.04
N ILE A 221 -0.38 15.79 2.75
CA ILE A 221 -1.02 16.71 3.68
C ILE A 221 -2.45 16.96 3.24
N HIS A 222 -3.38 16.86 4.17
CA HIS A 222 -4.76 17.27 3.92
C HIS A 222 -5.19 18.19 5.05
N MET A 223 -4.88 19.46 4.91
CA MET A 223 -5.46 20.45 5.81
C MET A 223 -6.95 20.55 5.51
N GLN A 224 -7.75 20.65 6.57
CA GLN A 224 -9.19 20.56 6.38
C GLN A 224 -9.86 21.39 7.47
N VAL A 225 -10.48 22.49 7.07
CA VAL A 225 -11.15 23.37 8.02
C VAL A 225 -12.54 22.83 8.31
N VAL A 226 -12.94 22.88 9.58
CA VAL A 226 -14.22 22.35 10.01
C VAL A 226 -14.92 23.37 10.88
N ARG A 227 -16.21 23.54 10.64
CA ARG A 227 -17.04 24.39 11.47
C ARG A 227 -18.49 24.04 11.19
N LYS A 228 -19.38 24.72 11.91
CA LYS A 228 -20.81 24.59 11.71
C LYS A 228 -21.24 25.65 10.72
N THR A 229 -21.09 25.35 9.43
CA THR A 229 -21.40 26.32 8.39
C THR A 229 -22.71 25.99 7.71
N THR A 230 -23.14 26.91 6.85
CA THR A 230 -24.50 26.88 6.31
C THR A 230 -24.49 27.24 4.83
N SER A 231 -25.28 26.52 4.05
CA SER A 231 -25.49 26.86 2.65
C SER A 231 -26.35 28.12 2.56
N PRO A 232 -26.36 28.78 1.40
CA PRO A 232 -27.29 29.91 1.23
C PRO A 232 -28.74 29.48 1.40
N GLU A 233 -29.10 28.29 0.95
CA GLU A 233 -30.48 27.82 1.04
C GLU A 233 -30.89 27.62 2.49
N GLY A 234 -29.92 27.42 3.38
CA GLY A 234 -30.22 27.45 4.79
C GLY A 234 -29.75 26.27 5.60
N GLU A 235 -29.50 25.13 4.96
CA GLU A 235 -29.11 23.95 5.72
C GLU A 235 -27.76 24.15 6.39
N VAL A 236 -27.71 23.81 7.67
CA VAL A 236 -26.50 23.88 8.46
C VAL A 236 -26.13 22.46 8.88
N VAL A 237 -24.84 22.17 8.88
CA VAL A 237 -24.37 20.87 9.36
C VAL A 237 -23.34 21.11 10.45
N PRO A 238 -23.42 20.40 11.56
CA PRO A 238 -22.61 20.74 12.73
C PRO A 238 -21.12 20.72 12.47
N LEU A 239 -20.61 19.56 12.06
CA LEU A 239 -19.20 19.43 11.71
C LEU A 239 -19.06 19.37 10.19
N HIS A 240 -19.18 20.54 9.57
CA HIS A 240 -18.91 20.61 8.15
C HIS A 240 -17.41 20.61 7.91
N GLN A 241 -17.01 20.10 6.75
CA GLN A 241 -15.60 19.81 6.48
C GLN A 241 -15.27 20.28 5.08
N VAL A 242 -14.30 21.19 4.98
CA VAL A 242 -13.85 21.70 3.69
C VAL A 242 -12.37 21.46 3.57
N ASP A 243 -11.98 20.69 2.55
CA ASP A 243 -10.58 20.40 2.32
C ASP A 243 -9.88 21.66 1.82
N ILE A 244 -9.13 22.30 2.70
CA ILE A 244 -8.43 23.53 2.34
C ILE A 244 -7.08 23.14 1.73
N PRO A 245 -6.82 23.53 0.49
CA PRO A 245 -5.65 23.00 -0.22
C PRO A 245 -4.36 23.66 0.22
N MET A 246 -3.33 22.84 0.41
CA MET A 246 -2.01 23.37 0.71
C MET A 246 -1.41 24.01 -0.53
N GLU A 247 -0.67 25.09 -0.32
CA GLU A 247 -0.01 25.75 -1.42
C GLU A 247 1.25 24.99 -1.79
N ASN A 248 1.19 24.26 -2.90
CA ASN A 248 2.33 23.49 -3.37
C ASN A 248 2.64 23.89 -4.80
N GLY A 249 3.94 24.05 -5.09
CA GLY A 249 4.35 24.51 -6.40
C GLY A 249 3.76 23.69 -7.53
N VAL A 250 3.61 22.40 -7.31
CA VAL A 250 2.88 21.56 -8.27
C VAL A 250 1.38 21.73 -8.11
N GLY A 251 0.93 21.92 -6.87
CA GLY A 251 -0.47 21.91 -6.55
C GLY A 251 -0.92 20.68 -5.81
N GLY A 252 -0.15 19.61 -5.85
CA GLY A 252 -0.51 18.38 -5.16
C GLY A 252 -0.36 18.50 -3.67
N ASN A 253 -0.53 17.38 -2.96
CA ASN A 253 -0.53 17.41 -1.51
C ASN A 253 0.60 16.60 -0.88
N SER A 254 1.50 16.04 -1.69
CA SER A 254 2.64 15.32 -1.17
C SER A 254 3.72 16.28 -0.75
N ILE A 255 4.49 15.90 0.27
CA ILE A 255 5.66 16.63 0.70
C ILE A 255 6.83 15.65 0.82
N PHE A 256 8.00 16.19 1.16
CA PHE A 256 9.20 15.40 1.41
C PHE A 256 9.80 15.92 2.71
N LEU A 257 9.37 15.35 3.83
CA LEU A 257 9.74 15.85 5.14
C LEU A 257 11.00 15.15 5.64
N VAL A 258 12.11 15.87 5.62
CA VAL A 258 13.31 15.42 6.30
C VAL A 258 13.61 16.39 7.41
N ALA A 259 13.83 17.64 7.06
CA ALA A 259 13.91 18.63 8.11
C ALA A 259 12.52 19.21 8.38
N PRO A 260 12.13 19.28 9.65
CA PRO A 260 10.78 19.73 9.99
C PRO A 260 10.45 21.10 9.41
N LEU A 261 9.51 21.12 8.47
CA LEU A 261 9.24 22.28 7.65
C LEU A 261 7.90 22.90 8.02
N ILE A 262 7.49 23.91 7.26
CA ILE A 262 6.25 24.64 7.50
C ILE A 262 5.25 24.28 6.41
N ILE A 263 4.05 23.87 6.82
CA ILE A 263 2.93 23.71 5.90
C ILE A 263 2.10 24.99 5.91
N TYR A 264 1.62 25.41 4.75
CA TYR A 264 0.91 26.67 4.70
C TYR A 264 -0.14 26.67 3.61
N HIS A 265 -1.23 27.37 3.87
CA HIS A 265 -2.28 27.62 2.90
C HIS A 265 -2.34 29.10 2.56
N VAL A 266 -2.40 29.40 1.27
CA VAL A 266 -2.62 30.76 0.79
C VAL A 266 -4.11 31.01 0.78
N ILE A 267 -4.54 32.07 1.47
CA ILE A 267 -5.96 32.33 1.67
C ILE A 267 -6.52 33.09 0.47
N ASP A 268 -7.18 32.38 -0.44
CA ASP A 268 -7.75 32.97 -1.64
C ASP A 268 -9.25 33.16 -1.48
N ALA A 269 -9.83 33.92 -2.41
CA ALA A 269 -11.26 34.19 -2.35
C ALA A 269 -12.09 32.91 -2.43
N ASN A 270 -11.48 31.81 -2.85
CA ASN A 270 -12.14 30.52 -2.80
C ASN A 270 -11.92 29.81 -1.47
N SER A 271 -10.90 30.17 -0.72
CA SER A 271 -10.73 29.57 0.58
C SER A 271 -11.81 30.05 1.54
N PRO A 272 -12.37 29.17 2.35
CA PRO A 272 -13.37 29.62 3.33
C PRO A 272 -12.80 30.61 4.33
N LEU A 273 -11.51 30.56 4.57
CA LEU A 273 -10.84 31.48 5.48
C LEU A 273 -10.68 32.86 4.90
N TYR A 274 -11.25 33.12 3.73
CA TYR A 274 -11.12 34.42 3.11
C TYR A 274 -12.01 35.46 3.77
N ASP A 275 -12.91 35.05 4.66
CA ASP A 275 -13.68 35.97 5.48
C ASP A 275 -13.12 36.08 6.89
N LEU A 276 -12.03 35.38 7.17
CA LEU A 276 -11.43 35.41 8.50
C LEU A 276 -10.72 36.74 8.72
N ALA A 277 -10.72 37.18 9.97
CA ALA A 277 -10.06 38.40 10.40
C ALA A 277 -9.34 38.10 11.71
N PRO A 278 -8.32 38.88 12.05
CA PRO A 278 -7.77 38.78 13.41
C PRO A 278 -8.84 39.17 14.41
N SER A 279 -8.66 38.68 15.63
CA SER A 279 -9.54 38.97 16.77
C SER A 279 -10.89 38.30 16.56
N ASP A 280 -11.10 37.73 15.37
CA ASP A 280 -12.21 36.80 15.19
C ASP A 280 -11.84 35.44 15.73
N LEU A 281 -10.55 35.10 15.66
CA LEU A 281 -10.05 33.87 16.24
C LEU A 281 -10.02 33.97 17.75
N HIS A 282 -10.52 32.94 18.42
CA HIS A 282 -10.55 32.83 19.87
C HIS A 282 -11.14 31.47 20.22
N HIS A 283 -10.87 31.02 21.45
CA HIS A 283 -11.28 29.68 21.82
C HIS A 283 -12.80 29.53 21.93
N HIS A 284 -13.56 30.58 21.67
CA HIS A 284 -15.01 30.47 21.67
C HIS A 284 -15.57 30.81 20.29
N GLN A 285 -14.70 30.84 19.29
CA GLN A 285 -15.09 31.03 17.90
C GLN A 285 -15.18 29.66 17.25
N ASP A 286 -16.36 29.33 16.70
CA ASP A 286 -16.52 28.03 16.09
C ASP A 286 -15.63 27.97 14.86
N LEU A 287 -14.51 27.26 14.98
CA LEU A 287 -13.50 27.24 13.95
C LEU A 287 -12.46 26.19 14.31
N GLU A 288 -11.99 25.47 13.30
CA GLU A 288 -10.99 24.44 13.50
C GLU A 288 -10.54 23.96 12.14
N ILE A 289 -9.24 23.69 12.03
CA ILE A 289 -8.64 23.26 10.77
C ILE A 289 -7.93 21.94 11.01
N ILE A 290 -8.44 20.88 10.42
CA ILE A 290 -7.98 19.53 10.70
C ILE A 290 -6.81 19.24 9.78
N VAL A 291 -5.69 18.80 10.37
CA VAL A 291 -4.46 18.58 9.63
C VAL A 291 -4.18 17.08 9.61
N ILE A 292 -4.07 16.52 8.42
CA ILE A 292 -3.89 15.09 8.21
C ILE A 292 -2.57 14.84 7.52
N LEU A 293 -1.82 13.88 8.03
CA LEU A 293 -0.53 13.48 7.49
C LEU A 293 -0.57 11.97 7.23
N GLU A 294 -0.37 11.58 5.98
CA GLU A 294 -0.52 10.18 5.57
C GLU A 294 0.66 9.79 4.68
N GLY A 295 1.32 8.70 5.06
CA GLY A 295 2.45 8.22 4.30
C GLY A 295 2.76 6.79 4.66
N VAL A 296 3.80 6.26 4.02
CA VAL A 296 4.19 4.88 4.21
C VAL A 296 5.44 4.83 5.08
N VAL A 297 5.41 3.98 6.11
CA VAL A 297 6.59 3.76 6.93
C VAL A 297 7.68 3.12 6.08
N GLU A 298 8.92 3.53 6.33
CA GLU A 298 10.03 3.06 5.51
C GLU A 298 10.28 1.58 5.72
N THR A 299 10.47 1.16 6.96
CA THR A 299 10.76 -0.24 7.25
C THR A 299 9.58 -1.15 6.98
N THR A 300 8.40 -0.78 7.46
CA THR A 300 7.18 -1.54 7.22
C THR A 300 6.38 -0.85 6.13
N GLY A 301 6.20 -1.54 5.01
CA GLY A 301 5.52 -0.96 3.87
C GLY A 301 4.10 -0.50 4.13
N ILE A 302 3.62 -0.63 5.37
CA ILE A 302 2.27 -0.24 5.72
C ILE A 302 2.18 1.27 5.85
N THR A 303 0.96 1.78 5.92
CA THR A 303 0.69 3.22 5.93
C THR A 303 0.25 3.62 7.33
N THR A 304 0.66 4.80 7.75
CA THR A 304 0.20 5.39 9.00
C THR A 304 -0.36 6.78 8.77
N GLN A 305 -1.13 7.25 9.74
CA GLN A 305 -1.72 8.58 9.69
C GLN A 305 -1.59 9.22 11.06
N ALA A 306 -1.10 10.46 11.08
CA ALA A 306 -1.13 11.28 12.28
C ALA A 306 -2.15 12.38 12.08
N ARG A 307 -2.78 12.81 13.17
CA ARG A 307 -3.73 13.89 13.12
C ARG A 307 -3.37 14.95 14.14
N THR A 308 -3.58 16.20 13.75
CA THR A 308 -3.50 17.32 14.68
C THR A 308 -4.52 18.34 14.24
N SER A 309 -4.96 19.16 15.19
CA SER A 309 -6.01 20.12 14.89
C SER A 309 -5.66 21.45 15.53
N TYR A 310 -6.23 22.50 14.98
CA TYR A 310 -6.01 23.85 15.51
C TYR A 310 -7.35 24.56 15.48
N LEU A 311 -7.86 24.92 16.64
CA LEU A 311 -9.04 25.76 16.69
C LEU A 311 -8.57 27.22 16.71
N ALA A 312 -9.50 28.15 16.88
CA ALA A 312 -9.26 29.53 16.49
C ALA A 312 -8.11 30.16 17.27
N ASP A 313 -8.03 29.89 18.57
CA ASP A 313 -7.06 30.61 19.39
C ASP A 313 -5.64 30.14 19.12
N GLU A 314 -5.45 28.82 18.98
CA GLU A 314 -4.13 28.27 18.68
C GLU A 314 -3.57 28.81 17.38
N ILE A 315 -4.42 29.37 16.53
CA ILE A 315 -3.99 29.97 15.28
C ILE A 315 -3.52 31.37 15.62
N LEU A 316 -2.23 31.50 15.94
CA LEU A 316 -1.69 32.80 16.27
C LEU A 316 -1.70 33.71 15.04
N TRP A 317 -2.20 34.92 15.24
CA TRP A 317 -2.33 35.89 14.15
C TRP A 317 -1.07 36.73 14.07
N GLY A 318 -0.52 36.84 12.87
CA GLY A 318 0.60 37.73 12.66
C GLY A 318 1.88 37.31 13.34
N GLN A 319 2.40 36.13 13.02
CA GLN A 319 3.70 35.69 13.49
C GLN A 319 4.39 34.90 12.40
N ARG A 320 5.64 34.54 12.66
CA ARG A 320 6.41 33.69 11.77
C ARG A 320 7.25 32.73 12.60
N PHE A 321 7.17 31.45 12.27
CA PHE A 321 8.02 30.46 12.92
C PHE A 321 9.48 30.77 12.63
N VAL A 322 10.26 30.93 13.70
CA VAL A 322 11.68 31.26 13.55
C VAL A 322 12.40 30.07 12.94
N PRO A 323 13.30 30.29 11.99
CA PRO A 323 14.00 29.17 11.36
C PRO A 323 14.85 28.40 12.35
N ILE A 324 14.46 27.15 12.61
CA ILE A 324 15.19 26.28 13.55
C ILE A 324 16.27 25.48 12.86
N VAL A 325 16.63 25.81 11.63
CA VAL A 325 17.69 25.11 10.91
C VAL A 325 18.86 26.07 10.75
N ALA A 326 20.08 25.53 10.84
CA ALA A 326 21.28 26.29 10.57
C ALA A 326 22.30 25.39 9.91
N GLU A 327 23.14 25.98 9.07
CA GLU A 327 24.18 25.21 8.38
C GLU A 327 25.22 24.84 9.43
N GLU A 328 25.16 23.59 9.88
CA GLU A 328 26.12 23.10 10.86
C GLU A 328 27.50 22.99 10.23
N ASP A 329 28.47 22.61 11.05
CA ASP A 329 29.80 22.38 10.51
C ASP A 329 29.73 21.18 9.57
N GLY A 330 29.75 21.45 8.27
CA GLY A 330 29.59 20.39 7.30
C GLY A 330 28.32 19.58 7.47
N ARG A 331 27.22 20.24 7.83
CA ARG A 331 25.98 19.54 8.13
C ARG A 331 24.88 20.59 8.19
N TYR A 332 23.64 20.10 8.21
CA TYR A 332 22.46 20.95 8.36
C TYR A 332 21.93 20.72 9.77
N SER A 333 21.93 21.78 10.57
CA SER A 333 21.61 21.69 11.98
C SER A 333 20.17 22.07 12.19
N VAL A 334 19.30 21.08 12.35
CA VAL A 334 17.92 21.36 12.70
C VAL A 334 17.86 21.48 14.21
N ASP A 335 17.87 22.70 14.71
CA ASP A 335 17.73 22.91 16.14
C ASP A 335 16.30 22.56 16.51
N TYR A 336 16.09 21.31 16.90
CA TYR A 336 14.78 20.85 17.33
C TYR A 336 14.29 21.56 18.59
N SER A 337 15.20 22.06 19.41
CA SER A 337 14.77 22.97 20.45
C SER A 337 14.12 24.19 19.82
N LYS A 338 13.44 24.99 20.66
CA LYS A 338 12.61 26.11 20.22
C LYS A 338 11.80 25.78 18.98
N PHE A 339 11.34 24.53 18.89
CA PHE A 339 10.73 23.98 17.69
C PHE A 339 9.59 24.84 17.17
N GLY A 340 8.59 25.07 18.00
CA GLY A 340 7.44 25.84 17.59
C GLY A 340 7.52 27.29 18.01
N ASN A 341 8.66 27.70 18.57
CA ASN A 341 8.85 29.08 18.95
C ASN A 341 8.77 29.99 17.73
N THR A 342 7.95 31.02 17.84
CA THR A 342 7.63 31.95 16.77
C THR A 342 8.18 33.33 17.08
N ILE A 343 7.82 34.29 16.23
CA ILE A 343 8.14 35.69 16.44
C ILE A 343 6.97 36.54 15.95
N LYS A 344 6.60 37.55 16.72
CA LYS A 344 5.44 38.37 16.38
C LYS A 344 5.79 39.39 15.29
N VAL A 345 4.88 39.54 14.33
CA VAL A 345 5.01 40.54 13.26
C VAL A 345 3.64 41.16 13.01
N PRO A 346 3.52 42.48 12.95
CA PRO A 346 2.22 43.11 12.63
C PRO A 346 1.79 42.78 11.21
N THR A 347 0.60 43.28 10.85
CA THR A 347 -0.05 42.96 9.60
C THR A 347 -1.33 43.77 9.50
N PRO A 348 -1.85 44.01 8.30
CA PRO A 348 -3.19 44.60 8.18
C PRO A 348 -4.22 43.75 8.90
N LEU A 349 -4.85 44.34 9.90
CA LEU A 349 -5.69 43.60 10.85
C LEU A 349 -7.12 43.53 10.36
N CYS A 350 -7.28 43.07 9.13
CA CYS A 350 -8.59 42.97 8.52
C CYS A 350 -8.64 41.71 7.67
N THR A 351 -9.83 41.40 7.16
CA THR A 351 -10.01 40.16 6.41
C THR A 351 -9.24 40.21 5.11
N ALA A 352 -8.82 39.03 4.65
CA ALA A 352 -8.30 38.93 3.29
C ALA A 352 -9.28 39.52 2.29
N ARG A 353 -10.58 39.45 2.60
CA ARG A 353 -11.57 40.20 1.83
C ARG A 353 -11.24 41.68 1.81
N GLN A 354 -11.22 42.31 2.99
CA GLN A 354 -10.85 43.71 3.06
C GLN A 354 -9.42 43.96 2.61
N LEU A 355 -8.53 42.96 2.74
CA LEU A 355 -7.22 43.08 2.12
C LEU A 355 -7.34 43.34 0.62
N ASP A 356 -8.05 42.47 -0.10
CA ASP A 356 -8.20 42.68 -1.53
C ASP A 356 -9.00 43.93 -1.83
N GLU A 357 -9.93 44.30 -0.95
CA GLU A 357 -10.67 45.54 -1.13
C GLU A 357 -9.73 46.75 -1.14
N ASP A 358 -8.98 46.93 -0.06
CA ASP A 358 -8.05 48.06 0.03
C ASP A 358 -6.95 47.95 -1.00
N HIS A 359 -6.55 46.73 -1.36
CA HIS A 359 -5.50 46.56 -2.36
C HIS A 359 -5.98 46.98 -3.74
N SER A 360 -7.21 46.60 -4.10
CA SER A 360 -7.78 47.05 -5.36
C SER A 360 -7.98 48.57 -5.35
N LEU A 361 -8.39 49.12 -4.20
CA LEU A 361 -8.55 50.56 -4.11
C LEU A 361 -7.22 51.29 -4.26
N LEU A 362 -6.12 50.68 -3.80
CA LEU A 362 -4.82 51.33 -3.88
C LEU A 362 -4.14 51.08 -5.22
N GLU A 363 -4.51 50.02 -5.92
CA GLU A 363 -3.91 49.72 -7.22
C GLU A 363 -4.65 50.38 -8.38
N ALA A 364 -5.98 50.50 -8.29
CA ALA A 364 -6.74 51.20 -9.31
C ALA A 364 -6.74 52.72 -9.10
N LEU A 365 -5.94 53.22 -8.15
CA LEU A 365 -5.85 54.65 -7.90
C LEU A 365 -5.02 55.36 -8.96
N ARG B 38 -33.97 -6.25 -15.51
CA ARG B 38 -33.46 -5.08 -14.81
C ARG B 38 -32.86 -5.45 -13.45
N ALA B 39 -31.59 -5.87 -13.46
CA ALA B 39 -30.89 -6.22 -12.24
C ALA B 39 -30.16 -5.02 -11.68
N ARG B 40 -29.74 -5.07 -10.41
CA ARG B 40 -28.82 -4.09 -9.85
C ARG B 40 -27.40 -4.45 -10.25
N PHE B 41 -26.65 -3.46 -10.74
CA PHE B 41 -25.25 -3.69 -11.05
C PHE B 41 -24.50 -4.20 -9.82
N VAL B 42 -24.49 -3.41 -8.75
CA VAL B 42 -23.93 -3.83 -7.47
C VAL B 42 -25.04 -3.82 -6.44
N SER B 43 -25.11 -4.87 -5.64
CA SER B 43 -26.11 -4.95 -4.59
C SER B 43 -25.93 -3.81 -3.59
N LYS B 44 -27.00 -3.52 -2.85
CA LYS B 44 -26.92 -2.53 -1.78
C LYS B 44 -25.90 -2.91 -0.71
N LYS B 45 -25.22 -4.03 -0.85
CA LYS B 45 -24.20 -4.47 0.09
C LYS B 45 -22.88 -4.83 -0.58
N GLY B 46 -22.64 -4.35 -1.80
CA GLY B 46 -21.36 -4.51 -2.42
C GLY B 46 -21.20 -5.73 -3.30
N ASN B 47 -22.26 -6.49 -3.52
CA ASN B 47 -22.16 -7.68 -4.34
C ASN B 47 -22.22 -7.31 -5.82
N CYS B 48 -21.17 -7.64 -6.54
CA CYS B 48 -21.08 -7.39 -7.98
C CYS B 48 -21.97 -8.40 -8.68
N ASN B 49 -23.21 -8.00 -8.96
CA ASN B 49 -24.25 -8.92 -9.41
C ASN B 49 -24.16 -9.20 -10.91
N VAL B 50 -23.03 -9.73 -11.33
CA VAL B 50 -22.75 -10.00 -12.74
C VAL B 50 -22.06 -11.35 -12.82
N ALA B 51 -22.57 -12.23 -13.68
CA ALA B 51 -21.91 -13.50 -13.92
C ALA B 51 -21.04 -13.44 -15.17
N HIS B 52 -20.02 -14.31 -15.21
CA HIS B 52 -19.05 -14.30 -16.28
C HIS B 52 -19.50 -15.14 -17.46
N LYS B 53 -19.89 -16.39 -17.26
CA LYS B 53 -20.50 -17.15 -18.34
C LYS B 53 -19.59 -17.31 -19.56
N ASN B 54 -18.70 -18.31 -19.50
CA ASN B 54 -17.86 -18.74 -20.62
C ASN B 54 -16.57 -17.92 -20.78
N ILE B 55 -15.80 -17.79 -19.71
CA ILE B 55 -14.38 -17.46 -19.81
C ILE B 55 -13.76 -18.45 -20.79
N ARG B 56 -12.89 -17.96 -21.68
CA ARG B 56 -12.20 -18.83 -22.63
C ARG B 56 -11.29 -19.84 -21.95
N GLU B 57 -10.27 -19.33 -21.26
CA GLU B 57 -9.11 -20.14 -20.90
C GLU B 57 -9.34 -20.86 -19.57
N GLN B 58 -8.29 -21.52 -19.10
CA GLN B 58 -8.29 -22.20 -17.82
C GLN B 58 -7.76 -21.25 -16.75
N GLY B 59 -7.47 -21.76 -15.57
CA GLY B 59 -7.01 -20.91 -14.46
C GLY B 59 -5.50 -20.83 -14.39
N ARG B 60 -5.00 -20.51 -13.21
CA ARG B 60 -3.57 -20.41 -12.96
C ARG B 60 -3.03 -21.82 -12.70
N PHE B 61 -1.90 -22.15 -13.32
CA PHE B 61 -1.35 -23.50 -13.31
C PHE B 61 -1.30 -24.11 -11.91
N LEU B 62 -0.51 -23.54 -11.01
CA LEU B 62 -0.45 -23.98 -9.62
C LEU B 62 -0.30 -22.84 -8.63
N GLN B 63 -0.71 -21.63 -9.01
CA GLN B 63 -0.70 -20.49 -8.10
C GLN B 63 -2.10 -20.10 -7.65
N ASP B 64 -3.09 -20.34 -8.50
CA ASP B 64 -4.49 -20.11 -8.15
C ASP B 64 -4.86 -20.86 -6.87
N VAL B 65 -4.07 -21.88 -6.52
CA VAL B 65 -4.32 -22.62 -5.30
C VAL B 65 -4.28 -21.69 -4.10
N PHE B 66 -3.24 -20.85 -4.02
CA PHE B 66 -3.09 -19.98 -2.86
C PHE B 66 -4.16 -18.90 -2.82
N THR B 67 -4.38 -18.22 -3.94
CA THR B 67 -5.39 -17.17 -3.98
C THR B 67 -6.77 -17.72 -3.67
N THR B 68 -7.18 -18.79 -4.37
CA THR B 68 -8.47 -19.42 -4.11
C THR B 68 -8.52 -19.99 -2.71
N LEU B 69 -7.35 -20.20 -2.10
CA LEU B 69 -7.32 -20.74 -0.75
C LEU B 69 -7.60 -19.65 0.27
N VAL B 70 -7.04 -18.46 0.04
CA VAL B 70 -7.16 -17.39 1.04
C VAL B 70 -8.61 -17.03 1.28
N ASP B 71 -9.28 -16.47 0.27
CA ASP B 71 -10.66 -16.04 0.40
C ASP B 71 -11.55 -17.26 0.21
N LEU B 72 -12.09 -17.78 1.30
CA LEU B 72 -12.83 -19.02 1.27
C LEU B 72 -13.41 -19.22 2.65
N LYS B 73 -14.53 -19.92 2.71
CA LYS B 73 -15.23 -20.08 3.98
C LYS B 73 -14.34 -20.80 4.99
N TRP B 74 -14.37 -20.31 6.24
CA TRP B 74 -13.48 -20.84 7.27
C TRP B 74 -13.55 -22.34 7.45
N PRO B 75 -14.72 -22.95 7.69
CA PRO B 75 -14.74 -24.39 7.89
C PRO B 75 -14.18 -25.18 6.72
N HIS B 76 -14.42 -24.74 5.49
CA HIS B 76 -13.86 -25.45 4.35
C HIS B 76 -12.33 -25.40 4.37
N THR B 77 -11.75 -24.22 4.63
CA THR B 77 -10.30 -24.11 4.70
C THR B 77 -9.73 -24.96 5.83
N LEU B 78 -10.31 -24.84 7.02
CA LEU B 78 -9.97 -25.71 8.13
C LEU B 78 -9.94 -27.16 7.70
N LEU B 79 -11.03 -27.64 7.12
CA LEU B 79 -11.12 -29.04 6.74
C LEU B 79 -10.01 -29.39 5.75
N ILE B 80 -9.73 -28.50 4.81
CA ILE B 80 -8.69 -28.78 3.83
C ILE B 80 -7.35 -28.97 4.52
N PHE B 81 -7.03 -28.11 5.48
CA PHE B 81 -5.73 -28.24 6.14
C PHE B 81 -5.67 -29.49 6.98
N THR B 82 -6.72 -29.74 7.77
CA THR B 82 -6.80 -30.97 8.57
C THR B 82 -6.59 -32.19 7.69
N MET B 83 -7.27 -32.24 6.55
CA MET B 83 -7.20 -33.43 5.74
C MET B 83 -5.85 -33.53 5.04
N SER B 84 -5.20 -32.39 4.78
CA SER B 84 -3.82 -32.41 4.31
C SER B 84 -2.91 -33.07 5.35
N PHE B 85 -3.07 -32.68 6.62
CA PHE B 85 -2.26 -33.30 7.66
C PHE B 85 -2.57 -34.79 7.78
N LEU B 86 -3.84 -35.16 7.69
CA LEU B 86 -4.18 -36.58 7.75
C LEU B 86 -3.53 -37.36 6.62
N CYS B 87 -3.60 -36.86 5.40
CA CYS B 87 -3.04 -37.62 4.29
C CYS B 87 -1.53 -37.67 4.40
N SER B 88 -0.90 -36.57 4.81
CA SER B 88 0.54 -36.59 4.99
C SER B 88 0.95 -37.58 6.07
N TRP B 89 0.17 -37.70 7.14
CA TRP B 89 0.51 -38.65 8.18
C TRP B 89 0.31 -40.08 7.69
N LEU B 90 -0.83 -40.38 7.11
CA LEU B 90 -1.12 -41.73 6.65
C LEU B 90 -0.17 -42.20 5.57
N LEU B 91 0.25 -41.31 4.66
CA LEU B 91 1.12 -41.75 3.59
C LEU B 91 2.43 -42.28 4.15
N PHE B 92 3.10 -41.47 4.97
CA PHE B 92 4.32 -41.95 5.59
C PHE B 92 4.05 -43.06 6.59
N ALA B 93 2.84 -43.16 7.13
CA ALA B 93 2.51 -44.30 7.98
C ALA B 93 2.58 -45.58 7.20
N MET B 94 1.93 -45.60 6.04
CA MET B 94 2.07 -46.73 5.13
C MET B 94 3.51 -46.97 4.78
N ALA B 95 4.29 -45.91 4.58
CA ALA B 95 5.70 -46.07 4.25
C ALA B 95 6.45 -46.81 5.36
N TRP B 96 6.36 -46.31 6.59
CA TRP B 96 7.08 -46.94 7.69
C TRP B 96 6.61 -48.37 7.90
N TRP B 97 5.30 -48.60 7.86
CA TRP B 97 4.80 -49.95 8.03
C TRP B 97 5.36 -50.88 6.98
N LEU B 98 5.34 -50.44 5.72
CA LEU B 98 5.87 -51.24 4.64
C LEU B 98 7.35 -51.52 4.84
N ILE B 99 8.10 -50.54 5.34
CA ILE B 99 9.52 -50.75 5.55
C ILE B 99 9.75 -51.79 6.63
N ALA B 100 9.04 -51.67 7.76
CA ALA B 100 9.16 -52.67 8.80
C ALA B 100 8.81 -54.04 8.29
N PHE B 101 7.84 -54.11 7.39
CA PHE B 101 7.43 -55.42 6.91
C PHE B 101 8.41 -55.98 5.89
N ALA B 102 9.07 -55.12 5.12
CA ALA B 102 10.07 -55.58 4.17
C ALA B 102 11.34 -56.00 4.87
N HIS B 103 11.66 -55.32 5.98
CA HIS B 103 12.80 -55.71 6.79
C HIS B 103 12.60 -57.04 7.48
N GLY B 104 11.42 -57.63 7.34
CA GLY B 104 11.13 -58.86 8.04
C GLY B 104 11.16 -58.59 9.52
N ASP B 105 10.43 -57.58 9.95
CA ASP B 105 10.47 -57.13 11.33
C ASP B 105 9.17 -57.32 12.08
N LEU B 106 8.09 -57.72 11.41
CA LEU B 106 6.83 -57.94 12.10
C LEU B 106 6.71 -59.36 12.61
N ALA B 107 7.20 -60.32 11.85
CA ALA B 107 7.05 -61.72 12.20
C ALA B 107 7.99 -62.18 13.30
N PRO B 108 9.32 -62.02 13.15
CA PRO B 108 10.25 -62.84 13.96
C PRO B 108 10.18 -62.57 15.45
N SER B 109 10.43 -61.33 15.86
CA SER B 109 10.60 -60.99 17.28
C SER B 109 11.61 -61.92 17.93
N GLU B 110 12.57 -62.40 17.14
CA GLU B 110 13.51 -63.40 17.62
C GLU B 110 14.45 -62.83 18.67
N GLY B 111 14.58 -61.51 18.74
CA GLY B 111 15.44 -60.88 19.72
C GLY B 111 16.77 -60.45 19.15
N THR B 112 17.25 -61.19 18.15
CA THR B 112 18.55 -60.89 17.56
C THR B 112 18.47 -59.70 16.60
N ALA B 113 17.73 -59.85 15.51
CA ALA B 113 17.68 -58.82 14.48
C ALA B 113 16.99 -57.58 15.00
N GLU B 114 17.65 -56.44 14.84
CA GLU B 114 17.16 -55.16 15.33
C GLU B 114 16.31 -54.50 14.26
N PRO B 115 15.23 -53.85 14.63
CA PRO B 115 14.32 -53.31 13.61
C PRO B 115 14.89 -52.12 12.88
N CYS B 116 14.28 -51.78 11.74
CA CYS B 116 14.52 -50.45 11.17
C CYS B 116 14.12 -49.38 12.16
N VAL B 117 12.96 -49.54 12.79
CA VAL B 117 12.45 -48.62 13.79
C VAL B 117 11.96 -49.45 14.97
N THR B 118 12.31 -49.01 16.17
CA THR B 118 12.06 -49.80 17.36
C THR B 118 10.58 -49.97 17.61
N SER B 119 10.19 -51.20 17.96
CA SER B 119 8.92 -51.52 18.60
C SER B 119 7.74 -50.98 17.79
N ILE B 120 7.58 -51.52 16.59
CA ILE B 120 6.33 -51.37 15.87
C ILE B 120 5.87 -52.76 15.42
N HIS B 121 4.59 -53.02 15.63
CA HIS B 121 4.06 -54.36 15.41
C HIS B 121 2.75 -54.31 14.64
N SER B 122 2.18 -53.14 14.45
CA SER B 122 0.91 -53.02 13.75
C SER B 122 0.97 -51.74 12.92
N PHE B 123 0.14 -51.69 11.88
CA PHE B 123 0.03 -50.45 11.13
C PHE B 123 -0.34 -49.30 12.06
N SER B 124 -1.09 -49.58 13.11
CA SER B 124 -1.34 -48.56 14.12
C SER B 124 -0.04 -48.03 14.70
N SER B 125 0.94 -48.92 14.92
CA SER B 125 2.22 -48.48 15.44
C SER B 125 2.91 -47.54 14.45
N ALA B 126 2.97 -47.93 13.18
CA ALA B 126 3.61 -47.07 12.19
C ALA B 126 2.89 -45.75 12.06
N PHE B 127 1.58 -45.73 12.27
CA PHE B 127 0.85 -44.47 12.17
C PHE B 127 1.16 -43.57 13.35
N LEU B 128 1.13 -44.11 14.56
CA LEU B 128 1.58 -43.34 15.71
C LEU B 128 2.99 -42.81 15.49
N PHE B 129 3.86 -43.63 14.93
CA PHE B 129 5.23 -43.19 14.69
C PHE B 129 5.26 -42.04 13.71
N SER B 130 4.48 -42.12 12.64
CA SER B 130 4.47 -41.03 11.67
C SER B 130 3.98 -39.75 12.30
N ILE B 131 2.96 -39.84 13.16
CA ILE B 131 2.46 -38.66 13.83
C ILE B 131 3.53 -38.08 14.75
N GLU B 132 4.20 -38.94 15.51
CA GLU B 132 5.26 -38.48 16.39
C GLU B 132 6.35 -37.78 15.61
N VAL B 133 6.72 -38.31 14.46
CA VAL B 133 7.79 -37.74 13.66
C VAL B 133 7.37 -36.40 13.11
N GLN B 134 6.31 -36.38 12.31
CA GLN B 134 5.99 -35.18 11.55
C GLN B 134 5.51 -34.05 12.45
N VAL B 135 4.86 -34.38 13.56
CA VAL B 135 4.47 -33.33 14.52
C VAL B 135 5.63 -32.96 15.43
N THR B 136 6.77 -33.64 15.30
CA THR B 136 7.97 -33.34 16.07
C THR B 136 7.79 -33.65 17.55
N ILE B 137 7.01 -34.68 17.85
CA ILE B 137 6.79 -35.06 19.24
C ILE B 137 7.88 -36.05 19.66
N GLY B 138 7.90 -37.22 19.02
CA GLY B 138 8.94 -38.19 19.25
C GLY B 138 9.03 -38.68 20.69
N PHE B 139 8.05 -39.46 21.13
CA PHE B 139 8.05 -39.96 22.49
C PHE B 139 9.31 -40.76 22.78
N GLY B 140 9.60 -41.76 21.98
CA GLY B 140 10.84 -42.48 22.15
C GLY B 140 10.68 -43.98 22.21
N GLY B 141 9.50 -44.43 22.59
CA GLY B 141 9.23 -45.87 22.62
C GLY B 141 9.35 -46.51 21.26
N ARG B 142 9.15 -45.75 20.19
CA ARG B 142 9.30 -46.24 18.84
C ARG B 142 10.22 -45.28 18.09
N MET B 143 11.41 -45.76 17.75
CA MET B 143 12.53 -44.89 17.41
C MET B 143 13.31 -45.46 16.25
N VAL B 144 13.80 -44.56 15.38
CA VAL B 144 14.56 -44.98 14.22
C VAL B 144 15.91 -45.54 14.67
N THR B 145 16.38 -46.56 13.95
CA THR B 145 17.64 -47.21 14.27
C THR B 145 18.53 -47.19 13.04
N GLU B 146 19.83 -47.35 13.24
CA GLU B 146 20.78 -47.37 12.14
C GLU B 146 20.63 -48.58 11.24
N GLU B 147 19.84 -49.57 11.64
CA GLU B 147 19.80 -50.82 10.91
C GLU B 147 19.21 -50.69 9.51
N CYS B 148 18.60 -49.56 9.19
CA CYS B 148 18.03 -49.40 7.85
C CYS B 148 18.30 -48.00 7.33
N PRO B 149 19.33 -47.83 6.50
CA PRO B 149 19.57 -46.51 5.91
C PRO B 149 18.41 -46.01 5.07
N LEU B 150 17.69 -46.93 4.43
CA LEU B 150 16.49 -46.54 3.69
C LEU B 150 15.48 -45.91 4.64
N ALA B 151 15.38 -46.43 5.85
CA ALA B 151 14.50 -45.82 6.84
C ALA B 151 14.98 -44.42 7.20
N ILE B 152 16.29 -44.21 7.21
CA ILE B 152 16.81 -42.88 7.46
C ILE B 152 16.40 -41.94 6.34
N LEU B 153 16.45 -42.41 5.11
CA LEU B 153 15.96 -41.63 3.99
C LEU B 153 14.50 -41.26 4.18
N ILE B 154 13.68 -42.24 4.55
CA ILE B 154 12.27 -41.95 4.79
C ILE B 154 12.11 -40.89 5.87
N LEU B 155 12.92 -40.98 6.93
CA LEU B 155 12.85 -39.98 7.98
C LEU B 155 13.14 -38.59 7.44
N ILE B 156 14.22 -38.46 6.69
CA ILE B 156 14.58 -37.17 6.11
C ILE B 156 13.46 -36.65 5.24
N VAL B 157 12.91 -37.53 4.40
CA VAL B 157 11.83 -37.14 3.50
C VAL B 157 10.64 -36.63 4.28
N GLN B 158 10.24 -37.36 5.32
CA GLN B 158 9.05 -36.96 6.05
C GLN B 158 9.29 -35.66 6.80
N ASN B 159 10.49 -35.45 7.30
CA ASN B 159 10.76 -34.19 7.99
C ASN B 159 10.71 -33.02 7.03
N ILE B 160 11.32 -33.17 5.85
CA ILE B 160 11.29 -32.09 4.86
C ILE B 160 9.86 -31.80 4.44
N VAL B 161 9.11 -32.85 4.12
CA VAL B 161 7.72 -32.65 3.72
C VAL B 161 6.92 -32.03 4.85
N GLY B 162 7.17 -32.45 6.08
CA GLY B 162 6.45 -31.87 7.20
C GLY B 162 6.72 -30.39 7.35
N LEU B 163 7.98 -29.99 7.22
CA LEU B 163 8.29 -28.57 7.34
C LEU B 163 7.69 -27.78 6.19
N MET B 164 7.75 -28.31 4.97
CA MET B 164 7.19 -27.60 3.84
C MET B 164 5.69 -27.42 3.99
N ILE B 165 4.98 -28.52 4.30
CA ILE B 165 3.55 -28.43 4.45
C ILE B 165 3.17 -27.56 5.62
N ASN B 166 3.97 -27.58 6.69
CA ASN B 166 3.64 -26.76 7.85
C ASN B 166 3.78 -25.29 7.51
N ALA B 167 4.84 -24.92 6.80
CA ALA B 167 5.02 -23.53 6.42
C ALA B 167 3.93 -23.08 5.46
N ILE B 168 3.52 -23.95 4.54
CA ILE B 168 2.44 -23.58 3.62
C ILE B 168 1.16 -23.33 4.41
N MET B 169 0.80 -24.28 5.28
CA MET B 169 -0.41 -24.10 6.07
C MET B 169 -0.35 -22.84 6.90
N LEU B 170 0.83 -22.51 7.43
CA LEU B 170 0.93 -21.38 8.33
C LEU B 170 0.90 -20.06 7.56
N GLY B 171 1.53 -20.02 6.39
CA GLY B 171 1.40 -18.84 5.55
C GLY B 171 -0.03 -18.60 5.11
N CYS B 172 -0.73 -19.67 4.76
CA CYS B 172 -2.13 -19.54 4.39
C CYS B 172 -2.96 -19.06 5.57
N ILE B 173 -2.79 -19.67 6.74
CA ILE B 173 -3.54 -19.26 7.91
C ILE B 173 -3.23 -17.81 8.25
N PHE B 174 -1.99 -17.39 8.06
CA PHE B 174 -1.68 -15.98 8.31
C PHE B 174 -2.44 -15.08 7.35
N MET B 175 -2.15 -15.21 6.05
CA MET B 175 -2.80 -14.30 5.13
C MET B 175 -4.31 -14.42 5.16
N LYS B 176 -4.85 -15.47 5.76
CA LYS B 176 -6.29 -15.53 5.94
C LYS B 176 -6.72 -14.79 7.20
N THR B 177 -5.98 -14.91 8.30
CA THR B 177 -6.31 -14.19 9.51
C THR B 177 -6.01 -12.71 9.41
N ALA B 178 -5.13 -12.31 8.49
CA ALA B 178 -4.98 -10.90 8.16
C ALA B 178 -5.99 -10.43 7.12
N GLN B 179 -7.09 -11.16 6.96
CA GLN B 179 -8.06 -10.83 5.93
C GLN B 179 -8.69 -9.47 6.16
N ALA B 180 -9.02 -8.81 5.07
CA ALA B 180 -9.81 -7.59 5.06
C ALA B 180 -11.30 -7.93 4.93
N HIS B 181 -12.07 -6.92 4.53
CA HIS B 181 -13.51 -6.89 4.28
C HIS B 181 -14.32 -7.28 5.50
N ARG B 182 -13.69 -7.54 6.64
CA ARG B 182 -14.41 -7.48 7.89
C ARG B 182 -14.73 -6.03 8.24
N ARG B 183 -13.79 -5.13 7.97
CA ARG B 183 -14.06 -3.71 8.14
C ARG B 183 -15.01 -3.18 7.07
N ALA B 184 -14.87 -3.68 5.84
CA ALA B 184 -15.68 -3.19 4.73
C ALA B 184 -17.18 -3.41 4.94
N GLU B 185 -17.57 -4.19 5.94
CA GLU B 185 -18.98 -4.32 6.28
C GLU B 185 -19.44 -3.24 7.23
N THR B 186 -18.54 -2.69 8.03
CA THR B 186 -18.91 -1.63 8.96
C THR B 186 -19.07 -0.29 8.25
N LEU B 187 -18.47 -0.14 7.08
CA LEU B 187 -18.60 1.10 6.32
C LEU B 187 -20.00 1.18 5.73
N ILE B 188 -20.88 1.90 6.39
CA ILE B 188 -22.31 1.85 6.06
C ILE B 188 -22.69 3.01 5.16
N PHE B 189 -23.80 2.83 4.46
CA PHE B 189 -24.34 3.81 3.53
C PHE B 189 -25.85 3.80 3.63
N SER B 190 -26.44 4.99 3.78
CA SER B 190 -27.88 5.11 3.85
C SER B 190 -28.53 4.46 2.65
N LYS B 191 -29.73 3.90 2.87
CA LYS B 191 -30.45 3.21 1.82
C LYS B 191 -30.94 4.17 0.74
N HIS B 192 -30.84 5.48 0.97
CA HIS B 192 -31.37 6.49 0.08
C HIS B 192 -30.34 7.58 -0.14
N ALA B 193 -30.43 8.25 -1.29
CA ALA B 193 -29.65 9.44 -1.57
C ALA B 193 -30.61 10.56 -1.93
N VAL B 194 -30.29 11.78 -1.47
CA VAL B 194 -31.18 12.92 -1.66
C VAL B 194 -30.48 13.96 -2.52
N ILE B 195 -31.27 14.76 -3.21
CA ILE B 195 -30.78 15.94 -3.91
C ILE B 195 -31.38 17.15 -3.22
N ALA B 196 -30.71 18.29 -3.33
CA ALA B 196 -31.24 19.52 -2.79
C ALA B 196 -30.55 20.69 -3.47
N LEU B 197 -30.81 21.90 -3.00
CA LEU B 197 -30.15 23.10 -3.48
C LEU B 197 -29.04 23.47 -2.52
N ARG B 198 -27.84 23.61 -3.05
CA ARG B 198 -26.70 24.12 -2.30
C ARG B 198 -25.98 25.12 -3.17
N HIS B 199 -25.67 26.29 -2.59
CA HIS B 199 -25.02 27.38 -3.32
C HIS B 199 -25.85 27.78 -4.54
N GLY B 200 -27.17 27.80 -4.38
CA GLY B 200 -28.05 28.03 -5.50
C GLY B 200 -27.96 26.98 -6.59
N ARG B 201 -27.28 25.87 -6.32
CA ARG B 201 -27.10 24.82 -7.31
C ARG B 201 -27.74 23.53 -6.81
N LEU B 202 -28.19 22.73 -7.76
CA LEU B 202 -28.93 21.51 -7.49
C LEU B 202 -27.96 20.33 -7.54
N CYS B 203 -27.54 19.86 -6.37
CA CYS B 203 -26.46 18.89 -6.25
C CYS B 203 -26.98 17.61 -5.64
N PHE B 204 -26.58 16.48 -6.24
CA PHE B 204 -26.88 15.15 -5.72
C PHE B 204 -26.00 14.83 -4.52
N MET B 205 -26.61 14.27 -3.48
CA MET B 205 -25.91 14.05 -2.22
C MET B 205 -26.15 12.62 -1.75
N LEU B 206 -25.35 12.20 -0.76
CA LEU B 206 -25.62 11.01 0.03
C LEU B 206 -24.72 11.05 1.26
N ARG B 207 -25.21 10.45 2.35
CA ARG B 207 -24.45 10.39 3.59
C ARG B 207 -23.64 9.10 3.63
N VAL B 208 -22.41 9.21 4.11
CA VAL B 208 -21.51 8.08 4.28
C VAL B 208 -21.47 7.75 5.76
N GLY B 209 -21.14 6.51 6.09
CA GLY B 209 -21.07 6.13 7.49
C GLY B 209 -19.97 5.13 7.76
N ASP B 210 -19.20 5.43 8.80
CA ASP B 210 -18.23 4.50 9.36
C ASP B 210 -18.59 4.22 10.82
N LEU B 211 -18.71 2.94 11.15
CA LEU B 211 -19.16 2.54 12.47
C LEU B 211 -18.01 2.18 13.42
N ARG B 212 -16.85 1.81 12.90
CA ARG B 212 -15.73 1.46 13.74
C ARG B 212 -14.97 2.71 14.14
N LYS B 213 -14.50 2.74 15.39
CA LYS B 213 -13.59 3.79 15.80
C LYS B 213 -12.24 3.67 15.13
N SER B 214 -11.87 2.47 14.67
CA SER B 214 -10.66 2.29 13.89
C SER B 214 -10.75 3.12 12.61
N MET B 215 -9.63 3.70 12.22
CA MET B 215 -9.68 4.72 11.19
C MET B 215 -9.27 4.16 9.85
N ILE B 216 -9.89 4.67 8.79
CA ILE B 216 -9.52 4.35 7.43
C ILE B 216 -8.60 5.46 6.94
N ILE B 217 -7.57 5.08 6.20
CA ILE B 217 -6.55 6.02 5.74
C ILE B 217 -6.73 6.24 4.25
N SER B 218 -6.58 7.49 3.81
CA SER B 218 -6.70 7.86 2.41
C SER B 218 -8.05 7.43 1.84
N ALA B 219 -9.08 7.54 2.67
CA ALA B 219 -10.44 7.23 2.25
C ALA B 219 -10.80 8.04 1.01
N THR B 220 -11.03 7.36 -0.10
CA THR B 220 -11.21 7.99 -1.40
C THR B 220 -12.54 7.58 -1.98
N ILE B 221 -13.25 8.53 -2.58
CA ILE B 221 -14.60 8.32 -3.11
C ILE B 221 -14.56 8.33 -4.61
N HIS B 222 -15.19 7.35 -5.23
CA HIS B 222 -15.39 7.35 -6.68
C HIS B 222 -16.87 7.08 -6.94
N MET B 223 -17.67 8.13 -6.93
CA MET B 223 -19.04 8.03 -7.40
C MET B 223 -18.99 7.82 -8.90
N GLN B 224 -19.83 6.92 -9.40
CA GLN B 224 -19.73 6.54 -10.80
C GLN B 224 -21.13 6.15 -11.28
N VAL B 225 -21.67 6.96 -12.19
CA VAL B 225 -23.01 6.72 -12.73
C VAL B 225 -22.90 5.72 -13.87
N VAL B 226 -23.84 4.78 -13.91
CA VAL B 226 -23.85 3.73 -14.90
C VAL B 226 -25.23 3.61 -15.52
N ARG B 227 -25.26 3.48 -16.83
CA ARG B 227 -26.51 3.25 -17.55
C ARG B 227 -26.15 2.72 -18.93
N LYS B 228 -27.18 2.43 -19.70
CA LYS B 228 -27.04 2.01 -21.09
C LYS B 228 -27.13 3.26 -21.95
N THR B 229 -26.01 3.95 -22.11
CA THR B 229 -26.00 5.20 -22.85
C THR B 229 -25.36 5.01 -24.22
N THR B 230 -25.44 6.06 -25.03
CA THR B 230 -25.13 5.97 -26.45
C THR B 230 -24.36 7.20 -26.89
N SER B 231 -23.34 6.98 -27.72
CA SER B 231 -22.63 8.07 -28.37
C SER B 231 -23.51 8.70 -29.43
N PRO B 232 -23.18 9.92 -29.87
CA PRO B 232 -23.92 10.49 -31.00
C PRO B 232 -23.83 9.63 -32.25
N GLU B 233 -22.68 9.01 -32.49
CA GLU B 233 -22.50 8.20 -33.68
C GLU B 233 -23.39 6.97 -33.65
N GLY B 234 -23.81 6.56 -32.45
CA GLY B 234 -24.83 5.53 -32.37
C GLY B 234 -24.52 4.35 -31.49
N GLU B 235 -23.25 4.08 -31.21
CA GLU B 235 -22.91 2.91 -30.43
C GLU B 235 -23.44 3.03 -29.02
N VAL B 236 -24.08 1.97 -28.56
CA VAL B 236 -24.61 1.87 -27.21
C VAL B 236 -23.87 0.75 -26.49
N VAL B 237 -23.58 0.96 -25.21
CA VAL B 237 -22.96 -0.08 -24.41
C VAL B 237 -23.83 -0.31 -23.18
N PRO B 238 -24.10 -1.56 -22.84
CA PRO B 238 -25.11 -1.85 -21.81
C PRO B 238 -24.81 -1.22 -20.48
N LEU B 239 -23.67 -1.56 -19.89
CA LEU B 239 -23.26 -0.97 -18.62
C LEU B 239 -22.15 0.04 -18.90
N HIS B 240 -22.56 1.21 -19.39
CA HIS B 240 -21.60 2.30 -19.54
C HIS B 240 -21.34 2.92 -18.17
N GLN B 241 -20.15 3.47 -18.00
CA GLN B 241 -19.66 3.91 -16.70
C GLN B 241 -19.00 5.28 -16.85
N VAL B 242 -19.51 6.26 -16.12
CA VAL B 242 -18.96 7.61 -16.14
C VAL B 242 -18.60 8.00 -14.72
N ASP B 243 -17.33 8.27 -14.50
CA ASP B 243 -16.87 8.68 -13.17
C ASP B 243 -17.38 10.07 -12.88
N ILE B 244 -18.41 10.17 -12.05
CA ILE B 244 -18.98 11.46 -11.70
C ILE B 244 -18.20 12.04 -10.52
N PRO B 245 -17.60 13.21 -10.68
CA PRO B 245 -16.65 13.70 -9.66
C PRO B 245 -17.36 14.26 -8.45
N MET B 246 -16.84 13.90 -7.28
CA MET B 246 -17.36 14.48 -6.05
C MET B 246 -16.90 15.93 -5.92
N GLU B 247 -17.77 16.76 -5.37
CA GLU B 247 -17.44 18.15 -5.15
C GLU B 247 -16.55 18.28 -3.92
N ASN B 248 -15.26 18.50 -4.14
CA ASN B 248 -14.32 18.66 -3.05
C ASN B 248 -13.58 19.98 -3.22
N GLY B 249 -13.42 20.69 -2.10
CA GLY B 249 -12.82 22.01 -2.15
C GLY B 249 -11.48 22.02 -2.86
N VAL B 250 -10.71 20.95 -2.72
CA VAL B 250 -9.49 20.78 -3.50
C VAL B 250 -9.82 20.32 -4.91
N GLY B 251 -10.84 19.48 -5.03
CA GLY B 251 -11.16 18.81 -6.28
C GLY B 251 -10.81 17.35 -6.28
N GLY B 252 -9.97 16.90 -5.36
CA GLY B 252 -9.59 15.49 -5.29
C GLY B 252 -10.72 14.62 -4.78
N ASN B 253 -10.42 13.35 -4.54
CA ASN B 253 -11.46 12.41 -4.15
C ASN B 253 -11.25 11.80 -2.77
N SER B 254 -10.23 12.24 -2.05
CA SER B 254 -10.00 11.77 -0.69
C SER B 254 -10.92 12.50 0.28
N ILE B 255 -11.30 11.80 1.35
CA ILE B 255 -12.06 12.38 2.43
C ILE B 255 -11.37 12.02 3.75
N PHE B 256 -11.92 12.52 4.84
CA PHE B 256 -11.46 12.20 6.20
C PHE B 256 -12.71 11.90 7.02
N LEU B 257 -13.10 10.63 7.02
CA LEU B 257 -14.35 10.20 7.63
C LEU B 257 -14.12 9.80 9.08
N VAL B 258 -14.56 10.66 10.00
CA VAL B 258 -14.63 10.29 11.40
C VAL B 258 -16.09 10.30 11.80
N ALA B 259 -16.71 11.45 11.69
CA ALA B 259 -18.15 11.44 11.86
C ALA B 259 -18.84 11.22 10.52
N PRO B 260 -19.80 10.29 10.48
CA PRO B 260 -20.44 9.95 9.21
C PRO B 260 -21.03 11.15 8.49
N LEU B 261 -20.44 11.49 7.35
CA LEU B 261 -20.72 12.73 6.67
C LEU B 261 -21.51 12.47 5.37
N ILE B 262 -21.71 13.53 4.60
CA ILE B 262 -22.48 13.47 3.36
C ILE B 262 -21.53 13.63 2.19
N ILE B 263 -21.59 12.70 1.24
CA ILE B 263 -20.90 12.85 -0.04
C ILE B 263 -21.87 13.43 -1.05
N TYR B 264 -21.39 14.34 -1.89
CA TYR B 264 -22.30 15.00 -2.80
C TYR B 264 -21.60 15.39 -4.10
N HIS B 265 -22.37 15.34 -5.19
CA HIS B 265 -21.93 15.82 -6.48
C HIS B 265 -22.75 17.03 -6.90
N VAL B 266 -22.06 18.07 -7.37
CA VAL B 266 -22.71 19.23 -7.94
C VAL B 266 -22.99 18.93 -9.40
N ILE B 267 -24.24 19.05 -9.81
CA ILE B 267 -24.65 18.65 -11.15
C ILE B 267 -24.39 19.79 -12.14
N ASP B 268 -23.29 19.70 -12.88
CA ASP B 268 -22.90 20.71 -13.85
C ASP B 268 -23.25 20.25 -15.26
N ALA B 269 -23.18 21.19 -16.20
CA ALA B 269 -23.50 20.89 -17.59
C ALA B 269 -22.59 19.81 -18.15
N ASN B 270 -21.46 19.54 -17.49
CA ASN B 270 -20.61 18.42 -17.87
C ASN B 270 -21.02 17.12 -17.18
N SER B 271 -21.75 17.21 -16.08
CA SER B 271 -22.21 15.98 -15.45
C SER B 271 -23.30 15.33 -16.31
N PRO B 272 -23.26 14.01 -16.46
CA PRO B 272 -24.33 13.34 -17.22
C PRO B 272 -25.70 13.53 -16.60
N LEU B 273 -25.75 13.75 -15.29
CA LEU B 273 -27.00 13.98 -14.58
C LEU B 273 -27.58 15.36 -14.84
N TYR B 274 -26.97 16.12 -15.74
CA TYR B 274 -27.46 17.46 -16.03
C TYR B 274 -28.72 17.45 -16.88
N ASP B 275 -29.10 16.29 -17.41
CA ASP B 275 -30.38 16.12 -18.09
C ASP B 275 -31.41 15.43 -17.20
N LEU B 276 -31.03 15.11 -15.97
CA LEU B 276 -31.96 14.45 -15.05
C LEU B 276 -33.01 15.43 -14.56
N ALA B 277 -34.20 14.90 -14.31
CA ALA B 277 -35.33 15.65 -13.78
C ALA B 277 -35.98 14.81 -12.70
N PRO B 278 -36.72 15.43 -11.78
CA PRO B 278 -37.56 14.65 -10.88
C PRO B 278 -38.60 13.90 -11.70
N SER B 279 -39.09 12.80 -11.10
CA SER B 279 -40.14 11.97 -11.68
C SER B 279 -39.59 11.22 -12.89
N ASP B 280 -38.38 11.56 -13.32
CA ASP B 280 -37.66 10.70 -14.24
C ASP B 280 -37.04 9.54 -13.49
N LEU B 281 -36.67 9.76 -12.24
CA LEU B 281 -36.16 8.71 -11.38
C LEU B 281 -37.30 7.79 -10.96
N HIS B 282 -37.04 6.48 -11.07
CA HIS B 282 -37.99 5.44 -10.69
C HIS B 282 -37.29 4.10 -10.90
N HIS B 283 -37.81 3.07 -10.24
CA HIS B 283 -37.14 1.78 -10.27
C HIS B 283 -37.20 1.12 -11.65
N HIS B 284 -37.82 1.75 -12.63
CA HIS B 284 -37.84 1.23 -13.99
C HIS B 284 -37.14 2.19 -14.96
N GLN B 285 -36.41 3.15 -14.40
CA GLN B 285 -35.60 4.08 -15.18
C GLN B 285 -34.18 3.55 -15.19
N ASP B 286 -33.64 3.33 -16.39
CA ASP B 286 -32.29 2.79 -16.48
C ASP B 286 -31.33 3.85 -15.95
N LEU B 287 -30.85 3.65 -14.74
CA LEU B 287 -30.04 4.64 -14.05
C LEU B 287 -29.49 4.04 -12.79
N GLU B 288 -28.24 4.36 -12.48
CA GLU B 288 -27.59 3.86 -11.30
C GLU B 288 -26.26 4.58 -11.13
N ILE B 289 -25.91 4.89 -9.89
CA ILE B 289 -24.70 5.62 -9.59
C ILE B 289 -23.88 4.80 -8.62
N ILE B 290 -22.73 4.31 -9.07
CA ILE B 290 -21.94 3.35 -8.30
C ILE B 290 -21.02 4.14 -7.39
N VAL B 291 -21.04 3.80 -6.10
CA VAL B 291 -20.29 4.55 -5.09
C VAL B 291 -19.19 3.64 -4.55
N ILE B 292 -17.96 4.08 -4.67
CA ILE B 292 -16.78 3.31 -4.31
C ILE B 292 -16.03 4.02 -3.18
N LEU B 293 -15.66 3.26 -2.16
CA LEU B 293 -14.91 3.77 -1.02
C LEU B 293 -13.67 2.91 -0.85
N GLU B 294 -12.50 3.53 -0.93
CA GLU B 294 -11.24 2.82 -0.93
C GLU B 294 -10.27 3.52 0.02
N GLY B 295 -9.71 2.75 0.94
CA GLY B 295 -8.76 3.29 1.89
C GLY B 295 -7.97 2.18 2.55
N VAL B 296 -7.08 2.58 3.45
CA VAL B 296 -6.21 1.63 4.14
C VAL B 296 -6.70 1.43 5.55
N VAL B 297 -6.82 0.16 5.95
CA VAL B 297 -7.17 -0.17 7.33
C VAL B 297 -6.05 0.31 8.25
N GLU B 298 -6.44 0.82 9.42
CA GLU B 298 -5.46 1.40 10.32
C GLU B 298 -4.53 0.34 10.89
N THR B 299 -5.09 -0.71 11.49
CA THR B 299 -4.29 -1.75 12.09
C THR B 299 -3.51 -2.57 11.06
N THR B 300 -4.18 -3.01 10.01
CA THR B 300 -3.55 -3.75 8.94
C THR B 300 -3.32 -2.82 7.76
N GLY B 301 -2.06 -2.60 7.41
CA GLY B 301 -1.73 -1.66 6.36
C GLY B 301 -2.32 -1.98 5.00
N ILE B 302 -3.11 -3.04 4.91
CA ILE B 302 -3.72 -3.44 3.65
C ILE B 302 -4.90 -2.53 3.33
N THR B 303 -5.39 -2.63 2.09
CA THR B 303 -6.43 -1.75 1.58
C THR B 303 -7.72 -2.53 1.46
N THR B 304 -8.84 -1.89 1.76
CA THR B 304 -10.16 -2.47 1.54
C THR B 304 -11.03 -1.55 0.71
N GLN B 305 -12.08 -2.13 0.16
CA GLN B 305 -13.03 -1.40 -0.67
C GLN B 305 -14.44 -1.82 -0.30
N ALA B 306 -15.31 -0.85 -0.04
CA ALA B 306 -16.73 -1.09 0.11
C ALA B 306 -17.43 -0.53 -1.12
N ARG B 307 -18.55 -1.16 -1.49
CA ARG B 307 -19.35 -0.72 -2.62
C ARG B 307 -20.79 -0.56 -2.18
N THR B 308 -21.42 0.48 -2.71
CA THR B 308 -22.86 0.63 -2.59
C THR B 308 -23.36 1.30 -3.87
N SER B 309 -24.62 1.08 -4.18
CA SER B 309 -25.16 1.60 -5.42
C SER B 309 -26.53 2.18 -5.15
N TYR B 310 -26.94 3.08 -6.05
CA TYR B 310 -28.25 3.70 -5.94
C TYR B 310 -28.82 3.77 -7.34
N LEU B 311 -29.93 3.08 -7.58
CA LEU B 311 -30.63 3.25 -8.83
C LEU B 311 -31.65 4.38 -8.64
N ALA B 312 -32.50 4.59 -9.65
CA ALA B 312 -33.19 5.87 -9.77
C ALA B 312 -34.12 6.14 -8.60
N ASP B 313 -34.83 5.12 -8.12
CA ASP B 313 -35.86 5.37 -7.12
C ASP B 313 -35.24 5.68 -5.76
N GLU B 314 -34.18 4.94 -5.37
CA GLU B 314 -33.51 5.19 -4.10
C GLU B 314 -32.96 6.60 -4.02
N ILE B 315 -32.80 7.27 -5.16
CA ILE B 315 -32.34 8.64 -5.20
C ILE B 315 -33.55 9.52 -4.92
N LEU B 316 -33.78 9.81 -3.64
CA LEU B 316 -34.91 10.63 -3.27
C LEU B 316 -34.70 12.06 -3.78
N TRP B 317 -35.74 12.59 -4.42
CA TRP B 317 -35.68 13.92 -5.01
C TRP B 317 -36.15 14.95 -3.99
N GLY B 318 -35.36 16.00 -3.82
CA GLY B 318 -35.77 17.10 -2.97
C GLY B 318 -35.87 16.77 -1.50
N GLN B 319 -34.77 16.34 -0.89
CA GLN B 319 -34.71 16.16 0.56
C GLN B 319 -33.34 16.57 1.05
N ARG B 320 -33.19 16.55 2.38
CA ARG B 320 -31.91 16.81 3.01
C ARG B 320 -31.76 15.88 4.20
N PHE B 321 -30.61 15.20 4.28
CA PHE B 321 -30.31 14.38 5.44
C PHE B 321 -30.25 15.25 6.69
N VAL B 322 -31.05 14.89 7.68
CA VAL B 322 -31.11 15.66 8.93
C VAL B 322 -29.78 15.50 9.65
N PRO B 323 -29.22 16.56 10.22
CA PRO B 323 -27.94 16.44 10.91
C PRO B 323 -28.03 15.54 12.13
N ILE B 324 -27.34 14.39 12.06
CA ILE B 324 -27.33 13.42 13.14
C ILE B 324 -26.21 13.68 14.14
N VAL B 325 -25.57 14.83 14.08
CA VAL B 325 -24.51 15.17 15.01
C VAL B 325 -25.00 16.29 15.91
N ALA B 326 -24.60 16.27 17.18
CA ALA B 326 -24.89 17.34 18.10
C ALA B 326 -23.72 17.49 19.06
N GLU B 327 -23.49 18.72 19.52
CA GLU B 327 -22.41 18.99 20.45
C GLU B 327 -22.81 18.38 21.78
N GLU B 328 -22.24 17.22 22.08
CA GLU B 328 -22.52 16.53 23.34
C GLU B 328 -21.92 17.33 24.50
N ASP B 329 -22.15 16.83 25.70
CA ASP B 329 -21.53 17.46 26.86
C ASP B 329 -20.03 17.25 26.76
N GLY B 330 -19.31 18.30 26.37
CA GLY B 330 -17.89 18.17 26.15
C GLY B 330 -17.50 17.12 25.16
N ARG B 331 -18.29 16.96 24.09
CA ARG B 331 -18.08 15.90 23.13
C ARG B 331 -18.93 16.22 21.90
N TYR B 332 -18.67 15.48 20.83
CA TYR B 332 -19.46 15.57 19.61
C TYR B 332 -20.31 14.32 19.52
N SER B 333 -21.62 14.50 19.54
CA SER B 333 -22.56 13.40 19.64
C SER B 333 -23.08 13.06 18.25
N VAL B 334 -22.54 12.01 17.66
CA VAL B 334 -23.06 11.53 16.40
C VAL B 334 -24.20 10.58 16.73
N ASP B 335 -25.41 11.08 16.64
CA ASP B 335 -26.58 10.23 16.86
C ASP B 335 -26.67 9.30 15.67
N TYR B 336 -26.07 8.12 15.80
CA TYR B 336 -26.12 7.11 14.77
C TYR B 336 -27.52 6.59 14.52
N SER B 337 -28.41 6.67 15.50
CA SER B 337 -29.82 6.47 15.22
C SER B 337 -30.28 7.50 14.21
N LYS B 338 -31.47 7.27 13.64
CA LYS B 338 -32.02 8.05 12.54
C LYS B 338 -30.96 8.39 11.50
N PHE B 339 -30.05 7.46 11.26
CA PHE B 339 -28.85 7.69 10.47
C PHE B 339 -29.17 8.25 9.09
N GLY B 340 -29.97 7.54 8.32
CA GLY B 340 -30.30 7.97 6.98
C GLY B 340 -31.62 8.69 6.91
N ASN B 341 -32.24 8.96 8.06
CA ASN B 341 -33.48 9.70 8.10
C ASN B 341 -33.28 11.10 7.53
N THR B 342 -34.15 11.47 6.60
CA THR B 342 -34.08 12.70 5.84
C THR B 342 -35.25 13.60 6.18
N ILE B 343 -35.36 14.70 5.44
CA ILE B 343 -36.50 15.62 5.54
C ILE B 343 -36.82 16.14 4.15
N LYS B 344 -38.11 16.20 3.82
CA LYS B 344 -38.53 16.60 2.49
C LYS B 344 -38.48 18.12 2.34
N VAL B 345 -37.97 18.58 1.19
CA VAL B 345 -37.93 19.99 0.84
C VAL B 345 -38.28 20.15 -0.63
N PRO B 346 -39.19 21.05 -0.99
CA PRO B 346 -39.48 21.27 -2.42
C PRO B 346 -38.29 21.86 -3.16
N THR B 347 -38.48 22.05 -4.47
CA THR B 347 -37.41 22.45 -5.37
C THR B 347 -38.00 22.67 -6.75
N PRO B 348 -37.36 23.46 -7.60
CA PRO B 348 -37.78 23.51 -9.01
C PRO B 348 -37.74 22.12 -9.63
N LEU B 349 -38.91 21.66 -10.08
CA LEU B 349 -39.08 20.27 -10.47
C LEU B 349 -38.78 20.07 -11.95
N CYS B 350 -37.60 20.54 -12.35
CA CYS B 350 -37.18 20.45 -13.74
C CYS B 350 -35.69 20.14 -13.77
N THR B 351 -35.20 19.90 -14.98
CA THR B 351 -33.80 19.51 -15.13
C THR B 351 -32.88 20.66 -14.76
N ALA B 352 -31.69 20.30 -14.28
CA ALA B 352 -30.64 21.30 -14.13
C ALA B 352 -30.41 22.04 -15.44
N ARG B 353 -30.66 21.37 -16.56
CA ARG B 353 -30.72 22.07 -17.84
C ARG B 353 -31.75 23.19 -17.81
N GLN B 354 -33.02 22.85 -17.59
CA GLN B 354 -34.04 23.87 -17.48
C GLN B 354 -33.83 24.78 -16.28
N LEU B 355 -33.14 24.30 -15.24
CA LEU B 355 -32.71 25.22 -14.19
C LEU B 355 -31.86 26.34 -14.74
N ASP B 356 -30.78 26.01 -15.45
CA ASP B 356 -29.94 27.06 -16.01
C ASP B 356 -30.67 27.85 -17.09
N GLU B 357 -31.61 27.22 -17.79
CA GLU B 357 -32.42 27.94 -18.76
C GLU B 357 -33.22 29.06 -18.10
N ASP B 358 -34.06 28.70 -17.13
CA ASP B 358 -34.87 29.70 -16.43
C ASP B 358 -34.00 30.67 -15.65
N HIS B 359 -32.85 30.21 -15.14
CA HIS B 359 -31.97 31.10 -14.39
C HIS B 359 -31.34 32.15 -15.30
N SER B 360 -30.89 31.74 -16.48
CA SER B 360 -30.37 32.70 -17.44
C SER B 360 -31.47 33.64 -17.90
N LEU B 361 -32.69 33.13 -18.09
CA LEU B 361 -33.79 33.99 -18.47
C LEU B 361 -34.13 35.00 -17.39
N LEU B 362 -33.95 34.63 -16.12
CA LEU B 362 -34.27 35.54 -15.02
C LEU B 362 -33.12 36.49 -14.70
N GLU B 363 -31.89 36.11 -15.04
CA GLU B 363 -30.73 36.96 -14.77
C GLU B 363 -30.45 37.94 -15.90
N ALA B 364 -30.67 37.54 -17.16
CA ALA B 364 -30.51 38.46 -18.27
C ALA B 364 -31.74 39.34 -18.50
N LEU B 365 -32.71 39.30 -17.58
CA LEU B 365 -33.90 40.13 -17.69
C LEU B 365 -33.61 41.58 -17.31
N ARG C 38 28.66 24.34 3.94
CA ARG C 38 27.92 23.95 2.74
C ARG C 38 27.88 22.43 2.57
N ALA C 39 26.93 21.79 3.25
CA ALA C 39 26.75 20.35 3.15
C ALA C 39 25.76 20.01 2.04
N ARG C 40 25.73 18.75 1.60
CA ARG C 40 24.67 18.26 0.73
C ARG C 40 23.46 17.90 1.57
N PHE C 41 22.29 18.37 1.15
CA PHE C 41 21.06 18.00 1.83
C PHE C 41 20.90 16.48 1.87
N VAL C 42 20.86 15.84 0.71
CA VAL C 42 20.84 14.40 0.60
C VAL C 42 22.08 13.97 -0.17
N SER C 43 22.75 12.93 0.32
CA SER C 43 23.93 12.42 -0.35
C SER C 43 23.57 11.91 -1.74
N LYS C 44 24.59 11.81 -2.60
CA LYS C 44 24.39 11.23 -3.92
C LYS C 44 23.90 9.78 -3.86
N LYS C 45 23.72 9.23 -2.66
CA LYS C 45 23.23 7.88 -2.50
C LYS C 45 22.04 7.79 -1.55
N GLY C 46 21.33 8.89 -1.33
CA GLY C 46 20.09 8.85 -0.57
C GLY C 46 20.23 9.11 0.91
N ASN C 47 21.41 9.44 1.40
CA ASN C 47 21.58 9.68 2.82
C ASN C 47 21.13 11.08 3.20
N CYS C 48 20.14 11.16 4.08
CA CYS C 48 19.61 12.43 4.55
C CYS C 48 20.63 13.01 5.52
N ASN C 49 21.48 13.88 5.01
CA ASN C 49 22.66 14.36 5.74
C ASN C 49 22.32 15.49 6.70
N VAL C 50 21.43 15.21 7.64
CA VAL C 50 20.93 16.20 8.59
C VAL C 50 20.83 15.51 9.94
N ALA C 51 21.42 16.13 10.97
CA ALA C 51 21.27 15.62 12.32
C ALA C 51 20.18 16.36 13.07
N HIS C 52 19.62 15.68 14.07
CA HIS C 52 18.47 16.19 14.82
C HIS C 52 18.91 17.09 15.97
N LYS C 53 19.81 16.62 16.83
CA LYS C 53 20.38 17.51 17.84
C LYS C 53 19.33 18.12 18.77
N ASN C 54 18.95 17.36 19.81
CA ASN C 54 18.10 17.82 20.91
C ASN C 54 16.60 17.73 20.62
N ILE C 55 16.15 16.56 20.19
CA ILE C 55 14.73 16.21 20.31
C ILE C 55 14.32 16.44 21.76
N ARG C 56 13.14 17.02 21.98
CA ARG C 56 12.64 17.25 23.33
C ARG C 56 12.41 15.95 24.09
N GLU C 57 11.48 15.14 23.60
CA GLU C 57 10.87 14.09 24.40
C GLU C 57 11.68 12.80 24.32
N GLN C 58 11.13 11.75 24.92
CA GLN C 58 11.73 10.42 24.89
C GLN C 58 11.14 9.64 23.71
N GLY C 59 11.38 8.34 23.65
CA GLY C 59 10.92 7.53 22.53
C GLY C 59 9.58 6.90 22.81
N ARG C 60 9.30 5.81 22.09
CA ARG C 60 8.05 5.06 22.26
C ARG C 60 8.21 4.13 23.46
N PHE C 61 7.18 4.09 24.31
CA PHE C 61 7.23 3.38 25.58
C PHE C 61 7.79 1.96 25.46
N LEU C 62 7.09 1.08 24.74
CA LEU C 62 7.55 -0.27 24.49
C LEU C 62 7.22 -0.76 23.09
N GLN C 63 7.00 0.15 22.13
CA GLN C 63 6.77 -0.22 20.75
C GLN C 63 7.97 0.09 19.86
N ASP C 64 8.73 1.13 20.22
CA ASP C 64 9.95 1.46 19.52
C ASP C 64 10.89 0.26 19.46
N VAL C 65 10.69 -0.71 20.35
CA VAL C 65 11.51 -1.90 20.34
C VAL C 65 11.41 -2.61 18.99
N PHE C 66 10.18 -2.79 18.50
CA PHE C 66 9.99 -3.53 17.26
C PHE C 66 10.51 -2.75 16.06
N THR C 67 10.15 -1.47 15.95
CA THR C 67 10.62 -0.66 14.84
C THR C 67 12.14 -0.57 14.82
N THR C 68 12.74 -0.19 15.95
CA THR C 68 14.20 -0.12 16.04
C THR C 68 14.82 -1.49 15.85
N LEU C 69 14.04 -2.56 16.04
CA LEU C 69 14.56 -3.90 15.86
C LEU C 69 14.63 -4.26 14.39
N VAL C 70 13.60 -3.87 13.63
CA VAL C 70 13.52 -4.29 12.22
C VAL C 70 14.73 -3.79 11.44
N ASP C 71 14.85 -2.48 11.29
CA ASP C 71 15.93 -1.88 10.52
C ASP C 71 17.15 -1.79 11.42
N LEU C 72 18.10 -2.69 11.20
CA LEU C 72 19.24 -2.80 12.10
C LEU C 72 20.19 -3.82 11.46
N LYS C 73 21.47 -3.67 11.76
CA LYS C 73 22.47 -4.52 11.12
C LYS C 73 22.22 -5.98 11.48
N TRP C 74 22.36 -6.85 10.47
CA TRP C 74 22.03 -8.27 10.64
C TRP C 74 22.74 -8.92 11.82
N PRO C 75 24.07 -8.87 11.93
CA PRO C 75 24.72 -9.55 13.05
C PRO C 75 24.25 -9.06 14.41
N HIS C 76 23.96 -7.76 14.56
CA HIS C 76 23.47 -7.28 15.84
C HIS C 76 22.11 -7.89 16.16
N THR C 77 21.20 -7.92 15.19
CA THR C 77 19.88 -8.51 15.41
C THR C 77 20.00 -10.00 15.74
N LEU C 78 20.76 -10.73 14.93
CA LEU C 78 21.09 -12.11 15.23
C LEU C 78 21.53 -12.28 16.68
N LEU C 79 22.54 -11.52 17.09
CA LEU C 79 23.07 -11.65 18.44
C LEU C 79 21.99 -11.39 19.47
N ILE C 80 21.15 -10.38 19.22
CA ILE C 80 20.10 -10.07 20.18
C ILE C 80 19.16 -11.26 20.36
N PHE C 81 18.77 -11.89 19.25
CA PHE C 81 17.85 -13.01 19.37
C PHE C 81 18.51 -14.21 20.04
N THR C 82 19.72 -14.54 19.62
CA THR C 82 20.47 -15.60 20.27
C THR C 82 20.56 -15.38 21.77
N MET C 83 20.89 -14.16 22.18
CA MET C 83 21.10 -13.93 23.60
C MET C 83 19.77 -13.91 24.34
N SER C 84 18.68 -13.54 23.65
CA SER C 84 17.36 -13.71 24.23
C SER C 84 17.08 -15.17 24.52
N PHE C 85 17.37 -16.05 23.56
CA PHE C 85 17.17 -17.47 23.79
C PHE C 85 18.06 -17.97 24.93
N LEU C 86 19.31 -17.53 24.97
CA LEU C 86 20.19 -17.95 26.06
C LEU C 86 19.64 -17.53 27.42
N CYS C 87 19.20 -16.28 27.54
CA CYS C 87 18.73 -15.84 28.85
C CYS C 87 17.44 -16.54 29.21
N SER C 88 16.55 -16.75 28.24
CA SER C 88 15.33 -17.49 28.52
C SER C 88 15.62 -18.92 28.96
N TRP C 89 16.63 -19.55 28.37
CA TRP C 89 16.97 -20.91 28.77
C TRP C 89 17.58 -20.93 30.15
N LEU C 90 18.58 -20.08 30.39
CA LEU C 90 19.24 -20.05 31.69
C LEU C 90 18.32 -19.68 32.84
N LEU C 91 17.38 -18.77 32.62
CA LEU C 91 16.51 -18.36 33.70
C LEU C 91 15.70 -19.55 34.21
N PHE C 92 14.99 -20.23 33.31
CA PHE C 92 14.27 -21.41 33.73
C PHE C 92 15.19 -22.54 34.13
N ALA C 93 16.43 -22.55 33.66
CA ALA C 93 17.38 -23.54 34.13
C ALA C 93 17.64 -23.35 35.62
N MET C 94 17.93 -22.12 36.01
CA MET C 94 18.04 -21.80 37.43
C MET C 94 16.76 -22.18 38.16
N ALA C 95 15.61 -21.94 37.54
CA ALA C 95 14.34 -22.28 38.18
C ALA C 95 14.25 -23.78 38.47
N TRP C 96 14.45 -24.60 37.45
CA TRP C 96 14.34 -26.04 37.64
C TRP C 96 15.36 -26.54 38.63
N TRP C 97 16.60 -26.06 38.53
CA TRP C 97 17.63 -26.49 39.46
C TRP C 97 17.23 -26.15 40.89
N LEU C 98 16.77 -24.92 41.11
CA LEU C 98 16.34 -24.50 42.43
C LEU C 98 15.20 -25.37 42.93
N ILE C 99 14.27 -25.73 42.05
CA ILE C 99 13.15 -26.56 42.48
C ILE C 99 13.63 -27.93 42.91
N ALA C 100 14.49 -28.55 42.09
CA ALA C 100 15.03 -29.85 42.49
C ALA C 100 15.76 -29.76 43.80
N PHE C 101 16.43 -28.63 44.04
CA PHE C 101 17.19 -28.52 45.28
C PHE C 101 16.28 -28.25 46.47
N ALA C 102 15.17 -27.55 46.27
CA ALA C 102 14.23 -27.31 47.36
C ALA C 102 13.45 -28.57 47.69
N HIS C 103 13.17 -29.38 46.68
CA HIS C 103 12.51 -30.66 46.91
C HIS C 103 13.40 -31.64 47.66
N GLY C 104 14.64 -31.26 47.94
CA GLY C 104 15.57 -32.17 48.57
C GLY C 104 15.80 -33.35 47.67
N ASP C 105 16.16 -33.05 46.42
CA ASP C 105 16.28 -34.08 45.41
C ASP C 105 17.70 -34.26 44.89
N LEU C 106 18.64 -33.41 45.28
CA LEU C 106 20.02 -33.56 44.83
C LEU C 106 20.81 -34.46 45.76
N ALA C 107 20.57 -34.34 47.05
CA ALA C 107 21.35 -35.08 48.04
C ALA C 107 20.97 -36.56 48.15
N PRO C 108 19.69 -36.90 48.40
CA PRO C 108 19.40 -38.23 48.95
C PRO C 108 19.74 -39.38 48.00
N SER C 109 19.13 -39.38 46.81
CA SER C 109 19.19 -40.53 45.90
C SER C 109 18.84 -41.82 46.64
N GLU C 110 17.97 -41.70 47.65
CA GLU C 110 17.66 -42.84 48.51
C GLU C 110 16.86 -43.90 47.76
N GLY C 111 16.24 -43.55 46.64
CA GLY C 111 15.48 -44.49 45.85
C GLY C 111 13.99 -44.38 46.09
N THR C 112 13.61 -43.99 47.31
CA THR C 112 12.19 -43.90 47.65
C THR C 112 11.55 -42.64 47.08
N ALA C 113 12.00 -41.47 47.53
CA ALA C 113 11.38 -40.22 47.14
C ALA C 113 11.61 -39.94 45.66
N GLU C 114 10.55 -39.67 44.94
CA GLU C 114 10.60 -39.44 43.51
C GLU C 114 10.82 -37.95 43.24
N PRO C 115 11.61 -37.60 42.25
CA PRO C 115 11.94 -36.20 42.04
C PRO C 115 10.78 -35.38 41.51
N CYS C 116 10.90 -34.05 41.62
CA CYS C 116 10.03 -33.20 40.82
C CYS C 116 10.20 -33.50 39.35
N VAL C 117 11.44 -33.63 38.90
CA VAL C 117 11.78 -33.95 37.53
C VAL C 117 12.83 -35.04 37.55
N THR C 118 12.65 -36.04 36.70
CA THR C 118 13.48 -37.23 36.75
C THR C 118 14.93 -36.91 36.41
N SER C 119 15.84 -37.48 37.20
CA SER C 119 17.24 -37.63 36.84
C SER C 119 17.88 -36.29 36.48
N ILE C 120 17.93 -35.41 37.47
CA ILE C 120 18.79 -34.24 37.37
C ILE C 120 19.64 -34.17 38.63
N HIS C 121 20.93 -33.93 38.44
CA HIS C 121 21.86 -33.99 39.55
C HIS C 121 22.81 -32.81 39.55
N SER C 122 22.81 -32.01 38.51
CA SER C 122 23.70 -30.87 38.41
C SER C 122 22.94 -29.74 37.74
N PHE C 123 23.39 -28.51 37.98
CA PHE C 123 22.81 -27.40 37.25
C PHE C 123 22.91 -27.62 35.75
N SER C 124 23.95 -28.31 35.30
CA SER C 124 24.02 -28.72 33.91
C SER C 124 22.80 -29.53 33.51
N SER C 125 22.36 -30.42 34.40
CA SER C 125 21.17 -31.21 34.10
C SER C 125 19.95 -30.32 33.94
N ALA C 126 19.73 -29.40 34.88
CA ALA C 126 18.57 -28.52 34.78
C ALA C 126 18.65 -27.66 33.54
N PHE C 127 19.85 -27.31 33.10
CA PHE C 127 19.98 -26.49 31.91
C PHE C 127 19.64 -27.29 30.65
N LEU C 128 20.19 -28.49 30.55
CA LEU C 128 19.76 -29.38 29.46
C LEU C 128 18.26 -29.56 29.47
N PHE C 129 17.67 -29.72 30.64
CA PHE C 129 16.23 -29.91 30.71
C PHE C 129 15.50 -28.69 30.21
N SER C 130 15.95 -27.49 30.58
CA SER C 130 15.29 -26.29 30.12
C SER C 130 15.37 -26.17 28.61
N ILE C 131 16.52 -26.52 28.04
CA ILE C 131 16.66 -26.47 26.60
C ILE C 131 15.72 -27.47 25.94
N GLU C 132 15.66 -28.69 26.48
CA GLU C 132 14.76 -29.69 25.93
C GLU C 132 13.32 -29.21 25.97
N VAL C 133 12.92 -28.58 27.06
CA VAL C 133 11.54 -28.12 27.21
C VAL C 133 11.25 -27.01 26.23
N GLN C 134 11.99 -25.92 26.33
CA GLN C 134 11.60 -24.72 25.60
C GLN C 134 11.79 -24.89 24.10
N VAL C 135 12.79 -25.68 23.69
CA VAL C 135 12.94 -25.97 22.26
C VAL C 135 12.01 -27.07 21.80
N THR C 136 11.24 -27.66 22.71
CA THR C 136 10.24 -28.68 22.41
C THR C 136 10.90 -29.97 21.91
N ILE C 137 12.07 -30.28 22.47
CA ILE C 137 12.76 -31.50 22.09
C ILE C 137 12.30 -32.63 22.99
N GLY C 138 12.59 -32.52 24.28
CA GLY C 138 12.10 -33.48 25.24
C GLY C 138 12.58 -34.90 25.01
N PHE C 139 13.87 -35.15 25.22
CA PHE C 139 14.41 -36.49 25.00
C PHE C 139 13.69 -37.52 25.85
N GLY C 140 13.62 -37.31 27.16
CA GLY C 140 12.85 -38.20 27.99
C GLY C 140 13.60 -38.71 29.20
N GLY C 141 14.93 -38.73 29.11
CA GLY C 141 15.73 -39.15 30.24
C GLY C 141 15.55 -38.28 31.46
N ARG C 142 15.16 -37.03 31.27
CA ARG C 142 14.88 -36.11 32.35
C ARG C 142 13.50 -35.51 32.12
N MET C 143 12.55 -35.86 32.99
CA MET C 143 11.14 -35.72 32.68
C MET C 143 10.38 -35.24 33.90
N VAL C 144 9.38 -34.39 33.67
CA VAL C 144 8.58 -33.85 34.76
C VAL C 144 7.72 -34.96 35.35
N THR C 145 7.53 -34.92 36.66
CA THR C 145 6.76 -35.92 37.39
C THR C 145 5.65 -35.21 38.17
N GLU C 146 4.62 -35.96 38.52
CA GLU C 146 3.51 -35.43 39.30
C GLU C 146 3.90 -35.03 40.70
N GLU C 147 5.09 -35.40 41.16
CA GLU C 147 5.45 -35.20 42.56
C GLU C 147 5.55 -33.74 42.96
N CYS C 148 5.56 -32.82 42.01
CA CYS C 148 5.67 -31.41 42.35
C CYS C 148 4.75 -30.59 41.48
N PRO C 149 3.56 -30.22 41.98
CA PRO C 149 2.68 -29.36 41.19
C PRO C 149 3.30 -28.01 40.90
N LEU C 150 4.13 -27.50 41.79
CA LEU C 150 4.85 -26.27 41.52
C LEU C 150 5.73 -26.44 40.29
N ALA C 151 6.33 -27.62 40.12
CA ALA C 151 7.11 -27.88 38.92
C ALA C 151 6.23 -27.89 37.69
N ILE C 152 4.99 -28.35 37.83
CA ILE C 152 4.06 -28.29 36.71
C ILE C 152 3.77 -26.84 36.34
N LEU C 153 3.61 -25.99 37.35
CA LEU C 153 3.45 -24.57 37.08
C LEU C 153 4.65 -24.02 36.33
N ILE C 154 5.86 -24.35 36.77
CA ILE C 154 7.04 -23.90 36.07
C ILE C 154 7.03 -24.38 34.62
N LEU C 155 6.63 -25.62 34.38
CA LEU C 155 6.56 -26.12 33.03
C LEU C 155 5.61 -25.29 32.18
N ILE C 156 4.40 -25.04 32.71
CA ILE C 156 3.43 -24.23 31.96
C ILE C 156 4.01 -22.86 31.67
N VAL C 157 4.63 -22.25 32.66
CA VAL C 157 5.20 -20.92 32.49
C VAL C 157 6.25 -20.93 31.40
N GLN C 158 7.14 -21.92 31.42
CA GLN C 158 8.22 -21.91 30.45
C GLN C 158 7.69 -22.18 29.05
N ASN C 159 6.65 -23.01 28.94
CA ASN C 159 6.10 -23.26 27.62
C ASN C 159 5.44 -22.00 27.05
N ILE C 160 4.66 -21.30 27.88
CA ILE C 160 4.02 -20.07 27.43
C ILE C 160 5.06 -19.04 27.03
N VAL C 161 6.05 -18.83 27.89
CA VAL C 161 7.10 -17.89 27.57
C VAL C 161 7.84 -18.30 26.31
N GLY C 162 8.10 -19.59 26.14
CA GLY C 162 8.79 -20.04 24.95
C GLY C 162 8.00 -19.76 23.70
N LEU C 163 6.70 -20.00 23.73
CA LEU C 163 5.89 -19.72 22.55
C LEU C 163 5.82 -18.23 22.27
N MET C 164 5.66 -17.42 23.31
CA MET C 164 5.60 -15.98 23.10
C MET C 164 6.90 -15.45 22.51
N ILE C 165 8.03 -15.83 23.11
CA ILE C 165 9.31 -15.35 22.62
C ILE C 165 9.58 -15.88 21.22
N ASN C 166 9.16 -17.12 20.94
CA ASN C 166 9.40 -17.67 19.62
C ASN C 166 8.62 -16.91 18.56
N ALA C 167 7.35 -16.61 18.85
CA ALA C 167 6.55 -15.86 17.91
C ALA C 167 7.09 -14.46 17.70
N ILE C 168 7.56 -13.82 18.77
CA ILE C 168 8.15 -12.50 18.62
C ILE C 168 9.38 -12.56 17.73
N MET C 169 10.29 -13.49 18.03
CA MET C 169 11.49 -13.61 17.21
C MET C 169 11.13 -13.90 15.76
N LEU C 170 10.09 -14.69 15.53
CA LEU C 170 9.78 -15.10 14.17
C LEU C 170 9.10 -13.96 13.41
N GLY C 171 8.23 -13.21 14.08
CA GLY C 171 7.67 -12.03 13.45
C GLY C 171 8.73 -11.01 13.10
N CYS C 172 9.69 -10.81 14.00
CA CYS C 172 10.77 -9.88 13.71
C CYS C 172 11.62 -10.39 12.54
N ILE C 173 12.00 -11.66 12.56
CA ILE C 173 12.79 -12.21 11.46
C ILE C 173 12.03 -12.11 10.15
N PHE C 174 10.72 -12.29 10.19
CA PHE C 174 9.94 -12.13 8.96
C PHE C 174 10.02 -10.69 8.47
N MET C 175 9.50 -9.75 9.26
CA MET C 175 9.47 -8.39 8.76
C MET C 175 10.87 -7.86 8.48
N LYS C 176 11.91 -8.52 8.94
CA LYS C 176 13.25 -8.13 8.55
C LYS C 176 13.65 -8.75 7.22
N THR C 177 13.32 -10.03 7.00
CA THR C 177 13.63 -10.67 5.73
C THR C 177 12.74 -10.17 4.60
N ALA C 178 11.59 -9.60 4.91
CA ALA C 178 10.81 -8.89 3.90
C ALA C 178 11.26 -7.44 3.76
N GLN C 179 12.48 -7.12 4.17
CA GLN C 179 12.94 -5.74 4.15
C GLN C 179 13.02 -5.21 2.73
N ALA C 180 12.79 -3.92 2.59
CA ALA C 180 12.99 -3.16 1.38
C ALA C 180 14.41 -2.57 1.36
N HIS C 181 14.60 -1.58 0.50
CA HIS C 181 15.79 -0.79 0.23
C HIS C 181 16.96 -1.64 -0.22
N ARG C 182 16.79 -2.95 -0.37
CA ARG C 182 17.72 -3.70 -1.20
C ARG C 182 17.51 -3.35 -2.66
N ARG C 183 16.25 -3.18 -3.07
CA ARG C 183 15.98 -2.71 -4.42
C ARG C 183 16.34 -1.24 -4.59
N ALA C 184 16.11 -0.43 -3.56
CA ALA C 184 16.36 1.01 -3.64
C ALA C 184 17.81 1.35 -3.93
N GLU C 185 18.72 0.38 -3.85
CA GLU C 185 20.10 0.62 -4.24
C GLU C 185 20.32 0.38 -5.71
N THR C 186 19.50 -0.48 -6.33
CA THR C 186 19.64 -0.74 -7.76
C THR C 186 19.07 0.40 -8.60
N LEU C 187 18.19 1.21 -8.02
CA LEU C 187 17.63 2.34 -8.74
C LEU C 187 18.68 3.43 -8.88
N ILE C 188 19.34 3.48 -10.03
CA ILE C 188 20.53 4.30 -10.18
C ILE C 188 20.19 5.63 -10.84
N PHE C 189 21.07 6.60 -10.63
CA PHE C 189 20.92 7.94 -11.15
C PHE C 189 22.29 8.46 -11.57
N SER C 190 22.37 8.98 -12.79
CA SER C 190 23.62 9.54 -13.29
C SER C 190 24.16 10.59 -12.33
N LYS C 191 25.49 10.68 -12.26
CA LYS C 191 26.13 11.62 -11.36
C LYS C 191 25.92 13.07 -11.78
N HIS C 192 25.37 13.28 -12.97
CA HIS C 192 25.21 14.62 -13.54
C HIS C 192 23.81 14.78 -14.10
N ALA C 193 23.34 16.02 -14.15
CA ALA C 193 22.12 16.37 -14.84
C ALA C 193 22.42 17.45 -15.86
N VAL C 194 21.77 17.38 -17.02
CA VAL C 194 22.06 18.29 -18.12
C VAL C 194 20.82 19.10 -18.42
N ILE C 195 21.03 20.29 -18.97
CA ILE C 195 19.94 21.10 -19.52
C ILE C 195 20.16 21.18 -21.01
N ALA C 196 19.10 21.41 -21.76
CA ALA C 196 19.21 21.60 -23.21
C ALA C 196 17.96 22.32 -23.68
N LEU C 197 17.85 22.45 -25.01
CA LEU C 197 16.66 23.02 -25.63
C LEU C 197 15.77 21.90 -26.13
N ARG C 198 14.52 21.92 -25.69
CA ARG C 198 13.50 21.01 -26.19
C ARG C 198 12.25 21.82 -26.47
N HIS C 199 11.67 21.62 -27.64
CA HIS C 199 10.48 22.35 -28.06
C HIS C 199 10.74 23.86 -28.03
N GLY C 200 11.94 24.25 -28.46
CA GLY C 200 12.33 25.64 -28.33
C GLY C 200 12.41 26.15 -26.92
N ARG C 201 12.31 25.27 -25.93
CA ARG C 201 12.33 25.66 -24.53
C ARG C 201 13.53 25.04 -23.84
N LEU C 202 14.00 25.73 -22.81
CA LEU C 202 15.20 25.36 -22.09
C LEU C 202 14.80 24.60 -20.83
N CYS C 203 14.92 23.28 -20.89
CA CYS C 203 14.37 22.41 -19.85
C CYS C 203 15.50 21.64 -19.18
N PHE C 204 15.44 21.59 -17.85
CA PHE C 204 16.36 20.80 -17.04
C PHE C 204 16.01 19.33 -17.12
N MET C 205 17.03 18.48 -17.29
CA MET C 205 16.82 17.06 -17.51
C MET C 205 17.71 16.25 -16.59
N LEU C 206 17.42 14.95 -16.49
CA LEU C 206 18.32 13.97 -15.93
C LEU C 206 17.83 12.57 -16.31
N ARG C 207 18.76 11.65 -16.44
CA ARG C 207 18.43 10.27 -16.78
C ARG C 207 18.23 9.46 -15.51
N VAL C 208 17.22 8.60 -15.52
CA VAL C 208 16.91 7.70 -14.42
C VAL C 208 17.38 6.31 -14.83
N GLY C 209 17.66 5.46 -13.85
CA GLY C 209 18.10 4.12 -14.17
C GLY C 209 17.60 3.10 -13.18
N ASP C 210 17.06 2.01 -13.73
CA ASP C 210 16.71 0.83 -12.97
C ASP C 210 17.50 -0.36 -13.51
N LEU C 211 18.21 -1.05 -12.61
CA LEU C 211 19.09 -2.14 -13.00
C LEU C 211 18.46 -3.51 -12.86
N ARG C 212 17.45 -3.68 -12.02
CA ARG C 212 16.80 -4.96 -11.83
C ARG C 212 15.73 -5.15 -12.90
N LYS C 213 15.62 -6.39 -13.39
CA LYS C 213 14.50 -6.73 -14.26
C LYS C 213 13.19 -6.74 -13.50
N SER C 214 13.23 -6.92 -12.19
CA SER C 214 12.03 -6.80 -11.37
C SER C 214 11.47 -5.40 -11.48
N MET C 215 10.15 -5.30 -11.51
CA MET C 215 9.52 -4.04 -11.91
C MET C 215 9.05 -3.27 -10.70
N ILE C 216 9.15 -1.96 -10.79
CA ILE C 216 8.59 -1.06 -9.79
C ILE C 216 7.22 -0.62 -10.26
N ILE C 217 6.27 -0.54 -9.34
CA ILE C 217 4.89 -0.22 -9.67
C ILE C 217 4.59 1.19 -9.20
N SER C 218 3.85 1.93 -10.02
CA SER C 218 3.45 3.31 -9.69
C SER C 218 4.67 4.17 -9.40
N ALA C 219 5.74 3.92 -10.14
CA ALA C 219 6.96 4.71 -10.00
C ALA C 219 6.66 6.18 -10.21
N THR C 220 6.85 6.97 -9.16
CA THR C 220 6.44 8.37 -9.14
C THR C 220 7.64 9.25 -8.83
N ILE C 221 7.73 10.37 -9.54
CA ILE C 221 8.88 11.28 -9.45
C ILE C 221 8.45 12.54 -8.74
N HIS C 222 9.25 12.97 -7.77
CA HIS C 222 9.07 14.27 -7.14
C HIS C 222 10.40 15.00 -7.15
N MET C 223 10.70 15.66 -8.25
CA MET C 223 11.84 16.58 -8.27
C MET C 223 11.50 17.75 -7.38
N GLN C 224 12.48 18.20 -6.60
CA GLN C 224 12.19 19.20 -5.58
C GLN C 224 13.45 20.03 -5.37
N VAL C 225 13.39 21.29 -5.77
CA VAL C 225 14.52 22.20 -5.64
C VAL C 225 14.55 22.77 -4.23
N VAL C 226 15.74 22.85 -3.65
CA VAL C 226 15.91 23.32 -2.28
C VAL C 226 17.03 24.36 -2.25
N ARG C 227 16.78 25.43 -1.52
CA ARG C 227 17.79 26.45 -1.29
C ARG C 227 17.34 27.29 -0.12
N LYS C 228 18.18 28.25 0.24
CA LYS C 228 17.87 29.21 1.30
C LYS C 228 17.24 30.43 0.61
N THR C 229 15.94 30.36 0.38
CA THR C 229 15.25 31.42 -0.33
C THR C 229 14.42 32.26 0.64
N THR C 230 13.86 33.34 0.11
CA THR C 230 13.28 34.39 0.92
C THR C 230 11.99 34.90 0.28
N SER C 231 10.97 35.12 1.11
CA SER C 231 9.75 35.76 0.67
C SER C 231 10.01 37.24 0.40
N PRO C 232 9.13 37.92 -0.34
CA PRO C 232 9.28 39.38 -0.47
C PRO C 232 9.22 40.08 0.87
N GLU C 233 8.39 39.61 1.80
CA GLU C 233 8.25 40.25 3.10
C GLU C 233 9.54 40.15 3.90
N GLY C 234 10.38 39.16 3.58
CA GLY C 234 11.70 39.13 4.15
C GLY C 234 12.11 37.85 4.82
N GLU C 235 11.16 37.01 5.22
CA GLU C 235 11.53 35.80 5.95
C GLU C 235 12.30 34.85 5.04
N VAL C 236 13.41 34.35 5.57
CA VAL C 236 14.25 33.38 4.88
C VAL C 236 14.21 32.09 5.68
N VAL C 237 14.19 30.97 4.96
CA VAL C 237 14.25 29.67 5.62
C VAL C 237 15.43 28.89 5.03
N PRO C 238 16.25 28.26 5.86
CA PRO C 238 17.52 27.70 5.37
C PRO C 238 17.33 26.67 4.27
N LEU C 239 16.61 25.60 4.58
CA LEU C 239 16.32 24.57 3.58
C LEU C 239 14.87 24.71 3.13
N HIS C 240 14.64 25.70 2.28
CA HIS C 240 13.34 25.84 1.66
C HIS C 240 13.20 24.80 0.55
N GLN C 241 11.98 24.39 0.29
CA GLN C 241 11.69 23.24 -0.56
C GLN C 241 10.54 23.58 -1.49
N VAL C 242 10.78 23.53 -2.79
CA VAL C 242 9.75 23.80 -3.78
C VAL C 242 9.64 22.60 -4.70
N ASP C 243 8.46 21.99 -4.72
CA ASP C 243 8.22 20.83 -5.57
C ASP C 243 8.19 21.28 -7.02
N ILE C 244 9.27 21.02 -7.75
CA ILE C 244 9.35 21.41 -9.15
C ILE C 244 8.73 20.31 -10.00
N PRO C 245 7.68 20.61 -10.77
CA PRO C 245 6.91 19.56 -11.42
C PRO C 245 7.63 19.00 -12.65
N MET C 246 7.60 17.67 -12.77
CA MET C 246 8.13 17.04 -13.97
C MET C 246 7.18 17.28 -15.14
N GLU C 247 7.77 17.44 -16.31
CA GLU C 247 6.96 17.62 -17.51
C GLU C 247 6.45 16.28 -17.98
N ASN C 248 5.16 16.02 -17.75
CA ASN C 248 4.54 14.78 -18.16
C ASN C 248 3.33 15.10 -19.03
N GLY C 249 3.18 14.34 -20.11
CA GLY C 249 2.11 14.60 -21.06
C GLY C 249 0.75 14.68 -20.39
N VAL C 250 0.52 13.87 -19.36
CA VAL C 250 -0.68 13.99 -18.56
C VAL C 250 -0.55 15.15 -17.59
N GLY C 251 0.64 15.36 -17.06
CA GLY C 251 0.88 16.31 -15.99
C GLY C 251 1.16 15.65 -14.66
N GLY C 252 0.83 14.37 -14.50
CA GLY C 252 1.06 13.68 -13.26
C GLY C 252 2.52 13.37 -13.04
N ASN C 253 2.83 12.61 -12.00
CA ASN C 253 4.22 12.36 -11.63
C ASN C 253 4.61 10.90 -11.72
N SER C 254 3.73 10.03 -12.19
CA SER C 254 4.05 8.63 -12.37
C SER C 254 4.81 8.42 -13.66
N ILE C 255 5.70 7.43 -13.67
CA ILE C 255 6.40 7.01 -14.86
C ILE C 255 6.27 5.50 -15.01
N PHE C 256 6.83 4.97 -16.09
CA PHE C 256 6.88 3.52 -16.33
C PHE C 256 8.32 3.22 -16.76
N LEU C 257 9.16 2.93 -15.79
CA LEU C 257 10.59 2.76 -16.03
C LEU C 257 10.91 1.30 -16.32
N VAL C 258 11.19 1.00 -17.58
CA VAL C 258 11.74 -0.29 -17.94
C VAL C 258 13.13 -0.04 -18.51
N ALA C 259 13.20 0.70 -19.57
CA ALA C 259 14.51 1.13 -20.01
C ALA C 259 14.88 2.46 -19.36
N PRO C 260 16.08 2.54 -18.80
CA PRO C 260 16.46 3.76 -18.06
C PRO C 260 16.34 5.03 -18.89
N LEU C 261 15.39 5.87 -18.49
CA LEU C 261 14.97 7.01 -19.29
C LEU C 261 15.45 8.32 -18.66
N ILE C 262 15.02 9.44 -19.24
CA ILE C 262 15.41 10.76 -18.80
C ILE C 262 14.21 11.44 -18.15
N ILE C 263 14.40 11.93 -16.93
CA ILE C 263 13.42 12.79 -16.29
C ILE C 263 13.79 14.25 -16.54
N TYR C 264 12.79 15.09 -16.79
CA TYR C 264 13.11 16.45 -17.15
C TYR C 264 12.01 17.41 -16.69
N HIS C 265 12.43 18.61 -16.33
CA HIS C 265 11.53 19.71 -16.02
C HIS C 265 11.68 20.82 -17.05
N VAL C 266 10.54 21.31 -17.54
CA VAL C 266 10.50 22.46 -18.42
C VAL C 266 10.50 23.71 -17.55
N ILE C 267 11.46 24.59 -17.77
CA ILE C 267 11.65 25.76 -16.90
C ILE C 267 10.72 26.88 -17.33
N ASP C 268 9.61 27.05 -16.63
CA ASP C 268 8.61 28.06 -16.95
C ASP C 268 8.74 29.23 -15.97
N ALA C 269 8.07 30.34 -16.31
CA ALA C 269 8.14 31.53 -15.47
C ALA C 269 7.62 31.27 -14.07
N ASN C 270 6.89 30.16 -13.88
CA ASN C 270 6.49 29.74 -12.54
C ASN C 270 7.54 28.86 -11.87
N SER C 271 8.43 28.24 -12.64
CA SER C 271 9.49 27.47 -12.01
C SER C 271 10.48 28.40 -11.32
N PRO C 272 10.94 28.04 -10.12
CA PRO C 272 11.95 28.88 -9.46
C PRO C 272 13.23 28.96 -10.26
N LEU C 273 13.53 27.96 -11.07
CA LEU C 273 14.71 27.93 -11.90
C LEU C 273 14.61 28.87 -13.10
N TYR C 274 13.55 29.66 -13.17
CA TYR C 274 13.38 30.57 -14.29
C TYR C 274 14.28 31.79 -14.18
N ASP C 275 14.95 31.98 -13.04
CA ASP C 275 15.98 33.01 -12.91
C ASP C 275 17.38 32.42 -12.99
N LEU C 276 17.48 31.11 -13.21
CA LEU C 276 18.78 30.47 -13.31
C LEU C 276 19.45 30.82 -14.63
N ALA C 277 20.78 30.89 -14.60
CA ALA C 277 21.61 31.17 -15.75
C ALA C 277 22.79 30.21 -15.71
N PRO C 278 23.42 29.95 -16.85
CA PRO C 278 24.70 29.25 -16.82
C PRO C 278 25.72 30.07 -16.06
N SER C 279 26.73 29.38 -15.53
CA SER C 279 27.84 30.00 -14.81
C SER C 279 27.36 30.54 -13.47
N ASP C 280 26.05 30.54 -13.26
CA ASP C 280 25.52 30.73 -11.92
C ASP C 280 25.62 29.44 -11.13
N LEU C 281 25.52 28.31 -11.82
CA LEU C 281 25.69 27.00 -11.21
C LEU C 281 27.17 26.78 -10.90
N HIS C 282 27.44 26.32 -9.69
CA HIS C 282 28.78 25.99 -9.21
C HIS C 282 28.64 25.42 -7.82
N HIS C 283 29.68 24.70 -7.38
CA HIS C 283 29.60 24.01 -6.10
C HIS C 283 29.55 24.96 -4.91
N HIS C 284 29.60 26.27 -5.14
CA HIS C 284 29.49 27.24 -4.06
C HIS C 284 28.26 28.12 -4.25
N GLN C 285 27.37 27.70 -5.14
CA GLN C 285 26.09 28.37 -5.36
C GLN C 285 25.03 27.63 -4.55
N ASP C 286 24.35 28.34 -3.67
CA ASP C 286 23.35 27.69 -2.84
C ASP C 286 22.22 27.24 -3.76
N LEU C 287 22.17 25.94 -4.03
CA LEU C 287 21.23 25.40 -5.00
C LEU C 287 21.31 23.88 -4.94
N GLU C 288 20.15 23.24 -5.05
CA GLU C 288 20.07 21.80 -5.03
C GLU C 288 18.65 21.39 -5.37
N ILE C 289 18.53 20.32 -6.14
CA ILE C 289 17.24 19.83 -6.61
C ILE C 289 17.09 18.39 -6.16
N ILE C 290 16.17 18.14 -5.25
CA ILE C 290 16.02 16.84 -4.61
C ILE C 290 15.13 15.98 -5.48
N VAL C 291 15.61 14.78 -5.81
CA VAL C 291 14.91 13.89 -6.71
C VAL C 291 14.43 12.68 -5.93
N ILE C 292 13.13 12.44 -5.95
CA ILE C 292 12.48 11.39 -5.17
C ILE C 292 11.83 10.40 -6.12
N LEU C 293 12.06 9.11 -5.87
CA LEU C 293 11.48 8.03 -6.65
C LEU C 293 10.76 7.09 -5.70
N GLU C 294 9.46 6.91 -5.90
CA GLU C 294 8.62 6.15 -4.98
C GLU C 294 7.73 5.20 -5.77
N GLY C 295 7.77 3.93 -5.42
CA GLY C 295 6.96 2.94 -6.10
C GLY C 295 6.86 1.68 -5.26
N VAL C 296 6.16 0.71 -5.81
CA VAL C 296 5.92 -0.56 -5.12
C VAL C 296 6.80 -1.64 -5.72
N VAL C 297 7.51 -2.38 -4.87
CA VAL C 297 8.27 -3.51 -5.33
C VAL C 297 7.33 -4.58 -5.89
N GLU C 298 7.77 -5.23 -6.97
CA GLU C 298 6.90 -6.17 -7.64
C GLU C 298 6.64 -7.40 -6.79
N THR C 299 7.70 -8.06 -6.31
CA THR C 299 7.55 -9.26 -5.51
C THR C 299 6.93 -8.98 -4.15
N THR C 300 7.43 -7.98 -3.45
CA THR C 300 6.90 -7.58 -2.16
C THR C 300 6.04 -6.34 -2.34
N GLY C 301 4.75 -6.48 -2.04
CA GLY C 301 3.82 -5.39 -2.26
C GLY C 301 4.13 -4.11 -1.50
N ILE C 302 5.23 -4.09 -0.75
CA ILE C 302 5.62 -2.93 0.03
C ILE C 302 6.22 -1.87 -0.87
N THR C 303 6.38 -0.66 -0.34
CA THR C 303 6.82 0.50 -1.10
C THR C 303 8.25 0.83 -0.70
N THR C 304 9.05 1.26 -1.66
CA THR C 304 10.39 1.75 -1.39
C THR C 304 10.58 3.13 -1.99
N GLN C 305 11.60 3.82 -1.50
CA GLN C 305 11.95 5.16 -1.98
C GLN C 305 13.46 5.24 -2.14
N ALA C 306 13.89 5.72 -3.30
CA ALA C 306 15.29 6.08 -3.52
C ALA C 306 15.39 7.59 -3.57
N ARG C 307 16.52 8.12 -3.14
CA ARG C 307 16.76 9.56 -3.20
C ARG C 307 18.09 9.82 -3.89
N THR C 308 18.11 10.89 -4.67
CA THR C 308 19.35 11.42 -5.21
C THR C 308 19.20 12.92 -5.30
N SER C 309 20.33 13.62 -5.29
CA SER C 309 20.29 15.06 -5.27
C SER C 309 21.33 15.60 -6.23
N TYR C 310 21.12 16.82 -6.67
CA TYR C 310 22.06 17.48 -7.58
C TYR C 310 22.18 18.92 -7.12
N LEU C 311 23.37 19.31 -6.69
CA LEU C 311 23.61 20.72 -6.42
C LEU C 311 24.12 21.36 -7.71
N ALA C 312 24.53 22.63 -7.63
CA ALA C 312 24.59 23.45 -8.82
C ALA C 312 25.61 22.93 -9.83
N ASP C 313 26.76 22.45 -9.38
CA ASP C 313 27.83 22.09 -10.31
C ASP C 313 27.49 20.81 -11.07
N GLU C 314 26.95 19.81 -10.36
CA GLU C 314 26.57 18.55 -11.00
C GLU C 314 25.55 18.75 -12.10
N ILE C 315 24.86 19.89 -12.09
CA ILE C 315 23.90 20.23 -13.11
C ILE C 315 24.69 20.78 -14.30
N LEU C 316 25.09 19.89 -15.19
CA LEU C 316 25.86 20.33 -16.35
C LEU C 316 24.99 21.18 -17.26
N TRP C 317 25.52 22.33 -17.67
CA TRP C 317 24.80 23.27 -18.51
C TRP C 317 25.06 22.96 -19.97
N GLY C 318 23.99 22.87 -20.75
CA GLY C 318 24.13 22.70 -22.19
C GLY C 318 24.72 21.38 -22.61
N GLN C 319 24.06 20.27 -22.28
CA GLN C 319 24.45 18.96 -22.78
C GLN C 319 23.20 18.14 -23.02
N ARG C 320 23.41 16.95 -23.59
CA ARG C 320 22.33 15.99 -23.80
C ARG C 320 22.86 14.60 -23.53
N PHE C 321 22.14 13.84 -22.71
CA PHE C 321 22.49 12.45 -22.48
C PHE C 321 22.40 11.67 -23.78
N VAL C 322 23.50 11.03 -24.15
CA VAL C 322 23.55 10.27 -25.40
C VAL C 322 22.63 9.06 -25.28
N PRO C 323 21.85 8.74 -26.31
CA PRO C 323 20.93 7.61 -26.21
C PRO C 323 21.67 6.29 -26.04
N ILE C 324 21.51 5.68 -24.86
CA ILE C 324 22.16 4.40 -24.55
C ILE C 324 21.33 3.21 -24.96
N VAL C 325 20.27 3.41 -25.76
CA VAL C 325 19.43 2.32 -26.23
C VAL C 325 19.66 2.15 -27.72
N ALA C 326 19.63 0.91 -28.19
CA ALA C 326 19.69 0.63 -29.61
C ALA C 326 18.83 -0.60 -29.90
N GLU C 327 18.26 -0.64 -31.10
CA GLU C 327 17.43 -1.77 -31.50
C GLU C 327 18.36 -2.96 -31.70
N GLU C 328 18.39 -3.84 -30.72
CA GLU C 328 19.22 -5.04 -30.81
C GLU C 328 18.67 -5.98 -31.87
N ASP C 329 19.38 -7.08 -32.07
CA ASP C 329 18.87 -8.09 -33.00
C ASP C 329 17.59 -8.68 -32.41
N GLY C 330 16.45 -8.26 -32.93
CA GLY C 330 15.18 -8.70 -32.37
C GLY C 330 15.01 -8.36 -30.91
N ARG C 331 15.50 -7.21 -30.47
CA ARG C 331 15.50 -6.85 -29.07
C ARG C 331 15.82 -5.36 -28.97
N TYR C 332 15.62 -4.82 -27.78
CA TYR C 332 15.96 -3.44 -27.48
C TYR C 332 17.20 -3.47 -26.59
N SER C 333 18.29 -2.91 -27.07
CA SER C 333 19.58 -3.00 -26.42
C SER C 333 19.82 -1.75 -25.60
N VAL C 334 19.62 -1.83 -24.30
CA VAL C 334 19.95 -0.72 -23.42
C VAL C 334 21.41 -0.88 -23.06
N ASP C 335 22.28 -0.15 -23.74
CA ASP C 335 23.69 -0.18 -23.41
C ASP C 335 23.84 0.54 -22.09
N TYR C 336 23.81 -0.23 -21.01
CA TYR C 336 24.00 0.32 -19.68
C TYR C 336 25.38 0.90 -19.47
N SER C 337 26.37 0.45 -20.22
CA SER C 337 27.63 1.17 -20.25
C SER C 337 27.38 2.59 -20.77
N LYS C 338 28.37 3.45 -20.59
CA LYS C 338 28.28 4.89 -20.88
C LYS C 338 26.96 5.47 -20.42
N PHE C 339 26.45 4.96 -19.29
CA PHE C 339 25.10 5.24 -18.83
C PHE C 339 24.81 6.74 -18.73
N GLY C 340 25.62 7.45 -17.95
CA GLY C 340 25.41 8.88 -17.77
C GLY C 340 26.27 9.72 -18.68
N ASN C 341 26.99 9.07 -19.60
CA ASN C 341 27.81 9.81 -20.56
C ASN C 341 26.93 10.70 -21.42
N THR C 342 27.32 11.97 -21.50
CA THR C 342 26.58 13.02 -22.18
C THR C 342 27.36 13.52 -23.40
N ILE C 343 26.83 14.57 -24.01
CA ILE C 343 27.49 15.26 -25.11
C ILE C 343 27.21 16.76 -24.97
N LYS C 344 28.25 17.57 -25.18
CA LYS C 344 28.13 19.01 -25.01
C LYS C 344 27.44 19.65 -26.21
N VAL C 345 26.53 20.59 -25.93
CA VAL C 345 25.85 21.36 -26.96
C VAL C 345 25.73 22.80 -26.48
N PRO C 346 26.08 23.79 -27.30
CA PRO C 346 25.90 25.19 -26.89
C PRO C 346 24.43 25.55 -26.74
N THR C 347 24.18 26.80 -26.34
CA THR C 347 22.85 27.28 -25.99
C THR C 347 22.95 28.76 -25.67
N PRO C 348 21.85 29.51 -25.78
CA PRO C 348 21.86 30.88 -25.26
C PRO C 348 22.21 30.90 -23.78
N LEU C 349 23.31 31.57 -23.47
CA LEU C 349 23.93 31.49 -22.15
C LEU C 349 23.36 32.56 -21.21
N CYS C 350 22.03 32.58 -21.14
CA CYS C 350 21.36 33.56 -20.31
C CYS C 350 20.15 32.89 -19.65
N THR C 351 19.51 33.63 -18.75
CA THR C 351 18.40 33.06 -18.01
C THR C 351 17.22 32.79 -18.93
N ALA C 352 16.43 31.78 -18.55
CA ALA C 352 15.15 31.58 -19.22
C ALA C 352 14.32 32.87 -19.17
N ARG C 353 14.52 33.69 -18.14
CA ARG C 353 13.97 35.03 -18.14
C ARG C 353 14.45 35.81 -19.36
N GLN C 354 15.76 36.01 -19.49
CA GLN C 354 16.29 36.68 -20.66
C GLN C 354 16.04 35.91 -21.94
N LEU C 355 15.89 34.59 -21.86
CA LEU C 355 15.41 33.84 -23.02
C LEU C 355 14.06 34.38 -23.51
N ASP C 356 13.07 34.42 -22.62
CA ASP C 356 11.78 34.95 -23.04
C ASP C 356 11.84 36.42 -23.38
N GLU C 357 12.74 37.16 -22.75
CA GLU C 357 12.93 38.57 -23.11
C GLU C 357 13.34 38.71 -24.56
N ASP C 358 14.48 38.10 -24.93
CA ASP C 358 14.97 38.20 -26.29
C ASP C 358 14.01 37.53 -27.28
N HIS C 359 13.31 36.48 -26.84
CA HIS C 359 12.36 35.81 -27.72
C HIS C 359 11.17 36.69 -28.03
N SER C 360 10.63 37.37 -27.01
CA SER C 360 9.55 38.32 -27.26
C SER C 360 10.04 39.49 -28.11
N LEU C 361 11.27 39.94 -27.89
CA LEU C 361 11.81 41.01 -28.71
C LEU C 361 11.98 40.59 -30.16
N LEU C 362 12.28 39.31 -30.40
CA LEU C 362 12.48 38.84 -31.76
C LEU C 362 11.17 38.43 -32.44
N GLU C 363 10.15 38.09 -31.64
CA GLU C 363 8.86 37.71 -32.21
C GLU C 363 7.93 38.90 -32.44
N ALA C 364 7.98 39.92 -31.57
CA ALA C 364 7.19 41.12 -31.78
C ALA C 364 7.87 42.11 -32.72
N LEU C 365 8.97 41.70 -33.36
CA LEU C 365 9.67 42.56 -34.30
C LEU C 365 8.94 42.64 -35.63
N ARG D 38 13.35 -4.80 -35.22
CA ARG D 38 12.05 -4.31 -34.77
C ARG D 38 11.41 -5.28 -33.78
N ALA D 39 11.79 -5.16 -32.50
CA ALA D 39 11.22 -5.99 -31.45
C ALA D 39 10.00 -5.31 -30.82
N ARG D 40 9.19 -6.06 -30.08
CA ARG D 40 8.15 -5.47 -29.26
C ARG D 40 8.76 -5.00 -27.94
N PHE D 41 8.45 -3.78 -27.55
CA PHE D 41 8.90 -3.28 -26.25
C PHE D 41 8.45 -4.20 -25.13
N VAL D 42 7.15 -4.38 -24.98
CA VAL D 42 6.58 -5.33 -24.03
C VAL D 42 5.79 -6.36 -24.81
N SER D 43 5.97 -7.64 -24.47
CA SER D 43 5.24 -8.70 -25.14
C SER D 43 3.74 -8.53 -24.91
N LYS D 44 2.95 -9.17 -25.78
CA LYS D 44 1.50 -9.18 -25.60
C LYS D 44 1.08 -9.82 -24.29
N LYS D 45 2.03 -10.29 -23.47
CA LYS D 45 1.74 -10.88 -22.18
C LYS D 45 2.54 -10.26 -21.05
N GLY D 46 3.05 -9.05 -21.22
CA GLY D 46 3.68 -8.34 -20.14
C GLY D 46 5.18 -8.53 -20.01
N ASN D 47 5.81 -9.25 -20.93
CA ASN D 47 7.25 -9.46 -20.83
C ASN D 47 8.01 -8.25 -21.35
N CYS D 48 8.81 -7.66 -20.47
CA CYS D 48 9.63 -6.51 -20.82
C CYS D 48 10.81 -7.01 -21.66
N ASN D 49 10.64 -6.93 -22.98
CA ASN D 49 11.54 -7.59 -23.92
C ASN D 49 12.79 -6.76 -24.18
N VAL D 50 13.54 -6.48 -23.13
CA VAL D 50 14.72 -5.63 -23.18
C VAL D 50 15.79 -6.28 -22.30
N ALA D 51 16.99 -6.46 -22.85
CA ALA D 51 18.10 -6.94 -22.04
C ALA D 51 18.98 -5.81 -21.57
N HIS D 52 19.68 -6.04 -20.47
CA HIS D 52 20.48 -5.02 -19.83
C HIS D 52 21.87 -4.93 -20.41
N LYS D 53 22.60 -6.05 -20.50
CA LYS D 53 23.87 -6.03 -21.22
C LYS D 53 24.88 -5.05 -20.65
N ASN D 54 25.61 -5.48 -19.61
CA ASN D 54 26.75 -4.76 -19.03
C ASN D 54 26.35 -3.69 -18.01
N ILE D 55 25.55 -4.08 -17.02
CA ILE D 55 25.47 -3.33 -15.76
C ILE D 55 26.90 -3.15 -15.24
N ARG D 56 27.21 -1.96 -14.75
CA ARG D 56 28.53 -1.69 -14.20
C ARG D 56 28.83 -2.53 -12.96
N GLU D 57 28.05 -2.33 -11.90
CA GLU D 57 28.45 -2.76 -10.56
C GLU D 57 28.01 -4.20 -10.30
N GLN D 58 28.22 -4.63 -9.06
CA GLN D 58 27.80 -5.94 -8.59
C GLN D 58 26.40 -5.83 -7.99
N GLY D 59 25.96 -6.87 -7.30
CA GLY D 59 24.62 -6.89 -6.74
C GLY D 59 24.59 -6.41 -5.30
N ARG D 60 23.56 -6.82 -4.57
CA ARG D 60 23.41 -6.47 -3.16
C ARG D 60 24.26 -7.43 -2.34
N PHE D 61 24.99 -6.88 -1.36
CA PHE D 61 25.98 -7.62 -0.59
C PHE D 61 25.45 -8.95 -0.07
N LEU D 62 24.44 -8.91 0.81
CA LEU D 62 23.80 -10.12 1.32
C LEU D 62 22.30 -9.96 1.51
N GLN D 63 21.68 -9.01 0.80
CA GLN D 63 20.23 -8.85 0.84
C GLN D 63 19.56 -9.33 -0.43
N ASP D 64 20.27 -9.24 -1.55
CA ASP D 64 19.78 -9.76 -2.82
C ASP D 64 19.40 -11.22 -2.69
N VAL D 65 19.93 -11.90 -1.67
CA VAL D 65 19.59 -13.30 -1.45
C VAL D 65 18.07 -13.45 -1.27
N PHE D 66 17.49 -12.61 -0.42
CA PHE D 66 16.06 -12.74 -0.12
C PHE D 66 15.21 -12.37 -1.33
N THR D 67 15.49 -11.23 -1.95
CA THR D 67 14.72 -10.81 -3.12
C THR D 67 14.82 -11.83 -4.25
N THR D 68 16.05 -12.21 -4.62
CA THR D 68 16.23 -13.23 -5.65
C THR D 68 15.66 -14.56 -5.23
N LEU D 69 15.45 -14.75 -3.92
CA LEU D 69 14.90 -16.00 -3.44
C LEU D 69 13.38 -16.03 -3.64
N VAL D 70 12.73 -14.89 -3.38
CA VAL D 70 11.27 -14.85 -3.42
C VAL D 70 10.76 -15.24 -4.80
N ASP D 71 11.03 -14.40 -5.80
CA ASP D 71 10.55 -14.65 -7.15
C ASP D 71 11.50 -15.61 -7.83
N LEU D 72 11.08 -16.86 -7.95
CA LEU D 72 11.94 -17.92 -8.43
C LEU D 72 11.08 -19.16 -8.58
N LYS D 73 11.48 -20.03 -9.50
CA LYS D 73 10.67 -21.19 -9.80
C LYS D 73 10.52 -22.07 -8.57
N TRP D 74 9.31 -22.58 -8.34
CA TRP D 74 9.00 -23.34 -7.13
C TRP D 74 9.96 -24.50 -6.88
N PRO D 75 10.15 -25.44 -7.82
CA PRO D 75 11.05 -26.56 -7.51
C PRO D 75 12.45 -26.14 -7.14
N HIS D 76 12.98 -25.09 -7.78
CA HIS D 76 14.32 -24.64 -7.42
C HIS D 76 14.36 -24.14 -5.98
N THR D 77 13.37 -23.33 -5.58
CA THR D 77 13.32 -22.84 -4.20
C THR D 77 13.17 -23.98 -3.22
N LEU D 78 12.21 -24.87 -3.47
CA LEU D 78 12.08 -26.10 -2.70
C LEU D 78 13.42 -26.79 -2.51
N LEU D 79 14.11 -27.08 -3.61
CA LEU D 79 15.37 -27.79 -3.53
C LEU D 79 16.36 -27.03 -2.69
N ILE D 80 16.41 -25.71 -2.84
CA ILE D 80 17.35 -24.92 -2.06
C ILE D 80 17.09 -25.08 -0.58
N PHE D 81 15.81 -25.04 -0.17
CA PHE D 81 15.53 -25.15 1.25
C PHE D 81 15.83 -26.54 1.76
N THR D 82 15.40 -27.57 1.02
CA THR D 82 15.71 -28.94 1.39
C THR D 82 17.20 -29.12 1.58
N MET D 83 17.99 -28.61 0.64
CA MET D 83 19.42 -28.86 0.72
C MET D 83 20.05 -28.04 1.83
N SER D 84 19.47 -26.89 2.16
CA SER D 84 19.89 -26.16 3.35
C SER D 84 19.67 -27.00 4.60
N PHE D 85 18.51 -27.63 4.71
CA PHE D 85 18.26 -28.50 5.87
C PHE D 85 19.23 -29.67 5.89
N LEU D 86 19.49 -30.26 4.72
CA LEU D 86 20.44 -31.37 4.68
C LEU D 86 21.82 -30.94 5.14
N CYS D 87 22.31 -29.82 4.65
CA CYS D 87 23.65 -29.42 5.03
C CYS D 87 23.71 -29.04 6.50
N SER D 88 22.67 -28.38 7.00
CA SER D 88 22.62 -28.05 8.42
C SER D 88 22.62 -29.30 9.28
N TRP D 89 21.90 -30.35 8.84
CA TRP D 89 21.88 -31.57 9.61
C TRP D 89 23.22 -32.28 9.56
N LEU D 90 23.78 -32.46 8.37
CA LEU D 90 25.04 -33.16 8.23
C LEU D 90 26.19 -32.45 8.92
N LEU D 91 26.22 -31.11 8.92
CA LEU D 91 27.33 -30.42 9.55
C LEU D 91 27.39 -30.74 11.03
N PHE D 92 26.28 -30.53 11.73
CA PHE D 92 26.25 -30.89 13.14
C PHE D 92 26.34 -32.38 13.36
N ALA D 93 25.96 -33.19 12.37
CA ALA D 93 26.15 -34.63 12.49
C ALA D 93 27.63 -34.96 12.59
N MET D 94 28.41 -34.40 11.67
CA MET D 94 29.86 -34.52 11.75
C MET D 94 30.36 -34.00 13.09
N ALA D 95 29.78 -32.90 13.57
CA ALA D 95 30.21 -32.34 14.85
C ALA D 95 30.00 -33.34 15.99
N TRP D 96 28.78 -33.86 16.13
CA TRP D 96 28.50 -34.78 17.22
C TRP D 96 29.36 -36.03 17.10
N TRP D 97 29.47 -36.57 15.89
CA TRP D 97 30.28 -37.77 15.70
C TRP D 97 31.72 -37.52 16.12
N LEU D 98 32.28 -36.39 15.69
CA LEU D 98 33.64 -36.05 16.06
C LEU D 98 33.77 -35.90 17.56
N ILE D 99 32.78 -35.33 18.22
CA ILE D 99 32.85 -35.16 19.67
C ILE D 99 32.85 -36.52 20.36
N ALA D 100 31.94 -37.40 19.95
CA ALA D 100 31.93 -38.74 20.54
C ALA D 100 33.26 -39.44 20.32
N PHE D 101 33.87 -39.20 19.17
CA PHE D 101 35.12 -39.89 18.89
C PHE D 101 36.28 -39.28 19.66
N ALA D 102 36.25 -37.98 19.92
CA ALA D 102 37.30 -37.34 20.70
C ALA D 102 37.17 -37.69 22.17
N HIS D 103 35.94 -37.86 22.64
CA HIS D 103 35.71 -38.31 24.01
C HIS D 103 36.17 -39.73 24.24
N GLY D 104 36.63 -40.41 23.20
CA GLY D 104 37.00 -41.80 23.33
C GLY D 104 35.77 -42.59 23.71
N ASP D 105 34.71 -42.42 22.93
CA ASP D 105 33.44 -43.03 23.26
C ASP D 105 32.96 -44.06 22.25
N LEU D 106 33.66 -44.23 21.13
CA LEU D 106 33.26 -45.24 20.15
C LEU D 106 33.91 -46.58 20.44
N ALA D 107 35.16 -46.56 20.88
CA ALA D 107 35.89 -47.79 21.09
C ALA D 107 35.51 -48.55 22.36
N PRO D 108 35.57 -47.91 23.54
CA PRO D 108 35.65 -48.70 24.78
C PRO D 108 34.41 -49.54 25.06
N SER D 109 33.25 -48.90 25.18
CA SER D 109 32.03 -49.55 25.66
C SER D 109 32.29 -50.31 26.95
N GLU D 110 33.24 -49.79 27.74
CA GLU D 110 33.67 -50.49 28.95
C GLU D 110 32.59 -50.51 30.01
N GLY D 111 31.60 -49.63 29.90
CA GLY D 111 30.52 -49.58 30.86
C GLY D 111 30.70 -48.48 31.89
N THR D 112 31.95 -48.16 32.22
CA THR D 112 32.21 -47.15 33.25
C THR D 112 32.03 -45.74 32.69
N ALA D 113 32.86 -45.35 31.73
CA ALA D 113 32.85 -43.99 31.22
C ALA D 113 31.55 -43.70 30.48
N GLU D 114 30.89 -42.63 30.86
CA GLU D 114 29.61 -42.25 30.29
C GLU D 114 29.84 -41.35 29.08
N PRO D 115 29.06 -41.50 28.03
CA PRO D 115 29.33 -40.75 26.80
C PRO D 115 29.01 -39.27 26.93
N CYS D 116 29.54 -38.47 25.99
CA CYS D 116 29.01 -37.12 25.83
C CYS D 116 27.52 -37.18 25.52
N VAL D 117 27.14 -38.07 24.62
CA VAL D 117 25.75 -38.29 24.22
C VAL D 117 25.48 -39.78 24.22
N THR D 118 24.36 -40.17 24.80
CA THR D 118 24.07 -41.58 25.01
C THR D 118 23.93 -42.33 23.70
N SER D 119 24.55 -43.51 23.67
CA SER D 119 24.26 -44.56 22.68
C SER D 119 24.38 -44.04 21.25
N ILE D 120 25.60 -43.64 20.89
CA ILE D 120 25.91 -43.46 19.48
C ILE D 120 27.18 -44.25 19.18
N HIS D 121 27.15 -44.97 18.07
CA HIS D 121 28.23 -45.88 17.75
C HIS D 121 28.67 -45.76 16.31
N SER D 122 27.93 -45.03 15.49
CA SER D 122 28.26 -44.87 14.09
C SER D 122 27.93 -43.45 13.70
N PHE D 123 28.57 -42.98 12.63
CA PHE D 123 28.20 -41.69 12.09
C PHE D 123 26.71 -41.63 11.78
N SER D 124 26.13 -42.76 11.40
CA SER D 124 24.68 -42.82 11.25
C SER D 124 23.99 -42.43 12.53
N SER D 125 24.52 -42.88 13.67
CA SER D 125 23.92 -42.50 14.95
C SER D 125 23.97 -41.01 15.16
N ALA D 126 25.14 -40.40 14.96
CA ALA D 126 25.26 -38.97 15.15
C ALA D 126 24.36 -38.21 14.19
N PHE D 127 24.13 -38.75 12.99
CA PHE D 127 23.27 -38.06 12.05
C PHE D 127 21.81 -38.13 12.49
N LEU D 128 21.35 -39.32 12.89
CA LEU D 128 20.03 -39.43 13.48
C LEU D 128 19.88 -38.47 14.65
N PHE D 129 20.90 -38.38 15.48
CA PHE D 129 20.84 -37.49 16.63
C PHE D 129 20.70 -36.04 16.19
N SER D 130 21.46 -35.63 15.18
CA SER D 130 21.36 -34.26 14.72
C SER D 130 19.98 -33.97 14.19
N ILE D 131 19.39 -34.92 13.46
CA ILE D 131 18.04 -34.71 12.95
C ILE D 131 17.06 -34.61 14.11
N GLU D 132 17.18 -35.49 15.10
CA GLU D 132 16.30 -35.42 16.24
C GLU D 132 16.39 -34.08 16.94
N VAL D 133 17.61 -33.56 17.09
CA VAL D 133 17.81 -32.31 17.79
C VAL D 133 17.21 -31.16 17.00
N GLN D 134 17.70 -30.96 15.77
CA GLN D 134 17.36 -29.74 15.06
C GLN D 134 15.90 -29.72 14.64
N VAL D 135 15.31 -30.89 14.36
CA VAL D 135 13.89 -30.94 14.07
C VAL D 135 13.04 -30.94 15.33
N THR D 136 13.68 -30.95 16.50
CA THR D 136 13.01 -30.88 17.79
C THR D 136 12.17 -32.12 18.06
N ILE D 137 12.66 -33.27 17.60
CA ILE D 137 11.96 -34.52 17.83
C ILE D 137 12.43 -35.13 19.14
N GLY D 138 13.70 -35.48 19.21
CA GLY D 138 14.29 -35.97 20.44
C GLY D 138 13.64 -37.22 20.98
N PHE D 139 13.83 -38.35 20.31
CA PHE D 139 13.24 -39.60 20.77
C PHE D 139 13.67 -39.93 22.18
N GLY D 140 14.98 -39.98 22.43
CA GLY D 140 15.44 -40.19 23.78
C GLY D 140 16.46 -41.29 23.93
N GLY D 141 16.45 -42.24 22.98
CA GLY D 141 17.44 -43.30 23.00
C GLY D 141 18.85 -42.81 22.87
N ARG D 142 19.04 -41.64 22.27
CA ARG D 142 20.35 -41.02 22.14
C ARG D 142 20.24 -39.58 22.63
N MET D 143 20.90 -39.30 23.76
CA MET D 143 20.56 -38.14 24.57
C MET D 143 21.83 -37.50 25.11
N VAL D 144 21.82 -36.17 25.17
CA VAL D 144 22.98 -35.43 25.67
C VAL D 144 23.14 -35.68 27.16
N THR D 145 24.38 -35.75 27.61
CA THR D 145 24.70 -36.01 29.01
C THR D 145 25.61 -34.89 29.51
N GLU D 146 25.64 -34.71 30.83
CA GLU D 146 26.48 -33.70 31.46
C GLU D 146 27.96 -33.97 31.29
N GLU D 147 28.36 -35.16 30.83
CA GLU D 147 29.75 -35.53 30.82
C GLU D 147 30.60 -34.70 29.88
N CYS D 148 29.99 -33.91 29.01
CA CYS D 148 30.77 -33.10 28.08
C CYS D 148 30.15 -31.71 27.94
N PRO D 149 30.67 -30.72 28.67
CA PRO D 149 30.15 -29.36 28.49
C PRO D 149 30.33 -28.83 27.08
N LEU D 150 31.39 -29.25 26.40
CA LEU D 150 31.55 -28.88 25.01
C LEU D 150 30.38 -29.39 24.18
N ALA D 151 29.89 -30.59 24.51
CA ALA D 151 28.72 -31.10 23.82
C ALA D 151 27.50 -30.26 24.11
N ILE D 152 27.42 -29.71 25.33
CA ILE D 152 26.32 -28.80 25.64
C ILE D 152 26.41 -27.55 24.78
N LEU D 153 27.62 -27.04 24.59
CA LEU D 153 27.81 -25.91 23.68
C LEU D 153 27.34 -26.26 22.28
N ILE D 154 27.73 -27.43 21.78
CA ILE D 154 27.27 -27.84 20.46
C ILE D 154 25.76 -27.89 20.41
N LEU D 155 25.11 -28.40 21.46
CA LEU D 155 23.66 -28.45 21.49
C LEU D 155 23.07 -27.05 21.37
N ILE D 156 23.57 -26.12 22.16
CA ILE D 156 23.06 -24.75 22.12
C ILE D 156 23.25 -24.17 20.72
N VAL D 157 24.43 -24.39 20.14
CA VAL D 157 24.72 -23.87 18.82
C VAL D 157 23.74 -24.43 17.80
N GLN D 158 23.51 -25.73 17.84
CA GLN D 158 22.65 -26.31 16.82
C GLN D 158 21.21 -25.86 17.01
N ASN D 159 20.77 -25.67 18.25
CA ASN D 159 19.42 -25.19 18.45
C ASN D 159 19.25 -23.77 17.94
N ILE D 160 20.21 -22.90 18.23
CA ILE D 160 20.12 -21.53 17.75
C ILE D 160 20.13 -21.50 16.22
N VAL D 161 21.07 -22.23 15.62
CA VAL D 161 21.13 -22.28 14.17
C VAL D 161 19.85 -22.85 13.60
N GLY D 162 19.30 -23.88 14.23
CA GLY D 162 18.06 -24.46 13.74
C GLY D 162 16.92 -23.47 13.76
N LEU D 163 16.80 -22.72 14.85
CA LEU D 163 15.72 -21.74 14.91
C LEU D 163 15.92 -20.63 13.89
N MET D 164 17.15 -20.15 13.73
CA MET D 164 17.41 -19.10 12.76
C MET D 164 17.10 -19.56 11.35
N ILE D 165 17.62 -20.73 10.97
CA ILE D 165 17.37 -21.23 9.63
C ILE D 165 15.90 -21.53 9.43
N ASN D 166 15.21 -22.01 10.47
CA ASN D 166 13.80 -22.32 10.32
C ASN D 166 13.00 -21.05 10.09
N ALA D 167 13.30 -20.00 10.84
CA ALA D 167 12.58 -18.74 10.66
C ALA D 167 12.86 -18.15 9.29
N ILE D 168 14.11 -18.25 8.82
CA ILE D 168 14.41 -17.74 7.48
C ILE D 168 13.63 -18.49 6.43
N MET D 169 13.67 -19.83 6.49
CA MET D 169 12.93 -20.63 5.52
C MET D 169 11.44 -20.30 5.57
N LEU D 170 10.91 -20.06 6.77
CA LEU D 170 9.47 -19.85 6.89
C LEU D 170 9.07 -18.46 6.43
N GLY D 171 9.89 -17.46 6.70
CA GLY D 171 9.63 -16.14 6.14
C GLY D 171 9.69 -16.15 4.63
N CYS D 172 10.66 -16.86 4.06
CA CYS D 172 10.74 -16.95 2.61
C CYS D 172 9.53 -17.68 2.05
N ILE D 173 9.16 -18.82 2.64
CA ILE D 173 8.00 -19.56 2.16
C ILE D 173 6.74 -18.71 2.27
N PHE D 174 6.65 -17.90 3.32
CA PHE D 174 5.50 -17.01 3.43
C PHE D 174 5.49 -16.01 2.30
N MET D 175 6.50 -15.15 2.24
CA MET D 175 6.45 -14.12 1.22
C MET D 175 6.44 -14.69 -0.19
N LYS D 176 6.73 -15.98 -0.34
CA LYS D 176 6.55 -16.59 -1.65
C LYS D 176 5.13 -17.07 -1.86
N THR D 177 4.50 -17.64 -0.84
CA THR D 177 3.11 -18.07 -0.97
C THR D 177 2.14 -16.90 -0.97
N ALA D 178 2.55 -15.74 -0.47
CA ALA D 178 1.78 -14.52 -0.67
C ALA D 178 2.12 -13.84 -1.98
N GLN D 179 2.68 -14.57 -2.94
CA GLN D 179 3.12 -13.97 -4.19
C GLN D 179 1.95 -13.40 -4.97
N ALA D 180 2.22 -12.33 -5.70
CA ALA D 180 1.32 -11.75 -6.68
C ALA D 180 1.57 -12.36 -8.05
N HIS D 181 1.07 -11.66 -9.07
CA HIS D 181 1.15 -11.93 -10.51
C HIS D 181 0.52 -13.26 -10.88
N ARG D 182 -0.05 -13.99 -9.92
CA ARG D 182 -1.02 -15.02 -10.29
C ARG D 182 -2.30 -14.36 -10.77
N ARG D 183 -2.70 -13.28 -10.11
CA ARG D 183 -3.86 -12.52 -10.59
C ARG D 183 -3.54 -11.76 -11.86
N ALA D 184 -2.31 -11.23 -11.97
CA ALA D 184 -1.92 -10.41 -13.12
C ALA D 184 -2.00 -11.17 -14.44
N GLU D 185 -2.18 -12.49 -14.41
CA GLU D 185 -2.40 -13.24 -15.63
C GLU D 185 -3.85 -13.29 -16.01
N THR D 186 -4.76 -13.17 -15.05
CA THR D 186 -6.18 -13.18 -15.34
C THR D 186 -6.66 -11.86 -15.93
N LEU D 187 -5.90 -10.79 -15.70
CA LEU D 187 -6.26 -9.49 -16.25
C LEU D 187 -5.99 -9.49 -17.75
N ILE D 188 -7.02 -9.71 -18.54
CA ILE D 188 -6.83 -9.97 -19.96
C ILE D 188 -7.05 -8.72 -20.78
N PHE D 189 -6.50 -8.72 -21.99
CA PHE D 189 -6.58 -7.61 -22.91
C PHE D 189 -6.72 -8.15 -24.32
N SER D 190 -7.72 -7.64 -25.05
CA SER D 190 -7.94 -8.08 -26.42
C SER D 190 -6.66 -7.92 -27.24
N LYS D 191 -6.49 -8.81 -28.21
CA LYS D 191 -5.30 -8.80 -29.04
C LYS D 191 -5.26 -7.59 -29.97
N HIS D 192 -6.36 -6.83 -30.05
CA HIS D 192 -6.47 -5.72 -30.97
C HIS D 192 -7.04 -4.51 -30.26
N ALA D 193 -6.72 -3.33 -30.77
CA ALA D 193 -7.33 -2.08 -30.33
C ALA D 193 -7.95 -1.39 -31.53
N VAL D 194 -9.11 -0.77 -31.34
CA VAL D 194 -9.83 -0.16 -32.43
C VAL D 194 -9.94 1.34 -32.18
N ILE D 195 -10.07 2.09 -33.26
CA ILE D 195 -10.39 3.51 -33.19
C ILE D 195 -11.77 3.67 -33.80
N ALA D 196 -12.47 4.73 -33.41
CA ALA D 196 -13.76 5.04 -34.00
C ALA D 196 -14.08 6.51 -33.74
N LEU D 197 -15.29 6.92 -34.08
CA LEU D 197 -15.77 8.26 -33.81
C LEU D 197 -16.65 8.23 -32.57
N ARG D 198 -16.29 9.06 -31.59
CA ARG D 198 -17.12 9.26 -30.41
C ARG D 198 -17.19 10.75 -30.15
N HIS D 199 -18.41 11.24 -29.92
CA HIS D 199 -18.64 12.67 -29.69
C HIS D 199 -18.12 13.50 -30.86
N GLY D 200 -18.33 12.98 -32.07
CA GLY D 200 -17.76 13.61 -33.24
C GLY D 200 -16.24 13.64 -33.26
N ARG D 201 -15.60 12.95 -32.34
CA ARG D 201 -14.15 12.94 -32.24
C ARG D 201 -13.62 11.54 -32.48
N LEU D 202 -12.40 11.49 -33.00
CA LEU D 202 -11.76 10.24 -33.41
C LEU D 202 -10.83 9.78 -32.29
N CYS D 203 -11.29 8.82 -31.50
CA CYS D 203 -10.63 8.43 -30.27
C CYS D 203 -10.15 6.98 -30.36
N PHE D 204 -8.92 6.75 -29.93
CA PHE D 204 -8.35 5.42 -29.84
C PHE D 204 -8.92 4.68 -28.64
N MET D 205 -9.28 3.41 -28.82
CA MET D 205 -9.95 2.64 -27.79
C MET D 205 -9.28 1.29 -27.63
N LEU D 206 -9.62 0.60 -26.54
CA LEU D 206 -9.35 -0.82 -26.37
C LEU D 206 -10.17 -1.33 -25.20
N ARG D 207 -10.54 -2.60 -25.27
CA ARG D 207 -11.32 -3.24 -24.21
C ARG D 207 -10.38 -3.88 -23.20
N VAL D 208 -10.72 -3.73 -21.92
CA VAL D 208 -9.99 -4.33 -20.82
C VAL D 208 -10.78 -5.52 -20.32
N GLY D 209 -10.11 -6.47 -19.70
CA GLY D 209 -10.81 -7.63 -19.20
C GLY D 209 -10.23 -8.15 -17.91
N ASP D 210 -11.12 -8.40 -16.95
CA ASP D 210 -10.79 -9.10 -15.72
C ASP D 210 -11.63 -10.36 -15.62
N LEU D 211 -10.96 -11.49 -15.41
CA LEU D 211 -11.63 -12.78 -15.41
C LEU D 211 -11.96 -13.29 -14.01
N ARG D 212 -11.27 -12.84 -12.98
CA ARG D 212 -11.54 -13.27 -11.63
C ARG D 212 -12.67 -12.44 -11.04
N LYS D 213 -13.53 -13.11 -10.27
CA LYS D 213 -14.53 -12.39 -9.49
C LYS D 213 -13.89 -11.59 -8.36
N SER D 214 -12.70 -11.99 -7.92
CA SER D 214 -11.96 -11.20 -6.95
C SER D 214 -11.65 -9.82 -7.52
N MET D 215 -11.73 -8.81 -6.67
CA MET D 215 -11.75 -7.45 -7.18
C MET D 215 -10.38 -6.80 -7.04
N ILE D 216 -10.05 -5.97 -8.00
CA ILE D 216 -8.85 -5.15 -7.95
C ILE D 216 -9.24 -3.79 -7.40
N ILE D 217 -8.39 -3.22 -6.57
CA ILE D 217 -8.69 -1.96 -5.89
C ILE D 217 -7.81 -0.88 -6.49
N SER D 218 -8.38 0.31 -6.70
CA SER D 218 -7.67 1.45 -7.24
C SER D 218 -7.05 1.12 -8.59
N ALA D 219 -7.76 0.31 -9.38
CA ALA D 219 -7.32 -0.05 -10.72
C ALA D 219 -7.07 1.21 -11.53
N THR D 220 -5.81 1.41 -11.92
CA THR D 220 -5.37 2.65 -12.56
C THR D 220 -4.74 2.33 -13.90
N ILE D 221 -5.04 3.15 -14.90
CA ILE D 221 -4.61 2.93 -16.27
C ILE D 221 -3.56 3.96 -16.63
N HIS D 222 -2.46 3.50 -17.22
CA HIS D 222 -1.47 4.40 -17.79
C HIS D 222 -1.17 3.93 -19.20
N MET D 223 -1.98 4.38 -20.15
CA MET D 223 -1.65 4.19 -21.54
C MET D 223 -0.45 5.06 -21.86
N GLN D 224 0.49 4.52 -22.64
CA GLN D 224 1.76 5.22 -22.83
C GLN D 224 2.29 4.85 -24.21
N VAL D 225 2.30 5.82 -25.11
CA VAL D 225 2.78 5.59 -26.47
C VAL D 225 4.29 5.70 -26.49
N VAL D 226 4.94 4.80 -27.23
CA VAL D 226 6.39 4.74 -27.30
C VAL D 226 6.81 4.65 -28.75
N ARG D 227 7.83 5.42 -29.11
CA ARG D 227 8.43 5.34 -30.43
C ARG D 227 9.79 6.02 -30.37
N LYS D 228 10.48 6.01 -31.49
CA LYS D 228 11.75 6.69 -31.64
C LYS D 228 11.46 8.08 -32.18
N THR D 229 11.14 9.00 -31.29
CA THR D 229 10.76 10.35 -31.70
C THR D 229 11.90 11.32 -31.43
N THR D 230 11.71 12.55 -31.91
CA THR D 230 12.78 13.53 -31.98
C THR D 230 12.26 14.91 -31.58
N SER D 231 13.05 15.63 -30.80
CA SER D 231 12.76 17.02 -30.50
C SER D 231 13.00 17.88 -31.73
N PRO D 232 12.46 19.10 -31.76
CA PRO D 232 12.81 20.01 -32.86
C PRO D 232 14.29 20.28 -32.95
N GLU D 233 14.97 20.39 -31.80
CA GLU D 233 16.40 20.69 -31.80
C GLU D 233 17.20 19.55 -32.41
N GLY D 234 16.64 18.34 -32.43
CA GLY D 234 17.24 17.27 -33.18
C GLY D 234 17.49 15.99 -32.42
N GLU D 235 17.56 16.03 -31.11
CA GLU D 235 17.87 14.82 -30.36
C GLU D 235 16.77 13.78 -30.51
N VAL D 236 17.17 12.56 -30.81
CA VAL D 236 16.26 11.43 -30.94
C VAL D 236 16.60 10.44 -29.84
N VAL D 237 15.58 9.82 -29.27
CA VAL D 237 15.79 8.78 -28.27
C VAL D 237 15.05 7.53 -28.74
N PRO D 238 15.68 6.36 -28.67
CA PRO D 238 15.12 5.17 -29.31
C PRO D 238 13.74 4.81 -28.79
N LEU D 239 13.66 4.53 -27.49
CA LEU D 239 12.37 4.23 -26.87
C LEU D 239 11.90 5.45 -26.07
N HIS D 240 11.39 6.44 -26.80
CA HIS D 240 10.77 7.57 -26.13
C HIS D 240 9.39 7.16 -25.64
N GLN D 241 8.94 7.81 -24.57
CA GLN D 241 7.75 7.39 -23.85
C GLN D 241 6.91 8.62 -23.51
N VAL D 242 5.68 8.64 -23.98
CA VAL D 242 4.77 9.74 -23.72
C VAL D 242 3.52 9.17 -23.08
N ASP D 243 3.23 9.61 -21.85
CA ASP D 243 2.04 9.16 -21.14
C ASP D 243 0.81 9.74 -21.80
N ILE D 244 0.10 8.93 -22.57
CA ILE D 244 -1.09 9.39 -23.27
C ILE D 244 -2.28 9.24 -22.32
N PRO D 245 -2.97 10.33 -22.00
CA PRO D 245 -3.97 10.29 -20.93
C PRO D 245 -5.27 9.63 -21.38
N MET D 246 -5.80 8.78 -20.52
CA MET D 246 -7.11 8.19 -20.78
C MET D 246 -8.19 9.23 -20.59
N GLU D 247 -9.22 9.14 -21.41
CA GLU D 247 -10.35 10.05 -21.30
C GLU D 247 -11.25 9.60 -20.16
N ASN D 248 -11.18 10.31 -19.04
CA ASN D 248 -12.00 9.99 -17.88
C ASN D 248 -12.78 11.22 -17.48
N GLY D 249 -14.07 11.01 -17.16
CA GLY D 249 -14.93 12.13 -16.83
C GLY D 249 -14.36 13.02 -15.75
N VAL D 250 -13.66 12.45 -14.79
CA VAL D 250 -12.92 13.24 -13.82
C VAL D 250 -11.63 13.76 -14.42
N GLY D 251 -11.00 12.95 -15.25
CA GLY D 251 -9.67 13.23 -15.76
C GLY D 251 -8.61 12.35 -15.17
N GLY D 252 -8.88 11.69 -14.05
CA GLY D 252 -7.90 10.83 -13.42
C GLY D 252 -7.72 9.53 -14.18
N ASN D 253 -6.95 8.61 -13.61
CA ASN D 253 -6.60 7.38 -14.32
C ASN D 253 -7.13 6.13 -13.64
N SER D 254 -7.90 6.26 -12.57
CA SER D 254 -8.49 5.11 -11.90
C SER D 254 -9.74 4.67 -12.66
N ILE D 255 -10.00 3.37 -12.61
CA ILE D 255 -11.23 2.80 -13.14
C ILE D 255 -11.85 1.90 -12.07
N PHE D 256 -13.00 1.34 -12.40
CA PHE D 256 -13.69 0.37 -11.55
C PHE D 256 -14.11 -0.79 -12.46
N LEU D 257 -13.23 -1.77 -12.60
CA LEU D 257 -13.43 -2.86 -13.54
C LEU D 257 -14.15 -4.02 -12.87
N VAL D 258 -15.42 -4.19 -13.20
CA VAL D 258 -16.14 -5.39 -12.83
C VAL D 258 -16.51 -6.11 -14.11
N ALA D 259 -17.29 -5.46 -14.93
CA ALA D 259 -17.49 -6.03 -16.25
C ALA D 259 -16.44 -5.51 -17.22
N PRO D 260 -15.80 -6.41 -17.96
CA PRO D 260 -14.70 -6.01 -18.85
C PRO D 260 -15.09 -4.91 -19.82
N LEU D 261 -14.50 -3.73 -19.62
CA LEU D 261 -14.92 -2.51 -20.29
C LEU D 261 -13.89 -2.08 -21.33
N ILE D 262 -14.11 -0.91 -21.93
CA ILE D 262 -13.24 -0.37 -22.97
C ILE D 262 -12.48 0.82 -22.41
N ILE D 263 -11.16 0.79 -22.54
CA ILE D 263 -10.34 1.97 -22.26
C ILE D 263 -10.10 2.73 -23.55
N TYR D 264 -10.13 4.05 -23.48
CA TYR D 264 -10.01 4.82 -24.70
C TYR D 264 -9.35 6.16 -24.45
N HIS D 265 -8.61 6.61 -25.46
CA HIS D 265 -8.01 7.94 -25.48
C HIS D 265 -8.63 8.78 -26.59
N VAL D 266 -9.01 9.99 -26.25
CA VAL D 266 -9.48 10.97 -27.23
C VAL D 266 -8.25 11.66 -27.81
N ILE D 267 -8.12 11.60 -29.14
CA ILE D 267 -6.92 12.10 -29.80
C ILE D 267 -7.03 13.60 -30.02
N ASP D 268 -6.38 14.38 -29.16
CA ASP D 268 -6.41 15.83 -29.23
C ASP D 268 -5.12 16.36 -29.85
N ALA D 269 -5.13 17.64 -30.21
CA ALA D 269 -3.96 18.25 -30.82
C ALA D 269 -2.74 18.19 -29.91
N ASN D 270 -2.95 17.93 -28.62
CA ASN D 270 -1.84 17.68 -27.71
C ASN D 270 -1.42 16.22 -27.68
N SER D 271 -2.29 15.31 -28.09
CA SER D 271 -1.88 13.91 -28.14
C SER D 271 -0.88 13.71 -29.27
N PRO D 272 0.18 12.92 -29.04
CA PRO D 272 1.12 12.64 -30.13
C PRO D 272 0.47 11.93 -31.29
N LEU D 273 -0.61 11.19 -31.05
CA LEU D 273 -1.33 10.47 -32.08
C LEU D 273 -2.17 11.39 -32.94
N TYR D 274 -2.05 12.71 -32.74
CA TYR D 274 -2.84 13.64 -33.53
C TYR D 274 -2.30 13.81 -34.95
N ASP D 275 -1.12 13.25 -35.24
CA ASP D 275 -0.60 13.19 -36.60
C ASP D 275 -0.78 11.81 -37.21
N LEU D 276 -1.40 10.89 -36.47
CA LEU D 276 -1.62 9.54 -36.98
C LEU D 276 -2.72 9.54 -38.03
N ALA D 277 -2.59 8.64 -39.00
CA ALA D 277 -3.56 8.43 -40.06
C ALA D 277 -3.75 6.94 -40.24
N PRO D 278 -4.87 6.52 -40.81
CA PRO D 278 -4.99 5.13 -41.23
C PRO D 278 -3.95 4.82 -42.29
N SER D 279 -3.61 3.55 -42.39
CA SER D 279 -2.67 3.03 -43.38
C SER D 279 -1.26 3.50 -43.06
N ASP D 280 -1.13 4.40 -42.08
CA ASP D 280 0.16 4.66 -41.48
C ASP D 280 0.50 3.56 -40.49
N LEU D 281 -0.52 3.01 -39.85
CA LEU D 281 -0.33 1.89 -38.95
C LEU D 281 -0.02 0.62 -39.74
N HIS D 282 0.99 -0.10 -39.30
CA HIS D 282 1.41 -1.37 -39.89
C HIS D 282 2.56 -1.91 -39.04
N HIS D 283 2.80 -3.22 -39.18
CA HIS D 283 3.78 -3.86 -38.31
C HIS D 283 5.21 -3.40 -38.61
N HIS D 284 5.41 -2.51 -39.57
CA HIS D 284 6.73 -1.97 -39.85
C HIS D 284 6.76 -0.46 -39.63
N GLN D 285 5.74 0.05 -38.97
CA GLN D 285 5.66 1.45 -38.58
C GLN D 285 6.13 1.56 -37.13
N ASP D 286 7.15 2.37 -36.89
CA ASP D 286 7.67 2.49 -35.54
C ASP D 286 6.60 3.17 -34.69
N LEU D 287 5.93 2.37 -33.87
CA LEU D 287 4.79 2.84 -33.12
C LEU D 287 4.36 1.76 -32.15
N GLU D 288 3.99 2.18 -30.94
CA GLU D 288 3.56 1.25 -29.91
C GLU D 288 3.01 2.06 -28.75
N ILE D 289 1.94 1.55 -28.15
CA ILE D 289 1.28 2.23 -27.05
C ILE D 289 1.22 1.28 -25.87
N ILE D 290 1.95 1.60 -24.82
CA ILE D 290 2.15 0.71 -23.68
C ILE D 290 1.00 0.92 -22.71
N VAL D 291 0.34 -0.17 -22.34
CA VAL D 291 -0.85 -0.10 -21.49
C VAL D 291 -0.51 -0.73 -20.15
N ILE D 292 -0.69 0.04 -19.08
CA ILE D 292 -0.32 -0.34 -17.73
C ILE D 292 -1.56 -0.38 -16.87
N LEU D 293 -1.72 -1.46 -16.11
CA LEU D 293 -2.84 -1.64 -15.19
C LEU D 293 -2.27 -1.93 -13.81
N GLU D 294 -2.59 -1.09 -12.84
CA GLU D 294 -2.01 -1.17 -11.50
C GLU D 294 -3.12 -1.03 -10.46
N GLY D 295 -3.18 -1.98 -9.54
CA GLY D 295 -4.18 -1.95 -8.50
C GLY D 295 -3.80 -2.89 -7.37
N VAL D 296 -4.66 -2.94 -6.37
CA VAL D 296 -4.41 -3.76 -5.19
C VAL D 296 -5.28 -5.00 -5.24
N VAL D 297 -4.66 -6.15 -5.02
CA VAL D 297 -5.42 -7.40 -4.92
C VAL D 297 -6.33 -7.33 -3.70
N GLU D 298 -7.53 -7.89 -3.86
CA GLU D 298 -8.53 -7.79 -2.80
C GLU D 298 -8.12 -8.59 -1.57
N THR D 299 -7.81 -9.88 -1.77
CA THR D 299 -7.44 -10.73 -0.64
C THR D 299 -6.10 -10.34 -0.03
N THR D 300 -5.09 -10.15 -0.86
CA THR D 300 -3.78 -9.74 -0.42
C THR D 300 -3.61 -8.26 -0.69
N GLY D 301 -3.45 -7.48 0.38
CA GLY D 301 -3.36 -6.04 0.25
C GLY D 301 -2.22 -5.54 -0.62
N ILE D 302 -1.45 -6.45 -1.20
CA ILE D 302 -0.31 -6.08 -2.03
C ILE D 302 -0.79 -5.62 -3.40
N THR D 303 0.10 -5.02 -4.18
CA THR D 303 -0.23 -4.42 -5.45
C THR D 303 0.34 -5.28 -6.56
N THR D 304 -0.39 -5.38 -7.67
CA THR D 304 0.10 -6.07 -8.86
C THR D 304 -0.02 -5.16 -10.07
N GLN D 305 0.72 -5.51 -11.11
CA GLN D 305 0.71 -4.77 -12.36
C GLN D 305 0.67 -5.74 -13.51
N ALA D 306 -0.25 -5.53 -14.45
CA ALA D 306 -0.26 -6.24 -15.72
C ALA D 306 0.16 -5.28 -16.81
N ARG D 307 0.81 -5.80 -17.84
CA ARG D 307 1.23 -5.00 -18.97
C ARG D 307 0.73 -5.64 -20.27
N THR D 308 0.33 -4.79 -21.19
CA THR D 308 0.05 -5.22 -22.55
C THR D 308 0.43 -4.07 -23.48
N SER D 309 0.73 -4.42 -24.72
CA SER D 309 1.20 -3.42 -25.65
C SER D 309 0.52 -3.63 -26.99
N TYR D 310 0.47 -2.56 -27.77
CA TYR D 310 -0.11 -2.62 -29.11
C TYR D 310 0.78 -1.82 -30.02
N LEU D 311 1.38 -2.48 -31.00
CA LEU D 311 2.10 -1.76 -32.03
C LEU D 311 1.11 -1.45 -33.15
N ALA D 312 1.61 -0.90 -34.26
CA ALA D 312 0.75 -0.17 -35.18
C ALA D 312 -0.32 -1.06 -35.80
N ASP D 313 0.03 -2.30 -36.17
CA ASP D 313 -0.91 -3.13 -36.92
C ASP D 313 -2.05 -3.62 -36.03
N GLU D 314 -1.73 -4.03 -34.81
CA GLU D 314 -2.75 -4.50 -33.87
C GLU D 314 -3.79 -3.42 -33.58
N ILE D 315 -3.45 -2.17 -33.86
CA ILE D 315 -4.38 -1.06 -33.68
C ILE D 315 -5.28 -1.05 -34.92
N LEU D 316 -6.38 -1.77 -34.84
CA LEU D 316 -7.29 -1.81 -35.98
C LEU D 316 -7.95 -0.45 -36.18
N TRP D 317 -7.94 0.02 -37.42
CA TRP D 317 -8.47 1.33 -37.76
C TRP D 317 -9.95 1.19 -38.13
N GLY D 318 -10.77 2.03 -37.52
CA GLY D 318 -12.17 2.09 -37.89
C GLY D 318 -12.97 0.86 -37.53
N GLN D 319 -13.02 0.51 -36.25
CA GLN D 319 -13.90 -0.56 -35.78
C GLN D 319 -14.46 -0.18 -34.42
N ARG D 320 -15.36 -1.02 -33.93
CA ARG D 320 -15.93 -0.87 -32.60
C ARG D 320 -16.08 -2.24 -31.97
N PHE D 321 -15.58 -2.38 -30.75
CA PHE D 321 -15.79 -3.62 -30.00
C PHE D 321 -17.28 -3.84 -29.77
N VAL D 322 -17.76 -4.99 -30.20
CA VAL D 322 -19.18 -5.31 -30.07
C VAL D 322 -19.51 -5.50 -28.59
N PRO D 323 -20.62 -4.98 -28.11
CA PRO D 323 -20.94 -5.11 -26.68
C PRO D 323 -21.16 -6.56 -26.28
N ILE D 324 -20.24 -7.07 -25.44
CA ILE D 324 -20.32 -8.45 -24.97
C ILE D 324 -21.14 -8.58 -23.69
N VAL D 325 -21.88 -7.56 -23.30
CA VAL D 325 -22.72 -7.61 -22.12
C VAL D 325 -24.17 -7.60 -22.56
N ALA D 326 -25.00 -8.34 -21.84
CA ALA D 326 -26.44 -8.32 -22.06
C ALA D 326 -27.15 -8.48 -20.73
N GLU D 327 -28.33 -7.89 -20.62
CA GLU D 327 -29.12 -7.97 -19.40
C GLU D 327 -29.63 -9.40 -19.31
N GLU D 328 -28.98 -10.21 -18.48
CA GLU D 328 -29.39 -11.60 -18.28
C GLU D 328 -30.73 -11.64 -17.55
N ASP D 329 -31.23 -12.86 -17.37
CA ASP D 329 -32.45 -13.01 -16.59
C ASP D 329 -32.15 -12.61 -15.15
N GLY D 330 -32.59 -11.41 -14.77
CA GLY D 330 -32.26 -10.90 -13.45
C GLY D 330 -30.78 -10.82 -13.17
N ARG D 331 -29.98 -10.47 -14.16
CA ARG D 331 -28.53 -10.49 -14.03
C ARG D 331 -27.95 -9.73 -15.21
N TYR D 332 -26.66 -9.43 -15.12
CA TYR D 332 -25.92 -8.80 -16.20
C TYR D 332 -25.01 -9.87 -16.80
N SER D 333 -25.23 -10.17 -18.07
CA SER D 333 -24.56 -11.27 -18.73
C SER D 333 -23.39 -10.74 -19.53
N VAL D 334 -22.20 -10.90 -18.98
CA VAL D 334 -21.00 -10.54 -19.72
C VAL D 334 -20.62 -11.77 -20.53
N ASP D 335 -20.98 -11.76 -21.81
CA ASP D 335 -20.59 -12.85 -22.68
C ASP D 335 -19.10 -12.71 -22.92
N TYR D 336 -18.33 -13.41 -22.10
CA TYR D 336 -16.88 -13.41 -22.24
C TYR D 336 -16.42 -14.05 -23.54
N SER D 337 -17.21 -14.92 -24.13
CA SER D 337 -16.94 -15.32 -25.50
C SER D 337 -17.00 -14.09 -26.40
N LYS D 338 -16.51 -14.25 -27.63
CA LYS D 338 -16.33 -13.16 -28.58
C LYS D 338 -15.78 -11.91 -27.92
N PHE D 339 -14.91 -12.10 -26.94
CA PHE D 339 -14.45 -11.02 -26.06
C PHE D 339 -13.91 -9.82 -26.83
N GLY D 340 -12.90 -10.06 -27.67
CA GLY D 340 -12.29 -8.98 -28.41
C GLY D 340 -12.83 -8.86 -29.82
N ASN D 341 -13.88 -9.64 -30.14
CA ASN D 341 -14.49 -9.55 -31.45
C ASN D 341 -15.08 -8.16 -31.66
N THR D 342 -14.73 -7.57 -32.80
CA THR D 342 -15.09 -6.21 -33.16
C THR D 342 -16.04 -6.21 -34.35
N ILE D 343 -16.32 -5.01 -34.84
CA ILE D 343 -17.09 -4.81 -36.06
C ILE D 343 -16.51 -3.63 -36.84
N LYS D 344 -16.40 -3.78 -38.14
CA LYS D 344 -15.78 -2.75 -38.97
C LYS D 344 -16.75 -1.61 -39.23
N VAL D 345 -16.25 -0.37 -39.14
CA VAL D 345 -17.03 0.83 -39.46
C VAL D 345 -16.12 1.81 -40.21
N PRO D 346 -16.56 2.36 -41.33
CA PRO D 346 -15.74 3.37 -42.02
C PRO D 346 -15.57 4.63 -41.20
N THR D 347 -14.80 5.57 -41.74
CA THR D 347 -14.40 6.79 -41.05
C THR D 347 -13.63 7.67 -42.02
N PRO D 348 -13.56 8.97 -41.79
CA PRO D 348 -12.63 9.81 -42.56
C PRO D 348 -11.21 9.30 -42.44
N LEU D 349 -10.63 8.91 -43.57
CA LEU D 349 -9.37 8.18 -43.58
C LEU D 349 -8.19 9.12 -43.66
N CYS D 350 -8.17 10.08 -42.73
CA CYS D 350 -7.12 11.07 -42.68
C CYS D 350 -6.78 11.36 -41.23
N THR D 351 -5.74 12.15 -41.03
CA THR D 351 -5.28 12.43 -39.68
C THR D 351 -6.30 13.25 -38.91
N ALA D 352 -6.31 13.06 -37.59
CA ALA D 352 -7.07 13.98 -36.74
C ALA D 352 -6.67 15.42 -37.01
N ARG D 353 -5.43 15.64 -37.42
CA ARG D 353 -5.04 16.94 -37.94
C ARG D 353 -5.91 17.35 -39.11
N GLN D 354 -5.90 16.57 -40.19
CA GLN D 354 -6.76 16.86 -41.32
C GLN D 354 -8.24 16.75 -40.97
N LEU D 355 -8.59 15.95 -39.95
CA LEU D 355 -9.95 16.00 -39.44
C LEU D 355 -10.32 17.40 -38.99
N ASP D 356 -9.52 17.99 -38.09
CA ASP D 356 -9.83 19.35 -37.64
C ASP D 356 -9.68 20.36 -38.75
N GLU D 357 -8.79 20.11 -39.71
CA GLU D 357 -8.68 20.99 -40.87
C GLU D 357 -9.98 21.05 -41.65
N ASP D 358 -10.46 19.90 -42.12
CA ASP D 358 -11.70 19.86 -42.89
C ASP D 358 -12.89 20.27 -42.04
N HIS D 359 -12.85 19.97 -40.74
CA HIS D 359 -13.95 20.36 -39.86
C HIS D 359 -14.03 21.87 -39.70
N SER D 360 -12.89 22.53 -39.51
CA SER D 360 -12.88 23.98 -39.45
C SER D 360 -13.29 24.58 -40.79
N LEU D 361 -12.87 23.96 -41.89
CA LEU D 361 -13.27 24.46 -43.21
C LEU D 361 -14.78 24.31 -43.42
N LEU D 362 -15.38 23.27 -42.84
CA LEU D 362 -16.82 23.06 -43.03
C LEU D 362 -17.65 23.84 -42.03
N GLU D 363 -17.07 24.20 -40.88
CA GLU D 363 -17.80 24.96 -39.87
C GLU D 363 -17.70 26.47 -40.08
N ALA D 364 -16.55 26.96 -40.55
CA ALA D 364 -16.41 28.37 -40.86
C ALA D 364 -16.96 28.74 -42.23
N LEU D 365 -17.63 27.80 -42.90
CA LEU D 365 -18.20 28.05 -44.22
C LEU D 365 -19.49 28.88 -44.11
N PRO E 2 -2.68 -38.40 47.62
CA PRO E 2 -3.94 -37.80 48.09
C PRO E 2 -4.67 -37.07 46.97
N LEU E 3 -5.78 -36.40 47.31
CA LEU E 3 -6.56 -35.62 46.34
C LEU E 3 -7.02 -36.49 45.18
N ALA E 4 -7.30 -37.76 45.45
CA ALA E 4 -7.78 -38.65 44.41
C ALA E 4 -9.27 -38.42 44.18
N PHE E 5 -9.70 -38.71 42.95
CA PHE E 5 -11.07 -38.45 42.57
C PHE E 5 -12.06 -39.15 43.49
N CYS E 6 -12.04 -40.48 43.48
CA CYS E 6 -12.83 -41.26 44.43
C CYS E 6 -11.92 -42.31 45.09
N GLY E 7 -10.73 -41.88 45.49
CA GLY E 7 -9.67 -42.79 45.87
C GLY E 7 -9.62 -43.10 47.35
N SER E 8 -9.60 -44.40 47.66
CA SER E 8 -9.27 -44.92 48.98
C SER E 8 -8.37 -46.12 48.80
N GLU E 9 -8.06 -46.84 49.89
CA GLU E 9 -7.10 -47.96 49.85
C GLU E 9 -7.64 -49.05 48.93
N ASN E 10 -6.86 -50.13 48.73
CA ASN E 10 -7.14 -51.14 47.71
C ASN E 10 -8.60 -51.56 47.66
N HIS E 11 -9.31 -51.53 48.78
CA HIS E 11 -10.75 -51.83 48.79
C HIS E 11 -11.48 -50.94 47.79
N SER E 12 -11.16 -49.66 47.78
CA SER E 12 -11.74 -48.73 46.81
C SER E 12 -10.84 -48.50 45.60
N ALA E 13 -9.57 -48.88 45.68
CA ALA E 13 -8.74 -48.88 44.50
C ALA E 13 -9.18 -49.95 43.53
N ALA E 14 -9.98 -50.91 44.00
CA ALA E 14 -10.70 -51.84 43.16
C ALA E 14 -12.10 -51.33 42.82
N TYR E 15 -12.35 -50.04 43.03
CA TYR E 15 -13.62 -49.45 42.62
C TYR E 15 -13.55 -48.85 41.22
N ARG E 16 -12.50 -48.11 40.89
CA ARG E 16 -12.33 -47.59 39.56
C ARG E 16 -12.28 -48.68 38.50
N VAL E 17 -12.25 -49.96 38.92
CA VAL E 17 -12.30 -51.05 37.96
C VAL E 17 -13.60 -50.96 37.17
N ASP E 18 -13.62 -51.66 36.05
CA ASP E 18 -14.80 -51.63 35.17
C ASP E 18 -15.36 -53.03 35.01
N GLN E 19 -16.33 -53.36 35.84
CA GLN E 19 -17.22 -54.51 35.64
C GLN E 19 -18.48 -54.09 34.91
N GLY E 20 -18.31 -53.29 33.86
CA GLY E 20 -19.38 -52.52 33.27
C GLY E 20 -19.07 -51.05 33.46
N VAL E 21 -18.72 -50.37 32.36
CA VAL E 21 -18.16 -49.03 32.45
C VAL E 21 -19.15 -48.07 33.10
N LEU E 22 -20.33 -47.92 32.50
CA LEU E 22 -21.31 -46.97 33.02
C LEU E 22 -21.86 -47.39 34.37
N ASN E 23 -21.54 -48.61 34.83
CA ASN E 23 -22.00 -49.03 36.15
C ASN E 23 -21.15 -48.40 37.25
N ASN E 24 -19.98 -47.89 36.91
CA ASN E 24 -19.14 -47.26 37.91
C ASN E 24 -19.67 -45.86 38.20
N GLY E 25 -20.14 -45.66 39.44
CA GLY E 25 -20.59 -44.34 39.83
C GLY E 25 -19.51 -43.29 39.71
N CYS E 26 -18.28 -43.62 40.07
CA CYS E 26 -17.18 -42.70 39.85
C CYS E 26 -17.15 -42.25 38.40
N PHE E 27 -17.41 -43.16 37.46
CA PHE E 27 -17.27 -42.82 36.05
C PHE E 27 -18.33 -41.83 35.59
N VAL E 28 -19.60 -42.07 35.92
CA VAL E 28 -20.63 -41.12 35.54
C VAL E 28 -20.47 -39.81 36.29
N ASP E 29 -20.03 -39.88 37.55
CA ASP E 29 -19.73 -38.69 38.33
C ASP E 29 -18.69 -37.82 37.62
N ALA E 30 -17.64 -38.45 37.11
CA ALA E 30 -16.61 -37.73 36.39
C ALA E 30 -17.11 -37.24 35.03
N LEU E 31 -17.88 -38.06 34.33
CA LEU E 31 -18.41 -37.67 33.04
C LEU E 31 -19.29 -36.44 33.16
N ASN E 32 -19.98 -36.29 34.28
CA ASN E 32 -20.81 -35.13 34.51
C ASN E 32 -20.01 -33.85 34.72
N VAL E 33 -18.69 -33.89 34.56
CA VAL E 33 -17.85 -32.71 34.71
C VAL E 33 -17.41 -32.27 33.33
N VAL E 34 -17.27 -33.22 32.41
CA VAL E 34 -16.79 -32.92 31.07
C VAL E 34 -17.54 -31.78 30.41
N PRO E 35 -18.87 -31.71 30.47
CA PRO E 35 -19.54 -30.58 29.80
C PRO E 35 -19.21 -29.23 30.41
N HIS E 36 -19.16 -29.18 31.74
CA HIS E 36 -18.92 -27.91 32.40
C HIS E 36 -17.53 -27.42 32.08
N VAL E 37 -16.57 -28.33 32.07
CA VAL E 37 -15.24 -28.03 31.58
C VAL E 37 -15.31 -27.47 30.16
N PHE E 38 -16.00 -28.19 29.27
CA PHE E 38 -16.09 -27.77 27.88
C PHE E 38 -16.51 -26.31 27.76
N LEU E 39 -17.64 -25.97 28.37
CA LEU E 39 -18.14 -24.61 28.24
C LEU E 39 -17.19 -23.62 28.91
N LEU E 40 -16.83 -23.89 30.16
CA LEU E 40 -15.99 -22.99 30.95
C LEU E 40 -14.68 -22.68 30.22
N PHE E 41 -14.25 -23.57 29.34
CA PHE E 41 -13.00 -23.28 28.65
C PHE E 41 -13.18 -22.90 27.19
N ILE E 42 -14.36 -23.12 26.60
CA ILE E 42 -14.59 -22.62 25.25
C ILE E 42 -15.05 -21.18 25.26
N THR E 43 -15.64 -20.70 26.34
CA THR E 43 -16.23 -19.38 26.34
C THR E 43 -15.38 -18.30 26.99
N PHE E 44 -14.44 -18.66 27.86
CA PHE E 44 -13.61 -17.63 28.49
C PHE E 44 -12.88 -16.74 27.49
N PRO E 45 -12.12 -17.26 26.53
CA PRO E 45 -11.43 -16.35 25.60
C PRO E 45 -12.38 -15.39 24.92
N ILE E 46 -13.50 -15.89 24.39
CA ILE E 46 -14.44 -15.06 23.65
C ILE E 46 -15.27 -14.24 24.62
N LEU E 47 -14.97 -14.36 25.91
CA LEU E 47 -15.50 -13.46 26.91
C LEU E 47 -14.47 -12.44 27.37
N PHE E 48 -13.22 -12.86 27.52
CA PHE E 48 -12.16 -11.91 27.83
C PHE E 48 -11.81 -11.00 26.67
N ILE E 49 -12.29 -11.30 25.46
CA ILE E 49 -12.06 -10.38 24.36
C ILE E 49 -12.80 -9.07 24.59
N GLY E 50 -13.97 -9.13 25.22
CA GLY E 50 -14.73 -7.93 25.51
C GLY E 50 -14.52 -7.46 26.93
N TRP E 51 -14.41 -8.40 27.87
CA TRP E 51 -14.28 -8.03 29.28
C TRP E 51 -12.93 -7.39 29.57
N GLY E 52 -11.86 -7.90 28.96
CA GLY E 52 -10.52 -7.40 29.25
C GLY E 52 -10.31 -5.95 28.88
N PHE E 68 -33.05 -12.76 21.86
CA PHE E 68 -33.38 -12.59 23.27
C PHE E 68 -34.78 -13.00 23.79
N PRO E 69 -35.65 -13.60 22.97
CA PRO E 69 -36.98 -13.95 23.50
C PRO E 69 -36.90 -14.98 24.61
N GLY E 70 -37.81 -14.87 25.56
CA GLY E 70 -37.87 -15.81 26.67
C GLY E 70 -36.90 -15.48 27.78
N HIS E 71 -36.75 -14.19 28.06
CA HIS E 71 -35.89 -13.71 29.13
C HIS E 71 -36.31 -14.35 30.46
N ASN E 72 -37.50 -14.00 30.91
CA ASN E 72 -37.99 -14.32 32.25
C ASN E 72 -37.94 -15.81 32.54
N LEU E 73 -38.42 -16.63 31.62
CA LEU E 73 -38.40 -18.08 31.82
C LEU E 73 -36.98 -18.59 31.98
N ARG E 74 -36.10 -18.21 31.05
CA ARG E 74 -34.70 -18.62 31.12
C ARG E 74 -34.10 -18.25 32.47
N TRP E 75 -34.37 -17.05 32.96
CA TRP E 75 -33.72 -16.61 34.19
C TRP E 75 -34.31 -17.31 35.40
N ILE E 76 -35.63 -17.55 35.40
CA ILE E 76 -36.21 -18.34 36.48
C ILE E 76 -35.55 -19.70 36.54
N LEU E 77 -35.39 -20.34 35.37
CA LEU E 77 -34.70 -21.62 35.34
C LEU E 77 -33.28 -21.49 35.89
N THR E 78 -32.56 -20.45 35.46
CA THR E 78 -31.15 -20.32 35.83
C THR E 78 -31.00 -20.15 37.33
N PHE E 79 -31.88 -19.36 37.96
CA PHE E 79 -31.74 -19.15 39.39
C PHE E 79 -32.24 -20.36 40.19
N MET E 80 -33.30 -21.03 39.75
CA MET E 80 -33.66 -22.29 40.38
C MET E 80 -32.50 -23.27 40.31
N LEU E 81 -31.83 -23.32 39.17
CA LEU E 81 -30.64 -24.14 39.00
C LEU E 81 -29.56 -23.72 39.98
N LEU E 82 -29.37 -22.41 40.15
CA LEU E 82 -28.38 -21.93 41.11
C LEU E 82 -28.68 -22.48 42.49
N PHE E 83 -29.92 -22.33 42.94
CA PHE E 83 -30.29 -22.79 44.27
C PHE E 83 -30.04 -24.28 44.43
N VAL E 84 -30.48 -25.07 43.46
CA VAL E 84 -30.37 -26.51 43.64
C VAL E 84 -28.92 -26.95 43.53
N LEU E 85 -28.09 -26.22 42.77
CA LEU E 85 -26.67 -26.57 42.74
C LEU E 85 -26.02 -26.25 44.07
N VAL E 86 -26.42 -25.15 44.71
CA VAL E 86 -25.92 -24.90 46.06
C VAL E 86 -26.30 -26.06 46.97
N CYS E 87 -27.56 -26.51 46.87
CA CYS E 87 -28.00 -27.66 47.65
C CYS E 87 -27.13 -28.88 47.38
N GLU E 88 -26.78 -29.10 46.12
CA GLU E 88 -25.99 -30.29 45.78
C GLU E 88 -24.58 -30.18 46.32
N ILE E 89 -23.98 -29.00 46.26
CA ILE E 89 -22.68 -28.80 46.87
C ILE E 89 -22.74 -29.11 48.35
N ALA E 90 -23.81 -28.65 49.01
CA ALA E 90 -24.00 -28.95 50.42
C ALA E 90 -24.07 -30.46 50.64
N GLU E 91 -24.89 -31.15 49.86
CA GLU E 91 -25.05 -32.59 50.02
C GLU E 91 -23.72 -33.31 49.83
N GLY E 92 -22.93 -32.89 48.86
CA GLY E 92 -21.66 -33.50 48.61
C GLY E 92 -20.72 -33.35 49.78
N ILE E 93 -20.51 -32.11 50.21
CA ILE E 93 -19.58 -31.86 51.30
C ILE E 93 -20.03 -32.59 52.56
N LEU E 94 -21.35 -32.69 52.76
CA LEU E 94 -21.84 -33.45 53.90
C LEU E 94 -21.49 -34.92 53.77
N SER E 95 -21.87 -35.55 52.67
CA SER E 95 -21.67 -36.98 52.48
C SER E 95 -20.20 -37.35 52.36
N ASP E 96 -19.30 -36.38 52.24
CA ASP E 96 -17.88 -36.69 52.28
C ASP E 96 -17.33 -36.80 53.70
N GLY E 97 -18.13 -36.48 54.72
CA GLY E 97 -17.65 -36.55 56.08
C GLY E 97 -17.51 -37.96 56.62
N VAL E 98 -18.07 -38.95 55.94
CA VAL E 98 -18.00 -40.32 56.45
C VAL E 98 -16.68 -40.98 56.06
N THR E 99 -16.17 -40.71 54.87
CA THR E 99 -14.89 -41.25 54.46
C THR E 99 -13.76 -40.46 55.11
N GLU E 100 -12.53 -40.91 54.88
CA GLU E 100 -11.36 -40.27 55.48
C GLU E 100 -10.32 -39.90 54.43
N SER E 101 -10.59 -40.15 53.15
CA SER E 101 -9.68 -39.77 52.09
C SER E 101 -10.10 -38.51 51.35
N HIS E 102 -11.22 -37.90 51.73
CA HIS E 102 -11.70 -36.66 51.12
C HIS E 102 -11.94 -36.82 49.63
N HIS E 103 -12.57 -37.94 49.25
CA HIS E 103 -12.94 -38.14 47.86
C HIS E 103 -13.84 -37.00 47.41
N LEU E 104 -13.36 -36.19 46.48
CA LEU E 104 -13.95 -34.90 46.16
C LEU E 104 -14.87 -34.96 44.96
N HIS E 105 -15.17 -36.16 44.47
CA HIS E 105 -16.06 -36.30 43.33
C HIS E 105 -17.51 -36.03 43.69
N LEU E 106 -17.84 -36.01 44.97
CA LEU E 106 -19.22 -35.72 45.37
C LEU E 106 -19.61 -34.29 45.01
N TYR E 107 -18.71 -33.34 45.24
CA TYR E 107 -19.05 -31.93 45.11
C TYR E 107 -18.33 -31.22 43.98
N MET E 108 -17.12 -31.64 43.62
CA MET E 108 -16.40 -31.00 42.52
C MET E 108 -17.25 -30.84 41.27
N PRO E 109 -17.98 -31.85 40.80
CA PRO E 109 -18.89 -31.60 39.68
C PRO E 109 -19.89 -30.52 39.94
N ALA E 110 -20.43 -30.45 41.16
CA ALA E 110 -21.42 -29.41 41.44
C ALA E 110 -20.77 -28.05 41.51
N GLY E 111 -19.51 -27.98 41.93
CA GLY E 111 -18.81 -26.70 41.90
C GLY E 111 -18.53 -26.24 40.48
N MET E 112 -18.09 -27.16 39.62
CA MET E 112 -17.97 -26.83 38.21
C MET E 112 -19.30 -26.43 37.61
N ALA E 113 -20.39 -27.04 38.06
CA ALA E 113 -21.71 -26.63 37.61
C ALA E 113 -22.07 -25.23 38.05
N PHE E 114 -21.81 -24.90 39.32
CA PHE E 114 -22.00 -23.54 39.80
C PHE E 114 -21.26 -22.56 38.90
N MET E 115 -19.97 -22.80 38.70
CA MET E 115 -19.17 -21.92 37.87
C MET E 115 -19.68 -21.86 36.43
N ALA E 116 -20.07 -22.99 35.87
CA ALA E 116 -20.49 -23.03 34.48
C ALA E 116 -21.81 -22.32 34.29
N ALA E 117 -22.73 -22.45 35.25
CA ALA E 117 -23.98 -21.71 35.18
C ALA E 117 -23.72 -20.21 35.26
N VAL E 118 -22.82 -19.80 36.17
CA VAL E 118 -22.49 -18.38 36.27
C VAL E 118 -21.90 -17.88 34.95
N THR E 119 -21.03 -18.69 34.34
CA THR E 119 -20.41 -18.28 33.10
C THR E 119 -21.43 -18.22 31.98
N SER E 120 -22.36 -19.17 31.93
CA SER E 120 -23.44 -19.10 30.96
C SER E 120 -24.22 -17.81 31.11
N VAL E 121 -24.53 -17.44 32.36
CA VAL E 121 -25.22 -16.18 32.62
C VAL E 121 -24.45 -15.01 32.03
N VAL E 122 -23.22 -14.81 32.49
CA VAL E 122 -22.46 -13.63 32.10
C VAL E 122 -22.23 -13.63 30.60
N TYR E 123 -21.95 -14.80 30.04
CA TYR E 123 -21.71 -14.93 28.62
C TYR E 123 -22.92 -14.50 27.81
N TYR E 124 -24.08 -15.07 28.12
CA TYR E 124 -25.27 -14.68 27.36
C TYR E 124 -25.60 -13.22 27.57
N HIS E 125 -25.31 -12.67 28.75
CA HIS E 125 -25.53 -11.25 28.94
C HIS E 125 -24.68 -10.43 27.99
N ASN E 126 -23.39 -10.75 27.89
CA ASN E 126 -22.50 -10.02 27.00
C ASN E 126 -22.68 -10.38 25.53
N ILE E 127 -23.47 -11.41 25.22
CA ILE E 127 -23.78 -11.72 23.83
C ILE E 127 -25.11 -11.09 23.44
N GLU E 128 -25.98 -10.89 24.43
CA GLU E 128 -27.31 -10.33 24.14
C GLU E 128 -27.21 -8.94 23.54
N THR E 129 -26.10 -8.23 23.76
CA THR E 129 -25.89 -6.96 23.08
C THR E 129 -25.84 -7.16 21.58
N SER E 130 -24.82 -7.86 21.09
CA SER E 130 -24.70 -8.20 19.67
C SER E 130 -24.78 -9.73 19.58
N ASN E 131 -26.00 -10.23 19.51
CA ASN E 131 -26.24 -11.66 19.43
C ASN E 131 -25.93 -12.12 18.01
N PHE E 132 -24.97 -13.00 17.90
CA PHE E 132 -24.71 -13.71 16.66
C PHE E 132 -25.15 -15.14 16.94
N PRO E 133 -26.46 -15.37 17.03
CA PRO E 133 -26.94 -16.52 17.82
C PRO E 133 -26.45 -17.86 17.30
N LYS E 134 -25.80 -17.84 16.13
CA LYS E 134 -24.99 -18.99 15.73
C LYS E 134 -23.78 -19.13 16.65
N LEU E 135 -23.31 -18.02 17.22
CA LEU E 135 -22.34 -18.11 18.30
C LEU E 135 -23.01 -18.48 19.61
N LEU E 136 -24.31 -18.20 19.73
CA LEU E 136 -25.01 -18.53 20.97
C LEU E 136 -25.34 -20.01 21.06
N ILE E 137 -25.49 -20.69 19.91
CA ILE E 137 -25.86 -22.10 19.95
C ILE E 137 -24.74 -23.00 20.45
N ALA E 138 -23.56 -22.45 20.72
CA ALA E 138 -22.63 -23.17 21.57
C ALA E 138 -23.34 -23.64 22.84
N LEU E 139 -24.22 -22.79 23.38
CA LEU E 139 -25.05 -23.12 24.51
C LEU E 139 -25.97 -24.29 24.17
N LEU E 140 -26.48 -24.33 22.95
CA LEU E 140 -27.33 -25.46 22.56
C LEU E 140 -26.61 -26.78 22.77
N VAL E 141 -25.51 -26.98 22.04
CA VAL E 141 -24.74 -28.21 22.14
C VAL E 141 -24.33 -28.45 23.59
N TYR E 142 -23.94 -27.38 24.30
CA TYR E 142 -23.47 -27.55 25.66
C TYR E 142 -24.56 -28.09 26.58
N TRP E 143 -25.70 -27.42 26.61
CA TRP E 143 -26.80 -27.91 27.43
C TRP E 143 -27.21 -29.30 27.02
N THR E 144 -27.11 -29.64 25.73
CA THR E 144 -27.40 -31.00 25.34
C THR E 144 -26.44 -31.98 26.00
N LEU E 145 -25.15 -31.65 25.99
CA LEU E 145 -24.17 -32.52 26.63
C LEU E 145 -24.49 -32.69 28.12
N ALA E 146 -24.71 -31.58 28.81
CA ALA E 146 -24.99 -31.66 30.24
C ALA E 146 -26.24 -32.47 30.51
N PHE E 147 -27.30 -32.23 29.72
CA PHE E 147 -28.55 -32.96 29.88
C PHE E 147 -28.34 -34.45 29.67
N ILE E 148 -27.59 -34.82 28.63
CA ILE E 148 -27.34 -36.22 28.35
C ILE E 148 -26.63 -36.87 29.53
N THR E 149 -25.57 -36.24 30.01
CA THR E 149 -24.80 -36.82 31.11
C THR E 149 -25.66 -36.98 32.36
N LYS E 150 -26.51 -35.99 32.65
CA LYS E 150 -27.31 -36.07 33.86
C LYS E 150 -28.42 -37.11 33.72
N THR E 151 -29.01 -37.24 32.53
CA THR E 151 -29.96 -38.31 32.31
C THR E 151 -29.31 -39.67 32.48
N ILE E 152 -28.08 -39.83 31.97
CA ILE E 152 -27.37 -41.09 32.16
C ILE E 152 -27.17 -41.36 33.65
N LYS E 153 -26.69 -40.35 34.37
CA LYS E 153 -26.51 -40.50 35.81
C LYS E 153 -27.81 -40.92 36.48
N PHE E 154 -28.93 -40.29 36.13
CA PHE E 154 -30.20 -40.60 36.75
C PHE E 154 -30.63 -42.04 36.45
N VAL E 155 -30.67 -42.39 35.17
CA VAL E 155 -31.08 -43.73 34.77
C VAL E 155 -30.26 -44.77 35.52
N LYS E 156 -28.94 -44.68 35.43
CA LYS E 156 -28.10 -45.64 36.12
C LYS E 156 -28.18 -45.49 37.63
N PHE E 157 -28.73 -44.38 38.11
CA PHE E 157 -28.94 -44.21 39.54
C PHE E 157 -30.20 -44.91 40.02
N LEU E 158 -31.14 -45.19 39.12
CA LEU E 158 -32.31 -45.97 39.52
C LEU E 158 -31.87 -47.27 40.19
N ASP E 159 -31.20 -48.14 39.44
CA ASP E 159 -30.58 -49.33 40.03
C ASP E 159 -29.16 -48.97 40.43
N HIS E 160 -28.37 -49.97 40.82
CA HIS E 160 -26.94 -49.80 41.06
C HIS E 160 -26.66 -48.84 42.21
N ALA E 161 -27.71 -48.34 42.85
CA ALA E 161 -27.55 -47.46 43.99
C ALA E 161 -28.48 -47.89 45.12
N ILE E 162 -27.96 -47.79 46.35
CA ILE E 162 -28.81 -47.98 47.51
C ILE E 162 -29.89 -46.93 47.61
N GLY E 163 -29.69 -45.75 47.00
CA GLY E 163 -30.61 -44.63 47.09
C GLY E 163 -30.95 -44.30 48.54
N PHE E 164 -30.03 -44.63 49.46
CA PHE E 164 -30.24 -44.32 50.86
C PHE E 164 -30.31 -42.82 51.08
N SER E 165 -29.77 -42.05 50.16
CA SER E 165 -29.94 -40.60 50.12
C SER E 165 -30.99 -40.31 49.05
N GLN E 166 -32.26 -40.54 49.38
CA GLN E 166 -33.34 -40.21 48.46
C GLN E 166 -33.26 -38.77 47.98
N LEU E 167 -32.66 -37.88 48.79
CA LEU E 167 -32.43 -36.52 48.35
C LEU E 167 -31.52 -36.48 47.12
N ARG E 168 -30.53 -37.38 47.08
CA ARG E 168 -29.72 -37.50 45.87
C ARG E 168 -30.59 -37.80 44.66
N PHE E 169 -31.57 -38.69 44.82
CA PHE E 169 -32.45 -39.07 43.72
C PHE E 169 -33.29 -37.89 43.25
N CYS E 170 -33.92 -37.20 44.21
CA CYS E 170 -34.74 -36.05 43.86
C CYS E 170 -33.93 -34.97 43.17
N LEU E 171 -32.77 -34.62 43.73
CA LEU E 171 -31.96 -33.59 43.11
C LEU E 171 -31.48 -34.01 41.72
N THR E 172 -31.14 -35.28 41.54
CA THR E 172 -30.70 -35.71 40.21
C THR E 172 -31.81 -35.52 39.19
N GLY E 173 -32.98 -36.10 39.45
CA GLY E 173 -34.10 -35.89 38.55
C GLY E 173 -34.43 -34.43 38.38
N LEU E 174 -34.28 -33.65 39.44
CA LEU E 174 -34.55 -32.22 39.39
C LEU E 174 -33.63 -31.53 38.40
N LEU E 175 -32.33 -31.81 38.49
CA LEU E 175 -31.42 -31.20 37.54
C LEU E 175 -31.71 -31.66 36.13
N VAL E 176 -32.09 -32.92 35.94
CA VAL E 176 -32.48 -33.39 34.63
C VAL E 176 -33.60 -32.51 34.07
N ILE E 177 -34.66 -32.32 34.86
CA ILE E 177 -35.81 -31.55 34.39
C ILE E 177 -35.39 -30.11 34.10
N LEU E 178 -34.49 -29.56 34.91
CA LEU E 178 -34.07 -28.18 34.67
C LEU E 178 -33.29 -28.06 33.37
N TYR E 179 -32.37 -28.99 33.10
CA TYR E 179 -31.65 -28.94 31.83
C TYR E 179 -32.61 -29.12 30.67
N GLY E 180 -33.62 -29.96 30.83
CA GLY E 180 -34.59 -30.13 29.77
C GLY E 180 -35.37 -28.86 29.49
N MET E 181 -35.84 -28.19 30.54
CA MET E 181 -36.54 -26.93 30.36
C MET E 181 -35.62 -25.88 29.74
N LEU E 182 -34.33 -25.93 30.09
CA LEU E 182 -33.40 -25.01 29.46
C LEU E 182 -33.28 -25.29 27.97
N LEU E 183 -33.17 -26.56 27.61
CA LEU E 183 -33.11 -26.94 26.21
C LEU E 183 -34.36 -26.44 25.48
N LEU E 184 -35.53 -26.56 26.12
CA LEU E 184 -36.75 -26.10 25.49
C LEU E 184 -36.72 -24.59 25.29
N VAL E 185 -36.23 -23.84 26.29
CA VAL E 185 -35.95 -22.42 26.09
C VAL E 185 -35.05 -22.20 24.89
N GLU E 186 -34.04 -23.05 24.72
CA GLU E 186 -33.10 -22.86 23.63
C GLU E 186 -33.76 -23.08 22.28
N VAL E 187 -34.62 -24.09 22.15
CA VAL E 187 -35.30 -24.30 20.88
C VAL E 187 -36.34 -23.21 20.65
N ASN E 188 -36.87 -22.65 21.75
CA ASN E 188 -37.76 -21.51 21.61
C ASN E 188 -37.04 -20.32 20.98
N VAL E 189 -35.90 -19.93 21.55
CA VAL E 189 -35.16 -18.79 21.01
C VAL E 189 -34.65 -19.10 19.61
N ILE E 190 -34.31 -20.37 19.36
CA ILE E 190 -33.91 -20.79 18.02
C ILE E 190 -35.04 -20.52 17.04
N ARG E 191 -36.19 -21.15 17.27
CA ARG E 191 -37.34 -21.00 16.37
C ARG E 191 -37.67 -19.54 16.14
N VAL E 192 -37.77 -18.77 17.22
CA VAL E 192 -38.07 -17.34 17.08
C VAL E 192 -37.04 -16.67 16.19
N ARG E 193 -35.79 -17.07 16.32
CA ARG E 193 -34.75 -16.39 15.56
C ARG E 193 -34.20 -17.25 14.44
N ARG E 194 -35.07 -17.99 13.74
CA ARG E 194 -34.81 -19.30 13.11
C ARG E 194 -33.41 -19.47 12.50
N TYR E 195 -32.53 -18.46 12.55
CA TYR E 195 -31.27 -18.29 11.80
C TYR E 195 -30.61 -19.63 11.47
N ILE E 196 -30.46 -20.55 12.43
CA ILE E 196 -29.44 -21.60 12.40
C ILE E 196 -29.21 -22.14 10.99
N PHE E 197 -30.29 -22.51 10.32
CA PHE E 197 -30.21 -22.78 8.88
C PHE E 197 -31.40 -22.19 8.15
N PHE E 198 -32.40 -21.74 8.91
CA PHE E 198 -33.58 -21.14 8.30
C PHE E 198 -33.28 -19.72 7.83
N LYS E 199 -34.14 -19.21 6.95
CA LYS E 199 -33.86 -17.93 6.31
C LYS E 199 -34.38 -16.76 7.14
N THR E 200 -35.52 -16.95 7.80
CA THR E 200 -36.20 -15.86 8.50
C THR E 200 -35.65 -15.69 9.91
N PRO E 201 -34.97 -14.60 10.20
CA PRO E 201 -34.52 -14.35 11.57
C PRO E 201 -35.64 -13.80 12.44
N ARG E 202 -36.73 -13.32 11.81
CA ARG E 202 -37.75 -12.52 12.47
C ARG E 202 -37.11 -11.45 13.35
N GLU E 203 -36.18 -10.67 12.79
CA GLU E 203 -34.98 -10.22 13.50
C GLU E 203 -35.36 -9.43 14.75
N VAL E 204 -35.88 -8.21 14.63
CA VAL E 204 -35.96 -7.37 15.82
C VAL E 204 -36.76 -6.10 15.60
N LYS E 205 -37.32 -5.58 16.69
CA LYS E 205 -37.73 -4.19 16.82
C LYS E 205 -37.55 -3.78 18.27
N PRO E 206 -36.32 -3.63 18.74
CA PRO E 206 -36.08 -3.45 20.17
C PRO E 206 -36.33 -2.02 20.61
N PRO E 207 -37.37 -1.79 21.42
CA PRO E 207 -37.60 -0.42 21.92
C PRO E 207 -36.61 -0.05 23.00
N GLU E 208 -36.07 -1.07 23.68
CA GLU E 208 -35.16 -0.84 24.81
C GLU E 208 -34.06 0.14 24.44
N ASP E 209 -33.46 -0.05 23.27
CA ASP E 209 -32.55 0.93 22.71
C ASP E 209 -33.25 1.91 21.78
N LEU E 210 -34.08 1.42 20.86
CA LEU E 210 -34.65 2.29 19.84
C LEU E 210 -35.62 3.31 20.44
N GLN E 211 -36.68 2.83 21.09
CA GLN E 211 -37.67 3.75 21.64
C GLN E 211 -37.04 4.67 22.67
N ASP E 212 -36.00 4.20 23.36
CA ASP E 212 -35.28 5.07 24.29
C ASP E 212 -34.71 6.28 23.57
N LEU E 213 -34.13 6.07 22.39
CA LEU E 213 -33.59 7.12 21.55
C LEU E 213 -32.39 7.83 22.17
N GLY E 214 -31.99 7.42 23.37
CA GLY E 214 -30.78 7.96 23.95
C GLY E 214 -30.99 8.79 25.20
N VAL E 215 -32.24 8.97 25.61
CA VAL E 215 -32.57 9.76 26.79
C VAL E 215 -33.56 8.96 27.63
N ARG E 216 -33.04 8.28 28.64
CA ARG E 216 -33.85 7.40 29.46
C ARG E 216 -33.15 7.12 30.77
N PHE E 217 -33.93 6.73 31.77
CA PHE E 217 -33.44 6.34 33.09
C PHE E 217 -34.36 5.29 33.71
N LEU E 218 -34.07 4.01 33.48
CA LEU E 218 -34.89 2.97 34.09
C LEU E 218 -34.28 1.59 33.85
N GLN E 219 -34.98 0.58 34.31
CA GLN E 219 -34.63 -0.83 34.33
C GLN E 219 -34.64 -1.59 33.00
N PRO E 220 -35.49 -1.27 32.02
CA PRO E 220 -35.75 -2.27 30.96
C PRO E 220 -34.49 -2.78 30.28
N PHE E 221 -33.59 -1.91 29.84
CA PHE E 221 -32.36 -2.37 29.21
C PHE E 221 -31.50 -3.18 30.19
N VAL E 222 -31.62 -2.90 31.48
CA VAL E 222 -30.91 -3.67 32.48
C VAL E 222 -31.56 -5.04 32.63
N ASN E 223 -30.76 -6.02 33.05
CA ASN E 223 -31.24 -7.37 33.19
C ASN E 223 -32.10 -7.53 34.43
N LEU E 224 -32.83 -8.63 34.47
CA LEU E 224 -33.64 -8.94 35.65
C LEU E 224 -32.79 -8.92 36.91
N LEU E 225 -31.55 -9.41 36.83
CA LEU E 225 -30.67 -9.42 38.00
C LEU E 225 -30.50 -8.01 38.56
N SER E 226 -30.02 -7.08 37.75
CA SER E 226 -29.92 -5.70 38.20
C SER E 226 -31.28 -5.11 38.52
N LYS E 227 -32.30 -5.46 37.71
CA LYS E 227 -33.67 -5.07 38.02
C LYS E 227 -34.07 -5.49 39.43
N GLY E 228 -33.32 -6.40 40.03
CA GLY E 228 -33.51 -6.70 41.44
C GLY E 228 -32.43 -6.09 42.33
N THR E 229 -31.27 -5.76 41.77
CA THR E 229 -30.13 -5.39 42.61
C THR E 229 -29.50 -4.05 42.26
N TYR E 230 -29.98 -3.35 41.24
CA TYR E 230 -29.67 -1.94 41.05
C TYR E 230 -28.19 -1.72 40.72
N TRP E 231 -27.62 -2.58 39.88
CA TRP E 231 -26.26 -2.36 39.43
C TRP E 231 -26.16 -1.12 38.55
N TRP E 232 -27.14 -0.95 37.66
CA TRP E 232 -27.21 0.27 36.87
C TRP E 232 -27.32 1.49 37.77
N MET E 233 -28.08 1.39 38.86
CA MET E 233 -28.17 2.51 39.79
C MET E 233 -26.84 2.73 40.50
N ASN E 234 -26.09 1.66 40.72
CA ASN E 234 -24.73 1.81 41.23
C ASN E 234 -23.90 2.66 40.27
N ALA E 235 -23.94 2.33 38.99
CA ALA E 235 -23.24 3.15 38.00
C ALA E 235 -23.74 4.60 38.05
N PHE E 236 -25.07 4.78 38.14
CA PHE E 236 -25.63 6.14 38.14
C PHE E 236 -25.09 6.94 39.32
N ILE E 237 -25.00 6.33 40.49
CA ILE E 237 -24.46 7.02 41.66
C ILE E 237 -22.96 7.22 41.52
N LYS E 238 -22.30 6.38 40.70
CA LYS E 238 -20.84 6.43 40.62
C LYS E 238 -20.34 7.82 40.25
N THR E 239 -21.04 8.50 39.34
CA THR E 239 -20.64 9.84 38.96
C THR E 239 -20.98 10.88 40.03
N ALA E 240 -21.98 10.60 40.87
CA ALA E 240 -22.43 11.60 41.83
C ALA E 240 -21.36 11.95 42.85
N HIS E 241 -20.33 11.10 42.98
CA HIS E 241 -19.20 11.46 43.83
C HIS E 241 -18.26 12.42 43.12
N LYS E 242 -17.80 12.04 41.94
CA LYS E 242 -16.83 12.85 41.20
C LYS E 242 -17.41 14.16 40.67
N LYS E 243 -18.73 14.29 40.59
CA LYS E 243 -19.30 15.50 40.01
C LYS E 243 -20.69 15.77 40.57
N PRO E 244 -20.99 17.02 40.93
CA PRO E 244 -22.34 17.33 41.41
C PRO E 244 -23.37 17.18 40.30
N ILE E 245 -24.44 16.46 40.61
CA ILE E 245 -25.48 16.15 39.63
C ILE E 245 -26.20 17.43 39.23
N ASP E 246 -26.81 17.41 38.05
CA ASP E 246 -27.55 18.54 37.53
C ASP E 246 -28.78 18.03 36.79
N LEU E 247 -29.75 18.93 36.57
CA LEU E 247 -31.01 18.55 35.96
C LEU E 247 -30.83 18.17 34.49
N ARG E 248 -29.89 18.80 33.79
CA ARG E 248 -29.52 18.33 32.46
C ARG E 248 -28.79 17.00 32.55
N ALA E 249 -27.97 16.84 33.60
CA ALA E 249 -27.30 15.57 33.89
C ALA E 249 -28.29 14.65 34.58
N ILE E 250 -29.36 14.33 33.86
CA ILE E 250 -30.46 13.55 34.40
C ILE E 250 -31.12 12.79 33.26
N GLY E 251 -31.46 11.53 33.52
CA GLY E 251 -32.15 10.74 32.54
C GLY E 251 -33.54 11.27 32.27
N LYS E 252 -34.06 10.95 31.09
CA LYS E 252 -35.39 11.36 30.70
C LYS E 252 -36.40 10.30 31.15
N LEU E 253 -37.58 10.32 30.56
CA LEU E 253 -38.72 9.49 30.92
C LEU E 253 -38.66 8.13 30.25
N PRO E 254 -39.48 7.20 30.71
CA PRO E 254 -39.87 6.07 29.86
C PRO E 254 -41.05 6.46 28.98
N ILE E 255 -41.15 5.79 27.83
CA ILE E 255 -42.16 6.16 26.85
C ILE E 255 -43.58 6.01 27.38
N ALA E 256 -43.76 5.38 28.53
CA ALA E 256 -45.09 5.16 29.10
C ALA E 256 -45.33 6.00 30.35
N MET E 257 -44.64 7.13 30.48
CA MET E 257 -44.69 7.88 31.74
C MET E 257 -45.71 9.01 31.66
N ARG E 258 -46.81 8.84 32.40
CA ARG E 258 -47.74 9.90 32.77
C ARG E 258 -48.60 10.40 31.62
N ALA E 259 -48.36 9.92 30.40
CA ALA E 259 -49.26 10.24 29.30
C ALA E 259 -50.10 9.03 28.94
N LEU E 260 -49.43 7.90 28.69
CA LEU E 260 -50.15 6.64 28.62
C LEU E 260 -50.81 6.30 29.95
N THR E 261 -50.20 6.74 31.06
CA THR E 261 -50.85 6.57 32.36
C THR E 261 -52.16 7.36 32.43
N ASN E 262 -52.14 8.62 32.00
CA ASN E 262 -53.37 9.41 32.01
C ASN E 262 -54.41 8.84 31.06
N TYR E 263 -53.96 8.37 29.89
CA TYR E 263 -54.89 7.77 28.95
C TYR E 263 -55.50 6.49 29.51
N GLN E 264 -54.69 5.64 30.14
CA GLN E 264 -55.20 4.46 30.80
C GLN E 264 -56.17 4.79 31.91
N ARG E 265 -55.88 5.83 32.70
CA ARG E 265 -56.82 6.23 33.74
C ARG E 265 -58.14 6.72 33.16
N LEU E 266 -58.09 7.49 32.07
CA LEU E 266 -59.32 7.95 31.44
C LEU E 266 -60.10 6.77 30.88
N CYS E 267 -59.40 5.82 30.24
CA CYS E 267 -60.07 4.67 29.66
C CYS E 267 -60.66 3.77 30.73
N GLU E 268 -59.98 3.64 31.86
CA GLU E 268 -60.50 2.81 32.94
C GLU E 268 -61.65 3.48 33.65
N ALA E 269 -61.61 4.82 33.77
CA ALA E 269 -62.78 5.54 34.26
C ALA E 269 -63.94 5.39 33.29
N PHE E 270 -63.66 5.34 32.00
CA PHE E 270 -64.71 5.09 31.01
C PHE E 270 -65.30 3.71 31.19
N ASP E 271 -64.45 2.70 31.40
CA ASP E 271 -64.94 1.35 31.62
C ASP E 271 -65.77 1.28 32.90
N ALA E 272 -65.30 1.94 33.96
CA ALA E 272 -66.06 1.96 35.20
C ALA E 272 -67.36 2.73 35.07
N GLN E 273 -67.42 3.70 34.17
CA GLN E 273 -68.66 4.42 33.94
C GLN E 273 -69.64 3.58 33.14
N VAL E 274 -69.15 2.87 32.12
CA VAL E 274 -69.99 1.90 31.43
C VAL E 274 -70.53 0.86 32.39
N ARG E 275 -69.70 0.39 33.33
CA ARG E 275 -70.20 -0.44 34.41
C ARG E 275 -71.26 0.29 35.22
N LYS E 276 -71.05 1.58 35.51
CA LYS E 276 -72.05 2.38 36.19
C LYS E 276 -73.25 2.62 35.30
N ASP E 277 -73.03 2.80 34.00
CA ASP E 277 -74.12 2.97 33.06
C ASP E 277 -74.83 1.65 32.82
N ALA E 286 -66.96 4.64 44.90
CA ALA E 286 -66.30 5.93 44.71
C ALA E 286 -65.22 5.84 43.64
N ILE E 287 -64.23 6.72 43.73
CA ILE E 287 -63.16 6.71 42.74
C ILE E 287 -62.19 5.58 43.02
N TRP E 288 -62.18 5.06 44.25
CA TRP E 288 -61.38 3.87 44.55
C TRP E 288 -61.67 2.76 43.57
N GLN E 289 -62.94 2.56 43.21
CA GLN E 289 -63.31 1.51 42.29
C GLN E 289 -62.59 1.67 40.96
N ALA E 290 -62.60 2.90 40.42
CA ALA E 290 -61.93 3.16 39.16
C ALA E 290 -60.42 3.00 39.30
N LEU E 291 -59.85 3.52 40.38
CA LEU E 291 -58.41 3.37 40.62
C LEU E 291 -58.02 1.90 40.59
N SER E 292 -58.67 1.10 41.44
CA SER E 292 -58.42 -0.34 41.47
C SER E 292 -58.58 -0.98 40.10
N HIS E 293 -59.70 -0.73 39.43
CA HIS E 293 -59.93 -1.31 38.11
C HIS E 293 -58.82 -0.93 37.14
N ALA E 294 -58.22 0.24 37.32
CA ALA E 294 -57.16 0.70 36.43
C ALA E 294 -55.80 0.15 36.82
N PHE E 295 -55.62 -0.25 38.06
CA PHE E 295 -54.30 -0.20 38.65
C PHE E 295 -53.93 -1.42 39.48
N GLY E 296 -54.87 -2.32 39.78
CA GLY E 296 -54.68 -3.25 40.88
C GLY E 296 -53.67 -4.34 40.61
N ARG E 297 -53.39 -4.62 39.33
CA ARG E 297 -52.53 -5.75 39.01
C ARG E 297 -51.09 -5.49 39.44
N ARG E 298 -50.60 -4.26 39.26
CA ARG E 298 -49.25 -3.94 39.69
C ARG E 298 -49.14 -3.97 41.21
N LEU E 299 -50.20 -3.55 41.90
CA LEU E 299 -50.21 -3.62 43.35
C LEU E 299 -50.16 -5.06 43.83
N VAL E 300 -50.99 -5.93 43.27
CA VAL E 300 -50.99 -7.32 43.70
C VAL E 300 -49.70 -8.00 43.30
N LEU E 301 -49.03 -7.47 42.28
CA LEU E 301 -47.71 -7.98 41.93
C LEU E 301 -46.69 -7.65 43.01
N SER E 302 -46.62 -6.38 43.40
CA SER E 302 -45.76 -6.00 44.52
C SER E 302 -46.13 -6.78 45.77
N SER E 303 -47.42 -6.97 46.00
CA SER E 303 -47.85 -7.77 47.14
C SER E 303 -47.30 -9.18 47.05
N THR E 304 -47.55 -9.87 45.94
CA THR E 304 -47.04 -11.21 45.72
C THR E 304 -45.55 -11.30 46.03
N PHE E 305 -44.80 -10.29 45.60
CA PHE E 305 -43.40 -10.21 46.01
C PHE E 305 -43.27 -10.22 47.53
N ARG E 306 -44.05 -9.37 48.21
CA ARG E 306 -43.93 -9.28 49.67
C ARG E 306 -44.30 -10.60 50.34
N ILE E 307 -45.35 -11.25 49.84
CA ILE E 307 -45.82 -12.50 50.42
C ILE E 307 -44.79 -13.59 50.26
N LEU E 308 -44.34 -13.81 49.02
CA LEU E 308 -43.30 -14.81 48.82
C LEU E 308 -42.09 -14.51 49.69
N ALA E 309 -41.68 -13.24 49.74
CA ALA E 309 -40.55 -12.88 50.58
C ALA E 309 -40.80 -13.27 52.03
N ASP E 310 -41.74 -12.61 52.71
CA ASP E 310 -41.86 -12.83 54.14
C ASP E 310 -42.22 -14.27 54.47
N LEU E 311 -42.89 -14.99 53.56
CA LEU E 311 -43.12 -16.41 53.79
C LEU E 311 -41.81 -17.19 53.76
N LEU E 312 -40.93 -16.89 52.82
CA LEU E 312 -39.61 -17.51 52.81
C LEU E 312 -38.83 -17.16 54.08
N GLY E 313 -38.65 -15.86 54.34
CA GLY E 313 -38.04 -15.39 55.58
C GLY E 313 -38.64 -16.00 56.82
N PHE E 314 -39.89 -16.42 56.75
CA PHE E 314 -40.54 -17.09 57.86
C PHE E 314 -39.91 -18.45 58.13
N ALA E 315 -39.13 -18.98 57.19
CA ALA E 315 -38.40 -20.21 57.48
C ALA E 315 -37.10 -19.90 58.21
N GLY E 316 -36.99 -18.70 58.75
CA GLY E 316 -35.84 -18.31 59.52
C GLY E 316 -35.73 -19.06 60.83
N PRO E 317 -36.75 -18.92 61.70
CA PRO E 317 -36.68 -19.60 63.01
C PRO E 317 -36.50 -21.10 62.90
N LEU E 318 -37.07 -21.73 61.88
CA LEU E 318 -36.83 -23.14 61.65
C LEU E 318 -35.33 -23.44 61.60
N CYS E 319 -34.57 -22.59 60.92
CA CYS E 319 -33.12 -22.76 60.89
C CYS E 319 -32.53 -22.64 62.28
N ILE E 320 -33.08 -21.75 63.10
CA ILE E 320 -32.54 -21.58 64.45
C ILE E 320 -32.75 -22.85 65.26
N PHE E 321 -33.98 -23.36 65.25
CA PHE E 321 -34.28 -24.61 65.95
C PHE E 321 -33.37 -25.73 65.47
N GLY E 322 -33.21 -25.87 64.16
CA GLY E 322 -32.33 -26.89 63.63
C GLY E 322 -30.91 -26.73 64.12
N ILE E 323 -30.40 -25.50 64.08
CA ILE E 323 -29.09 -25.20 64.63
C ILE E 323 -28.97 -25.75 66.05
N VAL E 324 -29.89 -25.35 66.92
CA VAL E 324 -29.71 -25.64 68.33
C VAL E 324 -29.81 -27.14 68.58
N ASP E 325 -30.78 -27.80 67.94
CA ASP E 325 -31.00 -29.21 68.28
C ASP E 325 -29.99 -30.11 67.57
N HIS E 326 -29.50 -29.71 66.40
CA HIS E 326 -28.38 -30.42 65.79
C HIS E 326 -27.13 -30.27 66.64
N LEU E 327 -26.99 -29.14 67.34
CA LEU E 327 -25.87 -29.02 68.25
C LEU E 327 -26.09 -29.85 69.51
N GLY E 328 -27.34 -30.06 69.90
CA GLY E 328 -27.66 -30.74 71.15
C GLY E 328 -26.83 -31.98 71.40
N LYS E 329 -26.47 -32.70 70.35
CA LYS E 329 -25.59 -33.85 70.48
C LYS E 329 -24.49 -33.83 69.43
N ALA E 353 -21.31 -32.87 59.95
CA ALA E 353 -21.85 -31.66 60.58
C ALA E 353 -22.79 -30.93 59.63
N ASN E 354 -24.09 -31.05 59.88
CA ASN E 354 -25.09 -30.44 59.00
C ASN E 354 -25.64 -29.12 59.52
N ALA E 355 -25.23 -28.66 60.68
CA ALA E 355 -25.64 -27.34 61.13
C ALA E 355 -24.98 -26.24 60.33
N TYR E 356 -23.73 -26.46 59.89
CA TYR E 356 -23.05 -25.49 59.05
C TYR E 356 -23.85 -25.20 57.78
N VAL E 357 -24.15 -26.26 57.03
CA VAL E 357 -24.85 -26.09 55.76
C VAL E 357 -26.24 -25.54 56.01
N LEU E 358 -26.82 -25.86 57.16
CA LEU E 358 -28.14 -25.34 57.50
C LEU E 358 -28.08 -23.84 57.77
N ALA E 359 -27.02 -23.38 58.43
CA ALA E 359 -26.87 -21.95 58.69
C ALA E 359 -26.61 -21.19 57.41
N VAL E 360 -25.74 -21.73 56.53
CA VAL E 360 -25.49 -21.03 55.28
C VAL E 360 -26.71 -21.13 54.38
N LEU E 361 -27.54 -22.15 54.59
CA LEU E 361 -28.85 -22.18 53.95
C LEU E 361 -29.71 -21.02 54.39
N LEU E 362 -29.75 -20.75 55.70
CA LEU E 362 -30.44 -19.56 56.17
C LEU E 362 -29.84 -18.30 55.54
N PHE E 363 -28.54 -18.29 55.36
CA PHE E 363 -27.88 -17.16 54.70
C PHE E 363 -28.45 -16.93 53.31
N LEU E 364 -28.46 -17.99 52.48
CA LEU E 364 -29.02 -17.88 51.14
C LEU E 364 -30.49 -17.48 51.19
N ALA E 365 -31.22 -18.05 52.15
CA ALA E 365 -32.61 -17.71 52.34
C ALA E 365 -32.80 -16.22 52.55
N LEU E 366 -32.05 -15.61 53.46
CA LEU E 366 -32.18 -14.18 53.70
C LEU E 366 -31.74 -13.37 52.49
N LEU E 367 -30.74 -13.87 51.75
CA LEU E 367 -30.35 -13.19 50.53
C LEU E 367 -31.53 -13.03 49.59
N LEU E 368 -32.11 -14.16 49.17
CA LEU E 368 -33.29 -14.10 48.31
C LEU E 368 -34.40 -13.31 48.97
N GLN E 369 -34.54 -13.48 50.28
CA GLN E 369 -35.58 -12.83 51.05
C GLN E 369 -35.61 -11.33 50.85
N ARG E 370 -34.47 -10.70 51.03
CA ARG E 370 -34.45 -9.25 50.96
C ARG E 370 -34.28 -8.76 49.53
N THR E 371 -33.68 -9.54 48.64
CA THR E 371 -33.73 -9.13 47.25
C THR E 371 -35.14 -9.19 46.69
N PHE E 372 -36.03 -9.96 47.32
CA PHE E 372 -37.45 -9.93 47.01
C PHE E 372 -38.21 -8.83 47.74
N LEU E 373 -37.82 -8.53 48.98
CA LEU E 373 -38.37 -7.36 49.65
C LEU E 373 -38.14 -6.10 48.83
N GLN E 374 -36.96 -5.99 48.23
CA GLN E 374 -36.67 -4.86 47.38
C GLN E 374 -37.62 -4.80 46.20
N ALA E 375 -37.86 -5.93 45.55
CA ALA E 375 -38.81 -5.94 44.44
C ALA E 375 -40.18 -5.50 44.88
N SER E 376 -40.68 -6.10 45.97
CA SER E 376 -41.95 -5.70 46.55
C SER E 376 -42.04 -4.21 46.81
N TYR E 377 -41.06 -3.64 47.50
CA TYR E 377 -41.07 -2.22 47.83
C TYR E 377 -40.98 -1.33 46.61
N TYR E 378 -40.09 -1.65 45.67
CA TYR E 378 -39.88 -0.78 44.53
C TYR E 378 -41.07 -0.78 43.60
N VAL E 379 -41.68 -1.95 43.37
CA VAL E 379 -42.88 -1.95 42.54
C VAL E 379 -43.90 -0.99 43.11
N ALA E 380 -44.07 -1.01 44.43
CA ALA E 380 -45.10 -0.17 45.05
C ALA E 380 -44.73 1.31 44.99
N ILE E 381 -43.46 1.65 45.21
CA ILE E 381 -43.09 3.07 45.13
C ILE E 381 -43.24 3.56 43.69
N GLU E 382 -42.93 2.69 42.72
CA GLU E 382 -43.19 3.03 41.33
C GLU E 382 -44.67 3.25 41.08
N THR E 383 -45.51 2.37 41.63
CA THR E 383 -46.96 2.57 41.58
C THR E 383 -47.35 3.93 42.10
N GLY E 384 -46.80 4.33 43.24
CA GLY E 384 -47.12 5.61 43.85
C GLY E 384 -46.78 6.75 42.91
N ILE E 385 -45.63 6.65 42.25
CA ILE E 385 -45.24 7.70 41.32
C ILE E 385 -46.25 7.84 40.19
N ASN E 386 -46.68 6.71 39.62
CA ASN E 386 -47.62 6.76 38.50
C ASN E 386 -48.94 7.35 38.93
N LEU E 387 -49.46 6.92 40.07
CA LEU E 387 -50.71 7.46 40.56
C LEU E 387 -50.60 8.95 40.84
N ARG E 388 -49.47 9.37 41.40
CA ARG E 388 -49.25 10.79 41.64
C ARG E 388 -49.34 11.58 40.34
N GLY E 389 -48.61 11.15 39.32
CA GLY E 389 -48.67 11.85 38.05
C GLY E 389 -50.08 11.90 37.48
N ALA E 390 -50.76 10.75 37.47
CA ALA E 390 -52.09 10.67 36.89
C ALA E 390 -53.07 11.56 37.62
N ILE E 391 -53.02 11.55 38.96
CA ILE E 391 -53.99 12.33 39.71
C ILE E 391 -53.69 13.82 39.57
N GLN E 392 -52.40 14.19 39.50
CA GLN E 392 -52.09 15.59 39.25
C GLN E 392 -52.63 16.02 37.89
N THR E 393 -52.49 15.16 36.89
CA THR E 393 -53.05 15.43 35.58
C THR E 393 -54.56 15.65 35.65
N LYS E 394 -55.26 14.72 36.28
CA LYS E 394 -56.72 14.79 36.33
C LYS E 394 -57.19 16.00 37.12
N ILE E 395 -56.56 16.26 38.27
CA ILE E 395 -56.89 17.44 39.06
C ILE E 395 -56.69 18.70 38.24
N TYR E 396 -55.57 18.79 37.54
CA TYR E 396 -55.30 19.98 36.74
C TYR E 396 -56.31 20.15 35.63
N ASN E 397 -56.76 19.04 35.04
CA ASN E 397 -57.82 19.12 34.04
C ASN E 397 -59.10 19.67 34.66
N LYS E 398 -59.45 19.18 35.85
CA LYS E 398 -60.61 19.73 36.55
C LYS E 398 -60.44 21.22 36.80
N ILE E 399 -59.22 21.63 37.18
CA ILE E 399 -58.94 23.06 37.36
C ILE E 399 -59.24 23.81 36.08
N MET E 400 -58.72 23.31 34.96
CA MET E 400 -58.98 23.94 33.68
C MET E 400 -60.47 23.95 33.37
N HIS E 401 -61.23 23.05 33.98
CA HIS E 401 -62.67 23.07 33.84
C HIS E 401 -63.38 23.67 35.03
N LEU E 402 -62.65 24.28 35.97
CA LEU E 402 -63.30 24.78 37.17
C LEU E 402 -64.12 26.02 36.87
N SER E 403 -65.31 26.08 37.47
CA SER E 403 -66.15 27.27 37.41
C SER E 403 -65.60 28.34 38.36
N THR E 404 -65.53 29.57 37.86
CA THR E 404 -64.98 30.63 38.70
C THR E 404 -65.87 30.90 39.90
N SER E 405 -67.19 30.92 39.71
CA SER E 405 -68.11 31.23 40.80
C SER E 405 -67.87 30.31 41.98
N ASN E 406 -67.48 29.07 41.72
CA ASN E 406 -67.19 28.13 42.79
C ASN E 406 -66.01 28.62 43.64
N LEU E 407 -65.03 29.26 42.99
CA LEU E 407 -63.90 29.80 43.72
C LEU E 407 -64.20 31.15 44.35
N SER E 408 -65.06 31.94 43.69
CA SER E 408 -65.34 33.30 44.14
C SER E 408 -66.25 33.30 45.36
N MET E 409 -67.35 32.54 45.29
CA MET E 409 -68.42 32.73 46.25
C MET E 409 -68.26 31.86 47.49
N GLY E 410 -67.72 30.65 47.33
CA GLY E 410 -67.88 29.67 48.39
C GLY E 410 -66.74 28.72 48.55
N GLU E 411 -67.12 27.44 48.61
CA GLU E 411 -66.40 26.32 49.25
C GLU E 411 -64.90 26.42 49.01
N MET E 412 -64.43 26.56 47.78
CA MET E 412 -63.02 26.37 47.53
C MET E 412 -62.29 27.69 47.42
N THR E 413 -61.12 27.74 48.05
CA THR E 413 -60.16 28.81 47.90
C THR E 413 -58.90 28.25 47.27
N ALA E 414 -58.21 29.09 46.49
CA ALA E 414 -57.00 28.66 45.82
C ALA E 414 -56.04 27.98 46.78
N GLY E 415 -55.95 28.50 48.00
CA GLY E 415 -55.09 27.90 49.01
C GLY E 415 -55.30 26.41 49.16
N GLN E 416 -56.50 25.98 49.52
CA GLN E 416 -56.76 24.56 49.72
C GLN E 416 -56.80 23.79 48.41
N ILE E 417 -57.14 24.43 47.30
CA ILE E 417 -57.16 23.73 46.02
C ILE E 417 -55.74 23.33 45.63
N CYS E 418 -54.76 24.17 45.92
CA CYS E 418 -53.38 23.78 45.71
C CYS E 418 -52.81 22.96 46.87
N ASN E 419 -53.34 23.14 48.07
CA ASN E 419 -52.88 22.35 49.20
C ASN E 419 -53.28 20.90 49.04
N LEU E 420 -54.41 20.62 48.39
CA LEU E 420 -54.76 19.24 48.18
C LEU E 420 -53.73 18.55 47.29
N VAL E 421 -53.37 19.14 46.15
CA VAL E 421 -52.36 18.49 45.32
C VAL E 421 -51.01 18.52 46.01
N ALA E 422 -50.79 19.45 46.94
CA ALA E 422 -49.51 19.51 47.63
C ALA E 422 -49.37 18.40 48.66
N ILE E 423 -50.46 18.07 49.37
CA ILE E 423 -50.38 17.20 50.54
C ILE E 423 -51.16 15.90 50.34
N ASP E 424 -52.40 16.00 49.85
CA ASP E 424 -53.14 14.80 49.45
C ASP E 424 -52.29 13.87 48.61
N THR E 425 -51.60 14.41 47.61
CA THR E 425 -50.81 13.57 46.72
C THR E 425 -49.67 12.89 47.46
N ASN E 426 -48.96 13.65 48.30
CA ASN E 426 -47.89 13.04 49.08
C ASN E 426 -48.43 11.95 49.99
N GLN E 427 -49.62 12.17 50.56
CA GLN E 427 -50.19 11.19 51.48
C GLN E 427 -50.63 9.94 50.73
N LEU E 428 -51.21 10.09 49.56
CA LEU E 428 -51.57 8.92 48.76
C LEU E 428 -50.33 8.19 48.29
N MET E 429 -49.28 8.94 47.95
CA MET E 429 -48.00 8.33 47.63
C MET E 429 -47.50 7.46 48.78
N TRP E 430 -47.54 8.00 49.99
CA TRP E 430 -47.10 7.24 51.16
C TRP E 430 -48.03 6.07 51.45
N PHE E 431 -49.33 6.25 51.20
CA PHE E 431 -50.29 5.16 51.39
C PHE E 431 -49.99 4.01 50.47
N PHE E 432 -49.65 4.30 49.22
CA PHE E 432 -49.29 3.25 48.31
C PHE E 432 -47.82 2.88 48.40
N PHE E 433 -47.10 3.50 49.34
CA PHE E 433 -45.87 2.87 49.82
C PHE E 433 -46.21 1.74 50.79
N LEU E 434 -47.05 2.03 51.78
CA LEU E 434 -47.53 1.05 52.72
C LEU E 434 -48.67 0.22 52.16
N CYS E 435 -48.91 0.29 50.86
CA CYS E 435 -49.99 -0.49 50.25
C CYS E 435 -49.79 -1.99 50.42
N PRO E 436 -48.72 -2.62 49.92
CA PRO E 436 -48.72 -4.10 49.88
C PRO E 436 -48.65 -4.73 51.24
N ASN E 437 -47.96 -4.07 52.18
CA ASN E 437 -47.85 -4.59 53.54
C ASN E 437 -49.21 -4.98 54.08
N LEU E 438 -50.23 -4.18 53.76
CA LEU E 438 -51.56 -4.42 54.29
C LEU E 438 -52.07 -5.81 53.92
N TRP E 439 -52.21 -6.09 52.63
CA TRP E 439 -52.63 -7.42 52.22
C TRP E 439 -51.61 -8.49 52.57
N ALA E 440 -50.37 -8.11 52.85
CA ALA E 440 -49.32 -9.08 53.11
C ALA E 440 -49.34 -9.64 54.53
N MET E 441 -49.54 -8.78 55.54
CA MET E 441 -49.39 -9.25 56.92
C MET E 441 -50.36 -10.36 57.31
N PRO E 442 -51.67 -10.30 57.01
CA PRO E 442 -52.55 -11.39 57.46
C PRO E 442 -52.11 -12.76 56.98
N VAL E 443 -51.72 -12.88 55.71
CA VAL E 443 -51.12 -14.13 55.24
C VAL E 443 -49.93 -14.54 56.09
N GLN E 444 -49.06 -13.59 56.42
CA GLN E 444 -47.93 -13.83 57.32
C GLN E 444 -48.36 -14.29 58.71
N ILE E 445 -49.30 -13.59 59.33
CA ILE E 445 -49.68 -13.92 60.71
C ILE E 445 -50.34 -15.29 60.76
N ILE E 446 -51.11 -15.64 59.74
CA ILE E 446 -51.76 -16.95 59.74
C ILE E 446 -50.73 -18.05 59.67
N VAL E 447 -49.75 -17.92 58.78
CA VAL E 447 -48.68 -18.90 58.69
C VAL E 447 -47.89 -18.95 59.99
N GLY E 448 -47.72 -17.81 60.65
CA GLY E 448 -47.05 -17.80 61.94
C GLY E 448 -47.80 -18.63 62.98
N VAL E 449 -49.11 -18.47 63.05
CA VAL E 449 -49.91 -19.25 63.97
C VAL E 449 -49.81 -20.74 63.64
N ILE E 450 -49.98 -21.07 62.36
CA ILE E 450 -49.93 -22.48 61.95
C ILE E 450 -48.60 -23.09 62.32
N LEU E 451 -47.52 -22.33 62.15
CA LEU E 451 -46.20 -22.86 62.47
C LEU E 451 -46.07 -23.09 63.97
N LEU E 452 -46.52 -22.12 64.78
CA LEU E 452 -46.53 -22.34 66.24
C LEU E 452 -47.26 -23.63 66.59
N TYR E 453 -48.38 -23.90 65.90
CA TYR E 453 -49.12 -25.13 66.20
C TYR E 453 -48.36 -26.36 65.73
N TYR E 454 -47.58 -26.25 64.67
CA TYR E 454 -46.75 -27.36 64.24
C TYR E 454 -45.33 -27.29 64.79
N ILE E 455 -44.96 -26.21 65.47
CA ILE E 455 -43.62 -26.13 66.03
C ILE E 455 -43.73 -26.17 67.54
N LEU E 456 -42.57 -26.15 68.21
CA LEU E 456 -42.43 -26.50 69.62
C LEU E 456 -43.62 -26.12 70.48
N GLY E 457 -44.24 -24.99 70.20
CA GLY E 457 -45.46 -24.63 70.90
C GLY E 457 -46.65 -25.43 70.43
N VAL E 458 -46.41 -26.65 69.94
CA VAL E 458 -47.35 -27.47 69.18
C VAL E 458 -48.75 -27.36 69.76
N SER E 459 -48.85 -27.53 71.08
CA SER E 459 -50.11 -27.28 71.77
C SER E 459 -49.82 -26.34 72.93
N ALA E 460 -50.90 -25.75 73.46
CA ALA E 460 -50.82 -24.80 74.55
C ALA E 460 -49.83 -23.69 74.26
N LEU E 461 -49.83 -23.18 73.02
CA LEU E 461 -49.03 -22.01 72.69
C LEU E 461 -49.80 -20.72 72.97
N ILE E 462 -50.75 -20.78 73.89
CA ILE E 462 -51.89 -19.87 73.98
C ILE E 462 -51.53 -18.41 73.76
N GLY E 463 -50.28 -18.03 74.06
CA GLY E 463 -49.85 -16.66 73.94
C GLY E 463 -50.14 -16.00 72.60
N ALA E 464 -50.43 -16.82 71.58
CA ALA E 464 -50.84 -16.26 70.30
C ALA E 464 -52.19 -15.57 70.39
N ALA E 465 -53.05 -16.04 71.30
CA ALA E 465 -54.34 -15.38 71.49
C ALA E 465 -54.18 -13.92 71.89
N VAL E 466 -53.03 -13.53 72.45
CA VAL E 466 -52.79 -12.14 72.77
C VAL E 466 -52.82 -11.29 71.50
N ILE E 467 -52.00 -11.66 70.50
CA ILE E 467 -52.02 -10.90 69.26
C ILE E 467 -53.34 -11.11 68.54
N ILE E 468 -53.99 -12.26 68.74
CA ILE E 468 -55.29 -12.48 68.11
C ILE E 468 -56.29 -11.45 68.59
N LEU E 469 -56.25 -11.15 69.89
CA LEU E 469 -57.07 -10.08 70.46
C LEU E 469 -56.50 -8.70 70.18
N LEU E 470 -55.23 -8.63 69.74
CA LEU E 470 -54.63 -7.33 69.44
C LEU E 470 -55.28 -6.66 68.24
N ALA E 471 -55.63 -7.43 67.21
CA ALA E 471 -56.22 -6.83 66.01
C ALA E 471 -57.47 -6.00 66.31
N PRO E 472 -58.36 -6.41 67.22
CA PRO E 472 -59.41 -5.48 67.65
C PRO E 472 -58.87 -4.23 68.30
N VAL E 473 -57.82 -4.32 69.11
CA VAL E 473 -57.22 -3.12 69.68
C VAL E 473 -56.67 -2.22 68.58
N GLN E 474 -56.06 -2.82 67.56
CA GLN E 474 -55.55 -2.04 66.43
C GLN E 474 -56.68 -1.33 65.69
N TYR E 475 -57.73 -2.06 65.33
CA TYR E 475 -58.85 -1.45 64.61
C TYR E 475 -59.54 -0.37 65.45
N PHE E 476 -59.57 -0.54 66.78
CA PHE E 476 -60.16 0.47 67.63
C PHE E 476 -59.31 1.73 67.67
N VAL E 477 -58.00 1.59 67.87
CA VAL E 477 -57.13 2.75 67.81
C VAL E 477 -57.24 3.40 66.44
N ALA E 478 -57.44 2.59 65.40
CA ALA E 478 -57.64 3.10 64.06
C ALA E 478 -58.84 4.03 64.01
N THR E 479 -60.01 3.52 64.38
CA THR E 479 -61.23 4.31 64.28
C THR E 479 -61.19 5.52 65.21
N LYS E 480 -60.44 5.42 66.31
CA LYS E 480 -60.30 6.56 67.21
C LYS E 480 -59.44 7.64 66.57
N LEU E 481 -58.30 7.25 66.02
CA LEU E 481 -57.47 8.19 65.27
C LEU E 481 -58.26 8.80 64.13
N SER E 482 -59.16 8.03 63.53
CA SER E 482 -60.01 8.54 62.46
C SER E 482 -60.97 9.60 62.98
N GLN E 483 -61.63 9.32 64.11
CA GLN E 483 -62.49 10.32 64.73
C GLN E 483 -61.75 11.62 64.99
N ALA E 484 -60.51 11.54 65.46
CA ALA E 484 -59.73 12.75 65.73
C ALA E 484 -59.17 13.42 64.50
N GLN E 485 -58.92 12.65 63.43
CA GLN E 485 -58.16 13.16 62.30
C GLN E 485 -58.93 14.22 61.54
N ARG E 486 -60.26 14.06 61.45
CA ARG E 486 -61.06 15.06 60.76
C ARG E 486 -60.95 16.42 61.45
N SER E 487 -61.04 16.44 62.77
CA SER E 487 -60.92 17.70 63.50
C SER E 487 -59.52 18.28 63.36
N THR E 488 -58.51 17.41 63.46
CA THR E 488 -57.13 17.88 63.28
C THR E 488 -56.94 18.53 61.92
N LEU E 489 -57.49 17.90 60.88
CA LEU E 489 -57.30 18.38 59.52
C LEU E 489 -58.07 19.66 59.28
N GLU E 490 -59.31 19.74 59.76
CA GLU E 490 -60.08 20.97 59.59
C GLU E 490 -59.43 22.13 60.33
N TYR E 491 -58.84 21.86 61.51
CA TYR E 491 -58.19 22.94 62.23
C TYR E 491 -56.91 23.38 61.54
N SER E 492 -56.15 22.42 61.02
CA SER E 492 -55.00 22.77 60.19
C SER E 492 -55.41 23.66 59.04
N ASN E 493 -56.48 23.29 58.33
CA ASN E 493 -56.94 24.10 57.20
C ASN E 493 -57.36 25.48 57.65
N GLU E 494 -58.06 25.57 58.78
CA GLU E 494 -58.44 26.87 59.31
C GLU E 494 -57.22 27.74 59.56
N ARG E 495 -56.21 27.18 60.23
CA ARG E 495 -55.00 27.95 60.52
C ARG E 495 -54.28 28.35 59.25
N LEU E 496 -54.33 27.50 58.24
CA LEU E 496 -53.70 27.83 56.96
C LEU E 496 -54.40 29.00 56.31
N LYS E 497 -55.72 28.92 56.17
CA LYS E 497 -56.51 30.07 55.76
C LYS E 497 -56.16 31.31 56.57
N GLN E 498 -56.00 31.16 57.89
CA GLN E 498 -55.64 32.26 58.76
C GLN E 498 -54.35 32.93 58.30
N THR E 499 -53.25 32.18 58.34
CA THR E 499 -51.93 32.73 58.05
C THR E 499 -51.80 33.23 56.61
N ASN E 500 -52.41 32.52 55.66
CA ASN E 500 -52.40 32.98 54.27
C ASN E 500 -52.99 34.36 54.22
N GLU E 501 -54.28 34.44 54.55
CA GLU E 501 -55.00 35.70 54.54
C GLU E 501 -54.24 36.79 55.29
N MET E 502 -53.63 36.43 56.42
CA MET E 502 -52.89 37.40 57.21
C MET E 502 -51.72 37.98 56.42
N LEU E 503 -50.82 37.12 55.96
CA LEU E 503 -49.61 37.62 55.33
C LEU E 503 -49.85 38.12 53.92
N ARG E 504 -51.06 37.95 53.38
CA ARG E 504 -51.37 38.59 52.10
C ARG E 504 -51.30 40.11 52.24
N GLY E 505 -52.22 40.69 53.00
CA GLY E 505 -52.17 42.11 53.28
C GLY E 505 -51.49 42.44 54.60
N ILE E 506 -50.29 41.90 54.80
CA ILE E 506 -49.60 42.12 56.07
C ILE E 506 -49.31 43.59 56.29
N LYS E 507 -49.19 44.38 55.22
CA LYS E 507 -48.97 45.81 55.38
C LYS E 507 -50.18 46.48 56.02
N LEU E 508 -51.39 46.08 55.63
CA LEU E 508 -52.58 46.55 56.31
C LEU E 508 -52.46 46.33 57.81
N LEU E 509 -52.02 45.14 58.21
CA LEU E 509 -51.92 44.83 59.63
C LEU E 509 -50.85 45.68 60.30
N LYS E 510 -49.67 45.81 59.68
CA LYS E 510 -48.64 46.67 60.24
C LYS E 510 -49.14 48.09 60.40
N LEU E 511 -50.06 48.52 59.53
CA LEU E 511 -50.52 49.90 59.56
C LEU E 511 -51.63 50.14 60.58
N TYR E 512 -52.65 49.28 60.61
CA TYR E 512 -53.81 49.47 61.47
C TYR E 512 -53.59 48.95 62.89
N ALA E 513 -52.45 48.32 63.16
CA ALA E 513 -52.14 47.78 64.48
C ALA E 513 -53.21 46.80 64.94
N TRP E 514 -53.50 45.81 64.09
CA TRP E 514 -54.45 44.75 64.38
C TRP E 514 -53.76 43.40 64.49
N GLU E 515 -52.45 43.40 64.65
CA GLU E 515 -51.66 42.17 64.59
C GLU E 515 -51.66 41.40 65.88
N ASN E 516 -51.70 42.08 67.03
CA ASN E 516 -52.02 41.37 68.25
C ASN E 516 -53.38 40.70 68.12
N ILE E 517 -54.35 41.42 67.56
CA ILE E 517 -55.72 40.92 67.45
C ILE E 517 -55.75 39.68 66.55
N PHE E 518 -55.30 39.82 65.31
CA PHE E 518 -55.35 38.71 64.37
C PHE E 518 -54.41 37.59 64.78
N ARG E 519 -53.29 37.94 65.40
CA ARG E 519 -52.35 36.92 65.86
C ARG E 519 -52.94 36.06 66.96
N THR E 520 -53.63 36.67 67.92
CA THR E 520 -54.25 35.87 68.97
C THR E 520 -55.47 35.13 68.43
N ARG E 521 -56.16 35.71 67.44
CA ARG E 521 -57.22 34.98 66.77
C ARG E 521 -56.70 33.70 66.14
N VAL E 522 -55.58 33.80 65.43
CA VAL E 522 -54.93 32.62 64.86
C VAL E 522 -54.43 31.71 65.96
N GLU E 523 -53.96 32.28 67.07
CA GLU E 523 -53.50 31.46 68.20
C GLU E 523 -54.62 30.60 68.74
N THR E 524 -55.85 31.11 68.74
CA THR E 524 -56.99 30.29 69.13
C THR E 524 -57.15 29.09 68.21
N THR E 525 -57.10 29.33 66.90
CA THR E 525 -57.17 28.23 65.94
C THR E 525 -56.03 27.25 66.16
N ARG E 526 -54.83 27.76 66.38
CA ARG E 526 -53.68 26.91 66.63
C ARG E 526 -53.84 26.14 67.92
N ARG E 527 -54.57 26.70 68.88
CA ARG E 527 -54.81 26.01 70.14
C ARG E 527 -55.79 24.86 69.94
N LYS E 528 -56.83 25.08 69.14
CA LYS E 528 -57.72 23.98 68.79
C LYS E 528 -56.96 22.89 68.05
N GLU E 529 -56.12 23.30 67.09
CA GLU E 529 -55.30 22.34 66.37
C GLU E 529 -54.34 21.63 67.29
N MET E 530 -53.78 22.34 68.27
CA MET E 530 -52.90 21.76 69.27
C MET E 530 -53.60 20.73 70.12
N THR E 531 -54.84 21.01 70.51
CA THR E 531 -55.61 20.06 71.30
C THR E 531 -55.91 18.80 70.50
N SER E 532 -56.33 18.98 69.25
CA SER E 532 -56.66 17.82 68.43
C SER E 532 -55.41 16.98 68.15
N LEU E 533 -54.30 17.65 67.83
CA LEU E 533 -53.04 16.93 67.65
C LEU E 533 -52.57 16.32 68.96
N ARG E 534 -52.99 16.89 70.09
CA ARG E 534 -52.62 16.35 71.37
C ARG E 534 -53.32 15.02 71.63
N ALA E 535 -54.62 14.97 71.34
CA ALA E 535 -55.34 13.70 71.38
C ALA E 535 -54.72 12.72 70.40
N PHE E 536 -54.37 13.21 69.21
CA PHE E 536 -53.73 12.39 68.19
C PHE E 536 -52.43 11.77 68.71
N ALA E 537 -51.62 12.58 69.39
CA ALA E 537 -50.35 12.12 69.92
C ALA E 537 -50.55 11.12 71.04
N ILE E 538 -51.51 11.38 71.92
CA ILE E 538 -51.86 10.41 72.96
C ILE E 538 -52.19 9.07 72.33
N TYR E 539 -53.03 9.10 71.29
CA TYR E 539 -53.49 7.85 70.68
C TYR E 539 -52.37 7.13 69.97
N THR E 540 -51.50 7.87 69.27
CA THR E 540 -50.40 7.22 68.56
C THR E 540 -49.38 6.67 69.56
N SER E 541 -49.24 7.32 70.71
CA SER E 541 -48.36 6.76 71.75
C SER E 541 -48.97 5.51 72.34
N ILE E 542 -50.30 5.48 72.50
CA ILE E 542 -50.99 4.28 72.94
C ILE E 542 -50.73 3.14 71.96
N SER E 543 -50.83 3.44 70.66
CA SER E 543 -50.57 2.42 69.65
C SER E 543 -49.13 1.94 69.72
N ILE E 544 -48.19 2.87 69.90
CA ILE E 544 -46.77 2.49 69.96
C ILE E 544 -46.51 1.57 71.15
N PHE E 545 -47.01 1.94 72.32
CA PHE E 545 -46.79 1.10 73.49
C PHE E 545 -47.47 -0.25 73.36
N MET E 546 -48.71 -0.29 72.91
CA MET E 546 -49.37 -1.57 72.71
C MET E 546 -48.58 -2.43 71.74
N ASN E 547 -48.15 -1.85 70.63
CA ASN E 547 -47.28 -2.49 69.66
C ASN E 547 -46.10 -3.16 70.34
N THR E 548 -45.26 -2.37 71.00
CA THR E 548 -44.03 -2.93 71.54
C THR E 548 -44.28 -3.72 72.83
N ALA E 549 -45.49 -3.67 73.38
CA ALA E 549 -45.76 -4.29 74.66
C ALA E 549 -46.32 -5.69 74.49
N ILE E 550 -47.09 -5.91 73.44
CA ILE E 550 -47.66 -7.24 73.23
C ILE E 550 -46.61 -8.33 72.98
N PRO E 551 -45.42 -8.05 72.42
CA PRO E 551 -44.48 -9.17 72.25
C PRO E 551 -43.97 -9.72 73.56
N ILE E 552 -43.63 -8.85 74.52
CA ILE E 552 -43.16 -9.36 75.79
C ILE E 552 -44.30 -10.04 76.53
N ALA E 553 -45.52 -9.54 76.37
CA ALA E 553 -46.68 -10.25 76.90
C ALA E 553 -46.77 -11.65 76.33
N ALA E 554 -46.60 -11.78 75.01
CA ALA E 554 -46.69 -13.07 74.37
C ALA E 554 -45.62 -14.03 74.86
N VAL E 555 -44.37 -13.54 74.95
CA VAL E 555 -43.30 -14.43 75.37
C VAL E 555 -43.53 -14.89 76.80
N LEU E 556 -43.97 -13.96 77.66
CA LEU E 556 -44.25 -14.32 79.05
C LEU E 556 -45.34 -15.38 79.13
N ILE E 557 -46.45 -15.14 78.45
CA ILE E 557 -47.58 -16.05 78.55
C ILE E 557 -47.21 -17.42 78.00
N THR E 558 -46.54 -17.46 76.85
CA THR E 558 -46.11 -18.75 76.31
C THR E 558 -45.20 -19.49 77.28
N PHE E 559 -44.13 -18.85 77.72
CA PHE E 559 -43.15 -19.55 78.53
C PHE E 559 -43.71 -19.96 79.88
N VAL E 560 -44.67 -19.22 80.41
CA VAL E 560 -45.36 -19.65 81.63
C VAL E 560 -46.36 -20.76 81.34
N GLY E 561 -46.88 -20.84 80.11
CA GLY E 561 -47.83 -21.87 79.75
C GLY E 561 -47.34 -23.27 80.07
N HIS E 562 -46.03 -23.49 79.92
CA HIS E 562 -45.44 -24.77 80.28
C HIS E 562 -45.84 -25.18 81.70
N VAL E 563 -46.02 -24.21 82.58
CA VAL E 563 -46.26 -24.49 83.97
C VAL E 563 -47.56 -23.84 84.42
N PRO E 573 -34.40 -25.25 76.42
CA PRO E 573 -33.45 -25.64 75.38
C PRO E 573 -33.62 -24.78 74.13
N SER E 574 -33.79 -25.44 72.98
CA SER E 574 -34.08 -24.77 71.73
C SER E 574 -35.50 -24.26 71.63
N VAL E 575 -36.48 -24.99 72.17
CA VAL E 575 -37.88 -24.67 71.99
C VAL E 575 -38.17 -23.22 72.40
N ALA E 576 -37.89 -22.88 73.65
CA ALA E 576 -38.28 -21.57 74.14
C ALA E 576 -37.66 -20.46 73.31
N PHE E 577 -36.35 -20.54 73.07
CA PHE E 577 -35.70 -19.44 72.39
C PHE E 577 -36.04 -19.41 70.91
N ALA E 578 -36.28 -20.57 70.29
CA ALA E 578 -36.71 -20.54 68.90
C ALA E 578 -38.06 -19.86 68.76
N SER E 579 -38.97 -20.14 69.70
CA SER E 579 -40.25 -19.45 69.67
C SER E 579 -40.07 -17.96 69.91
N LEU E 580 -39.21 -17.58 70.84
CA LEU E 580 -38.90 -16.17 71.07
C LEU E 580 -38.31 -15.51 69.82
N SER E 581 -37.49 -16.23 69.06
CA SER E 581 -36.95 -15.72 67.82
C SER E 581 -38.08 -15.45 66.84
N LEU E 582 -38.98 -16.42 66.68
CA LEU E 582 -40.15 -16.20 65.86
C LEU E 582 -40.94 -15.00 66.34
N PHE E 583 -40.95 -14.76 67.65
CA PHE E 583 -41.72 -13.64 68.18
C PHE E 583 -41.08 -12.30 67.82
N HIS E 584 -39.75 -12.22 67.88
CA HIS E 584 -39.07 -11.07 67.29
C HIS E 584 -39.51 -10.86 65.85
N ILE E 585 -39.44 -11.93 65.06
CA ILE E 585 -39.72 -11.82 63.63
C ILE E 585 -41.19 -11.42 63.40
N LEU E 586 -42.07 -11.83 64.30
CA LEU E 586 -43.48 -11.54 64.13
C LEU E 586 -43.82 -10.14 64.61
N VAL E 587 -43.07 -9.62 65.58
CA VAL E 587 -43.27 -8.24 66.01
C VAL E 587 -42.62 -7.24 65.06
N THR E 588 -41.72 -7.70 64.19
CA THR E 588 -41.17 -6.81 63.18
C THR E 588 -42.26 -6.13 62.33
N PRO E 589 -43.23 -6.86 61.75
CA PRO E 589 -44.24 -6.18 60.93
C PRO E 589 -45.13 -5.23 61.72
N LEU E 590 -45.40 -5.53 62.98
CA LEU E 590 -46.30 -4.72 63.79
C LEU E 590 -45.79 -3.30 63.99
N PHE E 591 -44.48 -3.17 64.23
CA PHE E 591 -43.88 -1.85 64.42
C PHE E 591 -44.16 -0.95 63.24
N LEU E 592 -44.20 -1.51 62.03
CA LEU E 592 -44.52 -0.71 60.86
C LEU E 592 -46.03 -0.57 60.67
N LEU E 593 -46.79 -1.62 61.03
CA LEU E 593 -48.25 -1.53 61.00
C LEU E 593 -48.74 -0.34 61.80
N SER E 594 -48.02 -0.01 62.88
CA SER E 594 -48.36 1.17 63.68
C SER E 594 -48.57 2.40 62.80
N SER E 595 -47.66 2.64 61.86
CA SER E 595 -47.80 3.78 60.96
C SER E 595 -48.64 3.44 59.74
N VAL E 596 -48.71 2.16 59.38
CA VAL E 596 -49.55 1.74 58.27
C VAL E 596 -51.00 2.16 58.51
N VAL E 597 -51.51 1.91 59.71
CA VAL E 597 -52.90 2.23 59.99
C VAL E 597 -53.11 3.74 60.02
N ARG E 598 -52.13 4.49 60.53
CA ARG E 598 -52.21 5.95 60.50
C ARG E 598 -52.32 6.46 59.06
N SER E 599 -51.41 6.01 58.20
CA SER E 599 -51.45 6.40 56.80
C SER E 599 -52.74 5.96 56.14
N THR E 600 -53.26 4.81 56.55
CA THR E 600 -54.56 4.35 56.03
C THR E 600 -55.64 5.37 56.33
N VAL E 601 -55.76 5.76 57.62
CA VAL E 601 -56.75 6.76 58.02
C VAL E 601 -56.60 8.03 57.19
N LYS E 602 -55.38 8.55 57.14
CA LYS E 602 -55.15 9.83 56.47
C LYS E 602 -55.50 9.73 54.98
N ALA E 603 -55.19 8.60 54.35
CA ALA E 603 -55.51 8.44 52.94
C ALA E 603 -57.02 8.34 52.73
N LEU E 604 -57.72 7.67 53.64
CA LEU E 604 -59.17 7.61 53.54
C LEU E 604 -59.77 9.00 53.52
N VAL E 605 -59.39 9.83 54.51
CA VAL E 605 -59.95 11.18 54.61
C VAL E 605 -59.50 12.03 53.42
N SER E 606 -58.28 11.79 52.94
CA SER E 606 -57.73 12.58 51.85
C SER E 606 -58.48 12.29 50.55
N VAL E 607 -58.81 11.03 50.30
CA VAL E 607 -59.58 10.70 49.10
C VAL E 607 -61.00 11.18 49.25
N GLN E 608 -61.52 11.19 50.48
CA GLN E 608 -62.81 11.84 50.70
C GLN E 608 -62.76 13.28 50.20
N LYS E 609 -61.75 14.03 50.63
CA LYS E 609 -61.61 15.42 50.17
C LYS E 609 -61.40 15.48 48.66
N LEU E 610 -60.71 14.49 48.10
CA LEU E 610 -60.53 14.44 46.66
C LEU E 610 -61.87 14.35 45.93
N SER E 611 -62.64 13.30 46.21
CA SER E 611 -63.96 13.18 45.61
C SER E 611 -64.80 14.40 45.87
N GLU E 612 -64.62 15.02 47.03
CA GLU E 612 -65.28 16.29 47.31
C GLU E 612 -64.93 17.33 46.26
N PHE E 613 -63.64 17.43 45.91
CA PHE E 613 -63.22 18.45 44.94
C PHE E 613 -63.64 18.08 43.52
N LEU E 614 -63.53 16.80 43.16
CA LEU E 614 -63.78 16.38 41.78
C LEU E 614 -65.22 16.60 41.35
N SER E 615 -66.15 16.71 42.29
CA SER E 615 -67.56 16.81 42.00
C SER E 615 -68.02 18.25 41.81
N SER E 616 -67.13 19.13 41.39
CA SER E 616 -67.38 20.57 41.41
C SER E 616 -68.08 21.02 40.13
N ALA E 617 -68.50 22.29 40.15
CA ALA E 617 -69.17 22.88 39.01
C ALA E 617 -68.16 23.27 37.95
N GLU E 618 -68.47 22.96 36.69
CA GLU E 618 -67.54 23.14 35.59
C GLU E 618 -68.08 24.14 34.58
N ILE E 619 -67.20 25.01 34.09
CA ILE E 619 -67.52 25.87 32.96
C ILE E 619 -67.71 24.99 31.73
N ARG E 620 -68.75 25.28 30.96
CA ARG E 620 -69.03 24.51 29.76
C ARG E 620 -69.87 25.33 28.78
N CYS E 677 -72.10 43.99 14.27
CA CYS E 677 -72.40 42.67 13.69
C CYS E 677 -71.71 41.56 14.46
N CYS E 678 -70.60 41.91 15.12
CA CYS E 678 -69.77 40.95 15.85
C CYS E 678 -70.44 40.61 17.16
N VAL E 679 -69.66 40.03 18.08
CA VAL E 679 -70.14 39.46 19.33
C VAL E 679 -71.23 40.32 19.95
N GLN E 680 -72.34 39.67 20.28
CA GLN E 680 -73.58 40.34 20.64
C GLN E 680 -74.46 39.40 21.46
N ILE E 681 -75.48 39.96 22.10
CA ILE E 681 -76.40 39.19 22.92
C ILE E 681 -77.81 39.71 22.69
N MET E 682 -78.78 38.79 22.62
CA MET E 682 -80.20 39.14 22.53
C MET E 682 -80.87 38.80 23.87
N GLY E 683 -81.23 39.83 24.61
CA GLY E 683 -81.95 39.66 25.86
C GLY E 683 -81.19 38.84 26.87
N GLY E 684 -79.97 39.26 27.19
CA GLY E 684 -79.10 38.44 28.00
C GLY E 684 -79.51 38.40 29.47
N TYR E 685 -79.50 37.18 30.01
CA TYR E 685 -79.71 36.94 31.43
C TYR E 685 -78.49 36.19 31.93
N PHE E 686 -77.91 36.65 33.02
CA PHE E 686 -76.67 36.12 33.54
C PHE E 686 -76.71 36.11 35.06
N THR E 687 -75.97 35.16 35.66
CA THR E 687 -75.92 35.06 37.11
C THR E 687 -74.65 34.33 37.54
N TRP E 688 -74.15 34.70 38.72
CA TRP E 688 -72.96 34.05 39.26
C TRP E 688 -73.28 32.66 39.77
N THR E 689 -74.28 32.55 40.66
CA THR E 689 -74.77 31.28 41.16
C THR E 689 -76.21 31.08 40.76
N PRO E 690 -76.61 29.88 40.32
CA PRO E 690 -77.98 29.70 39.84
C PRO E 690 -79.02 29.79 40.93
N ASP E 691 -78.62 29.70 42.19
CA ASP E 691 -79.58 29.77 43.29
C ASP E 691 -79.94 31.20 43.65
N GLY E 692 -79.09 32.16 43.35
CA GLY E 692 -79.29 33.53 43.72
C GLY E 692 -80.03 34.33 42.66
N ILE E 693 -79.95 35.64 42.78
CA ILE E 693 -80.63 36.54 41.84
C ILE E 693 -79.85 36.59 40.53
N PRO E 694 -80.49 36.74 39.38
CA PRO E 694 -79.74 36.84 38.12
C PRO E 694 -78.97 38.15 38.06
N THR E 695 -77.66 38.04 37.85
CA THR E 695 -76.82 39.23 37.79
C THR E 695 -77.26 40.16 36.68
N LEU E 696 -77.28 39.65 35.45
CA LEU E 696 -77.68 40.42 34.30
C LEU E 696 -79.06 39.97 33.86
N SER E 697 -79.87 40.92 33.43
CA SER E 697 -81.24 40.63 33.04
C SER E 697 -81.61 41.51 31.86
N ASN E 698 -81.92 40.88 30.73
CA ASN E 698 -82.33 41.59 29.52
C ASN E 698 -81.27 42.59 29.09
N ILE E 699 -80.10 42.07 28.74
CA ILE E 699 -79.04 42.87 28.16
C ILE E 699 -78.91 42.54 26.69
N THR E 700 -78.70 43.56 25.86
CA THR E 700 -78.60 43.43 24.42
C THR E 700 -77.33 44.11 23.96
N ILE E 701 -76.45 43.36 23.32
CA ILE E 701 -75.09 43.83 23.08
C ILE E 701 -74.79 43.79 21.58
N ARG E 702 -73.85 44.62 21.16
CA ARG E 702 -73.42 44.73 19.77
C ARG E 702 -72.11 45.49 19.73
N ILE E 703 -71.09 44.90 19.13
CA ILE E 703 -69.83 45.61 18.88
C ILE E 703 -69.44 45.44 17.43
N PRO E 704 -69.28 46.51 16.67
CA PRO E 704 -68.81 46.37 15.29
C PRO E 704 -67.34 46.00 15.25
N ARG E 705 -66.96 45.26 14.22
CA ARG E 705 -65.57 44.86 14.04
C ARG E 705 -64.71 46.09 13.79
N GLY E 706 -63.43 45.98 14.15
CA GLY E 706 -62.51 47.08 13.98
C GLY E 706 -62.95 48.37 14.63
N GLN E 707 -63.75 48.29 15.69
CA GLN E 707 -64.24 49.47 16.37
C GLN E 707 -63.74 49.46 17.81
N LEU E 708 -63.42 50.66 18.29
CA LEU E 708 -63.05 50.89 19.68
C LEU E 708 -64.30 51.30 20.46
N THR E 709 -64.75 50.44 21.35
CA THR E 709 -65.92 50.75 22.15
C THR E 709 -65.55 50.82 23.63
N MET E 710 -66.38 51.52 24.39
CA MET E 710 -66.19 51.66 25.82
C MET E 710 -67.46 51.25 26.53
N ILE E 711 -67.28 50.81 27.77
CA ILE E 711 -68.40 50.48 28.65
C ILE E 711 -68.17 51.22 29.96
N VAL E 712 -69.14 52.05 30.33
CA VAL E 712 -69.05 52.86 31.54
C VAL E 712 -70.30 52.64 32.37
N GLY E 713 -70.27 53.14 33.59
CA GLY E 713 -71.43 53.02 34.46
C GLY E 713 -71.05 53.39 35.88
N GLN E 714 -71.80 52.83 36.82
CA GLN E 714 -71.52 53.04 38.23
C GLN E 714 -70.49 52.02 38.69
N VAL E 715 -70.00 52.19 39.91
CA VAL E 715 -69.12 51.20 40.53
C VAL E 715 -69.96 50.02 40.99
N GLY E 716 -69.51 48.81 40.67
CA GLY E 716 -70.33 47.65 40.92
C GLY E 716 -71.54 47.53 40.04
N CYS E 717 -71.72 48.47 39.09
CA CYS E 717 -72.94 48.51 38.30
C CYS E 717 -73.18 47.21 37.54
N GLY E 718 -72.12 46.50 37.20
CA GLY E 718 -72.25 45.29 36.42
C GLY E 718 -71.49 45.35 35.12
N LYS E 719 -70.43 46.17 35.07
CA LYS E 719 -69.73 46.34 33.80
C LYS E 719 -68.73 45.23 33.55
N SER E 720 -67.92 44.85 34.54
CA SER E 720 -67.02 43.73 34.33
C SER E 720 -67.77 42.40 34.27
N SER E 721 -68.90 42.31 34.97
CA SER E 721 -69.64 41.06 34.96
C SER E 721 -70.18 40.73 33.57
N LEU E 722 -70.75 41.72 32.89
CA LEU E 722 -71.21 41.47 31.52
C LEU E 722 -70.06 40.98 30.66
N LEU E 723 -68.87 41.50 30.89
CA LEU E 723 -67.73 41.16 30.05
C LEU E 723 -67.28 39.73 30.29
N LEU E 724 -67.01 39.40 31.55
CA LEU E 724 -66.72 38.03 31.91
C LEU E 724 -67.79 37.08 31.40
N ALA E 725 -69.06 37.48 31.45
CA ALA E 725 -70.13 36.66 30.90
C ALA E 725 -69.95 36.45 29.41
N ALA E 726 -69.66 37.51 28.67
CA ALA E 726 -69.33 37.40 27.26
C ALA E 726 -68.13 36.50 27.02
N LEU E 727 -67.31 36.28 28.04
CA LEU E 727 -66.21 35.32 27.95
C LEU E 727 -66.61 33.94 28.46
N GLY E 728 -67.88 33.55 28.27
CA GLY E 728 -68.35 32.24 28.67
C GLY E 728 -68.24 31.93 30.14
N GLU E 729 -67.89 32.90 30.97
CA GLU E 729 -67.61 32.62 32.37
C GLU E 729 -68.86 32.56 33.24
N MET E 730 -69.81 33.47 33.05
CA MET E 730 -70.93 33.61 33.97
C MET E 730 -72.07 32.71 33.53
N GLN E 731 -72.73 32.10 34.51
CA GLN E 731 -73.87 31.24 34.21
C GLN E 731 -75.00 32.11 33.66
N LYS E 732 -75.23 32.02 32.35
CA LYS E 732 -76.32 32.75 31.76
C LYS E 732 -77.63 32.03 32.04
N VAL E 733 -78.58 32.76 32.62
CA VAL E 733 -79.91 32.19 32.78
C VAL E 733 -80.59 32.08 31.42
N SER E 734 -80.42 33.07 30.57
CA SER E 734 -81.04 33.09 29.26
C SER E 734 -80.29 34.11 28.41
N GLY E 735 -80.59 34.09 27.11
CA GLY E 735 -79.91 34.93 26.14
C GLY E 735 -79.14 34.08 25.14
N ALA E 736 -78.90 34.69 23.98
CA ALA E 736 -78.14 34.05 22.91
C ALA E 736 -76.93 34.90 22.59
N VAL E 737 -75.77 34.27 22.49
CA VAL E 737 -74.50 34.96 22.38
C VAL E 737 -73.79 34.47 21.13
N PHE E 738 -73.78 35.29 20.08
CA PHE E 738 -73.19 34.95 18.80
C PHE E 738 -71.80 35.56 18.73
N TRP E 739 -70.87 34.85 18.09
CA TRP E 739 -69.48 35.24 18.03
C TRP E 739 -68.99 35.25 16.59
N SER E 740 -68.25 36.30 16.24
CA SER E 740 -67.73 36.50 14.88
C SER E 740 -68.85 36.46 13.84
N ARG E 766 -65.75 31.01 19.12
CA ARG E 766 -64.97 31.95 19.91
C ARG E 766 -63.62 32.22 19.26
N GLY E 767 -62.89 33.19 19.80
CA GLY E 767 -61.54 33.44 19.37
C GLY E 767 -60.63 33.51 20.56
N PRO E 768 -59.33 33.37 20.35
CA PRO E 768 -58.40 33.57 21.45
C PRO E 768 -58.36 35.03 21.86
N VAL E 769 -59.48 35.52 22.39
CA VAL E 769 -59.64 36.92 22.76
C VAL E 769 -58.58 37.34 23.77
N ALA E 770 -57.83 38.39 23.44
CA ALA E 770 -56.91 38.95 24.40
C ALA E 770 -57.65 39.43 25.64
N TYR E 771 -56.96 39.51 26.76
CA TYR E 771 -57.63 39.83 28.01
C TYR E 771 -56.67 40.44 29.01
N ALA E 772 -57.16 41.45 29.73
CA ALA E 772 -56.46 42.04 30.87
C ALA E 772 -57.47 42.21 31.99
N SER E 773 -57.26 41.51 33.11
CA SER E 773 -58.25 41.47 34.17
C SER E 773 -58.41 42.83 34.83
N GLN E 774 -59.49 42.95 35.61
CA GLN E 774 -59.77 44.22 36.26
C GLN E 774 -58.69 44.58 37.27
N LYS E 775 -58.09 43.57 37.88
CA LYS E 775 -56.86 43.78 38.60
C LYS E 775 -55.70 43.15 37.85
N PRO E 776 -54.55 43.78 37.83
CA PRO E 776 -53.39 43.17 37.17
C PRO E 776 -53.01 41.85 37.79
N TRP E 777 -52.68 40.90 36.93
CA TRP E 777 -52.13 39.60 37.32
C TRP E 777 -50.84 39.39 36.55
N LEU E 778 -50.04 38.42 36.99
CA LEU E 778 -48.75 38.18 36.38
C LEU E 778 -48.33 36.73 36.59
N LEU E 779 -47.36 36.31 35.79
CA LEU E 779 -46.77 34.99 35.96
C LEU E 779 -45.49 35.13 36.78
N ASN E 780 -44.94 34.01 37.23
CA ASN E 780 -43.75 33.99 38.07
C ASN E 780 -42.48 33.91 37.23
N ALA E 781 -42.51 34.50 36.04
CA ALA E 781 -41.47 34.31 35.06
C ALA E 781 -40.92 35.68 34.62
N THR E 782 -40.10 35.64 33.57
CA THR E 782 -39.43 36.82 33.06
C THR E 782 -40.45 37.89 32.67
N VAL E 783 -40.04 39.15 32.84
CA VAL E 783 -40.76 40.26 32.23
C VAL E 783 -41.06 39.93 30.77
N GLU E 784 -40.01 39.62 30.01
CA GLU E 784 -40.20 39.19 28.64
C GLU E 784 -41.10 37.96 28.57
N GLU E 785 -40.98 37.05 29.53
CA GLU E 785 -41.75 35.81 29.46
C GLU E 785 -43.24 36.10 29.50
N ASN E 786 -43.71 36.76 30.56
CA ASN E 786 -45.14 36.97 30.71
C ASN E 786 -45.65 37.97 29.68
N ILE E 787 -44.78 38.86 29.21
CA ILE E 787 -45.21 39.77 28.16
C ILE E 787 -45.42 39.02 26.84
N ILE E 788 -44.50 38.12 26.51
CA ILE E 788 -44.62 37.34 25.27
C ILE E 788 -45.85 36.45 25.31
N PHE E 789 -46.03 35.72 26.41
CA PHE E 789 -47.15 34.80 26.56
C PHE E 789 -47.21 33.81 25.39
N GLU E 790 -46.06 33.19 25.13
CA GLU E 790 -45.94 32.12 24.14
C GLU E 790 -46.30 32.60 22.73
N SER E 791 -45.70 33.71 22.32
CA SER E 791 -45.89 34.26 20.99
C SER E 791 -44.56 34.37 20.27
N PRO E 792 -44.55 34.28 18.93
CA PRO E 792 -43.30 34.47 18.19
C PRO E 792 -42.68 35.83 18.46
N PHE E 793 -41.51 35.85 19.09
CA PHE E 793 -40.91 37.09 19.56
C PHE E 793 -40.64 38.01 18.37
N ASN E 794 -41.14 39.24 18.46
CA ASN E 794 -40.98 40.23 17.40
C ASN E 794 -40.39 41.49 18.02
N LYS E 795 -39.08 41.70 17.81
CA LYS E 795 -38.41 42.90 18.30
C LYS E 795 -39.23 44.15 18.02
N GLN E 796 -39.72 44.29 16.78
CA GLN E 796 -40.52 45.45 16.43
C GLN E 796 -41.79 45.52 17.27
N ARG E 797 -42.63 44.47 17.20
CA ARG E 797 -43.84 44.46 18.01
C ARG E 797 -43.53 44.55 19.48
N TYR E 798 -42.43 43.92 19.92
CA TYR E 798 -42.08 43.93 21.34
C TYR E 798 -41.81 45.34 21.85
N LYS E 799 -40.80 46.01 21.28
CA LYS E 799 -40.50 47.35 21.74
C LYS E 799 -41.62 48.33 21.42
N MET E 800 -42.39 48.09 20.36
CA MET E 800 -43.54 48.94 20.07
C MET E 800 -44.54 48.88 21.21
N VAL E 801 -44.89 47.67 21.65
CA VAL E 801 -45.80 47.52 22.78
C VAL E 801 -45.22 48.17 24.03
N ILE E 802 -43.92 48.01 24.26
CA ILE E 802 -43.36 48.53 25.50
C ILE E 802 -43.39 50.05 25.51
N GLU E 803 -42.94 50.68 24.43
CA GLU E 803 -43.00 52.13 24.32
C GLU E 803 -44.43 52.64 24.31
N ALA E 804 -45.39 51.82 23.89
CA ALA E 804 -46.80 52.17 24.08
C ALA E 804 -47.13 52.26 25.56
N CYS E 805 -46.75 51.23 26.32
CA CYS E 805 -46.92 51.26 27.77
C CYS E 805 -45.89 52.14 28.47
N SER E 806 -44.86 52.58 27.76
CA SER E 806 -43.82 53.46 28.30
C SER E 806 -43.21 52.87 29.57
N LEU E 807 -42.86 51.60 29.46
CA LEU E 807 -42.30 50.85 30.57
C LEU E 807 -40.78 50.86 30.56
N GLN E 808 -40.17 51.32 29.47
CA GLN E 808 -38.71 51.34 29.36
C GLN E 808 -38.00 51.94 30.58
N PRO E 809 -38.42 53.08 31.13
CA PRO E 809 -37.74 53.59 32.33
C PRO E 809 -37.83 52.62 33.50
N ASP E 810 -38.96 51.94 33.64
CA ASP E 810 -39.11 50.95 34.70
C ASP E 810 -38.38 49.66 34.38
N ILE E 811 -38.11 49.38 33.11
CA ILE E 811 -37.31 48.20 32.79
C ILE E 811 -35.85 48.48 33.11
N ASP E 812 -35.37 49.69 32.81
CA ASP E 812 -33.99 50.03 33.16
C ASP E 812 -33.72 49.90 34.65
N ILE E 813 -34.69 50.28 35.49
CA ILE E 813 -34.48 50.26 36.93
C ILE E 813 -34.48 48.83 37.48
N LEU E 814 -34.95 47.86 36.69
CA LEU E 814 -34.96 46.48 37.16
C LEU E 814 -33.54 45.92 37.24
N PRO E 815 -33.28 45.00 38.18
CA PRO E 815 -31.93 44.46 38.30
C PRO E 815 -31.45 43.77 37.05
N HIS E 816 -32.30 42.94 36.45
CA HIS E 816 -31.98 42.29 35.19
C HIS E 816 -32.82 42.82 34.04
N GLY E 817 -33.40 44.01 34.19
CA GLY E 817 -34.10 44.67 33.12
C GLY E 817 -35.20 43.83 32.49
N ASP E 818 -34.99 43.46 31.22
CA ASP E 818 -35.98 42.65 30.53
C ASP E 818 -36.01 41.23 31.10
N GLN E 819 -34.85 40.63 31.32
CA GLN E 819 -34.78 39.26 31.84
C GLN E 819 -34.75 39.26 33.36
N THR E 820 -35.72 39.98 33.94
CA THR E 820 -35.93 40.01 35.38
C THR E 820 -37.08 39.06 35.71
N GLN E 821 -36.79 38.03 36.50
CA GLN E 821 -37.84 37.12 36.96
C GLN E 821 -38.70 37.85 37.97
N ILE E 822 -40.00 37.91 37.72
CA ILE E 822 -40.92 38.64 38.55
C ILE E 822 -42.05 37.72 38.96
N GLY E 823 -42.70 38.02 40.07
CA GLY E 823 -43.89 37.32 40.46
C GLY E 823 -43.91 37.04 41.95
N GLU E 824 -44.84 36.16 42.34
CA GLU E 824 -44.88 35.69 43.72
C GLU E 824 -43.58 34.98 44.08
N ARG E 825 -42.92 34.38 43.09
CA ARG E 825 -41.55 33.92 43.26
C ARG E 825 -40.53 34.99 42.91
N GLY E 826 -40.76 35.74 41.84
CA GLY E 826 -39.89 36.83 41.46
C GLY E 826 -40.02 38.02 42.40
N ILE E 827 -39.51 39.15 41.93
CA ILE E 827 -39.46 40.36 42.75
C ILE E 827 -40.75 41.14 42.61
N ASN E 828 -41.15 41.78 43.71
CA ASN E 828 -42.38 42.57 43.76
C ASN E 828 -42.13 43.97 43.22
N LEU E 829 -43.22 44.63 42.85
CA LEU E 829 -43.13 45.95 42.22
C LEU E 829 -44.49 46.62 42.29
N SER E 830 -44.51 47.90 41.92
CA SER E 830 -45.72 48.69 42.06
C SER E 830 -46.82 48.20 41.12
N GLY E 831 -48.05 48.32 41.59
CA GLY E 831 -49.19 47.92 40.77
C GLY E 831 -49.33 48.73 39.51
N GLY E 832 -48.63 49.86 39.42
CA GLY E 832 -48.58 50.58 38.16
C GLY E 832 -47.88 49.77 37.08
N GLN E 833 -46.67 49.31 37.37
CA GLN E 833 -46.01 48.41 36.44
C GLN E 833 -46.86 47.17 36.20
N ARG E 834 -47.50 46.67 37.25
CA ARG E 834 -48.37 45.50 37.11
C ARG E 834 -49.45 45.74 36.07
N GLN E 835 -50.11 46.90 36.16
CA GLN E 835 -51.18 47.22 35.23
C GLN E 835 -50.64 47.39 33.82
N ARG E 836 -49.52 48.09 33.68
CA ARG E 836 -48.96 48.30 32.35
C ARG E 836 -48.58 46.98 31.69
N ILE E 837 -48.05 46.05 32.48
CA ILE E 837 -47.68 44.74 31.94
C ILE E 837 -48.92 43.96 31.55
N SER E 838 -49.96 44.00 32.39
CA SER E 838 -51.22 43.35 32.01
C SER E 838 -51.71 43.89 30.68
N VAL E 839 -51.66 45.21 30.49
CA VAL E 839 -52.10 45.77 29.23
C VAL E 839 -51.22 45.28 28.09
N ALA E 840 -49.91 45.28 28.30
CA ALA E 840 -48.99 44.79 27.27
C ALA E 840 -49.30 43.35 26.89
N ARG E 841 -49.79 42.56 27.84
CA ARG E 841 -50.15 41.18 27.54
C ARG E 841 -51.15 41.11 26.39
N ALA E 842 -52.19 41.93 26.46
CA ALA E 842 -53.18 41.94 25.38
C ALA E 842 -52.68 42.71 24.16
N LEU E 843 -51.82 43.71 24.38
CA LEU E 843 -51.32 44.49 23.26
C LEU E 843 -50.47 43.64 22.33
N TYR E 844 -49.39 43.07 22.86
CA TYR E 844 -48.54 42.17 22.11
C TYR E 844 -49.25 40.87 21.75
N GLN E 845 -50.47 40.67 22.23
CA GLN E 845 -51.15 39.41 22.02
C GLN E 845 -51.43 39.16 20.55
N HIS E 846 -51.53 40.22 19.75
CA HIS E 846 -51.80 40.14 18.32
C HIS E 846 -53.20 39.61 18.03
N ALA E 847 -54.01 39.43 19.07
CA ALA E 847 -55.33 38.82 18.89
C ALA E 847 -56.25 39.74 18.12
N ASN E 848 -57.20 39.13 17.39
CA ASN E 848 -58.16 39.90 16.60
C ASN E 848 -59.08 40.72 17.51
N VAL E 849 -59.81 40.04 18.38
CA VAL E 849 -60.68 40.70 19.34
C VAL E 849 -59.89 40.88 20.63
N VAL E 850 -59.46 42.12 20.87
CA VAL E 850 -58.68 42.46 22.05
C VAL E 850 -59.64 43.02 23.09
N PHE E 851 -59.29 42.87 24.36
CA PHE E 851 -60.19 43.19 25.46
C PHE E 851 -59.39 43.74 26.63
N LEU E 852 -59.92 44.79 27.26
CA LEU E 852 -59.29 45.42 28.42
C LEU E 852 -60.34 45.67 29.49
N ASP E 853 -59.90 45.60 30.75
CA ASP E 853 -60.76 45.90 31.90
C ASP E 853 -60.00 46.86 32.81
N ASP E 854 -60.49 48.10 32.88
CA ASP E 854 -59.98 49.15 33.75
C ASP E 854 -58.47 49.33 33.64
N PRO E 855 -57.91 49.45 32.43
CA PRO E 855 -56.46 49.59 32.30
C PRO E 855 -55.92 50.90 32.83
N PHE E 856 -56.78 51.77 33.34
CA PHE E 856 -56.40 53.13 33.71
C PHE E 856 -56.43 53.38 35.20
N SER E 857 -56.96 52.44 35.98
CA SER E 857 -57.15 52.68 37.41
C SER E 857 -55.84 53.04 38.10
N ALA E 858 -54.81 52.20 37.90
CA ALA E 858 -53.55 52.42 38.59
C ALA E 858 -52.80 53.63 38.05
N LEU E 859 -52.72 53.75 36.73
CA LEU E 859 -51.88 54.78 36.11
C LEU E 859 -52.39 56.17 36.43
N ASP E 860 -51.46 57.12 36.51
CA ASP E 860 -51.83 58.53 36.62
C ASP E 860 -52.08 59.07 35.21
N ILE E 861 -52.35 60.37 35.11
CA ILE E 861 -52.81 60.92 33.84
C ILE E 861 -51.68 60.94 32.81
N HIS E 862 -50.43 61.12 33.27
CA HIS E 862 -49.31 61.05 32.34
C HIS E 862 -49.32 59.72 31.59
N LEU E 863 -49.22 58.62 32.33
CA LEU E 863 -49.11 57.31 31.70
C LEU E 863 -50.44 56.91 31.05
N SER E 864 -51.56 57.34 31.63
CA SER E 864 -52.85 57.04 31.00
C SER E 864 -52.94 57.65 29.61
N ASP E 865 -52.65 58.95 29.50
CA ASP E 865 -52.65 59.60 28.20
C ASP E 865 -51.68 58.94 27.26
N HIS E 866 -50.43 58.76 27.68
CA HIS E 866 -49.44 58.20 26.78
C HIS E 866 -49.84 56.82 26.31
N LEU E 867 -50.26 55.96 27.23
CA LEU E 867 -50.67 54.62 26.87
C LEU E 867 -51.85 54.66 25.92
N MET E 868 -52.95 55.28 26.32
CA MET E 868 -54.09 55.26 25.42
C MET E 868 -53.75 55.82 24.07
N GLN E 869 -53.14 57.00 24.00
CA GLN E 869 -52.77 57.55 22.70
C GLN E 869 -51.94 56.54 21.91
N ALA E 870 -50.73 56.23 22.38
CA ALA E 870 -49.83 55.40 21.59
C ALA E 870 -50.45 54.04 21.30
N GLY E 871 -50.71 53.24 22.33
CA GLY E 871 -51.22 51.90 22.14
C GLY E 871 -52.58 51.80 21.49
N ILE E 872 -53.58 52.52 22.01
CA ILE E 872 -54.93 52.41 21.46
C ILE E 872 -54.97 52.95 20.03
N LEU E 873 -54.22 54.02 19.76
CA LEU E 873 -54.14 54.53 18.40
C LEU E 873 -53.41 53.56 17.50
N GLU E 874 -52.52 52.74 18.06
CA GLU E 874 -51.90 51.68 17.26
C GLU E 874 -52.88 50.55 16.99
N LEU E 875 -53.72 50.24 17.98
CA LEU E 875 -54.73 49.20 17.79
C LEU E 875 -55.70 49.61 16.70
N LEU E 876 -56.32 50.78 16.86
CA LEU E 876 -57.12 51.36 15.79
C LEU E 876 -56.31 51.62 14.53
N ARG E 877 -54.98 51.65 14.64
CA ARG E 877 -54.12 51.72 13.45
C ARG E 877 -54.01 50.38 12.77
N ASP E 878 -54.11 49.29 13.52
CA ASP E 878 -54.24 47.99 12.89
C ASP E 878 -55.53 47.93 12.08
N ASP E 879 -55.55 47.03 11.09
CA ASP E 879 -56.61 47.02 10.09
C ASP E 879 -57.98 46.84 10.73
N LYS E 880 -58.16 45.72 11.43
CA LYS E 880 -59.48 45.40 11.98
C LYS E 880 -59.33 44.86 13.40
N ARG E 881 -58.25 45.23 14.08
CA ARG E 881 -57.99 44.69 15.42
C ARG E 881 -58.97 45.33 16.38
N THR E 882 -60.15 44.72 16.48
CA THR E 882 -61.18 45.19 17.39
C THR E 882 -60.66 45.12 18.83
N VAL E 883 -60.80 46.24 19.55
CA VAL E 883 -60.38 46.33 20.94
C VAL E 883 -61.51 46.93 21.76
N VAL E 884 -61.84 46.27 22.87
CA VAL E 884 -62.96 46.67 23.73
C VAL E 884 -62.38 46.92 25.12
N LEU E 885 -62.86 47.95 25.80
CA LEU E 885 -62.37 48.27 27.13
C LEU E 885 -63.47 48.91 27.98
N VAL E 886 -63.07 49.26 29.20
CA VAL E 886 -63.88 50.04 30.11
C VAL E 886 -62.97 51.07 30.78
N THR E 887 -63.59 52.07 31.40
CA THR E 887 -62.86 53.18 31.99
C THR E 887 -63.59 53.73 33.19
N HIS E 888 -62.85 54.43 34.05
CA HIS E 888 -63.41 55.20 35.14
C HIS E 888 -63.44 56.69 34.86
N LYS E 889 -62.73 57.16 33.83
CA LYS E 889 -62.77 58.55 33.42
C LYS E 889 -63.44 58.65 32.05
N LEU E 890 -64.12 59.76 31.80
CA LEU E 890 -64.95 59.93 30.64
C LEU E 890 -64.39 60.92 29.62
N GLN E 891 -63.12 61.29 29.77
CA GLN E 891 -62.54 62.32 28.90
C GLN E 891 -62.34 61.79 27.48
N TYR E 892 -61.99 60.51 27.35
CA TYR E 892 -61.80 59.89 26.05
C TYR E 892 -63.10 59.42 25.43
N LEU E 893 -64.24 59.79 26.00
CA LEU E 893 -65.52 59.38 25.42
C LEU E 893 -65.77 60.00 24.05
N PRO E 894 -65.29 61.20 23.73
CA PRO E 894 -65.26 61.62 22.32
C PRO E 894 -64.21 60.88 21.50
N HIS E 895 -63.36 60.07 22.12
CA HIS E 895 -62.43 59.22 21.39
C HIS E 895 -62.94 57.82 21.18
N ALA E 896 -64.03 57.45 21.85
CA ALA E 896 -64.64 56.15 21.65
C ALA E 896 -65.44 56.15 20.36
N ASP E 897 -65.55 54.97 19.74
CA ASP E 897 -66.36 54.80 18.55
C ASP E 897 -67.77 54.36 18.92
N TRP E 898 -67.88 53.24 19.61
CA TRP E 898 -69.14 52.75 20.13
C TRP E 898 -69.09 52.86 21.65
N ILE E 899 -70.25 52.94 22.28
CA ILE E 899 -70.32 53.10 23.73
C ILE E 899 -71.43 52.22 24.26
N ILE E 900 -71.22 51.65 25.45
CA ILE E 900 -72.25 50.93 26.16
C ILE E 900 -72.38 51.53 27.54
N ALA E 901 -73.60 51.90 27.91
CA ALA E 901 -73.89 52.49 29.22
C ALA E 901 -74.80 51.52 29.97
N MET E 902 -74.44 51.24 31.22
CA MET E 902 -75.25 50.39 32.08
C MET E 902 -75.13 50.85 33.53
N LYS E 903 -76.13 50.47 34.31
CA LYS E 903 -76.17 50.79 35.73
C LYS E 903 -77.01 49.75 36.45
N ASP E 904 -76.49 49.23 37.56
CA ASP E 904 -77.19 48.25 38.36
C ASP E 904 -77.53 47.00 37.54
N GLY E 905 -76.53 46.51 36.80
CA GLY E 905 -76.66 45.27 36.09
C GLY E 905 -77.59 45.27 34.88
N THR E 906 -77.85 46.43 34.29
CA THR E 906 -78.70 46.51 33.11
C THR E 906 -78.20 47.62 32.19
N ILE E 907 -78.09 47.30 30.89
CA ILE E 907 -77.68 48.29 29.91
C ILE E 907 -78.67 49.45 29.91
N GLN E 908 -78.15 50.63 29.59
CA GLN E 908 -78.97 51.84 29.53
C GLN E 908 -79.00 52.40 28.12
N ARG E 909 -77.84 52.62 27.50
CA ARG E 909 -77.74 53.32 26.24
C ARG E 909 -76.57 52.79 25.43
N GLU E 910 -76.47 53.30 24.19
CA GLU E 910 -75.40 52.95 23.28
C GLU E 910 -75.53 53.84 22.05
N GLY E 911 -74.40 54.11 21.41
CA GLY E 911 -74.36 55.06 20.31
C GLY E 911 -73.51 56.27 20.63
N THR E 912 -72.67 56.67 19.67
CA THR E 912 -71.62 57.64 19.99
C THR E 912 -72.18 59.03 20.27
N LEU E 913 -72.74 59.69 19.25
CA LEU E 913 -73.06 61.11 19.36
C LEU E 913 -74.55 61.36 19.40
N LYS E 914 -75.31 60.90 18.41
CA LYS E 914 -76.74 61.19 18.38
C LYS E 914 -77.47 60.51 19.52
N ASP E 915 -77.12 59.26 19.81
CA ASP E 915 -77.80 58.53 20.87
C ASP E 915 -77.48 59.09 22.24
N PHE E 916 -76.34 59.78 22.37
CA PHE E 916 -76.03 60.44 23.63
C PHE E 916 -76.87 61.69 23.82
N GLN E 917 -76.92 62.56 22.80
CA GLN E 917 -77.50 63.89 22.96
C GLN E 917 -78.94 63.83 23.44
N ARG E 918 -79.62 62.69 23.26
CA ARG E 918 -81.00 62.57 23.70
C ARG E 918 -81.10 62.58 25.22
N SER E 919 -80.02 62.22 25.90
CA SER E 919 -80.00 62.30 27.36
C SER E 919 -79.49 63.65 27.82
N GLU E 920 -80.35 64.43 28.49
CA GLU E 920 -79.85 65.57 29.25
C GLU E 920 -79.23 65.12 30.57
N CYS E 921 -79.81 64.09 31.17
CA CYS E 921 -79.37 63.67 32.51
C CYS E 921 -78.01 62.97 32.44
N GLN E 922 -77.93 61.88 31.67
CA GLN E 922 -76.68 61.14 31.57
C GLN E 922 -75.56 62.03 31.04
N LEU E 923 -75.88 62.93 30.13
CA LEU E 923 -74.85 63.73 29.48
C LEU E 923 -74.45 64.92 30.34
N PHE E 924 -75.36 65.39 31.19
CA PHE E 924 -74.97 66.36 32.20
C PHE E 924 -74.12 65.69 33.28
N GLU E 925 -74.40 64.42 33.57
CA GLU E 925 -73.55 63.64 34.45
C GLU E 925 -72.14 63.54 33.88
N HIS E 926 -72.03 63.11 32.63
CA HIS E 926 -70.75 63.14 31.93
C HIS E 926 -70.19 64.55 31.83
N TRP E 927 -71.05 65.57 31.96
CA TRP E 927 -70.65 66.97 31.92
C TRP E 927 -70.34 67.52 33.31
N LYS E 928 -70.63 66.76 34.36
CA LYS E 928 -70.24 67.19 35.71
C LYS E 928 -68.74 67.46 35.79
N THR E 929 -67.95 66.64 35.09
CA THR E 929 -66.52 66.87 35.02
C THR E 929 -66.15 67.81 33.87
N LEU E 930 -66.81 67.66 32.72
CA LEU E 930 -66.53 68.48 31.54
C LEU E 930 -65.05 68.44 31.14
N GLU E 994 -22.12 17.13 63.32
CA GLU E 994 -21.88 18.50 62.91
C GLU E 994 -23.20 19.27 62.78
N ILE E 995 -23.59 19.57 61.54
CA ILE E 995 -24.88 20.21 61.31
C ILE E 995 -26.05 19.38 61.85
N PRO E 996 -26.14 18.08 61.60
CA PRO E 996 -27.22 17.30 62.22
C PRO E 996 -27.20 17.34 63.74
N TRP E 997 -26.03 17.21 64.36
CA TRP E 997 -25.96 17.32 65.81
C TRP E 997 -26.57 18.63 66.29
N ARG E 998 -26.20 19.74 65.65
CA ARG E 998 -26.66 21.06 66.09
C ARG E 998 -28.17 21.22 65.88
N ALA E 999 -28.66 20.80 64.71
CA ALA E 999 -30.09 20.95 64.43
C ALA E 999 -30.94 20.12 65.37
N CYS E 1000 -30.56 18.86 65.57
CA CYS E 1000 -31.30 18.02 66.53
C CYS E 1000 -31.16 18.54 67.95
N ALA E 1001 -30.01 19.14 68.28
CA ALA E 1001 -29.81 19.68 69.61
C ALA E 1001 -30.71 20.87 69.87
N LYS E 1002 -30.87 21.76 68.89
CA LYS E 1002 -31.83 22.85 69.04
C LYS E 1002 -33.26 22.32 69.10
N TYR E 1003 -33.58 21.29 68.29
CA TYR E 1003 -34.89 20.67 68.36
C TYR E 1003 -35.20 20.22 69.78
N LEU E 1004 -34.31 19.40 70.35
CA LEU E 1004 -34.54 18.90 71.71
C LEU E 1004 -34.41 20.02 72.74
N SER E 1005 -33.63 21.07 72.43
CA SER E 1005 -33.54 22.23 73.29
C SER E 1005 -34.89 22.90 73.43
N SER E 1006 -35.68 22.91 72.36
CA SER E 1006 -37.07 23.34 72.47
C SER E 1006 -37.81 22.57 73.55
N ALA E 1007 -37.44 21.31 73.77
CA ALA E 1007 -37.98 20.51 74.85
C ALA E 1007 -37.16 20.70 76.12
N GLY E 1008 -37.79 20.44 77.26
CA GLY E 1008 -37.10 20.54 78.52
C GLY E 1008 -35.94 19.57 78.60
N ILE E 1009 -34.88 19.99 79.29
CA ILE E 1009 -33.74 19.09 79.48
C ILE E 1009 -34.18 17.83 80.21
N LEU E 1010 -35.22 17.94 81.06
CA LEU E 1010 -35.73 16.78 81.78
C LEU E 1010 -36.32 15.77 80.83
N LEU E 1011 -36.87 16.25 79.70
CA LEU E 1011 -37.30 15.37 78.61
C LEU E 1011 -36.14 14.62 77.99
N LEU E 1012 -34.99 15.30 77.82
CA LEU E 1012 -33.81 14.59 77.34
C LEU E 1012 -33.42 13.48 78.30
N SER E 1013 -33.35 13.80 79.58
CA SER E 1013 -33.05 12.79 80.58
C SER E 1013 -34.04 11.63 80.50
N LEU E 1014 -35.33 11.92 80.58
CA LEU E 1014 -36.33 10.87 80.66
C LEU E 1014 -36.30 9.99 79.41
N LEU E 1015 -36.24 10.61 78.23
CA LEU E 1015 -36.17 9.86 76.98
C LEU E 1015 -34.96 8.95 76.94
N VAL E 1016 -33.77 9.48 77.24
CA VAL E 1016 -32.56 8.69 77.09
C VAL E 1016 -32.54 7.54 78.08
N PHE E 1017 -32.79 7.83 79.36
CA PHE E 1017 -32.86 6.76 80.35
C PHE E 1017 -33.91 5.73 79.96
N SER E 1018 -35.07 6.19 79.44
CA SER E 1018 -36.13 5.25 79.07
C SER E 1018 -35.66 4.28 78.00
N GLN E 1019 -35.19 4.80 76.86
CA GLN E 1019 -34.70 3.94 75.79
C GLN E 1019 -33.64 2.98 76.31
N LEU E 1020 -32.59 3.53 76.94
CA LEU E 1020 -31.45 2.71 77.35
C LEU E 1020 -31.89 1.60 78.29
N LEU E 1021 -32.45 1.97 79.44
CA LEU E 1021 -32.87 0.97 80.41
C LEU E 1021 -33.86 -0.01 79.81
N LYS E 1022 -34.79 0.49 79.00
CA LYS E 1022 -35.76 -0.37 78.33
C LYS E 1022 -35.08 -1.52 77.62
N HIS E 1023 -34.25 -1.19 76.63
CA HIS E 1023 -33.76 -2.24 75.76
C HIS E 1023 -32.59 -2.99 76.38
N MET E 1024 -31.89 -2.37 77.34
CA MET E 1024 -30.93 -3.12 78.12
C MET E 1024 -31.61 -4.14 79.00
N VAL E 1025 -32.83 -3.84 79.46
CA VAL E 1025 -33.62 -4.83 80.17
C VAL E 1025 -34.17 -5.90 79.23
N LEU E 1026 -34.53 -5.53 78.00
CA LEU E 1026 -34.86 -6.56 77.01
C LEU E 1026 -33.71 -7.56 76.87
N VAL E 1027 -32.51 -7.03 76.62
CA VAL E 1027 -31.33 -7.88 76.53
C VAL E 1027 -31.12 -8.67 77.80
N ALA E 1028 -31.27 -8.02 78.96
CA ALA E 1028 -31.08 -8.70 80.22
C ALA E 1028 -32.03 -9.88 80.35
N ILE E 1029 -33.31 -9.65 80.17
CA ILE E 1029 -34.31 -10.69 80.38
C ILE E 1029 -34.10 -11.85 79.43
N ASP E 1030 -33.80 -11.60 78.16
CA ASP E 1030 -33.72 -12.75 77.28
C ASP E 1030 -32.35 -13.43 77.30
N TYR E 1031 -31.26 -12.66 77.43
CA TYR E 1031 -29.96 -13.28 77.64
C TYR E 1031 -29.91 -14.03 78.97
N TRP E 1032 -30.79 -13.67 79.89
CA TRP E 1032 -30.88 -14.38 81.15
C TRP E 1032 -31.86 -15.55 81.06
N LEU E 1033 -32.81 -15.49 80.12
CA LEU E 1033 -33.50 -16.68 79.68
C LEU E 1033 -32.53 -17.70 79.10
N ALA E 1034 -31.45 -17.23 78.50
CA ALA E 1034 -30.39 -18.16 78.12
C ALA E 1034 -29.92 -18.96 79.32
N LYS E 1035 -29.83 -18.33 80.48
CA LYS E 1035 -29.50 -19.03 81.72
C LYS E 1035 -30.64 -19.91 82.20
N TRP E 1036 -31.83 -19.77 81.62
CA TRP E 1036 -33.00 -20.56 81.98
C TRP E 1036 -33.05 -21.90 81.25
N THR E 1037 -32.41 -22.01 80.09
CA THR E 1037 -32.42 -23.24 79.31
C THR E 1037 -31.42 -24.27 79.79
N ASP E 1038 -30.89 -24.15 81.00
CA ASP E 1038 -30.04 -25.19 81.56
C ASP E 1038 -30.18 -25.25 83.07
N THR E 1061 -40.87 -21.51 89.41
CA THR E 1061 -39.53 -21.56 89.97
C THR E 1061 -39.06 -20.15 90.35
N VAL E 1062 -37.88 -20.08 90.96
CA VAL E 1062 -37.31 -18.81 91.36
C VAL E 1062 -37.00 -17.95 90.14
N TYR E 1063 -36.06 -18.42 89.32
CA TYR E 1063 -35.76 -17.74 88.06
C TYR E 1063 -37.04 -17.42 87.31
N ALA E 1064 -38.03 -18.32 87.37
CA ALA E 1064 -39.29 -18.07 86.68
C ALA E 1064 -39.95 -16.79 87.20
N MET E 1065 -40.10 -16.67 88.52
CA MET E 1065 -40.81 -15.52 89.08
C MET E 1065 -40.07 -14.22 88.79
N VAL E 1066 -38.76 -14.23 88.92
CA VAL E 1066 -38.03 -13.00 88.67
C VAL E 1066 -37.96 -12.71 87.17
N PHE E 1067 -37.98 -13.75 86.34
CA PHE E 1067 -38.19 -13.62 84.91
C PHE E 1067 -39.46 -12.82 84.64
N THR E 1068 -40.55 -13.20 85.30
CA THR E 1068 -41.80 -12.48 85.15
C THR E 1068 -41.67 -11.02 85.59
N VAL E 1069 -40.97 -10.79 86.70
CA VAL E 1069 -40.88 -9.40 87.15
C VAL E 1069 -40.02 -8.60 86.18
N LEU E 1070 -39.05 -9.25 85.53
CA LEU E 1070 -38.32 -8.59 84.46
C LEU E 1070 -39.23 -8.24 83.31
N CYS E 1071 -40.13 -9.15 82.93
CA CYS E 1071 -41.13 -8.83 81.91
C CYS E 1071 -41.91 -7.58 82.30
N SER E 1072 -42.40 -7.54 83.53
CA SER E 1072 -43.20 -6.41 83.99
C SER E 1072 -42.39 -5.12 83.93
N LEU E 1073 -41.12 -5.17 84.31
CA LEU E 1073 -40.27 -4.00 84.19
C LEU E 1073 -40.18 -3.56 82.75
N GLY E 1074 -39.98 -4.52 81.84
CA GLY E 1074 -39.92 -4.18 80.43
C GLY E 1074 -41.16 -3.44 79.96
N ILE E 1075 -42.34 -3.92 80.38
CA ILE E 1075 -43.57 -3.33 79.85
C ILE E 1075 -43.78 -1.94 80.41
N VAL E 1076 -43.54 -1.76 81.71
CA VAL E 1076 -43.75 -0.43 82.29
C VAL E 1076 -42.74 0.56 81.71
N LEU E 1077 -41.52 0.09 81.43
CA LEU E 1077 -40.50 0.98 80.91
C LEU E 1077 -40.77 1.34 79.47
N CYS E 1078 -41.36 0.41 78.71
CA CYS E 1078 -41.85 0.74 77.38
C CYS E 1078 -42.92 1.83 77.43
N LEU E 1079 -43.82 1.73 78.40
CA LEU E 1079 -44.89 2.72 78.49
C LEU E 1079 -44.32 4.11 78.79
N VAL E 1080 -43.46 4.22 79.80
CA VAL E 1080 -42.88 5.53 80.07
C VAL E 1080 -42.11 6.02 78.86
N THR E 1081 -41.42 5.11 78.15
CA THR E 1081 -40.69 5.50 76.95
C THR E 1081 -41.61 6.18 75.94
N SER E 1082 -42.64 5.46 75.49
CA SER E 1082 -43.50 5.99 74.45
C SER E 1082 -44.20 7.28 74.87
N VAL E 1083 -44.63 7.34 76.14
CA VAL E 1083 -45.27 8.55 76.62
C VAL E 1083 -44.32 9.73 76.54
N THR E 1084 -43.07 9.52 76.98
CA THR E 1084 -42.08 10.59 76.90
C THR E 1084 -41.92 11.05 75.46
N VAL E 1085 -41.87 10.08 74.53
CA VAL E 1085 -41.70 10.39 73.12
C VAL E 1085 -42.80 11.34 72.64
N GLU E 1086 -44.05 10.92 72.81
CA GLU E 1086 -45.15 11.74 72.32
C GLU E 1086 -45.14 13.12 72.98
N TRP E 1087 -44.90 13.16 74.30
CA TRP E 1087 -45.03 14.44 75.01
C TRP E 1087 -43.94 15.40 74.59
N THR E 1088 -42.72 14.91 74.37
CA THR E 1088 -41.65 15.79 73.94
C THR E 1088 -41.89 16.28 72.52
N GLY E 1089 -42.37 15.41 71.64
CA GLY E 1089 -42.70 15.87 70.30
C GLY E 1089 -43.73 16.99 70.33
N LEU E 1090 -44.76 16.83 71.15
CA LEU E 1090 -45.81 17.84 71.22
C LEU E 1090 -45.28 19.15 71.80
N LYS E 1091 -44.49 19.07 72.87
CA LYS E 1091 -43.97 20.28 73.49
C LYS E 1091 -43.06 21.04 72.54
N VAL E 1092 -42.19 20.32 71.83
CA VAL E 1092 -41.33 20.97 70.85
C VAL E 1092 -42.17 21.65 69.78
N ALA E 1093 -43.17 20.94 69.25
CA ALA E 1093 -44.00 21.52 68.20
C ALA E 1093 -44.67 22.80 68.68
N LYS E 1094 -45.16 22.79 69.92
CA LYS E 1094 -45.85 23.96 70.47
C LYS E 1094 -44.90 25.15 70.56
N ARG E 1095 -43.77 24.95 71.24
CA ARG E 1095 -42.78 26.02 71.33
C ARG E 1095 -42.39 26.53 69.95
N LEU E 1096 -42.20 25.61 69.00
CA LEU E 1096 -41.81 25.99 67.65
C LEU E 1096 -42.84 26.91 67.02
N HIS E 1097 -44.09 26.45 66.93
CA HIS E 1097 -45.10 27.23 66.23
C HIS E 1097 -45.26 28.59 66.87
N ARG E 1098 -45.38 28.63 68.19
CA ARG E 1098 -45.62 29.91 68.84
C ARG E 1098 -44.44 30.86 68.64
N SER E 1099 -43.22 30.39 68.93
CA SER E 1099 -42.06 31.26 68.81
C SER E 1099 -41.89 31.75 67.39
N LEU E 1100 -42.08 30.87 66.40
CA LEU E 1100 -41.91 31.27 65.01
C LEU E 1100 -42.97 32.29 64.60
N LEU E 1101 -44.24 32.02 64.93
CA LEU E 1101 -45.30 32.95 64.59
C LEU E 1101 -45.02 34.33 65.18
N ASN E 1102 -44.60 34.36 66.45
CA ASN E 1102 -44.27 35.62 67.09
C ASN E 1102 -43.14 36.33 66.37
N ARG E 1103 -42.01 35.64 66.17
CA ARG E 1103 -40.85 36.30 65.59
C ARG E 1103 -41.16 36.76 64.16
N ILE E 1104 -42.04 36.04 63.46
CA ILE E 1104 -42.35 36.40 62.08
C ILE E 1104 -43.23 37.64 62.03
N ILE E 1105 -44.38 37.60 62.72
CA ILE E 1105 -45.27 38.75 62.68
C ILE E 1105 -44.54 40.01 63.14
N LEU E 1106 -43.62 39.87 64.08
CA LEU E 1106 -42.86 41.00 64.59
C LEU E 1106 -41.77 41.50 63.65
N ALA E 1107 -41.54 40.84 62.53
CA ALA E 1107 -40.50 41.30 61.63
C ALA E 1107 -40.95 42.59 60.94
N PRO E 1108 -40.04 43.50 60.62
CA PRO E 1108 -40.44 44.76 59.99
C PRO E 1108 -40.89 44.59 58.55
N MET E 1109 -41.25 45.70 57.91
CA MET E 1109 -41.79 45.64 56.56
C MET E 1109 -40.71 45.39 55.52
N ARG E 1110 -39.46 45.72 55.83
CA ARG E 1110 -38.37 45.46 54.89
C ARG E 1110 -38.30 43.98 54.56
N PHE E 1111 -38.50 43.11 55.56
CA PHE E 1111 -38.48 41.67 55.31
C PHE E 1111 -39.63 41.27 54.40
N PHE E 1112 -40.86 41.65 54.76
CA PHE E 1112 -42.02 41.24 53.97
C PHE E 1112 -41.92 41.72 52.53
N GLU E 1113 -41.51 42.98 52.33
CA GLU E 1113 -41.38 43.50 50.97
C GLU E 1113 -40.19 42.92 50.25
N THR E 1114 -39.18 42.45 50.99
CA THR E 1114 -38.03 41.83 50.35
C THR E 1114 -38.27 40.35 50.08
N THR E 1115 -38.61 39.59 51.11
CA THR E 1115 -38.83 38.16 51.00
C THR E 1115 -40.13 37.86 50.26
N PRO E 1116 -40.11 36.87 49.36
CA PRO E 1116 -41.36 36.42 48.73
C PRO E 1116 -42.23 35.66 49.72
N LEU E 1117 -43.54 35.87 49.63
CA LEU E 1117 -44.45 35.37 50.65
C LEU E 1117 -44.54 33.85 50.65
N GLY E 1118 -44.51 33.23 49.47
CA GLY E 1118 -44.65 31.79 49.40
C GLY E 1118 -43.64 31.06 50.26
N SER E 1119 -42.38 31.51 50.23
CA SER E 1119 -41.36 30.87 51.04
C SER E 1119 -41.69 30.95 52.52
N ILE E 1120 -41.69 32.17 53.07
CA ILE E 1120 -41.93 32.36 54.49
C ILE E 1120 -43.25 31.73 54.93
N LEU E 1121 -44.22 31.62 54.03
CA LEU E 1121 -45.50 30.96 54.29
C LEU E 1121 -45.37 29.46 54.39
N ASN E 1122 -44.52 28.87 53.55
CA ASN E 1122 -44.44 27.42 53.49
C ASN E 1122 -43.97 26.82 54.80
N ARG E 1123 -43.23 27.60 55.60
CA ARG E 1123 -42.68 27.07 56.84
C ARG E 1123 -43.76 26.86 57.88
N PHE E 1124 -44.84 27.63 57.79
CA PHE E 1124 -46.02 27.32 58.60
C PHE E 1124 -46.91 26.31 57.89
N SER E 1125 -46.97 26.40 56.56
CA SER E 1125 -47.90 25.59 55.79
C SER E 1125 -47.55 24.10 55.87
N SER E 1126 -46.35 23.75 55.40
CA SER E 1126 -45.94 22.36 55.28
C SER E 1126 -44.81 21.99 56.22
N ASP E 1127 -43.91 22.91 56.53
CA ASP E 1127 -42.77 22.57 57.37
C ASP E 1127 -43.20 22.31 58.81
N CYS E 1128 -44.02 23.19 59.37
CA CYS E 1128 -44.56 22.95 60.70
C CYS E 1128 -45.46 21.72 60.71
N ASN E 1129 -46.16 21.47 59.61
CA ASN E 1129 -46.95 20.25 59.47
C ASN E 1129 -46.07 19.02 59.57
N THR E 1130 -45.05 18.96 58.71
CA THR E 1130 -44.04 17.91 58.78
C THR E 1130 -43.59 17.70 60.21
N ILE E 1131 -43.14 18.77 60.87
CA ILE E 1131 -42.66 18.64 62.23
C ILE E 1131 -43.73 18.01 63.12
N ASP E 1132 -44.83 18.72 63.31
CA ASP E 1132 -45.75 18.41 64.37
C ASP E 1132 -46.56 17.15 64.13
N GLN E 1133 -46.49 16.55 62.94
CA GLN E 1133 -47.16 15.26 62.84
C GLN E 1133 -46.33 14.20 62.14
N HIS E 1134 -45.01 14.39 62.02
CA HIS E 1134 -44.17 13.30 61.58
C HIS E 1134 -42.86 13.17 62.34
N ILE E 1135 -42.42 14.17 63.10
CA ILE E 1135 -41.16 14.03 63.81
C ILE E 1135 -41.24 12.88 64.81
N PRO E 1136 -42.20 12.84 65.73
CA PRO E 1136 -42.18 11.76 66.73
C PRO E 1136 -42.14 10.38 66.12
N SER E 1137 -42.87 10.16 65.03
CA SER E 1137 -42.85 8.88 64.36
C SER E 1137 -41.42 8.53 63.93
N THR E 1138 -40.78 9.43 63.20
CA THR E 1138 -39.43 9.15 62.71
C THR E 1138 -38.44 9.02 63.85
N LEU E 1139 -38.56 9.86 64.87
CA LEU E 1139 -37.65 9.83 65.99
C LEU E 1139 -37.74 8.51 66.74
N GLU E 1140 -38.95 8.02 67.01
CA GLU E 1140 -39.08 6.73 67.69
C GLU E 1140 -38.62 5.60 66.80
N CYS E 1141 -38.92 5.65 65.50
CA CYS E 1141 -38.40 4.63 64.59
C CYS E 1141 -36.88 4.57 64.69
N LEU E 1142 -36.22 5.71 64.49
CA LEU E 1142 -34.77 5.78 64.57
C LEU E 1142 -34.26 5.32 65.94
N SER E 1143 -34.93 5.74 67.00
CA SER E 1143 -34.45 5.45 68.34
C SER E 1143 -34.48 3.95 68.62
N ARG E 1144 -35.66 3.33 68.48
CA ARG E 1144 -35.74 1.90 68.65
C ARG E 1144 -34.82 1.15 67.71
N SER E 1145 -34.73 1.57 66.44
CA SER E 1145 -33.88 0.86 65.49
C SER E 1145 -32.43 0.89 65.94
N THR E 1146 -31.90 2.09 66.18
CA THR E 1146 -30.47 2.20 66.49
C THR E 1146 -30.15 1.57 67.84
N LEU E 1147 -31.11 1.59 68.78
CA LEU E 1147 -30.77 1.05 70.09
C LEU E 1147 -30.85 -0.46 70.09
N LEU E 1148 -31.90 -1.05 69.49
CA LEU E 1148 -31.89 -2.49 69.27
C LEU E 1148 -30.64 -2.91 68.51
N CYS E 1149 -30.24 -2.11 67.52
CA CYS E 1149 -29.03 -2.41 66.76
C CYS E 1149 -27.83 -2.51 67.67
N VAL E 1150 -27.43 -1.38 68.26
CA VAL E 1150 -26.21 -1.33 69.07
C VAL E 1150 -26.24 -2.37 70.18
N SER E 1151 -27.40 -2.57 70.80
CA SER E 1151 -27.51 -3.60 71.80
C SER E 1151 -27.17 -4.98 71.23
N ALA E 1152 -27.81 -5.37 70.12
CA ALA E 1152 -27.54 -6.69 69.56
C ALA E 1152 -26.09 -6.80 69.10
N LEU E 1153 -25.52 -5.71 68.60
CA LEU E 1153 -24.10 -5.70 68.28
C LEU E 1153 -23.26 -6.07 69.49
N ALA E 1154 -23.44 -5.35 70.59
CA ALA E 1154 -22.69 -5.63 71.81
C ALA E 1154 -22.91 -7.07 72.25
N VAL E 1155 -24.13 -7.57 72.10
CA VAL E 1155 -24.44 -8.88 72.63
C VAL E 1155 -23.81 -9.98 71.79
N ILE E 1156 -23.88 -9.85 70.46
CA ILE E 1156 -23.26 -10.86 69.61
C ILE E 1156 -21.76 -10.81 69.75
N SER E 1157 -21.22 -9.62 70.04
CA SER E 1157 -19.82 -9.53 70.40
C SER E 1157 -19.54 -10.32 71.68
N TYR E 1158 -20.44 -10.22 72.66
CA TYR E 1158 -20.19 -10.82 73.97
C TYR E 1158 -20.29 -12.34 73.90
N VAL E 1159 -21.35 -12.86 73.26
CA VAL E 1159 -21.60 -14.29 73.26
C VAL E 1159 -20.54 -15.03 72.47
N THR E 1160 -19.95 -14.38 71.48
CA THR E 1160 -18.75 -14.87 70.81
C THR E 1160 -17.73 -13.75 70.72
N PRO E 1161 -16.79 -13.70 71.66
CA PRO E 1161 -15.78 -12.64 71.64
C PRO E 1161 -14.93 -12.67 70.38
N VAL E 1162 -15.05 -13.75 69.60
CA VAL E 1162 -14.35 -13.81 68.33
C VAL E 1162 -14.95 -12.84 67.34
N PHE E 1163 -16.26 -12.59 67.44
CA PHE E 1163 -16.96 -11.85 66.39
C PHE E 1163 -16.46 -10.43 66.21
N LEU E 1164 -15.85 -9.84 67.24
CA LEU E 1164 -15.48 -8.43 67.16
C LEU E 1164 -14.52 -8.17 66.02
N VAL E 1165 -13.61 -9.12 65.77
CA VAL E 1165 -12.61 -8.96 64.72
C VAL E 1165 -13.27 -8.90 63.36
N ALA E 1166 -14.33 -9.68 63.16
CA ALA E 1166 -15.10 -9.59 61.92
C ALA E 1166 -15.90 -8.30 61.89
N LEU E 1167 -16.40 -7.88 63.03
CA LEU E 1167 -17.25 -6.70 63.09
C LEU E 1167 -16.50 -5.45 62.68
N LEU E 1168 -15.25 -5.32 63.10
CA LEU E 1168 -14.51 -4.07 62.91
C LEU E 1168 -14.41 -3.61 61.45
N PRO E 1169 -14.03 -4.46 60.48
CA PRO E 1169 -13.93 -3.97 59.10
C PRO E 1169 -15.29 -3.68 58.49
N LEU E 1170 -16.27 -4.49 58.89
CA LEU E 1170 -17.62 -4.32 58.37
C LEU E 1170 -18.17 -2.95 58.73
N ALA E 1171 -17.93 -2.50 59.96
CA ALA E 1171 -18.36 -1.17 60.36
C ALA E 1171 -17.70 -0.09 59.52
N ILE E 1172 -16.42 -0.27 59.20
CA ILE E 1172 -15.71 0.69 58.37
C ILE E 1172 -16.32 0.75 56.98
N VAL E 1173 -16.60 -0.42 56.41
CA VAL E 1173 -17.24 -0.48 55.10
C VAL E 1173 -18.59 0.23 55.14
N CYS E 1174 -19.39 -0.10 56.15
CA CYS E 1174 -20.67 0.59 56.35
C CYS E 1174 -20.48 2.10 56.37
N TYR E 1175 -19.58 2.60 57.22
CA TYR E 1175 -19.36 4.03 57.35
C TYR E 1175 -19.01 4.66 56.02
N PHE E 1176 -18.08 4.07 55.28
CA PHE E 1176 -17.62 4.68 54.05
C PHE E 1176 -18.70 4.68 52.98
N ILE E 1177 -19.37 3.53 52.78
CA ILE E 1177 -20.35 3.52 51.70
C ILE E 1177 -21.60 4.32 52.07
N GLN E 1178 -21.91 4.45 53.37
CA GLN E 1178 -23.06 5.27 53.72
C GLN E 1178 -22.75 6.75 53.57
N LYS E 1179 -21.52 7.17 53.89
CA LYS E 1179 -21.13 8.55 53.61
C LYS E 1179 -21.17 8.82 52.11
N TYR E 1180 -20.74 7.83 51.32
CA TYR E 1180 -20.86 7.92 49.88
C TYR E 1180 -22.31 8.12 49.46
N PHE E 1181 -23.21 7.26 49.93
CA PHE E 1181 -24.61 7.42 49.55
C PHE E 1181 -25.17 8.75 50.02
N ARG E 1182 -24.74 9.24 51.18
CA ARG E 1182 -25.30 10.49 51.66
C ARG E 1182 -24.81 11.67 50.83
N VAL E 1183 -23.56 11.63 50.38
CA VAL E 1183 -23.08 12.70 49.52
C VAL E 1183 -23.77 12.65 48.16
N ALA E 1184 -24.26 11.47 47.79
CA ALA E 1184 -25.15 11.43 46.63
C ALA E 1184 -26.55 11.96 46.93
N SER E 1185 -27.10 11.58 48.09
CA SER E 1185 -28.51 11.82 48.33
C SER E 1185 -28.79 13.26 48.71
N ARG E 1186 -27.78 13.98 49.22
CA ARG E 1186 -27.98 15.40 49.48
C ARG E 1186 -28.25 16.16 48.19
N ASP E 1187 -27.36 16.00 47.21
CA ASP E 1187 -27.59 16.58 45.89
C ASP E 1187 -28.92 16.09 45.32
N LEU E 1188 -29.23 14.81 45.51
CA LEU E 1188 -30.49 14.29 44.99
C LEU E 1188 -31.68 15.04 45.60
N GLN E 1189 -31.74 15.12 46.93
CA GLN E 1189 -32.91 15.68 47.59
C GLN E 1189 -33.04 17.16 47.31
N GLN E 1190 -31.91 17.86 47.18
CA GLN E 1190 -31.96 19.24 46.70
C GLN E 1190 -32.61 19.32 45.33
N LEU E 1191 -32.21 18.42 44.43
CA LEU E 1191 -32.82 18.38 43.09
C LEU E 1191 -34.32 18.10 43.18
N ASP E 1192 -34.71 17.22 44.09
CA ASP E 1192 -36.12 16.91 44.25
C ASP E 1192 -36.90 18.14 44.72
N ASP E 1193 -36.37 18.86 45.69
CA ASP E 1193 -36.98 20.12 46.13
C ASP E 1193 -37.14 21.09 44.96
N THR E 1194 -36.06 21.31 44.20
CA THR E 1194 -36.10 22.36 43.20
C THR E 1194 -36.91 21.93 41.98
N THR E 1195 -37.16 20.63 41.83
CA THR E 1195 -38.05 20.16 40.78
C THR E 1195 -39.49 20.11 41.27
N GLN E 1196 -39.70 20.11 42.58
CA GLN E 1196 -41.04 20.08 43.14
C GLN E 1196 -41.65 21.48 43.24
N LEU E 1197 -40.84 22.50 43.49
CA LEU E 1197 -41.38 23.86 43.61
C LEU E 1197 -42.17 24.34 42.40
N PRO E 1198 -41.67 24.20 41.17
CA PRO E 1198 -42.45 24.71 40.02
C PRO E 1198 -43.82 24.10 39.89
N LEU E 1199 -44.06 22.92 40.45
CA LEU E 1199 -45.41 22.38 40.47
C LEU E 1199 -46.36 23.33 41.17
N LEU E 1200 -46.05 23.65 42.43
CA LEU E 1200 -46.89 24.56 43.19
C LEU E 1200 -46.93 25.94 42.54
N SER E 1201 -45.80 26.38 41.99
CA SER E 1201 -45.79 27.67 41.32
C SER E 1201 -46.78 27.70 40.15
N HIS E 1202 -46.71 26.71 39.27
CA HIS E 1202 -47.62 26.67 38.14
C HIS E 1202 -49.06 26.48 38.57
N PHE E 1203 -49.29 25.80 39.68
CA PHE E 1203 -50.66 25.65 40.16
C PHE E 1203 -51.21 26.98 40.65
N ALA E 1204 -50.42 27.71 41.44
CA ALA E 1204 -50.82 29.03 41.87
C ALA E 1204 -51.11 29.91 40.66
N GLU E 1205 -50.26 29.84 39.64
CA GLU E 1205 -50.49 30.60 38.42
C GLU E 1205 -51.79 30.18 37.77
N THR E 1206 -52.00 28.87 37.64
CA THR E 1206 -53.17 28.34 36.97
C THR E 1206 -54.45 28.85 37.60
N VAL E 1207 -54.52 28.83 38.92
CA VAL E 1207 -55.75 29.24 39.60
C VAL E 1207 -55.87 30.75 39.60
N GLU E 1208 -54.78 31.46 39.93
CA GLU E 1208 -54.86 32.90 40.11
C GLU E 1208 -55.11 33.61 38.78
N GLY E 1209 -54.65 33.03 37.69
CA GLY E 1209 -54.89 33.61 36.38
C GLY E 1209 -55.69 32.71 35.47
N LEU E 1210 -56.69 32.05 36.04
CA LEU E 1210 -57.44 31.05 35.30
C LEU E 1210 -58.35 31.66 34.24
N THR E 1211 -58.99 32.79 34.58
CA THR E 1211 -59.85 33.48 33.64
C THR E 1211 -59.08 33.94 32.41
N THR E 1212 -57.89 34.51 32.60
CA THR E 1212 -57.08 34.95 31.47
C THR E 1212 -56.74 33.77 30.57
N ILE E 1213 -56.32 32.66 31.16
CA ILE E 1213 -55.94 31.49 30.36
C ILE E 1213 -57.13 31.00 29.54
N ARG E 1214 -58.29 30.83 30.19
CA ARG E 1214 -59.48 30.48 29.43
C ARG E 1214 -59.77 31.47 28.31
N ALA E 1215 -59.55 32.77 28.56
CA ALA E 1215 -59.77 33.77 27.51
C ALA E 1215 -58.85 33.52 26.32
N PHE E 1216 -57.55 33.44 26.57
CA PHE E 1216 -56.59 33.22 25.49
C PHE E 1216 -56.77 31.86 24.82
N ARG E 1217 -57.53 30.94 25.43
CA ARG E 1217 -57.88 29.67 24.82
C ARG E 1217 -56.65 28.80 24.58
N TYR E 1218 -55.58 29.06 25.33
CA TYR E 1218 -54.34 28.32 25.17
C TYR E 1218 -54.22 27.17 26.15
N GLU E 1219 -55.35 26.64 26.63
CA GLU E 1219 -55.32 25.67 27.71
C GLU E 1219 -54.39 24.50 27.42
N ALA E 1220 -54.37 24.01 26.18
CA ALA E 1220 -53.50 22.89 25.85
C ALA E 1220 -52.04 23.22 26.14
N ARG E 1221 -51.66 24.48 25.96
CA ARG E 1221 -50.28 24.86 26.18
C ARG E 1221 -49.88 24.67 27.64
N PHE E 1222 -50.66 25.24 28.56
CA PHE E 1222 -50.31 25.09 29.97
C PHE E 1222 -50.53 23.65 30.43
N GLN E 1223 -51.44 22.93 29.79
CA GLN E 1223 -51.56 21.50 30.06
C GLN E 1223 -50.27 20.77 29.73
N GLN E 1224 -49.69 21.07 28.57
CA GLN E 1224 -48.42 20.44 28.21
C GLN E 1224 -47.32 20.85 29.17
N LYS E 1225 -47.28 22.13 29.53
CA LYS E 1225 -46.27 22.62 30.47
C LYS E 1225 -46.35 21.86 31.80
N LEU E 1226 -47.57 21.66 32.32
CA LEU E 1226 -47.69 20.94 33.57
C LEU E 1226 -47.34 19.47 33.40
N LEU E 1227 -47.78 18.85 32.31
CA LEU E 1227 -47.32 17.49 32.04
C LEU E 1227 -45.81 17.40 32.13
N GLU E 1228 -45.10 18.35 31.54
CA GLU E 1228 -43.65 18.35 31.62
C GLU E 1228 -43.17 18.48 33.06
N TYR E 1229 -43.75 19.42 33.80
CA TYR E 1229 -43.38 19.62 35.20
C TYR E 1229 -43.55 18.33 36.00
N THR E 1230 -44.70 17.67 35.84
CA THR E 1230 -44.98 16.45 36.56
C THR E 1230 -43.99 15.37 36.19
N ASP E 1231 -43.74 15.21 34.89
CA ASP E 1231 -42.73 14.27 34.44
C ASP E 1231 -41.39 14.55 35.11
N SER E 1232 -41.05 15.83 35.25
CA SER E 1232 -39.80 16.20 35.88
C SER E 1232 -39.75 15.74 37.32
N ASN E 1233 -40.79 16.06 38.09
CA ASN E 1233 -40.85 15.61 39.48
C ASN E 1233 -40.77 14.09 39.56
N ASN E 1234 -41.45 13.41 38.63
CA ASN E 1234 -41.46 11.96 38.66
C ASN E 1234 -40.07 11.39 38.45
N ILE E 1235 -39.34 11.93 37.47
CA ILE E 1235 -38.01 11.42 37.20
C ILE E 1235 -37.08 11.72 38.37
N ALA E 1236 -37.23 12.89 38.99
CA ALA E 1236 -36.44 13.19 40.18
C ALA E 1236 -36.72 12.16 41.28
N SER E 1237 -38.00 11.88 41.52
CA SER E 1237 -38.35 10.91 42.55
C SER E 1237 -37.82 9.53 42.21
N LEU E 1238 -37.78 9.18 40.93
CA LEU E 1238 -37.25 7.87 40.55
C LEU E 1238 -35.75 7.82 40.79
N PHE E 1239 -35.05 8.91 40.53
CA PHE E 1239 -33.66 9.02 40.99
C PHE E 1239 -33.56 8.70 42.47
N LEU E 1240 -34.36 9.40 43.27
CA LEU E 1240 -34.36 9.19 44.71
C LEU E 1240 -34.53 7.72 45.06
N THR E 1241 -35.53 7.09 44.46
CA THR E 1241 -35.86 5.73 44.81
C THR E 1241 -34.76 4.77 44.41
N ALA E 1242 -34.25 4.91 43.19
CA ALA E 1242 -33.15 4.07 42.74
C ALA E 1242 -31.98 4.13 43.71
N ALA E 1243 -31.58 5.35 44.07
CA ALA E 1243 -30.48 5.49 45.01
C ALA E 1243 -30.80 4.83 46.35
N ASN E 1244 -31.99 5.10 46.88
CA ASN E 1244 -32.37 4.57 48.18
C ASN E 1244 -32.36 3.06 48.19
N ARG E 1245 -32.88 2.46 47.12
CA ARG E 1245 -32.95 1.01 47.05
C ARG E 1245 -31.58 0.40 46.86
N TRP E 1246 -30.69 1.07 46.14
CA TRP E 1246 -29.33 0.56 45.99
C TRP E 1246 -28.64 0.50 47.34
N LEU E 1247 -28.73 1.59 48.11
CA LEU E 1247 -28.14 1.56 49.45
C LEU E 1247 -28.83 0.52 50.32
N GLU E 1248 -30.15 0.41 50.18
CA GLU E 1248 -30.90 -0.60 50.90
C GLU E 1248 -30.31 -1.98 50.68
N VAL E 1249 -30.11 -2.32 49.40
CA VAL E 1249 -29.57 -3.63 49.02
C VAL E 1249 -28.19 -3.83 49.64
N ARG E 1250 -27.32 -2.84 49.50
CA ARG E 1250 -25.96 -2.99 49.97
C ARG E 1250 -25.92 -3.21 51.49
N MET E 1251 -26.64 -2.37 52.22
CA MET E 1251 -26.67 -2.51 53.68
C MET E 1251 -27.26 -3.86 54.08
N GLU E 1252 -28.25 -4.32 53.33
CA GLU E 1252 -28.84 -5.61 53.63
C GLU E 1252 -27.82 -6.72 53.48
N TYR E 1253 -27.02 -6.67 52.41
CA TYR E 1253 -26.03 -7.71 52.22
C TYR E 1253 -24.96 -7.67 53.29
N ILE E 1254 -24.63 -6.47 53.76
CA ILE E 1254 -23.79 -6.36 54.96
C ILE E 1254 -24.41 -7.14 56.11
N GLY E 1255 -25.69 -6.90 56.36
CA GLY E 1255 -26.35 -7.58 57.47
C GLY E 1255 -26.35 -9.08 57.32
N ALA E 1256 -26.54 -9.56 56.10
CA ALA E 1256 -26.54 -11.00 55.86
C ALA E 1256 -25.16 -11.59 56.13
N CYS E 1257 -24.11 -10.88 55.71
CA CYS E 1257 -22.76 -11.32 56.03
C CYS E 1257 -22.55 -11.39 57.53
N VAL E 1258 -23.08 -10.40 58.25
CA VAL E 1258 -23.01 -10.40 59.71
C VAL E 1258 -23.64 -11.66 60.28
N VAL E 1259 -24.87 -11.95 59.85
CA VAL E 1259 -25.58 -13.13 60.33
C VAL E 1259 -24.73 -14.37 60.10
N LEU E 1260 -24.21 -14.51 58.88
CA LEU E 1260 -23.46 -15.72 58.55
C LEU E 1260 -22.23 -15.86 59.42
N ILE E 1261 -21.46 -14.80 59.56
CA ILE E 1261 -20.27 -14.83 60.40
C ILE E 1261 -20.63 -15.28 61.80
N ALA E 1262 -21.63 -14.63 62.39
CA ALA E 1262 -22.00 -14.96 63.77
C ALA E 1262 -22.38 -16.43 63.90
N ALA E 1263 -23.23 -16.91 62.98
CA ALA E 1263 -23.69 -18.30 63.06
C ALA E 1263 -22.53 -19.26 62.97
N VAL E 1264 -21.66 -19.07 61.98
CA VAL E 1264 -20.54 -19.98 61.77
C VAL E 1264 -19.63 -19.99 62.98
N THR E 1265 -19.22 -18.80 63.43
CA THR E 1265 -18.32 -18.70 64.57
C THR E 1265 -18.91 -19.40 65.78
N SER E 1266 -20.18 -19.10 66.07
CA SER E 1266 -20.81 -19.65 67.25
C SER E 1266 -20.88 -21.17 67.18
N ILE E 1267 -21.27 -21.71 66.03
CA ILE E 1267 -21.39 -23.15 65.89
C ILE E 1267 -20.04 -23.82 66.10
N SER E 1268 -19.03 -23.38 65.34
CA SER E 1268 -17.69 -23.93 65.50
C SER E 1268 -17.25 -23.91 66.95
N ASN E 1269 -17.24 -22.73 67.55
CA ASN E 1269 -16.79 -22.61 68.94
C ASN E 1269 -17.57 -23.56 69.85
N SER E 1270 -18.89 -23.45 69.85
CA SER E 1270 -19.71 -24.21 70.79
C SER E 1270 -19.45 -25.70 70.67
N LEU E 1271 -19.70 -26.27 69.50
CA LEU E 1271 -19.59 -27.73 69.42
C LEU E 1271 -18.15 -28.18 69.63
N HIS E 1272 -17.18 -27.31 69.34
CA HIS E 1272 -15.80 -27.67 69.64
C HIS E 1272 -15.45 -27.29 71.08
N ARG E 1273 -15.72 -26.06 71.46
CA ARG E 1273 -15.43 -25.55 72.79
C ARG E 1273 -16.76 -25.16 73.44
N GLU E 1274 -17.30 -26.06 74.24
CA GLU E 1274 -18.68 -25.95 74.72
C GLU E 1274 -18.92 -24.59 75.39
N LEU E 1275 -20.07 -23.98 75.08
CA LEU E 1275 -20.38 -22.68 75.64
C LEU E 1275 -21.87 -22.47 75.93
N SER E 1276 -22.62 -23.49 76.31
CA SER E 1276 -24.05 -23.32 76.57
C SER E 1276 -24.79 -22.84 75.32
N ALA E 1277 -24.92 -23.75 74.34
CA ALA E 1277 -25.44 -23.44 73.00
C ALA E 1277 -26.70 -22.60 73.01
N GLY E 1278 -27.44 -22.57 74.12
CA GLY E 1278 -28.47 -21.55 74.25
C GLY E 1278 -27.94 -20.17 73.91
N LEU E 1279 -26.72 -19.88 74.36
CA LEU E 1279 -26.06 -18.63 73.98
C LEU E 1279 -25.82 -18.57 72.48
N VAL E 1280 -25.56 -19.72 71.83
CA VAL E 1280 -25.35 -19.73 70.39
C VAL E 1280 -26.62 -19.30 69.67
N GLY E 1281 -27.73 -19.97 69.98
CA GLY E 1281 -29.01 -19.54 69.44
C GLY E 1281 -29.27 -18.07 69.69
N LEU E 1282 -28.92 -17.61 70.90
CA LEU E 1282 -29.14 -16.22 71.25
C LEU E 1282 -28.37 -15.28 70.34
N GLY E 1283 -27.07 -15.52 70.18
CA GLY E 1283 -26.27 -14.68 69.32
C GLY E 1283 -26.76 -14.69 67.89
N LEU E 1284 -27.15 -15.87 67.39
CA LEU E 1284 -27.53 -15.94 65.98
C LEU E 1284 -28.88 -15.28 65.73
N THR E 1285 -29.80 -15.39 66.69
CA THR E 1285 -31.06 -14.67 66.54
C THR E 1285 -30.84 -13.17 66.67
N TYR E 1286 -29.82 -12.74 67.42
CA TYR E 1286 -29.54 -11.32 67.42
C TYR E 1286 -28.87 -10.90 66.12
N ALA E 1287 -28.17 -11.83 65.46
CA ALA E 1287 -27.69 -11.54 64.11
C ALA E 1287 -28.85 -11.33 63.16
N LEU E 1288 -29.85 -12.22 63.22
CA LEU E 1288 -31.09 -11.98 62.49
C LEU E 1288 -31.70 -10.63 62.86
N MET E 1289 -31.72 -10.33 64.16
CA MET E 1289 -32.23 -9.05 64.66
C MET E 1289 -31.55 -7.89 63.91
N VAL E 1290 -30.23 -7.91 63.89
CA VAL E 1290 -29.48 -6.83 63.24
C VAL E 1290 -29.79 -6.80 61.74
N SER E 1291 -29.69 -7.96 61.08
CA SER E 1291 -29.97 -8.01 59.65
C SER E 1291 -31.34 -7.44 59.33
N ASN E 1292 -32.27 -7.54 60.28
CA ASN E 1292 -33.58 -6.93 60.11
C ASN E 1292 -33.50 -5.42 60.31
N TYR E 1293 -33.03 -4.99 61.46
CA TYR E 1293 -33.33 -3.62 61.90
C TYR E 1293 -32.24 -2.63 61.52
N LEU E 1294 -31.07 -3.09 61.08
CA LEU E 1294 -29.98 -2.21 60.72
C LEU E 1294 -30.36 -1.33 59.54
N ASN E 1295 -31.03 -1.92 58.56
CA ASN E 1295 -31.42 -1.17 57.38
C ASN E 1295 -32.49 -0.14 57.72
N TRP E 1296 -33.42 -0.51 58.61
CA TRP E 1296 -34.34 0.49 59.12
C TRP E 1296 -33.60 1.61 59.84
N MET E 1297 -32.57 1.26 60.60
CA MET E 1297 -31.78 2.27 61.30
C MET E 1297 -31.24 3.29 60.31
N VAL E 1298 -30.65 2.80 59.23
CA VAL E 1298 -30.09 3.70 58.23
C VAL E 1298 -31.19 4.54 57.58
N ARG E 1299 -32.28 3.91 57.14
CA ARG E 1299 -33.32 4.65 56.44
C ARG E 1299 -33.94 5.71 57.35
N ASN E 1300 -34.13 5.38 58.62
CA ASN E 1300 -34.69 6.35 59.56
C ASN E 1300 -33.69 7.46 59.85
N LEU E 1301 -32.40 7.14 59.86
CA LEU E 1301 -31.40 8.18 59.95
C LEU E 1301 -31.53 9.16 58.80
N ALA E 1302 -31.71 8.65 57.59
CA ALA E 1302 -31.85 9.53 56.42
C ALA E 1302 -33.11 10.39 56.53
N ASP E 1303 -34.24 9.76 56.84
CA ASP E 1303 -35.50 10.50 56.87
C ASP E 1303 -35.50 11.54 57.98
N MET E 1304 -34.97 11.20 59.16
CA MET E 1304 -34.86 12.16 60.23
C MET E 1304 -33.84 13.24 59.90
N GLU E 1305 -32.80 12.92 59.13
CA GLU E 1305 -31.90 13.96 58.64
C GLU E 1305 -32.67 14.99 57.82
N LEU E 1306 -33.53 14.51 56.92
CA LEU E 1306 -34.41 15.42 56.18
C LEU E 1306 -35.24 16.27 57.12
N GLN E 1307 -35.92 15.62 58.07
CA GLN E 1307 -36.85 16.32 58.94
C GLN E 1307 -36.13 17.36 59.80
N LEU E 1308 -34.94 17.03 60.29
CA LEU E 1308 -34.17 17.96 61.08
C LEU E 1308 -33.57 19.08 60.23
N GLY E 1309 -33.29 18.82 58.96
CA GLY E 1309 -32.95 19.92 58.07
C GLY E 1309 -34.09 20.89 57.92
N ALA E 1310 -35.32 20.37 57.85
CA ALA E 1310 -36.49 21.25 57.81
C ALA E 1310 -36.60 22.06 59.11
N VAL E 1311 -36.38 21.40 60.25
CA VAL E 1311 -36.42 22.09 61.53
C VAL E 1311 -35.37 23.19 61.58
N LYS E 1312 -34.16 22.89 61.09
CA LYS E 1312 -33.12 23.91 61.04
C LYS E 1312 -33.51 25.06 60.12
N ARG E 1313 -34.20 24.76 59.02
CA ARG E 1313 -34.69 25.84 58.17
C ARG E 1313 -35.62 26.77 58.93
N ILE E 1314 -36.64 26.19 59.56
CA ILE E 1314 -37.54 26.99 60.37
C ILE E 1314 -36.77 27.78 61.42
N HIS E 1315 -35.77 27.17 62.04
CA HIS E 1315 -35.07 27.86 63.12
C HIS E 1315 -34.20 28.99 62.58
N GLY E 1316 -33.50 28.76 61.48
CA GLY E 1316 -32.75 29.83 60.85
C GLY E 1316 -33.66 30.97 60.45
N LEU E 1317 -34.93 30.65 60.21
CA LEU E 1317 -35.92 31.72 60.07
C LEU E 1317 -36.34 32.31 61.42
N LEU E 1318 -36.20 31.57 62.51
CA LEU E 1318 -36.53 32.15 63.81
C LEU E 1318 -35.67 33.37 64.12
N LYS E 1319 -34.46 33.40 63.60
CA LYS E 1319 -33.66 34.62 63.69
C LYS E 1319 -34.36 35.76 62.96
N THR E 1320 -34.70 36.81 63.70
CA THR E 1320 -35.52 37.87 63.17
C THR E 1320 -34.87 39.22 63.48
N GLU E 1321 -35.21 40.21 62.66
CA GLU E 1321 -34.64 41.55 62.81
C GLU E 1321 -35.40 42.36 63.85
N ALA E 1322 -34.74 43.39 64.38
CA ALA E 1322 -35.30 44.23 65.44
C ALA E 1322 -36.33 45.19 64.85
N GLU E 1323 -37.55 45.13 65.37
CA GLU E 1323 -38.62 46.00 64.88
C GLU E 1323 -38.75 47.26 65.72
N SER E 1324 -38.24 47.24 66.95
CA SER E 1324 -38.21 48.41 67.84
C SER E 1324 -39.62 48.94 68.11
N TYR E 1325 -40.45 48.13 68.77
CA TYR E 1325 -41.81 48.57 69.07
C TYR E 1325 -41.83 49.67 70.13
N GLU E 1326 -41.05 49.50 71.20
CA GLU E 1326 -41.01 50.49 72.27
C GLU E 1326 -40.36 51.79 71.80
N GLY E 1327 -41.11 52.88 71.84
CA GLY E 1327 -40.55 54.20 71.58
C GLY E 1327 -40.06 54.87 72.85
N LEU E 1328 -39.00 55.67 72.74
CA LEU E 1328 -38.42 56.29 73.92
C LEU E 1328 -39.24 57.50 74.38
N LEU E 1329 -40.51 57.27 74.68
CA LEU E 1329 -41.38 58.33 75.20
C LEU E 1329 -42.35 57.72 76.20
N ALA E 1330 -42.70 58.52 77.20
CA ALA E 1330 -43.56 58.06 78.29
C ALA E 1330 -44.99 57.97 77.81
N PRO E 1331 -45.70 56.87 78.08
CA PRO E 1331 -47.15 56.87 77.80
C PRO E 1331 -47.91 57.74 78.78
N SER E 1332 -47.34 57.97 79.97
CA SER E 1332 -47.97 58.86 80.93
C SER E 1332 -47.83 60.31 80.49
N LEU E 1333 -46.71 60.65 79.84
CA LEU E 1333 -46.58 61.99 79.27
C LEU E 1333 -47.57 62.19 78.14
N ILE E 1334 -48.10 61.11 77.59
CA ILE E 1334 -49.05 61.18 76.48
C ILE E 1334 -50.47 61.15 77.03
N PRO E 1335 -51.32 62.13 76.72
CA PRO E 1335 -52.73 62.04 77.14
C PRO E 1335 -53.53 61.08 76.28
N LYS E 1336 -54.70 60.70 76.80
CA LYS E 1336 -55.51 59.67 76.15
C LYS E 1336 -55.92 60.09 74.76
N ASN E 1337 -56.80 61.08 74.66
CA ASN E 1337 -57.16 61.65 73.36
C ASN E 1337 -56.08 62.61 72.90
N TRP E 1338 -54.89 62.04 72.71
CA TRP E 1338 -53.71 62.88 72.47
C TRP E 1338 -53.82 63.70 71.20
N PRO E 1339 -53.93 63.11 69.99
CA PRO E 1339 -53.83 63.93 68.79
C PRO E 1339 -55.04 64.83 68.62
N ASP E 1340 -55.18 65.80 69.53
CA ASP E 1340 -56.36 66.66 69.60
C ASP E 1340 -56.42 67.64 68.45
N GLN E 1341 -55.42 68.52 68.35
CA GLN E 1341 -55.41 69.49 67.25
C GLN E 1341 -55.08 68.81 65.93
N GLY E 1342 -53.91 68.18 65.85
CA GLY E 1342 -53.49 67.52 64.64
C GLY E 1342 -52.61 68.41 63.78
N LYS E 1343 -52.09 69.48 64.37
CA LYS E 1343 -51.17 70.35 63.65
C LYS E 1343 -49.87 69.60 63.38
N ILE E 1344 -49.40 69.66 62.14
CA ILE E 1344 -48.26 68.88 61.69
C ILE E 1344 -47.26 69.82 61.05
N GLN E 1345 -46.02 69.78 61.53
CA GLN E 1345 -44.93 70.55 60.97
C GLN E 1345 -43.79 69.60 60.64
N ILE E 1346 -43.50 69.41 59.35
CA ILE E 1346 -42.37 68.62 58.91
C ILE E 1346 -41.29 69.60 58.49
N GLN E 1347 -40.03 69.16 58.51
CA GLN E 1347 -38.91 70.00 58.08
C GLN E 1347 -37.71 69.11 57.79
N ASN E 1348 -37.06 69.35 56.65
CA ASN E 1348 -35.92 68.59 56.15
C ASN E 1348 -36.15 67.10 56.20
N LEU E 1349 -37.41 66.66 56.09
CA LEU E 1349 -37.76 65.26 56.20
C LEU E 1349 -37.12 64.50 55.04
N SER E 1350 -36.11 63.68 55.35
CA SER E 1350 -35.37 62.93 54.35
C SER E 1350 -35.49 61.44 54.66
N VAL E 1351 -36.16 60.71 53.76
CA VAL E 1351 -36.55 59.33 54.01
C VAL E 1351 -35.90 58.43 52.95
N ARG E 1352 -36.00 57.14 53.20
CA ARG E 1352 -35.58 56.10 52.27
C ARG E 1352 -36.04 54.77 52.83
N TYR E 1353 -36.41 53.85 51.94
CA TYR E 1353 -37.00 52.59 52.38
C TYR E 1353 -36.00 51.75 53.17
N ASP E 1354 -34.83 51.49 52.58
CA ASP E 1354 -33.73 50.84 53.28
C ASP E 1354 -32.53 51.75 53.21
N SER E 1355 -31.46 51.36 53.91
CA SER E 1355 -30.26 52.18 53.94
C SER E 1355 -29.56 52.17 52.58
N SER E 1356 -29.63 51.05 51.86
CA SER E 1356 -28.91 50.93 50.60
C SER E 1356 -29.54 51.78 49.51
N LEU E 1357 -30.87 51.92 49.53
CA LEU E 1357 -31.53 52.66 48.48
C LEU E 1357 -31.36 54.17 48.68
N LYS E 1358 -31.28 54.88 47.57
CA LYS E 1358 -31.13 56.32 47.59
C LYS E 1358 -32.33 56.97 48.26
N PRO E 1359 -32.13 58.13 48.88
CA PRO E 1359 -33.26 58.83 49.51
C PRO E 1359 -34.36 59.15 48.51
N VAL E 1360 -35.59 58.83 48.88
CA VAL E 1360 -36.73 58.90 47.97
C VAL E 1360 -37.48 60.20 48.17
N LEU E 1361 -37.26 60.86 49.30
CA LEU E 1361 -37.91 62.13 49.61
C LEU E 1361 -37.05 62.88 50.62
N LYS E 1362 -36.66 64.11 50.28
CA LYS E 1362 -35.70 64.83 51.09
C LYS E 1362 -36.02 66.32 51.12
N HIS E 1363 -35.53 66.99 52.15
CA HIS E 1363 -35.51 68.44 52.27
C HIS E 1363 -36.90 69.04 52.08
N VAL E 1364 -37.85 68.46 52.80
CA VAL E 1364 -39.25 68.86 52.70
C VAL E 1364 -39.71 69.40 54.04
N ASN E 1365 -40.40 70.53 54.00
CA ASN E 1365 -40.93 71.17 55.19
C ASN E 1365 -42.36 71.64 54.95
N ALA E 1366 -43.19 71.50 55.97
CA ALA E 1366 -44.59 71.88 55.87
C ALA E 1366 -45.23 71.98 57.25
N LEU E 1367 -45.73 73.17 57.60
CA LEU E 1367 -46.55 73.35 58.78
C LEU E 1367 -47.99 73.17 58.33
N ILE E 1368 -48.66 72.17 58.88
CA ILE E 1368 -50.04 71.87 58.54
C ILE E 1368 -50.89 72.16 59.75
N ALA E 1369 -51.80 73.13 59.62
CA ALA E 1369 -52.71 73.50 60.67
C ALA E 1369 -53.80 72.44 60.76
N PRO E 1370 -54.78 72.57 61.67
CA PRO E 1370 -55.99 71.74 61.56
C PRO E 1370 -56.51 71.65 60.14
N GLY E 1371 -56.42 72.75 59.39
CA GLY E 1371 -56.47 72.70 57.93
C GLY E 1371 -57.37 71.64 57.37
N GLN E 1372 -58.68 71.75 57.62
CA GLN E 1372 -59.67 70.65 57.59
C GLN E 1372 -59.35 69.68 56.45
N LYS E 1373 -59.00 70.17 55.26
CA LYS E 1373 -58.64 69.31 54.14
C LYS E 1373 -57.54 69.99 53.33
N ILE E 1374 -56.36 69.40 53.34
CA ILE E 1374 -55.29 69.84 52.46
C ILE E 1374 -55.00 68.75 51.45
N GLY E 1375 -54.35 69.12 50.35
CA GLY E 1375 -54.15 68.16 49.28
C GLY E 1375 -52.71 67.95 48.86
N ILE E 1376 -52.36 66.70 48.55
CA ILE E 1376 -51.08 66.37 47.95
C ILE E 1376 -51.36 65.61 46.66
N CYS E 1377 -50.66 65.99 45.59
CA CYS E 1377 -50.85 65.35 44.30
C CYS E 1377 -49.51 65.33 43.56
N GLY E 1378 -49.56 64.91 42.31
CA GLY E 1378 -48.38 64.86 41.48
C GLY E 1378 -48.40 63.64 40.58
N ARG E 1379 -47.37 63.55 39.74
CA ARG E 1379 -47.17 62.39 38.90
C ARG E 1379 -46.66 61.22 39.74
N THR E 1380 -46.64 60.05 39.11
CA THR E 1380 -46.21 58.85 39.81
C THR E 1380 -44.75 58.96 40.24
N GLY E 1381 -44.38 58.10 41.18
CA GLY E 1381 -42.99 58.01 41.60
C GLY E 1381 -42.43 59.19 42.34
N SER E 1382 -43.18 60.30 42.43
CA SER E 1382 -42.70 61.47 43.15
C SER E 1382 -42.51 61.20 44.63
N GLY E 1383 -42.97 60.05 45.12
CA GLY E 1383 -42.84 59.73 46.53
C GLY E 1383 -44.04 60.14 47.38
N LYS E 1384 -45.21 60.29 46.78
CA LYS E 1384 -46.37 60.75 47.55
C LYS E 1384 -46.89 59.64 48.45
N SER E 1385 -46.94 58.41 47.96
CA SER E 1385 -47.26 57.29 48.85
C SER E 1385 -46.17 57.11 49.89
N SER E 1386 -44.92 57.33 49.51
CA SER E 1386 -43.82 57.31 50.47
C SER E 1386 -44.07 58.29 51.60
N PHE E 1387 -44.37 59.54 51.25
CA PHE E 1387 -44.64 60.54 52.29
C PHE E 1387 -45.87 60.19 53.09
N SER E 1388 -46.88 59.59 52.47
CA SER E 1388 -48.00 59.07 53.23
C SER E 1388 -47.50 58.11 54.31
N LEU E 1389 -46.62 57.19 53.93
CA LEU E 1389 -46.02 56.26 54.87
C LEU E 1389 -44.96 56.91 55.77
N ALA E 1390 -44.64 58.19 55.54
CA ALA E 1390 -43.69 58.87 56.41
C ALA E 1390 -44.26 59.11 57.80
N PHE E 1391 -45.58 59.14 57.93
CA PHE E 1391 -46.17 59.37 59.24
C PHE E 1391 -45.99 58.14 60.13
N PHE E 1392 -46.39 56.98 59.63
CA PHE E 1392 -46.40 55.75 60.40
C PHE E 1392 -45.02 55.13 60.54
N ARG E 1393 -43.97 55.86 60.19
CA ARG E 1393 -42.59 55.38 60.26
C ARG E 1393 -42.40 54.08 59.48
N MET E 1394 -43.21 53.88 58.45
CA MET E 1394 -42.98 52.78 57.51
C MET E 1394 -41.63 52.90 56.82
N VAL E 1395 -41.03 54.10 56.82
CA VAL E 1395 -39.83 54.38 56.06
C VAL E 1395 -38.72 54.77 57.03
N ASP E 1396 -37.47 54.65 56.57
CA ASP E 1396 -36.31 54.73 57.45
C ASP E 1396 -35.99 56.16 57.90
N THR E 1397 -36.52 57.18 57.21
CA THR E 1397 -36.42 58.60 57.60
C THR E 1397 -35.08 58.99 58.21
N PHE E 1398 -34.00 58.78 57.47
CA PHE E 1398 -32.66 58.91 58.05
C PHE E 1398 -32.37 60.34 58.51
N GLU E 1399 -32.76 61.35 57.74
CA GLU E 1399 -32.59 62.73 58.16
C GLU E 1399 -33.95 63.33 58.48
N GLY E 1400 -33.93 64.50 59.09
CA GLY E 1400 -35.15 65.23 59.37
C GLY E 1400 -36.06 64.57 60.38
N HIS E 1401 -37.20 65.20 60.65
CA HIS E 1401 -38.15 64.75 61.65
C HIS E 1401 -39.52 65.36 61.37
N ILE E 1402 -40.57 64.73 61.92
CA ILE E 1402 -41.93 65.24 61.85
C ILE E 1402 -42.44 65.46 63.26
N ILE E 1403 -43.19 66.54 63.45
CA ILE E 1403 -43.78 66.89 64.72
C ILE E 1403 -45.28 66.75 64.61
N ILE E 1404 -45.86 65.83 65.37
CA ILE E 1404 -47.29 65.86 65.57
C ILE E 1404 -47.44 66.73 66.82
N ASP E 1405 -48.60 67.36 66.98
CA ASP E 1405 -48.72 68.53 67.85
C ASP E 1405 -48.05 68.28 69.19
N GLY E 1406 -46.98 69.04 69.44
CA GLY E 1406 -46.22 68.92 70.65
C GLY E 1406 -44.96 68.07 70.56
N ILE E 1407 -44.87 67.14 69.61
CA ILE E 1407 -43.87 66.09 69.74
C ILE E 1407 -43.39 65.59 68.38
N ASP E 1408 -42.19 65.01 68.38
CA ASP E 1408 -41.53 64.35 67.28
C ASP E 1408 -42.22 63.02 66.96
N ILE E 1409 -41.63 62.28 66.02
CA ILE E 1409 -42.06 60.92 65.75
C ILE E 1409 -41.06 59.89 66.29
N ALA E 1410 -39.87 60.35 66.68
CA ALA E 1410 -38.76 59.44 66.96
C ALA E 1410 -38.88 58.67 68.27
N LYS E 1411 -39.93 58.93 69.06
CA LYS E 1411 -40.01 58.36 70.40
C LYS E 1411 -41.33 57.66 70.68
N LEU E 1412 -42.25 57.61 69.73
CA LEU E 1412 -43.48 56.98 70.16
C LEU E 1412 -43.40 55.46 70.05
N PRO E 1413 -44.16 54.75 70.88
CA PRO E 1413 -44.38 53.33 70.61
C PRO E 1413 -45.15 53.16 69.32
N LEU E 1414 -44.56 52.41 68.39
CA LEU E 1414 -45.13 52.29 67.05
C LEU E 1414 -46.57 51.78 67.10
N HIS E 1415 -46.85 50.87 68.04
CA HIS E 1415 -48.22 50.41 68.24
C HIS E 1415 -49.13 51.56 68.66
N THR E 1416 -48.72 52.31 69.70
CA THR E 1416 -49.45 53.51 70.06
C THR E 1416 -49.50 54.48 68.90
N LEU E 1417 -48.40 54.59 68.16
CA LEU E 1417 -48.34 55.47 67.00
C LEU E 1417 -49.51 55.21 66.06
N ARG E 1418 -49.60 53.99 65.53
CA ARG E 1418 -50.57 53.74 64.48
C ARG E 1418 -51.94 53.42 65.06
N SER E 1419 -52.01 53.24 66.38
CA SER E 1419 -53.29 52.96 67.01
C SER E 1419 -54.20 54.18 66.96
N ARG E 1420 -53.62 55.38 67.06
CA ARG E 1420 -54.37 56.62 67.17
C ARG E 1420 -54.44 57.39 65.86
N LEU E 1421 -54.08 56.77 64.75
CA LEU E 1421 -54.16 57.41 63.44
C LEU E 1421 -54.88 56.48 62.48
N SER E 1422 -54.86 56.84 61.19
CA SER E 1422 -55.53 56.07 60.16
C SER E 1422 -54.90 56.38 58.81
N ILE E 1423 -55.27 55.55 57.83
CA ILE E 1423 -54.79 55.67 56.46
C ILE E 1423 -55.71 54.83 55.57
N ILE E 1424 -55.86 55.23 54.31
CA ILE E 1424 -56.54 54.41 53.32
C ILE E 1424 -55.52 54.04 52.25
N LEU E 1425 -55.18 52.76 52.20
CA LEU E 1425 -54.23 52.26 51.22
C LEU E 1425 -54.73 52.50 49.81
N GLN E 1426 -53.78 52.68 48.89
CA GLN E 1426 -54.07 52.76 47.47
C GLN E 1426 -54.89 51.53 47.04
N ASP E 1427 -54.34 50.35 47.27
CA ASP E 1427 -55.00 49.12 46.86
C ASP E 1427 -55.99 48.67 47.91
N PRO E 1428 -57.13 48.08 47.52
CA PRO E 1428 -58.04 47.51 48.51
C PRO E 1428 -57.60 46.10 48.90
N VAL E 1429 -57.56 45.86 50.21
CA VAL E 1429 -57.24 44.55 50.77
C VAL E 1429 -58.31 44.24 51.80
N LEU E 1430 -58.83 43.01 51.78
CA LEU E 1430 -59.96 42.64 52.61
C LEU E 1430 -59.61 41.45 53.50
N PHE E 1431 -60.62 41.00 54.25
CA PHE E 1431 -60.47 39.94 55.22
C PHE E 1431 -61.59 38.92 55.06
N SER E 1432 -61.20 37.65 54.97
CA SER E 1432 -62.19 36.59 54.95
C SER E 1432 -62.96 36.58 56.26
N GLY E 1433 -64.24 36.91 56.19
CA GLY E 1433 -65.08 37.00 57.37
C GLY E 1433 -66.35 37.77 57.05
N THR E 1434 -66.85 38.47 58.04
CA THR E 1434 -68.07 39.24 57.90
C THR E 1434 -67.80 40.72 58.15
N ILE E 1435 -68.81 41.53 57.82
CA ILE E 1435 -68.67 42.97 57.93
C ILE E 1435 -68.34 43.37 59.36
N ARG E 1436 -68.96 42.69 60.33
CA ARG E 1436 -68.56 42.84 61.72
C ARG E 1436 -67.06 42.64 61.87
N PHE E 1437 -66.54 41.51 61.38
CA PHE E 1437 -65.12 41.22 61.54
C PHE E 1437 -64.28 42.01 60.55
N ASN E 1438 -64.80 42.30 59.37
CA ASN E 1438 -64.02 43.07 58.40
C ASN E 1438 -63.76 44.47 58.90
N LEU E 1439 -64.76 45.13 59.46
CA LEU E 1439 -64.58 46.45 60.04
C LEU E 1439 -64.01 46.41 61.45
N ASP E 1440 -64.58 45.58 62.32
CA ASP E 1440 -64.24 45.56 63.74
C ASP E 1440 -63.47 44.28 64.03
N PRO E 1441 -62.15 44.36 64.11
CA PRO E 1441 -61.39 43.23 64.68
C PRO E 1441 -61.76 42.99 66.13
N GLU E 1442 -61.77 44.05 66.92
CA GLU E 1442 -62.39 44.03 68.23
C GLU E 1442 -63.92 44.01 68.05
N ARG E 1443 -64.64 44.05 69.16
CA ARG E 1443 -66.08 44.25 69.13
C ARG E 1443 -66.48 45.58 69.75
N LYS E 1444 -65.52 46.46 70.01
CA LYS E 1444 -65.79 47.67 70.76
C LYS E 1444 -66.37 48.76 69.86
N CYS E 1445 -67.52 48.45 69.26
CA CYS E 1445 -68.23 49.38 68.40
C CYS E 1445 -69.73 49.06 68.39
N SER E 1446 -70.52 49.95 67.80
CA SER E 1446 -71.97 49.79 67.73
C SER E 1446 -72.38 49.62 66.28
N ASP E 1447 -73.42 48.82 66.05
CA ASP E 1447 -73.95 48.64 64.71
C ASP E 1447 -74.43 49.97 64.15
N SER E 1448 -74.92 50.86 65.01
CA SER E 1448 -75.28 52.21 64.57
C SER E 1448 -74.11 52.87 63.86
N THR E 1449 -72.95 52.91 64.51
CA THR E 1449 -71.77 53.50 63.88
C THR E 1449 -71.31 52.72 62.66
N LEU E 1450 -71.53 51.40 62.65
CA LEU E 1450 -71.18 50.62 61.48
C LEU E 1450 -72.00 51.03 60.27
N TRP E 1451 -73.32 51.05 60.43
CA TRP E 1451 -74.20 51.56 59.39
C TRP E 1451 -73.89 53.00 59.03
N GLU E 1452 -73.45 53.79 60.01
CA GLU E 1452 -73.06 55.17 59.74
C GLU E 1452 -71.87 55.23 58.80
N ALA E 1453 -70.82 54.46 59.10
CA ALA E 1453 -69.65 54.41 58.22
C ALA E 1453 -70.00 53.86 56.85
N LEU E 1454 -70.88 52.85 56.80
CA LEU E 1454 -71.36 52.35 55.51
C LEU E 1454 -72.06 53.44 54.72
N GLU E 1455 -72.93 54.21 55.38
CA GLU E 1455 -73.70 55.24 54.70
C GLU E 1455 -72.78 56.33 54.17
N ILE E 1456 -71.98 56.94 55.05
CA ILE E 1456 -71.13 58.04 54.62
C ILE E 1456 -70.14 57.61 53.56
N ALA E 1457 -69.93 56.31 53.40
CA ALA E 1457 -69.15 55.76 52.29
C ALA E 1457 -70.03 55.29 51.15
N GLN E 1458 -71.35 55.44 51.28
CA GLN E 1458 -72.31 55.04 50.25
C GLN E 1458 -72.35 53.52 50.10
N LEU E 1459 -72.19 52.81 51.20
CA LEU E 1459 -72.30 51.36 51.22
C LEU E 1459 -73.61 50.86 51.81
N LYS E 1460 -74.12 51.52 52.84
CA LYS E 1460 -75.34 51.06 53.50
C LYS E 1460 -76.45 50.80 52.48
N LEU E 1461 -76.57 51.68 51.49
CA LEU E 1461 -77.57 51.49 50.45
C LEU E 1461 -77.41 50.14 49.76
N VAL E 1462 -76.16 49.78 49.41
CA VAL E 1462 -75.92 48.48 48.81
C VAL E 1462 -76.23 47.37 49.80
N VAL E 1463 -75.66 47.48 51.01
CA VAL E 1463 -75.78 46.42 52.01
C VAL E 1463 -77.24 46.08 52.28
N LYS E 1464 -78.13 47.07 52.21
CA LYS E 1464 -79.55 46.79 52.41
C LYS E 1464 -80.03 45.67 51.50
N ALA E 1465 -79.56 45.67 50.25
CA ALA E 1465 -79.94 44.61 49.32
C ALA E 1465 -79.33 43.28 49.69
N LEU E 1466 -78.27 43.28 50.49
CA LEU E 1466 -77.62 42.03 50.83
C LEU E 1466 -78.36 41.31 51.94
N PRO E 1467 -78.61 40.01 51.82
CA PRO E 1467 -79.42 39.30 52.83
C PRO E 1467 -78.71 39.11 54.17
N GLY E 1468 -77.39 39.26 54.23
CA GLY E 1468 -76.68 38.96 55.46
C GLY E 1468 -77.04 39.91 56.58
N GLY E 1469 -77.22 41.18 56.26
CA GLY E 1469 -77.36 42.21 57.27
C GLY E 1469 -76.01 42.58 57.80
N LEU E 1470 -75.13 43.03 56.90
CA LEU E 1470 -73.68 43.14 57.17
C LEU E 1470 -73.17 41.92 57.91
N ASP E 1471 -73.77 40.78 57.60
CA ASP E 1471 -73.38 39.50 58.17
C ASP E 1471 -73.04 38.47 57.11
N ALA E 1472 -72.97 38.88 55.85
CA ALA E 1472 -72.52 37.99 54.79
C ALA E 1472 -71.03 37.69 54.97
N ILE E 1473 -70.50 36.92 54.03
CA ILE E 1473 -69.12 36.45 54.09
C ILE E 1473 -68.36 37.03 52.91
N ILE E 1474 -67.34 37.83 53.19
CA ILE E 1474 -66.36 38.23 52.18
C ILE E 1474 -65.38 37.08 52.01
N THR E 1475 -65.31 36.53 50.81
CA THR E 1475 -64.60 35.30 50.53
C THR E 1475 -63.26 35.58 49.89
N GLU E 1476 -62.19 35.18 50.57
CA GLU E 1476 -60.83 35.21 50.02
C GLU E 1476 -60.47 36.60 49.53
N GLY E 1477 -60.34 37.54 50.47
CA GLY E 1477 -59.87 38.87 50.16
C GLY E 1477 -60.82 39.73 49.37
N GLY E 1478 -62.02 39.24 49.08
CA GLY E 1478 -63.01 40.02 48.37
C GLY E 1478 -63.34 39.58 46.97
N GLU E 1479 -63.36 38.28 46.69
CA GLU E 1479 -63.73 37.80 45.37
C GLU E 1479 -65.23 37.87 45.10
N ASN E 1480 -66.01 38.47 46.00
CA ASN E 1480 -67.45 38.56 45.78
C ASN E 1480 -67.84 39.91 45.20
N PHE E 1481 -67.04 40.94 45.46
CA PHE E 1481 -67.38 42.31 45.11
C PHE E 1481 -66.33 42.88 44.16
N SER E 1482 -66.67 44.02 43.56
CA SER E 1482 -65.85 44.64 42.53
C SER E 1482 -64.66 45.36 43.15
N GLN E 1483 -63.73 45.76 42.28
CA GLN E 1483 -62.57 46.53 42.72
C GLN E 1483 -63.00 47.74 43.54
N GLY E 1484 -63.89 48.56 42.96
CA GLY E 1484 -64.34 49.75 43.64
C GLY E 1484 -65.15 49.43 44.89
N GLN E 1485 -65.91 48.34 44.86
CA GLN E 1485 -66.61 47.89 46.05
C GLN E 1485 -65.64 47.67 47.20
N ARG E 1486 -64.58 46.91 46.93
CA ARG E 1486 -63.59 46.60 47.96
C ARG E 1486 -62.86 47.85 48.44
N GLN E 1487 -62.56 48.77 47.51
CA GLN E 1487 -61.94 50.02 47.89
C GLN E 1487 -62.86 50.81 48.82
N LEU E 1488 -64.16 50.82 48.51
CA LEU E 1488 -65.14 51.43 49.39
C LEU E 1488 -65.14 50.80 50.76
N PHE E 1489 -65.13 49.47 50.83
CA PHE E 1489 -65.05 48.80 52.12
C PHE E 1489 -63.84 49.29 52.91
N CYS E 1490 -62.69 49.42 52.25
CA CYS E 1490 -61.50 49.90 52.94
C CYS E 1490 -61.67 51.33 53.44
N LEU E 1491 -62.22 52.19 52.59
CA LEU E 1491 -62.52 53.56 53.01
C LEU E 1491 -63.38 53.56 54.27
N ALA E 1492 -64.49 52.83 54.25
CA ALA E 1492 -65.38 52.77 55.40
C ALA E 1492 -64.65 52.25 56.64
N ARG E 1493 -63.84 51.21 56.47
CA ARG E 1493 -63.10 50.66 57.59
C ARG E 1493 -62.22 51.72 58.23
N ALA E 1494 -61.47 52.46 57.43
CA ALA E 1494 -60.78 53.61 57.98
C ALA E 1494 -61.75 54.57 58.66
N PHE E 1495 -62.91 54.78 58.06
CA PHE E 1495 -63.90 55.72 58.56
C PHE E 1495 -64.52 55.28 59.88
N VAL E 1496 -64.37 53.99 60.23
CA VAL E 1496 -64.90 53.53 61.52
C VAL E 1496 -64.24 54.29 62.66
N ARG E 1497 -62.99 54.70 62.49
CA ARG E 1497 -62.28 55.39 63.55
C ARG E 1497 -62.73 56.84 63.63
N LYS E 1498 -63.06 57.29 64.84
CA LYS E 1498 -63.45 58.68 65.08
C LYS E 1498 -62.27 59.63 65.02
N THR E 1499 -61.11 59.14 64.60
CA THR E 1499 -59.93 59.98 64.47
C THR E 1499 -60.23 61.20 63.60
N SER E 1500 -59.70 62.34 64.01
CA SER E 1500 -59.88 63.59 63.30
C SER E 1500 -58.68 63.97 62.44
N ILE E 1501 -57.60 63.20 62.49
CA ILE E 1501 -56.48 63.38 61.58
C ILE E 1501 -56.12 62.04 60.97
N PHE E 1502 -56.05 62.00 59.65
CA PHE E 1502 -55.62 60.82 58.93
C PHE E 1502 -55.33 61.20 57.48
N ILE E 1503 -55.13 60.19 56.65
CA ILE E 1503 -54.62 60.39 55.30
C ILE E 1503 -55.22 59.32 54.38
N MET E 1504 -55.20 59.60 53.08
CA MET E 1504 -55.70 58.70 52.05
C MET E 1504 -54.69 58.65 50.91
N ASP E 1505 -54.47 57.47 50.34
CA ASP E 1505 -53.53 57.30 49.24
C ASP E 1505 -54.31 57.11 47.94
N GLU E 1506 -54.69 58.24 47.31
CA GLU E 1506 -55.42 58.24 46.05
C GLU E 1506 -56.54 57.21 46.05
N ALA E 1507 -57.32 57.22 47.14
CA ALA E 1507 -58.32 56.19 47.32
C ALA E 1507 -59.36 56.18 46.20
N THR E 1508 -59.56 57.32 45.56
CA THR E 1508 -60.63 57.47 44.57
C THR E 1508 -60.25 56.92 43.20
N ALA E 1509 -59.02 56.45 43.03
CA ALA E 1509 -58.58 55.95 41.73
C ALA E 1509 -59.51 54.85 41.22
N SER E 1510 -59.92 53.94 42.11
CA SER E 1510 -60.80 52.86 41.68
C SER E 1510 -62.24 53.33 41.50
N ILE E 1511 -62.57 54.48 42.09
CA ILE E 1511 -63.95 54.95 42.12
C ILE E 1511 -64.28 55.74 40.86
N ASP E 1512 -65.48 55.53 40.33
CA ASP E 1512 -66.01 56.29 39.20
C ASP E 1512 -66.33 57.72 39.62
N MET E 1513 -66.76 58.53 38.65
CA MET E 1513 -66.88 59.97 38.91
C MET E 1513 -68.06 60.31 39.83
N ALA E 1514 -69.22 59.68 39.61
CA ALA E 1514 -70.39 60.06 40.40
C ALA E 1514 -70.17 59.79 41.88
N THR E 1515 -69.83 58.55 42.21
CA THR E 1515 -69.51 58.22 43.59
C THR E 1515 -68.31 59.01 44.08
N GLU E 1516 -67.37 59.34 43.19
CA GLU E 1516 -66.25 60.19 43.59
C GLU E 1516 -66.73 61.51 44.16
N ASN E 1517 -67.55 62.23 43.39
CA ASN E 1517 -68.09 63.50 43.85
C ASN E 1517 -68.88 63.33 45.13
N ILE E 1518 -69.84 62.41 45.12
CA ILE E 1518 -70.73 62.27 46.27
C ILE E 1518 -69.93 61.92 47.52
N LEU E 1519 -68.95 61.03 47.38
CA LEU E 1519 -68.20 60.54 48.52
C LEU E 1519 -67.30 61.63 49.08
N GLN E 1520 -66.57 62.33 48.20
CA GLN E 1520 -65.70 63.38 48.67
C GLN E 1520 -66.50 64.48 49.35
N LYS E 1521 -67.68 64.81 48.81
CA LYS E 1521 -68.54 65.78 49.48
C LYS E 1521 -68.94 65.30 50.87
N VAL E 1522 -69.46 64.08 50.96
CA VAL E 1522 -69.94 63.58 52.24
C VAL E 1522 -68.82 63.51 53.26
N VAL E 1523 -67.60 63.15 52.83
CA VAL E 1523 -66.52 62.99 53.78
C VAL E 1523 -66.00 64.36 54.21
N MET E 1524 -65.96 65.34 53.30
CA MET E 1524 -65.60 66.69 53.68
C MET E 1524 -66.58 67.25 54.71
N THR E 1525 -67.88 67.04 54.48
CA THR E 1525 -68.88 67.53 55.41
C THR E 1525 -68.79 66.82 56.76
N ALA E 1526 -69.00 65.50 56.77
CA ALA E 1526 -68.95 64.73 58.00
C ALA E 1526 -67.61 64.85 58.71
N PHE E 1527 -66.54 65.18 57.99
CA PHE E 1527 -65.24 65.44 58.58
C PHE E 1527 -64.88 66.90 58.43
N ALA E 1528 -65.85 67.80 58.61
CA ALA E 1528 -65.58 69.22 58.60
C ALA E 1528 -64.57 69.61 59.68
N ASP E 1529 -64.65 69.00 60.86
CA ASP E 1529 -63.67 69.22 61.91
C ASP E 1529 -62.37 68.47 61.62
N ARG E 1530 -62.48 67.25 61.11
CA ARG E 1530 -61.33 66.39 60.96
C ARG E 1530 -60.31 66.99 59.99
N THR E 1531 -59.06 66.63 60.21
CA THR E 1531 -57.94 67.05 59.36
C THR E 1531 -57.48 65.86 58.53
N VAL E 1532 -57.76 65.88 57.25
CA VAL E 1532 -57.44 64.77 56.36
C VAL E 1532 -56.41 65.24 55.36
N VAL E 1533 -55.41 64.41 55.09
CA VAL E 1533 -54.43 64.65 54.04
C VAL E 1533 -54.83 63.77 52.87
N THR E 1534 -54.91 64.36 51.68
CA THR E 1534 -55.52 63.70 50.53
C THR E 1534 -54.49 63.52 49.42
N ILE E 1535 -54.12 62.26 49.16
CA ILE E 1535 -53.54 61.91 47.88
C ILE E 1535 -54.67 61.74 46.87
N ALA E 1536 -54.47 62.27 45.68
CA ALA E 1536 -55.52 62.22 44.67
C ALA E 1536 -54.92 61.92 43.32
N HIS E 1537 -55.22 60.74 42.80
CA HIS E 1537 -54.98 60.43 41.39
C HIS E 1537 -55.99 61.15 40.50
N ARG E 1538 -56.90 61.93 41.10
CA ARG E 1538 -57.82 62.79 40.38
C ARG E 1538 -57.69 64.20 40.95
N VAL E 1539 -57.09 65.10 40.18
CA VAL E 1539 -56.94 66.47 40.66
C VAL E 1539 -58.29 67.13 40.83
N HIS E 1540 -59.28 66.74 40.02
CA HIS E 1540 -60.63 67.24 40.15
C HIS E 1540 -61.18 67.06 41.56
N THR E 1541 -60.62 66.12 42.32
CA THR E 1541 -60.93 65.97 43.74
C THR E 1541 -60.10 66.90 44.61
N ILE E 1542 -58.88 67.24 44.19
CA ILE E 1542 -58.02 68.10 44.99
C ILE E 1542 -58.38 69.58 44.82
N LEU E 1543 -59.26 69.92 43.88
CA LEU E 1543 -59.63 71.32 43.67
C LEU E 1543 -60.40 71.88 44.87
N SER E 1544 -60.70 71.05 45.86
CA SER E 1544 -61.53 71.53 46.97
C SER E 1544 -60.72 71.72 48.25
N ALA E 1545 -59.55 71.09 48.36
CA ALA E 1545 -58.78 71.14 49.60
C ALA E 1545 -58.33 72.56 49.93
N ASP E 1546 -57.98 72.77 51.20
CA ASP E 1546 -57.48 74.08 51.64
C ASP E 1546 -56.13 74.38 51.00
N LEU E 1547 -55.19 73.44 51.10
CA LEU E 1547 -53.87 73.59 50.49
C LEU E 1547 -53.60 72.45 49.54
N VAL E 1548 -52.79 72.76 48.52
CA VAL E 1548 -52.41 71.80 47.49
C VAL E 1548 -50.90 71.63 47.54
N ILE E 1549 -50.46 70.38 47.57
CA ILE E 1549 -49.05 70.07 47.74
C ILE E 1549 -48.58 69.26 46.54
N VAL E 1550 -47.62 69.82 45.81
CA VAL E 1550 -47.18 69.25 44.54
C VAL E 1550 -45.76 68.73 44.69
N LEU E 1551 -45.56 67.46 44.35
CA LEU E 1551 -44.26 66.81 44.43
C LEU E 1551 -43.77 66.54 43.03
N LYS E 1552 -42.60 67.07 42.69
CA LYS E 1552 -42.08 66.81 41.35
C LYS E 1552 -41.19 65.58 41.35
N ARG E 1553 -40.07 65.65 42.07
CA ARG E 1553 -39.17 64.51 42.17
C ARG E 1553 -38.97 64.07 43.62
N GLY E 1554 -38.48 64.97 44.46
CA GLY E 1554 -38.16 64.62 45.82
C GLY E 1554 -38.51 65.71 46.80
N ALA E 1555 -39.37 66.63 46.39
CA ALA E 1555 -39.78 67.72 47.24
C ALA E 1555 -41.01 68.41 46.65
N ILE E 1556 -41.53 69.37 47.41
CA ILE E 1556 -42.71 70.11 47.04
C ILE E 1556 -42.29 71.30 46.19
N LEU E 1557 -43.12 71.66 45.22
CA LEU E 1557 -42.91 72.87 44.45
C LEU E 1557 -44.10 73.80 44.65
N GLU E 1558 -43.96 74.75 45.58
CA GLU E 1558 -44.94 75.81 45.80
C GLU E 1558 -46.31 75.25 46.18
N PHE E 1559 -46.34 74.56 47.32
CA PHE E 1559 -47.62 74.19 47.91
C PHE E 1559 -48.38 75.44 48.31
N ASP E 1560 -49.67 75.48 48.00
CA ASP E 1560 -50.44 76.71 48.12
C ASP E 1560 -51.92 76.37 48.03
N LYS E 1561 -52.75 77.39 48.20
CA LYS E 1561 -54.18 77.28 47.99
C LYS E 1561 -54.44 76.95 46.53
N PRO E 1562 -55.53 76.26 46.21
CA PRO E 1562 -55.77 75.85 44.82
C PRO E 1562 -55.96 77.02 43.86
N GLU E 1563 -56.73 78.04 44.29
CA GLU E 1563 -57.06 79.15 43.41
C GLU E 1563 -55.81 79.89 42.95
N LYS E 1564 -54.88 80.14 43.87
CA LYS E 1564 -53.65 80.82 43.51
C LYS E 1564 -52.80 80.02 42.52
N LEU E 1565 -52.68 78.70 42.73
CA LEU E 1565 -51.87 77.89 41.84
C LEU E 1565 -52.51 77.78 40.46
N LEU E 1566 -53.84 77.74 40.39
CA LEU E 1566 -54.49 77.62 39.10
C LEU E 1566 -54.52 78.95 38.35
N SER E 1567 -54.62 80.07 39.07
CA SER E 1567 -54.66 81.36 38.40
C SER E 1567 -53.26 81.88 38.07
N ARG E 1568 -52.24 81.40 38.79
CA ARG E 1568 -50.88 81.75 38.45
C ARG E 1568 -50.40 80.99 37.22
N LYS E 1569 -50.86 79.74 37.05
CA LYS E 1569 -50.59 78.89 35.88
C LYS E 1569 -49.14 78.44 35.89
N ASP E 1570 -48.32 79.02 36.76
CA ASP E 1570 -46.89 78.76 36.70
C ASP E 1570 -46.55 77.39 37.27
N SER E 1571 -47.26 76.98 38.30
CA SER E 1571 -47.12 75.62 38.80
C SER E 1571 -47.50 74.62 37.72
N VAL E 1572 -46.94 73.42 37.81
CA VAL E 1572 -47.28 72.37 36.86
C VAL E 1572 -48.65 71.79 37.18
N PHE E 1573 -49.20 72.05 38.38
CA PHE E 1573 -50.56 71.62 38.66
C PHE E 1573 -51.56 72.31 37.74
N ALA E 1574 -51.23 73.52 37.29
CA ALA E 1574 -52.05 74.15 36.26
C ALA E 1574 -52.14 73.26 35.03
N SER E 1575 -51.00 72.72 34.58
CA SER E 1575 -51.03 71.79 33.45
C SER E 1575 -51.77 70.52 33.82
N PHE E 1576 -51.65 70.08 35.07
CA PHE E 1576 -52.34 68.87 35.50
C PHE E 1576 -53.85 69.03 35.38
N VAL E 1577 -54.37 70.18 35.80
CA VAL E 1577 -55.80 70.43 35.71
C VAL E 1577 -56.24 70.83 34.31
N ARG E 1578 -55.33 71.36 33.48
CA ARG E 1578 -55.69 71.72 32.11
C ARG E 1578 -55.70 70.53 31.16
N ALA E 1579 -54.79 69.57 31.34
CA ALA E 1579 -54.81 68.37 30.52
C ALA E 1579 -56.11 67.60 30.73
N ASP E 1580 -56.66 67.67 31.94
CA ASP E 1580 -57.96 67.07 32.21
C ASP E 1580 -59.09 67.96 31.70
N LYS E 1581 -59.18 69.17 32.26
CA LYS E 1581 -60.27 70.12 31.98
C LYS E 1581 -61.62 69.57 32.42
N PRO F 2 -6.13 -58.69 16.99
CA PRO F 2 -6.95 -58.99 15.81
C PRO F 2 -6.73 -57.98 14.70
N LEU F 3 -7.50 -58.10 13.62
CA LEU F 3 -7.42 -57.18 12.49
C LEU F 3 -6.01 -57.14 11.90
N ALA F 4 -5.32 -58.27 11.94
CA ALA F 4 -3.98 -58.35 11.37
C ALA F 4 -4.07 -58.50 9.87
N PHE F 5 -3.02 -58.02 9.19
CA PHE F 5 -3.02 -58.02 7.73
C PHE F 5 -3.22 -59.41 7.17
N CYS F 6 -2.29 -60.31 7.43
CA CYS F 6 -2.44 -61.72 7.08
C CYS F 6 -2.10 -62.59 8.29
N GLY F 7 -2.62 -62.19 9.45
CA GLY F 7 -2.19 -62.72 10.72
C GLY F 7 -3.01 -63.90 11.21
N SER F 8 -2.30 -64.98 11.55
CA SER F 8 -2.84 -66.10 12.30
C SER F 8 -1.80 -66.53 13.33
N GLU F 9 -2.04 -67.64 14.03
CA GLU F 9 -1.17 -68.07 15.14
C GLU F 9 0.23 -68.37 14.59
N ASN F 10 1.17 -68.73 15.47
CA ASN F 10 2.58 -68.83 15.13
C ASN F 10 2.84 -69.55 13.80
N HIS F 11 1.98 -70.50 13.43
CA HIS F 11 2.11 -71.15 12.13
C HIS F 11 2.13 -70.13 10.99
N SER F 12 1.25 -69.13 11.06
CA SER F 12 1.24 -68.04 10.09
C SER F 12 1.99 -66.80 10.59
N ALA F 13 2.27 -66.71 11.88
CA ALA F 13 3.15 -65.67 12.36
C ALA F 13 4.57 -65.90 11.88
N ALA F 14 4.87 -67.12 11.42
CA ALA F 14 6.08 -67.42 10.68
C ALA F 14 5.87 -67.29 9.18
N TYR F 15 4.80 -66.62 8.76
CA TYR F 15 4.59 -66.33 7.35
C TYR F 15 5.16 -64.99 6.93
N ARG F 16 4.92 -63.95 7.72
CA ARG F 16 5.50 -62.66 7.41
C ARG F 16 7.02 -62.68 7.40
N VAL F 17 7.63 -63.82 7.76
CA VAL F 17 9.08 -63.95 7.67
C VAL F 17 9.49 -63.77 6.22
N ASP F 18 10.79 -63.52 6.02
CA ASP F 18 11.30 -63.28 4.69
C ASP F 18 12.39 -64.31 4.36
N GLN F 19 11.98 -65.38 3.71
CA GLN F 19 12.87 -66.31 3.03
C GLN F 19 13.02 -65.94 1.56
N GLY F 20 13.20 -64.65 1.31
CA GLY F 20 13.00 -64.07 0.00
C GLY F 20 11.85 -63.09 0.08
N VAL F 21 12.17 -61.79 -0.01
CA VAL F 21 11.17 -60.76 0.30
C VAL F 21 9.99 -60.86 -0.65
N LEU F 22 10.23 -60.71 -1.94
CA LEU F 22 9.13 -60.72 -2.90
C LEU F 22 8.46 -62.09 -3.00
N ASN F 23 9.02 -63.10 -2.36
CA ASN F 23 8.36 -64.41 -2.37
C ASN F 23 7.20 -64.45 -1.40
N ASN F 24 7.14 -63.50 -0.46
CA ASN F 24 6.03 -63.48 0.48
C ASN F 24 4.80 -62.88 -0.20
N GLY F 25 3.77 -63.70 -0.36
CA GLY F 25 2.53 -63.21 -0.93
C GLY F 25 1.93 -62.07 -0.13
N CYS F 26 1.99 -62.16 1.20
CA CYS F 26 1.55 -61.03 2.01
C CYS F 26 2.26 -59.75 1.59
N PHE F 27 3.55 -59.84 1.25
CA PHE F 27 4.30 -58.64 0.95
C PHE F 27 3.86 -57.99 -0.35
N VAL F 28 3.74 -58.77 -1.42
CA VAL F 28 3.27 -58.19 -2.67
C VAL F 28 1.82 -57.74 -2.56
N ASP F 29 1.01 -58.48 -1.80
CA ASP F 29 -0.36 -58.09 -1.54
C ASP F 29 -0.42 -56.72 -0.89
N ALA F 30 0.43 -56.48 0.09
CA ALA F 30 0.50 -55.17 0.74
C ALA F 30 1.07 -54.11 -0.17
N LEU F 31 2.11 -54.45 -0.95
CA LEU F 31 2.70 -53.49 -1.85
C LEU F 31 1.70 -53.00 -2.89
N ASN F 32 0.77 -53.85 -3.27
CA ASN F 32 -0.28 -53.48 -4.21
C ASN F 32 -1.27 -52.49 -3.62
N VAL F 33 -1.05 -52.01 -2.41
CA VAL F 33 -1.95 -51.04 -1.78
C VAL F 33 -1.27 -49.68 -1.81
N VAL F 34 0.06 -49.69 -1.75
CA VAL F 34 0.81 -48.44 -1.69
C VAL F 34 0.43 -47.46 -2.79
N PRO F 35 0.26 -47.87 -4.05
CA PRO F 35 -0.11 -46.87 -5.06
C PRO F 35 -1.47 -46.25 -4.83
N HIS F 36 -2.44 -47.08 -4.45
CA HIS F 36 -3.79 -46.58 -4.29
C HIS F 36 -3.84 -45.59 -3.14
N VAL F 37 -3.13 -45.91 -2.06
CA VAL F 37 -2.91 -44.96 -0.98
C VAL F 37 -2.33 -43.67 -1.53
N PHE F 38 -1.22 -43.77 -2.28
CA PHE F 38 -0.55 -42.60 -2.81
C PHE F 38 -1.52 -41.67 -3.50
N LEU F 39 -2.26 -42.19 -4.49
CA LEU F 39 -3.17 -41.33 -5.23
C LEU F 39 -4.27 -40.79 -4.34
N LEU F 40 -4.95 -41.70 -3.62
CA LEU F 40 -6.08 -41.34 -2.79
C LEU F 40 -5.72 -40.25 -1.79
N PHE F 41 -4.44 -40.13 -1.45
CA PHE F 41 -4.09 -39.08 -0.49
C PHE F 41 -3.34 -37.91 -1.12
N ILE F 42 -2.85 -38.05 -2.34
CA ILE F 42 -2.26 -36.89 -3.01
C ILE F 42 -3.32 -36.05 -3.71
N THR F 43 -4.46 -36.64 -4.07
CA THR F 43 -5.43 -35.91 -4.88
C THR F 43 -6.60 -35.34 -4.10
N PHE F 44 -6.89 -35.86 -2.91
CA PHE F 44 -8.02 -35.32 -2.16
C PHE F 44 -7.90 -33.83 -1.88
N PRO F 45 -6.81 -33.31 -1.31
CA PRO F 45 -6.77 -31.85 -1.07
C PRO F 45 -7.02 -31.04 -2.33
N ILE F 46 -6.37 -31.39 -3.43
CA ILE F 46 -6.49 -30.63 -4.66
C ILE F 46 -7.80 -30.97 -5.35
N LEU F 47 -8.60 -31.81 -4.71
CA LEU F 47 -9.99 -32.02 -5.11
C LEU F 47 -10.96 -31.32 -4.20
N PHE F 48 -10.70 -31.30 -2.90
CA PHE F 48 -11.53 -30.53 -1.98
C PHE F 48 -11.33 -29.04 -2.12
N ILE F 49 -10.30 -28.59 -2.84
CA ILE F 49 -10.18 -27.15 -3.07
C ILE F 49 -11.31 -26.65 -3.96
N GLY F 50 -11.77 -27.48 -4.89
CA GLY F 50 -12.86 -27.09 -5.76
C GLY F 50 -14.18 -27.64 -5.27
N TRP F 51 -14.18 -28.86 -4.75
CA TRP F 51 -15.42 -29.51 -4.32
C TRP F 51 -16.00 -28.85 -3.08
N GLY F 52 -15.16 -28.45 -2.14
CA GLY F 52 -15.62 -27.87 -0.89
C GLY F 52 -16.38 -26.58 -1.05
N PHE F 68 -7.94 -33.70 -23.19
CA PHE F 68 -9.06 -34.63 -23.17
C PHE F 68 -9.22 -35.69 -24.29
N PRO F 69 -8.27 -35.84 -25.21
CA PRO F 69 -8.48 -36.83 -26.28
C PRO F 69 -8.51 -38.25 -25.72
N GLY F 70 -9.32 -39.10 -26.36
CA GLY F 70 -9.42 -40.48 -25.95
C GLY F 70 -10.39 -40.69 -24.79
N HIS F 71 -11.50 -39.95 -24.82
CA HIS F 71 -12.54 -40.07 -23.82
C HIS F 71 -13.04 -41.49 -23.74
N ASN F 72 -13.68 -41.94 -24.82
CA ASN F 72 -14.41 -43.19 -24.88
C ASN F 72 -13.57 -44.39 -24.47
N LEU F 73 -12.35 -44.48 -25.02
CA LEU F 73 -11.48 -45.60 -24.69
C LEU F 73 -11.14 -45.60 -23.21
N ARG F 74 -10.70 -44.46 -22.69
CA ARG F 74 -10.40 -44.35 -21.27
C ARG F 74 -11.56 -44.79 -20.41
N TRP F 75 -12.77 -44.38 -20.76
CA TRP F 75 -13.91 -44.70 -19.91
C TRP F 75 -14.31 -46.16 -20.02
N ILE F 76 -14.21 -46.74 -21.22
CA ILE F 76 -14.44 -48.18 -21.35
C ILE F 76 -13.47 -48.94 -20.46
N LEU F 77 -12.20 -48.55 -20.49
CA LEU F 77 -11.22 -49.18 -19.61
C LEU F 77 -11.62 -49.01 -18.16
N THR F 78 -12.02 -47.79 -17.77
CA THR F 78 -12.29 -47.52 -16.37
C THR F 78 -13.46 -48.34 -15.86
N PHE F 79 -14.50 -48.48 -16.67
CA PHE F 79 -15.65 -49.25 -16.21
C PHE F 79 -15.40 -50.76 -16.25
N MET F 80 -14.66 -51.25 -17.24
CA MET F 80 -14.23 -52.65 -17.19
C MET F 80 -13.44 -52.91 -15.93
N LEU F 81 -12.55 -51.97 -15.59
CA LEU F 81 -11.78 -52.04 -14.36
C LEU F 81 -12.71 -52.07 -13.15
N LEU F 82 -13.73 -51.23 -13.16
CA LEU F 82 -14.70 -51.23 -12.07
C LEU F 82 -15.30 -52.61 -11.88
N PHE F 83 -15.80 -53.19 -12.98
CA PHE F 83 -16.42 -54.50 -12.89
C PHE F 83 -15.47 -55.54 -12.34
N VAL F 84 -14.25 -55.58 -12.86
CA VAL F 84 -13.35 -56.64 -12.44
C VAL F 84 -12.86 -56.42 -11.02
N LEU F 85 -12.81 -55.16 -10.58
CA LEU F 85 -12.46 -54.93 -9.18
C LEU F 85 -13.58 -55.38 -8.26
N VAL F 86 -14.84 -55.18 -8.66
CA VAL F 86 -15.94 -55.75 -7.90
C VAL F 86 -15.77 -57.26 -7.81
N CYS F 87 -15.45 -57.90 -8.94
CA CYS F 87 -15.23 -59.34 -8.94
C CYS F 87 -14.11 -59.72 -7.97
N GLU F 88 -13.04 -58.92 -7.93
CA GLU F 88 -11.92 -59.26 -7.06
C GLU F 88 -12.30 -59.11 -5.59
N ILE F 89 -13.06 -58.07 -5.26
CA ILE F 89 -13.55 -57.93 -3.89
C ILE F 89 -14.38 -59.14 -3.51
N ALA F 90 -15.23 -59.60 -4.43
CA ALA F 90 -16.01 -60.79 -4.19
C ALA F 90 -15.11 -61.99 -3.92
N GLU F 91 -14.11 -62.20 -4.79
CA GLU F 91 -13.22 -63.34 -4.63
C GLU F 91 -12.51 -63.29 -3.29
N GLY F 92 -12.07 -62.11 -2.88
CA GLY F 92 -11.38 -61.96 -1.61
C GLY F 92 -12.26 -62.34 -0.45
N ILE F 93 -13.43 -61.70 -0.36
CA ILE F 93 -14.32 -61.97 0.77
C ILE F 93 -14.71 -63.44 0.79
N LEU F 94 -14.86 -64.06 -0.39
CA LEU F 94 -15.15 -65.49 -0.41
C LEU F 94 -14.00 -66.29 0.15
N SER F 95 -12.80 -66.11 -0.38
CA SER F 95 -11.65 -66.89 0.02
C SER F 95 -11.21 -66.61 1.45
N ASP F 96 -11.76 -65.59 2.10
CA ASP F 96 -11.49 -65.38 3.51
C ASP F 96 -12.38 -66.22 4.42
N GLY F 97 -13.36 -66.91 3.87
CA GLY F 97 -14.25 -67.72 4.69
C GLY F 97 -13.63 -69.00 5.21
N VAL F 98 -12.47 -69.41 4.69
CA VAL F 98 -11.85 -70.64 5.14
C VAL F 98 -11.04 -70.43 6.41
N THR F 99 -10.36 -69.29 6.53
CA THR F 99 -9.62 -68.98 7.74
C THR F 99 -10.57 -68.53 8.84
N GLU F 100 -10.02 -68.30 10.02
CA GLU F 100 -10.82 -67.88 11.17
C GLU F 100 -10.29 -66.61 11.82
N SER F 101 -9.23 -66.02 11.27
CA SER F 101 -8.69 -64.78 11.78
C SER F 101 -9.09 -63.56 10.96
N HIS F 102 -9.86 -63.75 9.89
CA HIS F 102 -10.34 -62.65 9.05
C HIS F 102 -9.18 -61.85 8.46
N HIS F 103 -8.17 -62.55 7.97
CA HIS F 103 -7.06 -61.89 7.29
C HIS F 103 -7.62 -61.10 6.11
N LEU F 104 -7.50 -59.78 6.19
CA LEU F 104 -8.23 -58.88 5.30
C LEU F 104 -7.39 -58.41 4.12
N HIS F 105 -6.22 -59.00 3.93
CA HIS F 105 -5.36 -58.63 2.82
C HIS F 105 -5.89 -59.13 1.49
N LEU F 106 -6.83 -60.06 1.50
CA LEU F 106 -7.39 -60.56 0.25
C LEU F 106 -8.18 -59.48 -0.47
N TYR F 107 -8.95 -58.70 0.27
CA TYR F 107 -9.89 -57.76 -0.34
C TYR F 107 -9.55 -56.30 -0.10
N MET F 108 -8.94 -55.97 1.04
CA MET F 108 -8.57 -54.58 1.32
C MET F 108 -7.86 -53.92 0.16
N PRO F 109 -6.85 -54.53 -0.48
CA PRO F 109 -6.28 -53.89 -1.67
C PRO F 109 -7.31 -53.64 -2.76
N ALA F 110 -8.24 -54.57 -2.97
CA ALA F 110 -9.23 -54.37 -4.01
C ALA F 110 -10.21 -53.27 -3.63
N GLY F 111 -10.48 -53.11 -2.34
CA GLY F 111 -11.32 -52.00 -1.91
C GLY F 111 -10.63 -50.67 -2.10
N MET F 112 -9.35 -50.58 -1.75
CA MET F 112 -8.59 -49.38 -2.05
C MET F 112 -8.54 -49.13 -3.55
N ALA F 113 -8.47 -50.18 -4.35
CA ALA F 113 -8.52 -50.03 -5.80
C ALA F 113 -9.85 -49.47 -6.29
N PHE F 114 -10.96 -50.01 -5.77
CA PHE F 114 -12.27 -49.46 -6.06
C PHE F 114 -12.29 -47.96 -5.77
N MET F 115 -11.90 -47.58 -4.55
CA MET F 115 -11.89 -46.18 -4.17
C MET F 115 -10.97 -45.36 -5.05
N ALA F 116 -9.78 -45.89 -5.36
CA ALA F 116 -8.80 -45.12 -6.12
C ALA F 116 -9.26 -44.92 -7.55
N ALA F 117 -9.89 -45.93 -8.14
CA ALA F 117 -10.44 -45.77 -9.48
C ALA F 117 -11.53 -44.72 -9.48
N VAL F 118 -12.41 -44.77 -8.48
CA VAL F 118 -13.46 -43.76 -8.39
C VAL F 118 -12.86 -42.36 -8.27
N THR F 119 -11.82 -42.24 -7.45
CA THR F 119 -11.19 -40.94 -7.27
C THR F 119 -10.51 -40.47 -8.55
N SER F 120 -9.85 -41.39 -9.26
CA SER F 120 -9.28 -41.04 -10.55
C SER F 120 -10.36 -40.50 -11.49
N VAL F 121 -11.50 -41.17 -11.52
CA VAL F 121 -12.63 -40.71 -12.33
C VAL F 121 -12.98 -39.27 -11.98
N VAL F 122 -13.39 -39.06 -10.73
CA VAL F 122 -13.91 -37.75 -10.32
C VAL F 122 -12.84 -36.68 -10.49
N TYR F 123 -11.60 -37.02 -10.16
CA TYR F 123 -10.49 -36.09 -10.28
C TYR F 123 -10.30 -35.66 -11.72
N TYR F 124 -10.18 -36.62 -12.64
CA TYR F 124 -9.99 -36.22 -14.03
C TYR F 124 -11.20 -35.47 -14.56
N HIS F 125 -12.40 -35.79 -14.07
CA HIS F 125 -13.56 -35.01 -14.50
C HIS F 125 -13.41 -33.55 -14.08
N ASN F 126 -13.03 -33.30 -12.83
CA ASN F 126 -12.88 -31.93 -12.34
C ASN F 126 -11.60 -31.26 -12.84
N ILE F 127 -10.71 -32.01 -13.49
CA ILE F 127 -9.52 -31.40 -14.08
C ILE F 127 -9.77 -31.13 -15.56
N GLU F 128 -10.65 -31.92 -16.17
CA GLU F 128 -10.93 -31.77 -17.58
C GLU F 128 -11.49 -30.39 -17.92
N THR F 129 -12.08 -29.71 -16.94
CA THR F 129 -12.48 -28.33 -17.14
C THR F 129 -11.28 -27.45 -17.46
N SER F 130 -10.38 -27.28 -16.49
CA SER F 130 -9.14 -26.54 -16.68
C SER F 130 -8.01 -27.54 -16.51
N ASN F 131 -7.67 -28.22 -17.59
CA ASN F 131 -6.60 -29.22 -17.58
C ASN F 131 -5.27 -28.50 -17.58
N PHE F 132 -4.50 -28.72 -16.53
CA PHE F 132 -3.11 -28.31 -16.48
C PHE F 132 -2.33 -29.61 -16.57
N PRO F 133 -2.30 -30.23 -17.72
CA PRO F 133 -2.07 -31.68 -17.78
C PRO F 133 -0.73 -32.11 -17.20
N LYS F 134 0.12 -31.12 -16.89
CA LYS F 134 1.25 -31.38 -16.02
C LYS F 134 0.78 -31.71 -14.61
N LEU F 135 -0.38 -31.18 -14.22
CA LEU F 135 -1.02 -31.63 -13.00
C LEU F 135 -1.72 -32.97 -13.22
N LEU F 136 -2.07 -33.28 -14.48
CA LEU F 136 -2.76 -34.53 -14.76
C LEU F 136 -1.78 -35.70 -14.78
N ILE F 137 -0.50 -35.45 -15.10
CA ILE F 137 0.44 -36.56 -15.17
C ILE F 137 0.79 -37.15 -13.82
N ALA F 138 0.28 -36.59 -12.73
CA ALA F 138 0.25 -37.35 -11.49
C ALA F 138 -0.35 -38.73 -11.76
N LEU F 139 -1.38 -38.78 -12.59
CA LEU F 139 -2.00 -40.02 -13.03
C LEU F 139 -0.98 -40.87 -13.77
N LEU F 140 -0.12 -40.26 -14.57
CA LEU F 140 0.90 -41.03 -15.28
C LEU F 140 1.73 -41.85 -14.29
N VAL F 141 2.46 -41.16 -13.41
CA VAL F 141 3.29 -41.83 -12.42
C VAL F 141 2.47 -42.81 -11.61
N TYR F 142 1.25 -42.43 -11.26
CA TYR F 142 0.43 -43.30 -10.42
C TYR F 142 0.10 -44.61 -11.12
N TRP F 143 -0.46 -44.54 -12.32
CA TRP F 143 -0.75 -45.76 -13.04
C TRP F 143 0.50 -46.56 -13.30
N THR F 144 1.65 -45.91 -13.48
CA THR F 144 2.88 -46.67 -13.61
C THR F 144 3.16 -47.47 -12.35
N LEU F 145 3.01 -46.85 -11.19
CA LEU F 145 3.22 -47.55 -9.92
C LEU F 145 2.29 -48.75 -9.81
N ALA F 146 1.00 -48.52 -10.05
CA ALA F 146 0.04 -49.61 -9.92
C ALA F 146 0.35 -50.73 -10.89
N PHE F 147 0.68 -50.38 -12.13
CA PHE F 147 1.00 -51.37 -13.14
C PHE F 147 2.22 -52.19 -12.72
N ILE F 148 3.24 -51.51 -12.23
CA ILE F 148 4.45 -52.21 -11.81
C ILE F 148 4.12 -53.21 -10.71
N THR F 149 3.41 -52.75 -9.68
CA THR F 149 3.09 -53.64 -8.57
C THR F 149 2.28 -54.84 -9.03
N LYS F 150 1.32 -54.62 -9.93
CA LYS F 150 0.48 -55.73 -10.37
C LYS F 150 1.25 -56.70 -11.26
N THR F 151 2.14 -56.18 -12.11
CA THR F 151 3.00 -57.07 -12.87
C THR F 151 3.89 -57.90 -11.96
N ILE F 152 4.42 -57.29 -10.91
CA ILE F 152 5.22 -58.05 -9.95
C ILE F 152 4.39 -59.16 -9.32
N LYS F 153 3.19 -58.80 -8.87
CA LYS F 153 2.30 -59.80 -8.29
C LYS F 153 2.04 -60.93 -9.26
N PHE F 154 1.78 -60.61 -10.53
CA PHE F 154 1.49 -61.65 -11.52
C PHE F 154 2.69 -62.55 -11.76
N VAL F 155 3.85 -61.95 -12.06
CA VAL F 155 5.05 -62.74 -12.30
C VAL F 155 5.31 -63.68 -11.14
N LYS F 156 5.38 -63.14 -9.93
CA LYS F 156 5.63 -64.00 -8.78
C LYS F 156 4.45 -64.92 -8.48
N PHE F 157 3.30 -64.65 -9.08
CA PHE F 157 2.17 -65.55 -8.94
C PHE F 157 2.24 -66.73 -9.88
N LEU F 158 3.03 -66.63 -10.96
CA LEU F 158 3.23 -67.80 -11.81
C LEU F 158 3.70 -68.98 -10.99
N ASP F 159 4.89 -68.87 -10.39
CA ASP F 159 5.35 -69.87 -9.44
C ASP F 159 4.90 -69.44 -8.04
N HIS F 160 5.38 -70.14 -7.01
CA HIS F 160 5.17 -69.74 -5.62
C HIS F 160 3.69 -69.75 -5.24
N ALA F 161 2.83 -70.17 -6.16
CA ALA F 161 1.42 -70.27 -5.87
C ALA F 161 0.87 -71.60 -6.37
N ILE F 162 -0.03 -72.18 -5.58
CA ILE F 162 -0.76 -73.35 -6.04
C ILE F 162 -1.64 -73.03 -7.23
N GLY F 163 -2.04 -71.77 -7.40
CA GLY F 163 -2.95 -71.36 -8.47
C GLY F 163 -4.22 -72.19 -8.46
N PHE F 164 -4.57 -72.73 -7.30
CA PHE F 164 -5.80 -73.52 -7.19
C PHE F 164 -7.02 -72.67 -7.48
N SER F 165 -6.89 -71.35 -7.34
CA SER F 165 -7.89 -70.39 -7.79
C SER F 165 -7.41 -69.82 -9.10
N GLN F 166 -7.55 -70.60 -10.18
CA GLN F 166 -7.20 -70.09 -11.50
C GLN F 166 -7.88 -68.77 -11.81
N LEU F 167 -9.03 -68.52 -11.20
CA LEU F 167 -9.68 -67.22 -11.34
C LEU F 167 -8.79 -66.10 -10.81
N ARG F 168 -8.07 -66.37 -9.72
CA ARG F 168 -7.09 -65.41 -9.24
C ARG F 168 -6.08 -65.08 -10.34
N PHE F 169 -5.61 -66.10 -11.06
CA PHE F 169 -4.63 -65.91 -12.11
C PHE F 169 -5.18 -65.07 -13.24
N CYS F 170 -6.38 -65.42 -13.72
CA CYS F 170 -7.00 -64.67 -14.80
C CYS F 170 -7.23 -63.22 -14.40
N LEU F 171 -7.80 -62.99 -13.22
CA LEU F 171 -8.04 -61.61 -12.81
C LEU F 171 -6.76 -60.84 -12.63
N THR F 172 -5.70 -61.46 -12.13
CA THR F 172 -4.44 -60.75 -11.98
C THR F 172 -3.92 -60.29 -13.34
N GLY F 173 -3.75 -61.23 -14.27
CA GLY F 173 -3.33 -60.85 -15.61
C GLY F 173 -4.27 -59.83 -16.23
N LEU F 174 -5.57 -59.96 -15.95
CA LEU F 174 -6.56 -59.04 -16.48
C LEU F 174 -6.29 -57.62 -16.00
N LEU F 175 -6.08 -57.47 -14.70
CA LEU F 175 -5.79 -56.14 -14.18
C LEU F 175 -4.50 -55.60 -14.75
N VAL F 176 -3.50 -56.47 -14.92
CA VAL F 176 -2.25 -56.04 -15.56
C VAL F 176 -2.54 -55.42 -16.92
N ILE F 177 -3.30 -56.14 -17.74
CA ILE F 177 -3.59 -55.66 -19.10
C ILE F 177 -4.38 -54.36 -19.05
N LEU F 178 -5.28 -54.23 -18.09
CA LEU F 178 -6.07 -53.01 -17.99
C LEU F 178 -5.20 -51.82 -17.62
N TYR F 179 -4.30 -51.99 -16.65
CA TYR F 179 -3.39 -50.89 -16.31
C TYR F 179 -2.51 -50.54 -17.48
N GLY F 180 -2.09 -51.55 -18.25
CA GLY F 180 -1.27 -51.27 -19.42
C GLY F 180 -2.02 -50.45 -20.46
N MET F 181 -3.26 -50.85 -20.75
CA MET F 181 -4.07 -50.09 -21.70
C MET F 181 -4.33 -48.67 -21.17
N LEU F 182 -4.46 -48.53 -19.85
CA LEU F 182 -4.61 -47.20 -19.30
C LEU F 182 -3.37 -46.36 -19.52
N LEU F 183 -2.20 -46.96 -19.28
CA LEU F 183 -0.94 -46.27 -19.53
C LEU F 183 -0.85 -45.85 -20.99
N LEU F 184 -1.29 -46.72 -21.91
CA LEU F 184 -1.25 -46.36 -23.32
C LEU F 184 -2.18 -45.19 -23.62
N VAL F 185 -3.38 -45.19 -23.02
CA VAL F 185 -4.22 -44.01 -23.07
C VAL F 185 -3.49 -42.77 -22.57
N GLU F 186 -2.71 -42.93 -21.51
CA GLU F 186 -2.02 -41.78 -20.94
C GLU F 186 -0.95 -41.24 -21.88
N VAL F 187 -0.20 -42.13 -22.55
CA VAL F 187 0.80 -41.64 -23.48
C VAL F 187 0.13 -41.08 -24.72
N ASN F 188 -1.07 -41.58 -25.05
CA ASN F 188 -1.83 -40.98 -26.13
C ASN F 188 -2.18 -39.54 -25.83
N VAL F 189 -2.80 -39.29 -24.66
CA VAL F 189 -3.19 -37.93 -24.31
C VAL F 189 -1.95 -37.05 -24.14
N ILE F 190 -0.86 -37.65 -23.65
CA ILE F 190 0.41 -36.91 -23.55
C ILE F 190 0.85 -36.44 -24.93
N ARG F 191 1.06 -37.38 -25.85
CA ARG F 191 1.52 -37.06 -27.19
C ARG F 191 0.63 -36.00 -27.83
N VAL F 192 -0.69 -36.21 -27.79
CA VAL F 192 -1.61 -35.25 -28.37
C VAL F 192 -1.41 -33.88 -27.75
N ARG F 193 -1.14 -33.84 -26.45
CA ARG F 193 -1.03 -32.55 -25.79
C ARG F 193 0.40 -32.23 -25.41
N ARG F 194 1.37 -32.54 -26.28
CA ARG F 194 2.76 -32.93 -25.95
C ARG F 194 3.37 -32.21 -24.76
N TYR F 195 2.68 -31.28 -24.10
CA TYR F 195 3.17 -30.27 -23.13
C TYR F 195 4.39 -30.75 -22.34
N ILE F 196 4.38 -31.97 -21.78
CA ILE F 196 5.20 -32.36 -20.63
C ILE F 196 6.58 -31.71 -20.68
N PHE F 197 7.26 -31.87 -21.81
CA PHE F 197 8.46 -31.07 -22.06
C PHE F 197 8.48 -30.56 -23.49
N PHE F 198 7.58 -31.07 -24.33
CA PHE F 198 7.51 -30.62 -25.72
C PHE F 198 6.86 -29.26 -25.81
N LYS F 199 7.06 -28.59 -26.95
CA LYS F 199 6.62 -27.20 -27.08
C LYS F 199 5.18 -27.12 -27.58
N THR F 200 4.78 -28.05 -28.44
CA THR F 200 3.47 -27.98 -29.10
C THR F 200 2.39 -28.63 -28.25
N PRO F 201 1.46 -27.85 -27.73
CA PRO F 201 0.35 -28.46 -27.00
C PRO F 201 -0.72 -29.00 -27.93
N ARG F 202 -0.68 -28.60 -29.21
CA ARG F 202 -1.77 -28.82 -30.15
C ARG F 202 -3.10 -28.47 -29.50
N GLU F 203 -3.22 -27.28 -28.92
CA GLU F 203 -3.96 -27.07 -27.67
C GLU F 203 -5.42 -27.48 -27.85
N VAL F 204 -6.23 -26.72 -28.60
CA VAL F 204 -7.67 -26.96 -28.51
C VAL F 204 -8.46 -26.21 -29.56
N LYS F 205 -9.63 -26.74 -29.90
CA LYS F 205 -10.72 -26.00 -30.51
C LYS F 205 -12.02 -26.63 -30.04
N PRO F 206 -12.39 -26.44 -28.77
CA PRO F 206 -13.51 -27.20 -28.20
C PRO F 206 -14.86 -26.60 -28.59
N PRO F 207 -15.64 -27.29 -29.41
CA PRO F 207 -16.97 -26.77 -29.74
C PRO F 207 -17.95 -26.92 -28.59
N GLU F 208 -17.67 -27.90 -27.71
CA GLU F 208 -18.56 -28.20 -26.59
C GLU F 208 -18.94 -26.95 -25.84
N ASP F 209 -17.95 -26.11 -25.54
CA ASP F 209 -18.20 -24.79 -24.99
C ASP F 209 -18.28 -23.73 -26.08
N LEU F 210 -17.34 -23.71 -27.02
CA LEU F 210 -17.27 -22.62 -27.99
C LEU F 210 -18.47 -22.63 -28.92
N GLN F 211 -18.65 -23.71 -29.68
CA GLN F 211 -19.75 -23.77 -30.64
C GLN F 211 -21.09 -23.63 -29.94
N ASP F 212 -21.18 -24.08 -28.69
CA ASP F 212 -22.40 -23.87 -27.92
C ASP F 212 -22.72 -22.39 -27.79
N LEU F 213 -21.71 -21.57 -27.51
CA LEU F 213 -21.83 -20.12 -27.42
C LEU F 213 -22.69 -19.67 -26.24
N GLY F 214 -23.24 -20.62 -25.48
CA GLY F 214 -23.96 -20.26 -24.27
C GLY F 214 -25.43 -20.59 -24.30
N VAL F 215 -25.92 -21.14 -25.41
CA VAL F 215 -27.32 -21.47 -25.57
C VAL F 215 -27.41 -22.89 -26.12
N ARG F 216 -27.61 -23.85 -25.24
CA ARG F 216 -27.61 -25.26 -25.65
C ARG F 216 -28.30 -26.08 -24.58
N PHE F 217 -28.76 -27.26 -25.00
CA PHE F 217 -29.38 -28.24 -24.12
C PHE F 217 -29.13 -29.66 -24.62
N LEU F 218 -28.04 -30.29 -24.18
CA LEU F 218 -27.79 -31.66 -24.61
C LEU F 218 -26.61 -32.25 -23.84
N GLN F 219 -26.25 -33.46 -24.19
CA GLN F 219 -25.24 -34.33 -23.60
C GLN F 219 -23.77 -33.96 -23.82
N PRO F 220 -23.36 -33.37 -24.96
CA PRO F 220 -21.92 -33.42 -25.29
C PRO F 220 -21.01 -32.94 -24.18
N PHE F 221 -21.27 -31.75 -23.60
CA PHE F 221 -20.43 -31.28 -22.50
C PHE F 221 -20.50 -32.20 -21.30
N VAL F 222 -21.61 -32.90 -21.12
CA VAL F 222 -21.72 -33.87 -20.05
C VAL F 222 -20.89 -35.10 -20.37
N ASN F 223 -20.46 -35.80 -19.34
CA ASN F 223 -19.61 -36.96 -19.50
C ASN F 223 -20.41 -38.16 -19.97
N LEU F 224 -19.71 -39.17 -20.44
CA LEU F 224 -20.36 -40.41 -20.85
C LEU F 224 -21.23 -40.98 -19.71
N LEU F 225 -20.74 -40.86 -18.47
CA LEU F 225 -21.51 -41.36 -17.33
C LEU F 225 -22.89 -40.73 -17.28
N SER F 226 -22.95 -39.39 -17.20
CA SER F 226 -24.25 -38.73 -17.24
C SER F 226 -24.97 -38.96 -18.56
N LYS F 227 -24.22 -38.97 -19.67
CA LYS F 227 -24.79 -39.35 -20.96
C LYS F 227 -25.50 -40.70 -20.89
N GLY F 228 -25.24 -41.48 -19.86
CA GLY F 228 -26.03 -42.67 -19.61
C GLY F 228 -27.01 -42.51 -18.48
N THR F 229 -26.78 -41.56 -17.57
CA THR F 229 -27.57 -41.49 -16.34
C THR F 229 -28.24 -40.15 -16.08
N TYR F 230 -28.04 -39.16 -16.93
CA TYR F 230 -28.89 -37.96 -16.94
C TYR F 230 -28.74 -37.14 -15.66
N TRP F 231 -27.50 -36.98 -15.20
CA TRP F 231 -27.27 -36.11 -14.06
C TRP F 231 -27.52 -34.67 -14.42
N TRP F 232 -27.07 -34.26 -15.61
CA TRP F 232 -27.39 -32.93 -16.12
C TRP F 232 -28.89 -32.72 -16.21
N MET F 233 -29.62 -33.75 -16.62
CA MET F 233 -31.08 -33.63 -16.67
C MET F 233 -31.66 -33.53 -15.27
N ASN F 234 -31.01 -34.17 -14.29
CA ASN F 234 -31.40 -33.97 -12.90
C ASN F 234 -31.28 -32.51 -12.52
N ALA F 235 -30.15 -31.90 -12.84
CA ALA F 235 -30.00 -30.47 -12.58
C ALA F 235 -31.08 -29.67 -13.30
N PHE F 236 -31.36 -30.02 -14.57
CA PHE F 236 -32.35 -29.27 -15.34
C PHE F 236 -33.71 -29.33 -14.67
N ILE F 237 -34.09 -30.50 -14.18
CA ILE F 237 -35.37 -30.63 -13.49
C ILE F 237 -35.33 -29.93 -12.14
N LYS F 238 -34.13 -29.75 -11.57
CA LYS F 238 -34.02 -29.21 -10.22
C LYS F 238 -34.71 -27.86 -10.09
N THR F 239 -34.59 -27.02 -11.12
CA THR F 239 -35.27 -25.72 -11.07
C THR F 239 -36.76 -25.83 -11.32
N ALA F 240 -37.21 -26.89 -11.99
CA ALA F 240 -38.63 -26.98 -12.36
C ALA F 240 -39.53 -27.08 -11.13
N HIS F 241 -38.96 -27.42 -9.98
CA HIS F 241 -39.75 -27.40 -8.74
C HIS F 241 -39.87 -25.97 -8.22
N LYS F 242 -38.75 -25.29 -8.01
CA LYS F 242 -38.74 -23.96 -7.43
C LYS F 242 -39.33 -22.90 -8.36
N LYS F 243 -39.45 -23.17 -9.66
CA LYS F 243 -39.93 -22.14 -10.56
C LYS F 243 -40.60 -22.76 -11.79
N PRO F 244 -41.74 -22.25 -12.21
CA PRO F 244 -42.39 -22.78 -13.42
C PRO F 244 -41.56 -22.47 -14.66
N ILE F 245 -41.33 -23.50 -15.46
CA ILE F 245 -40.48 -23.38 -16.64
C ILE F 245 -41.15 -22.48 -17.67
N ASP F 246 -40.34 -21.90 -18.55
CA ASP F 246 -40.81 -21.02 -19.59
C ASP F 246 -40.00 -21.27 -20.87
N LEU F 247 -40.55 -20.80 -22.00
CA LEU F 247 -39.91 -21.06 -23.28
C LEU F 247 -38.61 -20.28 -23.43
N ARG F 248 -38.50 -19.10 -22.82
CA ARG F 248 -37.21 -18.43 -22.75
C ARG F 248 -36.29 -19.16 -21.79
N ALA F 249 -36.87 -19.70 -20.71
CA ALA F 249 -36.14 -20.55 -19.77
C ALA F 249 -36.03 -21.96 -20.36
N ILE F 250 -35.35 -22.03 -21.51
CA ILE F 250 -35.24 -23.25 -22.26
C ILE F 250 -33.94 -23.22 -23.04
N GLY F 251 -33.26 -24.37 -23.07
CA GLY F 251 -32.04 -24.47 -23.83
C GLY F 251 -32.32 -24.38 -25.32
N LYS F 252 -31.29 -23.97 -26.06
CA LYS F 252 -31.38 -23.86 -27.50
C LYS F 252 -31.00 -25.19 -28.14
N LEU F 253 -30.67 -25.15 -29.42
CA LEU F 253 -30.40 -26.31 -30.26
C LEU F 253 -28.96 -26.79 -30.12
N PRO F 254 -28.67 -27.99 -30.62
CA PRO F 254 -27.29 -28.32 -31.00
C PRO F 254 -27.03 -27.83 -32.41
N ILE F 255 -25.75 -27.57 -32.69
CA ILE F 255 -25.38 -26.97 -33.97
C ILE F 255 -25.72 -27.87 -35.16
N ALA F 256 -26.09 -29.13 -34.92
CA ALA F 256 -26.42 -30.07 -35.98
C ALA F 256 -27.91 -30.39 -36.04
N MET F 257 -28.77 -29.50 -35.55
CA MET F 257 -30.17 -29.82 -35.41
C MET F 257 -30.98 -29.33 -36.60
N ARG F 258 -31.43 -30.28 -37.42
CA ARG F 258 -32.51 -30.09 -38.39
C ARG F 258 -32.10 -29.27 -39.60
N ALA F 259 -30.89 -28.70 -39.60
CA ALA F 259 -30.40 -28.04 -40.80
C ALA F 259 -29.34 -28.89 -41.47
N LEU F 260 -28.32 -29.29 -40.70
CA LEU F 260 -27.41 -30.33 -41.17
C LEU F 260 -28.16 -31.64 -41.38
N THR F 261 -29.21 -31.89 -40.60
CA THR F 261 -30.04 -33.06 -40.86
C THR F 261 -30.73 -32.98 -42.21
N ASN F 262 -31.32 -31.83 -42.54
CA ASN F 262 -31.96 -31.69 -43.84
C ASN F 262 -30.94 -31.77 -44.96
N TYR F 263 -29.76 -31.18 -44.76
CA TYR F 263 -28.73 -31.26 -45.79
C TYR F 263 -28.25 -32.69 -45.98
N GLN F 264 -28.04 -33.43 -44.89
CA GLN F 264 -27.70 -34.84 -44.98
C GLN F 264 -28.77 -35.65 -45.68
N ARG F 265 -30.05 -35.37 -45.40
CA ARG F 265 -31.12 -36.09 -46.08
C ARG F 265 -31.12 -35.78 -47.57
N LEU F 266 -30.91 -34.51 -47.95
CA LEU F 266 -30.86 -34.17 -49.36
C LEU F 266 -29.67 -34.85 -50.03
N CYS F 267 -28.51 -34.85 -49.36
CA CYS F 267 -27.32 -35.46 -49.94
C CYS F 267 -27.48 -36.98 -50.06
N GLU F 268 -28.13 -37.59 -49.09
CA GLU F 268 -28.34 -39.03 -49.15
C GLU F 268 -29.39 -39.40 -50.18
N ALA F 269 -30.42 -38.57 -50.35
CA ALA F 269 -31.33 -38.77 -51.47
C ALA F 269 -30.62 -38.59 -52.80
N PHE F 270 -29.65 -37.68 -52.86
CA PHE F 270 -28.85 -37.52 -54.06
C PHE F 270 -28.01 -38.77 -54.32
N ASP F 271 -27.41 -39.33 -53.28
CA ASP F 271 -26.64 -40.56 -53.45
C ASP F 271 -27.53 -41.71 -53.88
N ALA F 272 -28.71 -41.82 -53.28
CA ALA F 272 -29.65 -42.85 -53.68
C ALA F 272 -30.17 -42.65 -55.08
N GLN F 273 -30.23 -41.41 -55.55
CA GLN F 273 -30.66 -41.15 -56.92
C GLN F 273 -29.55 -41.51 -57.91
N VAL F 274 -28.31 -41.16 -57.58
CA VAL F 274 -27.18 -41.63 -58.38
C VAL F 274 -27.15 -43.15 -58.45
N ARG F 275 -27.44 -43.82 -57.33
CA ARG F 275 -27.64 -45.26 -57.36
C ARG F 275 -28.79 -45.64 -58.30
N LYS F 276 -29.88 -44.88 -58.25
CA LYS F 276 -30.98 -45.10 -59.17
C LYS F 276 -30.61 -44.73 -60.59
N ASP F 277 -29.81 -43.68 -60.75
CA ASP F 277 -29.33 -43.28 -62.07
C ASP F 277 -28.26 -44.24 -62.56
N ALA F 286 -38.42 -47.71 -52.49
CA ALA F 286 -39.17 -46.51 -52.15
C ALA F 286 -38.29 -45.53 -51.39
N ILE F 287 -38.92 -44.67 -50.58
CA ILE F 287 -38.16 -43.69 -49.82
C ILE F 287 -37.48 -44.34 -48.62
N TRP F 288 -37.97 -45.51 -48.20
CA TRP F 288 -37.31 -46.27 -47.15
C TRP F 288 -35.84 -46.46 -47.47
N GLN F 289 -35.53 -46.76 -48.74
CA GLN F 289 -34.15 -46.98 -49.14
C GLN F 289 -33.30 -45.77 -48.82
N ALA F 290 -33.78 -44.58 -49.21
CA ALA F 290 -33.04 -43.35 -48.95
C ALA F 290 -32.94 -43.08 -47.45
N LEU F 291 -34.03 -43.27 -46.72
CA LEU F 291 -34.02 -43.07 -45.27
C LEU F 291 -32.93 -43.94 -44.63
N SER F 292 -32.99 -45.24 -44.88
CA SER F 292 -31.99 -46.17 -44.38
C SER F 292 -30.58 -45.75 -44.78
N HIS F 293 -30.35 -45.48 -46.06
CA HIS F 293 -29.03 -45.09 -46.50
C HIS F 293 -28.54 -43.84 -45.78
N ALA F 294 -29.46 -42.97 -45.37
CA ALA F 294 -29.11 -41.74 -44.69
C ALA F 294 -28.90 -41.93 -43.20
N PHE F 295 -29.49 -42.98 -42.63
CA PHE F 295 -29.86 -42.92 -41.23
C PHE F 295 -29.56 -44.19 -40.43
N GLY F 296 -29.19 -45.29 -41.10
CA GLY F 296 -29.29 -46.59 -40.45
C GLY F 296 -28.27 -46.84 -39.36
N ARG F 297 -27.16 -46.10 -39.38
CA ARG F 297 -26.08 -46.39 -38.45
C ARG F 297 -26.49 -46.04 -37.02
N ARG F 298 -27.20 -44.93 -36.83
CA ARG F 298 -27.66 -44.57 -35.49
C ARG F 298 -28.70 -45.57 -34.99
N LEU F 299 -29.54 -46.06 -35.89
CA LEU F 299 -30.51 -47.07 -35.50
C LEU F 299 -29.82 -48.36 -35.07
N VAL F 300 -28.86 -48.84 -35.85
CA VAL F 300 -28.19 -50.08 -35.48
C VAL F 300 -27.34 -49.86 -34.24
N LEU F 301 -26.95 -48.62 -33.96
CA LEU F 301 -26.28 -48.32 -32.71
C LEU F 301 -27.21 -48.49 -31.53
N SER F 302 -28.39 -47.86 -31.59
CA SER F 302 -29.39 -48.07 -30.55
C SER F 302 -29.74 -49.55 -30.43
N SER F 303 -29.83 -50.24 -31.56
CA SER F 303 -30.10 -51.67 -31.52
C SER F 303 -29.00 -52.40 -30.77
N THR F 304 -27.74 -52.20 -31.18
CA THR F 304 -26.62 -52.82 -30.50
C THR F 304 -26.68 -52.62 -28.99
N PHE F 305 -27.06 -51.41 -28.56
CA PHE F 305 -27.32 -51.19 -27.15
C PHE F 305 -28.37 -52.16 -26.63
N ARG F 306 -29.49 -52.28 -27.34
CA ARG F 306 -30.58 -53.14 -26.87
C ARG F 306 -30.13 -54.60 -26.80
N ILE F 307 -29.38 -55.04 -27.81
CA ILE F 307 -28.94 -56.44 -27.88
C ILE F 307 -27.98 -56.74 -26.74
N LEU F 308 -26.93 -55.94 -26.60
CA LEU F 308 -26.03 -56.15 -25.49
C LEU F 308 -26.78 -56.15 -24.16
N ALA F 309 -27.69 -55.18 -24.00
CA ALA F 309 -28.47 -55.13 -22.78
C ALA F 309 -29.23 -56.44 -22.56
N ASP F 310 -30.23 -56.72 -23.39
CA ASP F 310 -31.09 -57.86 -23.09
C ASP F 310 -30.33 -59.19 -23.08
N LEU F 311 -29.22 -59.28 -23.83
CA LEU F 311 -28.38 -60.47 -23.73
C LEU F 311 -27.73 -60.58 -22.35
N LEU F 312 -27.22 -59.46 -21.82
CA LEU F 312 -26.72 -59.47 -20.45
C LEU F 312 -27.80 -59.84 -19.45
N GLY F 313 -28.90 -59.06 -19.44
CA GLY F 313 -30.06 -59.36 -18.63
C GLY F 313 -30.54 -60.79 -18.76
N PHE F 314 -30.27 -61.42 -19.89
CA PHE F 314 -30.61 -62.81 -20.09
C PHE F 314 -29.80 -63.72 -19.17
N ALA F 315 -28.72 -63.22 -18.58
CA ALA F 315 -28.00 -64.02 -17.59
C ALA F 315 -28.66 -63.90 -16.23
N GLY F 316 -29.89 -63.39 -16.20
CA GLY F 316 -30.65 -63.27 -14.98
C GLY F 316 -31.03 -64.62 -14.40
N PRO F 317 -31.79 -65.42 -15.15
CA PRO F 317 -32.23 -66.71 -14.62
C PRO F 317 -31.08 -67.61 -14.21
N LEU F 318 -29.95 -67.54 -14.90
CA LEU F 318 -28.77 -68.29 -14.47
C LEU F 318 -28.44 -67.98 -13.02
N CYS F 319 -28.52 -66.71 -12.63
CA CYS F 319 -28.29 -66.36 -11.24
C CYS F 319 -29.32 -67.02 -10.34
N ILE F 320 -30.57 -67.12 -10.79
CA ILE F 320 -31.60 -67.73 -9.96
C ILE F 320 -31.28 -69.19 -9.72
N PHE F 321 -30.98 -69.92 -10.79
CA PHE F 321 -30.60 -71.32 -10.66
C PHE F 321 -29.42 -71.49 -9.73
N GLY F 322 -28.39 -70.66 -9.90
CA GLY F 322 -27.25 -70.73 -9.01
C GLY F 322 -27.62 -70.49 -7.57
N ILE F 323 -28.44 -69.47 -7.32
CA ILE F 323 -28.96 -69.23 -5.99
C ILE F 323 -29.56 -70.50 -5.40
N VAL F 324 -30.51 -71.09 -6.11
CA VAL F 324 -31.29 -72.17 -5.53
C VAL F 324 -30.40 -73.39 -5.29
N ASP F 325 -29.55 -73.72 -6.25
CA ASP F 325 -28.79 -74.97 -6.11
C ASP F 325 -27.60 -74.80 -5.17
N HIS F 326 -27.03 -73.60 -5.10
CA HIS F 326 -26.04 -73.33 -4.06
C HIS F 326 -26.67 -73.39 -2.68
N LEU F 327 -27.95 -73.04 -2.57
CA LEU F 327 -28.62 -73.22 -1.28
C LEU F 327 -28.92 -74.68 -1.02
N GLY F 328 -29.12 -75.47 -2.07
CA GLY F 328 -29.54 -76.86 -1.90
C GLY F 328 -28.79 -77.62 -0.83
N LYS F 329 -27.52 -77.30 -0.63
CA LYS F 329 -26.75 -77.89 0.44
C LYS F 329 -25.96 -76.84 1.20
N ALA F 353 -19.79 -68.92 1.57
CA ALA F 353 -21.11 -68.68 1.00
C ALA F 353 -21.01 -67.85 -0.28
N ASN F 354 -21.18 -68.50 -1.43
CA ASN F 354 -21.06 -67.82 -2.71
C ASN F 354 -22.39 -67.42 -3.33
N ALA F 355 -23.52 -67.76 -2.72
CA ALA F 355 -24.78 -67.29 -3.24
C ALA F 355 -24.96 -65.80 -3.03
N TYR F 356 -24.42 -65.28 -1.92
CA TYR F 356 -24.48 -63.84 -1.67
C TYR F 356 -23.84 -63.06 -2.81
N VAL F 357 -22.59 -63.38 -3.10
CA VAL F 357 -21.85 -62.64 -4.12
C VAL F 357 -22.49 -62.86 -5.48
N LEU F 358 -23.11 -64.03 -5.67
CA LEU F 358 -23.79 -64.31 -6.92
C LEU F 358 -25.05 -63.45 -7.08
N ALA F 359 -25.77 -63.24 -5.98
CA ALA F 359 -26.96 -62.39 -6.02
C ALA F 359 -26.58 -60.93 -6.25
N VAL F 360 -25.54 -60.46 -5.56
CA VAL F 360 -25.14 -59.08 -5.78
C VAL F 360 -24.50 -58.92 -7.16
N LEU F 361 -23.98 -60.02 -7.70
CA LEU F 361 -23.57 -60.04 -9.09
C LEU F 361 -24.76 -59.81 -10.01
N LEU F 362 -25.87 -60.49 -9.76
CA LEU F 362 -27.08 -60.21 -10.50
C LEU F 362 -27.50 -58.76 -10.34
N PHE F 363 -27.31 -58.21 -9.15
CA PHE F 363 -27.61 -56.80 -8.91
C PHE F 363 -26.82 -55.91 -9.86
N LEU F 364 -25.50 -56.07 -9.89
CA LEU F 364 -24.66 -55.30 -10.79
C LEU F 364 -25.06 -55.52 -12.24
N ALA F 365 -25.38 -56.77 -12.57
CA ALA F 365 -25.83 -57.11 -13.91
C ALA F 365 -27.04 -56.29 -14.30
N LEU F 366 -28.07 -56.23 -13.46
CA LEU F 366 -29.26 -55.46 -13.79
C LEU F 366 -28.96 -53.96 -13.82
N LEU F 367 -28.03 -53.51 -12.99
CA LEU F 367 -27.64 -52.11 -13.05
C LEU F 367 -27.15 -51.75 -14.44
N LEU F 368 -26.09 -52.43 -14.90
CA LEU F 368 -25.59 -52.19 -16.25
C LEU F 368 -26.68 -52.44 -17.28
N GLN F 369 -27.49 -53.46 -17.04
CA GLN F 369 -28.55 -53.86 -17.96
C GLN F 369 -29.48 -52.70 -18.29
N ARG F 370 -29.99 -52.04 -17.29
CA ARG F 370 -30.96 -50.99 -17.55
C ARG F 370 -30.30 -49.67 -17.85
N THR F 371 -29.08 -49.42 -17.38
CA THR F 371 -28.39 -48.24 -17.86
C THR F 371 -28.03 -48.36 -19.33
N PHE F 372 -28.00 -49.57 -19.88
CA PHE F 372 -27.88 -49.80 -21.30
C PHE F 372 -29.21 -49.77 -22.03
N LEU F 373 -30.28 -50.26 -21.39
CA LEU F 373 -31.61 -50.08 -21.96
C LEU F 373 -31.91 -48.61 -22.18
N GLN F 374 -31.50 -47.77 -21.23
CA GLN F 374 -31.69 -46.33 -21.39
C GLN F 374 -30.96 -45.82 -22.62
N ALA F 375 -29.71 -46.23 -22.80
CA ALA F 375 -28.97 -45.80 -23.99
C ALA F 375 -29.68 -46.23 -25.26
N SER F 376 -30.04 -47.51 -25.34
CA SER F 376 -30.81 -48.02 -26.47
C SER F 376 -32.06 -47.20 -26.76
N TYR F 377 -32.88 -46.96 -25.74
CA TYR F 377 -34.12 -46.22 -25.93
C TYR F 377 -33.89 -44.77 -26.32
N TYR F 378 -32.95 -44.10 -25.66
CA TYR F 378 -32.76 -42.68 -25.92
C TYR F 378 -32.17 -42.44 -27.29
N VAL F 379 -31.22 -43.27 -27.72
CA VAL F 379 -30.70 -43.10 -29.08
C VAL F 379 -31.84 -43.14 -30.07
N ALA F 380 -32.77 -44.08 -29.89
CA ALA F 380 -33.85 -44.24 -30.84
C ALA F 380 -34.84 -43.07 -30.78
N ILE F 381 -35.17 -42.59 -29.58
CA ILE F 381 -36.08 -41.46 -29.52
C ILE F 381 -35.43 -40.22 -30.12
N GLU F 382 -34.12 -40.07 -29.93
CA GLU F 382 -33.41 -39.00 -30.60
C GLU F 382 -33.47 -39.16 -32.10
N THR F 383 -33.27 -40.38 -32.60
CA THR F 383 -33.47 -40.68 -34.01
C THR F 383 -34.83 -40.20 -34.50
N GLY F 384 -35.87 -40.51 -33.75
CA GLY F 384 -37.22 -40.14 -34.13
C GLY F 384 -37.35 -38.64 -34.26
N ILE F 385 -36.74 -37.92 -33.32
CA ILE F 385 -36.81 -36.46 -33.39
C ILE F 385 -36.18 -35.93 -34.67
N ASN F 386 -35.01 -36.46 -35.02
CA ASN F 386 -34.31 -35.99 -36.21
C ASN F 386 -35.11 -36.28 -37.46
N LEU F 387 -35.63 -37.50 -37.57
CA LEU F 387 -36.42 -37.84 -38.74
C LEU F 387 -37.67 -36.97 -38.82
N ARG F 388 -38.31 -36.70 -37.68
CA ARG F 388 -39.47 -35.82 -37.66
C ARG F 388 -39.12 -34.46 -38.24
N GLY F 389 -38.05 -33.84 -37.74
CA GLY F 389 -37.65 -32.55 -38.26
C GLY F 389 -37.36 -32.58 -39.75
N ALA F 390 -36.59 -33.57 -40.18
CA ALA F 390 -36.20 -33.64 -41.58
C ALA F 390 -37.41 -33.85 -42.48
N ILE F 391 -38.33 -34.71 -42.10
CA ILE F 391 -39.47 -34.97 -42.95
C ILE F 391 -40.40 -33.78 -42.97
N GLN F 392 -40.55 -33.08 -41.84
CA GLN F 392 -41.35 -31.86 -41.86
C GLN F 392 -40.73 -30.84 -42.80
N THR F 393 -39.41 -30.72 -42.78
CA THR F 393 -38.71 -29.84 -43.71
C THR F 393 -39.00 -30.21 -45.15
N LYS F 394 -38.83 -31.48 -45.48
CA LYS F 394 -39.00 -31.93 -46.86
C LYS F 394 -40.44 -31.77 -47.33
N ILE F 395 -41.40 -32.16 -46.48
CA ILE F 395 -42.81 -31.98 -46.80
C ILE F 395 -43.10 -30.51 -47.05
N TYR F 396 -42.61 -29.63 -46.19
CA TYR F 396 -42.88 -28.22 -46.36
C TYR F 396 -42.28 -27.69 -47.65
N ASN F 397 -41.10 -28.19 -48.02
CA ASN F 397 -40.52 -27.80 -49.30
C ASN F 397 -41.41 -28.25 -50.45
N LYS F 398 -41.92 -29.47 -50.38
CA LYS F 398 -42.88 -29.92 -51.39
C LYS F 398 -44.10 -29.03 -51.44
N ILE F 399 -44.59 -28.61 -50.27
CA ILE F 399 -45.71 -27.67 -50.21
C ILE F 399 -45.36 -26.41 -50.97
N MET F 400 -44.18 -25.84 -50.68
CA MET F 400 -43.74 -24.65 -51.37
C MET F 400 -43.62 -24.90 -52.87
N HIS F 401 -43.46 -26.16 -53.26
CA HIS F 401 -43.46 -26.51 -54.67
C HIS F 401 -44.77 -27.11 -55.14
N LEU F 402 -45.80 -27.08 -54.32
CA LEU F 402 -47.05 -27.74 -54.70
C LEU F 402 -47.76 -26.94 -55.80
N SER F 403 -48.31 -27.67 -56.77
CA SER F 403 -49.14 -27.09 -57.79
C SER F 403 -50.53 -26.82 -57.22
N THR F 404 -51.05 -25.64 -57.51
CA THR F 404 -52.36 -25.28 -56.97
C THR F 404 -53.45 -26.18 -57.55
N SER F 405 -53.41 -26.44 -58.85
CA SER F 405 -54.44 -27.25 -59.49
C SER F 405 -54.62 -28.59 -58.79
N ASN F 406 -53.53 -29.14 -58.26
CA ASN F 406 -53.60 -30.38 -57.52
C ASN F 406 -54.47 -30.25 -56.28
N LEU F 407 -54.42 -29.08 -55.64
CA LEU F 407 -55.25 -28.84 -54.47
C LEU F 407 -56.66 -28.43 -54.85
N SER F 408 -56.81 -27.73 -55.98
CA SER F 408 -58.10 -27.18 -56.38
C SER F 408 -59.02 -28.27 -56.92
N MET F 409 -58.49 -29.09 -57.83
CA MET F 409 -59.36 -29.94 -58.64
C MET F 409 -59.60 -31.29 -58.00
N GLY F 410 -58.60 -31.84 -57.32
CA GLY F 410 -58.67 -33.26 -57.01
C GLY F 410 -58.03 -33.65 -55.70
N GLU F 411 -57.19 -34.69 -55.81
CA GLU F 411 -56.80 -35.65 -54.77
C GLU F 411 -56.63 -34.95 -53.42
N MET F 412 -55.83 -33.90 -53.34
CA MET F 412 -55.43 -33.42 -52.02
C MET F 412 -56.26 -32.22 -51.59
N THR F 413 -56.66 -32.23 -50.34
CA THR F 413 -57.27 -31.10 -49.65
C THR F 413 -56.35 -30.68 -48.52
N ALA F 414 -56.36 -29.38 -48.24
CA ALA F 414 -55.51 -28.83 -47.18
C ALA F 414 -55.65 -29.62 -45.90
N GLY F 415 -56.88 -30.06 -45.58
CA GLY F 415 -57.10 -30.87 -44.40
C GLY F 415 -56.17 -32.04 -44.28
N GLN F 416 -56.19 -32.95 -45.26
CA GLN F 416 -55.33 -34.13 -45.18
C GLN F 416 -53.87 -33.81 -45.43
N ILE F 417 -53.57 -32.74 -46.16
CA ILE F 417 -52.18 -32.38 -46.38
C ILE F 417 -51.53 -31.95 -45.07
N CYS F 418 -52.28 -31.26 -44.21
CA CYS F 418 -51.77 -30.95 -42.88
C CYS F 418 -51.97 -32.09 -41.90
N ASN F 419 -52.97 -32.93 -42.13
CA ASN F 419 -53.18 -34.07 -41.24
C ASN F 419 -52.06 -35.09 -41.40
N LEU F 420 -51.48 -35.20 -42.59
CA LEU F 420 -50.36 -36.11 -42.73
C LEU F 420 -49.19 -35.68 -41.86
N VAL F 421 -48.79 -34.41 -41.93
CA VAL F 421 -47.70 -33.98 -41.06
C VAL F 421 -48.12 -33.99 -39.61
N ALA F 422 -49.42 -33.91 -39.32
CA ALA F 422 -49.86 -33.93 -37.94
C ALA F 422 -49.80 -35.32 -37.33
N ILE F 423 -50.13 -36.36 -38.11
CA ILE F 423 -50.33 -37.70 -37.57
C ILE F 423 -49.32 -38.69 -38.14
N ASP F 424 -49.11 -38.69 -39.45
CA ASP F 424 -48.03 -39.47 -40.04
C ASP F 424 -46.73 -39.29 -39.29
N THR F 425 -46.37 -38.04 -38.99
CA THR F 425 -45.09 -37.77 -38.34
C THR F 425 -45.06 -38.37 -36.93
N ASN F 426 -46.15 -38.19 -36.17
CA ASN F 426 -46.22 -38.78 -34.85
C ASN F 426 -46.11 -40.30 -34.92
N GLN F 427 -46.74 -40.89 -35.93
CA GLN F 427 -46.72 -42.34 -36.05
C GLN F 427 -45.34 -42.85 -36.44
N LEU F 428 -44.65 -42.14 -37.33
CA LEU F 428 -43.28 -42.53 -37.66
C LEU F 428 -42.36 -42.33 -36.48
N MET F 429 -42.58 -41.27 -35.71
CA MET F 429 -41.86 -41.07 -34.47
C MET F 429 -42.03 -42.26 -33.55
N TRP F 430 -43.26 -42.72 -33.36
CA TRP F 430 -43.51 -43.87 -32.50
C TRP F 430 -42.95 -45.14 -33.09
N PHE F 431 -42.97 -45.26 -34.42
CA PHE F 431 -42.40 -46.43 -35.08
C PHE F 431 -40.91 -46.52 -34.82
N PHE F 432 -40.23 -45.38 -34.88
CA PHE F 432 -38.81 -45.37 -34.60
C PHE F 432 -38.53 -45.24 -33.11
N PHE F 433 -39.58 -45.21 -32.29
CA PHE F 433 -39.41 -45.58 -30.88
C PHE F 433 -39.30 -47.08 -30.75
N LEU F 434 -40.26 -47.81 -31.33
CA LEU F 434 -40.26 -49.26 -31.36
C LEU F 434 -39.34 -49.81 -32.43
N CYS F 435 -38.49 -48.97 -33.02
CA CYS F 435 -37.56 -49.44 -34.06
C CYS F 435 -36.61 -50.52 -33.56
N PRO F 436 -35.75 -50.27 -32.56
CA PRO F 436 -34.67 -51.24 -32.30
C PRO F 436 -35.18 -52.56 -31.76
N ASN F 437 -36.27 -52.51 -30.98
CA ASN F 437 -36.85 -53.73 -30.42
C ASN F 437 -37.03 -54.78 -31.51
N LEU F 438 -37.44 -54.35 -32.70
CA LEU F 438 -37.72 -55.28 -33.78
C LEU F 438 -36.49 -56.14 -34.10
N TRP F 439 -35.40 -55.52 -34.52
CA TRP F 439 -34.19 -56.29 -34.78
C TRP F 439 -33.63 -56.93 -33.54
N ALA F 440 -34.02 -56.46 -32.35
CA ALA F 440 -33.45 -56.97 -31.11
C ALA F 440 -34.06 -58.29 -30.67
N MET F 441 -35.38 -58.45 -30.74
CA MET F 441 -36.01 -59.63 -30.15
C MET F 441 -35.56 -60.95 -30.77
N PRO F 442 -35.47 -61.11 -32.09
CA PRO F 442 -35.07 -62.44 -32.61
C PRO F 442 -33.73 -62.91 -32.08
N VAL F 443 -32.72 -62.03 -32.01
CA VAL F 443 -31.48 -62.39 -31.34
C VAL F 443 -31.71 -62.85 -29.92
N GLN F 444 -32.57 -62.16 -29.17
CA GLN F 444 -32.97 -62.57 -27.83
C GLN F 444 -33.64 -63.92 -27.79
N ILE F 445 -34.63 -64.15 -28.64
CA ILE F 445 -35.37 -65.40 -28.58
C ILE F 445 -34.49 -66.57 -28.94
N ILE F 446 -33.56 -66.38 -29.87
CA ILE F 446 -32.68 -67.48 -30.26
C ILE F 446 -31.78 -67.87 -29.10
N VAL F 447 -31.21 -66.88 -28.42
CA VAL F 447 -30.39 -67.15 -27.26
C VAL F 447 -31.21 -67.80 -26.16
N GLY F 448 -32.49 -67.40 -26.04
CA GLY F 448 -33.35 -68.04 -25.07
C GLY F 448 -33.52 -69.52 -25.34
N VAL F 449 -33.77 -69.87 -26.60
CA VAL F 449 -33.91 -71.27 -26.97
C VAL F 449 -32.62 -72.02 -26.70
N ILE F 450 -31.49 -71.46 -27.13
CA ILE F 450 -30.21 -72.13 -26.94
C ILE F 450 -29.95 -72.37 -25.46
N LEU F 451 -30.31 -71.41 -24.62
CA LEU F 451 -30.10 -71.57 -23.20
C LEU F 451 -30.97 -72.68 -22.65
N LEU F 452 -32.26 -72.70 -23.03
CA LEU F 452 -33.12 -73.81 -22.63
C LEU F 452 -32.51 -75.15 -22.98
N TYR F 453 -31.89 -75.24 -24.17
CA TYR F 453 -31.26 -76.50 -24.58
C TYR F 453 -30.02 -76.80 -23.76
N TYR F 454 -29.31 -75.76 -23.31
CA TYR F 454 -28.17 -75.97 -22.43
C TYR F 454 -28.53 -75.85 -20.95
N ILE F 455 -29.76 -75.46 -20.62
CA ILE F 455 -30.13 -75.35 -19.22
C ILE F 455 -31.16 -76.40 -18.93
N LEU F 456 -31.58 -76.47 -17.66
CA LEU F 456 -32.31 -77.60 -17.08
C LEU F 456 -33.25 -78.28 -18.06
N GLY F 457 -33.91 -77.52 -18.93
CA GLY F 457 -34.72 -78.11 -19.97
C GLY F 457 -33.88 -78.73 -21.07
N VAL F 458 -32.66 -79.16 -20.75
CA VAL F 458 -31.60 -79.50 -21.70
C VAL F 458 -32.17 -80.27 -22.89
N SER F 459 -32.98 -81.28 -22.61
CA SER F 459 -33.72 -81.95 -23.66
C SER F 459 -35.18 -81.99 -23.26
N ALA F 460 -36.03 -82.28 -24.25
CA ALA F 460 -37.47 -82.33 -24.06
C ALA F 460 -38.00 -81.06 -23.40
N LEU F 461 -37.49 -79.91 -23.83
CA LEU F 461 -38.04 -78.63 -23.36
C LEU F 461 -39.19 -78.19 -24.25
N ILE F 462 -39.86 -79.14 -24.90
CA ILE F 462 -40.63 -78.93 -26.12
C ILE F 462 -41.48 -77.67 -26.10
N GLY F 463 -41.89 -77.23 -24.92
CA GLY F 463 -42.76 -76.07 -24.78
C GLY F 463 -42.30 -74.84 -25.53
N ALA F 464 -41.02 -74.81 -25.93
CA ALA F 464 -40.54 -73.70 -26.75
C ALA F 464 -41.18 -73.73 -28.13
N ALA F 465 -41.54 -74.90 -28.62
CA ALA F 465 -42.21 -74.99 -29.91
C ALA F 465 -43.51 -74.20 -29.93
N VAL F 466 -44.10 -73.95 -28.76
CA VAL F 466 -45.31 -73.13 -28.71
C VAL F 466 -45.02 -71.73 -29.21
N ILE F 467 -44.01 -71.07 -28.63
CA ILE F 467 -43.67 -69.74 -29.12
C ILE F 467 -43.09 -69.81 -30.52
N ILE F 468 -42.45 -70.93 -30.87
CA ILE F 468 -41.92 -71.07 -32.23
C ILE F 468 -43.06 -71.01 -33.25
N LEU F 469 -44.18 -71.64 -32.91
CA LEU F 469 -45.38 -71.56 -33.73
C LEU F 469 -46.14 -70.25 -33.52
N LEU F 470 -45.81 -69.51 -32.45
CA LEU F 470 -46.48 -68.24 -32.20
C LEU F 470 -46.15 -67.18 -33.25
N ALA F 471 -44.90 -67.14 -33.72
CA ALA F 471 -44.52 -66.13 -34.69
C ALA F 471 -45.38 -66.16 -35.95
N PRO F 472 -45.78 -67.32 -36.49
CA PRO F 472 -46.81 -67.29 -37.53
C PRO F 472 -48.13 -66.69 -37.07
N VAL F 473 -48.56 -66.97 -35.85
CA VAL F 473 -49.78 -66.33 -35.36
C VAL F 473 -49.61 -64.83 -35.29
N GLN F 474 -48.43 -64.37 -34.86
CA GLN F 474 -48.17 -62.94 -34.82
C GLN F 474 -48.22 -62.31 -36.21
N TYR F 475 -47.50 -62.89 -37.17
CA TYR F 475 -47.50 -62.36 -38.53
C TYR F 475 -48.89 -62.40 -39.16
N PHE F 476 -49.70 -63.40 -38.81
CA PHE F 476 -51.05 -63.46 -39.34
C PHE F 476 -51.93 -62.36 -38.75
N VAL F 477 -51.89 -62.19 -37.43
CA VAL F 477 -52.62 -61.07 -36.82
C VAL F 477 -52.13 -59.76 -37.40
N ALA F 478 -50.83 -59.69 -37.73
CA ALA F 478 -50.27 -58.51 -38.36
C ALA F 478 -50.95 -58.23 -39.68
N THR F 479 -50.92 -59.19 -40.60
CA THR F 479 -51.48 -58.96 -41.93
C THR F 479 -52.98 -58.73 -41.86
N LYS F 480 -53.65 -59.30 -40.85
CA LYS F 480 -55.08 -59.08 -40.69
C LYS F 480 -55.36 -57.65 -40.23
N LEU F 481 -54.62 -57.19 -39.23
CA LEU F 481 -54.71 -55.80 -38.81
C LEU F 481 -54.39 -54.87 -39.97
N SER F 482 -53.47 -55.29 -40.83
CA SER F 482 -53.14 -54.50 -42.01
C SER F 482 -54.30 -54.42 -42.98
N GLN F 483 -54.93 -55.56 -43.26
CA GLN F 483 -56.13 -55.56 -44.10
C GLN F 483 -57.19 -54.60 -43.57
N ALA F 484 -57.40 -54.58 -42.25
CA ALA F 484 -58.41 -53.71 -41.66
C ALA F 484 -57.96 -52.26 -41.57
N GLN F 485 -56.66 -52.00 -41.48
CA GLN F 485 -56.18 -50.66 -41.14
C GLN F 485 -56.44 -49.69 -42.27
N ARG F 486 -56.34 -50.15 -43.52
CA ARG F 486 -56.62 -49.27 -44.64
C ARG F 486 -58.05 -48.76 -44.60
N SER F 487 -59.02 -49.64 -44.35
CA SER F 487 -60.41 -49.22 -44.28
C SER F 487 -60.64 -48.31 -43.09
N THR F 488 -60.03 -48.64 -41.94
CA THR F 488 -60.17 -47.77 -40.77
C THR F 488 -59.65 -46.36 -41.07
N LEU F 489 -58.50 -46.28 -41.75
CA LEU F 489 -57.88 -45.00 -42.01
C LEU F 489 -58.66 -44.20 -43.04
N GLU F 490 -59.13 -44.86 -44.10
CA GLU F 490 -59.92 -44.15 -45.09
C GLU F 490 -61.23 -43.65 -44.49
N TYR F 491 -61.84 -44.42 -43.59
CA TYR F 491 -63.07 -43.95 -42.98
C TYR F 491 -62.83 -42.80 -42.02
N SER F 492 -61.73 -42.87 -41.26
CA SER F 492 -61.34 -41.73 -40.45
C SER F 492 -61.18 -40.48 -41.31
N ASN F 493 -60.48 -40.61 -42.44
CA ASN F 493 -60.28 -39.46 -43.31
C ASN F 493 -61.61 -38.93 -43.85
N GLU F 494 -62.50 -39.85 -44.23
CA GLU F 494 -63.81 -39.43 -44.70
C GLU F 494 -64.53 -38.63 -43.63
N ARG F 495 -64.55 -39.13 -42.40
CA ARG F 495 -65.23 -38.42 -41.31
C ARG F 495 -64.59 -37.07 -41.03
N LEU F 496 -63.26 -37.00 -41.18
CA LEU F 496 -62.57 -35.73 -40.99
C LEU F 496 -62.98 -34.73 -42.04
N LYS F 497 -62.90 -35.11 -43.32
CA LYS F 497 -63.47 -34.30 -44.38
C LYS F 497 -64.90 -33.87 -44.05
N GLN F 498 -65.71 -34.80 -43.54
CA GLN F 498 -67.09 -34.51 -43.17
C GLN F 498 -67.16 -33.36 -42.18
N THR F 499 -66.60 -33.54 -40.99
CA THR F 499 -66.70 -32.56 -39.92
C THR F 499 -66.04 -31.24 -40.27
N ASN F 500 -64.91 -31.27 -40.97
CA ASN F 500 -64.25 -30.05 -41.40
C ASN F 500 -65.23 -29.24 -42.23
N GLU F 501 -65.59 -29.82 -43.37
CA GLU F 501 -66.52 -29.19 -44.29
C GLU F 501 -67.77 -28.70 -43.58
N MET F 502 -68.28 -29.50 -42.63
CA MET F 502 -69.48 -29.13 -41.90
C MET F 502 -69.27 -27.84 -41.11
N LEU F 503 -68.29 -27.84 -40.21
CA LEU F 503 -68.13 -26.70 -39.33
C LEU F 503 -67.51 -25.50 -40.02
N ARG F 504 -67.07 -25.64 -41.27
CA ARG F 504 -66.65 -24.46 -42.01
C ARG F 504 -67.81 -23.49 -42.19
N GLY F 505 -68.81 -23.88 -42.97
CA GLY F 505 -70.01 -23.09 -43.11
C GLY F 505 -71.13 -23.52 -42.18
N ILE F 506 -70.82 -23.65 -40.89
CA ILE F 506 -71.83 -24.12 -39.94
C ILE F 506 -73.02 -23.18 -39.87
N LYS F 507 -72.81 -21.89 -40.18
CA LYS F 507 -73.93 -20.95 -40.20
C LYS F 507 -74.92 -21.30 -41.30
N LEU F 508 -74.43 -21.69 -42.47
CA LEU F 508 -75.31 -22.19 -43.52
C LEU F 508 -76.21 -23.29 -42.97
N LEU F 509 -75.62 -24.23 -42.23
CA LEU F 509 -76.39 -25.35 -41.71
C LEU F 509 -77.40 -24.88 -40.67
N LYS F 510 -76.99 -24.02 -39.74
CA LYS F 510 -77.93 -23.48 -38.76
C LYS F 510 -79.08 -22.76 -39.46
N LEU F 511 -78.83 -22.19 -40.63
CA LEU F 511 -79.86 -21.41 -41.33
C LEU F 511 -80.80 -22.28 -42.15
N TYR F 512 -80.28 -23.20 -42.95
CA TYR F 512 -81.09 -24.00 -43.86
C TYR F 512 -81.70 -25.22 -43.19
N ALA F 513 -81.37 -25.48 -41.93
CA ALA F 513 -81.90 -26.62 -41.19
C ALA F 513 -81.59 -27.93 -41.91
N TRP F 514 -80.31 -28.13 -42.22
CA TRP F 514 -79.83 -29.34 -42.84
C TRP F 514 -78.91 -30.13 -41.92
N GLU F 515 -78.93 -29.81 -40.63
CA GLU F 515 -77.97 -30.36 -39.67
C GLU F 515 -78.34 -31.74 -39.20
N ASN F 516 -79.63 -32.05 -39.07
CA ASN F 516 -80.01 -33.45 -38.92
C ASN F 516 -79.51 -34.25 -40.11
N ILE F 517 -79.69 -33.68 -41.31
CA ILE F 517 -79.32 -34.38 -42.54
C ILE F 517 -77.83 -34.65 -42.58
N PHE F 518 -77.03 -33.58 -42.52
CA PHE F 518 -75.59 -33.72 -42.61
C PHE F 518 -75.03 -34.47 -41.41
N ARG F 519 -75.65 -34.30 -40.24
CA ARG F 519 -75.19 -35.00 -39.04
C ARG F 519 -75.39 -36.50 -39.16
N THR F 520 -76.54 -36.93 -39.67
CA THR F 520 -76.73 -38.37 -39.84
C THR F 520 -75.91 -38.90 -41.00
N ARG F 521 -75.66 -38.07 -42.01
CA ARG F 521 -74.74 -38.45 -43.07
C ARG F 521 -73.36 -38.74 -42.50
N VAL F 522 -72.86 -37.86 -41.64
CA VAL F 522 -71.60 -38.09 -40.97
C VAL F 522 -71.68 -39.28 -40.04
N GLU F 523 -72.85 -39.47 -39.41
CA GLU F 523 -73.04 -40.62 -38.53
C GLU F 523 -72.88 -41.92 -39.28
N THR F 524 -73.30 -41.96 -40.55
CA THR F 524 -73.06 -43.13 -41.38
C THR F 524 -71.56 -43.39 -41.54
N THR F 525 -70.81 -42.35 -41.89
CA THR F 525 -69.36 -42.48 -42.00
C THR F 525 -68.75 -42.95 -40.69
N ARG F 526 -69.20 -42.36 -39.58
CA ARG F 526 -68.72 -42.75 -38.27
C ARG F 526 -69.09 -44.17 -37.95
N ARG F 527 -70.19 -44.66 -38.49
CA ARG F 527 -70.60 -46.03 -38.26
C ARG F 527 -69.72 -46.99 -39.03
N LYS F 528 -69.37 -46.64 -40.27
CA LYS F 528 -68.40 -47.43 -41.01
C LYS F 528 -67.06 -47.46 -40.27
N GLU F 529 -66.63 -46.29 -39.81
CA GLU F 529 -65.39 -46.19 -39.05
C GLU F 529 -65.47 -47.00 -37.76
N MET F 530 -66.64 -46.98 -37.10
CA MET F 530 -66.88 -47.75 -35.91
C MET F 530 -66.78 -49.24 -36.16
N THR F 531 -67.33 -49.70 -37.28
CA THR F 531 -67.26 -51.11 -37.62
C THR F 531 -65.81 -51.53 -37.89
N SER F 532 -65.09 -50.71 -38.65
CA SER F 532 -63.71 -51.06 -38.96
C SER F 532 -62.84 -51.06 -37.71
N LEU F 533 -63.03 -50.05 -36.86
CA LEU F 533 -62.32 -50.02 -35.59
C LEU F 533 -62.79 -51.15 -34.68
N ARG F 534 -64.00 -51.65 -34.90
CA ARG F 534 -64.50 -52.75 -34.10
C ARG F 534 -63.77 -54.04 -34.45
N ALA F 535 -63.63 -54.30 -35.76
CA ALA F 535 -62.79 -55.40 -36.19
C ALA F 535 -61.37 -55.24 -35.69
N PHE F 536 -60.86 -54.00 -35.75
CA PHE F 536 -59.52 -53.68 -35.26
C PHE F 536 -59.38 -54.05 -33.78
N ALA F 537 -60.39 -53.69 -32.99
CA ALA F 537 -60.35 -53.95 -31.56
C ALA F 537 -60.44 -55.44 -31.27
N ILE F 538 -61.31 -56.15 -32.01
CA ILE F 538 -61.36 -57.60 -31.88
C ILE F 538 -59.99 -58.21 -32.12
N TYR F 539 -59.33 -57.77 -33.19
CA TYR F 539 -58.05 -58.35 -33.56
C TYR F 539 -56.97 -58.02 -32.55
N THR F 540 -56.95 -56.78 -32.05
CA THR F 540 -55.94 -56.42 -31.06
C THR F 540 -56.18 -57.13 -29.74
N SER F 541 -57.44 -57.42 -29.42
CA SER F 541 -57.73 -58.19 -28.22
C SER F 541 -57.29 -59.64 -28.41
N ILE F 542 -57.46 -60.17 -29.63
CA ILE F 542 -56.95 -61.49 -29.94
C ILE F 542 -55.44 -61.54 -29.76
N SER F 543 -54.75 -60.51 -30.24
CA SER F 543 -53.31 -60.46 -30.06
C SER F 543 -52.93 -60.38 -28.60
N ILE F 544 -53.66 -59.58 -27.82
CA ILE F 544 -53.36 -59.43 -26.40
C ILE F 544 -53.52 -60.75 -25.67
N PHE F 545 -54.64 -61.43 -25.91
CA PHE F 545 -54.85 -62.71 -25.23
C PHE F 545 -53.84 -63.75 -25.67
N MET F 546 -53.57 -63.87 -26.97
CA MET F 546 -52.56 -64.82 -27.40
C MET F 546 -51.22 -64.53 -26.75
N ASN F 547 -50.83 -63.25 -26.75
CA ASN F 547 -49.64 -62.78 -26.05
C ASN F 547 -49.57 -63.31 -24.63
N THR F 548 -50.56 -62.95 -23.81
CA THR F 548 -50.47 -63.31 -22.40
C THR F 548 -50.83 -64.77 -22.16
N ALA F 549 -51.32 -65.48 -23.17
CA ALA F 549 -51.80 -66.84 -22.97
C ALA F 549 -50.72 -67.85 -23.30
N ILE F 550 -49.86 -67.55 -24.26
CA ILE F 550 -48.81 -68.50 -24.61
C ILE F 550 -47.80 -68.74 -23.49
N PRO F 551 -47.53 -67.81 -22.55
CA PRO F 551 -46.56 -68.17 -21.50
C PRO F 551 -47.07 -69.26 -20.58
N ILE F 552 -48.33 -69.18 -20.16
CA ILE F 552 -48.84 -70.23 -19.29
C ILE F 552 -48.95 -71.54 -20.05
N ALA F 553 -49.26 -71.47 -21.35
CA ALA F 553 -49.20 -72.67 -22.18
C ALA F 553 -47.81 -73.27 -22.15
N ALA F 554 -46.78 -72.44 -22.31
CA ALA F 554 -45.42 -72.93 -22.34
C ALA F 554 -45.03 -73.56 -21.01
N VAL F 555 -45.36 -72.90 -19.90
CA VAL F 555 -44.96 -73.45 -18.60
C VAL F 555 -45.67 -74.78 -18.37
N LEU F 556 -46.95 -74.86 -18.74
CA LEU F 556 -47.68 -76.10 -18.57
C LEU F 556 -47.06 -77.21 -19.38
N ILE F 557 -46.81 -76.96 -20.67
CA ILE F 557 -46.30 -78.00 -21.54
C ILE F 557 -44.92 -78.45 -21.09
N THR F 558 -44.05 -77.51 -20.74
CA THR F 558 -42.73 -77.89 -20.24
C THR F 558 -42.84 -78.75 -18.99
N PHE F 559 -43.53 -78.27 -17.97
CA PHE F 559 -43.55 -78.98 -16.71
C PHE F 559 -44.24 -80.32 -16.80
N VAL F 560 -45.19 -80.48 -17.71
CA VAL F 560 -45.79 -81.78 -17.98
C VAL F 560 -44.85 -82.67 -18.80
N GLY F 561 -43.97 -82.08 -19.60
CA GLY F 561 -43.04 -82.84 -20.40
C GLY F 561 -42.24 -83.85 -19.60
N HIS F 562 -41.91 -83.48 -18.36
CA HIS F 562 -41.22 -84.41 -17.47
C HIS F 562 -41.94 -85.75 -17.40
N VAL F 563 -43.26 -85.73 -17.51
CA VAL F 563 -44.05 -86.92 -17.33
C VAL F 563 -44.90 -87.17 -18.57
N PRO F 573 -37.53 -78.73 -7.93
CA PRO F 573 -36.46 -78.00 -7.23
C PRO F 573 -36.20 -76.64 -7.87
N SER F 574 -34.94 -76.39 -8.21
CA SER F 574 -34.55 -75.19 -8.94
C SER F 574 -34.91 -75.23 -10.41
N VAL F 575 -34.83 -76.39 -11.05
CA VAL F 575 -35.01 -76.49 -12.50
C VAL F 575 -36.35 -75.87 -12.92
N ALA F 576 -37.45 -76.37 -12.39
CA ALA F 576 -38.76 -75.93 -12.87
C ALA F 576 -38.92 -74.43 -12.71
N PHE F 577 -38.61 -73.91 -11.52
CA PHE F 577 -38.89 -72.51 -11.27
C PHE F 577 -37.89 -71.61 -11.99
N ALA F 578 -36.64 -72.07 -12.16
CA ALA F 578 -35.71 -71.26 -12.94
C ALA F 578 -36.17 -71.14 -14.38
N SER F 579 -36.68 -72.23 -14.95
CA SER F 579 -37.23 -72.15 -16.30
C SER F 579 -38.45 -71.23 -16.33
N LEU F 580 -39.32 -71.31 -15.33
CA LEU F 580 -40.45 -70.39 -15.26
C LEU F 580 -40.01 -68.94 -15.14
N SER F 581 -38.92 -68.68 -14.42
CA SER F 581 -38.38 -67.34 -14.33
C SER F 581 -37.94 -66.86 -15.71
N LEU F 582 -37.19 -67.71 -16.42
CA LEU F 582 -36.83 -67.37 -17.78
C LEU F 582 -38.08 -67.13 -18.64
N PHE F 583 -39.17 -67.83 -18.34
CA PHE F 583 -40.38 -67.65 -19.13
C PHE F 583 -41.03 -66.31 -18.87
N HIS F 584 -41.07 -65.88 -17.61
CA HIS F 584 -41.42 -64.49 -17.33
C HIS F 584 -40.58 -63.53 -18.16
N ILE F 585 -39.26 -63.71 -18.10
CA ILE F 585 -38.36 -62.78 -18.77
C ILE F 585 -38.57 -62.82 -20.28
N LEU F 586 -38.95 -63.98 -20.81
CA LEU F 586 -39.13 -64.10 -22.25
C LEU F 586 -40.47 -63.57 -22.71
N VAL F 587 -41.48 -63.62 -21.83
CA VAL F 587 -42.77 -63.03 -22.16
C VAL F 587 -42.77 -61.52 -21.98
N THR F 588 -41.79 -60.98 -21.26
CA THR F 588 -41.67 -59.53 -21.17
C THR F 588 -41.62 -58.85 -22.55
N PRO F 589 -40.76 -59.25 -23.48
CA PRO F 589 -40.72 -58.56 -24.78
C PRO F 589 -41.99 -58.72 -25.59
N LEU F 590 -42.69 -59.85 -25.46
CA LEU F 590 -43.87 -60.12 -26.26
C LEU F 590 -44.99 -59.11 -25.97
N PHE F 591 -45.18 -58.77 -24.69
CA PHE F 591 -46.21 -57.82 -24.32
C PHE F 591 -46.04 -56.50 -25.05
N LEU F 592 -44.80 -56.11 -25.31
CA LEU F 592 -44.56 -54.88 -26.06
C LEU F 592 -44.62 -55.14 -27.57
N LEU F 593 -44.17 -56.33 -28.00
CA LEU F 593 -44.30 -56.70 -29.41
C LEU F 593 -45.73 -56.58 -29.89
N SER F 594 -46.67 -56.84 -28.99
CA SER F 594 -48.09 -56.67 -29.31
C SER F 594 -48.36 -55.32 -29.97
N SER F 595 -47.82 -54.25 -29.40
CA SER F 595 -48.00 -52.92 -29.96
C SER F 595 -46.95 -52.61 -31.02
N VAL F 596 -45.79 -53.27 -30.94
CA VAL F 596 -44.76 -53.09 -31.96
C VAL F 596 -45.31 -53.41 -33.34
N VAL F 597 -46.01 -54.53 -33.46
CA VAL F 597 -46.51 -54.93 -34.77
C VAL F 597 -47.61 -53.98 -35.24
N ARG F 598 -48.44 -53.50 -34.31
CA ARG F 598 -49.46 -52.51 -34.66
C ARG F 598 -48.82 -51.26 -35.23
N SER F 599 -47.84 -50.70 -34.51
CA SER F 599 -47.14 -49.52 -34.99
C SER F 599 -46.44 -49.80 -36.31
N THR F 600 -45.94 -51.02 -36.49
CA THR F 600 -45.32 -51.39 -37.76
C THR F 600 -46.33 -51.23 -38.89
N VAL F 601 -47.50 -51.85 -38.75
CA VAL F 601 -48.55 -51.76 -39.75
C VAL F 601 -48.86 -50.30 -40.07
N LYS F 602 -49.12 -49.52 -39.01
CA LYS F 602 -49.55 -48.13 -39.22
C LYS F 602 -48.46 -47.32 -39.91
N ALA F 603 -47.19 -47.58 -39.58
CA ALA F 603 -46.10 -46.86 -40.22
C ALA F 603 -45.97 -47.26 -41.69
N LEU F 604 -46.19 -48.53 -41.99
CA LEU F 604 -46.16 -48.98 -43.38
C LEU F 604 -47.17 -48.20 -44.21
N VAL F 605 -48.42 -48.16 -43.74
CA VAL F 605 -49.47 -47.48 -44.48
C VAL F 605 -49.22 -45.98 -44.53
N SER F 606 -48.64 -45.45 -43.45
CA SER F 606 -48.40 -44.02 -43.37
C SER F 606 -47.33 -43.59 -44.36
N VAL F 607 -46.27 -44.38 -44.51
CA VAL F 607 -45.25 -44.05 -45.49
C VAL F 607 -45.77 -44.27 -46.89
N GLN F 608 -46.68 -45.24 -47.06
CA GLN F 608 -47.36 -45.34 -48.35
C GLN F 608 -48.02 -44.02 -48.69
N LYS F 609 -48.81 -43.48 -47.76
CA LYS F 609 -49.45 -42.18 -47.99
C LYS F 609 -48.42 -41.08 -48.21
N LEU F 610 -47.28 -41.18 -47.52
CA LEU F 610 -46.23 -40.19 -47.72
C LEU F 610 -45.74 -40.19 -49.15
N SER F 611 -45.23 -41.33 -49.62
CA SER F 611 -44.78 -41.44 -51.01
C SER F 611 -45.89 -41.04 -51.96
N GLU F 612 -47.15 -41.32 -51.60
CA GLU F 612 -48.27 -40.85 -52.38
C GLU F 612 -48.25 -39.33 -52.51
N PHE F 613 -48.01 -38.63 -51.41
CA PHE F 613 -48.02 -37.17 -51.44
C PHE F 613 -46.78 -36.61 -52.14
N LEU F 614 -45.62 -37.20 -51.91
CA LEU F 614 -44.36 -36.67 -52.43
C LEU F 614 -44.30 -36.67 -53.94
N SER F 615 -45.09 -37.52 -54.59
CA SER F 615 -45.04 -37.70 -56.04
C SER F 615 -45.96 -36.75 -56.78
N SER F 616 -46.23 -35.58 -56.20
CA SER F 616 -47.27 -34.69 -56.70
C SER F 616 -46.75 -33.75 -57.78
N ALA F 617 -47.68 -33.04 -58.40
CA ALA F 617 -47.34 -32.08 -59.44
C ALA F 617 -46.80 -30.80 -58.83
N GLU F 618 -45.72 -30.29 -59.41
CA GLU F 618 -45.03 -29.14 -58.85
C GLU F 618 -45.05 -27.96 -59.81
N ILE F 619 -45.26 -26.77 -59.25
CA ILE F 619 -45.11 -25.53 -60.01
C ILE F 619 -43.63 -25.37 -60.35
N ARG F 620 -43.35 -25.01 -61.59
CA ARG F 620 -41.97 -24.82 -62.04
C ARG F 620 -41.92 -23.87 -63.23
N CYS F 677 -45.06 -2.27 -72.54
CA CYS F 677 -43.75 -2.87 -72.73
C CYS F 677 -43.45 -3.92 -71.67
N CYS F 678 -44.10 -3.78 -70.52
CA CYS F 678 -43.88 -4.65 -69.37
C CYS F 678 -44.61 -5.96 -69.59
N VAL F 679 -44.80 -6.70 -68.51
CA VAL F 679 -45.30 -8.08 -68.53
C VAL F 679 -46.40 -8.25 -69.57
N GLN F 680 -46.24 -9.27 -70.41
CA GLN F 680 -47.04 -9.42 -71.61
C GLN F 680 -47.00 -10.87 -72.06
N ILE F 681 -47.91 -11.24 -72.96
CA ILE F 681 -47.99 -12.61 -73.48
C ILE F 681 -48.27 -12.54 -74.97
N MET F 682 -47.64 -13.41 -75.74
CA MET F 682 -47.90 -13.57 -77.17
C MET F 682 -48.63 -14.89 -77.39
N GLY F 683 -49.92 -14.80 -77.74
CA GLY F 683 -50.72 -15.97 -78.06
C GLY F 683 -50.80 -16.97 -76.92
N GLY F 684 -51.25 -16.51 -75.76
CA GLY F 684 -51.19 -17.33 -74.57
C GLY F 684 -52.21 -18.44 -74.57
N TYR F 685 -51.73 -19.62 -74.19
CA TYR F 685 -52.56 -20.80 -73.98
C TYR F 685 -52.33 -21.26 -72.56
N PHE F 686 -53.40 -21.48 -71.81
CA PHE F 686 -53.30 -21.81 -70.39
C PHE F 686 -54.36 -22.83 -70.03
N THR F 687 -54.06 -23.63 -69.00
CA THR F 687 -55.02 -24.64 -68.56
C THR F 687 -54.73 -25.03 -67.12
N TRP F 688 -55.78 -25.40 -66.40
CA TRP F 688 -55.64 -25.83 -65.01
C TRP F 688 -55.03 -27.22 -64.92
N THR F 689 -55.63 -28.19 -65.62
CA THR F 689 -55.12 -29.54 -65.71
C THR F 689 -54.78 -29.86 -67.16
N PRO F 690 -53.65 -30.52 -67.43
CA PRO F 690 -53.25 -30.76 -68.82
C PRO F 690 -54.15 -31.73 -69.54
N ASP F 691 -54.95 -32.51 -68.81
CA ASP F 691 -55.82 -33.50 -69.44
C ASP F 691 -57.10 -32.88 -69.96
N GLY F 692 -57.53 -31.75 -69.39
CA GLY F 692 -58.78 -31.12 -69.76
C GLY F 692 -58.63 -30.10 -70.87
N ILE F 693 -59.65 -29.26 -71.01
CA ILE F 693 -59.66 -28.25 -72.06
C ILE F 693 -58.73 -27.10 -71.66
N PRO F 694 -58.07 -26.45 -72.60
CA PRO F 694 -57.21 -25.31 -72.25
C PRO F 694 -58.05 -24.13 -71.78
N THR F 695 -57.76 -23.65 -70.56
CA THR F 695 -58.50 -22.54 -69.99
C THR F 695 -58.41 -21.31 -70.87
N LEU F 696 -57.18 -20.86 -71.12
CA LEU F 696 -56.95 -19.70 -71.95
C LEU F 696 -56.39 -20.15 -73.28
N SER F 697 -56.82 -19.46 -74.34
CA SER F 697 -56.41 -19.83 -75.68
C SER F 697 -56.23 -18.57 -76.50
N ASN F 698 -55.00 -18.34 -76.97
CA ASN F 698 -54.68 -17.20 -77.82
C ASN F 698 -55.02 -15.89 -77.10
N ILE F 699 -54.34 -15.65 -75.98
CA ILE F 699 -54.45 -14.38 -75.28
C ILE F 699 -53.16 -13.60 -75.49
N THR F 700 -53.30 -12.29 -75.68
CA THR F 700 -52.18 -11.40 -75.95
C THR F 700 -52.27 -10.23 -74.99
N ILE F 701 -51.23 -10.05 -74.18
CA ILE F 701 -51.31 -9.14 -73.04
C ILE F 701 -50.22 -8.07 -73.15
N ARG F 702 -50.46 -6.93 -72.51
CA ARG F 702 -49.54 -5.81 -72.49
C ARG F 702 -49.97 -4.85 -71.40
N ILE F 703 -49.06 -4.53 -70.48
CA ILE F 703 -49.33 -3.49 -69.48
C ILE F 703 -48.15 -2.54 -69.46
N PRO F 704 -48.38 -1.25 -69.70
CA PRO F 704 -47.27 -0.28 -69.60
C PRO F 704 -46.91 -0.06 -68.13
N ARG F 705 -45.63 0.25 -67.92
CA ARG F 705 -45.14 0.53 -66.58
C ARG F 705 -45.80 1.81 -66.05
N GLY F 706 -45.89 1.89 -64.72
CA GLY F 706 -46.50 3.04 -64.09
C GLY F 706 -47.89 3.35 -64.57
N GLN F 707 -48.63 2.35 -65.05
CA GLN F 707 -49.98 2.54 -65.54
C GLN F 707 -50.95 1.74 -64.69
N LEU F 708 -52.11 2.35 -64.47
CA LEU F 708 -53.24 1.69 -63.81
C LEU F 708 -54.15 1.08 -64.85
N THR F 709 -54.20 -0.25 -64.89
CA THR F 709 -55.05 -0.93 -65.85
C THR F 709 -56.10 -1.74 -65.13
N MET F 710 -57.19 -2.03 -65.85
CA MET F 710 -58.28 -2.82 -65.32
C MET F 710 -58.56 -3.97 -66.26
N ILE F 711 -59.12 -5.03 -65.70
CA ILE F 711 -59.57 -6.19 -66.46
C ILE F 711 -61.00 -6.48 -66.04
N VAL F 712 -61.91 -6.46 -67.00
CA VAL F 712 -63.32 -6.68 -66.75
C VAL F 712 -63.81 -7.77 -67.68
N GLY F 713 -65.03 -8.23 -67.42
CA GLY F 713 -65.62 -9.25 -68.27
C GLY F 713 -66.86 -9.82 -67.60
N GLN F 714 -67.17 -11.05 -67.98
CA GLN F 714 -68.29 -11.75 -67.38
C GLN F 714 -67.83 -12.44 -66.09
N VAL F 715 -68.78 -12.97 -65.34
CA VAL F 715 -68.46 -13.77 -64.17
C VAL F 715 -68.00 -15.15 -64.63
N GLY F 716 -66.89 -15.62 -64.06
CA GLY F 716 -66.29 -16.84 -64.55
C GLY F 716 -65.66 -16.71 -65.92
N CYS F 717 -65.67 -15.51 -66.50
CA CYS F 717 -65.22 -15.34 -67.88
C CYS F 717 -63.78 -15.79 -68.07
N GLY F 718 -62.97 -15.73 -67.01
CA GLY F 718 -61.57 -16.07 -67.13
C GLY F 718 -60.66 -14.92 -66.75
N LYS F 719 -61.14 -14.00 -65.92
CA LYS F 719 -60.33 -12.83 -65.62
C LYS F 719 -59.30 -13.11 -64.53
N SER F 720 -59.69 -13.77 -63.44
CA SER F 720 -58.68 -14.11 -62.43
C SER F 720 -57.75 -15.21 -62.92
N SER F 721 -58.24 -16.09 -63.79
CA SER F 721 -57.39 -17.17 -64.27
C SER F 721 -56.22 -16.65 -65.08
N LEU F 722 -56.47 -15.70 -65.99
CA LEU F 722 -55.36 -15.10 -66.72
C LEU F 722 -54.33 -14.51 -65.78
N LEU F 723 -54.80 -13.94 -64.67
CA LEU F 723 -53.91 -13.25 -63.76
C LEU F 723 -53.03 -14.24 -63.00
N LEU F 724 -53.67 -15.22 -62.37
CA LEU F 724 -52.94 -16.31 -61.74
C LEU F 724 -51.96 -16.95 -62.72
N ALA F 725 -52.36 -17.10 -63.98
CA ALA F 725 -51.45 -17.64 -64.98
C ALA F 725 -50.24 -16.74 -65.16
N ALA F 726 -50.46 -15.43 -65.28
CA ALA F 726 -49.37 -14.48 -65.32
C ALA F 726 -48.50 -14.54 -64.08
N LEU F 727 -49.00 -15.13 -62.99
CA LEU F 727 -48.20 -15.37 -61.79
C LEU F 727 -47.61 -16.77 -61.80
N GLY F 728 -47.27 -17.30 -62.97
CA GLY F 728 -46.64 -18.61 -63.08
C GLY F 728 -47.45 -19.77 -62.54
N GLU F 729 -48.71 -19.54 -62.16
CA GLU F 729 -49.49 -20.58 -61.48
C GLU F 729 -50.12 -21.58 -62.42
N MET F 730 -50.68 -21.13 -63.54
CA MET F 730 -51.49 -21.99 -64.39
C MET F 730 -50.61 -22.67 -65.42
N GLN F 731 -50.91 -23.95 -65.68
CA GLN F 731 -50.16 -24.69 -66.69
C GLN F 731 -50.44 -24.08 -68.05
N LYS F 732 -49.47 -23.36 -68.59
CA LYS F 732 -49.64 -22.81 -69.92
C LYS F 732 -49.40 -23.90 -70.95
N VAL F 733 -50.38 -24.08 -71.84
CA VAL F 733 -50.18 -24.99 -72.95
C VAL F 733 -49.18 -24.39 -73.93
N SER F 734 -49.28 -23.09 -74.17
CA SER F 734 -48.39 -22.40 -75.10
C SER F 734 -48.47 -20.91 -74.80
N GLY F 735 -47.58 -20.16 -75.43
CA GLY F 735 -47.43 -18.74 -75.20
C GLY F 735 -46.10 -18.41 -74.56
N ALA F 736 -45.69 -17.15 -74.74
CA ALA F 736 -44.45 -16.64 -74.20
C ALA F 736 -44.76 -15.47 -73.29
N VAL F 737 -44.17 -15.48 -72.10
CA VAL F 737 -44.50 -14.53 -71.04
C VAL F 737 -43.23 -13.81 -70.61
N PHE F 738 -43.08 -12.56 -71.04
CA PHE F 738 -41.90 -11.76 -70.74
C PHE F 738 -42.20 -10.86 -69.55
N TRP F 739 -41.20 -10.63 -68.72
CA TRP F 739 -41.35 -9.89 -67.48
C TRP F 739 -40.32 -8.78 -67.39
N SER F 740 -40.78 -7.60 -66.97
CA SER F 740 -39.94 -6.40 -66.87
C SER F 740 -39.24 -6.10 -68.20
N ARG F 766 -38.90 -12.32 -62.89
CA ARG F 766 -40.09 -11.96 -62.12
C ARG F 766 -39.75 -10.93 -61.06
N GLY F 767 -40.76 -10.40 -60.40
CA GLY F 767 -40.55 -9.52 -59.28
C GLY F 767 -41.40 -9.96 -58.11
N PRO F 768 -41.08 -9.51 -56.91
CA PRO F 768 -41.94 -9.82 -55.77
C PRO F 768 -43.26 -9.08 -55.89
N VAL F 769 -44.04 -9.45 -56.91
CA VAL F 769 -45.31 -8.79 -57.23
C VAL F 769 -46.25 -8.84 -56.03
N ALA F 770 -46.72 -7.68 -55.60
CA ALA F 770 -47.74 -7.63 -54.57
C ALA F 770 -49.00 -8.36 -55.05
N TYR F 771 -49.80 -8.83 -54.10
CA TYR F 771 -50.94 -9.65 -54.47
C TYR F 771 -52.03 -9.58 -53.41
N ALA F 772 -53.27 -9.53 -53.87
CA ALA F 772 -54.45 -9.66 -53.02
C ALA F 772 -55.42 -10.61 -53.72
N SER F 773 -55.70 -11.75 -53.09
CA SER F 773 -56.47 -12.79 -53.75
C SER F 773 -57.91 -12.36 -53.98
N GLN F 774 -58.61 -13.12 -54.81
CA GLN F 774 -59.99 -12.78 -55.15
C GLN F 774 -60.88 -12.87 -53.92
N LYS F 775 -60.56 -13.77 -53.01
CA LYS F 775 -61.15 -13.73 -51.68
C LYS F 775 -60.10 -13.29 -50.68
N PRO F 776 -60.48 -12.48 -49.70
CA PRO F 776 -59.51 -12.09 -48.67
C PRO F 776 -58.99 -13.30 -47.91
N TRP F 777 -57.68 -13.27 -47.65
CA TRP F 777 -57.01 -14.23 -46.79
C TRP F 777 -56.24 -13.46 -45.73
N LEU F 778 -55.82 -14.16 -44.67
CA LEU F 778 -55.15 -13.51 -43.57
C LEU F 778 -54.25 -14.51 -42.85
N LEU F 779 -53.33 -13.97 -42.06
CA LEU F 779 -52.48 -14.80 -41.22
C LEU F 779 -53.09 -14.84 -39.81
N ASN F 780 -52.57 -15.73 -38.97
CA ASN F 780 -53.08 -15.92 -37.62
C ASN F 780 -52.35 -15.03 -36.63
N ALA F 781 -51.95 -13.84 -37.08
CA ALA F 781 -51.06 -13.00 -36.30
C ALA F 781 -51.68 -11.61 -36.16
N THR F 782 -50.88 -10.69 -35.64
CA THR F 782 -51.32 -9.33 -35.36
C THR F 782 -51.85 -8.65 -36.62
N VAL F 783 -52.85 -7.79 -36.42
CA VAL F 783 -53.24 -6.85 -37.46
C VAL F 783 -52.00 -6.20 -38.06
N GLU F 784 -51.19 -5.58 -37.21
CA GLU F 784 -49.93 -5.03 -37.68
C GLU F 784 -49.06 -6.10 -38.32
N GLU F 785 -49.08 -7.33 -37.78
CA GLU F 785 -48.20 -8.37 -38.31
C GLU F 785 -48.52 -8.66 -39.76
N ASN F 786 -49.76 -9.06 -40.05
CA ASN F 786 -50.09 -9.46 -41.41
C ASN F 786 -50.12 -8.27 -42.34
N ILE F 787 -50.36 -7.08 -41.80
CA ILE F 787 -50.29 -5.88 -42.65
C ILE F 787 -48.85 -5.59 -43.06
N ILE F 788 -47.92 -5.71 -42.11
CA ILE F 788 -46.51 -5.45 -42.40
C ILE F 788 -45.97 -6.47 -43.39
N PHE F 789 -46.23 -7.75 -43.15
CA PHE F 789 -45.76 -8.82 -44.01
C PHE F 789 -44.24 -8.74 -44.19
N GLU F 790 -43.54 -8.64 -43.05
CA GLU F 790 -42.08 -8.67 -42.99
C GLU F 790 -41.46 -7.53 -43.79
N SER F 791 -41.93 -6.31 -43.54
CA SER F 791 -41.38 -5.12 -44.17
C SER F 791 -40.87 -4.14 -43.12
N PRO F 792 -39.87 -3.32 -43.44
CA PRO F 792 -39.41 -2.31 -42.48
C PRO F 792 -40.53 -1.37 -42.08
N PHE F 793 -40.92 -1.41 -40.80
CA PHE F 793 -42.09 -0.68 -40.34
C PHE F 793 -41.90 0.82 -40.57
N ASN F 794 -42.86 1.44 -41.24
CA ASN F 794 -42.81 2.87 -41.54
C ASN F 794 -44.10 3.50 -41.05
N LYS F 795 -44.02 4.20 -39.91
CA LYS F 795 -45.18 4.89 -39.36
C LYS F 795 -45.92 5.67 -40.43
N GLN F 796 -45.18 6.43 -41.24
CA GLN F 796 -45.79 7.21 -42.31
C GLN F 796 -46.51 6.30 -43.30
N ARG F 797 -45.77 5.37 -43.92
CA ARG F 797 -46.39 4.45 -44.87
C ARG F 797 -47.48 3.63 -44.20
N TYR F 798 -47.29 3.26 -42.94
CA TYR F 798 -48.26 2.44 -42.23
C TYR F 798 -49.60 3.15 -42.10
N LYS F 799 -49.62 4.29 -41.41
CA LYS F 799 -50.88 5.00 -41.25
C LYS F 799 -51.42 5.52 -42.58
N MET F 800 -50.55 5.82 -43.53
CA MET F 800 -51.01 6.22 -44.86
C MET F 800 -51.82 5.12 -45.50
N VAL F 801 -51.30 3.90 -45.49
CA VAL F 801 -52.03 2.76 -46.03
C VAL F 801 -53.33 2.56 -45.27
N ILE F 802 -53.31 2.70 -43.95
CA ILE F 802 -54.52 2.42 -43.20
C ILE F 802 -55.61 3.44 -43.50
N GLU F 803 -55.27 4.73 -43.47
CA GLU F 803 -56.23 5.76 -43.82
C GLU F 803 -56.66 5.67 -45.28
N ALA F 804 -55.83 5.08 -46.14
CA ALA F 804 -56.30 4.76 -47.49
C ALA F 804 -57.42 3.73 -47.42
N CYS F 805 -57.20 2.65 -46.69
CA CYS F 805 -58.26 1.66 -46.48
C CYS F 805 -59.32 2.12 -45.48
N SER F 806 -59.07 3.21 -44.76
CA SER F 806 -60.01 3.78 -43.80
C SER F 806 -60.46 2.73 -42.78
N LEU F 807 -59.46 2.05 -42.24
CA LEU F 807 -59.67 0.98 -41.29
C LEU F 807 -59.59 1.46 -39.85
N GLN F 808 -59.11 2.70 -39.63
CA GLN F 808 -58.96 3.25 -38.28
C GLN F 808 -60.20 3.06 -37.41
N PRO F 809 -61.42 3.35 -37.87
CA PRO F 809 -62.59 3.10 -37.00
C PRO F 809 -62.72 1.66 -36.60
N ASP F 810 -62.42 0.74 -37.52
CA ASP F 810 -62.46 -0.67 -37.21
C ASP F 810 -61.28 -1.12 -36.35
N ILE F 811 -60.17 -0.39 -36.39
CA ILE F 811 -59.07 -0.72 -35.50
C ILE F 811 -59.40 -0.29 -34.07
N ASP F 812 -60.03 0.87 -33.91
CA ASP F 812 -60.42 1.32 -32.58
C ASP F 812 -61.37 0.33 -31.92
N ILE F 813 -62.29 -0.26 -32.68
CA ILE F 813 -63.27 -1.17 -32.09
C ILE F 813 -62.64 -2.51 -31.69
N LEU F 814 -61.44 -2.80 -32.17
CA LEU F 814 -60.78 -4.05 -31.81
C LEU F 814 -60.36 -4.05 -30.34
N PRO F 815 -60.37 -5.22 -29.68
CA PRO F 815 -59.98 -5.24 -28.26
C PRO F 815 -58.58 -4.73 -28.02
N HIS F 816 -57.61 -5.17 -28.82
CA HIS F 816 -56.25 -4.68 -28.74
C HIS F 816 -55.87 -3.81 -29.92
N GLY F 817 -56.85 -3.29 -30.65
CA GLY F 817 -56.61 -2.35 -31.73
C GLY F 817 -55.64 -2.84 -32.76
N ASP F 818 -54.47 -2.20 -32.84
CA ASP F 818 -53.46 -2.61 -33.81
C ASP F 818 -52.86 -3.95 -33.44
N GLN F 819 -52.53 -4.15 -32.16
CA GLN F 819 -51.92 -5.39 -31.71
C GLN F 819 -52.99 -6.40 -31.29
N THR F 820 -53.95 -6.59 -32.18
CA THR F 820 -54.99 -7.59 -32.01
C THR F 820 -54.63 -8.81 -32.84
N GLN F 821 -54.44 -9.95 -32.17
CA GLN F 821 -54.18 -11.20 -32.88
C GLN F 821 -55.46 -11.64 -33.57
N ILE F 822 -55.39 -11.84 -34.87
CA ILE F 822 -56.55 -12.18 -35.68
C ILE F 822 -56.24 -13.44 -36.45
N GLY F 823 -57.29 -14.16 -36.84
CA GLY F 823 -57.13 -15.28 -37.74
C GLY F 823 -57.99 -16.46 -37.32
N GLU F 824 -57.68 -17.61 -37.93
CA GLU F 824 -58.31 -18.86 -37.53
C GLU F 824 -58.00 -19.16 -36.07
N ARG F 825 -56.84 -18.72 -35.58
CA ARG F 825 -56.55 -18.72 -34.16
C ARG F 825 -57.00 -17.44 -33.48
N GLY F 826 -56.80 -16.29 -34.12
CA GLY F 826 -57.25 -15.03 -33.60
C GLY F 826 -58.76 -14.87 -33.69
N ILE F 827 -59.21 -13.62 -33.54
CA ILE F 827 -60.63 -13.33 -33.49
C ILE F 827 -61.17 -13.11 -34.89
N ASN F 828 -62.41 -13.52 -35.11
CA ASN F 828 -63.08 -13.40 -36.40
C ASN F 828 -63.69 -12.02 -36.56
N LEU F 829 -63.95 -11.66 -37.81
CA LEU F 829 -64.44 -10.33 -38.13
C LEU F 829 -65.04 -10.33 -39.53
N SER F 830 -65.69 -9.23 -39.87
CA SER F 830 -66.42 -9.16 -41.13
C SER F 830 -65.46 -9.22 -42.32
N GLY F 831 -65.96 -9.84 -43.40
CA GLY F 831 -65.16 -9.93 -44.62
C GLY F 831 -64.86 -8.58 -45.23
N GLY F 832 -65.55 -7.54 -44.79
CA GLY F 832 -65.18 -6.19 -45.21
C GLY F 832 -63.81 -5.81 -44.68
N GLN F 833 -63.61 -5.94 -43.36
CA GLN F 833 -62.28 -5.74 -42.81
C GLN F 833 -61.29 -6.68 -43.46
N ARG F 834 -61.70 -7.92 -43.71
CA ARG F 834 -60.83 -8.89 -44.34
C ARG F 834 -60.33 -8.38 -45.69
N GLN F 835 -61.24 -7.85 -46.50
CA GLN F 835 -60.88 -7.36 -47.82
C GLN F 835 -59.98 -6.14 -47.71
N ARG F 836 -60.31 -5.22 -46.81
CA ARG F 836 -59.49 -4.02 -46.66
C ARG F 836 -58.08 -4.37 -46.24
N ILE F 837 -57.94 -5.36 -45.36
CA ILE F 837 -56.62 -5.78 -44.92
C ILE F 837 -55.85 -6.45 -46.05
N SER F 838 -56.54 -7.30 -46.81
CA SER F 838 -55.89 -7.88 -47.99
C SER F 838 -55.36 -6.79 -48.91
N VAL F 839 -56.16 -5.75 -49.15
CA VAL F 839 -55.69 -4.66 -50.00
C VAL F 839 -54.49 -3.98 -49.37
N ALA F 840 -54.57 -3.70 -48.07
CA ALA F 840 -53.45 -3.07 -47.39
C ALA F 840 -52.18 -3.89 -47.51
N ARG F 841 -52.31 -5.21 -47.59
CA ARG F 841 -51.14 -6.07 -47.76
C ARG F 841 -50.34 -5.68 -48.99
N ALA F 842 -51.03 -5.49 -50.12
CA ALA F 842 -50.33 -5.08 -51.32
C ALA F 842 -50.00 -3.59 -51.31
N LEU F 843 -50.80 -2.78 -50.63
CA LEU F 843 -50.54 -1.35 -50.59
C LEU F 843 -49.23 -1.05 -49.87
N TYR F 844 -49.14 -1.45 -48.61
CA TYR F 844 -47.92 -1.30 -47.83
C TYR F 844 -46.80 -2.17 -48.35
N GLN F 845 -47.07 -3.01 -49.35
CA GLN F 845 -46.05 -3.94 -49.81
C GLN F 845 -44.86 -3.22 -50.42
N HIS F 846 -45.06 -2.00 -50.93
CA HIS F 846 -44.02 -1.20 -51.53
C HIS F 846 -43.52 -1.81 -52.84
N ALA F 847 -44.17 -2.88 -53.32
CA ALA F 847 -43.68 -3.58 -54.49
C ALA F 847 -43.84 -2.73 -55.74
N ASN F 848 -42.95 -2.96 -56.72
CA ASN F 848 -43.00 -2.22 -57.98
C ASN F 848 -44.27 -2.54 -58.75
N VAL F 849 -44.45 -3.81 -59.11
CA VAL F 849 -45.64 -4.28 -59.79
C VAL F 849 -46.63 -4.75 -58.74
N VAL F 850 -47.65 -3.94 -58.49
CA VAL F 850 -48.68 -4.24 -57.51
C VAL F 850 -49.86 -4.86 -58.25
N PHE F 851 -50.63 -5.69 -57.55
CA PHE F 851 -51.67 -6.47 -58.18
C PHE F 851 -52.85 -6.62 -57.21
N LEU F 852 -54.06 -6.49 -57.75
CA LEU F 852 -55.28 -6.62 -56.96
C LEU F 852 -56.28 -7.49 -57.72
N ASP F 853 -57.09 -8.24 -56.96
CA ASP F 853 -58.16 -9.06 -57.53
C ASP F 853 -59.44 -8.78 -56.75
N ASP F 854 -60.39 -8.13 -57.42
CA ASP F 854 -61.72 -7.82 -56.90
C ASP F 854 -61.67 -7.16 -55.53
N PRO F 855 -60.89 -6.10 -55.34
CA PRO F 855 -60.80 -5.47 -54.03
C PRO F 855 -62.09 -4.75 -53.61
N PHE F 856 -63.10 -4.76 -54.46
CA PHE F 856 -64.30 -3.96 -54.25
C PHE F 856 -65.53 -4.78 -53.92
N SER F 857 -65.45 -6.12 -54.05
CA SER F 857 -66.63 -6.96 -53.90
C SER F 857 -67.29 -6.76 -52.54
N ALA F 858 -66.51 -6.86 -51.47
CA ALA F 858 -67.07 -6.79 -50.14
C ALA F 858 -67.51 -5.37 -49.80
N LEU F 859 -66.66 -4.38 -50.08
CA LEU F 859 -66.90 -3.02 -49.63
C LEU F 859 -68.14 -2.44 -50.29
N ASP F 860 -68.82 -1.55 -49.56
CA ASP F 860 -69.91 -0.78 -50.14
C ASP F 860 -69.33 0.44 -50.84
N ILE F 861 -70.19 1.31 -51.36
CA ILE F 861 -69.71 2.38 -52.22
C ILE F 861 -68.94 3.43 -51.42
N HIS F 862 -69.32 3.64 -50.16
CA HIS F 862 -68.55 4.56 -49.32
C HIS F 862 -67.08 4.15 -49.29
N LEU F 863 -66.81 2.94 -48.81
CA LEU F 863 -65.43 2.50 -48.64
C LEU F 863 -64.78 2.24 -49.98
N SER F 864 -65.54 1.80 -50.97
CA SER F 864 -64.96 1.60 -52.30
C SER F 864 -64.43 2.91 -52.86
N ASP F 865 -65.26 3.96 -52.85
CA ASP F 865 -64.80 5.26 -53.31
C ASP F 865 -63.61 5.74 -52.51
N HIS F 866 -63.72 5.72 -51.19
CA HIS F 866 -62.62 6.27 -50.38
C HIS F 866 -61.34 5.50 -50.63
N LEU F 867 -61.41 4.17 -50.63
CA LEU F 867 -60.22 3.37 -50.87
C LEU F 867 -59.64 3.65 -52.24
N MET F 868 -60.44 3.47 -53.30
CA MET F 868 -59.86 3.69 -54.61
C MET F 868 -59.28 5.08 -54.75
N GLN F 869 -60.03 6.12 -54.39
CA GLN F 869 -59.49 7.46 -54.48
C GLN F 869 -58.17 7.56 -53.72
N ALA F 870 -58.21 7.43 -52.40
CA ALA F 870 -57.01 7.66 -51.60
C ALA F 870 -55.87 6.72 -52.02
N GLY F 871 -56.05 5.43 -51.85
CA GLY F 871 -55.00 4.47 -52.13
C GLY F 871 -54.56 4.40 -53.57
N ILE F 872 -55.49 4.24 -54.52
CA ILE F 872 -55.10 4.11 -55.92
C ILE F 872 -54.47 5.40 -56.42
N LEU F 873 -55.00 6.55 -55.99
CA LEU F 873 -54.41 7.82 -56.36
C LEU F 873 -53.04 7.98 -55.73
N GLU F 874 -52.79 7.34 -54.59
CA GLU F 874 -51.46 7.34 -54.01
C GLU F 874 -50.52 6.43 -54.81
N LEU F 875 -51.04 5.30 -55.29
CA LEU F 875 -50.23 4.41 -56.10
C LEU F 875 -49.80 5.10 -57.39
N LEU F 876 -50.79 5.60 -58.16
CA LEU F 876 -50.49 6.46 -59.29
C LEU F 876 -49.74 7.72 -58.89
N ARG F 877 -49.76 8.09 -57.62
CA ARG F 877 -48.94 9.18 -57.13
C ARG F 877 -47.49 8.76 -56.95
N ASP F 878 -47.26 7.49 -56.66
CA ASP F 878 -45.90 6.97 -56.70
C ASP F 878 -45.36 7.06 -58.12
N ASP F 879 -44.03 7.11 -58.24
CA ASP F 879 -43.38 7.43 -59.51
C ASP F 879 -43.78 6.44 -60.60
N LYS F 880 -43.50 5.16 -60.40
CA LYS F 880 -43.73 4.17 -61.43
C LYS F 880 -44.33 2.91 -60.83
N ARG F 881 -45.02 3.04 -59.69
CA ARG F 881 -45.56 1.88 -58.99
C ARG F 881 -46.74 1.36 -59.79
N THR F 882 -46.45 0.52 -60.78
CA THR F 882 -47.49 -0.07 -61.59
C THR F 882 -48.41 -0.91 -60.71
N VAL F 883 -49.72 -0.68 -60.86
CA VAL F 883 -50.73 -1.41 -60.11
C VAL F 883 -51.80 -1.90 -61.08
N VAL F 884 -52.13 -3.17 -60.99
CA VAL F 884 -53.09 -3.82 -61.89
C VAL F 884 -54.20 -4.40 -61.02
N LEU F 885 -55.44 -4.29 -61.50
CA LEU F 885 -56.58 -4.79 -60.74
C LEU F 885 -57.69 -5.26 -61.67
N VAL F 886 -58.78 -5.71 -61.04
CA VAL F 886 -60.03 -6.04 -61.70
C VAL F 886 -61.17 -5.50 -60.86
N THR F 887 -62.34 -5.41 -61.47
CA THR F 887 -63.50 -4.81 -60.82
C THR F 887 -64.78 -5.47 -61.30
N HIS F 888 -65.83 -5.33 -60.51
CA HIS F 888 -67.18 -5.70 -60.89
C HIS F 888 -68.04 -4.49 -61.27
N LYS F 889 -67.61 -3.28 -60.95
CA LYS F 889 -68.30 -2.07 -61.35
C LYS F 889 -67.45 -1.31 -62.36
N LEU F 890 -68.12 -0.60 -63.27
CA LEU F 890 -67.45 0.02 -64.40
C LEU F 890 -67.42 1.54 -64.31
N GLN F 891 -67.70 2.09 -63.13
CA GLN F 891 -67.79 3.55 -63.00
C GLN F 891 -66.40 4.19 -63.09
N TYR F 892 -65.39 3.52 -62.56
CA TYR F 892 -64.02 4.01 -62.60
C TYR F 892 -63.32 3.70 -63.92
N LEU F 893 -64.06 3.20 -64.91
CA LEU F 893 -63.44 2.92 -66.19
C LEU F 893 -62.93 4.17 -66.90
N PRO F 894 -63.52 5.35 -66.75
CA PRO F 894 -62.82 6.57 -67.17
C PRO F 894 -61.66 6.94 -66.26
N HIS F 895 -61.48 6.25 -65.14
CA HIS F 895 -60.31 6.45 -64.28
C HIS F 895 -59.20 5.45 -64.58
N ALA F 896 -59.48 4.43 -65.37
CA ALA F 896 -58.44 3.49 -65.75
C ALA F 896 -57.58 4.09 -66.85
N ASP F 897 -56.32 3.65 -66.90
CA ASP F 897 -55.40 4.08 -67.95
C ASP F 897 -55.43 3.10 -69.11
N TRP F 898 -55.12 1.84 -68.84
CA TRP F 898 -55.22 0.76 -69.80
C TRP F 898 -56.36 -0.15 -69.38
N ILE F 899 -56.93 -0.89 -70.32
CA ILE F 899 -58.07 -1.74 -70.04
C ILE F 899 -57.88 -3.05 -70.79
N ILE F 900 -58.30 -4.15 -70.17
CA ILE F 900 -58.34 -5.45 -70.84
C ILE F 900 -59.75 -5.99 -70.72
N ALA F 901 -60.35 -6.36 -71.84
CA ALA F 901 -61.69 -6.91 -71.87
C ALA F 901 -61.60 -8.35 -72.35
N MET F 902 -62.26 -9.26 -71.65
CA MET F 902 -62.31 -10.67 -72.03
C MET F 902 -63.64 -11.27 -71.63
N LYS F 903 -63.97 -12.37 -72.30
CA LYS F 903 -65.21 -13.09 -72.03
C LYS F 903 -65.02 -14.53 -72.45
N ASP F 904 -65.41 -15.46 -71.57
CA ASP F 904 -65.31 -16.89 -71.84
C ASP F 904 -63.87 -17.30 -72.14
N GLY F 905 -62.95 -16.83 -71.31
CA GLY F 905 -61.57 -17.25 -71.39
C GLY F 905 -60.79 -16.74 -72.59
N THR F 906 -61.21 -15.63 -73.20
CA THR F 906 -60.48 -15.07 -74.33
C THR F 906 -60.58 -13.55 -74.29
N ILE F 907 -59.45 -12.88 -74.47
CA ILE F 907 -59.43 -11.43 -74.53
C ILE F 907 -60.31 -10.94 -75.67
N GLN F 908 -60.89 -9.76 -75.49
CA GLN F 908 -61.76 -9.16 -76.50
C GLN F 908 -61.15 -7.85 -76.99
N ARG F 909 -60.82 -6.93 -76.09
CA ARG F 909 -60.41 -5.58 -76.46
C ARG F 909 -59.40 -5.04 -75.46
N GLU F 910 -58.90 -3.85 -75.78
CA GLU F 910 -57.94 -3.14 -74.95
C GLU F 910 -57.71 -1.77 -75.56
N GLY F 911 -57.39 -0.80 -74.69
CA GLY F 911 -57.29 0.58 -75.13
C GLY F 911 -58.31 1.45 -74.45
N THR F 912 -57.89 2.62 -73.98
CA THR F 912 -58.72 3.41 -73.08
C THR F 912 -59.94 4.00 -73.78
N LEU F 913 -59.74 4.93 -74.71
CA LEU F 913 -60.83 5.74 -75.23
C LEU F 913 -61.13 5.41 -76.68
N LYS F 914 -60.14 5.52 -77.59
CA LYS F 914 -60.41 5.29 -79.01
C LYS F 914 -60.77 3.84 -79.27
N ASP F 915 -60.07 2.90 -78.63
CA ASP F 915 -60.34 1.49 -78.87
C ASP F 915 -61.68 1.08 -78.31
N PHE F 916 -62.20 1.81 -77.32
CA PHE F 916 -63.53 1.52 -76.82
C PHE F 916 -64.60 1.99 -77.78
N GLN F 917 -64.49 3.24 -78.27
CA GLN F 917 -65.59 3.86 -79.01
C GLN F 917 -65.96 3.05 -80.25
N ARG F 918 -65.07 2.18 -80.72
CA ARG F 918 -65.38 1.38 -81.90
C ARG F 918 -66.46 0.34 -81.59
N SER F 919 -66.62 -0.01 -80.33
CA SER F 919 -67.70 -0.92 -79.94
C SER F 919 -68.96 -0.14 -79.59
N GLU F 920 -70.03 -0.32 -80.37
CA GLU F 920 -71.34 0.11 -79.90
C GLU F 920 -71.91 -0.87 -78.89
N CYS F 921 -71.64 -2.16 -79.09
CA CYS F 921 -72.24 -3.19 -78.25
C CYS F 921 -71.63 -3.20 -76.86
N GLN F 922 -70.31 -3.40 -76.78
CA GLN F 922 -69.65 -3.44 -75.48
C GLN F 922 -69.83 -2.15 -74.72
N LEU F 923 -69.87 -1.02 -75.44
CA LEU F 923 -69.91 0.27 -74.77
C LEU F 923 -71.33 0.65 -74.39
N PHE F 924 -72.32 0.11 -75.11
CA PHE F 924 -73.69 0.23 -74.65
C PHE F 924 -73.92 -0.68 -73.44
N GLU F 925 -73.24 -1.82 -73.41
CA GLU F 925 -73.27 -2.67 -72.22
C GLU F 925 -72.71 -1.92 -71.02
N HIS F 926 -71.52 -1.35 -71.16
CA HIS F 926 -70.98 -0.46 -70.14
C HIS F 926 -71.88 0.74 -69.89
N TRP F 927 -72.74 1.08 -70.85
CA TRP F 927 -73.68 2.18 -70.73
C TRP F 927 -75.02 1.74 -70.18
N LYS F 928 -75.24 0.43 -70.04
CA LYS F 928 -76.47 -0.04 -69.40
C LYS F 928 -76.63 0.56 -68.01
N THR F 929 -75.53 0.71 -67.29
CA THR F 929 -75.54 1.36 -65.99
C THR F 929 -75.38 2.88 -66.11
N LEU F 930 -74.51 3.33 -67.01
CA LEU F 930 -74.25 4.75 -67.21
C LEU F 930 -73.86 5.46 -65.91
N GLU F 994 -57.64 -37.34 -7.45
CA GLU F 994 -58.31 -36.05 -7.58
C GLU F 994 -58.84 -35.85 -9.00
N ILE F 995 -58.21 -34.94 -9.74
CA ILE F 995 -58.57 -34.76 -11.15
C ILE F 995 -58.43 -36.05 -11.96
N PRO F 996 -57.33 -36.80 -11.88
CA PRO F 996 -57.29 -38.09 -12.60
C PRO F 996 -58.37 -39.05 -12.19
N TRP F 997 -58.65 -39.19 -10.89
CA TRP F 997 -59.75 -40.05 -10.47
C TRP F 997 -61.05 -39.66 -11.16
N ARG F 998 -61.37 -38.37 -11.18
CA ARG F 998 -62.64 -37.92 -11.74
C ARG F 998 -62.67 -38.13 -13.25
N ALA F 999 -61.59 -37.79 -13.94
CA ALA F 999 -61.59 -37.95 -15.41
C ALA F 999 -61.71 -39.41 -15.81
N CYS F 1000 -60.94 -40.30 -15.17
CA CYS F 1000 -61.05 -41.72 -15.46
C CYS F 1000 -62.41 -42.26 -15.06
N ALA F 1001 -63.00 -41.71 -13.99
CA ALA F 1001 -64.31 -42.16 -13.55
C ALA F 1001 -65.38 -41.80 -14.56
N LYS F 1002 -65.34 -40.59 -15.12
CA LYS F 1002 -66.27 -40.27 -16.19
C LYS F 1002 -66.02 -41.10 -17.44
N TYR F 1003 -64.75 -41.37 -17.76
CA TYR F 1003 -64.43 -42.25 -18.88
C TYR F 1003 -65.12 -43.61 -18.71
N LEU F 1004 -64.89 -44.26 -17.57
CA LEU F 1004 -65.51 -45.55 -17.34
C LEU F 1004 -67.02 -45.43 -17.15
N SER F 1005 -67.49 -44.27 -16.69
CA SER F 1005 -68.92 -44.03 -16.59
C SER F 1005 -69.58 -44.08 -17.95
N SER F 1006 -68.87 -43.62 -18.98
CA SER F 1006 -69.34 -43.83 -20.35
C SER F 1006 -69.59 -45.32 -20.62
N ALA F 1007 -68.83 -46.19 -19.99
CA ALA F 1007 -69.06 -47.62 -20.07
C ALA F 1007 -70.05 -48.07 -19.00
N GLY F 1008 -70.69 -49.20 -19.26
CA GLY F 1008 -71.61 -49.75 -18.29
C GLY F 1008 -70.90 -50.10 -16.99
N ILE F 1009 -71.62 -49.94 -15.88
CA ILE F 1009 -71.07 -50.32 -14.59
C ILE F 1009 -70.70 -51.80 -14.59
N LEU F 1010 -71.44 -52.61 -15.36
CA LEU F 1010 -71.16 -54.04 -15.44
C LEU F 1010 -69.80 -54.28 -16.08
N LEU F 1011 -69.38 -53.38 -16.98
CA LEU F 1011 -68.02 -53.40 -17.51
C LEU F 1011 -66.99 -53.12 -16.43
N LEU F 1012 -67.28 -52.20 -15.51
CA LEU F 1012 -66.36 -52.00 -14.39
C LEU F 1012 -66.24 -53.25 -13.57
N SER F 1013 -67.37 -53.86 -13.23
CA SER F 1013 -67.32 -55.12 -12.49
C SER F 1013 -66.51 -56.17 -13.24
N LEU F 1014 -66.85 -56.43 -14.51
CA LEU F 1014 -66.21 -57.52 -15.23
C LEU F 1014 -64.71 -57.28 -15.38
N LEU F 1015 -64.31 -56.05 -15.73
CA LEU F 1015 -62.90 -55.72 -15.86
C LEU F 1015 -62.15 -55.94 -14.56
N VAL F 1016 -62.68 -55.40 -13.45
CA VAL F 1016 -61.94 -55.46 -12.20
C VAL F 1016 -61.82 -56.90 -11.72
N PHE F 1017 -62.95 -57.62 -11.67
CA PHE F 1017 -62.88 -59.03 -11.28
C PHE F 1017 -61.94 -59.79 -12.19
N SER F 1018 -61.96 -59.51 -13.50
CA SER F 1018 -61.10 -60.22 -14.43
C SER F 1018 -59.63 -60.03 -14.09
N GLN F 1019 -59.17 -58.78 -14.05
CA GLN F 1019 -57.79 -58.50 -13.70
C GLN F 1019 -57.41 -59.17 -12.38
N LEU F 1020 -58.17 -58.88 -11.32
CA LEU F 1020 -57.82 -59.36 -9.99
C LEU F 1020 -57.72 -60.87 -9.95
N LEU F 1021 -58.83 -61.56 -10.26
CA LEU F 1021 -58.83 -63.01 -10.21
C LEU F 1021 -57.77 -63.59 -11.13
N LYS F 1022 -57.60 -63.00 -12.32
CA LYS F 1022 -56.57 -63.45 -13.26
C LYS F 1022 -55.22 -63.55 -12.59
N HIS F 1023 -54.71 -62.42 -12.12
CA HIS F 1023 -53.32 -62.40 -11.69
C HIS F 1023 -53.17 -62.96 -10.28
N MET F 1024 -54.23 -62.94 -9.48
CA MET F 1024 -54.21 -63.67 -8.22
C MET F 1024 -54.14 -65.17 -8.46
N VAL F 1025 -54.73 -65.65 -9.56
CA VAL F 1025 -54.58 -67.04 -9.94
C VAL F 1025 -53.20 -67.32 -10.50
N LEU F 1026 -52.61 -66.37 -11.23
CA LEU F 1026 -51.21 -66.52 -11.62
C LEU F 1026 -50.34 -66.75 -10.38
N VAL F 1027 -50.46 -65.85 -9.41
CA VAL F 1027 -49.73 -65.99 -8.15
C VAL F 1027 -50.07 -67.31 -7.48
N ALA F 1028 -51.34 -67.68 -7.44
CA ALA F 1028 -51.73 -68.92 -6.80
C ALA F 1028 -51.04 -70.11 -7.45
N ILE F 1029 -51.16 -70.24 -8.76
CA ILE F 1029 -50.63 -71.39 -9.46
C ILE F 1029 -49.12 -71.49 -9.30
N ASP F 1030 -48.39 -70.37 -9.39
CA ASP F 1030 -46.94 -70.56 -9.34
C ASP F 1030 -46.41 -70.61 -7.91
N TYR F 1031 -46.98 -69.83 -6.99
CA TYR F 1031 -46.61 -69.98 -5.58
C TYR F 1031 -47.00 -71.35 -5.05
N TRP F 1032 -47.96 -72.00 -5.70
CA TRP F 1032 -48.34 -73.34 -5.34
C TRP F 1032 -47.51 -74.38 -6.07
N LEU F 1033 -46.95 -74.02 -7.23
CA LEU F 1033 -45.83 -74.76 -7.80
C LEU F 1033 -44.65 -74.77 -6.83
N ALA F 1034 -44.49 -73.71 -6.04
CA ALA F 1034 -43.51 -73.76 -4.97
C ALA F 1034 -43.76 -74.95 -4.06
N LYS F 1035 -45.02 -75.26 -3.79
CA LYS F 1035 -45.38 -76.45 -3.03
C LYS F 1035 -45.16 -77.73 -3.82
N TRP F 1036 -44.91 -77.62 -5.13
CA TRP F 1036 -44.68 -78.75 -6.00
C TRP F 1036 -43.22 -79.21 -6.00
N THR F 1037 -42.29 -78.31 -5.66
CA THR F 1037 -40.87 -78.64 -5.66
C THR F 1037 -40.42 -79.35 -4.40
N ASP F 1038 -41.33 -79.90 -3.60
CA ASP F 1038 -40.92 -80.71 -2.46
C ASP F 1038 -41.95 -81.80 -2.18
N THR F 1061 -49.68 -86.79 -11.34
CA THR F 1061 -49.97 -86.77 -9.92
C THR F 1061 -51.19 -85.92 -9.63
N VAL F 1062 -51.60 -85.90 -8.36
CA VAL F 1062 -52.77 -85.13 -7.95
C VAL F 1062 -52.50 -83.64 -8.13
N TYR F 1063 -51.53 -83.11 -7.37
CA TYR F 1063 -51.11 -81.72 -7.54
C TYR F 1063 -50.88 -81.42 -9.02
N ALA F 1064 -50.34 -82.37 -9.77
CA ALA F 1064 -50.12 -82.15 -11.19
C ALA F 1064 -51.42 -81.83 -11.92
N MET F 1065 -52.44 -82.66 -11.73
CA MET F 1065 -53.69 -82.47 -12.47
C MET F 1065 -54.37 -81.17 -12.08
N VAL F 1066 -54.37 -80.84 -10.79
CA VAL F 1066 -55.03 -79.60 -10.40
C VAL F 1066 -54.17 -78.40 -10.78
N PHE F 1067 -52.85 -78.58 -10.82
CA PHE F 1067 -51.96 -77.60 -11.41
C PHE F 1067 -52.40 -77.26 -12.83
N THR F 1068 -52.66 -78.31 -13.63
CA THR F 1068 -53.14 -78.11 -14.99
C THR F 1068 -54.46 -77.37 -15.01
N VAL F 1069 -55.38 -77.73 -14.10
CA VAL F 1069 -56.67 -77.05 -14.16
C VAL F 1069 -56.51 -75.59 -13.73
N LEU F 1070 -55.55 -75.31 -12.87
CA LEU F 1070 -55.21 -73.92 -12.57
C LEU F 1070 -54.70 -73.20 -13.81
N CYS F 1071 -53.84 -73.86 -14.59
CA CYS F 1071 -53.41 -73.27 -15.85
C CYS F 1071 -54.60 -72.92 -16.73
N SER F 1072 -55.54 -73.87 -16.88
CA SER F 1072 -56.71 -73.65 -17.72
C SER F 1072 -57.52 -72.47 -17.22
N LEU F 1073 -57.68 -72.37 -15.89
CA LEU F 1073 -58.38 -71.22 -15.34
C LEU F 1073 -57.68 -69.93 -15.71
N GLY F 1074 -56.35 -69.92 -15.58
CA GLY F 1074 -55.59 -68.75 -15.96
C GLY F 1074 -55.86 -68.33 -17.39
N ILE F 1075 -55.88 -69.28 -18.30
CA ILE F 1075 -56.00 -68.93 -19.71
C ILE F 1075 -57.39 -68.41 -20.03
N VAL F 1076 -58.42 -69.07 -19.49
CA VAL F 1076 -59.78 -68.62 -19.78
C VAL F 1076 -60.01 -67.24 -19.15
N LEU F 1077 -59.41 -67.00 -18.00
CA LEU F 1077 -59.63 -65.73 -17.32
C LEU F 1077 -58.87 -64.61 -18.02
N CYS F 1078 -57.72 -64.94 -18.61
CA CYS F 1078 -57.04 -63.98 -19.47
C CYS F 1078 -57.91 -63.61 -20.67
N LEU F 1079 -58.59 -64.60 -21.25
CA LEU F 1079 -59.41 -64.31 -22.43
C LEU F 1079 -60.56 -63.39 -22.07
N VAL F 1080 -61.31 -63.72 -21.00
CA VAL F 1080 -62.40 -62.82 -20.63
C VAL F 1080 -61.84 -61.44 -20.29
N THR F 1081 -60.67 -61.38 -19.67
CA THR F 1081 -60.05 -60.09 -19.36
C THR F 1081 -59.87 -59.25 -20.62
N SER F 1082 -59.12 -59.77 -21.58
CA SER F 1082 -58.79 -58.98 -22.77
C SER F 1082 -60.05 -58.61 -23.55
N VAL F 1083 -61.01 -59.53 -23.64
CA VAL F 1083 -62.25 -59.23 -24.35
C VAL F 1083 -62.97 -58.08 -23.67
N THR F 1084 -63.06 -58.11 -22.34
CA THR F 1084 -63.70 -57.02 -21.62
C THR F 1084 -63.00 -55.71 -21.93
N VAL F 1085 -61.67 -55.74 -21.95
CA VAL F 1085 -60.88 -54.53 -22.21
C VAL F 1085 -61.29 -53.92 -23.54
N GLU F 1086 -61.17 -54.71 -24.61
CA GLU F 1086 -61.48 -54.18 -25.93
C GLU F 1086 -62.91 -53.67 -26.00
N TRP F 1087 -63.86 -54.43 -25.44
CA TRP F 1087 -65.27 -54.08 -25.60
C TRP F 1087 -65.60 -52.80 -24.86
N THR F 1088 -65.02 -52.61 -23.67
CA THR F 1088 -65.29 -51.38 -22.93
C THR F 1088 -64.65 -50.19 -23.62
N GLY F 1089 -63.43 -50.35 -24.15
CA GLY F 1089 -62.84 -49.25 -24.90
C GLY F 1089 -63.72 -48.83 -26.06
N LEU F 1090 -64.24 -49.81 -26.80
CA LEU F 1090 -65.06 -49.50 -27.96
C LEU F 1090 -66.37 -48.82 -27.55
N LYS F 1091 -67.02 -49.33 -26.50
CA LYS F 1091 -68.28 -48.75 -26.06
C LYS F 1091 -68.10 -47.32 -25.60
N VAL F 1092 -67.04 -47.08 -24.82
CA VAL F 1092 -66.76 -45.71 -24.39
C VAL F 1092 -66.54 -44.82 -25.58
N ALA F 1093 -65.72 -45.26 -26.54
CA ALA F 1093 -65.45 -44.42 -27.70
C ALA F 1093 -66.73 -44.07 -28.45
N LYS F 1094 -67.62 -45.05 -28.59
CA LYS F 1094 -68.87 -44.84 -29.31
C LYS F 1094 -69.73 -43.79 -28.61
N ARG F 1095 -69.99 -44.02 -27.32
CA ARG F 1095 -70.76 -43.04 -26.55
C ARG F 1095 -70.12 -41.66 -26.64
N LEU F 1096 -68.80 -41.60 -26.53
CA LEU F 1096 -68.09 -40.32 -26.59
C LEU F 1096 -68.36 -39.60 -27.90
N HIS F 1097 -68.05 -40.25 -29.03
CA HIS F 1097 -68.16 -39.57 -30.31
C HIS F 1097 -69.59 -39.11 -30.54
N ARG F 1098 -70.55 -40.00 -30.32
CA ARG F 1098 -71.94 -39.64 -30.60
C ARG F 1098 -72.39 -38.49 -29.71
N SER F 1099 -72.20 -38.61 -28.41
CA SER F 1099 -72.66 -37.58 -27.49
C SER F 1099 -72.00 -36.25 -27.79
N LEU F 1100 -70.70 -36.26 -28.07
CA LEU F 1100 -69.99 -35.00 -28.34
C LEU F 1100 -70.48 -34.38 -29.63
N LEU F 1101 -70.60 -35.18 -30.69
CA LEU F 1101 -71.08 -34.65 -31.97
C LEU F 1101 -72.46 -34.01 -31.79
N ASN F 1102 -73.34 -34.71 -31.07
CA ASN F 1102 -74.68 -34.16 -30.82
C ASN F 1102 -74.60 -32.86 -30.06
N ARG F 1103 -73.92 -32.84 -28.93
CA ARG F 1103 -73.90 -31.64 -28.11
C ARG F 1103 -73.24 -30.48 -28.84
N ILE F 1104 -72.29 -30.78 -29.73
CA ILE F 1104 -71.59 -29.72 -30.45
C ILE F 1104 -72.48 -29.12 -31.53
N ILE F 1105 -73.00 -29.96 -32.42
CA ILE F 1105 -73.84 -29.43 -33.49
C ILE F 1105 -75.02 -28.64 -32.92
N LEU F 1106 -75.52 -29.07 -31.77
CA LEU F 1106 -76.64 -28.40 -31.12
C LEU F 1106 -76.27 -27.11 -30.43
N ALA F 1107 -75.00 -26.75 -30.37
CA ALA F 1107 -74.63 -25.50 -29.71
C ALA F 1107 -75.09 -24.32 -30.56
N PRO F 1108 -75.46 -23.19 -29.94
CA PRO F 1108 -75.93 -22.04 -30.72
C PRO F 1108 -74.83 -21.34 -31.49
N MET F 1109 -75.18 -20.27 -32.20
CA MET F 1109 -74.23 -19.58 -33.06
C MET F 1109 -73.25 -18.74 -32.25
N ARG F 1110 -73.63 -18.33 -31.05
CA ARG F 1110 -72.72 -17.55 -30.22
C ARG F 1110 -71.43 -18.31 -29.97
N PHE F 1111 -71.54 -19.62 -29.73
CA PHE F 1111 -70.35 -20.44 -29.52
C PHE F 1111 -69.48 -20.48 -30.77
N PHE F 1112 -70.07 -20.83 -31.91
CA PHE F 1112 -69.30 -20.96 -33.14
C PHE F 1112 -68.63 -19.64 -33.52
N GLU F 1113 -69.35 -18.52 -33.41
CA GLU F 1113 -68.76 -17.23 -33.74
C GLU F 1113 -67.77 -16.77 -32.69
N THR F 1114 -67.90 -17.27 -31.46
CA THR F 1114 -66.94 -16.91 -30.42
C THR F 1114 -65.72 -17.80 -30.45
N THR F 1115 -65.93 -19.12 -30.37
CA THR F 1115 -64.84 -20.08 -30.35
C THR F 1115 -64.18 -20.20 -31.71
N PRO F 1116 -62.85 -20.29 -31.75
CA PRO F 1116 -62.16 -20.57 -33.01
C PRO F 1116 -62.37 -22.01 -33.44
N LEU F 1117 -62.53 -22.22 -34.75
CA LEU F 1117 -62.94 -23.53 -35.26
C LEU F 1117 -61.87 -24.59 -35.05
N GLY F 1118 -60.60 -24.21 -35.23
CA GLY F 1118 -59.54 -25.20 -35.12
C GLY F 1118 -59.56 -25.95 -33.80
N SER F 1119 -59.79 -25.23 -32.70
CA SER F 1119 -59.84 -25.87 -31.39
C SER F 1119 -60.96 -26.90 -31.34
N ILE F 1120 -62.22 -26.44 -31.41
CA ILE F 1120 -63.37 -27.33 -31.30
C ILE F 1120 -63.31 -28.46 -32.32
N LEU F 1121 -62.65 -28.24 -33.46
CA LEU F 1121 -62.44 -29.26 -34.48
C LEU F 1121 -61.43 -30.30 -34.06
N ASN F 1122 -60.38 -29.89 -33.36
CA ASN F 1122 -59.30 -30.82 -33.05
C ASN F 1122 -59.78 -31.94 -32.15
N ARG F 1123 -60.85 -31.71 -31.38
CA ARG F 1123 -61.31 -32.72 -30.43
C ARG F 1123 -61.96 -33.89 -31.15
N PHE F 1124 -62.51 -33.65 -32.33
CA PHE F 1124 -62.92 -34.75 -33.19
C PHE F 1124 -61.75 -35.25 -34.04
N SER F 1125 -60.89 -34.33 -34.45
CA SER F 1125 -59.82 -34.67 -35.39
C SER F 1125 -58.80 -35.62 -34.76
N SER F 1126 -58.15 -35.18 -33.69
CA SER F 1126 -57.06 -35.91 -33.08
C SER F 1126 -57.38 -36.43 -31.69
N ASP F 1127 -58.22 -35.73 -30.93
CA ASP F 1127 -58.50 -36.17 -29.56
C ASP F 1127 -59.34 -37.43 -29.55
N CYS F 1128 -60.42 -37.45 -30.33
CA CYS F 1128 -61.21 -38.67 -30.45
C CYS F 1128 -60.40 -39.78 -31.08
N ASN F 1129 -59.49 -39.45 -32.00
CA ASN F 1129 -58.58 -40.45 -32.56
C ASN F 1129 -57.72 -41.07 -31.47
N THR F 1130 -57.01 -40.23 -30.71
CA THR F 1130 -56.26 -40.67 -29.55
C THR F 1130 -57.09 -41.62 -28.70
N ILE F 1131 -58.28 -41.19 -28.30
CA ILE F 1131 -59.13 -42.02 -27.47
C ILE F 1131 -59.37 -43.37 -28.13
N ASP F 1132 -60.06 -43.36 -29.26
CA ASP F 1132 -60.65 -44.57 -29.80
C ASP F 1132 -59.63 -45.51 -30.39
N GLN F 1133 -58.37 -45.11 -30.54
CA GLN F 1133 -57.42 -46.13 -30.96
C GLN F 1133 -56.13 -46.13 -30.16
N HIS F 1134 -56.10 -45.53 -28.98
CA HIS F 1134 -54.97 -45.70 -28.09
C HIS F 1134 -55.34 -45.88 -26.63
N ILE F 1135 -56.56 -45.56 -26.21
CA ILE F 1135 -56.89 -45.73 -24.79
C ILE F 1135 -56.78 -47.20 -24.40
N PRO F 1136 -57.44 -48.14 -25.06
CA PRO F 1136 -57.38 -49.54 -24.58
C PRO F 1136 -55.98 -50.06 -24.46
N SER F 1137 -55.10 -49.72 -25.40
CA SER F 1137 -53.70 -50.14 -25.31
C SER F 1137 -53.09 -49.65 -24.01
N THR F 1138 -53.17 -48.35 -23.75
CA THR F 1138 -52.54 -47.78 -22.56
C THR F 1138 -53.20 -48.32 -21.30
N LEU F 1139 -54.53 -48.46 -21.30
CA LEU F 1139 -55.23 -48.94 -20.13
C LEU F 1139 -54.84 -50.36 -19.78
N GLU F 1140 -54.75 -51.26 -20.78
CA GLU F 1140 -54.32 -52.62 -20.47
C GLU F 1140 -52.86 -52.67 -20.07
N CYS F 1141 -52.01 -51.86 -20.70
CA CYS F 1141 -50.61 -51.79 -20.25
C CYS F 1141 -50.55 -51.42 -18.79
N LEU F 1142 -51.18 -50.30 -18.42
CA LEU F 1142 -51.20 -49.85 -17.03
C LEU F 1142 -51.80 -50.91 -16.11
N SER F 1143 -52.89 -51.55 -16.55
CA SER F 1143 -53.60 -52.48 -15.68
C SER F 1143 -52.74 -53.68 -15.37
N ARG F 1144 -52.27 -54.39 -16.41
CA ARG F 1144 -51.37 -55.51 -16.18
C ARG F 1144 -50.13 -55.10 -15.41
N SER F 1145 -49.54 -53.95 -15.74
CA SER F 1145 -48.31 -53.54 -15.06
C SER F 1145 -48.56 -53.36 -13.56
N THR F 1146 -49.56 -52.54 -13.21
CA THR F 1146 -49.77 -52.22 -11.81
C THR F 1146 -50.26 -53.44 -11.04
N LEU F 1147 -50.97 -54.34 -11.69
CA LEU F 1147 -51.51 -55.48 -10.94
C LEU F 1147 -50.43 -56.54 -10.73
N LEU F 1148 -49.66 -56.87 -11.79
CA LEU F 1148 -48.48 -57.69 -11.56
C LEU F 1148 -47.57 -57.08 -10.51
N CYS F 1149 -47.42 -55.76 -10.54
CA CYS F 1149 -46.61 -55.09 -9.53
C CYS F 1149 -47.11 -55.38 -8.13
N VAL F 1150 -48.31 -54.88 -7.81
CA VAL F 1150 -48.84 -54.99 -6.45
C VAL F 1150 -48.87 -56.44 -6.00
N SER F 1151 -49.24 -57.35 -6.91
CA SER F 1151 -49.22 -58.76 -6.56
C SER F 1151 -47.83 -59.20 -6.12
N ALA F 1152 -46.80 -58.94 -6.95
CA ALA F 1152 -45.47 -59.39 -6.61
C ALA F 1152 -44.97 -58.71 -5.33
N LEU F 1153 -45.36 -57.45 -5.12
CA LEU F 1153 -45.06 -56.78 -3.85
C LEU F 1153 -45.59 -57.58 -2.68
N ALA F 1154 -46.90 -57.87 -2.70
CA ALA F 1154 -47.51 -58.63 -1.62
C ALA F 1154 -46.82 -59.97 -1.44
N VAL F 1155 -46.42 -60.60 -2.55
CA VAL F 1155 -45.88 -61.95 -2.46
C VAL F 1155 -44.48 -61.93 -1.87
N ILE F 1156 -43.64 -61.00 -2.32
CA ILE F 1156 -42.30 -60.92 -1.78
C ILE F 1156 -42.34 -60.50 -0.32
N SER F 1157 -43.35 -59.71 0.05
CA SER F 1157 -43.58 -59.46 1.46
C SER F 1157 -43.91 -60.76 2.19
N TYR F 1158 -44.73 -61.62 1.58
CA TYR F 1158 -45.20 -62.81 2.26
C TYR F 1158 -44.08 -63.84 2.43
N VAL F 1159 -43.33 -64.09 1.36
CA VAL F 1159 -42.33 -65.15 1.37
C VAL F 1159 -41.19 -64.81 2.31
N THR F 1160 -40.92 -63.52 2.50
CA THR F 1160 -40.03 -63.04 3.55
C THR F 1160 -40.71 -61.89 4.29
N PRO F 1161 -41.34 -62.19 5.42
CA PRO F 1161 -42.03 -61.13 6.17
C PRO F 1161 -41.06 -60.04 6.65
N VAL F 1162 -39.77 -60.31 6.53
CA VAL F 1162 -38.78 -59.29 6.87
C VAL F 1162 -38.81 -58.16 5.87
N PHE F 1163 -39.13 -58.45 4.61
CA PHE F 1163 -38.96 -57.49 3.54
C PHE F 1163 -39.81 -56.24 3.71
N LEU F 1164 -40.92 -56.34 4.45
CA LEU F 1164 -41.85 -55.21 4.51
C LEU F 1164 -41.17 -53.97 5.09
N VAL F 1165 -40.26 -54.17 6.04
CA VAL F 1165 -39.59 -53.05 6.69
C VAL F 1165 -38.71 -52.32 5.69
N ALA F 1166 -38.08 -53.05 4.79
CA ALA F 1166 -37.31 -52.41 3.72
C ALA F 1166 -38.25 -51.76 2.71
N LEU F 1167 -39.39 -52.40 2.46
CA LEU F 1167 -40.31 -51.89 1.45
C LEU F 1167 -40.86 -50.52 1.84
N LEU F 1168 -41.18 -50.33 3.12
CA LEU F 1168 -41.89 -49.12 3.52
C LEU F 1168 -41.18 -47.81 3.16
N PRO F 1169 -39.87 -47.63 3.42
CA PRO F 1169 -39.25 -46.35 3.07
C PRO F 1169 -39.10 -46.18 1.57
N LEU F 1170 -38.86 -47.30 0.89
CA LEU F 1170 -38.69 -47.26 -0.56
C LEU F 1170 -39.96 -46.74 -1.24
N ALA F 1171 -41.12 -47.17 -0.76
CA ALA F 1171 -42.37 -46.67 -1.32
C ALA F 1171 -42.51 -45.16 -1.10
N ILE F 1172 -42.08 -44.68 0.06
CA ILE F 1172 -42.13 -43.25 0.34
C ILE F 1172 -41.23 -42.49 -0.61
N VAL F 1173 -40.02 -42.99 -0.82
CA VAL F 1173 -39.10 -42.36 -1.76
C VAL F 1173 -39.71 -42.32 -3.15
N CYS F 1174 -40.23 -43.47 -3.59
CA CYS F 1174 -40.93 -43.53 -4.87
C CYS F 1174 -42.00 -42.46 -4.96
N TYR F 1175 -42.90 -42.40 -3.98
CA TYR F 1175 -44.00 -41.45 -4.00
C TYR F 1175 -43.49 -40.02 -4.14
N PHE F 1176 -42.50 -39.65 -3.33
CA PHE F 1176 -42.04 -38.27 -3.33
C PHE F 1176 -41.34 -37.92 -4.64
N ILE F 1177 -40.44 -38.76 -5.12
CA ILE F 1177 -39.72 -38.38 -6.32
C ILE F 1177 -40.62 -38.46 -7.55
N GLN F 1178 -41.64 -39.32 -7.53
CA GLN F 1178 -42.53 -39.36 -8.68
C GLN F 1178 -43.46 -38.15 -8.69
N LYS F 1179 -43.91 -37.69 -7.53
CA LYS F 1179 -44.67 -36.44 -7.49
C LYS F 1179 -43.81 -35.29 -7.96
N TYR F 1180 -42.53 -35.30 -7.58
CA TYR F 1180 -41.58 -34.33 -8.09
C TYR F 1180 -41.52 -34.36 -9.60
N PHE F 1181 -41.29 -35.54 -10.18
CA PHE F 1181 -41.22 -35.62 -11.62
C PHE F 1181 -42.52 -35.20 -12.28
N ARG F 1182 -43.66 -35.50 -11.67
CA ARG F 1182 -44.92 -35.15 -12.30
C ARG F 1182 -45.14 -33.64 -12.27
N VAL F 1183 -44.72 -32.97 -11.19
CA VAL F 1183 -44.86 -31.52 -11.15
C VAL F 1183 -43.90 -30.88 -12.14
N ALA F 1184 -42.83 -31.59 -12.51
CA ALA F 1184 -42.02 -31.13 -13.64
C ALA F 1184 -42.71 -31.41 -14.99
N SER F 1185 -43.28 -32.60 -15.14
CA SER F 1185 -43.71 -33.05 -16.46
C SER F 1185 -45.00 -32.39 -16.88
N ARG F 1186 -45.82 -31.93 -15.92
CA ARG F 1186 -47.02 -31.19 -16.30
C ARG F 1186 -46.67 -29.90 -17.03
N ASP F 1187 -45.81 -29.09 -16.42
CA ASP F 1187 -45.30 -27.90 -17.09
C ASP F 1187 -44.63 -28.27 -18.40
N LEU F 1188 -43.88 -29.36 -18.41
CA LEU F 1188 -43.22 -29.77 -19.65
C LEU F 1188 -44.24 -30.04 -20.76
N GLN F 1189 -45.23 -30.88 -20.48
CA GLN F 1189 -46.17 -31.30 -21.51
C GLN F 1189 -47.03 -30.14 -21.98
N GLN F 1190 -47.37 -29.22 -21.08
CA GLN F 1190 -48.01 -27.99 -21.51
C GLN F 1190 -47.14 -27.23 -22.50
N LEU F 1191 -45.85 -27.12 -22.19
CA LEU F 1191 -44.92 -26.46 -23.10
C LEU F 1191 -44.87 -27.17 -24.44
N ASP F 1192 -44.92 -28.50 -24.43
CA ASP F 1192 -44.88 -29.27 -25.66
C ASP F 1192 -46.12 -28.98 -26.51
N ASP F 1193 -47.29 -28.96 -25.87
CA ASP F 1193 -48.52 -28.58 -26.57
C ASP F 1193 -48.39 -27.20 -27.20
N THR F 1194 -47.97 -26.22 -26.42
CA THR F 1194 -47.99 -24.84 -26.90
C THR F 1194 -46.88 -24.59 -27.92
N THR F 1195 -45.87 -25.44 -27.95
CA THR F 1195 -44.85 -25.36 -28.99
C THR F 1195 -45.24 -26.16 -30.23
N GLN F 1196 -46.18 -27.09 -30.08
CA GLN F 1196 -46.63 -27.91 -31.19
C GLN F 1196 -47.73 -27.22 -32.00
N LEU F 1197 -48.58 -26.43 -31.34
CA LEU F 1197 -49.66 -25.75 -32.07
C LEU F 1197 -49.18 -24.88 -33.23
N PRO F 1198 -48.19 -24.00 -33.06
CA PRO F 1198 -47.80 -23.13 -34.19
C PRO F 1198 -47.34 -23.89 -35.41
N LEU F 1199 -46.92 -25.14 -35.28
CA LEU F 1199 -46.63 -25.94 -36.46
C LEU F 1199 -47.86 -26.06 -37.35
N LEU F 1200 -48.95 -26.57 -36.77
CA LEU F 1200 -50.17 -26.72 -37.54
C LEU F 1200 -50.70 -25.37 -38.00
N SER F 1201 -50.55 -24.34 -37.16
CA SER F 1201 -51.00 -23.02 -37.55
C SER F 1201 -50.26 -22.54 -38.80
N HIS F 1202 -48.93 -22.61 -38.79
CA HIS F 1202 -48.16 -22.17 -39.93
C HIS F 1202 -48.41 -23.04 -41.16
N PHE F 1203 -48.73 -24.31 -40.96
CA PHE F 1203 -49.04 -25.16 -42.10
C PHE F 1203 -50.36 -24.75 -42.75
N ALA F 1204 -51.38 -24.53 -41.91
CA ALA F 1204 -52.65 -24.02 -42.43
C ALA F 1204 -52.44 -22.72 -43.18
N GLU F 1205 -51.62 -21.83 -42.62
CA GLU F 1205 -51.32 -20.58 -43.30
C GLU F 1205 -50.62 -20.84 -44.63
N THR F 1206 -49.62 -21.71 -44.62
CA THR F 1206 -48.84 -22.01 -45.81
C THR F 1206 -49.73 -22.47 -46.95
N VAL F 1207 -50.65 -23.39 -46.66
CA VAL F 1207 -51.47 -23.94 -47.73
C VAL F 1207 -52.57 -22.94 -48.11
N GLU F 1208 -53.23 -22.34 -47.13
CA GLU F 1208 -54.38 -21.50 -47.42
C GLU F 1208 -53.97 -20.22 -48.13
N GLY F 1209 -52.75 -19.74 -47.89
CA GLY F 1209 -52.26 -18.56 -48.55
C GLY F 1209 -51.03 -18.81 -49.39
N LEU F 1210 -51.02 -19.96 -50.07
CA LEU F 1210 -49.83 -20.41 -50.79
C LEU F 1210 -49.58 -19.56 -52.03
N THR F 1211 -50.65 -19.22 -52.76
CA THR F 1211 -50.53 -18.39 -53.95
C THR F 1211 -49.95 -17.02 -53.62
N THR F 1212 -50.43 -16.39 -52.56
CA THR F 1212 -49.88 -15.09 -52.16
C THR F 1212 -48.39 -15.19 -51.86
N ILE F 1213 -47.99 -16.21 -51.09
CA ILE F 1213 -46.59 -16.37 -50.74
C ILE F 1213 -45.74 -16.52 -51.99
N ARG F 1214 -46.14 -17.43 -52.89
CA ARG F 1214 -45.43 -17.54 -54.15
C ARG F 1214 -45.36 -16.21 -54.90
N ALA F 1215 -46.44 -15.43 -54.87
CA ALA F 1215 -46.42 -14.12 -55.53
C ALA F 1215 -45.35 -13.22 -54.92
N PHE F 1216 -45.40 -13.02 -53.61
CA PHE F 1216 -44.43 -12.16 -52.94
C PHE F 1216 -43.01 -12.70 -53.05
N ARG F 1217 -42.83 -13.97 -53.43
CA ARG F 1217 -41.52 -14.54 -53.69
C ARG F 1217 -40.65 -14.58 -52.43
N TYR F 1218 -41.30 -14.57 -51.27
CA TYR F 1218 -40.59 -14.59 -49.99
C TYR F 1218 -40.47 -15.98 -49.41
N GLU F 1219 -40.49 -17.01 -50.27
CA GLU F 1219 -40.56 -18.38 -49.77
C GLU F 1219 -39.48 -18.69 -48.76
N ALA F 1220 -38.25 -18.20 -48.98
CA ALA F 1220 -37.18 -18.47 -48.03
C ALA F 1220 -37.54 -17.97 -46.64
N ARG F 1221 -38.29 -16.89 -46.55
CA ARG F 1221 -38.62 -16.33 -45.25
C ARG F 1221 -39.51 -17.30 -44.46
N PHE F 1222 -40.59 -17.77 -45.07
CA PHE F 1222 -41.45 -18.69 -44.33
C PHE F 1222 -40.77 -20.05 -44.16
N GLN F 1223 -39.86 -20.41 -45.06
CA GLN F 1223 -39.05 -21.60 -44.84
C GLN F 1223 -38.22 -21.46 -43.58
N GLN F 1224 -37.59 -20.31 -43.38
CA GLN F 1224 -36.81 -20.10 -42.16
C GLN F 1224 -37.71 -20.11 -40.93
N LYS F 1225 -38.88 -19.47 -41.04
CA LYS F 1225 -39.82 -19.45 -39.93
C LYS F 1225 -40.21 -20.86 -39.51
N LEU F 1226 -40.52 -21.72 -40.49
CA LEU F 1226 -40.89 -23.08 -40.15
C LEU F 1226 -39.72 -23.87 -39.60
N LEU F 1227 -38.53 -23.70 -40.19
CA LEU F 1227 -37.36 -24.30 -39.58
C LEU F 1227 -37.27 -23.95 -38.11
N GLU F 1228 -37.48 -22.69 -37.76
CA GLU F 1228 -37.45 -22.28 -36.36
C GLU F 1228 -38.53 -23.00 -35.56
N TYR F 1229 -39.75 -23.03 -36.09
CA TYR F 1229 -40.86 -23.71 -35.40
C TYR F 1229 -40.52 -25.17 -35.12
N THR F 1230 -40.01 -25.86 -36.12
CA THR F 1230 -39.66 -27.27 -35.97
C THR F 1230 -38.57 -27.45 -34.95
N ASP F 1231 -37.53 -26.62 -35.02
CA ASP F 1231 -36.49 -26.64 -34.01
C ASP F 1231 -37.08 -26.48 -32.62
N SER F 1232 -38.08 -25.59 -32.49
CA SER F 1232 -38.70 -25.36 -31.20
C SER F 1232 -39.39 -26.62 -30.69
N ASN F 1233 -40.22 -27.23 -31.54
CA ASN F 1233 -40.88 -28.47 -31.15
C ASN F 1233 -39.85 -29.53 -30.78
N ASN F 1234 -38.76 -29.60 -31.54
CA ASN F 1234 -37.75 -30.61 -31.28
C ASN F 1234 -37.12 -30.42 -29.91
N ILE F 1235 -36.78 -29.18 -29.58
CA ILE F 1235 -36.14 -28.94 -28.29
C ILE F 1235 -37.12 -29.21 -27.16
N ALA F 1236 -38.39 -28.87 -27.36
CA ALA F 1236 -39.40 -29.21 -26.35
C ALA F 1236 -39.46 -30.72 -26.15
N SER F 1237 -39.50 -31.47 -27.24
CA SER F 1237 -39.56 -32.92 -27.12
C SER F 1237 -38.31 -33.47 -26.46
N LEU F 1238 -37.16 -32.85 -26.69
CA LEU F 1238 -35.95 -33.33 -26.05
C LEU F 1238 -35.97 -33.06 -24.55
N PHE F 1239 -36.54 -31.92 -24.15
CA PHE F 1239 -36.85 -31.71 -22.74
C PHE F 1239 -37.66 -32.87 -22.20
N LEU F 1240 -38.76 -33.17 -22.88
CA LEU F 1240 -39.63 -34.27 -22.46
C LEU F 1240 -38.84 -35.55 -22.26
N THR F 1241 -38.04 -35.90 -23.26
CA THR F 1241 -37.34 -37.17 -23.22
C THR F 1241 -36.32 -37.21 -22.11
N ALA F 1242 -35.52 -36.15 -21.97
CA ALA F 1242 -34.54 -36.07 -20.90
C ALA F 1242 -35.20 -36.32 -19.55
N ALA F 1243 -36.30 -35.59 -19.30
CA ALA F 1243 -37.00 -35.78 -18.04
C ALA F 1243 -37.48 -37.21 -17.86
N ASN F 1244 -38.12 -37.75 -18.90
CA ASN F 1244 -38.69 -39.09 -18.83
C ASN F 1244 -37.61 -40.12 -18.54
N ARG F 1245 -36.47 -39.99 -19.19
CA ARG F 1245 -35.39 -40.95 -19.02
C ARG F 1245 -34.75 -40.81 -17.66
N TRP F 1246 -34.67 -39.59 -17.13
CA TRP F 1246 -34.13 -39.42 -15.79
C TRP F 1246 -35.00 -40.15 -14.77
N LEU F 1247 -36.31 -39.93 -14.85
CA LEU F 1247 -37.19 -40.65 -13.94
C LEU F 1247 -37.11 -42.16 -14.17
N GLU F 1248 -37.01 -42.56 -15.44
CA GLU F 1248 -36.85 -43.95 -15.78
C GLU F 1248 -35.67 -44.56 -15.03
N VAL F 1249 -34.52 -43.89 -15.11
CA VAL F 1249 -33.30 -44.36 -14.45
C VAL F 1249 -33.51 -44.48 -12.95
N ARG F 1250 -34.07 -43.43 -12.34
CA ARG F 1250 -34.22 -43.42 -10.90
C ARG F 1250 -35.12 -44.56 -10.43
N MET F 1251 -36.28 -44.70 -11.07
CA MET F 1251 -37.20 -45.77 -10.69
C MET F 1251 -36.56 -47.14 -10.90
N GLU F 1252 -35.76 -47.26 -11.96
CA GLU F 1252 -35.09 -48.53 -12.20
C GLU F 1252 -34.14 -48.86 -11.07
N TYR F 1253 -33.39 -47.87 -10.60
CA TYR F 1253 -32.45 -48.14 -9.53
C TYR F 1253 -33.17 -48.49 -8.24
N ILE F 1254 -34.34 -47.88 -8.02
CA ILE F 1254 -35.19 -48.32 -6.93
C ILE F 1254 -35.50 -49.82 -7.07
N GLY F 1255 -35.93 -50.23 -8.27
CA GLY F 1255 -36.27 -51.63 -8.48
C GLY F 1255 -35.09 -52.55 -8.24
N ALA F 1256 -33.90 -52.13 -8.65
CA ALA F 1256 -32.71 -52.95 -8.45
C ALA F 1256 -32.41 -53.09 -6.97
N CYS F 1257 -32.54 -52.01 -6.22
CA CYS F 1257 -32.38 -52.10 -4.77
C CYS F 1257 -33.38 -53.08 -4.17
N VAL F 1258 -34.62 -53.03 -4.66
CA VAL F 1258 -35.63 -53.98 -4.20
C VAL F 1258 -35.19 -55.41 -4.43
N VAL F 1259 -34.76 -55.71 -5.66
CA VAL F 1259 -34.29 -57.05 -5.98
C VAL F 1259 -33.20 -57.48 -5.02
N LEU F 1260 -32.21 -56.62 -4.82
CA LEU F 1260 -31.08 -56.97 -3.98
C LEU F 1260 -31.52 -57.27 -2.56
N ILE F 1261 -32.33 -56.39 -1.98
CA ILE F 1261 -32.83 -56.60 -0.62
C ILE F 1261 -33.51 -57.94 -0.51
N ALA F 1262 -34.44 -58.21 -1.43
CA ALA F 1262 -35.20 -59.46 -1.37
C ALA F 1262 -34.27 -60.66 -1.43
N ALA F 1263 -33.34 -60.65 -2.38
CA ALA F 1263 -32.44 -61.80 -2.54
C ALA F 1263 -31.63 -62.03 -1.28
N VAL F 1264 -31.01 -60.97 -0.76
CA VAL F 1264 -30.16 -61.10 0.42
C VAL F 1264 -30.95 -61.62 1.60
N THR F 1265 -32.08 -60.98 1.89
CA THR F 1265 -32.90 -61.37 3.02
C THR F 1265 -33.29 -62.84 2.91
N SER F 1266 -33.78 -63.23 1.73
CA SER F 1266 -34.25 -64.58 1.54
C SER F 1266 -33.14 -65.59 1.74
N ILE F 1267 -31.96 -65.32 1.15
CA ILE F 1267 -30.85 -66.25 1.27
C ILE F 1267 -30.44 -66.42 2.73
N SER F 1268 -30.17 -65.30 3.40
CA SER F 1268 -29.81 -65.35 4.81
C SER F 1268 -30.82 -66.18 5.60
N ASN F 1269 -32.09 -65.76 5.56
CA ASN F 1269 -33.12 -66.45 6.32
C ASN F 1269 -33.13 -67.95 6.00
N SER F 1270 -33.28 -68.29 4.72
CA SER F 1270 -33.45 -69.69 4.34
C SER F 1270 -32.30 -70.55 4.83
N LEU F 1271 -31.09 -70.23 4.39
CA LEU F 1271 -29.99 -71.13 4.73
C LEU F 1271 -29.74 -71.14 6.23
N HIS F 1272 -30.09 -70.04 6.92
CA HIS F 1272 -29.97 -70.07 8.37
C HIS F 1272 -31.23 -70.64 9.01
N ARG F 1273 -32.39 -70.14 8.62
CA ARG F 1273 -33.66 -70.57 9.16
C ARG F 1273 -34.47 -71.15 8.00
N GLU F 1274 -34.43 -72.48 7.86
CA GLU F 1274 -34.93 -73.14 6.66
C GLU F 1274 -36.37 -72.73 6.36
N LEU F 1275 -36.64 -72.48 5.08
CA LEU F 1275 -37.99 -72.06 4.68
C LEU F 1275 -38.43 -72.57 3.31
N SER F 1276 -38.01 -73.76 2.88
CA SER F 1276 -38.40 -74.26 1.56
C SER F 1276 -37.89 -73.34 0.44
N ALA F 1277 -36.57 -73.35 0.25
CA ALA F 1277 -35.88 -72.42 -0.65
C ALA F 1277 -36.56 -72.24 -2.00
N GLY F 1278 -37.40 -73.18 -2.42
CA GLY F 1278 -38.28 -72.91 -3.55
C GLY F 1278 -38.98 -71.58 -3.38
N LEU F 1279 -39.44 -71.29 -2.17
CA LEU F 1279 -40.01 -69.99 -1.87
C LEU F 1279 -38.98 -68.87 -2.04
N VAL F 1280 -37.71 -69.15 -1.76
CA VAL F 1280 -36.67 -68.14 -1.94
C VAL F 1280 -36.55 -67.77 -3.41
N GLY F 1281 -36.36 -68.77 -4.25
CA GLY F 1281 -36.35 -68.53 -5.68
C GLY F 1281 -37.58 -67.78 -6.13
N LEU F 1282 -38.73 -68.15 -5.58
CA LEU F 1282 -39.98 -67.50 -5.94
C LEU F 1282 -39.96 -66.01 -5.62
N GLY F 1283 -39.61 -65.67 -4.38
CA GLY F 1283 -39.56 -64.27 -4.01
C GLY F 1283 -38.56 -63.49 -4.85
N LEU F 1284 -37.40 -64.09 -5.13
CA LEU F 1284 -36.38 -63.32 -5.84
C LEU F 1284 -36.75 -63.14 -7.30
N THR F 1285 -37.40 -64.13 -7.91
CA THR F 1285 -37.88 -63.94 -9.27
C THR F 1285 -39.01 -62.93 -9.31
N TYR F 1286 -39.79 -62.82 -8.22
CA TYR F 1286 -40.78 -61.75 -8.22
C TYR F 1286 -40.13 -60.39 -7.99
N ALA F 1287 -38.97 -60.37 -7.34
CA ALA F 1287 -38.19 -59.14 -7.28
C ALA F 1287 -37.73 -58.73 -8.67
N LEU F 1288 -37.22 -59.69 -9.44
CA LEU F 1288 -36.95 -59.43 -10.85
C LEU F 1288 -38.19 -58.95 -11.58
N MET F 1289 -39.33 -59.61 -11.31
CA MET F 1289 -40.60 -59.22 -11.90
C MET F 1289 -40.86 -57.74 -11.67
N VAL F 1290 -40.76 -57.30 -10.41
CA VAL F 1290 -41.02 -55.91 -10.07
C VAL F 1290 -40.01 -55.00 -10.76
N SER F 1291 -38.73 -55.32 -10.63
CA SER F 1291 -37.69 -54.50 -11.26
C SER F 1291 -37.95 -54.32 -12.75
N ASN F 1292 -38.59 -55.32 -13.36
CA ASN F 1292 -38.99 -55.20 -14.75
C ASN F 1292 -40.20 -54.27 -14.91
N TYR F 1293 -41.28 -54.59 -14.23
CA TYR F 1293 -42.57 -54.05 -14.66
C TYR F 1293 -42.95 -52.78 -13.91
N LEU F 1294 -42.24 -52.44 -12.82
CA LEU F 1294 -42.56 -51.25 -12.05
C LEU F 1294 -42.37 -49.99 -12.87
N ASN F 1295 -41.30 -49.95 -13.66
CA ASN F 1295 -41.04 -48.79 -14.47
C ASN F 1295 -42.07 -48.64 -15.58
N TRP F 1296 -42.48 -49.77 -16.17
CA TRP F 1296 -43.60 -49.72 -17.09
C TRP F 1296 -44.85 -49.21 -16.40
N MET F 1297 -45.08 -49.63 -15.16
CA MET F 1297 -46.24 -49.15 -14.42
C MET F 1297 -46.24 -47.63 -14.35
N VAL F 1298 -45.09 -47.07 -13.98
CA VAL F 1298 -45.00 -45.61 -13.89
C VAL F 1298 -45.21 -44.96 -15.24
N ARG F 1299 -44.51 -45.44 -16.27
CA ARG F 1299 -44.61 -44.79 -17.58
C ARG F 1299 -46.03 -44.86 -18.13
N ASN F 1300 -46.70 -45.99 -17.91
CA ASN F 1300 -48.07 -46.13 -18.37
C ASN F 1300 -49.01 -45.25 -17.56
N LEU F 1301 -48.72 -45.07 -16.26
CA LEU F 1301 -49.47 -44.11 -15.49
C LEU F 1301 -49.35 -42.73 -16.10
N ALA F 1302 -48.15 -42.33 -16.49
CA ALA F 1302 -47.96 -41.00 -17.09
C ALA F 1302 -48.72 -40.88 -18.40
N ASP F 1303 -48.56 -41.87 -19.28
CA ASP F 1303 -49.17 -41.78 -20.60
C ASP F 1303 -50.70 -41.80 -20.50
N MET F 1304 -51.25 -42.64 -19.63
CA MET F 1304 -52.68 -42.65 -19.41
C MET F 1304 -53.17 -41.39 -18.73
N GLU F 1305 -52.32 -40.78 -17.90
CA GLU F 1305 -52.67 -39.46 -17.36
C GLU F 1305 -52.87 -38.47 -18.50
N LEU F 1306 -51.94 -38.47 -19.46
CA LEU F 1306 -52.11 -37.63 -20.64
C LEU F 1306 -53.42 -37.93 -21.35
N GLN F 1307 -53.66 -39.22 -21.62
CA GLN F 1307 -54.84 -39.60 -22.40
C GLN F 1307 -56.13 -39.23 -21.70
N LEU F 1308 -56.18 -39.41 -20.38
CA LEU F 1308 -57.35 -39.05 -19.60
C LEU F 1308 -57.51 -37.55 -19.46
N GLY F 1309 -56.41 -36.79 -19.47
CA GLY F 1309 -56.54 -35.35 -19.58
C GLY F 1309 -57.19 -34.95 -20.89
N ALA F 1310 -56.84 -35.64 -21.98
CA ALA F 1310 -57.51 -35.38 -23.25
C ALA F 1310 -59.00 -35.72 -23.18
N VAL F 1311 -59.32 -36.85 -22.54
CA VAL F 1311 -60.72 -37.25 -22.37
C VAL F 1311 -61.47 -36.21 -21.56
N LYS F 1312 -60.84 -35.70 -20.50
CA LYS F 1312 -61.47 -34.66 -19.70
C LYS F 1312 -61.66 -33.39 -20.52
N ARG F 1313 -60.73 -33.07 -21.41
CA ARG F 1313 -60.91 -31.93 -22.29
C ARG F 1313 -62.15 -32.10 -23.14
N ILE F 1314 -62.25 -33.22 -23.84
CA ILE F 1314 -63.45 -33.49 -24.63
C ILE F 1314 -64.70 -33.39 -23.77
N HIS F 1315 -64.65 -33.92 -22.54
CA HIS F 1315 -65.85 -33.94 -21.72
C HIS F 1315 -66.22 -32.55 -21.25
N GLY F 1316 -65.23 -31.75 -20.83
CA GLY F 1316 -65.51 -30.37 -20.49
C GLY F 1316 -66.09 -29.62 -21.66
N LEU F 1317 -65.78 -30.08 -22.87
CA LEU F 1317 -66.50 -29.57 -24.03
C LEU F 1317 -67.87 -30.18 -24.19
N LEU F 1318 -68.12 -31.37 -23.64
CA LEU F 1318 -69.46 -31.95 -23.72
C LEU F 1318 -70.49 -31.04 -23.05
N LYS F 1319 -70.08 -30.29 -22.03
CA LYS F 1319 -70.95 -29.27 -21.47
C LYS F 1319 -71.29 -28.23 -22.53
N THR F 1320 -72.58 -28.11 -22.85
CA THR F 1320 -73.00 -27.30 -23.98
C THR F 1320 -74.14 -26.37 -23.52
N GLU F 1321 -74.29 -25.26 -24.23
CA GLU F 1321 -75.31 -24.28 -23.90
C GLU F 1321 -76.66 -24.65 -24.49
N ALA F 1322 -77.71 -24.09 -23.92
CA ALA F 1322 -79.08 -24.40 -24.33
C ALA F 1322 -79.42 -23.67 -25.63
N GLU F 1323 -79.82 -24.44 -26.64
CA GLU F 1323 -80.15 -23.85 -27.94
C GLU F 1323 -81.64 -23.59 -28.07
N SER F 1324 -82.45 -24.26 -27.25
CA SER F 1324 -83.90 -24.05 -27.22
C SER F 1324 -84.56 -24.30 -28.58
N TYR F 1325 -84.50 -25.55 -29.05
CA TYR F 1325 -85.10 -25.88 -30.34
C TYR F 1325 -86.62 -25.83 -30.28
N GLU F 1326 -87.21 -26.41 -29.22
CA GLU F 1326 -88.66 -26.43 -29.09
C GLU F 1326 -89.22 -25.03 -28.83
N GLY F 1327 -90.07 -24.55 -29.73
CA GLY F 1327 -90.78 -23.31 -29.52
C GLY F 1327 -92.10 -23.54 -28.83
N LEU F 1328 -92.54 -22.59 -28.01
CA LEU F 1328 -93.79 -22.76 -27.26
C LEU F 1328 -95.01 -22.50 -28.14
N LEU F 1329 -95.13 -23.24 -29.23
CA LEU F 1329 -96.30 -23.14 -30.11
C LEU F 1329 -96.62 -24.52 -30.65
N ALA F 1330 -97.92 -24.75 -30.87
CA ALA F 1330 -98.41 -26.05 -31.31
C ALA F 1330 -98.08 -26.25 -32.79
N PRO F 1331 -97.54 -27.39 -33.19
CA PRO F 1331 -97.43 -27.67 -34.62
C PRO F 1331 -98.78 -27.96 -35.25
N SER F 1332 -99.73 -28.41 -34.44
CA SER F 1332 -101.08 -28.64 -34.95
C SER F 1332 -101.80 -27.32 -35.20
N LEU F 1333 -101.52 -26.30 -34.37
CA LEU F 1333 -102.05 -24.97 -34.63
C LEU F 1333 -101.46 -24.39 -35.91
N ILE F 1334 -100.34 -24.94 -36.36
CA ILE F 1334 -99.67 -24.45 -37.56
C ILE F 1334 -100.10 -25.28 -38.76
N PRO F 1335 -100.64 -24.67 -39.83
CA PRO F 1335 -100.95 -25.45 -41.03
C PRO F 1335 -99.71 -25.80 -41.84
N LYS F 1336 -99.88 -26.76 -42.74
CA LYS F 1336 -98.74 -27.29 -43.49
C LYS F 1336 -98.07 -26.21 -44.33
N ASN F 1337 -98.76 -25.74 -45.37
CA ASN F 1337 -98.28 -24.62 -46.15
C ASN F 1337 -98.57 -23.31 -45.41
N TRP F 1338 -97.96 -23.20 -44.24
CA TRP F 1338 -98.32 -22.11 -43.33
C TRP F 1338 -98.01 -20.73 -43.92
N PRO F 1339 -96.75 -20.38 -44.23
CA PRO F 1339 -96.48 -18.99 -44.60
C PRO F 1339 -97.08 -18.66 -45.96
N ASP F 1340 -98.40 -18.63 -46.03
CA ASP F 1340 -99.12 -18.47 -47.29
C ASP F 1340 -99.02 -17.05 -47.83
N GLN F 1341 -99.51 -16.07 -47.07
CA GLN F 1341 -99.43 -14.69 -47.52
C GLN F 1341 -97.99 -14.17 -47.43
N GLY F 1342 -97.43 -14.17 -46.22
CA GLY F 1342 -96.09 -13.69 -46.02
C GLY F 1342 -96.06 -12.24 -45.58
N LYS F 1343 -97.21 -11.74 -45.13
CA LYS F 1343 -97.25 -10.39 -44.60
C LYS F 1343 -96.47 -10.32 -43.30
N ILE F 1344 -95.61 -9.30 -43.19
CA ILE F 1344 -94.67 -9.18 -42.08
C ILE F 1344 -94.83 -7.80 -41.47
N GLN F 1345 -95.07 -7.77 -40.17
CA GLN F 1345 -95.15 -6.51 -39.42
C GLN F 1345 -94.19 -6.59 -38.25
N ILE F 1346 -93.14 -5.78 -38.28
CA ILE F 1346 -92.19 -5.67 -37.18
C ILE F 1346 -92.53 -4.39 -36.45
N GLN F 1347 -92.16 -4.31 -35.17
CA GLN F 1347 -92.39 -3.11 -34.38
C GLN F 1347 -91.48 -3.14 -33.14
N ASN F 1348 -90.82 -2.01 -32.87
CA ASN F 1348 -89.87 -1.84 -31.78
C ASN F 1348 -88.85 -2.97 -31.72
N LEU F 1349 -88.55 -3.59 -32.85
CA LEU F 1349 -87.65 -4.73 -32.90
C LEU F 1349 -86.25 -4.28 -32.46
N SER F 1350 -85.83 -4.72 -31.28
CA SER F 1350 -84.54 -4.33 -30.70
C SER F 1350 -83.72 -5.59 -30.46
N VAL F 1351 -82.62 -5.71 -31.20
CA VAL F 1351 -81.83 -6.94 -31.25
C VAL F 1351 -80.42 -6.64 -30.76
N ARG F 1352 -79.67 -7.72 -30.54
CA ARG F 1352 -78.26 -7.68 -30.19
C ARG F 1352 -77.74 -9.11 -30.23
N TYR F 1353 -76.48 -9.26 -30.66
CA TYR F 1353 -75.94 -10.59 -30.87
C TYR F 1353 -75.83 -11.37 -29.56
N ASP F 1354 -75.17 -10.80 -28.57
CA ASP F 1354 -75.13 -11.36 -27.23
C ASP F 1354 -75.66 -10.31 -26.27
N SER F 1355 -75.82 -10.71 -25.01
CA SER F 1355 -76.35 -9.79 -24.01
C SER F 1355 -75.36 -8.68 -23.69
N SER F 1356 -74.05 -8.99 -23.75
CA SER F 1356 -73.05 -8.01 -23.37
C SER F 1356 -72.92 -6.91 -24.42
N LEU F 1357 -73.09 -7.24 -25.68
CA LEU F 1357 -72.94 -6.25 -26.73
C LEU F 1357 -74.13 -5.31 -26.78
N LYS F 1358 -73.84 -4.05 -27.13
CA LYS F 1358 -74.86 -3.04 -27.24
C LYS F 1358 -75.87 -3.42 -28.33
N PRO F 1359 -77.12 -2.97 -28.19
CA PRO F 1359 -78.12 -3.28 -29.22
C PRO F 1359 -77.71 -2.73 -30.58
N VAL F 1360 -77.81 -3.59 -31.59
CA VAL F 1360 -77.29 -3.30 -32.92
C VAL F 1360 -78.40 -2.77 -33.83
N LEU F 1361 -79.64 -3.00 -33.43
CA LEU F 1361 -80.80 -2.54 -34.20
C LEU F 1361 -81.99 -2.42 -33.27
N LYS F 1362 -82.60 -1.24 -33.21
CA LYS F 1362 -83.63 -0.99 -32.21
C LYS F 1362 -84.72 -0.09 -32.78
N HIS F 1363 -85.89 -0.18 -32.17
CA HIS F 1363 -87.00 0.75 -32.38
C HIS F 1363 -87.37 0.85 -33.86
N VAL F 1364 -87.52 -0.32 -34.47
CA VAL F 1364 -87.82 -0.42 -35.89
C VAL F 1364 -89.17 -1.08 -36.07
N ASN F 1365 -89.99 -0.50 -36.96
CA ASN F 1365 -91.30 -1.02 -37.25
C ASN F 1365 -91.55 -0.99 -38.76
N ALA F 1366 -92.22 -2.02 -39.25
CA ALA F 1366 -92.50 -2.14 -40.67
C ALA F 1366 -93.58 -3.18 -40.93
N LEU F 1367 -94.69 -2.76 -41.54
CA LEU F 1367 -95.70 -3.67 -42.04
C LEU F 1367 -95.34 -3.94 -43.49
N ILE F 1368 -95.06 -5.20 -43.79
CA ILE F 1368 -94.68 -5.62 -45.14
C ILE F 1368 -95.79 -6.49 -45.69
N ALA F 1369 -96.42 -6.02 -46.74
CA ALA F 1369 -97.49 -6.75 -47.41
C ALA F 1369 -96.86 -7.87 -48.22
N PRO F 1370 -97.65 -8.69 -48.94
CA PRO F 1370 -97.05 -9.57 -49.96
C PRO F 1370 -96.02 -8.85 -50.82
N GLY F 1371 -96.27 -7.58 -51.13
CA GLY F 1371 -95.21 -6.66 -51.54
C GLY F 1371 -94.12 -7.30 -52.35
N GLN F 1372 -94.45 -7.80 -53.54
CA GLN F 1372 -93.70 -8.84 -54.30
C GLN F 1372 -92.20 -8.65 -54.10
N LYS F 1373 -91.68 -7.41 -54.18
CA LYS F 1373 -90.27 -7.15 -53.97
C LYS F 1373 -90.11 -5.81 -53.27
N ILE F 1374 -89.63 -5.85 -52.04
CA ILE F 1374 -89.27 -4.63 -51.33
C ILE F 1374 -87.76 -4.62 -51.13
N GLY F 1375 -87.22 -3.43 -50.86
CA GLY F 1375 -85.79 -3.30 -50.78
C GLY F 1375 -85.26 -2.72 -49.48
N ILE F 1376 -84.13 -3.26 -49.01
CA ILE F 1376 -83.39 -2.68 -47.89
C ILE F 1376 -81.97 -2.44 -48.36
N CYS F 1377 -81.44 -1.26 -48.05
CA CYS F 1377 -80.09 -0.90 -48.44
C CYS F 1377 -79.48 -0.01 -47.37
N GLY F 1378 -78.31 0.51 -47.66
CA GLY F 1378 -77.62 1.41 -46.75
C GLY F 1378 -76.13 1.16 -46.78
N ARG F 1379 -75.42 1.98 -46.01
CA ARG F 1379 -73.99 1.81 -45.83
C ARG F 1379 -73.72 0.61 -44.92
N THR F 1380 -72.45 0.23 -44.84
CA THR F 1380 -72.06 -0.91 -44.02
C THR F 1380 -72.36 -0.66 -42.55
N GLY F 1381 -72.38 -1.74 -41.79
CA GLY F 1381 -72.53 -1.66 -40.36
C GLY F 1381 -73.87 -1.16 -39.86
N SER F 1382 -74.75 -0.70 -40.75
CA SER F 1382 -76.06 -0.23 -40.31
C SER F 1382 -76.91 -1.33 -39.70
N GLY F 1383 -76.47 -2.58 -39.79
CA GLY F 1383 -77.22 -3.69 -39.26
C GLY F 1383 -78.17 -4.34 -40.22
N LYS F 1384 -77.92 -4.21 -41.53
CA LYS F 1384 -78.85 -4.78 -42.50
C LYS F 1384 -78.74 -6.29 -42.55
N SER F 1385 -77.52 -6.83 -42.51
CA SER F 1385 -77.37 -8.27 -42.38
C SER F 1385 -77.91 -8.74 -41.05
N SER F 1386 -77.73 -7.94 -39.99
CA SER F 1386 -78.33 -8.26 -38.70
C SER F 1386 -79.83 -8.41 -38.83
N PHE F 1387 -80.50 -7.42 -39.42
CA PHE F 1387 -81.94 -7.51 -39.59
C PHE F 1387 -82.33 -8.67 -40.49
N SER F 1388 -81.52 -8.98 -41.49
CA SER F 1388 -81.75 -10.19 -42.25
C SER F 1388 -81.81 -11.40 -41.33
N LEU F 1389 -80.84 -11.50 -40.42
CA LEU F 1389 -80.82 -12.57 -39.44
C LEU F 1389 -81.84 -12.38 -38.33
N ALA F 1390 -82.56 -11.26 -38.32
CA ALA F 1390 -83.59 -11.07 -37.31
C ALA F 1390 -84.78 -12.01 -37.52
N PHE F 1391 -84.97 -12.48 -38.75
CA PHE F 1391 -86.09 -13.39 -39.01
C PHE F 1391 -85.84 -14.75 -38.39
N PHE F 1392 -84.68 -15.33 -38.68
CA PHE F 1392 -84.35 -16.69 -38.27
C PHE F 1392 -83.93 -16.77 -36.80
N ARG F 1393 -84.14 -15.71 -36.03
CA ARG F 1393 -83.78 -15.65 -34.62
C ARG F 1393 -82.30 -15.96 -34.41
N MET F 1394 -81.47 -15.68 -35.41
CA MET F 1394 -80.03 -15.73 -35.23
C MET F 1394 -79.54 -14.77 -34.17
N VAL F 1395 -80.35 -13.77 -33.82
CA VAL F 1395 -79.95 -12.69 -32.92
C VAL F 1395 -80.84 -12.72 -31.68
N ASP F 1396 -80.36 -12.10 -30.60
CA ASP F 1396 -80.99 -12.28 -29.28
C ASP F 1396 -82.28 -11.49 -29.12
N THR F 1397 -82.56 -10.51 -29.99
CA THR F 1397 -83.83 -9.77 -30.05
C THR F 1397 -84.46 -9.49 -28.70
N PHE F 1398 -83.72 -8.80 -27.82
CA PHE F 1398 -84.15 -8.67 -26.43
C PHE F 1398 -85.47 -7.91 -26.29
N GLU F 1399 -85.67 -6.83 -27.05
CA GLU F 1399 -86.93 -6.11 -27.03
C GLU F 1399 -87.66 -6.36 -28.35
N GLY F 1400 -88.92 -5.95 -28.38
CA GLY F 1400 -89.70 -6.03 -29.60
C GLY F 1400 -90.00 -7.44 -30.08
N HIS F 1401 -90.70 -7.53 -31.20
CA HIS F 1401 -91.14 -8.80 -31.77
C HIS F 1401 -91.45 -8.63 -33.25
N ILE F 1402 -91.44 -9.75 -33.98
CA ILE F 1402 -91.84 -9.78 -35.38
C ILE F 1402 -93.03 -10.73 -35.54
N ILE F 1403 -93.96 -10.34 -36.39
CA ILE F 1403 -95.14 -11.14 -36.68
C ILE F 1403 -95.04 -11.63 -38.11
N ILE F 1404 -94.96 -12.94 -38.29
CA ILE F 1404 -95.21 -13.50 -39.59
C ILE F 1404 -96.71 -13.78 -39.57
N ASP F 1405 -97.33 -13.81 -40.74
CA ASP F 1405 -98.79 -13.64 -40.85
C ASP F 1405 -99.52 -14.48 -39.81
N GLY F 1406 -100.16 -13.79 -38.87
CA GLY F 1406 -100.88 -14.43 -37.81
C GLY F 1406 -100.15 -14.57 -36.50
N ILE F 1407 -98.82 -14.54 -36.47
CA ILE F 1407 -98.10 -15.01 -35.30
C ILE F 1407 -96.76 -14.31 -35.12
N ASP F 1408 -96.29 -14.33 -33.88
CA ASP F 1408 -95.00 -13.85 -33.42
C ASP F 1408 -93.87 -14.76 -33.91
N ILE F 1409 -92.66 -14.46 -33.46
CA ILE F 1409 -91.52 -15.34 -33.70
C ILE F 1409 -91.12 -16.08 -32.42
N ALA F 1410 -91.66 -15.67 -31.27
CA ALA F 1410 -91.15 -16.12 -29.98
C ALA F 1410 -91.54 -17.54 -29.62
N LYS F 1411 -92.33 -18.22 -30.44
CA LYS F 1411 -92.87 -19.51 -30.07
C LYS F 1411 -92.65 -20.60 -31.11
N LEU F 1412 -91.99 -20.28 -32.23
CA LEU F 1412 -91.92 -21.39 -33.18
C LEU F 1412 -90.76 -22.33 -32.84
N PRO F 1413 -90.89 -23.60 -33.21
CA PRO F 1413 -89.71 -24.46 -33.23
C PRO F 1413 -88.72 -23.97 -34.28
N LEU F 1414 -87.49 -23.67 -33.83
CA LEU F 1414 -86.51 -23.04 -34.69
C LEU F 1414 -86.26 -23.89 -35.94
N HIS F 1415 -86.30 -25.21 -35.81
CA HIS F 1415 -86.19 -26.08 -36.97
C HIS F 1415 -87.36 -25.87 -37.92
N THR F 1416 -88.59 -25.91 -37.40
CA THR F 1416 -89.73 -25.56 -38.22
C THR F 1416 -89.61 -24.14 -38.75
N LEU F 1417 -89.09 -23.24 -37.91
CA LEU F 1417 -88.91 -21.85 -38.33
C LEU F 1417 -88.13 -21.78 -39.63
N ARG F 1418 -86.90 -22.28 -39.63
CA ARG F 1418 -86.03 -22.07 -40.78
C ARG F 1418 -86.30 -23.10 -41.86
N SER F 1419 -87.10 -24.11 -41.56
CA SER F 1419 -87.43 -25.13 -42.56
C SER F 1419 -88.31 -24.54 -43.66
N ARG F 1420 -89.19 -23.61 -43.30
CA ARG F 1420 -90.19 -23.07 -44.21
C ARG F 1420 -89.83 -21.70 -44.76
N LEU F 1421 -88.58 -21.27 -44.60
CA LEU F 1421 -88.12 -20.00 -45.12
C LEU F 1421 -86.82 -20.23 -45.90
N SER F 1422 -86.17 -19.13 -46.27
CA SER F 1422 -84.94 -19.18 -47.03
C SER F 1422 -84.16 -17.88 -46.84
N ILE F 1423 -82.92 -17.90 -47.30
CA ILE F 1423 -82.01 -16.77 -47.24
C ILE F 1423 -80.84 -17.04 -48.17
N ILE F 1424 -80.24 -15.98 -48.72
CA ILE F 1424 -79.01 -16.10 -49.48
C ILE F 1424 -77.94 -15.33 -48.73
N LEU F 1425 -76.97 -16.05 -48.18
CA LEU F 1425 -75.89 -15.45 -47.44
C LEU F 1425 -75.09 -14.51 -48.33
N GLN F 1426 -74.51 -13.49 -47.71
CA GLN F 1426 -73.58 -12.59 -48.36
C GLN F 1426 -72.46 -13.39 -49.03
N ASP F 1427 -71.75 -14.18 -48.23
CA ASP F 1427 -70.62 -14.96 -48.74
C ASP F 1427 -71.11 -16.27 -49.33
N PRO F 1428 -70.48 -16.77 -50.40
CA PRO F 1428 -70.81 -18.10 -50.90
C PRO F 1428 -70.08 -19.17 -50.12
N VAL F 1429 -70.82 -20.20 -49.70
CA VAL F 1429 -70.27 -21.35 -49.01
C VAL F 1429 -70.84 -22.59 -49.70
N LEU F 1430 -69.99 -23.56 -49.98
CA LEU F 1430 -70.37 -24.73 -50.76
C LEU F 1430 -70.14 -26.02 -49.99
N PHE F 1431 -70.39 -27.13 -50.66
CA PHE F 1431 -70.32 -28.46 -50.07
C PHE F 1431 -69.55 -29.39 -50.99
N SER F 1432 -68.57 -30.08 -50.42
CA SER F 1432 -67.86 -31.10 -51.17
C SER F 1432 -68.82 -32.22 -51.54
N GLY F 1433 -69.07 -32.34 -52.83
CA GLY F 1433 -70.01 -33.32 -53.34
C GLY F 1433 -70.40 -32.99 -54.76
N THR F 1434 -71.64 -33.33 -55.11
CA THR F 1434 -72.14 -33.08 -56.45
C THR F 1434 -73.35 -32.17 -56.39
N ILE F 1435 -73.75 -31.70 -57.58
CA ILE F 1435 -74.84 -30.75 -57.68
C ILE F 1435 -76.11 -31.32 -57.06
N ARG F 1436 -76.35 -32.62 -57.29
CA ARG F 1436 -77.41 -33.31 -56.56
C ARG F 1436 -77.29 -33.08 -55.06
N PHE F 1437 -76.12 -33.36 -54.50
CA PHE F 1437 -75.94 -33.21 -53.07
C PHE F 1437 -75.76 -31.76 -52.66
N ASN F 1438 -75.16 -30.95 -53.52
CA ASN F 1438 -74.97 -29.54 -53.18
C ASN F 1438 -76.30 -28.82 -53.05
N LEU F 1439 -77.22 -29.07 -53.97
CA LEU F 1439 -78.56 -28.50 -53.89
C LEU F 1439 -79.48 -29.27 -52.97
N ASP F 1440 -79.54 -30.59 -53.14
CA ASP F 1440 -80.50 -31.44 -52.44
C ASP F 1440 -79.76 -32.26 -51.41
N PRO F 1441 -79.80 -31.85 -50.13
CA PRO F 1441 -79.35 -32.76 -49.07
C PRO F 1441 -80.22 -33.99 -49.00
N GLU F 1442 -81.54 -33.79 -49.00
CA GLU F 1442 -82.48 -34.86 -49.24
C GLU F 1442 -82.42 -35.25 -50.72
N ARG F 1443 -83.28 -36.18 -51.12
CA ARG F 1443 -83.48 -36.47 -52.53
C ARG F 1443 -84.88 -36.11 -53.00
N LYS F 1444 -85.64 -35.38 -52.18
CA LYS F 1444 -87.04 -35.13 -52.46
C LYS F 1444 -87.20 -33.97 -53.44
N CYS F 1445 -86.62 -34.15 -54.63
CA CYS F 1445 -86.73 -33.17 -55.71
C CYS F 1445 -86.58 -33.85 -57.06
N SER F 1446 -86.84 -33.10 -58.13
CA SER F 1446 -86.76 -33.62 -59.49
C SER F 1446 -85.64 -32.91 -60.23
N ASP F 1447 -84.97 -33.63 -61.13
CA ASP F 1447 -83.94 -33.03 -61.96
C ASP F 1447 -84.51 -31.90 -62.80
N SER F 1448 -85.79 -32.02 -63.19
CA SER F 1448 -86.44 -30.93 -63.90
C SER F 1448 -86.35 -29.63 -63.10
N THR F 1449 -86.77 -29.66 -61.83
CA THR F 1449 -86.68 -28.49 -60.99
C THR F 1449 -85.23 -28.07 -60.72
N LEU F 1450 -84.30 -29.02 -60.71
CA LEU F 1450 -82.90 -28.67 -60.53
C LEU F 1450 -82.40 -27.84 -61.70
N TRP F 1451 -82.59 -28.35 -62.91
CA TRP F 1451 -82.27 -27.60 -64.12
C TRP F 1451 -83.03 -26.29 -64.17
N GLU F 1452 -84.25 -26.25 -63.65
CA GLU F 1452 -85.01 -25.01 -63.60
C GLU F 1452 -84.32 -23.97 -62.73
N ALA F 1453 -83.92 -24.36 -61.51
CA ALA F 1453 -83.22 -23.45 -60.63
C ALA F 1453 -81.88 -23.03 -61.22
N LEU F 1454 -81.17 -23.96 -61.88
CA LEU F 1454 -79.95 -23.60 -62.58
C LEU F 1454 -80.21 -22.56 -63.65
N GLU F 1455 -81.26 -22.75 -64.44
CA GLU F 1455 -81.55 -21.83 -65.53
C GLU F 1455 -81.91 -20.45 -65.00
N ILE F 1456 -82.91 -20.37 -64.13
CA ILE F 1456 -83.34 -19.07 -63.63
C ILE F 1456 -82.23 -18.34 -62.89
N ALA F 1457 -81.18 -19.06 -62.49
CA ALA F 1457 -79.97 -18.46 -61.94
C ALA F 1457 -78.88 -18.30 -63.00
N GLN F 1458 -79.16 -18.69 -64.24
CA GLN F 1458 -78.20 -18.59 -65.34
C GLN F 1458 -77.02 -19.53 -65.15
N LEU F 1459 -77.29 -20.70 -64.57
CA LEU F 1459 -76.29 -21.73 -64.41
C LEU F 1459 -76.41 -22.87 -65.40
N LYS F 1460 -77.64 -23.28 -65.74
CA LYS F 1460 -77.85 -24.40 -66.65
C LYS F 1460 -77.01 -24.25 -67.91
N LEU F 1461 -76.94 -23.04 -68.45
CA LEU F 1461 -76.14 -22.80 -69.63
C LEU F 1461 -74.68 -23.20 -69.40
N VAL F 1462 -74.12 -22.83 -68.26
CA VAL F 1462 -72.76 -23.24 -67.94
C VAL F 1462 -72.69 -24.75 -67.77
N VAL F 1463 -73.58 -25.30 -66.95
CA VAL F 1463 -73.54 -26.71 -66.60
C VAL F 1463 -73.57 -27.59 -67.85
N LYS F 1464 -74.27 -27.15 -68.90
CA LYS F 1464 -74.30 -27.91 -70.14
C LYS F 1464 -72.89 -28.21 -70.63
N ALA F 1465 -71.98 -27.25 -70.51
CA ALA F 1465 -70.60 -27.48 -70.92
C ALA F 1465 -69.88 -28.43 -69.99
N LEU F 1466 -70.38 -28.64 -68.80
CA LEU F 1466 -69.69 -29.51 -67.85
C LEU F 1466 -70.02 -30.97 -68.13
N PRO F 1467 -69.02 -31.85 -68.17
CA PRO F 1467 -69.28 -33.26 -68.54
C PRO F 1467 -70.05 -34.04 -67.50
N GLY F 1468 -70.11 -33.57 -66.24
CA GLY F 1468 -70.72 -34.36 -65.19
C GLY F 1468 -72.21 -34.57 -65.41
N GLY F 1469 -72.90 -33.54 -65.91
CA GLY F 1469 -74.34 -33.56 -65.96
C GLY F 1469 -74.90 -33.24 -64.60
N LEU F 1470 -74.53 -32.05 -64.08
CA LEU F 1470 -74.72 -31.70 -62.67
C LEU F 1470 -74.35 -32.86 -61.76
N ASP F 1471 -73.35 -33.63 -62.20
CA ASP F 1471 -72.82 -34.74 -61.45
C ASP F 1471 -71.33 -34.64 -61.23
N ALA F 1472 -70.73 -33.51 -61.57
CA ALA F 1472 -69.34 -33.27 -61.24
C ALA F 1472 -69.16 -33.13 -59.74
N ILE F 1473 -67.92 -32.87 -59.34
CA ILE F 1473 -67.56 -32.79 -57.93
C ILE F 1473 -67.09 -31.38 -57.62
N ILE F 1474 -67.79 -30.70 -56.73
CA ILE F 1474 -67.30 -29.46 -56.14
C ILE F 1474 -66.32 -29.81 -55.04
N THR F 1475 -65.08 -29.37 -55.19
CA THR F 1475 -63.97 -29.81 -54.36
C THR F 1475 -63.65 -28.77 -53.31
N GLU F 1476 -63.77 -29.16 -52.05
CA GLU F 1476 -63.32 -28.35 -50.92
C GLU F 1476 -63.95 -26.96 -50.95
N GLY F 1477 -65.27 -26.92 -50.74
CA GLY F 1477 -65.96 -25.65 -50.62
C GLY F 1477 -66.07 -24.84 -51.90
N GLY F 1478 -65.59 -25.36 -53.02
CA GLY F 1478 -65.71 -24.66 -54.29
C GLY F 1478 -64.43 -24.14 -54.88
N GLU F 1479 -63.32 -24.85 -54.74
CA GLU F 1479 -62.06 -24.43 -55.35
C GLU F 1479 -62.01 -24.66 -56.85
N ASN F 1480 -63.11 -25.10 -57.46
CA ASN F 1480 -63.11 -25.34 -58.90
C ASN F 1480 -63.69 -24.16 -59.66
N PHE F 1481 -64.55 -23.38 -59.03
CA PHE F 1481 -65.29 -22.32 -59.70
C PHE F 1481 -64.96 -20.97 -59.06
N SER F 1482 -65.38 -19.90 -59.74
CA SER F 1482 -65.04 -18.55 -59.34
C SER F 1482 -65.91 -18.08 -58.19
N GLN F 1483 -65.54 -16.95 -57.60
CA GLN F 1483 -66.33 -16.36 -56.53
C GLN F 1483 -67.78 -16.21 -56.95
N GLY F 1484 -68.00 -15.55 -58.08
CA GLY F 1484 -69.36 -15.33 -58.55
C GLY F 1484 -70.05 -16.62 -58.93
N GLN F 1485 -69.30 -17.58 -59.47
CA GLN F 1485 -69.87 -18.89 -59.74
C GLN F 1485 -70.45 -19.50 -58.47
N ARG F 1486 -69.67 -19.51 -57.40
CA ARG F 1486 -70.11 -20.09 -56.14
C ARG F 1486 -71.29 -19.33 -55.56
N GLN F 1487 -71.26 -17.99 -55.67
CA GLN F 1487 -72.41 -17.20 -55.23
C GLN F 1487 -73.66 -17.58 -56.00
N LEU F 1488 -73.51 -17.76 -57.31
CA LEU F 1488 -74.63 -18.22 -58.12
C LEU F 1488 -75.15 -19.56 -57.64
N PHE F 1489 -74.25 -20.51 -57.38
CA PHE F 1489 -74.69 -21.79 -56.83
C PHE F 1489 -75.52 -21.61 -55.58
N CYS F 1490 -75.08 -20.72 -54.68
CA CYS F 1490 -75.83 -20.48 -53.45
C CYS F 1490 -77.21 -19.90 -53.76
N LEU F 1491 -77.26 -18.91 -54.65
CA LEU F 1491 -78.54 -18.36 -55.08
C LEU F 1491 -79.46 -19.46 -55.56
N ALA F 1492 -79.00 -20.29 -56.50
CA ALA F 1492 -79.82 -21.37 -57.02
C ALA F 1492 -80.29 -22.30 -55.91
N ARG F 1493 -79.37 -22.66 -55.00
CA ARG F 1493 -79.74 -23.55 -53.89
C ARG F 1493 -80.89 -22.97 -53.09
N ALA F 1494 -80.80 -21.70 -52.73
CA ALA F 1494 -81.96 -21.05 -52.14
C ALA F 1494 -83.18 -21.16 -53.05
N PHE F 1495 -82.97 -20.98 -54.35
CA PHE F 1495 -84.05 -20.98 -55.33
C PHE F 1495 -84.69 -22.35 -55.48
N VAL F 1496 -84.03 -23.42 -55.02
CA VAL F 1496 -84.64 -24.74 -55.09
C VAL F 1496 -85.94 -24.77 -54.31
N ARG F 1497 -86.03 -23.99 -53.25
CA ARG F 1497 -87.23 -24.00 -52.42
C ARG F 1497 -88.34 -23.20 -53.09
N LYS F 1498 -89.53 -23.79 -53.17
CA LYS F 1498 -90.69 -23.14 -53.74
C LYS F 1498 -91.26 -22.08 -52.81
N THR F 1499 -90.56 -21.77 -51.73
CA THR F 1499 -90.99 -20.74 -50.80
C THR F 1499 -91.25 -19.43 -51.52
N SER F 1500 -92.34 -18.76 -51.13
CA SER F 1500 -92.72 -17.49 -51.72
C SER F 1500 -92.32 -16.30 -50.87
N ILE F 1501 -91.74 -16.51 -49.69
CA ILE F 1501 -91.18 -15.43 -48.90
C ILE F 1501 -89.77 -15.83 -48.47
N PHE F 1502 -88.82 -14.95 -48.75
CA PHE F 1502 -87.44 -15.16 -48.31
C PHE F 1502 -86.69 -13.84 -48.48
N ILE F 1503 -85.37 -13.92 -48.33
CA ILE F 1503 -84.52 -12.73 -48.24
C ILE F 1503 -83.16 -13.05 -48.86
N MET F 1504 -82.44 -11.98 -49.22
CA MET F 1504 -81.11 -12.07 -49.80
C MET F 1504 -80.21 -11.04 -49.13
N ASP F 1505 -78.96 -11.40 -48.86
CA ASP F 1505 -78.02 -10.48 -48.22
C ASP F 1505 -77.01 -10.00 -49.27
N GLU F 1506 -77.39 -8.95 -49.99
CA GLU F 1506 -76.56 -8.33 -51.03
C GLU F 1506 -75.89 -9.40 -51.89
N ALA F 1507 -76.70 -10.35 -52.35
CA ALA F 1507 -76.16 -11.49 -53.07
C ALA F 1507 -75.43 -11.08 -54.33
N THR F 1508 -75.79 -9.93 -54.91
CA THR F 1508 -75.26 -9.51 -56.20
C THR F 1508 -73.90 -8.86 -56.10
N ALA F 1509 -73.36 -8.68 -54.89
CA ALA F 1509 -72.06 -8.03 -54.73
C ALA F 1509 -70.98 -8.74 -55.54
N SER F 1510 -70.99 -10.06 -55.54
CA SER F 1510 -69.97 -10.80 -56.28
C SER F 1510 -70.27 -10.81 -57.77
N ILE F 1511 -71.51 -10.53 -58.15
CA ILE F 1511 -71.94 -10.65 -59.54
C ILE F 1511 -71.64 -9.38 -60.31
N ASP F 1512 -71.19 -9.56 -61.56
CA ASP F 1512 -70.97 -8.46 -62.49
C ASP F 1512 -72.29 -7.85 -62.94
N MET F 1513 -72.21 -6.79 -63.75
CA MET F 1513 -73.41 -6.02 -64.07
C MET F 1513 -74.36 -6.78 -65.00
N ALA F 1514 -73.84 -7.42 -66.05
CA ALA F 1514 -74.73 -8.06 -67.03
C ALA F 1514 -75.57 -9.15 -66.38
N THR F 1515 -74.89 -10.10 -65.73
CA THR F 1515 -75.61 -11.14 -65.01
C THR F 1515 -76.45 -10.55 -63.89
N GLU F 1516 -76.01 -9.44 -63.29
CA GLU F 1516 -76.82 -8.78 -62.28
C GLU F 1516 -78.19 -8.40 -62.83
N ASN F 1517 -78.20 -7.66 -63.94
CA ASN F 1517 -79.46 -7.27 -64.56
C ASN F 1517 -80.29 -8.48 -64.94
N ILE F 1518 -79.68 -9.40 -65.69
CA ILE F 1518 -80.44 -10.54 -66.20
C ILE F 1518 -81.02 -11.34 -65.06
N LEU F 1519 -80.24 -11.56 -64.01
CA LEU F 1519 -80.66 -12.41 -62.90
C LEU F 1519 -81.76 -11.75 -62.11
N GLN F 1520 -81.59 -10.47 -61.77
CA GLN F 1520 -82.63 -9.78 -61.02
C GLN F 1520 -83.93 -9.74 -61.79
N LYS F 1521 -83.86 -9.52 -63.11
CA LYS F 1521 -85.06 -9.57 -63.94
C LYS F 1521 -85.72 -10.95 -63.86
N VAL F 1522 -84.95 -12.00 -64.10
CA VAL F 1522 -85.53 -13.35 -64.14
C VAL F 1522 -86.12 -13.70 -62.79
N VAL F 1523 -85.49 -13.28 -61.70
CA VAL F 1523 -85.99 -13.68 -60.38
C VAL F 1523 -87.24 -12.88 -60.03
N MET F 1524 -87.27 -11.59 -60.40
CA MET F 1524 -88.49 -10.81 -60.22
C MET F 1524 -89.67 -11.41 -60.98
N THR F 1525 -89.43 -11.82 -62.22
CA THR F 1525 -90.50 -12.41 -63.02
C THR F 1525 -90.93 -13.75 -62.45
N ALA F 1526 -90.02 -14.73 -62.40
CA ALA F 1526 -90.33 -16.06 -61.90
C ALA F 1526 -90.84 -16.02 -60.47
N PHE F 1527 -90.51 -14.99 -59.71
CA PHE F 1527 -91.04 -14.80 -58.37
C PHE F 1527 -91.94 -13.58 -58.33
N ALA F 1528 -92.75 -13.40 -59.37
CA ALA F 1528 -93.74 -12.34 -59.37
C ALA F 1528 -94.72 -12.47 -58.20
N ASP F 1529 -95.12 -13.69 -57.87
CA ASP F 1529 -95.96 -13.92 -56.69
C ASP F 1529 -95.15 -13.84 -55.41
N ARG F 1530 -93.93 -14.37 -55.42
CA ARG F 1530 -93.15 -14.49 -54.20
C ARG F 1530 -92.84 -13.12 -53.61
N THR F 1531 -92.66 -13.11 -52.30
CA THR F 1531 -92.30 -11.93 -51.53
C THR F 1531 -90.85 -12.04 -51.09
N VAL F 1532 -89.97 -11.27 -51.70
CA VAL F 1532 -88.54 -11.34 -51.42
C VAL F 1532 -88.11 -10.02 -50.80
N VAL F 1533 -87.28 -10.11 -49.77
CA VAL F 1533 -86.65 -8.94 -49.16
C VAL F 1533 -85.23 -8.89 -49.68
N THR F 1534 -84.81 -7.73 -50.18
CA THR F 1534 -83.56 -7.61 -50.93
C THR F 1534 -82.60 -6.68 -50.21
N ILE F 1535 -81.51 -7.25 -49.70
CA ILE F 1535 -80.33 -6.45 -49.42
C ILE F 1535 -79.57 -6.26 -50.73
N ALA F 1536 -79.09 -5.05 -50.96
CA ALA F 1536 -78.41 -4.74 -52.21
C ALA F 1536 -77.21 -3.86 -51.93
N HIS F 1537 -76.02 -4.42 -52.14
CA HIS F 1537 -74.80 -3.62 -52.23
C HIS F 1537 -74.74 -2.86 -53.54
N ARG F 1538 -75.76 -3.01 -54.39
CA ARG F 1538 -75.93 -2.24 -55.62
C ARG F 1538 -77.32 -1.62 -55.59
N VAL F 1539 -77.39 -0.30 -55.39
CA VAL F 1539 -78.68 0.37 -55.36
C VAL F 1539 -79.34 0.28 -56.73
N HIS F 1540 -78.55 0.23 -57.80
CA HIS F 1540 -79.09 0.07 -59.14
C HIS F 1540 -79.97 -1.17 -59.26
N THR F 1541 -79.81 -2.13 -58.36
CA THR F 1541 -80.71 -3.26 -58.26
C THR F 1541 -81.94 -2.95 -57.41
N ILE F 1542 -81.82 -2.06 -56.43
CA ILE F 1542 -82.96 -1.72 -55.57
C ILE F 1542 -83.89 -0.71 -56.22
N LEU F 1543 -83.52 -0.14 -57.36
CA LEU F 1543 -84.39 0.83 -58.01
C LEU F 1543 -85.67 0.18 -58.53
N SER F 1544 -85.80 -1.13 -58.42
CA SER F 1544 -86.96 -1.81 -58.99
C SER F 1544 -87.96 -2.26 -57.93
N ALA F 1545 -87.52 -2.40 -56.67
CA ALA F 1545 -88.38 -2.95 -55.63
C ALA F 1545 -89.60 -2.06 -55.38
N ASP F 1546 -90.62 -2.64 -54.75
CA ASP F 1546 -91.81 -1.88 -54.40
C ASP F 1546 -91.51 -0.83 -53.35
N LEU F 1547 -90.85 -1.23 -52.26
CA LEU F 1547 -90.47 -0.33 -51.20
C LEU F 1547 -88.97 -0.38 -50.97
N VAL F 1548 -88.42 0.75 -50.53
CA VAL F 1548 -87.00 0.90 -50.26
C VAL F 1548 -86.82 1.22 -48.80
N ILE F 1549 -85.93 0.50 -48.13
CA ILE F 1549 -85.75 0.61 -46.69
C ILE F 1549 -84.31 1.00 -46.42
N VAL F 1550 -84.13 2.16 -45.80
CA VAL F 1550 -82.81 2.75 -45.62
C VAL F 1550 -82.47 2.75 -44.14
N LEU F 1551 -81.33 2.15 -43.80
CA LEU F 1551 -80.84 2.07 -42.44
C LEU F 1551 -79.63 2.97 -42.28
N LYS F 1552 -79.70 3.93 -41.36
CA LYS F 1552 -78.55 4.80 -41.17
C LYS F 1552 -77.63 4.25 -40.10
N ARG F 1553 -78.12 4.15 -38.86
CA ARG F 1553 -77.33 3.60 -37.77
C ARG F 1553 -78.02 2.41 -37.13
N GLY F 1554 -79.23 2.62 -36.61
CA GLY F 1554 -79.92 1.58 -35.87
C GLY F 1554 -81.40 1.57 -36.16
N ALA F 1555 -81.80 2.21 -37.25
CA ALA F 1555 -83.21 2.25 -37.62
C ALA F 1555 -83.35 2.72 -39.05
N ILE F 1556 -84.58 2.71 -39.52
CA ILE F 1556 -84.93 3.09 -40.88
C ILE F 1556 -85.14 4.59 -40.92
N LEU F 1557 -84.78 5.22 -42.03
CA LEU F 1557 -85.08 6.62 -42.26
C LEU F 1557 -85.93 6.76 -43.50
N GLU F 1558 -87.25 6.82 -43.30
CA GLU F 1558 -88.22 7.09 -44.36
C GLU F 1558 -88.16 6.02 -45.45
N PHE F 1559 -88.48 4.80 -45.06
CA PHE F 1559 -88.70 3.75 -46.05
C PHE F 1559 -89.93 4.11 -46.89
N ASP F 1560 -89.81 3.92 -48.20
CA ASP F 1560 -90.81 4.45 -49.12
C ASP F 1560 -90.59 3.80 -50.49
N LYS F 1561 -91.48 4.14 -51.42
CA LYS F 1561 -91.33 3.74 -52.81
C LYS F 1561 -90.09 4.41 -53.38
N PRO F 1562 -89.44 3.80 -54.37
CA PRO F 1562 -88.18 4.38 -54.89
C PRO F 1562 -88.36 5.74 -55.53
N GLU F 1563 -89.42 5.92 -56.32
CA GLU F 1563 -89.60 7.15 -57.08
C GLU F 1563 -89.72 8.34 -56.14
N LYS F 1564 -90.51 8.20 -55.07
CA LYS F 1564 -90.67 9.29 -54.12
C LYS F 1564 -89.36 9.66 -53.43
N LEU F 1565 -88.57 8.66 -53.03
CA LEU F 1565 -87.31 8.96 -52.33
C LEU F 1565 -86.29 9.59 -53.28
N LEU F 1566 -86.30 9.19 -54.55
CA LEU F 1566 -85.33 9.76 -55.49
C LEU F 1566 -85.76 11.15 -55.96
N SER F 1567 -87.06 11.42 -56.06
CA SER F 1567 -87.52 12.72 -56.51
C SER F 1567 -87.57 13.72 -55.37
N ARG F 1568 -87.68 13.25 -54.14
CA ARG F 1568 -87.59 14.14 -52.99
C ARG F 1568 -86.16 14.59 -52.73
N LYS F 1569 -85.20 13.70 -52.97
CA LYS F 1569 -83.76 13.98 -52.87
C LYS F 1569 -83.35 14.12 -51.41
N ASP F 1570 -84.33 14.19 -50.51
CA ASP F 1570 -84.03 14.51 -49.12
C ASP F 1570 -83.44 13.31 -48.39
N SER F 1571 -83.91 12.11 -48.72
CA SER F 1571 -83.29 10.91 -48.22
C SER F 1571 -81.84 10.83 -48.69
N VAL F 1572 -81.02 10.12 -47.90
CA VAL F 1572 -79.64 9.91 -48.29
C VAL F 1572 -79.52 8.89 -49.40
N PHE F 1573 -80.58 8.11 -49.65
CA PHE F 1573 -80.55 7.20 -50.79
C PHE F 1573 -80.46 7.96 -52.10
N ALA F 1574 -80.97 9.19 -52.13
CA ALA F 1574 -80.74 10.04 -53.28
C ALA F 1574 -79.26 10.22 -53.54
N SER F 1575 -78.49 10.52 -52.47
CA SER F 1575 -77.05 10.61 -52.63
C SER F 1575 -76.44 9.27 -53.00
N PHE F 1576 -77.00 8.18 -52.48
CA PHE F 1576 -76.49 6.85 -52.79
C PHE F 1576 -76.60 6.56 -54.29
N VAL F 1577 -77.75 6.91 -54.88
CA VAL F 1577 -77.95 6.70 -56.30
C VAL F 1577 -77.26 7.75 -57.16
N ARG F 1578 -77.00 8.95 -56.61
CA ARG F 1578 -76.32 9.98 -57.38
C ARG F 1578 -74.80 9.79 -57.42
N ALA F 1579 -74.20 9.31 -56.33
CA ALA F 1579 -72.77 9.04 -56.35
C ALA F 1579 -72.45 7.97 -57.39
N ASP F 1580 -73.38 7.03 -57.61
CA ASP F 1580 -73.22 6.03 -58.66
C ASP F 1580 -73.56 6.63 -60.02
N LYS F 1581 -74.81 7.05 -60.19
CA LYS F 1581 -75.36 7.54 -61.46
C LYS F 1581 -75.36 6.45 -62.53
N PRO G 2 29.62 -53.05 9.20
CA PRO G 2 30.61 -52.73 8.16
C PRO G 2 30.67 -51.23 7.90
N LEU G 3 31.47 -50.83 6.90
CA LEU G 3 31.60 -49.43 6.52
C LEU G 3 32.07 -48.56 7.68
N ALA G 4 32.88 -49.14 8.55
CA ALA G 4 33.40 -48.39 9.68
C ALA G 4 34.56 -47.51 9.24
N PHE G 5 34.76 -46.41 9.96
CA PHE G 5 35.77 -45.43 9.58
C PHE G 5 37.14 -46.07 9.50
N CYS G 6 37.66 -46.55 10.62
CA CYS G 6 38.90 -47.31 10.64
C CYS G 6 38.69 -48.60 11.43
N GLY G 7 37.57 -49.27 11.17
CA GLY G 7 37.08 -50.33 12.02
C GLY G 7 37.54 -51.72 11.59
N SER G 8 38.11 -52.45 12.54
CA SER G 8 38.37 -53.88 12.43
C SER G 8 38.00 -54.52 13.77
N GLU G 9 38.30 -55.82 13.93
CA GLU G 9 37.89 -56.58 15.12
C GLU G 9 38.56 -55.96 16.36
N ASN G 10 38.26 -56.50 17.55
CA ASN G 10 38.65 -55.88 18.82
C ASN G 10 40.10 -55.41 18.84
N HIS G 11 41.00 -56.07 18.11
CA HIS G 11 42.37 -55.60 18.00
C HIS G 11 42.43 -54.14 17.54
N SER G 12 41.63 -53.79 16.54
CA SER G 12 41.52 -52.42 16.08
C SER G 12 40.33 -51.68 16.68
N ALA G 13 39.38 -52.40 17.28
CA ALA G 13 38.35 -51.73 18.04
C ALA G 13 38.93 -51.12 19.30
N ALA G 14 40.14 -51.55 19.69
CA ALA G 14 40.93 -50.87 20.70
C ALA G 14 41.88 -49.85 20.09
N TYR G 15 41.63 -49.45 18.84
CA TYR G 15 42.40 -48.38 18.22
C TYR G 15 41.76 -47.03 18.40
N ARG G 16 40.45 -46.91 18.19
CA ARG G 16 39.77 -45.66 18.42
C ARG G 16 39.88 -45.18 19.86
N VAL G 17 40.47 -46.00 20.74
CA VAL G 17 40.71 -45.57 22.11
C VAL G 17 41.62 -44.35 22.09
N ASP G 18 41.65 -43.64 23.21
CA ASP G 18 42.44 -42.42 23.31
C ASP G 18 43.45 -42.55 24.45
N GLN G 19 44.66 -42.98 24.08
CA GLN G 19 45.85 -42.87 24.92
C GLN G 19 46.61 -41.60 24.61
N GLY G 20 45.88 -40.50 24.47
CA GLY G 20 46.36 -39.30 23.84
C GLY G 20 45.54 -39.05 22.59
N VAL G 21 44.70 -38.02 22.62
CA VAL G 21 43.70 -37.84 21.57
C VAL G 21 44.36 -37.65 20.22
N LEU G 22 45.17 -36.61 20.08
CA LEU G 22 45.78 -36.33 18.79
C LEU G 22 46.79 -37.39 18.38
N ASN G 23 47.11 -38.34 19.26
CA ASN G 23 48.00 -39.41 18.87
C ASN G 23 47.28 -40.46 18.04
N ASN G 24 45.96 -40.46 18.05
CA ASN G 24 45.22 -41.42 17.24
C ASN G 24 45.21 -40.95 15.79
N GLY G 25 45.84 -41.73 14.93
CA GLY G 25 45.82 -41.41 13.51
C GLY G 25 44.42 -41.36 12.94
N CYS G 26 43.56 -42.29 13.36
CA CYS G 26 42.15 -42.20 12.96
C CYS G 26 41.59 -40.83 13.28
N PHE G 27 41.95 -40.26 14.43
CA PHE G 27 41.34 -39.02 14.84
C PHE G 27 41.76 -37.85 13.96
N VAL G 28 43.06 -37.70 13.71
CA VAL G 28 43.49 -36.61 12.83
C VAL G 28 43.01 -36.86 11.40
N ASP G 29 42.97 -38.12 10.97
CA ASP G 29 42.43 -38.46 9.67
C ASP G 29 40.99 -37.99 9.53
N ALA G 30 40.18 -38.20 10.57
CA ALA G 30 38.80 -37.74 10.55
C ALA G 30 38.71 -36.22 10.66
N LEU G 31 39.55 -35.62 11.49
CA LEU G 31 39.54 -34.18 11.65
C LEU G 31 39.84 -33.47 10.33
N ASN G 32 40.68 -34.09 9.51
CA ASN G 32 41.00 -33.54 8.21
C ASN G 32 39.83 -33.58 7.23
N VAL G 33 38.64 -33.99 7.68
CA VAL G 33 37.47 -34.04 6.82
C VAL G 33 36.56 -32.88 7.19
N VAL G 34 36.59 -32.52 8.48
CA VAL G 34 35.70 -31.47 8.98
C VAL G 34 35.75 -30.20 8.15
N PRO G 35 36.91 -29.70 7.73
CA PRO G 35 36.88 -28.46 6.93
C PRO G 35 36.21 -28.63 5.58
N HIS G 36 36.47 -29.74 4.92
CA HIS G 36 35.93 -29.93 3.59
C HIS G 36 34.42 -30.06 3.66
N VAL G 37 33.94 -30.76 4.67
CA VAL G 37 32.52 -30.77 4.99
C VAL G 37 32.00 -29.35 5.17
N PHE G 38 32.67 -28.58 6.03
CA PHE G 38 32.24 -27.22 6.31
C PHE G 38 32.00 -26.43 5.04
N LEU G 39 33.02 -26.36 4.18
CA LEU G 39 32.87 -25.57 2.96
C LEU G 39 31.80 -26.16 2.06
N LEU G 40 31.91 -27.45 1.76
CA LEU G 40 31.01 -28.14 0.85
C LEU G 40 29.56 -27.95 1.25
N PHE G 41 29.30 -27.69 2.53
CA PHE G 41 27.91 -27.51 2.92
C PHE G 41 27.56 -26.07 3.24
N ILE G 42 28.53 -25.18 3.42
CA ILE G 42 28.20 -23.78 3.58
C ILE G 42 28.03 -23.07 2.25
N THR G 43 28.63 -23.58 1.18
CA THR G 43 28.62 -22.87 -0.08
C THR G 43 27.61 -23.37 -1.09
N PHE G 44 27.13 -24.61 -0.96
CA PHE G 44 26.16 -25.11 -1.92
C PHE G 44 24.91 -24.23 -2.02
N PRO G 45 24.20 -23.92 -0.93
CA PRO G 45 23.00 -23.09 -1.09
C PRO G 45 23.28 -21.78 -1.82
N ILE G 46 24.34 -21.07 -1.41
CA ILE G 46 24.64 -19.78 -2.00
C ILE G 46 25.29 -19.97 -3.36
N LEU G 47 25.41 -21.22 -3.79
CA LEU G 47 25.76 -21.53 -5.17
C LEU G 47 24.56 -21.97 -5.99
N PHE G 48 23.66 -22.74 -5.40
CA PHE G 48 22.43 -23.09 -6.08
C PHE G 48 21.47 -21.93 -6.21
N ILE G 49 21.70 -20.82 -5.51
CA ILE G 49 20.85 -19.65 -5.71
C ILE G 49 21.05 -19.08 -7.10
N GLY G 50 22.26 -19.17 -7.64
CA GLY G 50 22.52 -18.68 -8.97
C GLY G 50 22.51 -19.79 -10.00
N TRP G 51 23.02 -20.96 -9.62
CA TRP G 51 23.12 -22.07 -10.57
C TRP G 51 21.74 -22.63 -10.92
N GLY G 52 20.84 -22.74 -9.94
CA GLY G 52 19.54 -23.33 -10.16
C GLY G 52 18.68 -22.58 -11.16
N PHE G 68 39.68 -9.97 -7.68
CA PHE G 68 40.27 -10.96 -8.57
C PHE G 68 41.79 -10.98 -8.82
N PRO G 69 42.60 -10.16 -8.13
CA PRO G 69 44.04 -10.18 -8.42
C PRO G 69 44.66 -11.52 -8.05
N GLY G 70 45.67 -11.93 -8.83
CA GLY G 70 46.37 -13.17 -8.57
C GLY G 70 45.65 -14.37 -9.14
N HIS G 71 45.08 -14.21 -10.33
CA HIS G 71 44.40 -15.29 -11.03
C HIS G 71 45.35 -16.47 -11.23
N ASN G 72 46.39 -16.24 -12.03
CA ASN G 72 47.28 -17.28 -12.51
C ASN G 72 47.90 -18.09 -11.38
N LEU G 73 48.41 -17.41 -10.37
CA LEU G 73 49.03 -18.11 -9.25
C LEU G 73 48.03 -19.00 -8.53
N ARG G 74 46.86 -18.43 -8.19
CA ARG G 74 45.81 -19.20 -7.54
C ARG G 74 45.47 -20.45 -8.34
N TRP G 75 45.36 -20.32 -9.65
CA TRP G 75 44.91 -21.46 -10.45
C TRP G 75 46.02 -22.50 -10.58
N ILE G 76 47.27 -22.05 -10.71
CA ILE G 76 48.37 -23.01 -10.70
C ILE G 76 48.35 -23.81 -9.40
N LEU G 77 48.17 -23.13 -8.28
CA LEU G 77 48.06 -23.82 -7.01
C LEU G 77 46.90 -24.81 -7.02
N THR G 78 45.74 -24.37 -7.53
CA THR G 78 44.56 -25.20 -7.47
C THR G 78 44.72 -26.47 -8.30
N PHE G 79 45.34 -26.35 -9.47
CA PHE G 79 45.50 -27.55 -10.29
C PHE G 79 46.61 -28.45 -9.78
N MET G 80 47.71 -27.89 -9.25
CA MET G 80 48.69 -28.73 -8.59
C MET G 80 48.04 -29.50 -7.44
N LEU G 81 47.18 -28.81 -6.69
CA LEU G 81 46.42 -29.44 -5.63
C LEU G 81 45.54 -30.56 -6.17
N LEU G 82 44.89 -30.30 -7.31
CA LEU G 82 44.08 -31.34 -7.94
C LEU G 82 44.90 -32.59 -8.20
N PHE G 83 46.05 -32.41 -8.85
CA PHE G 83 46.90 -33.54 -9.19
C PHE G 83 47.31 -34.31 -7.94
N VAL G 84 47.76 -33.60 -6.92
CA VAL G 84 48.28 -34.32 -5.77
C VAL G 84 47.16 -34.96 -4.97
N LEU G 85 45.95 -34.39 -5.03
CA LEU G 85 44.83 -35.06 -4.38
C LEU G 85 44.45 -36.33 -5.11
N VAL G 86 44.52 -36.31 -6.44
CA VAL G 86 44.34 -37.57 -7.18
C VAL G 86 45.36 -38.59 -6.73
N CYS G 87 46.62 -38.17 -6.61
CA CYS G 87 47.66 -39.06 -6.12
C CYS G 87 47.32 -39.62 -4.74
N GLU G 88 46.78 -38.78 -3.87
CA GLU G 88 46.47 -39.23 -2.52
C GLU G 88 45.32 -40.22 -2.50
N ILE G 89 44.30 -39.98 -3.33
CA ILE G 89 43.22 -40.95 -3.47
C ILE G 89 43.78 -42.28 -3.93
N ALA G 90 44.71 -42.24 -4.89
CA ALA G 90 45.35 -43.47 -5.35
C ALA G 90 46.06 -44.17 -4.20
N GLU G 91 46.87 -43.42 -3.46
CA GLU G 91 47.63 -44.00 -2.36
C GLU G 91 46.70 -44.64 -1.34
N GLY G 92 45.59 -43.98 -1.03
CA GLY G 92 44.64 -44.50 -0.07
C GLY G 92 44.04 -45.81 -0.53
N ILE G 93 43.47 -45.81 -1.74
CA ILE G 93 42.82 -47.03 -2.23
C ILE G 93 43.84 -48.16 -2.33
N LEU G 94 45.09 -47.83 -2.66
CA LEU G 94 46.11 -48.87 -2.68
C LEU G 94 46.37 -49.43 -1.29
N SER G 95 46.67 -48.57 -0.33
CA SER G 95 47.01 -49.00 1.02
C SER G 95 45.84 -49.63 1.75
N ASP G 96 44.62 -49.55 1.21
CA ASP G 96 43.50 -50.26 1.80
C ASP G 96 43.42 -51.71 1.35
N GLY G 97 44.25 -52.13 0.40
CA GLY G 97 44.21 -53.50 -0.07
C GLY G 97 44.78 -54.52 0.89
N VAL G 98 45.50 -54.07 1.92
CA VAL G 98 46.11 -55.02 2.86
C VAL G 98 45.12 -55.46 3.92
N THR G 99 44.26 -54.56 4.38
CA THR G 99 43.24 -54.93 5.35
C THR G 99 42.09 -55.64 4.65
N GLU G 100 41.13 -56.12 5.44
CA GLU G 100 39.98 -56.85 4.90
C GLU G 100 38.66 -56.26 5.35
N SER G 101 38.68 -55.16 6.10
CA SER G 101 37.45 -54.48 6.52
C SER G 101 37.14 -53.25 5.70
N HIS G 102 37.97 -52.90 4.73
CA HIS G 102 37.75 -51.75 3.85
C HIS G 102 37.65 -50.45 4.63
N HIS G 103 38.56 -50.28 5.60
CA HIS G 103 38.61 -49.02 6.35
C HIS G 103 38.85 -47.89 5.37
N LEU G 104 37.85 -47.00 5.25
CA LEU G 104 37.79 -46.05 4.17
C LEU G 104 38.33 -44.68 4.57
N HIS G 105 38.94 -44.57 5.73
CA HIS G 105 39.51 -43.31 6.19
C HIS G 105 40.76 -42.93 5.42
N LEU G 106 41.37 -43.86 4.71
CA LEU G 106 42.56 -43.54 3.95
C LEU G 106 42.25 -42.58 2.81
N TYR G 107 41.13 -42.79 2.12
CA TYR G 107 40.83 -42.05 0.90
C TYR G 107 39.64 -41.12 1.03
N MET G 108 38.65 -41.46 1.85
CA MET G 108 37.48 -40.59 1.99
C MET G 108 37.85 -39.14 2.26
N PRO G 109 38.78 -38.81 3.14
CA PRO G 109 39.19 -37.42 3.26
C PRO G 109 39.72 -36.84 1.96
N ALA G 110 40.48 -37.62 1.19
CA ALA G 110 41.00 -37.10 -0.05
C ALA G 110 39.90 -36.93 -1.09
N GLY G 111 38.86 -37.77 -1.04
CA GLY G 111 37.73 -37.57 -1.92
C GLY G 111 36.95 -36.32 -1.57
N MET G 112 36.72 -36.09 -0.28
CA MET G 112 36.11 -34.84 0.14
C MET G 112 36.98 -33.65 -0.24
N ALA G 113 38.29 -33.81 -0.20
CA ALA G 113 39.19 -32.75 -0.65
C ALA G 113 39.05 -32.48 -2.15
N PHE G 114 39.02 -33.53 -2.95
CA PHE G 114 38.75 -33.39 -4.38
C PHE G 114 37.48 -32.57 -4.60
N MET G 115 36.39 -33.00 -3.98
CA MET G 115 35.12 -32.31 -4.14
C MET G 115 35.19 -30.88 -3.63
N ALA G 116 35.85 -30.65 -2.50
CA ALA G 116 35.90 -29.32 -1.90
C ALA G 116 36.72 -28.37 -2.75
N ALA G 117 37.81 -28.87 -3.32
CA ALA G 117 38.60 -28.03 -4.22
C ALA G 117 37.80 -27.67 -5.45
N VAL G 118 37.08 -28.65 -6.02
CA VAL G 118 36.24 -28.36 -7.18
C VAL G 118 35.19 -27.31 -6.83
N THR G 119 34.60 -27.44 -5.64
CA THR G 119 33.57 -26.49 -5.24
C THR G 119 34.17 -25.11 -5.02
N SER G 120 35.35 -25.04 -4.42
CA SER G 120 36.04 -23.76 -4.28
C SER G 120 36.24 -23.12 -5.63
N VAL G 121 36.69 -23.90 -6.61
CA VAL G 121 36.85 -23.40 -7.97
C VAL G 121 35.56 -22.79 -8.48
N VAL G 122 34.51 -23.60 -8.57
CA VAL G 122 33.27 -23.16 -9.20
C VAL G 122 32.68 -21.99 -8.43
N TYR G 123 32.77 -22.05 -7.11
CA TYR G 123 32.24 -20.99 -6.26
C TYR G 123 32.95 -19.67 -6.54
N TYR G 124 34.28 -19.68 -6.50
CA TYR G 124 34.97 -18.42 -6.75
C TYR G 124 34.74 -17.94 -8.17
N HIS G 125 34.57 -18.85 -9.13
CA HIS G 125 34.24 -18.41 -10.47
C HIS G 125 32.91 -17.66 -10.50
N ASN G 126 31.89 -18.20 -9.85
CA ASN G 126 30.58 -17.56 -9.83
C ASN G 126 30.52 -16.38 -8.88
N ILE G 127 31.55 -16.16 -8.06
CA ILE G 127 31.58 -14.98 -7.20
C ILE G 127 32.42 -13.89 -7.87
N GLU G 128 33.36 -14.29 -8.73
CA GLU G 128 34.23 -13.33 -9.40
C GLU G 128 33.43 -12.36 -10.26
N THR G 129 32.24 -12.74 -10.69
CA THR G 129 31.37 -11.80 -11.38
C THR G 129 31.02 -10.62 -10.49
N SER G 130 30.29 -10.87 -9.42
CA SER G 130 29.96 -9.84 -8.42
C SER G 130 30.61 -10.27 -7.11
N ASN G 131 31.87 -9.90 -6.96
CA ASN G 131 32.64 -10.25 -5.77
C ASN G 131 32.20 -9.34 -4.63
N PHE G 132 31.66 -9.96 -3.59
CA PHE G 132 31.41 -9.28 -2.34
C PHE G 132 32.43 -9.84 -1.38
N PRO G 133 33.70 -9.47 -1.54
CA PRO G 133 34.78 -10.35 -1.07
C PRO G 133 34.76 -10.59 0.43
N LYS G 134 33.88 -9.87 1.13
CA LYS G 134 33.52 -10.27 2.49
C LYS G 134 32.75 -11.58 2.47
N LEU G 135 32.03 -11.84 1.37
CA LEU G 135 31.47 -13.18 1.17
C LEU G 135 32.56 -14.15 0.70
N LEU G 136 33.62 -13.62 0.09
CA LEU G 136 34.68 -14.50 -0.40
C LEU G 136 35.58 -14.97 0.74
N ILE G 137 35.69 -14.19 1.81
CA ILE G 137 36.59 -14.58 2.89
C ILE G 137 36.10 -15.78 3.68
N ALA G 138 34.90 -16.28 3.39
CA ALA G 138 34.58 -17.63 3.82
C ALA G 138 35.71 -18.58 3.44
N LEU G 139 36.27 -18.38 2.25
CA LEU G 139 37.45 -19.11 1.79
C LEU G 139 38.62 -18.89 2.70
N LEU G 140 38.78 -17.66 3.20
CA LEU G 140 39.88 -17.39 4.12
C LEU G 140 39.83 -18.32 5.32
N VAL G 141 38.76 -18.23 6.11
CA VAL G 141 38.60 -19.07 7.29
C VAL G 141 38.69 -20.54 6.90
N TYR G 142 38.10 -20.91 5.77
CA TYR G 142 38.09 -22.30 5.36
C TYR G 142 39.50 -22.83 5.12
N TRP G 143 40.25 -22.15 4.26
CA TRP G 143 41.62 -22.59 4.00
C TRP G 143 42.43 -22.57 5.29
N THR G 144 42.15 -21.65 6.20
CA THR G 144 42.86 -21.68 7.47
C THR G 144 42.57 -22.98 8.21
N LEU G 145 41.30 -23.38 8.26
CA LEU G 145 40.94 -24.63 8.92
C LEU G 145 41.66 -25.80 8.30
N ALA G 146 41.60 -25.90 6.97
CA ALA G 146 42.23 -27.02 6.29
C ALA G 146 43.73 -27.02 6.53
N PHE G 147 44.36 -25.86 6.45
CA PHE G 147 45.79 -25.76 6.67
C PHE G 147 46.15 -26.20 8.09
N ILE G 148 45.38 -25.75 9.07
CA ILE G 148 45.65 -26.12 10.46
C ILE G 148 45.58 -27.62 10.61
N THR G 149 44.50 -28.24 10.12
CA THR G 149 44.34 -29.67 10.27
C THR G 149 45.47 -30.44 9.60
N LYS G 150 45.90 -29.99 8.42
CA LYS G 150 46.95 -30.72 7.72
C LYS G 150 48.31 -30.52 8.38
N THR G 151 48.57 -29.33 8.90
CA THR G 151 49.78 -29.14 9.70
C THR G 151 49.79 -30.03 10.92
N ILE G 152 48.65 -30.17 11.59
CA ILE G 152 48.58 -31.06 12.75
C ILE G 152 48.87 -32.48 12.32
N LYS G 153 48.24 -32.93 11.24
CA LYS G 153 48.51 -34.26 10.73
C LYS G 153 49.98 -34.46 10.43
N PHE G 154 50.62 -33.49 9.80
CA PHE G 154 52.03 -33.61 9.46
C PHE G 154 52.90 -33.69 10.70
N VAL G 155 52.75 -32.72 11.60
CA VAL G 155 53.56 -32.70 12.82
C VAL G 155 53.43 -34.04 13.55
N LYS G 156 52.20 -34.47 13.83
CA LYS G 156 52.02 -35.73 14.53
C LYS G 156 52.40 -36.92 13.66
N PHE G 157 52.58 -36.71 12.36
CA PHE G 157 53.06 -37.76 11.48
C PHE G 157 54.57 -37.91 11.53
N LEU G 158 55.28 -36.87 11.97
CA LEU G 158 56.72 -37.03 12.16
C LEU G 158 57.02 -38.22 13.03
N ASP G 159 56.60 -38.17 14.29
CA ASP G 159 56.67 -39.34 15.16
C ASP G 159 55.37 -40.12 15.03
N HIS G 160 55.17 -41.13 15.88
CA HIS G 160 53.90 -41.85 15.97
C HIS G 160 53.57 -42.58 14.68
N ALA G 161 54.46 -42.52 13.70
CA ALA G 161 54.25 -43.23 12.46
C ALA G 161 55.52 -43.96 12.04
N ILE G 162 55.33 -45.17 11.52
CA ILE G 162 56.45 -45.89 10.91
C ILE G 162 57.01 -45.15 9.71
N GLY G 163 56.20 -44.31 9.06
CA GLY G 163 56.59 -43.61 7.84
C GLY G 163 57.12 -44.58 6.78
N PHE G 164 56.67 -45.83 6.85
CA PHE G 164 57.09 -46.83 5.87
C PHE G 164 56.62 -46.44 4.48
N SER G 165 55.58 -45.60 4.41
CA SER G 165 55.16 -44.98 3.16
C SER G 165 55.70 -43.56 3.17
N GLN G 166 56.99 -43.41 2.89
CA GLN G 166 57.58 -42.08 2.78
C GLN G 166 56.81 -41.19 1.82
N LEU G 167 56.14 -41.80 0.84
CA LEU G 167 55.27 -41.03 -0.05
C LEU G 167 54.15 -40.35 0.72
N ARG G 168 53.63 -41.03 1.74
CA ARG G 168 52.66 -40.39 2.62
C ARG G 168 53.25 -39.12 3.23
N PHE G 169 54.50 -39.18 3.67
CA PHE G 169 55.15 -38.04 4.29
C PHE G 169 55.30 -36.88 3.31
N CYS G 170 55.83 -37.19 2.12
CA CYS G 170 56.00 -36.15 1.11
C CYS G 170 54.68 -35.52 0.72
N LEU G 171 53.66 -36.33 0.45
CA LEU G 171 52.38 -35.76 0.08
C LEU G 171 51.78 -34.93 1.20
N THR G 172 51.93 -35.36 2.46
CA THR G 172 51.39 -34.59 3.56
C THR G 172 52.03 -33.21 3.61
N GLY G 173 53.36 -33.17 3.69
CA GLY G 173 54.04 -31.88 3.66
C GLY G 173 53.70 -31.07 2.43
N LEU G 174 53.53 -31.76 1.30
CA LEU G 174 53.18 -31.09 0.05
C LEU G 174 51.86 -30.38 0.17
N LEU G 175 50.84 -31.07 0.68
CA LEU G 175 49.55 -30.43 0.85
C LEU G 175 49.63 -29.28 1.83
N VAL G 176 50.43 -29.43 2.88
CA VAL G 176 50.63 -28.32 3.81
C VAL G 176 51.13 -27.09 3.07
N ILE G 177 52.17 -27.27 2.27
CA ILE G 177 52.76 -26.14 1.55
C ILE G 177 51.75 -25.53 0.58
N LEU G 178 50.94 -26.39 -0.06
CA LEU G 178 49.96 -25.86 -0.99
C LEU G 178 48.90 -25.03 -0.29
N TYR G 179 48.38 -25.51 0.84
CA TYR G 179 47.41 -24.71 1.59
C TYR G 179 48.04 -23.41 2.06
N GLY G 180 49.31 -23.45 2.44
CA GLY G 180 49.97 -22.22 2.86
C GLY G 180 50.08 -21.22 1.72
N MET G 181 50.49 -21.68 0.54
CA MET G 181 50.56 -20.78 -0.61
C MET G 181 49.17 -20.27 -0.98
N LEU G 182 48.14 -21.08 -0.79
CA LEU G 182 46.79 -20.61 -1.03
C LEU G 182 46.43 -19.50 -0.06
N LEU G 183 46.74 -19.70 1.22
CA LEU G 183 46.50 -18.66 2.21
C LEU G 183 47.21 -17.37 1.84
N LEU G 184 48.44 -17.49 1.34
CA LEU G 184 49.19 -16.30 0.94
C LEU G 184 48.50 -15.61 -0.23
N VAL G 185 48.02 -16.38 -1.20
CA VAL G 185 47.16 -15.81 -2.24
C VAL G 185 45.98 -15.08 -1.64
N GLU G 186 45.39 -15.66 -0.58
CA GLU G 186 44.21 -15.04 0.00
C GLU G 186 44.54 -13.72 0.66
N VAL G 187 45.67 -13.63 1.36
CA VAL G 187 46.03 -12.36 1.98
C VAL G 187 46.46 -11.35 0.91
N ASN G 188 46.97 -11.86 -0.20
CA ASN G 188 47.27 -10.98 -1.33
C ASN G 188 46.01 -10.32 -1.85
N VAL G 189 44.99 -11.12 -2.17
CA VAL G 189 43.74 -10.56 -2.69
C VAL G 189 43.07 -9.69 -1.63
N ILE G 190 43.21 -10.07 -0.37
CA ILE G 190 42.68 -9.25 0.72
C ILE G 190 43.33 -7.87 0.69
N ARG G 191 44.65 -7.83 0.81
CA ARG G 191 45.38 -6.57 0.84
C ARG G 191 45.03 -5.71 -0.36
N VAL G 192 45.08 -6.29 -1.56
CA VAL G 192 44.75 -5.55 -2.76
C VAL G 192 43.34 -4.98 -2.66
N ARG G 193 42.42 -5.73 -2.07
CA ARG G 193 41.04 -5.27 -2.04
C ARG G 193 40.63 -4.85 -0.64
N ARG G 194 41.50 -4.18 0.11
CA ARG G 194 41.64 -4.21 1.58
C ARG G 194 40.33 -4.33 2.35
N TYR G 195 39.16 -4.36 1.70
CA TYR G 195 37.79 -4.17 2.23
C TYR G 195 37.66 -4.64 3.68
N ILE G 196 38.14 -5.83 4.03
CA ILE G 196 37.65 -6.60 5.18
C ILE G 196 37.30 -5.70 6.36
N PHE G 197 38.24 -4.83 6.74
CA PHE G 197 37.91 -3.76 7.66
C PHE G 197 38.54 -2.45 7.21
N PHE G 198 39.44 -2.52 6.23
CA PHE G 198 40.09 -1.31 5.72
C PHE G 198 39.15 -0.53 4.82
N LYS G 199 39.47 0.74 4.60
CA LYS G 199 38.55 1.62 3.89
C LYS G 199 38.76 1.56 2.38
N THR G 200 40.00 1.39 1.94
CA THR G 200 40.34 1.45 0.53
C THR G 200 40.14 0.11 -0.15
N PRO G 201 39.18 -0.01 -1.05
CA PRO G 201 39.04 -1.26 -1.80
C PRO G 201 40.02 -1.34 -2.96
N ARG G 202 40.63 -0.21 -3.32
CA ARG G 202 41.37 -0.07 -4.57
C ARG G 202 40.61 -0.69 -5.73
N GLU G 203 39.34 -0.31 -5.89
CA GLU G 203 38.28 -1.23 -6.32
C GLU G 203 38.61 -1.85 -7.66
N VAL G 204 38.55 -1.10 -8.77
CA VAL G 204 38.58 -1.78 -10.07
C VAL G 204 38.74 -0.81 -11.23
N LYS G 205 39.29 -1.32 -12.33
CA LYS G 205 39.12 -0.77 -13.66
C LYS G 205 39.17 -1.91 -14.66
N PRO G 206 38.14 -2.74 -14.71
CA PRO G 206 38.21 -3.99 -15.47
C PRO G 206 37.98 -3.75 -16.95
N PRO G 207 39.02 -3.92 -17.79
CA PRO G 207 38.79 -3.76 -19.24
C PRO G 207 38.06 -4.95 -19.82
N GLU G 208 38.14 -6.10 -19.15
CA GLU G 208 37.54 -7.33 -19.65
C GLU G 208 36.09 -7.11 -20.04
N ASP G 209 35.33 -6.43 -19.17
CA ASP G 209 33.99 -5.99 -19.50
C ASP G 209 33.99 -4.57 -20.07
N LEU G 210 34.69 -3.63 -19.43
CA LEU G 210 34.59 -2.23 -19.82
C LEU G 210 35.18 -1.99 -21.20
N GLN G 211 36.48 -2.27 -21.36
CA GLN G 211 37.12 -2.01 -22.65
C GLN G 211 36.46 -2.81 -23.76
N ASP G 212 35.91 -3.98 -23.44
CA ASP G 212 35.15 -4.73 -24.43
C ASP G 212 33.98 -3.92 -24.97
N LEU G 213 33.27 -3.24 -24.09
CA LEU G 213 32.15 -2.36 -24.44
C LEU G 213 30.97 -3.13 -25.04
N GLY G 214 31.08 -4.44 -25.17
CA GLY G 214 29.95 -5.23 -25.60
C GLY G 214 30.12 -5.90 -26.95
N VAL G 215 31.25 -5.68 -27.60
CA VAL G 215 31.52 -6.25 -28.91
C VAL G 215 32.92 -6.86 -28.88
N ARG G 216 32.99 -8.16 -28.66
CA ARG G 216 34.26 -8.83 -28.51
C ARG G 216 34.08 -10.32 -28.73
N PHE G 217 35.18 -10.98 -29.06
CA PHE G 217 35.24 -12.43 -29.23
C PHE G 217 36.62 -12.97 -28.87
N LEU G 218 36.82 -13.36 -27.60
CA LEU G 218 38.11 -13.91 -27.24
C LEU G 218 38.07 -14.44 -25.80
N GLN G 219 39.20 -14.91 -25.34
CA GLN G 219 39.46 -15.57 -24.07
C GLN G 219 39.43 -14.72 -22.79
N PRO G 220 39.82 -13.43 -22.80
CA PRO G 220 40.17 -12.79 -21.52
C PRO G 220 39.10 -12.91 -20.46
N PHE G 221 37.84 -12.58 -20.77
CA PHE G 221 36.78 -12.73 -19.78
C PHE G 221 36.60 -14.17 -19.35
N VAL G 222 36.91 -15.12 -20.23
CA VAL G 222 36.85 -16.53 -19.87
C VAL G 222 38.00 -16.88 -18.95
N ASN G 223 37.79 -17.90 -18.14
CA ASN G 223 38.79 -18.30 -17.16
C ASN G 223 39.92 -19.07 -17.83
N LEU G 224 41.03 -19.20 -17.10
CA LEU G 224 42.15 -19.98 -17.60
C LEU G 224 41.71 -21.38 -18.01
N LEU G 225 40.80 -21.98 -17.26
CA LEU G 225 40.32 -23.32 -17.59
C LEU G 225 39.76 -23.37 -19.00
N SER G 226 38.75 -22.54 -19.28
CA SER G 226 38.22 -22.47 -20.64
C SER G 226 39.27 -21.98 -21.62
N LYS G 227 40.10 -21.01 -21.20
CA LYS G 227 41.23 -20.58 -22.01
C LYS G 227 42.11 -21.76 -22.42
N GLY G 228 41.96 -22.90 -21.76
CA GLY G 228 42.59 -24.11 -22.21
C GLY G 228 41.63 -25.07 -22.90
N THR G 229 40.34 -24.96 -22.61
CA THR G 229 39.39 -25.99 -23.05
C THR G 229 38.21 -25.47 -23.85
N TYR G 230 38.10 -24.17 -24.08
CA TYR G 230 37.21 -23.63 -25.10
C TYR G 230 35.74 -23.87 -24.78
N TRP G 231 35.37 -23.69 -23.51
CA TRP G 231 33.97 -23.79 -23.14
C TRP G 231 33.17 -22.64 -23.74
N TRP G 232 33.74 -21.44 -23.71
CA TRP G 232 33.12 -20.30 -24.38
C TRP G 232 32.95 -20.58 -25.87
N MET G 233 33.94 -21.23 -26.49
CA MET G 233 33.80 -21.57 -27.90
C MET G 233 32.72 -22.62 -28.09
N ASN G 234 32.54 -23.51 -27.11
CA ASN G 234 31.41 -24.42 -27.14
C ASN G 234 30.10 -23.64 -27.20
N ALA G 235 29.94 -22.66 -26.32
CA ALA G 235 28.75 -21.81 -26.38
C ALA G 235 28.63 -21.14 -27.74
N PHE G 236 29.74 -20.62 -28.27
CA PHE G 236 29.70 -19.92 -29.54
C PHE G 236 29.20 -20.83 -30.65
N ILE G 237 29.66 -22.07 -30.67
CA ILE G 237 29.21 -23.02 -31.67
C ILE G 237 27.77 -23.44 -31.41
N LYS G 238 27.32 -23.32 -30.15
CA LYS G 238 25.99 -23.82 -29.79
C LYS G 238 24.90 -23.22 -30.66
N THR G 239 25.01 -21.92 -30.98
CA THR G 239 24.02 -21.29 -31.84
C THR G 239 24.18 -21.67 -33.30
N ALA G 240 25.38 -22.08 -33.71
CA ALA G 240 25.63 -22.35 -35.13
C ALA G 240 24.81 -23.52 -35.64
N HIS G 241 24.26 -24.34 -34.73
CA HIS G 241 23.34 -25.39 -35.17
C HIS G 241 21.95 -24.82 -35.41
N LYS G 242 21.39 -24.15 -34.41
CA LYS G 242 20.04 -23.63 -34.50
C LYS G 242 19.89 -22.48 -35.49
N LYS G 243 20.98 -21.84 -35.90
CA LYS G 243 20.85 -20.69 -36.78
C LYS G 243 22.11 -20.51 -37.62
N PRO G 244 21.97 -20.24 -38.91
CA PRO G 244 23.16 -19.98 -39.74
C PRO G 244 23.84 -18.69 -39.34
N ILE G 245 25.15 -18.78 -39.15
CA ILE G 245 25.94 -17.64 -38.67
C ILE G 245 25.98 -16.56 -39.74
N ASP G 246 26.22 -15.33 -39.31
CA ASP G 246 26.30 -14.19 -40.20
C ASP G 246 27.41 -13.25 -39.72
N LEU G 247 27.83 -12.36 -40.62
CA LEU G 247 28.95 -11.47 -40.31
C LEU G 247 28.57 -10.45 -39.25
N ARG G 248 27.31 -10.01 -39.22
CA ARG G 248 26.85 -9.20 -38.09
C ARG G 248 26.74 -10.05 -36.83
N ALA G 249 26.35 -11.31 -37.00
CA ALA G 249 26.34 -12.28 -35.91
C ALA G 249 27.76 -12.80 -35.69
N ILE G 250 28.64 -11.87 -35.35
CA ILE G 250 30.06 -12.15 -35.22
C ILE G 250 30.65 -11.21 -34.19
N GLY G 251 31.52 -11.74 -33.34
CA GLY G 251 32.20 -10.92 -32.38
C GLY G 251 33.16 -9.95 -33.04
N LYS G 252 33.44 -8.85 -32.34
CA LYS G 252 34.36 -7.86 -32.83
C LYS G 252 35.77 -8.19 -32.38
N LEU G 253 36.67 -7.21 -32.42
CA LEU G 253 38.09 -7.37 -32.17
C LEU G 253 38.41 -7.31 -30.68
N PRO G 254 39.63 -7.71 -30.33
CA PRO G 254 40.21 -7.23 -29.06
C PRO G 254 40.86 -5.88 -29.27
N ILE G 255 40.93 -5.11 -28.17
CA ILE G 255 41.42 -3.74 -28.27
C ILE G 255 42.87 -3.66 -28.75
N ALA G 256 43.59 -4.79 -28.80
CA ALA G 256 44.98 -4.82 -29.22
C ALA G 256 45.17 -5.47 -30.58
N MET G 257 44.14 -5.46 -31.42
CA MET G 257 44.19 -6.22 -32.67
C MET G 257 44.63 -5.35 -33.84
N ARG G 258 45.86 -5.58 -34.30
CA ARG G 258 46.34 -5.15 -35.61
C ARG G 258 46.62 -3.66 -35.70
N ALA G 259 46.29 -2.90 -34.66
CA ALA G 259 46.68 -1.50 -34.63
C ALA G 259 47.81 -1.29 -33.63
N LEU G 260 47.61 -1.74 -32.41
CA LEU G 260 48.72 -1.85 -31.47
C LEU G 260 49.78 -2.83 -31.99
N THR G 261 49.35 -3.84 -32.74
CA THR G 261 50.31 -4.74 -33.38
C THR G 261 51.17 -3.99 -34.39
N ASN G 262 50.55 -3.18 -35.26
CA ASN G 262 51.32 -2.42 -36.23
C ASN G 262 52.22 -1.40 -35.55
N TYR G 263 51.72 -0.77 -34.48
CA TYR G 263 52.54 0.18 -33.76
C TYR G 263 53.73 -0.49 -33.10
N GLN G 264 53.51 -1.66 -32.48
CA GLN G 264 54.60 -2.44 -31.92
C GLN G 264 55.60 -2.87 -32.97
N ARG G 265 55.14 -3.27 -34.15
CA ARG G 265 56.06 -3.63 -35.22
C ARG G 265 56.88 -2.43 -35.68
N LEU G 266 56.26 -1.26 -35.80
CA LEU G 266 57.01 -0.07 -36.19
C LEU G 266 58.02 0.30 -35.12
N CYS G 267 57.62 0.21 -33.84
CA CYS G 267 58.52 0.56 -32.76
C CYS G 267 59.68 -0.42 -32.66
N GLU G 268 59.40 -1.70 -32.91
CA GLU G 268 60.47 -2.70 -32.86
C GLU G 268 61.40 -2.59 -34.05
N ALA G 269 60.86 -2.24 -35.22
CA ALA G 269 61.72 -1.92 -36.34
C ALA G 269 62.56 -0.68 -36.05
N PHE G 270 62.01 0.27 -35.31
CA PHE G 270 62.78 1.44 -34.90
C PHE G 270 63.90 1.03 -33.96
N ASP G 271 63.61 0.16 -33.00
CA ASP G 271 64.64 -0.32 -32.09
C ASP G 271 65.72 -1.09 -32.85
N ALA G 272 65.31 -1.94 -33.79
CA ALA G 272 66.28 -2.66 -34.59
C ALA G 272 67.10 -1.76 -35.48
N GLN G 273 66.52 -0.63 -35.89
CA GLN G 273 67.27 0.32 -36.70
C GLN G 273 68.28 1.09 -35.85
N VAL G 274 67.87 1.50 -34.65
CA VAL G 274 68.82 2.07 -33.70
C VAL G 274 69.96 1.10 -33.42
N ARG G 275 69.65 -0.19 -33.27
CA ARG G 275 70.69 -1.20 -33.20
C ARG G 275 71.53 -1.20 -34.47
N LYS G 276 70.90 -1.07 -35.63
CA LYS G 276 71.65 -0.95 -36.87
C LYS G 276 72.39 0.38 -36.96
N ASP G 277 71.79 1.44 -36.44
CA ASP G 277 72.45 2.74 -36.40
C ASP G 277 73.54 2.75 -35.36
N ALA G 286 68.45 -9.52 -41.68
CA ALA G 286 67.31 -9.16 -42.52
C ALA G 286 66.12 -8.73 -41.67
N ILE G 287 64.91 -8.89 -42.21
CA ILE G 287 63.72 -8.49 -41.47
C ILE G 287 63.39 -9.52 -40.39
N TRP G 288 63.90 -10.75 -40.54
CA TRP G 288 63.74 -11.74 -39.49
C TRP G 288 64.19 -11.20 -38.15
N GLN G 289 65.30 -10.46 -38.14
CA GLN G 289 65.82 -9.91 -36.89
C GLN G 289 64.78 -9.02 -36.23
N ALA G 290 64.17 -8.12 -37.00
CA ALA G 290 63.15 -7.24 -36.47
C ALA G 290 61.91 -8.01 -36.02
N LEU G 291 61.48 -8.98 -36.83
CA LEU G 291 60.33 -9.80 -36.46
C LEU G 291 60.57 -10.47 -35.11
N SER G 292 61.67 -11.20 -35.00
CA SER G 292 62.04 -11.85 -33.73
C SER G 292 62.09 -10.85 -32.60
N HIS G 293 62.81 -9.75 -32.76
CA HIS G 293 62.91 -8.76 -31.70
C HIS G 293 61.54 -8.25 -31.27
N ALA G 294 60.59 -8.22 -32.20
CA ALA G 294 59.24 -7.74 -31.91
C ALA G 294 58.36 -8.80 -31.30
N PHE G 295 58.68 -10.07 -31.51
CA PHE G 295 57.64 -11.08 -31.50
C PHE G 295 58.01 -12.37 -30.77
N GLY G 296 59.27 -12.55 -30.39
CA GLY G 296 59.75 -13.90 -30.08
C GLY G 296 59.22 -14.47 -28.78
N ARG G 297 58.77 -13.60 -27.87
CA ARG G 297 58.38 -14.08 -26.55
C ARG G 297 57.11 -14.93 -26.62
N ARG G 298 56.15 -14.53 -27.46
CA ARG G 298 54.94 -15.33 -27.59
C ARG G 298 55.23 -16.66 -28.26
N LEU G 299 56.17 -16.67 -29.21
CA LEU G 299 56.57 -17.90 -29.84
C LEU G 299 57.23 -18.85 -28.84
N VAL G 300 58.17 -18.34 -28.04
CA VAL G 300 58.83 -19.22 -27.08
C VAL G 300 57.86 -19.63 -25.99
N LEU G 301 56.80 -18.85 -25.78
CA LEU G 301 55.75 -19.27 -24.87
C LEU G 301 54.99 -20.47 -25.41
N SER G 302 54.53 -20.38 -26.65
CA SER G 302 53.90 -21.52 -27.29
C SER G 302 54.85 -22.72 -27.32
N SER G 303 56.13 -22.46 -27.58
CA SER G 303 57.10 -23.53 -27.56
C SER G 303 57.16 -24.19 -26.19
N THR G 304 57.38 -23.38 -25.14
CA THR G 304 57.41 -23.90 -23.78
C THR G 304 56.21 -24.78 -23.48
N PHE G 305 55.02 -24.37 -23.95
CA PHE G 305 53.87 -25.25 -23.87
C PHE G 305 54.15 -26.59 -24.55
N ARG G 306 54.66 -26.54 -25.78
CA ARG G 306 54.89 -27.78 -26.52
C ARG G 306 55.91 -28.67 -25.82
N ILE G 307 56.97 -28.05 -25.29
CA ILE G 307 58.04 -28.81 -24.63
C ILE G 307 57.52 -29.48 -23.37
N LEU G 308 56.90 -28.70 -22.48
CA LEU G 308 56.32 -29.30 -21.29
C LEU G 308 55.36 -30.41 -21.66
N ALA G 309 54.50 -30.16 -22.65
CA ALA G 309 53.57 -31.19 -23.08
C ALA G 309 54.32 -32.45 -23.51
N ASP G 310 55.04 -32.41 -24.61
CA ASP G 310 55.60 -33.64 -25.14
C ASP G 310 56.58 -34.30 -24.17
N LEU G 311 57.22 -33.52 -23.30
CA LEU G 311 58.06 -34.13 -22.26
C LEU G 311 57.21 -34.91 -21.26
N LEU G 312 56.07 -34.36 -20.85
CA LEU G 312 55.15 -35.11 -20.01
C LEU G 312 54.65 -36.37 -20.71
N GLY G 313 54.03 -36.19 -21.89
CA GLY G 313 53.63 -37.31 -22.72
C GLY G 313 54.70 -38.34 -22.95
N PHE G 314 55.96 -37.92 -22.88
CA PHE G 314 57.08 -38.84 -22.99
C PHE G 314 57.13 -39.80 -21.82
N ALA G 315 56.42 -39.52 -20.73
CA ALA G 315 56.33 -40.49 -19.64
C ALA G 315 55.26 -41.53 -19.92
N GLY G 316 54.81 -41.59 -21.18
CA GLY G 316 53.83 -42.57 -21.59
C GLY G 316 54.37 -43.99 -21.56
N PRO G 317 55.43 -44.26 -22.34
CA PRO G 317 55.96 -45.63 -22.36
C PRO G 317 56.37 -46.16 -21.01
N LEU G 318 56.87 -45.28 -20.13
CA LEU G 318 57.17 -45.70 -18.77
C LEU G 318 55.95 -46.35 -18.12
N CYS G 319 54.77 -45.77 -18.34
CA CYS G 319 53.56 -46.40 -17.81
C CYS G 319 53.34 -47.77 -18.43
N ILE G 320 53.67 -47.93 -19.71
CA ILE G 320 53.46 -49.22 -20.36
C ILE G 320 54.36 -50.28 -19.73
N PHE G 321 55.65 -49.95 -19.58
CA PHE G 321 56.58 -50.87 -18.94
C PHE G 321 56.12 -51.24 -17.54
N GLY G 322 55.70 -50.23 -16.77
CA GLY G 322 55.20 -50.51 -15.44
C GLY G 322 53.99 -51.43 -15.45
N ILE G 323 53.04 -51.17 -16.35
CA ILE G 323 51.91 -52.06 -16.54
C ILE G 323 52.39 -53.48 -16.72
N VAL G 324 53.25 -53.72 -17.71
CA VAL G 324 53.57 -55.08 -18.08
C VAL G 324 54.32 -55.78 -16.96
N ASP G 325 55.28 -55.09 -16.34
CA ASP G 325 56.12 -55.79 -15.36
C ASP G 325 55.41 -55.93 -14.01
N HIS G 326 54.53 -54.99 -13.68
CA HIS G 326 53.66 -55.18 -12.51
C HIS G 326 52.71 -56.35 -12.74
N LEU G 327 52.32 -56.58 -13.98
CA LEU G 327 51.51 -57.76 -14.24
C LEU G 327 52.35 -59.03 -14.20
N GLY G 328 53.65 -58.93 -14.51
CA GLY G 328 54.49 -60.10 -14.61
C GLY G 328 54.33 -61.10 -13.48
N LYS G 329 54.02 -60.61 -12.28
CA LYS G 329 53.74 -61.49 -11.16
C LYS G 329 52.50 -61.03 -10.40
N ALA G 353 46.93 -53.98 -5.92
CA ALA G 353 47.09 -53.86 -7.37
C ALA G 353 47.38 -52.42 -7.76
N ASN G 354 48.65 -52.14 -8.10
CA ASN G 354 49.06 -50.79 -8.45
C ASN G 354 49.14 -50.53 -9.94
N ALA G 355 48.89 -51.52 -10.79
CA ALA G 355 48.85 -51.25 -12.21
C ALA G 355 47.62 -50.45 -12.60
N TYR G 356 46.51 -50.66 -11.89
CA TYR G 356 45.30 -49.88 -12.15
C TYR G 356 45.58 -48.39 -11.99
N VAL G 357 46.07 -48.01 -10.82
CA VAL G 357 46.30 -46.60 -10.53
C VAL G 357 47.37 -46.05 -11.45
N LEU G 358 48.30 -46.90 -11.86
CA LEU G 358 49.33 -46.48 -12.79
C LEU G 358 48.76 -46.19 -14.18
N ALA G 359 47.81 -47.01 -14.61
CA ALA G 359 47.16 -46.78 -15.91
C ALA G 359 46.30 -45.52 -15.87
N VAL G 360 45.55 -45.34 -14.80
CA VAL G 360 44.72 -44.13 -14.72
C VAL G 360 45.61 -42.91 -14.51
N LEU G 361 46.80 -43.13 -13.96
CA LEU G 361 47.81 -42.08 -13.94
C LEU G 361 48.22 -41.68 -15.34
N LEU G 362 48.47 -42.67 -16.21
CA LEU G 362 48.72 -42.36 -17.62
C LEU G 362 47.55 -41.62 -18.22
N PHE G 363 46.33 -41.99 -17.82
CA PHE G 363 45.15 -41.29 -18.31
C PHE G 363 45.21 -39.80 -17.98
N LEU G 364 45.42 -39.48 -16.70
CA LEU G 364 45.54 -38.09 -16.29
C LEU G 364 46.69 -37.40 -17.01
N ALA G 365 47.80 -38.12 -17.17
CA ALA G 365 48.95 -37.60 -17.89
C ALA G 365 48.57 -37.16 -19.29
N LEU G 366 47.89 -38.02 -20.05
CA LEU G 366 47.50 -37.66 -21.40
C LEU G 366 46.47 -36.53 -21.41
N LEU G 367 45.61 -36.48 -20.39
CA LEU G 367 44.69 -35.37 -20.29
C LEU G 367 45.42 -34.04 -20.26
N LEU G 368 46.29 -33.86 -19.25
CA LEU G 368 47.08 -32.64 -19.18
C LEU G 368 47.91 -32.47 -20.44
N GLN G 369 48.43 -33.57 -20.95
CA GLN G 369 49.30 -33.57 -22.13
C GLN G 369 48.67 -32.86 -23.30
N ARG G 370 47.45 -33.25 -23.64
CA ARG G 370 46.84 -32.67 -24.82
C ARG G 370 46.14 -31.36 -24.52
N THR G 371 45.70 -31.13 -23.28
CA THR G 371 45.22 -29.78 -22.98
C THR G 371 46.36 -28.77 -23.01
N PHE G 372 47.60 -29.22 -22.89
CA PHE G 372 48.76 -28.37 -23.11
C PHE G 372 49.17 -28.30 -24.56
N LEU G 373 49.03 -29.39 -25.33
CA LEU G 373 49.23 -29.32 -26.77
C LEU G 373 48.30 -28.27 -27.38
N GLN G 374 47.07 -28.21 -26.89
CA GLN G 374 46.14 -27.19 -27.37
C GLN G 374 46.66 -25.79 -27.10
N ALA G 375 47.17 -25.55 -25.90
CA ALA G 375 47.72 -24.24 -25.58
C ALA G 375 48.87 -23.91 -26.52
N SER G 376 49.82 -24.82 -26.64
CA SER G 376 50.93 -24.66 -27.57
C SER G 376 50.49 -24.33 -28.98
N TYR G 377 49.56 -25.08 -29.55
CA TYR G 377 49.09 -24.85 -30.90
C TYR G 377 48.33 -23.54 -31.06
N TYR G 378 47.45 -23.23 -30.12
CA TYR G 378 46.63 -22.04 -30.26
C TYR G 378 47.45 -20.78 -30.10
N VAL G 379 48.40 -20.75 -29.17
CA VAL G 379 49.25 -19.57 -29.06
C VAL G 379 49.91 -19.30 -30.40
N ALA G 380 50.40 -20.35 -31.06
CA ALA G 380 51.12 -20.16 -32.30
C ALA G 380 50.18 -19.73 -33.43
N ILE G 381 48.99 -20.31 -33.52
CA ILE G 381 48.08 -19.88 -34.58
C ILE G 381 47.65 -18.42 -34.35
N GLU G 382 47.49 -18.04 -33.09
CA GLU G 382 47.22 -16.64 -32.77
C GLU G 382 48.38 -15.77 -33.20
N THR G 383 49.62 -16.21 -32.93
CA THR G 383 50.80 -15.51 -33.42
C THR G 383 50.72 -15.30 -34.92
N GLY G 384 50.37 -16.34 -35.66
CA GLY G 384 50.29 -16.27 -37.10
C GLY G 384 49.31 -15.21 -37.54
N ILE G 385 48.17 -15.15 -36.85
CA ILE G 385 47.16 -14.14 -37.20
C ILE G 385 47.72 -12.74 -37.04
N ASN G 386 48.40 -12.49 -35.92
CA ASN G 386 48.93 -11.15 -35.66
C ASN G 386 49.96 -10.76 -36.69
N LEU G 387 50.89 -11.68 -37.00
CA LEU G 387 51.90 -11.39 -37.99
C LEU G 387 51.28 -11.14 -39.36
N ARG G 388 50.25 -11.93 -39.70
CA ARG G 388 49.55 -11.70 -40.96
C ARG G 388 48.99 -10.28 -41.03
N GLY G 389 48.27 -9.87 -40.00
CA GLY G 389 47.72 -8.52 -40.01
C GLY G 389 48.80 -7.47 -40.11
N ALA G 390 49.85 -7.59 -39.31
CA ALA G 390 50.91 -6.59 -39.30
C ALA G 390 51.61 -6.50 -40.63
N ILE G 391 51.90 -7.64 -41.25
CA ILE G 391 52.63 -7.61 -42.52
C ILE G 391 51.74 -7.08 -43.62
N GLN G 392 50.44 -7.42 -43.59
CA GLN G 392 49.54 -6.83 -44.58
C GLN G 392 49.50 -5.31 -44.42
N THR G 393 49.47 -4.84 -43.18
CA THR G 393 49.52 -3.40 -42.93
C THR G 393 50.78 -2.77 -43.52
N LYS G 394 51.94 -3.36 -43.21
CA LYS G 394 53.21 -2.79 -43.65
C LYS G 394 53.33 -2.84 -45.17
N ILE G 395 52.98 -3.97 -45.78
CA ILE G 395 53.00 -4.08 -47.23
C ILE G 395 52.11 -3.01 -47.85
N TYR G 396 50.90 -2.84 -47.31
CA TYR G 396 49.99 -1.85 -47.87
C TYR G 396 50.54 -0.45 -47.75
N ASN G 397 51.22 -0.16 -46.64
CA ASN G 397 51.88 1.13 -46.49
C ASN G 397 52.95 1.32 -47.56
N LYS G 398 53.74 0.28 -47.80
CA LYS G 398 54.72 0.35 -48.88
C LYS G 398 54.04 0.60 -50.22
N ILE G 399 52.91 -0.05 -50.45
CA ILE G 399 52.12 0.18 -51.67
C ILE G 399 51.77 1.66 -51.77
N MET G 400 51.24 2.21 -50.69
CA MET G 400 50.89 3.63 -50.67
C MET G 400 52.12 4.49 -50.90
N HIS G 401 53.29 3.96 -50.61
CA HIS G 401 54.53 4.67 -50.92
C HIS G 401 55.21 4.16 -52.18
N LEU G 402 54.56 3.29 -52.95
CA LEU G 402 55.24 2.71 -54.11
C LEU G 402 55.40 3.75 -55.22
N SER G 403 56.57 3.74 -55.85
CA SER G 403 56.81 4.55 -57.03
C SER G 403 56.15 3.91 -58.24
N THR G 404 55.47 4.74 -59.03
CA THR G 404 54.77 4.20 -60.18
C THR G 404 55.75 3.63 -61.21
N SER G 405 56.85 4.35 -61.46
CA SER G 405 57.82 3.90 -62.46
C SER G 405 58.28 2.48 -62.19
N ASN G 406 58.36 2.10 -60.92
CA ASN G 406 58.74 0.74 -60.57
C ASN G 406 57.71 -0.27 -61.09
N LEU G 407 56.44 0.11 -61.09
CA LEU G 407 55.41 -0.78 -61.61
C LEU G 407 55.30 -0.69 -63.12
N SER G 408 55.58 0.48 -63.69
CA SER G 408 55.39 0.71 -65.12
C SER G 408 56.50 0.05 -65.92
N MET G 409 57.75 0.27 -65.52
CA MET G 409 58.87 -0.04 -66.40
C MET G 409 59.39 -1.45 -66.21
N GLY G 410 59.36 -1.97 -64.99
CA GLY G 410 60.14 -3.14 -64.71
C GLY G 410 59.56 -4.08 -63.69
N GLU G 411 60.42 -4.43 -62.73
CA GLU G 411 60.40 -5.67 -61.92
C GLU G 411 58.97 -6.03 -61.53
N MET G 412 58.20 -5.13 -60.93
CA MET G 412 56.96 -5.56 -60.30
C MET G 412 55.76 -5.28 -61.19
N THR G 413 54.87 -6.27 -61.24
CA THR G 413 53.56 -6.15 -61.84
C THR G 413 52.51 -6.33 -60.75
N ALA G 414 51.38 -5.65 -60.93
CA ALA G 414 50.31 -5.71 -59.95
C ALA G 414 49.97 -7.15 -59.59
N GLY G 415 50.00 -8.04 -60.59
CA GLY G 415 49.73 -9.44 -60.35
C GLY G 415 50.55 -10.02 -59.21
N GLN G 416 51.87 -9.99 -59.32
CA GLN G 416 52.71 -10.56 -58.28
C GLN G 416 52.73 -9.72 -57.02
N ILE G 417 52.50 -8.42 -57.12
CA ILE G 417 52.46 -7.58 -55.92
C ILE G 417 51.28 -7.96 -55.04
N CYS G 418 50.15 -8.32 -55.65
CA CYS G 418 49.03 -8.83 -54.88
C CYS G 418 49.15 -10.32 -54.59
N ASN G 419 49.85 -11.06 -55.46
CA ASN G 419 50.05 -12.47 -55.22
C ASN G 419 50.94 -12.71 -54.01
N LEU G 420 51.87 -11.81 -53.75
CA LEU G 420 52.69 -11.97 -52.56
C LEU G 420 51.83 -11.88 -51.30
N VAL G 421 51.00 -10.86 -51.18
CA VAL G 421 50.15 -10.79 -49.98
C VAL G 421 49.12 -11.91 -50.01
N ALA G 422 48.79 -12.45 -51.18
CA ALA G 422 47.81 -13.52 -51.23
C ALA G 422 48.39 -14.85 -50.76
N ILE G 423 49.65 -15.14 -51.08
CA ILE G 423 50.23 -16.45 -50.88
C ILE G 423 51.38 -16.44 -49.89
N ASP G 424 52.32 -15.49 -50.03
CA ASP G 424 53.34 -15.28 -49.03
C ASP G 424 52.76 -15.26 -47.62
N THR G 425 51.69 -14.49 -47.43
CA THR G 425 51.10 -14.36 -46.10
C THR G 425 50.54 -15.68 -45.60
N ASN G 426 49.83 -16.40 -46.47
CA ASN G 426 49.32 -17.71 -46.07
C ASN G 426 50.48 -18.66 -45.71
N GLN G 427 51.57 -18.58 -46.46
CA GLN G 427 52.69 -19.47 -46.21
C GLN G 427 53.40 -19.12 -44.91
N LEU G 428 53.55 -17.84 -44.62
CA LEU G 428 54.13 -17.44 -43.34
C LEU G 428 53.22 -17.80 -42.19
N MET G 429 51.91 -17.67 -42.40
CA MET G 429 50.93 -18.13 -41.42
C MET G 429 51.13 -19.61 -41.11
N TRP G 430 51.26 -20.43 -42.16
CA TRP G 430 51.47 -21.86 -41.95
C TRP G 430 52.83 -22.14 -41.35
N PHE G 431 53.84 -21.34 -41.69
CA PHE G 431 55.17 -21.51 -41.11
C PHE G 431 55.12 -21.27 -39.61
N PHE G 432 54.40 -20.25 -39.19
CA PHE G 432 54.27 -19.99 -37.77
C PHE G 432 53.15 -20.80 -37.14
N PHE G 433 52.50 -21.66 -37.92
CA PHE G 433 51.79 -22.79 -37.33
C PHE G 433 52.78 -23.86 -36.92
N LEU G 434 53.65 -24.26 -37.85
CA LEU G 434 54.71 -25.22 -37.59
C LEU G 434 55.91 -24.59 -36.89
N CYS G 435 55.76 -23.36 -36.39
CA CYS G 435 56.87 -22.70 -35.71
C CYS G 435 57.34 -23.45 -34.48
N PRO G 436 56.52 -23.68 -33.45
CA PRO G 436 57.09 -24.17 -32.18
C PRO G 436 57.62 -25.58 -32.28
N ASN G 437 56.99 -26.42 -33.11
CA ASN G 437 57.44 -27.79 -33.28
C ASN G 437 58.94 -27.83 -33.54
N LEU G 438 59.43 -26.88 -34.33
CA LEU G 438 60.84 -26.88 -34.70
C LEU G 438 61.75 -26.85 -33.48
N TRP G 439 61.65 -25.81 -32.66
CA TRP G 439 62.46 -25.78 -31.45
C TRP G 439 62.07 -26.86 -30.47
N ALA G 440 60.90 -27.45 -30.62
CA ALA G 440 60.43 -28.44 -29.66
C ALA G 440 61.02 -29.83 -29.87
N MET G 441 61.12 -30.30 -31.11
CA MET G 441 61.52 -31.69 -31.34
C MET G 441 62.91 -32.02 -30.82
N PRO G 442 63.96 -31.23 -31.06
CA PRO G 442 65.28 -31.64 -30.58
C PRO G 442 65.33 -31.90 -29.08
N VAL G 443 64.71 -31.03 -28.27
CA VAL G 443 64.57 -31.33 -26.85
C VAL G 443 63.88 -32.66 -26.61
N GLN G 444 62.83 -32.96 -27.36
CA GLN G 444 62.16 -34.25 -27.30
C GLN G 444 63.06 -35.41 -27.68
N ILE G 445 63.77 -35.31 -28.80
CA ILE G 445 64.57 -36.43 -29.27
C ILE G 445 65.72 -36.70 -28.30
N ILE G 446 66.29 -35.65 -27.70
CA ILE G 446 67.39 -35.86 -26.77
C ILE G 446 66.90 -36.61 -25.54
N VAL G 447 65.76 -36.21 -25.00
CA VAL G 447 65.18 -36.91 -23.86
C VAL G 447 64.83 -38.35 -24.25
N GLY G 448 64.39 -38.56 -25.49
CA GLY G 448 64.13 -39.91 -25.94
C GLY G 448 65.36 -40.79 -25.91
N VAL G 449 66.48 -40.26 -26.41
CA VAL G 449 67.74 -41.01 -26.37
C VAL G 449 68.15 -41.29 -24.94
N ILE G 450 68.12 -40.27 -24.08
CA ILE G 450 68.53 -40.44 -22.70
C ILE G 450 67.69 -41.50 -22.02
N LEU G 451 66.40 -41.52 -22.33
CA LEU G 451 65.53 -42.52 -21.71
C LEU G 451 65.89 -43.91 -22.20
N LEU G 452 66.10 -44.07 -23.50
CA LEU G 452 66.56 -45.37 -24.01
C LEU G 452 67.81 -45.84 -23.28
N TYR G 453 68.73 -44.91 -22.99
CA TYR G 453 69.94 -45.29 -22.28
C TYR G 453 69.65 -45.66 -20.83
N TYR G 454 68.64 -45.02 -20.23
CA TYR G 454 68.24 -45.39 -18.88
C TYR G 454 67.11 -46.40 -18.86
N ILE G 455 66.53 -46.74 -20.00
CA ILE G 455 65.45 -47.72 -19.99
C ILE G 455 65.94 -48.96 -20.72
N LEU G 456 65.08 -49.98 -20.76
CA LEU G 456 65.45 -51.35 -21.10
C LEU G 456 66.56 -51.47 -22.12
N GLY G 457 66.58 -50.57 -23.11
CA GLY G 457 67.70 -50.54 -24.04
C GLY G 457 68.95 -49.96 -23.42
N VAL G 458 69.10 -50.08 -22.10
CA VAL G 458 70.06 -49.35 -21.29
C VAL G 458 71.41 -49.25 -22.00
N SER G 459 71.89 -50.37 -22.51
CA SER G 459 73.06 -50.36 -23.35
C SER G 459 72.74 -51.12 -24.64
N ALA G 460 73.59 -50.92 -25.64
CA ALA G 460 73.42 -51.54 -26.94
C ALA G 460 72.01 -51.28 -27.51
N LEU G 461 71.52 -50.06 -27.35
CA LEU G 461 70.25 -49.68 -27.97
C LEU G 461 70.49 -49.16 -29.38
N ILE G 462 71.59 -49.57 -30.02
CA ILE G 462 72.25 -48.87 -31.11
C ILE G 462 71.28 -48.29 -32.14
N GLY G 463 70.12 -48.92 -32.30
CA GLY G 463 69.15 -48.49 -33.29
C GLY G 463 68.82 -47.02 -33.28
N ALA G 464 69.13 -46.33 -32.18
CA ALA G 464 68.95 -44.88 -32.15
C ALA G 464 69.90 -44.19 -33.11
N ALA G 465 71.06 -44.76 -33.36
CA ALA G 465 71.98 -44.18 -34.32
C ALA G 465 71.36 -44.04 -35.70
N VAL G 466 70.33 -44.84 -36.00
CA VAL G 466 69.65 -44.71 -37.29
C VAL G 466 69.01 -43.33 -37.40
N ILE G 467 68.19 -42.95 -36.42
CA ILE G 467 67.60 -41.62 -36.46
C ILE G 467 68.67 -40.55 -36.26
N ILE G 468 69.74 -40.87 -35.56
CA ILE G 468 70.81 -39.90 -35.38
C ILE G 468 71.42 -39.54 -36.74
N LEU G 469 71.58 -40.54 -37.60
CA LEU G 469 72.02 -40.31 -38.96
C LEU G 469 70.90 -39.81 -39.86
N LEU G 470 69.64 -39.92 -39.41
CA LEU G 470 68.52 -39.45 -40.21
C LEU G 470 68.52 -37.93 -40.36
N ALA G 471 68.88 -37.20 -39.32
CA ALA G 471 68.85 -35.73 -39.39
C ALA G 471 69.70 -35.20 -40.53
N PRO G 472 70.89 -35.74 -40.84
CA PRO G 472 71.55 -35.35 -42.10
C PRO G 472 70.73 -35.66 -43.34
N VAL G 473 70.04 -36.81 -43.38
CA VAL G 473 69.18 -37.10 -44.52
C VAL G 473 68.06 -36.07 -44.61
N GLN G 474 67.51 -35.67 -43.47
CA GLN G 474 66.46 -34.64 -43.47
C GLN G 474 66.99 -33.32 -43.99
N TYR G 475 68.11 -32.84 -43.46
CA TYR G 475 68.68 -31.58 -43.92
C TYR G 475 69.07 -31.63 -45.39
N PHE G 476 69.49 -32.79 -45.88
CA PHE G 476 69.83 -32.91 -47.30
C PHE G 476 68.59 -32.83 -48.17
N VAL G 477 67.54 -33.59 -47.82
CA VAL G 477 66.28 -33.46 -48.56
C VAL G 477 65.78 -32.03 -48.48
N ALA G 478 66.02 -31.37 -47.36
CA ALA G 478 65.66 -29.97 -47.20
C ALA G 478 66.33 -29.11 -48.26
N THR G 479 67.67 -29.14 -48.29
CA THR G 479 68.40 -28.27 -49.21
C THR G 479 68.10 -28.65 -50.66
N LYS G 480 67.77 -29.92 -50.92
CA LYS G 480 67.41 -30.32 -52.27
C LYS G 480 66.07 -29.74 -52.67
N LEU G 481 65.07 -29.87 -51.80
CA LEU G 481 63.78 -29.24 -52.03
C LEU G 481 63.95 -27.75 -52.20
N SER G 482 64.90 -27.16 -51.48
CA SER G 482 65.18 -25.74 -51.62
C SER G 482 65.73 -25.40 -53.00
N GLN G 483 66.70 -26.18 -53.46
CA GLN G 483 67.22 -26.00 -54.81
C GLN G 483 66.11 -26.05 -55.85
N ALA G 484 65.16 -26.98 -55.70
CA ALA G 484 64.07 -27.10 -56.66
C ALA G 484 63.00 -26.04 -56.49
N GLN G 485 62.82 -25.51 -55.27
CA GLN G 485 61.66 -24.69 -54.98
C GLN G 485 61.73 -23.36 -55.70
N ARG G 486 62.94 -22.80 -55.85
CA ARG G 486 63.08 -21.55 -56.57
C ARG G 486 62.61 -21.68 -58.02
N SER G 487 63.01 -22.75 -58.69
CA SER G 487 62.58 -22.96 -60.07
C SER G 487 61.09 -23.21 -60.14
N THR G 488 60.56 -24.01 -59.21
CA THR G 488 59.11 -24.24 -59.19
C THR G 488 58.34 -22.94 -59.04
N LEU G 489 58.82 -22.06 -58.15
CA LEU G 489 58.12 -20.82 -57.86
C LEU G 489 58.23 -19.84 -59.02
N GLU G 490 59.42 -19.72 -59.61
CA GLU G 490 59.55 -18.83 -60.76
C GLU G 490 58.71 -19.31 -61.93
N TYR G 491 58.59 -20.62 -62.13
CA TYR G 491 57.77 -21.12 -63.23
C TYR G 491 56.29 -20.90 -62.95
N SER G 492 55.87 -21.10 -61.70
CA SER G 492 54.51 -20.74 -61.32
C SER G 492 54.23 -19.28 -61.63
N ASN G 493 55.14 -18.39 -61.24
CA ASN G 493 54.94 -16.97 -61.49
C ASN G 493 54.87 -16.68 -62.98
N GLU G 494 55.73 -17.33 -63.76
CA GLU G 494 55.69 -17.14 -65.20
C GLU G 494 54.33 -17.55 -65.76
N ARG G 495 53.83 -18.71 -65.36
CA ARG G 495 52.54 -19.17 -65.85
C ARG G 495 51.41 -18.24 -65.41
N LEU G 496 51.53 -17.67 -64.20
CA LEU G 496 50.53 -16.73 -63.73
C LEU G 496 50.52 -15.47 -64.59
N LYS G 497 51.69 -14.87 -64.77
CA LYS G 497 51.82 -13.79 -65.75
C LYS G 497 51.21 -14.17 -67.09
N GLN G 498 51.47 -15.40 -67.55
CA GLN G 498 50.92 -15.88 -68.81
C GLN G 498 49.41 -15.78 -68.84
N THR G 499 48.75 -16.52 -67.95
CA THR G 499 47.29 -16.60 -67.95
C THR G 499 46.63 -15.27 -67.66
N ASN G 500 47.20 -14.47 -66.76
CA ASN G 500 46.65 -13.15 -66.48
C ASN G 500 46.61 -12.37 -67.77
N GLU G 501 47.80 -12.10 -68.31
CA GLU G 501 47.93 -11.36 -69.55
C GLU G 501 47.02 -11.91 -70.63
N MET G 502 46.91 -13.23 -70.71
CA MET G 502 46.06 -13.85 -71.73
C MET G 502 44.60 -13.44 -71.56
N LEU G 503 44.03 -13.73 -70.40
CA LEU G 503 42.61 -13.50 -70.22
C LEU G 503 42.27 -12.03 -70.03
N ARG G 504 43.27 -11.15 -69.93
CA ARG G 504 42.96 -9.73 -69.94
C ARG G 504 42.33 -9.32 -71.26
N GLY G 505 43.10 -9.39 -72.34
CA GLY G 505 42.57 -9.13 -73.67
C GLY G 505 42.17 -10.40 -74.40
N ILE G 506 41.37 -11.25 -73.75
CA ILE G 506 41.00 -12.52 -74.36
C ILE G 506 40.20 -12.31 -75.64
N LYS G 507 39.52 -11.16 -75.77
CA LYS G 507 38.79 -10.87 -77.00
C LYS G 507 39.75 -10.68 -78.16
N LEU G 508 40.87 -10.02 -77.94
CA LEU G 508 41.92 -9.94 -78.95
C LEU G 508 42.27 -11.33 -79.46
N LEU G 509 42.46 -12.27 -78.53
CA LEU G 509 42.85 -13.62 -78.92
C LEU G 509 41.74 -14.31 -79.70
N LYS G 510 40.49 -14.22 -79.21
CA LYS G 510 39.37 -14.80 -79.95
C LYS G 510 39.29 -14.22 -81.36
N LEU G 511 39.71 -12.96 -81.53
CA LEU G 511 39.58 -12.30 -82.82
C LEU G 511 40.73 -12.64 -83.78
N TYR G 512 41.96 -12.56 -83.32
CA TYR G 512 43.14 -12.75 -84.18
C TYR G 512 43.50 -14.21 -84.36
N ALA G 513 42.82 -15.13 -83.68
CA ALA G 513 43.09 -16.56 -83.77
C ALA G 513 44.55 -16.87 -83.42
N TRP G 514 44.97 -16.38 -82.27
CA TRP G 514 46.31 -16.63 -81.74
C TRP G 514 46.27 -17.49 -80.48
N GLU G 515 45.14 -18.15 -80.23
CA GLU G 515 44.93 -18.84 -78.97
C GLU G 515 45.57 -20.21 -78.93
N ASN G 516 45.62 -20.92 -80.06
CA ASN G 516 46.50 -22.08 -80.12
C ASN G 516 47.92 -21.67 -79.83
N ILE G 517 48.35 -20.55 -80.41
CA ILE G 517 49.72 -20.08 -80.26
C ILE G 517 50.02 -19.76 -78.81
N PHE G 518 49.26 -18.83 -78.23
CA PHE G 518 49.51 -18.41 -76.86
C PHE G 518 49.24 -19.54 -75.87
N ARG G 519 48.26 -20.40 -76.18
CA ARG G 519 47.95 -21.52 -75.30
C ARG G 519 49.09 -22.52 -75.26
N THR G 520 49.70 -22.84 -76.40
CA THR G 520 50.83 -23.75 -76.36
C THR G 520 52.07 -23.08 -75.78
N ARG G 521 52.19 -21.76 -75.97
CA ARG G 521 53.25 -21.02 -75.30
C ARG G 521 53.14 -21.16 -73.80
N VAL G 522 51.94 -20.98 -73.26
CA VAL G 522 51.70 -21.18 -71.84
C VAL G 522 51.89 -22.64 -71.46
N GLU G 523 51.53 -23.56 -72.35
CA GLU G 523 51.73 -24.97 -72.10
C GLU G 523 53.20 -25.30 -71.90
N THR G 524 54.08 -24.61 -72.63
CA THR G 524 55.51 -24.78 -72.41
C THR G 524 55.89 -24.38 -70.99
N THR G 525 55.43 -23.20 -70.56
CA THR G 525 55.69 -22.76 -69.20
C THR G 525 55.13 -23.75 -68.19
N ARG G 526 53.93 -24.23 -68.43
CA ARG G 526 53.31 -25.21 -67.55
C ARG G 526 54.08 -26.52 -67.55
N ARG G 527 54.75 -26.83 -68.67
CA ARG G 527 55.54 -28.04 -68.73
C ARG G 527 56.82 -27.90 -67.91
N LYS G 528 57.45 -26.72 -67.98
CA LYS G 528 58.59 -26.46 -67.11
C LYS G 528 58.16 -26.53 -65.64
N GLU G 529 57.03 -25.91 -65.33
CA GLU G 529 56.50 -25.98 -63.97
C GLU G 529 56.17 -27.41 -63.57
N MET G 530 55.64 -28.20 -64.49
CA MET G 530 55.33 -29.59 -64.27
C MET G 530 56.58 -30.40 -63.97
N THR G 531 57.66 -30.14 -64.70
CA THR G 531 58.92 -30.83 -64.46
C THR G 531 59.48 -30.48 -63.10
N SER G 532 59.47 -29.20 -62.74
CA SER G 532 60.02 -28.78 -61.46
C SER G 532 59.18 -29.35 -60.32
N LEU G 533 57.86 -29.29 -60.45
CA LEU G 533 56.99 -29.89 -59.46
C LEU G 533 57.14 -31.41 -59.45
N ARG G 534 57.57 -31.99 -60.56
CA ARG G 534 57.79 -33.43 -60.63
C ARG G 534 59.00 -33.82 -59.79
N ALA G 535 60.09 -33.08 -59.95
CA ALA G 535 61.24 -33.28 -59.06
C ALA G 535 60.84 -33.05 -57.62
N PHE G 536 60.03 -32.01 -57.37
CA PHE G 536 59.54 -31.71 -56.03
C PHE G 536 58.76 -32.88 -55.45
N ALA G 537 57.91 -33.50 -56.26
CA ALA G 537 57.10 -34.62 -55.81
C ALA G 537 57.96 -35.84 -55.54
N ILE G 538 58.93 -36.10 -56.42
CA ILE G 538 59.87 -37.18 -56.18
C ILE G 538 60.55 -37.00 -54.83
N TYR G 539 61.02 -35.77 -54.56
CA TYR G 539 61.77 -35.52 -53.34
C TYR G 539 60.88 -35.63 -52.11
N THR G 540 59.66 -35.12 -52.19
CA THR G 540 58.76 -35.21 -51.04
C THR G 540 58.34 -36.65 -50.80
N SER G 541 58.23 -37.45 -51.86
CA SER G 541 57.94 -38.87 -51.67
C SER G 541 59.14 -39.58 -51.03
N ILE G 542 60.35 -39.18 -51.42
CA ILE G 542 61.55 -39.71 -50.78
C ILE G 542 61.53 -39.39 -49.29
N SER G 543 61.17 -38.15 -48.95
CA SER G 543 61.10 -37.77 -47.55
C SER G 543 60.03 -38.58 -46.82
N ILE G 544 58.88 -38.79 -47.45
CA ILE G 544 57.80 -39.53 -46.82
C ILE G 544 58.23 -40.96 -46.54
N PHE G 545 58.82 -41.62 -47.54
CA PHE G 545 59.25 -43.00 -47.32
C PHE G 545 60.36 -43.09 -46.28
N MET G 546 61.36 -42.22 -46.35
CA MET G 546 62.40 -42.26 -45.33
C MET G 546 61.80 -42.07 -43.94
N ASN G 547 60.92 -41.09 -43.81
CA ASN G 547 60.16 -40.86 -42.59
C ASN G 547 59.56 -42.14 -42.06
N THR G 548 58.66 -42.76 -42.84
CA THR G 548 57.94 -43.91 -42.32
C THR G 548 58.79 -45.17 -42.32
N ALA G 549 59.99 -45.13 -42.92
CA ALA G 549 60.79 -46.33 -43.07
C ALA G 549 61.80 -46.46 -41.95
N ILE G 550 62.30 -45.34 -41.45
CA ILE G 550 63.29 -45.42 -40.37
C ILE G 550 62.74 -46.01 -39.07
N PRO G 551 61.43 -45.92 -38.74
CA PRO G 551 61.01 -46.55 -37.49
C PRO G 551 61.11 -48.06 -37.53
N ILE G 552 60.70 -48.69 -38.63
CA ILE G 552 60.81 -50.14 -38.68
C ILE G 552 62.27 -50.55 -38.75
N ALA G 553 63.11 -49.74 -39.40
CA ALA G 553 64.54 -49.97 -39.34
C ALA G 553 65.04 -49.96 -37.90
N ALA G 554 64.61 -48.96 -37.13
CA ALA G 554 65.06 -48.84 -35.75
C ALA G 554 64.60 -50.03 -34.91
N VAL G 555 63.33 -50.44 -35.05
CA VAL G 555 62.85 -51.55 -34.23
C VAL G 555 63.60 -52.82 -34.60
N LEU G 556 63.84 -53.03 -35.89
CA LEU G 556 64.57 -54.21 -36.32
C LEU G 556 65.97 -54.23 -35.73
N ILE G 557 66.69 -53.12 -35.88
CA ILE G 557 68.07 -53.08 -35.44
C ILE G 557 68.16 -53.25 -33.93
N THR G 558 67.28 -52.58 -33.19
CA THR G 558 67.29 -52.74 -31.74
C THR G 558 67.03 -54.19 -31.35
N PHE G 559 65.92 -54.77 -31.83
CA PHE G 559 65.55 -56.09 -31.38
C PHE G 559 66.54 -57.16 -31.82
N VAL G 560 67.23 -56.96 -32.93
CA VAL G 560 68.32 -57.85 -33.32
C VAL G 560 69.58 -57.60 -32.50
N GLY G 561 69.76 -56.39 -31.97
CA GLY G 561 70.91 -56.08 -31.16
C GLY G 561 71.12 -57.04 -30.02
N HIS G 562 70.01 -57.51 -29.44
CA HIS G 562 70.09 -58.52 -28.38
C HIS G 562 70.97 -59.69 -28.80
N VAL G 563 70.96 -60.02 -30.08
CA VAL G 563 71.63 -61.19 -30.57
C VAL G 563 72.63 -60.81 -31.64
N PRO G 573 59.58 -59.88 -23.42
CA PRO G 573 58.64 -59.52 -22.36
C PRO G 573 58.13 -58.08 -22.53
N SER G 574 58.26 -57.28 -21.47
CA SER G 574 57.93 -55.87 -21.51
C SER G 574 58.96 -55.03 -22.24
N VAL G 575 60.24 -55.36 -22.12
CA VAL G 575 61.30 -54.53 -22.65
C VAL G 575 61.09 -54.25 -24.14
N ALA G 576 61.01 -55.29 -24.96
CA ALA G 576 60.97 -55.08 -26.40
C ALA G 576 59.76 -54.23 -26.78
N PHE G 577 58.58 -54.58 -26.27
CA PHE G 577 57.39 -53.87 -26.72
C PHE G 577 57.32 -52.48 -26.13
N ALA G 578 57.83 -52.28 -24.92
CA ALA G 578 57.84 -50.92 -24.38
C ALA G 578 58.73 -50.02 -25.23
N SER G 579 59.88 -50.54 -25.66
CA SER G 579 60.73 -49.77 -26.55
C SER G 579 60.04 -49.50 -27.87
N LEU G 580 59.35 -50.49 -28.42
CA LEU G 580 58.58 -50.29 -29.64
C LEU G 580 57.48 -49.25 -29.46
N SER G 581 56.85 -49.21 -28.29
CA SER G 581 55.86 -48.18 -28.00
C SER G 581 56.50 -46.81 -28.04
N LEU G 582 57.64 -46.67 -27.35
CA LEU G 582 58.39 -45.41 -27.44
C LEU G 582 58.73 -45.08 -28.89
N PHE G 583 58.96 -46.09 -29.71
CA PHE G 583 59.32 -45.83 -31.10
C PHE G 583 58.15 -45.32 -31.90
N HIS G 584 56.95 -45.87 -31.68
CA HIS G 584 55.75 -45.23 -32.19
C HIS G 584 55.69 -43.76 -31.80
N ILE G 585 55.86 -43.51 -30.49
CA ILE G 585 55.70 -42.14 -29.99
C ILE G 585 56.77 -41.23 -30.57
N LEU G 586 57.95 -41.77 -30.86
CA LEU G 586 59.03 -40.96 -31.38
C LEU G 586 58.89 -40.72 -32.88
N VAL G 587 58.26 -41.66 -33.59
CA VAL G 587 57.99 -41.45 -35.02
C VAL G 587 56.79 -40.56 -35.24
N THR G 588 55.96 -40.35 -34.22
CA THR G 588 54.87 -39.39 -34.35
C THR G 588 55.34 -38.01 -34.79
N PRO G 589 56.33 -37.38 -34.14
CA PRO G 589 56.76 -36.03 -34.58
C PRO G 589 57.36 -36.00 -35.96
N LEU G 590 58.04 -37.08 -36.38
CA LEU G 590 58.71 -37.10 -37.67
C LEU G 590 57.74 -36.97 -38.83
N PHE G 591 56.59 -37.65 -38.74
CA PHE G 591 55.59 -37.58 -39.79
C PHE G 591 55.17 -36.15 -40.07
N LEU G 592 55.13 -35.31 -39.04
CA LEU G 592 54.80 -33.91 -39.23
C LEU G 592 56.04 -33.11 -39.63
N LEU G 593 57.21 -33.48 -39.11
CA LEU G 593 58.45 -32.82 -39.52
C LEU G 593 58.62 -32.88 -41.03
N SER G 594 58.13 -33.95 -41.64
CA SER G 594 58.15 -34.08 -43.10
C SER G 594 57.63 -32.80 -43.77
N SER G 595 56.48 -32.29 -43.31
CA SER G 595 55.93 -31.07 -43.87
C SER G 595 56.50 -29.83 -43.22
N VAL G 596 56.98 -29.96 -41.98
CA VAL G 596 57.62 -28.83 -41.30
C VAL G 596 58.78 -28.30 -42.12
N VAL G 597 59.63 -29.20 -42.61
CA VAL G 597 60.80 -28.76 -43.36
C VAL G 597 60.39 -28.16 -44.70
N ARG G 598 59.35 -28.71 -45.33
CA ARG G 598 58.82 -28.14 -46.57
C ARG G 598 58.37 -26.70 -46.35
N SER G 599 57.53 -26.50 -45.33
CA SER G 599 57.05 -25.16 -45.00
C SER G 599 58.21 -24.24 -44.64
N THR G 600 59.24 -24.78 -43.99
CA THR G 600 60.42 -24.00 -43.68
C THR G 600 61.04 -23.46 -44.95
N VAL G 601 61.32 -24.34 -45.92
CA VAL G 601 61.90 -23.94 -47.19
C VAL G 601 61.04 -22.84 -47.84
N LYS G 602 59.74 -23.10 -47.95
CA LYS G 602 58.87 -22.17 -48.65
C LYS G 602 58.84 -20.82 -47.96
N ALA G 603 58.86 -20.81 -46.63
CA ALA G 603 58.86 -19.55 -45.89
C ALA G 603 60.16 -18.80 -46.09
N LEU G 604 61.28 -19.53 -46.13
CA LEU G 604 62.56 -18.88 -46.38
C LEU G 604 62.53 -18.12 -47.70
N VAL G 605 62.12 -18.81 -48.76
CA VAL G 605 62.08 -18.19 -50.09
C VAL G 605 61.05 -17.06 -50.13
N SER G 606 59.95 -17.24 -49.41
CA SER G 606 58.89 -16.26 -49.41
C SER G 606 59.33 -14.96 -48.74
N VAL G 607 60.07 -15.07 -47.64
CA VAL G 607 60.56 -13.87 -46.98
C VAL G 607 61.68 -13.24 -47.81
N GLN G 608 62.44 -14.07 -48.53
CA GLN G 608 63.37 -13.51 -49.50
C GLN G 608 62.63 -12.59 -50.46
N LYS G 609 61.55 -13.09 -51.06
CA LYS G 609 60.75 -12.27 -51.97
C LYS G 609 60.16 -11.05 -51.25
N LEU G 610 59.81 -11.21 -49.98
CA LEU G 610 59.31 -10.09 -49.20
C LEU G 610 60.34 -8.97 -49.11
N SER G 611 61.51 -9.27 -48.55
CA SER G 611 62.56 -8.28 -48.48
C SER G 611 62.89 -7.72 -49.85
N GLU G 612 62.78 -8.55 -50.89
CA GLU G 612 62.91 -8.07 -52.25
C GLU G 612 61.93 -6.95 -52.54
N PHE G 613 60.67 -7.13 -52.15
CA PHE G 613 59.66 -6.13 -52.43
C PHE G 613 59.80 -4.89 -51.55
N LEU G 614 60.13 -5.08 -50.28
CA LEU G 614 60.18 -3.98 -49.33
C LEU G 614 61.25 -2.96 -49.66
N SER G 615 62.26 -3.35 -50.43
CA SER G 615 63.40 -2.48 -50.72
C SER G 615 63.18 -1.63 -51.97
N SER G 616 61.92 -1.31 -52.29
CA SER G 616 61.59 -0.72 -53.57
C SER G 616 61.69 0.80 -53.53
N ALA G 617 61.57 1.40 -54.71
CA ALA G 617 61.63 2.85 -54.82
C ALA G 617 60.31 3.48 -54.40
N GLU G 618 60.40 4.55 -53.62
CA GLU G 618 59.23 5.17 -53.03
C GLU G 618 59.06 6.60 -53.52
N ILE G 619 57.81 6.96 -53.79
CA ILE G 619 57.46 8.35 -54.07
C ILE G 619 57.68 9.15 -52.79
N ARG G 620 58.29 10.32 -52.92
CA ARG G 620 58.55 11.18 -51.77
C ARG G 620 58.70 12.63 -52.20
N CYS G 677 49.57 32.43 -61.59
CA CYS G 677 50.22 32.56 -60.30
C CYS G 677 50.25 31.24 -59.55
N CYS G 678 49.30 30.37 -59.88
CA CYS G 678 49.13 29.08 -59.21
C CYS G 678 50.19 28.12 -59.71
N VAL G 679 49.96 26.82 -59.48
CA VAL G 679 50.92 25.76 -59.70
C VAL G 679 51.71 25.97 -60.99
N GLN G 680 53.02 25.92 -60.87
CA GLN G 680 53.94 26.35 -61.91
C GLN G 680 55.29 25.69 -61.73
N ILE G 681 56.13 25.75 -62.76
CA ILE G 681 57.46 25.15 -62.72
C ILE G 681 58.44 26.10 -63.40
N MET G 682 59.64 26.22 -62.83
CA MET G 682 60.73 26.99 -63.43
C MET G 682 61.79 26.01 -63.94
N GLY G 683 61.89 25.90 -65.27
CA GLY G 683 62.91 25.07 -65.89
C GLY G 683 62.82 23.62 -65.48
N GLY G 684 61.66 23.01 -65.70
CA GLY G 684 61.42 21.68 -65.18
C GLY G 684 62.16 20.59 -65.94
N TYR G 685 62.77 19.71 -65.17
CA TYR G 685 63.42 18.50 -65.69
C TYR G 685 62.76 17.32 -64.99
N PHE G 686 62.34 16.34 -65.77
CA PHE G 686 61.60 15.21 -65.24
C PHE G 686 62.01 13.94 -65.97
N THR G 687 61.88 12.80 -65.28
CA THR G 687 62.24 11.52 -65.88
C THR G 687 61.53 10.40 -65.14
N TRP G 688 61.24 9.33 -65.89
CA TRP G 688 60.58 8.16 -65.31
C TRP G 688 61.55 7.35 -64.45
N THR G 689 62.70 6.98 -65.02
CA THR G 689 63.76 6.29 -64.31
C THR G 689 65.01 7.14 -64.31
N PRO G 690 65.73 7.24 -63.20
CA PRO G 690 66.90 8.13 -63.14
C PRO G 690 68.04 7.67 -64.00
N ASP G 691 68.05 6.40 -64.43
CA ASP G 691 69.14 5.89 -65.23
C ASP G 691 68.99 6.24 -66.71
N GLY G 692 67.76 6.49 -67.16
CA GLY G 692 67.50 6.76 -68.56
C GLY G 692 67.56 8.23 -68.89
N ILE G 693 67.00 8.57 -70.05
CA ILE G 693 67.00 9.96 -70.53
C ILE G 693 65.96 10.76 -69.76
N PRO G 694 66.19 12.04 -69.50
CA PRO G 694 65.17 12.85 -68.79
C PRO G 694 63.95 13.06 -69.68
N THR G 695 62.79 12.66 -69.17
CA THR G 695 61.55 12.80 -69.94
C THR G 695 61.29 14.25 -70.30
N LEU G 696 61.20 15.10 -69.29
CA LEU G 696 60.96 16.51 -69.50
C LEU G 696 62.24 17.28 -69.24
N SER G 697 62.47 18.31 -70.05
CA SER G 697 63.69 19.09 -69.94
C SER G 697 63.37 20.53 -70.22
N ASN G 698 63.61 21.40 -69.22
CA ASN G 698 63.39 22.83 -69.35
C ASN G 698 61.94 23.13 -69.73
N ILE G 699 61.04 22.76 -68.83
CA ILE G 699 59.63 23.11 -68.98
C ILE G 699 59.28 24.18 -67.96
N THR G 700 58.49 25.16 -68.38
CA THR G 700 58.09 26.29 -67.55
C THR G 700 56.57 26.41 -67.60
N ILE G 701 55.93 26.33 -66.44
CA ILE G 701 54.49 26.16 -66.38
C ILE G 701 53.87 27.28 -65.58
N ARG G 702 52.60 27.55 -65.84
CA ARG G 702 51.83 28.59 -65.18
C ARG G 702 50.35 28.38 -65.47
N ILE G 703 49.53 28.26 -64.43
CA ILE G 703 48.09 28.20 -64.62
C ILE G 703 47.45 29.22 -63.67
N PRO G 704 46.69 30.18 -64.18
CA PRO G 704 45.99 31.09 -63.28
C PRO G 704 44.83 30.40 -62.60
N ARG G 705 44.53 30.87 -61.38
CA ARG G 705 43.41 30.32 -60.63
C ARG G 705 42.09 30.62 -61.32
N GLY G 706 41.11 29.76 -61.09
CA GLY G 706 39.81 29.92 -61.71
C GLY G 706 39.85 30.01 -63.22
N GLN G 707 40.86 29.42 -63.85
CA GLN G 707 40.99 29.46 -65.30
C GLN G 707 40.91 28.04 -65.85
N LEU G 708 40.26 27.93 -67.01
CA LEU G 708 40.20 26.70 -67.77
C LEU G 708 41.33 26.69 -68.80
N THR G 709 42.30 25.81 -68.61
CA THR G 709 43.42 25.71 -69.54
C THR G 709 43.43 24.35 -70.20
N MET G 710 44.07 24.29 -71.36
CA MET G 710 44.20 23.07 -72.12
C MET G 710 45.68 22.82 -72.42
N ILE G 711 46.01 21.55 -72.60
CA ILE G 711 47.34 21.14 -73.01
C ILE G 711 47.17 20.21 -74.20
N VAL G 712 47.79 20.58 -75.32
CA VAL G 712 47.69 19.82 -76.55
C VAL G 712 49.09 19.55 -77.07
N GLY G 713 49.17 18.68 -78.06
CA GLY G 713 50.45 18.37 -78.67
C GLY G 713 50.33 17.16 -79.56
N GLN G 714 51.45 16.47 -79.73
CA GLN G 714 51.48 15.24 -80.50
C GLN G 714 51.10 14.06 -79.60
N VAL G 715 50.91 12.90 -80.21
CA VAL G 715 50.68 11.68 -79.44
C VAL G 715 52.00 11.20 -78.88
N GLY G 716 52.01 10.86 -77.60
CA GLY G 716 53.25 10.56 -76.93
C GLY G 716 54.15 11.75 -76.70
N CYS G 717 53.70 12.95 -77.10
CA CYS G 717 54.56 14.13 -77.06
C CYS G 717 55.09 14.40 -75.66
N GLY G 718 54.36 14.01 -74.63
CA GLY G 718 54.76 14.28 -73.27
C GLY G 718 53.73 15.10 -72.53
N LYS G 719 52.46 15.01 -72.93
CA LYS G 719 51.47 15.86 -72.30
C LYS G 719 50.96 15.27 -70.99
N SER G 720 50.64 13.97 -70.95
CA SER G 720 50.24 13.39 -69.66
C SER G 720 51.42 13.27 -68.71
N SER G 721 52.62 13.11 -69.24
CA SER G 721 53.78 12.95 -68.36
C SER G 721 54.03 14.22 -67.56
N LEU G 722 53.97 15.38 -68.21
CA LEU G 722 54.13 16.63 -67.46
C LEU G 722 53.10 16.72 -66.35
N LEU G 723 51.89 16.22 -66.61
CA LEU G 723 50.82 16.36 -65.64
C LEU G 723 51.04 15.46 -64.44
N LEU G 724 51.27 14.18 -64.70
CA LEU G 724 51.65 13.27 -63.63
C LEU G 724 52.83 13.79 -62.85
N ALA G 725 53.80 14.40 -63.52
CA ALA G 725 54.94 14.99 -62.83
C ALA G 725 54.49 16.11 -61.91
N ALA G 726 53.62 16.99 -62.38
CA ALA G 726 53.04 18.01 -61.54
C ALA G 726 52.26 17.41 -60.37
N LEU G 727 51.89 16.14 -60.46
CA LEU G 727 51.28 15.43 -59.34
C LEU G 727 52.31 14.67 -58.51
N GLY G 728 53.54 15.20 -58.41
CA GLY G 728 54.57 14.59 -57.61
C GLY G 728 54.98 13.19 -58.01
N GLU G 729 54.49 12.69 -59.14
CA GLU G 729 54.71 11.30 -59.52
C GLU G 729 56.04 11.05 -60.17
N MET G 730 56.48 11.92 -61.08
CA MET G 730 57.64 11.64 -61.92
C MET G 730 58.90 12.15 -61.24
N GLN G 731 59.97 11.38 -61.34
CA GLN G 731 61.24 11.78 -60.77
C GLN G 731 61.75 13.00 -61.51
N LYS G 732 61.65 14.17 -60.86
CA LYS G 732 62.18 15.37 -61.47
C LYS G 732 63.69 15.40 -61.31
N VAL G 733 64.38 15.56 -62.45
CA VAL G 733 65.82 15.75 -62.37
C VAL G 733 66.14 17.12 -61.80
N SER G 734 65.37 18.13 -62.20
CA SER G 734 65.57 19.50 -61.73
C SER G 734 64.29 20.27 -62.00
N GLY G 735 64.24 21.48 -61.45
CA GLY G 735 63.06 22.32 -61.52
C GLY G 735 62.47 22.56 -60.15
N ALA G 736 61.72 23.65 -60.04
CA ALA G 736 61.05 24.03 -58.82
C ALA G 736 59.55 24.11 -59.08
N VAL G 737 58.75 23.50 -58.21
CA VAL G 737 57.33 23.34 -58.42
C VAL G 737 56.58 23.93 -57.24
N PHE G 738 55.99 25.10 -57.43
CA PHE G 738 55.28 25.81 -56.39
C PHE G 738 53.80 25.53 -56.53
N TRP G 739 53.10 25.45 -55.40
CA TRP G 739 51.71 25.08 -55.36
C TRP G 739 50.90 26.09 -54.55
N SER G 740 49.75 26.47 -55.10
CA SER G 740 48.87 27.48 -54.49
C SER G 740 49.60 28.79 -54.24
N ARG G 766 50.37 21.15 -51.38
CA ARG G 766 49.51 20.50 -52.36
C ARG G 766 48.05 20.60 -51.94
N GLY G 767 47.16 20.20 -52.84
CA GLY G 767 45.76 20.11 -52.52
C GLY G 767 45.22 18.77 -52.92
N PRO G 768 44.08 18.38 -52.38
CA PRO G 768 43.46 17.14 -52.85
C PRO G 768 42.94 17.31 -54.26
N VAL G 769 43.86 17.48 -55.20
CA VAL G 769 43.55 17.73 -56.61
C VAL G 769 42.69 16.61 -57.16
N ALA G 770 41.53 16.96 -57.72
CA ALA G 770 40.73 15.97 -58.43
C ALA G 770 41.51 15.41 -59.60
N TYR G 771 41.15 14.21 -60.03
CA TYR G 771 41.93 13.54 -61.05
C TYR G 771 41.08 12.53 -61.82
N ALA G 772 41.30 12.48 -63.13
CA ALA G 772 40.73 11.45 -64.00
C ALA G 772 41.84 10.97 -64.92
N SER G 773 42.20 9.70 -64.82
CA SER G 773 43.37 9.19 -65.52
C SER G 773 43.13 9.19 -67.03
N GLN G 774 44.23 8.99 -67.78
CA GLN G 774 44.14 9.02 -69.23
C GLN G 774 43.31 7.85 -69.73
N LYS G 775 43.32 6.74 -69.03
CA LYS G 775 42.34 5.71 -69.24
C LYS G 775 41.38 5.66 -68.07
N PRO G 776 40.11 5.43 -68.31
CA PRO G 776 39.17 5.31 -67.20
C PRO G 776 39.51 4.17 -66.28
N TRP G 777 39.39 4.41 -64.98
CA TRP G 777 39.51 3.41 -63.95
C TRP G 777 38.27 3.46 -63.08
N LEU G 778 38.05 2.42 -62.28
CA LEU G 778 36.86 2.33 -61.46
C LEU G 778 37.12 1.46 -60.24
N LEU G 779 36.24 1.59 -59.26
CA LEU G 779 36.28 0.73 -58.09
C LEU G 779 35.30 -0.42 -58.28
N ASN G 780 35.37 -1.41 -57.41
CA ASN G 780 34.54 -2.61 -57.50
C ASN G 780 33.26 -2.44 -56.72
N ALA G 781 32.74 -1.21 -56.66
CA ALA G 781 31.64 -0.87 -55.78
C ALA G 781 30.51 -0.23 -56.58
N THR G 782 29.54 0.30 -55.85
CA THR G 782 28.35 0.89 -56.44
C THR G 782 28.72 2.02 -57.40
N VAL G 783 27.90 2.16 -58.45
CA VAL G 783 27.94 3.36 -59.27
C VAL G 783 27.96 4.59 -58.38
N GLU G 784 26.98 4.69 -57.50
CA GLU G 784 26.97 5.78 -56.53
C GLU G 784 28.24 5.76 -55.68
N GLU G 785 28.74 4.57 -55.34
CA GLU G 785 29.90 4.50 -54.45
C GLU G 785 31.10 5.17 -55.08
N ASN G 786 31.52 4.69 -56.26
CA ASN G 786 32.74 5.22 -56.86
C ASN G 786 32.53 6.64 -57.34
N ILE G 787 31.28 7.02 -57.65
CA ILE G 787 31.03 8.40 -58.02
C ILE G 787 31.19 9.32 -56.82
N ILE G 788 30.66 8.92 -55.66
CA ILE G 788 30.76 9.72 -54.46
C ILE G 788 32.20 9.87 -54.02
N PHE G 789 32.94 8.76 -53.97
CA PHE G 789 34.33 8.76 -53.54
C PHE G 789 34.48 9.41 -52.17
N GLU G 790 33.66 8.94 -51.23
CA GLU G 790 33.72 9.35 -49.82
C GLU G 790 33.49 10.85 -49.65
N SER G 791 32.42 11.35 -50.25
CA SER G 791 32.04 12.75 -50.12
C SER G 791 30.63 12.86 -49.54
N PRO G 792 30.33 13.94 -48.83
CA PRO G 792 28.96 14.14 -48.34
C PRO G 792 27.95 14.15 -49.46
N PHE G 793 27.06 13.15 -49.48
CA PHE G 793 26.16 12.97 -50.61
C PHE G 793 25.25 14.19 -50.75
N ASN G 794 25.22 14.75 -51.96
CA ASN G 794 24.42 15.93 -52.26
C ASN G 794 23.55 15.63 -53.46
N LYS G 795 22.27 15.36 -53.21
CA LYS G 795 21.32 15.09 -54.30
C LYS G 795 21.47 16.10 -55.43
N GLN G 796 21.53 17.40 -55.08
CA GLN G 796 21.69 18.43 -56.08
C GLN G 796 22.99 18.26 -56.86
N ARG G 797 24.12 18.28 -56.15
CA ARG G 797 25.41 18.08 -56.81
C ARG G 797 25.47 16.74 -57.52
N TYR G 798 24.86 15.71 -56.92
CA TYR G 798 24.90 14.37 -57.51
C TYR G 798 24.23 14.35 -58.89
N LYS G 799 22.93 14.66 -58.93
CA LYS G 799 22.24 14.63 -60.22
C LYS G 799 22.77 15.69 -61.17
N MET G 800 23.26 16.82 -60.64
CA MET G 800 23.88 17.82 -61.50
C MET G 800 25.07 17.24 -62.25
N VAL G 801 25.97 16.58 -61.51
CA VAL G 801 27.11 15.94 -62.15
C VAL G 801 26.67 14.89 -63.15
N ILE G 802 25.63 14.12 -62.81
CA ILE G 802 25.24 13.03 -63.70
C ILE G 802 24.67 13.58 -65.00
N GLU G 803 23.75 14.54 -64.90
CA GLU G 803 23.20 15.17 -66.09
C GLU G 803 24.25 15.93 -66.87
N ALA G 804 25.32 16.38 -66.21
CA ALA G 804 26.47 16.91 -66.94
C ALA G 804 27.10 15.82 -67.80
N CYS G 805 27.37 14.67 -67.20
CA CYS G 805 27.87 13.53 -67.97
C CYS G 805 26.79 12.84 -68.79
N SER G 806 25.51 13.17 -68.56
CA SER G 806 24.39 12.62 -69.31
C SER G 806 24.40 11.09 -69.27
N LEU G 807 24.58 10.59 -68.06
CA LEU G 807 24.66 9.16 -67.81
C LEU G 807 23.31 8.56 -67.44
N GLN G 808 22.31 9.39 -67.16
CA GLN G 808 21.00 8.91 -66.76
C GLN G 808 20.44 7.81 -67.67
N PRO G 809 20.49 7.93 -69.01
CA PRO G 809 19.99 6.82 -69.83
C PRO G 809 20.74 5.53 -69.59
N ASP G 810 22.05 5.62 -69.37
CA ASP G 810 22.85 4.44 -69.07
C ASP G 810 22.64 3.95 -67.65
N ILE G 811 22.19 4.81 -66.75
CA ILE G 811 21.87 4.34 -65.41
C ILE G 811 20.55 3.58 -65.42
N ASP G 812 19.57 4.06 -66.18
CA ASP G 812 18.30 3.34 -66.29
C ASP G 812 18.50 1.93 -66.84
N ILE G 813 19.40 1.75 -67.80
CA ILE G 813 19.59 0.44 -68.41
C ILE G 813 20.30 -0.53 -67.46
N LEU G 814 20.91 -0.04 -66.39
CA LEU G 814 21.59 -0.90 -65.44
C LEU G 814 20.59 -1.75 -64.66
N PRO G 815 20.96 -2.98 -64.28
CA PRO G 815 20.00 -3.82 -63.54
C PRO G 815 19.55 -3.20 -62.23
N HIS G 816 20.47 -2.65 -61.46
CA HIS G 816 20.14 -1.95 -60.23
C HIS G 816 20.37 -0.44 -60.34
N GLY G 817 20.45 0.08 -61.56
CA GLY G 817 20.53 1.51 -61.79
C GLY G 817 21.67 2.18 -61.05
N ASP G 818 21.33 3.03 -60.08
CA ASP G 818 22.35 3.72 -59.30
C ASP G 818 23.09 2.75 -58.39
N GLN G 819 22.35 1.88 -57.71
CA GLN G 819 22.97 0.93 -56.77
C GLN G 819 23.33 -0.37 -57.49
N THR G 820 24.03 -0.21 -58.61
CA THR G 820 24.57 -1.33 -59.37
C THR G 820 26.05 -1.48 -59.01
N GLN G 821 26.40 -2.64 -58.45
CA GLN G 821 27.81 -2.93 -58.16
C GLN G 821 28.53 -3.17 -59.48
N ILE G 822 29.59 -2.41 -59.71
CA ILE G 822 30.32 -2.48 -60.96
C ILE G 822 31.79 -2.71 -60.65
N GLY G 823 32.51 -3.27 -61.60
CA GLY G 823 33.95 -3.38 -61.48
C GLY G 823 34.45 -4.72 -61.96
N GLU G 824 35.72 -4.99 -61.63
CA GLU G 824 36.29 -6.30 -61.89
C GLU G 824 35.51 -7.39 -61.15
N ARG G 825 34.92 -7.04 -60.01
CA ARG G 825 33.95 -7.90 -59.36
C ARG G 825 32.53 -7.62 -59.85
N GLY G 826 32.16 -6.36 -60.03
CA GLY G 826 30.86 -6.00 -60.56
C GLY G 826 30.74 -6.32 -62.04
N ILE G 827 29.73 -5.72 -62.64
CA ILE G 827 29.39 -6.00 -64.04
C ILE G 827 30.19 -5.08 -64.96
N ASN G 828 30.57 -5.61 -66.11
CA ASN G 828 31.34 -4.88 -67.11
C ASN G 828 30.43 -4.03 -67.98
N LEU G 829 31.04 -3.03 -68.63
CA LEU G 829 30.27 -2.08 -69.41
C LEU G 829 31.22 -1.34 -70.35
N SER G 830 30.64 -0.58 -71.26
CA SER G 830 31.43 0.08 -72.30
C SER G 830 32.35 1.14 -71.69
N GLY G 831 33.52 1.29 -72.32
CA GLY G 831 34.48 2.28 -71.89
C GLY G 831 33.95 3.69 -72.00
N GLY G 832 32.86 3.89 -72.74
CA GLY G 832 32.22 5.19 -72.74
C GLY G 832 31.66 5.54 -71.38
N GLN G 833 30.84 4.63 -70.82
CA GLN G 833 30.38 4.82 -69.45
C GLN G 833 31.56 4.93 -68.50
N ARG G 834 32.60 4.13 -68.74
CA ARG G 834 33.79 4.17 -67.89
C ARG G 834 34.38 5.57 -67.87
N GLN G 835 34.52 6.18 -69.05
CA GLN G 835 35.11 7.51 -69.14
C GLN G 835 34.21 8.54 -68.49
N ARG G 836 32.91 8.45 -68.73
CA ARG G 836 31.99 9.43 -68.14
C ARG G 836 32.02 9.35 -66.62
N ILE G 837 32.12 8.15 -66.07
CA ILE G 837 32.19 7.98 -64.63
C ILE G 837 33.50 8.53 -64.08
N SER G 838 34.60 8.25 -64.77
CA SER G 838 35.87 8.85 -64.36
C SER G 838 35.77 10.36 -64.31
N VAL G 839 35.14 10.97 -65.31
CA VAL G 839 34.99 12.42 -65.29
C VAL G 839 34.13 12.85 -64.12
N ALA G 840 33.02 12.15 -63.90
CA ALA G 840 32.15 12.46 -62.77
C ALA G 840 32.89 12.40 -61.45
N ARG G 841 33.88 11.51 -61.36
CA ARG G 841 34.68 11.41 -60.14
C ARG G 841 35.30 12.76 -59.78
N ALA G 842 35.91 13.42 -60.76
CA ALA G 842 36.50 14.73 -60.50
C ALA G 842 35.45 15.82 -60.45
N LEU G 843 34.35 15.65 -61.17
CA LEU G 843 33.31 16.68 -61.18
C LEU G 843 32.67 16.81 -59.81
N TYR G 844 32.08 15.73 -59.32
CA TYR G 844 31.50 15.70 -57.99
C TYR G 844 32.54 15.82 -56.89
N GLN G 845 33.83 15.84 -57.26
CA GLN G 845 34.87 15.83 -56.25
C GLN G 845 34.85 17.10 -55.42
N HIS G 846 34.31 18.19 -55.96
CA HIS G 846 34.22 19.47 -55.28
C HIS G 846 35.60 20.08 -55.03
N ALA G 847 36.65 19.48 -55.58
CA ALA G 847 38.01 19.94 -55.31
C ALA G 847 38.26 21.30 -55.93
N ASN G 848 39.16 22.08 -55.31
CA ASN G 848 39.50 23.40 -55.81
C ASN G 848 40.20 23.29 -57.16
N VAL G 849 41.35 22.61 -57.20
CA VAL G 849 42.09 22.38 -58.42
C VAL G 849 41.65 21.06 -58.99
N VAL G 850 40.84 21.11 -60.05
CA VAL G 850 40.31 19.93 -60.71
C VAL G 850 41.20 19.64 -61.91
N PHE G 851 41.26 18.37 -62.29
CA PHE G 851 42.21 17.92 -63.31
C PHE G 851 41.57 16.81 -64.14
N LEU G 852 41.78 16.87 -65.46
CA LEU G 852 41.26 15.87 -66.38
C LEU G 852 42.35 15.47 -67.36
N ASP G 853 42.33 14.21 -67.80
CA ASP G 853 43.24 13.70 -68.81
C ASP G 853 42.42 12.96 -69.87
N ASP G 854 42.38 13.54 -71.07
CA ASP G 854 41.73 12.98 -72.24
C ASP G 854 40.30 12.53 -71.96
N PRO G 855 39.45 13.37 -71.36
CA PRO G 855 38.09 12.94 -71.05
C PRO G 855 37.22 12.75 -72.28
N PHE G 856 37.76 12.99 -73.47
CA PHE G 856 36.97 13.00 -74.69
C PHE G 856 37.27 11.84 -75.62
N SER G 857 38.31 11.06 -75.34
CA SER G 857 38.74 10.02 -76.27
C SER G 857 37.62 9.04 -76.56
N ALA G 858 37.00 8.50 -75.51
CA ALA G 858 35.97 7.48 -75.72
C ALA G 858 34.70 8.07 -76.30
N LEU G 859 34.23 9.20 -75.75
CA LEU G 859 32.94 9.74 -76.12
C LEU G 859 32.91 10.18 -77.58
N ASP G 860 31.73 10.08 -78.18
CA ASP G 860 31.52 10.63 -79.51
C ASP G 860 31.17 12.12 -79.36
N ILE G 861 30.87 12.78 -80.48
CA ILE G 861 30.73 14.22 -80.45
C ILE G 861 29.47 14.64 -79.70
N HIS G 862 28.41 13.83 -79.77
CA HIS G 862 27.22 14.13 -78.98
C HIS G 862 27.56 14.30 -77.52
N LEU G 863 28.11 13.24 -76.90
CA LEU G 863 28.38 13.26 -75.48
C LEU G 863 29.54 14.19 -75.16
N SER G 864 30.50 14.32 -76.07
CA SER G 864 31.60 15.25 -75.83
C SER G 864 31.09 16.68 -75.71
N ASP G 865 30.29 17.11 -76.69
CA ASP G 865 29.71 18.46 -76.62
C ASP G 865 28.87 18.61 -75.37
N HIS G 866 27.95 17.69 -75.12
CA HIS G 866 27.06 17.86 -73.97
C HIS G 866 27.86 17.92 -72.68
N LEU G 867 28.79 17.01 -72.50
CA LEU G 867 29.60 16.99 -71.29
C LEU G 867 30.38 18.28 -71.15
N MET G 868 31.20 18.61 -72.15
CA MET G 868 32.00 19.81 -71.99
C MET G 868 31.14 21.03 -71.74
N GLN G 869 30.11 21.25 -72.55
CA GLN G 869 29.24 22.39 -72.29
C GLN G 869 28.71 22.37 -70.87
N ALA G 870 27.88 21.38 -70.53
CA ALA G 870 27.23 21.38 -69.23
C ALA G 870 28.25 21.39 -68.09
N GLY G 871 29.05 20.34 -67.97
CA GLY G 871 29.99 20.23 -66.89
C GLY G 871 31.06 21.29 -66.83
N ILE G 872 31.79 21.52 -67.93
CA ILE G 872 32.88 22.48 -67.90
C ILE G 872 32.34 23.89 -67.68
N LEU G 873 31.19 24.20 -68.28
CA LEU G 873 30.58 25.49 -68.05
C LEU G 873 30.09 25.62 -66.62
N GLU G 874 29.77 24.49 -65.97
CA GLU G 874 29.44 24.54 -64.55
C GLU G 874 30.69 24.75 -63.70
N LEU G 875 31.81 24.14 -64.10
CA LEU G 875 33.06 24.33 -63.40
C LEU G 875 33.49 25.79 -63.46
N LEU G 876 33.60 26.34 -64.68
CA LEU G 876 33.80 27.77 -64.86
C LEU G 876 32.67 28.59 -64.27
N ARG G 877 31.51 27.98 -64.03
CA ARG G 877 30.43 28.66 -63.33
C ARG G 877 30.69 28.70 -61.83
N ASP G 878 31.41 27.72 -61.29
CA ASP G 878 31.89 27.83 -59.92
C ASP G 878 32.84 29.02 -59.80
N ASP G 879 32.97 29.54 -58.57
CA ASP G 879 33.66 30.81 -58.35
C ASP G 879 35.10 30.76 -58.84
N LYS G 880 35.88 29.84 -58.29
CA LYS G 880 37.31 29.79 -58.59
C LYS G 880 37.75 28.35 -58.77
N ARG G 881 36.83 27.45 -59.14
CA ARG G 881 37.14 26.04 -59.27
C ARG G 881 38.00 25.85 -60.50
N THR G 882 39.31 26.03 -60.33
CA THR G 882 40.24 25.84 -61.42
C THR G 882 40.18 24.39 -61.92
N VAL G 883 40.04 24.24 -63.22
CA VAL G 883 39.99 22.92 -63.86
C VAL G 883 40.95 22.91 -65.04
N VAL G 884 41.79 21.88 -65.10
CA VAL G 884 42.82 21.73 -66.11
C VAL G 884 42.56 20.42 -66.84
N LEU G 885 42.76 20.42 -68.15
CA LEU G 885 42.52 19.22 -68.93
C LEU G 885 43.44 19.17 -70.15
N VAL G 886 43.26 18.10 -70.93
CA VAL G 886 43.90 17.93 -72.22
C VAL G 886 42.85 17.37 -73.18
N THR G 887 43.16 17.46 -74.47
CA THR G 887 42.21 17.07 -75.51
C THR G 887 42.95 16.55 -76.73
N HIS G 888 42.23 15.77 -77.54
CA HIS G 888 42.69 15.35 -78.86
C HIS G 888 42.05 16.14 -79.99
N LYS G 889 40.98 16.88 -79.72
CA LYS G 889 40.35 17.75 -80.71
C LYS G 889 40.56 19.20 -80.30
N LEU G 890 40.65 20.08 -81.30
CA LEU G 890 41.03 21.47 -81.09
C LEU G 890 39.89 22.45 -81.30
N GLN G 891 38.65 21.94 -81.37
CA GLN G 891 37.52 22.81 -81.68
C GLN G 891 37.20 23.74 -80.51
N TYR G 892 37.36 23.25 -79.29
CA TYR G 892 37.12 24.05 -78.09
C TYR G 892 38.29 24.93 -77.72
N LEU G 893 39.29 25.02 -78.58
CA LEU G 893 40.43 25.89 -78.29
C LEU G 893 40.06 27.36 -78.21
N PRO G 894 39.08 27.87 -78.96
CA PRO G 894 38.54 29.20 -78.62
C PRO G 894 37.70 29.20 -77.36
N HIS G 895 37.43 28.05 -76.77
CA HIS G 895 36.75 27.98 -75.47
C HIS G 895 37.73 27.86 -74.32
N ALA G 896 39.00 27.61 -74.59
CA ALA G 896 40.00 27.55 -73.55
C ALA G 896 40.38 28.97 -73.13
N ASP G 897 40.79 29.10 -71.86
CA ASP G 897 41.28 30.38 -71.35
C ASP G 897 42.78 30.49 -71.50
N TRP G 898 43.51 29.54 -70.91
CA TRP G 898 44.94 29.43 -71.06
C TRP G 898 45.24 28.17 -71.87
N ILE G 899 46.39 28.13 -72.51
CA ILE G 899 46.74 27.00 -73.36
C ILE G 899 48.21 26.68 -73.14
N ILE G 900 48.55 25.40 -73.17
CA ILE G 900 49.93 24.95 -73.15
C ILE G 900 50.16 24.05 -74.35
N ALA G 901 51.17 24.36 -75.14
CA ALA G 901 51.52 23.59 -76.33
C ALA G 901 52.89 22.97 -76.10
N MET G 902 53.00 21.68 -76.36
CA MET G 902 54.27 20.96 -76.25
C MET G 902 54.36 19.87 -77.31
N LYS G 903 55.59 19.47 -77.59
CA LYS G 903 55.85 18.41 -78.56
C LYS G 903 57.19 17.77 -78.22
N ASP G 904 57.21 16.45 -78.19
CA ASP G 904 58.42 15.68 -77.91
C ASP G 904 59.00 16.07 -76.55
N GLY G 905 58.14 16.13 -75.55
CA GLY G 905 58.57 16.33 -74.18
C GLY G 905 59.09 17.72 -73.85
N THR G 906 58.70 18.74 -74.60
CA THR G 906 59.12 20.11 -74.33
C THR G 906 58.01 21.07 -74.69
N ILE G 907 57.73 22.01 -73.78
CA ILE G 907 56.72 23.03 -74.05
C ILE G 907 57.12 23.84 -75.27
N GLN G 908 56.12 24.33 -76.00
CA GLN G 908 56.34 25.14 -77.18
C GLN G 908 55.79 26.54 -76.98
N ARG G 909 54.52 26.66 -76.60
CA ARG G 909 53.83 27.95 -76.56
C ARG G 909 52.80 27.97 -75.44
N GLU G 910 52.21 29.15 -75.27
CA GLU G 910 51.18 29.37 -74.28
C GLU G 910 50.63 30.78 -74.47
N GLY G 911 49.36 30.95 -74.12
CA GLY G 911 48.68 32.20 -74.38
C GLY G 911 47.52 32.02 -75.34
N THR G 912 46.38 32.64 -75.02
CA THR G 912 45.15 32.30 -75.73
C THR G 912 45.15 32.78 -77.17
N LEU G 913 45.13 34.10 -77.39
CA LEU G 913 44.87 34.64 -78.71
C LEU G 913 46.11 35.30 -79.32
N LYS G 914 46.71 36.27 -78.64
CA LYS G 914 47.83 36.98 -79.22
C LYS G 914 49.05 36.07 -79.37
N ASP G 915 49.31 35.24 -78.37
CA ASP G 915 50.46 34.36 -78.41
C ASP G 915 50.29 33.27 -79.47
N PHE G 916 49.05 32.95 -79.83
CA PHE G 916 48.84 32.00 -80.91
C PHE G 916 49.11 32.63 -82.27
N GLN G 917 48.57 33.82 -82.52
CA GLN G 917 48.59 34.39 -83.87
C GLN G 917 50.00 34.54 -84.40
N ARG G 918 51.00 34.56 -83.52
CA ARG G 918 52.38 34.71 -83.98
C ARG G 918 52.85 33.47 -84.73
N SER G 919 52.21 32.33 -84.48
CA SER G 919 52.53 31.12 -85.24
C SER G 919 51.66 31.00 -86.48
N GLU G 920 52.26 31.06 -87.66
CA GLU G 920 51.56 30.64 -88.87
C GLU G 920 51.53 29.12 -88.96
N CYS G 921 52.60 28.46 -88.52
CA CYS G 921 52.72 27.02 -88.68
C CYS G 921 51.79 26.28 -87.73
N GLN G 922 51.95 26.51 -86.42
CA GLN G 922 51.12 25.82 -85.44
C GLN G 922 49.64 26.14 -85.65
N LEU G 923 49.34 27.36 -86.08
CA LEU G 923 47.95 27.77 -86.19
C LEU G 923 47.34 27.32 -87.50
N PHE G 924 48.17 27.13 -88.53
CA PHE G 924 47.68 26.46 -89.73
C PHE G 924 47.48 24.98 -89.47
N GLU G 925 48.32 24.40 -88.60
CA GLU G 925 48.09 23.03 -88.15
C GLU G 925 46.75 22.91 -87.45
N HIS G 926 46.50 23.77 -86.46
CA HIS G 926 45.19 23.85 -85.84
C HIS G 926 44.10 24.21 -86.85
N TRP G 927 44.49 24.81 -87.97
CA TRP G 927 43.56 25.18 -89.04
C TRP G 927 43.41 24.08 -90.09
N LYS G 928 44.24 23.03 -90.02
CA LYS G 928 44.07 21.92 -90.93
C LYS G 928 42.67 21.34 -90.82
N THR G 929 42.11 21.31 -89.62
CA THR G 929 40.73 20.88 -89.42
C THR G 929 39.75 22.03 -89.56
N LEU G 930 40.11 23.22 -89.06
CA LEU G 930 39.23 24.39 -89.12
C LEU G 930 37.85 24.11 -88.55
N GLU G 994 28.56 -38.62 -49.94
CA GLU G 994 27.69 -37.87 -50.85
C GLU G 994 28.51 -36.96 -51.76
N ILE G 995 28.42 -35.65 -51.52
CA ILE G 995 29.26 -34.71 -52.27
C ILE G 995 30.75 -35.00 -52.12
N PRO G 996 31.29 -35.21 -50.91
CA PRO G 996 32.71 -35.58 -50.82
C PRO G 996 33.06 -36.86 -51.57
N TRP G 997 32.23 -37.89 -51.47
CA TRP G 997 32.49 -39.10 -52.23
C TRP G 997 32.62 -38.79 -53.72
N ARG G 998 31.69 -38.01 -54.27
CA ARG G 998 31.68 -37.72 -55.70
C ARG G 998 32.90 -36.87 -56.10
N ALA G 999 33.21 -35.84 -55.31
CA ALA G 999 34.33 -34.98 -55.66
C ALA G 999 35.64 -35.73 -55.62
N CYS G 1000 35.88 -36.51 -54.56
CA CYS G 1000 37.10 -37.30 -54.49
C CYS G 1000 37.13 -38.38 -55.56
N ALA G 1001 35.95 -38.91 -55.94
CA ALA G 1001 35.90 -39.91 -56.98
C ALA G 1001 36.28 -39.34 -58.33
N LYS G 1002 35.81 -38.13 -58.66
CA LYS G 1002 36.28 -37.50 -59.88
C LYS G 1002 37.75 -37.14 -59.82
N TYR G 1003 38.24 -36.71 -58.65
CA TYR G 1003 39.67 -36.46 -58.48
C TYR G 1003 40.48 -37.70 -58.84
N LEU G 1004 40.17 -38.83 -58.20
CA LEU G 1004 40.90 -40.06 -58.49
C LEU G 1004 40.60 -40.58 -59.89
N SER G 1005 39.42 -40.26 -60.43
CA SER G 1005 39.10 -40.60 -61.80
C SER G 1005 40.06 -39.94 -62.78
N SER G 1006 40.48 -38.71 -62.47
CA SER G 1006 41.56 -38.10 -63.22
C SER G 1006 42.79 -38.99 -63.26
N ALA G 1007 43.02 -39.77 -62.21
CA ALA G 1007 44.09 -40.75 -62.18
C ALA G 1007 43.60 -42.08 -62.75
N GLY G 1008 44.56 -42.87 -63.23
CA GLY G 1008 44.22 -44.18 -63.75
C GLY G 1008 43.61 -45.07 -62.68
N ILE G 1009 42.68 -45.93 -63.09
CA ILE G 1009 42.08 -46.87 -62.15
C ILE G 1009 43.15 -47.75 -61.54
N LEU G 1010 44.23 -48.01 -62.29
CA LEU G 1010 45.32 -48.83 -61.78
C LEU G 1010 46.03 -48.14 -60.62
N LEU G 1011 46.03 -46.80 -60.62
CA LEU G 1011 46.49 -46.03 -59.47
C LEU G 1011 45.60 -46.24 -58.25
N LEU G 1012 44.28 -46.32 -58.46
CA LEU G 1012 43.40 -46.63 -57.34
C LEU G 1012 43.73 -48.00 -56.77
N SER G 1013 43.87 -49.00 -57.65
CA SER G 1013 44.26 -50.32 -57.17
C SER G 1013 45.57 -50.27 -56.40
N LEU G 1014 46.62 -49.71 -57.01
CA LEU G 1014 47.94 -49.75 -56.40
C LEU G 1014 47.95 -49.02 -55.06
N LEU G 1015 47.35 -47.83 -55.01
CA LEU G 1015 47.27 -47.07 -53.76
C LEU G 1015 46.56 -47.86 -52.66
N VAL G 1016 45.38 -48.39 -52.98
CA VAL G 1016 44.59 -49.05 -51.93
C VAL G 1016 45.28 -50.30 -51.43
N PHE G 1017 45.71 -51.16 -52.35
CA PHE G 1017 46.45 -52.36 -51.93
C PHE G 1017 47.69 -51.97 -51.14
N SER G 1018 48.39 -50.91 -51.56
CA SER G 1018 49.60 -50.50 -50.85
C SER G 1018 49.30 -50.14 -49.41
N GLN G 1019 48.41 -49.18 -49.20
CA GLN G 1019 48.04 -48.79 -47.84
C GLN G 1019 47.62 -50.00 -47.01
N LEU G 1020 46.63 -50.75 -47.51
CA LEU G 1020 46.06 -51.84 -46.74
C LEU G 1020 47.12 -52.86 -46.35
N LEU G 1021 47.77 -53.47 -47.36
CA LEU G 1021 48.77 -54.48 -47.09
C LEU G 1021 49.88 -53.92 -46.21
N LYS G 1022 50.31 -52.68 -46.47
CA LYS G 1022 51.34 -52.03 -45.67
C LYS G 1022 51.01 -52.12 -44.19
N HIS G 1023 49.90 -51.51 -43.79
CA HIS G 1023 49.67 -51.35 -42.37
C HIS G 1023 49.10 -52.61 -41.75
N MET G 1024 48.47 -53.47 -42.55
CA MET G 1024 48.11 -54.79 -42.05
C MET G 1024 49.35 -55.62 -41.78
N VAL G 1025 50.42 -55.41 -42.55
CA VAL G 1025 51.69 -56.04 -42.24
C VAL G 1025 52.36 -55.42 -41.04
N LEU G 1026 52.23 -54.10 -40.85
CA LEU G 1026 52.67 -53.50 -39.59
C LEU G 1026 52.03 -54.20 -38.40
N VAL G 1027 50.70 -54.29 -38.42
CA VAL G 1027 49.96 -54.99 -37.37
C VAL G 1027 50.43 -56.43 -37.27
N ALA G 1028 50.59 -57.10 -38.40
CA ALA G 1028 51.01 -58.50 -38.37
C ALA G 1028 52.34 -58.65 -37.68
N ILE G 1029 53.34 -57.89 -38.10
CA ILE G 1029 54.69 -58.04 -37.58
C ILE G 1029 54.73 -57.74 -36.09
N ASP G 1030 54.04 -56.70 -35.62
CA ASP G 1030 54.22 -56.39 -34.21
C ASP G 1030 53.28 -57.22 -33.31
N TYR G 1031 52.05 -57.48 -33.76
CA TYR G 1031 51.20 -58.40 -33.01
C TYR G 1031 51.78 -59.81 -33.00
N TRP G 1032 52.65 -60.11 -33.95
CA TRP G 1032 53.33 -61.39 -33.97
C TRP G 1032 54.63 -61.33 -33.18
N LEU G 1033 55.21 -60.14 -33.03
CA LEU G 1033 56.19 -59.91 -31.97
C LEU G 1033 55.60 -60.19 -30.60
N ALA G 1034 54.30 -59.94 -30.45
CA ALA G 1034 53.64 -60.38 -29.22
C ALA G 1034 53.85 -61.87 -28.99
N LYS G 1035 53.80 -62.66 -30.06
CA LYS G 1035 54.11 -64.09 -29.98
C LYS G 1035 55.59 -64.35 -29.75
N TRP G 1036 56.44 -63.33 -29.89
CA TRP G 1036 57.87 -63.44 -29.68
C TRP G 1036 58.26 -63.29 -28.21
N THR G 1037 57.45 -62.61 -27.41
CA THR G 1037 57.76 -62.39 -26.00
C THR G 1037 57.41 -63.56 -25.11
N ASP G 1038 57.20 -64.75 -25.66
CA ASP G 1038 57.00 -65.93 -24.83
C ASP G 1038 57.53 -67.17 -25.54
N THR G 1061 67.06 -66.88 -34.35
CA THR G 1061 66.04 -67.90 -34.24
C THR G 1061 65.17 -67.92 -35.49
N VAL G 1062 64.24 -68.88 -35.54
CA VAL G 1062 63.34 -69.00 -36.68
C VAL G 1062 62.41 -67.78 -36.75
N TYR G 1063 61.57 -67.63 -35.73
CA TYR G 1063 60.72 -66.45 -35.63
C TYR G 1063 61.52 -65.18 -35.85
N ALA G 1064 62.77 -65.16 -35.37
CA ALA G 1064 63.62 -63.99 -35.57
C ALA G 1064 63.82 -63.70 -37.05
N MET G 1065 64.22 -64.71 -37.82
CA MET G 1065 64.54 -64.49 -39.23
C MET G 1065 63.30 -64.08 -40.02
N VAL G 1066 62.17 -64.72 -39.73
CA VAL G 1066 60.97 -64.35 -40.48
C VAL G 1066 60.41 -63.02 -39.99
N PHE G 1067 60.64 -62.69 -38.72
CA PHE G 1067 60.41 -61.35 -38.22
C PHE G 1067 61.14 -60.32 -39.06
N THR G 1068 62.43 -60.57 -39.32
CA THR G 1068 63.21 -59.68 -40.17
C THR G 1068 62.63 -59.59 -41.58
N VAL G 1069 62.19 -60.72 -42.14
CA VAL G 1069 61.68 -60.64 -43.49
C VAL G 1069 60.35 -59.89 -43.49
N LEU G 1070 59.59 -59.96 -42.40
CA LEU G 1070 58.41 -59.12 -42.28
C LEU G 1070 58.79 -57.65 -42.25
N CYS G 1071 59.85 -57.30 -41.51
CA CYS G 1071 60.34 -55.93 -41.54
C CYS G 1071 60.63 -55.48 -42.98
N SER G 1072 61.36 -56.32 -43.71
CA SER G 1072 61.72 -55.98 -45.09
C SER G 1072 60.48 -55.78 -45.95
N LEU G 1073 59.48 -56.64 -45.77
CA LEU G 1073 58.24 -56.47 -46.50
C LEU G 1073 57.62 -55.12 -46.16
N GLY G 1074 57.60 -54.78 -44.87
CA GLY G 1074 57.06 -53.49 -44.47
C GLY G 1074 57.73 -52.34 -45.18
N ILE G 1075 59.06 -52.39 -45.26
CA ILE G 1075 59.79 -51.24 -45.80
C ILE G 1075 59.57 -51.13 -47.31
N VAL G 1076 59.60 -52.26 -48.03
CA VAL G 1076 59.39 -52.19 -49.47
C VAL G 1076 57.96 -51.74 -49.78
N LEU G 1077 57.01 -52.17 -48.95
CA LEU G 1077 55.62 -51.83 -49.22
C LEU G 1077 55.36 -50.36 -48.87
N CYS G 1078 56.06 -49.83 -47.88
CA CYS G 1078 56.01 -48.39 -47.65
C CYS G 1078 56.54 -47.62 -48.86
N LEU G 1079 57.62 -48.11 -49.46
CA LEU G 1079 58.18 -47.39 -50.60
C LEU G 1079 57.22 -47.38 -51.78
N VAL G 1080 56.68 -48.54 -52.14
CA VAL G 1080 55.70 -48.54 -53.23
C VAL G 1080 54.51 -47.65 -52.88
N THR G 1081 54.10 -47.65 -51.62
CA THR G 1081 53.00 -46.80 -51.18
C THR G 1081 53.28 -45.33 -51.50
N SER G 1082 54.37 -44.80 -50.94
CA SER G 1082 54.66 -43.38 -51.09
C SER G 1082 54.85 -43.00 -52.55
N VAL G 1083 55.53 -43.86 -53.32
CA VAL G 1083 55.74 -43.58 -54.73
C VAL G 1083 54.40 -43.48 -55.46
N THR G 1084 53.49 -44.42 -55.17
CA THR G 1084 52.18 -44.37 -55.79
C THR G 1084 51.49 -43.06 -55.45
N VAL G 1085 51.61 -42.64 -54.19
CA VAL G 1085 50.97 -41.41 -53.74
C VAL G 1085 51.44 -40.22 -54.58
N GLU G 1086 52.75 -40.01 -54.61
CA GLU G 1086 53.27 -38.87 -55.35
C GLU G 1086 52.88 -38.93 -56.82
N TRP G 1087 52.98 -40.13 -57.43
CA TRP G 1087 52.77 -40.22 -58.87
C TRP G 1087 51.31 -39.96 -59.22
N THR G 1088 50.38 -40.45 -58.40
CA THR G 1088 48.97 -40.19 -58.69
C THR G 1088 48.64 -38.73 -58.48
N GLY G 1089 49.18 -38.10 -57.43
CA GLY G 1089 48.96 -36.67 -57.27
C GLY G 1089 49.42 -35.89 -58.48
N LEU G 1090 50.60 -36.22 -58.99
CA LEU G 1090 51.14 -35.49 -60.14
C LEU G 1090 50.31 -35.73 -61.39
N LYS G 1091 49.90 -36.98 -61.63
CA LYS G 1091 49.11 -37.28 -62.83
C LYS G 1091 47.77 -36.56 -62.79
N VAL G 1092 47.12 -36.57 -61.63
CA VAL G 1092 45.86 -35.87 -61.50
C VAL G 1092 46.06 -34.39 -61.77
N ALA G 1093 47.08 -33.78 -61.17
CA ALA G 1093 47.31 -32.37 -61.36
C ALA G 1093 47.53 -32.04 -62.84
N LYS G 1094 48.27 -32.89 -63.55
CA LYS G 1094 48.54 -32.67 -64.96
C LYS G 1094 47.26 -32.69 -65.77
N ARG G 1095 46.51 -33.79 -65.65
CA ARG G 1095 45.24 -33.88 -66.36
C ARG G 1095 44.34 -32.69 -66.03
N LEU G 1096 44.30 -32.30 -64.75
CA LEU G 1096 43.47 -31.17 -64.33
C LEU G 1096 43.85 -29.90 -65.07
N HIS G 1097 45.11 -29.49 -64.94
CA HIS G 1097 45.51 -28.21 -65.51
C HIS G 1097 45.28 -28.19 -67.01
N ARG G 1098 45.71 -29.25 -67.71
CA ARG G 1098 45.56 -29.26 -69.16
C ARG G 1098 44.10 -29.21 -69.56
N SER G 1099 43.28 -30.12 -69.01
CA SER G 1099 41.88 -30.17 -69.39
C SER G 1099 41.17 -28.86 -69.10
N LEU G 1100 41.45 -28.27 -67.93
CA LEU G 1100 40.79 -27.02 -67.57
C LEU G 1100 41.21 -25.89 -68.49
N LEU G 1101 42.52 -25.75 -68.73
CA LEU G 1101 43.00 -24.71 -69.62
C LEU G 1101 42.35 -24.83 -70.99
N ASN G 1102 42.29 -26.05 -71.51
CA ASN G 1102 41.66 -26.28 -72.81
C ASN G 1102 40.19 -25.87 -72.78
N ARG G 1103 39.43 -26.41 -71.83
CA ARG G 1103 38.00 -26.13 -71.82
C ARG G 1103 37.71 -24.65 -71.61
N ILE G 1104 38.60 -23.96 -70.89
CA ILE G 1104 38.39 -22.55 -70.61
C ILE G 1104 38.66 -21.71 -71.84
N ILE G 1105 39.86 -21.84 -72.42
CA ILE G 1105 40.18 -21.04 -73.60
C ILE G 1105 39.15 -21.26 -74.70
N LEU G 1106 38.63 -22.47 -74.80
CA LEU G 1106 37.64 -22.81 -75.81
C LEU G 1106 36.25 -22.29 -75.52
N ALA G 1107 36.02 -21.67 -74.37
CA ALA G 1107 34.70 -21.15 -74.08
C ALA G 1107 34.40 -19.94 -74.95
N PRO G 1108 33.15 -19.71 -75.33
CA PRO G 1108 32.86 -18.56 -76.20
C PRO G 1108 32.95 -17.22 -75.49
N MET G 1109 32.65 -16.14 -76.21
CA MET G 1109 32.82 -14.81 -75.64
C MET G 1109 31.71 -14.47 -74.67
N ARG G 1110 30.55 -15.11 -74.80
CA ARG G 1110 29.47 -14.85 -73.86
C ARG G 1110 29.91 -15.13 -72.43
N PHE G 1111 30.67 -16.20 -72.23
CA PHE G 1111 31.18 -16.51 -70.90
C PHE G 1111 32.12 -15.43 -70.39
N PHE G 1112 33.13 -15.09 -71.19
CA PHE G 1112 34.12 -14.11 -70.76
C PHE G 1112 33.48 -12.77 -70.46
N GLU G 1113 32.58 -12.31 -71.32
CA GLU G 1113 31.91 -11.03 -71.09
C GLU G 1113 30.91 -11.11 -69.95
N THR G 1114 30.40 -12.31 -69.66
CA THR G 1114 29.46 -12.45 -68.56
C THR G 1114 30.19 -12.65 -67.24
N THR G 1115 31.06 -13.66 -67.17
CA THR G 1115 31.79 -13.98 -65.96
C THR G 1115 32.88 -12.95 -65.67
N PRO G 1116 33.03 -12.55 -64.41
CA PRO G 1116 34.16 -11.69 -64.03
C PRO G 1116 35.47 -12.44 -64.07
N LEU G 1117 36.52 -11.75 -64.53
CA LEU G 1117 37.78 -12.43 -64.82
C LEU G 1117 38.45 -12.94 -63.56
N GLY G 1118 38.39 -12.18 -62.46
CA GLY G 1118 39.07 -12.58 -61.24
C GLY G 1118 38.69 -13.97 -60.79
N SER G 1119 37.39 -14.29 -60.86
CA SER G 1119 36.94 -15.62 -60.44
C SER G 1119 37.58 -16.70 -61.30
N ILE G 1120 37.22 -16.74 -62.59
CA ILE G 1120 37.73 -17.76 -63.48
C ILE G 1120 39.25 -17.83 -63.49
N LEU G 1121 39.92 -16.71 -63.20
CA LEU G 1121 41.37 -16.66 -63.09
C LEU G 1121 41.88 -17.33 -61.84
N ASN G 1122 41.17 -17.18 -60.72
CA ASN G 1122 41.67 -17.67 -59.45
C ASN G 1122 41.81 -19.19 -59.46
N ARG G 1123 41.05 -19.87 -60.32
CA ARG G 1123 41.08 -21.33 -60.31
C ARG G 1123 42.38 -21.85 -60.90
N PHE G 1124 43.01 -21.07 -61.78
CA PHE G 1124 44.37 -21.38 -62.20
C PHE G 1124 45.38 -20.78 -61.22
N SER G 1125 45.07 -19.61 -60.68
CA SER G 1125 46.02 -18.88 -59.85
C SER G 1125 46.32 -19.61 -58.55
N SER G 1126 45.30 -19.83 -57.73
CA SER G 1126 45.44 -20.38 -56.39
C SER G 1126 44.84 -21.77 -56.24
N ASP G 1127 43.76 -22.06 -56.96
CA ASP G 1127 43.10 -23.36 -56.80
C ASP G 1127 43.94 -24.49 -57.35
N CYS G 1128 44.45 -24.31 -58.58
CA CYS G 1128 45.35 -25.31 -59.13
C CYS G 1128 46.64 -25.38 -58.33
N ASN G 1129 47.09 -24.26 -57.77
CA ASN G 1129 48.24 -24.27 -56.87
C ASN G 1129 47.98 -25.14 -55.65
N THR G 1130 46.88 -24.86 -54.94
CA THR G 1130 46.43 -25.70 -53.85
C THR G 1130 46.48 -27.16 -54.23
N ILE G 1131 45.82 -27.51 -55.33
CA ILE G 1131 45.78 -28.90 -55.76
C ILE G 1131 47.20 -29.44 -55.91
N ASP G 1132 47.94 -28.91 -56.88
CA ASP G 1132 49.14 -29.55 -57.35
C ASP G 1132 50.29 -29.47 -56.36
N GLN G 1133 50.18 -28.69 -55.28
CA GLN G 1133 51.27 -28.81 -54.30
C GLN G 1133 50.77 -28.93 -52.87
N HIS G 1134 49.51 -29.30 -52.65
CA HIS G 1134 49.08 -29.65 -51.31
C HIS G 1134 48.17 -30.87 -51.24
N ILE G 1135 47.58 -31.32 -52.35
CA ILE G 1135 46.70 -32.49 -52.26
C ILE G 1135 47.47 -33.70 -51.77
N PRO G 1136 48.58 -34.10 -52.41
CA PRO G 1136 49.24 -35.35 -51.97
C PRO G 1136 49.60 -35.34 -50.51
N SER G 1137 50.06 -34.20 -49.99
CA SER G 1137 50.38 -34.11 -48.57
C SER G 1137 49.16 -34.45 -47.72
N THR G 1138 48.04 -33.77 -47.98
CA THR G 1138 46.84 -33.99 -47.18
C THR G 1138 46.31 -35.39 -47.37
N LEU G 1139 46.34 -35.91 -48.59
CA LEU G 1139 45.82 -37.24 -48.86
C LEU G 1139 46.63 -38.30 -48.14
N GLU G 1140 47.96 -38.21 -48.16
CA GLU G 1140 48.75 -39.19 -47.42
C GLU G 1140 48.58 -39.04 -45.92
N CYS G 1141 48.49 -37.81 -45.43
CA CYS G 1141 48.21 -37.61 -44.01
C CYS G 1141 46.92 -38.32 -43.62
N LEU G 1142 45.83 -38.01 -44.33
CA LEU G 1142 44.55 -38.65 -44.06
C LEU G 1142 44.63 -40.16 -44.20
N SER G 1143 45.32 -40.64 -45.23
CA SER G 1143 45.35 -42.07 -45.50
C SER G 1143 46.04 -42.82 -44.38
N ARG G 1144 47.29 -42.45 -44.09
CA ARG G 1144 47.98 -43.08 -42.97
C ARG G 1144 47.22 -42.93 -41.67
N SER G 1145 46.65 -41.75 -41.40
CA SER G 1145 45.96 -41.53 -40.15
C SER G 1145 44.78 -42.48 -40.01
N THR G 1146 43.89 -42.48 -41.01
CA THR G 1146 42.67 -43.27 -40.90
C THR G 1146 42.97 -44.76 -40.94
N LEU G 1147 44.04 -45.17 -41.63
CA LEU G 1147 44.30 -46.58 -41.72
C LEU G 1147 44.97 -47.10 -40.46
N LEU G 1148 45.98 -46.38 -39.94
CA LEU G 1148 46.49 -46.72 -38.62
C LEU G 1148 45.36 -46.72 -37.59
N CYS G 1149 44.44 -45.76 -37.70
CA CYS G 1149 43.31 -45.72 -36.78
C CYS G 1149 42.51 -47.01 -36.84
N VAL G 1150 41.86 -47.27 -37.97
CA VAL G 1150 40.96 -48.41 -38.09
C VAL G 1150 41.68 -49.71 -37.75
N SER G 1151 42.95 -49.83 -38.17
CA SER G 1151 43.72 -51.01 -37.80
C SER G 1151 43.81 -51.15 -36.28
N ALA G 1152 44.25 -50.10 -35.58
CA ALA G 1152 44.41 -50.21 -34.14
C ALA G 1152 43.06 -50.45 -33.46
N LEU G 1153 41.99 -49.86 -34.00
CA LEU G 1153 40.66 -50.16 -33.51
C LEU G 1153 40.37 -51.65 -33.56
N ALA G 1154 40.51 -52.24 -34.75
CA ALA G 1154 40.27 -53.67 -34.91
C ALA G 1154 41.14 -54.48 -33.96
N VAL G 1155 42.39 -54.03 -33.76
CA VAL G 1155 43.32 -54.83 -32.97
C VAL G 1155 42.98 -54.77 -31.50
N ILE G 1156 42.67 -53.58 -30.99
CA ILE G 1156 42.30 -53.46 -29.58
C ILE G 1156 40.99 -54.17 -29.33
N SER G 1157 40.11 -54.20 -30.32
CA SER G 1157 38.94 -55.04 -30.23
C SER G 1157 39.33 -56.51 -30.10
N TYR G 1158 40.33 -56.94 -30.89
CA TYR G 1158 40.68 -58.36 -30.93
C TYR G 1158 41.36 -58.81 -29.64
N VAL G 1159 42.33 -58.02 -29.17
CA VAL G 1159 43.14 -58.43 -28.02
C VAL G 1159 42.29 -58.46 -26.76
N THR G 1160 41.26 -57.63 -26.69
CA THR G 1160 40.22 -57.73 -25.65
C THR G 1160 38.86 -57.66 -26.31
N PRO G 1161 38.25 -58.81 -26.56
CA PRO G 1161 36.93 -58.82 -27.21
C PRO G 1161 35.87 -58.11 -26.37
N VAL G 1162 36.21 -57.79 -25.12
CA VAL G 1162 35.30 -57.02 -24.28
C VAL G 1162 35.19 -55.59 -24.79
N PHE G 1163 36.27 -55.06 -25.37
CA PHE G 1163 36.34 -53.64 -25.66
C PHE G 1163 35.28 -53.19 -26.66
N LEU G 1164 34.76 -54.08 -27.49
CA LEU G 1164 33.86 -53.66 -28.56
C LEU G 1164 32.62 -53.00 -27.99
N VAL G 1165 32.14 -53.49 -26.84
CA VAL G 1165 30.92 -52.95 -26.24
C VAL G 1165 31.15 -51.51 -25.81
N ALA G 1166 32.34 -51.20 -25.31
CA ALA G 1166 32.67 -49.81 -24.98
C ALA G 1166 32.85 -48.99 -26.25
N LEU G 1167 33.41 -49.62 -27.28
CA LEU G 1167 33.71 -48.90 -28.51
C LEU G 1167 32.43 -48.41 -29.18
N LEU G 1168 31.39 -49.23 -29.19
CA LEU G 1168 30.20 -48.91 -29.98
C LEU G 1168 29.56 -47.56 -29.64
N PRO G 1169 29.32 -47.19 -28.37
CA PRO G 1169 28.69 -45.90 -28.10
C PRO G 1169 29.62 -44.73 -28.39
N LEU G 1170 30.91 -44.96 -28.14
CA LEU G 1170 31.89 -43.92 -28.37
C LEU G 1170 31.92 -43.51 -29.83
N ALA G 1171 31.84 -44.49 -30.73
CA ALA G 1171 31.80 -44.17 -32.16
C ALA G 1171 30.56 -43.35 -32.51
N ILE G 1172 29.44 -43.66 -31.88
CA ILE G 1172 28.21 -42.90 -32.12
C ILE G 1172 28.38 -41.46 -31.66
N VAL G 1173 28.96 -41.29 -30.48
CA VAL G 1173 29.21 -39.94 -29.96
C VAL G 1173 30.11 -39.19 -30.91
N CYS G 1174 31.22 -39.82 -31.32
CA CYS G 1174 32.11 -39.24 -32.31
C CYS G 1174 31.35 -38.78 -33.54
N TYR G 1175 30.57 -39.69 -34.14
CA TYR G 1175 29.84 -39.39 -35.36
C TYR G 1175 28.94 -38.17 -35.18
N PHE G 1176 28.18 -38.14 -34.09
CA PHE G 1176 27.21 -37.06 -33.92
C PHE G 1176 27.91 -35.72 -33.67
N ILE G 1177 28.90 -35.70 -32.78
CA ILE G 1177 29.50 -34.40 -32.48
C ILE G 1177 30.37 -33.93 -33.65
N GLN G 1178 30.91 -34.85 -34.46
CA GLN G 1178 31.70 -34.39 -35.59
C GLN G 1178 30.79 -33.86 -36.70
N LYS G 1179 29.62 -34.48 -36.90
CA LYS G 1179 28.67 -33.89 -37.83
C LYS G 1179 28.21 -32.52 -37.35
N TYR G 1180 28.03 -32.39 -36.04
CA TYR G 1180 27.73 -31.08 -35.45
C TYR G 1180 28.83 -30.07 -35.79
N PHE G 1181 30.08 -30.42 -35.52
CA PHE G 1181 31.16 -29.48 -35.81
C PHE G 1181 31.23 -29.17 -37.29
N ARG G 1182 30.97 -30.15 -38.15
CA ARG G 1182 31.07 -29.89 -39.58
C ARG G 1182 29.97 -28.95 -40.04
N VAL G 1183 28.76 -29.09 -39.49
CA VAL G 1183 27.69 -28.19 -39.88
C VAL G 1183 27.98 -26.79 -39.35
N ALA G 1184 28.80 -26.69 -38.30
CA ALA G 1184 29.30 -25.36 -37.93
C ALA G 1184 30.40 -24.87 -38.88
N SER G 1185 31.32 -25.75 -39.24
CA SER G 1185 32.55 -25.31 -39.90
C SER G 1185 32.30 -25.00 -41.37
N ARG G 1186 31.25 -25.58 -41.97
CA ARG G 1186 30.93 -25.21 -43.34
C ARG G 1186 30.53 -23.75 -43.44
N ASP G 1187 29.57 -23.33 -42.61
CA ASP G 1187 29.22 -21.92 -42.54
C ASP G 1187 30.43 -21.08 -42.18
N LEU G 1188 31.26 -21.58 -41.26
CA LEU G 1188 32.45 -20.82 -40.89
C LEU G 1188 33.36 -20.59 -42.10
N GLN G 1189 33.72 -21.65 -42.81
CA GLN G 1189 34.69 -21.55 -43.90
C GLN G 1189 34.14 -20.71 -45.05
N GLN G 1190 32.83 -20.80 -45.30
CA GLN G 1190 32.22 -19.89 -46.24
C GLN G 1190 32.41 -18.44 -45.81
N LEU G 1191 32.19 -18.17 -44.53
CA LEU G 1191 32.40 -16.82 -44.02
C LEU G 1191 33.85 -16.38 -44.19
N ASP G 1192 34.78 -17.31 -43.98
CA ASP G 1192 36.20 -16.99 -44.14
C ASP G 1192 36.51 -16.63 -45.58
N ASP G 1193 35.99 -17.41 -46.53
CA ASP G 1193 36.15 -17.08 -47.94
C ASP G 1193 35.60 -15.68 -48.25
N THR G 1194 34.37 -15.41 -47.81
CA THR G 1194 33.73 -14.17 -48.22
C THR G 1194 34.31 -12.96 -47.49
N THR G 1195 35.02 -13.21 -46.38
CA THR G 1195 35.73 -12.12 -45.70
C THR G 1195 37.14 -11.97 -46.25
N GLN G 1196 37.65 -13.00 -46.92
CA GLN G 1196 38.98 -12.94 -47.50
C GLN G 1196 39.00 -12.29 -48.87
N LEU G 1197 37.93 -12.45 -49.65
CA LEU G 1197 37.89 -11.86 -50.99
C LEU G 1197 38.10 -10.34 -51.01
N PRO G 1198 37.41 -9.54 -50.19
CA PRO G 1198 37.59 -8.09 -50.27
C PRO G 1198 39.02 -7.64 -50.02
N LEU G 1199 39.83 -8.44 -49.35
CA LEU G 1199 41.25 -8.10 -49.24
C LEU G 1199 41.88 -7.98 -50.62
N LEU G 1200 41.80 -9.05 -51.40
CA LEU G 1200 42.37 -9.03 -52.74
C LEU G 1200 41.69 -7.98 -53.60
N SER G 1201 40.38 -7.81 -53.44
CA SER G 1201 39.68 -6.78 -54.21
C SER G 1201 40.25 -5.40 -53.93
N HIS G 1202 40.37 -5.03 -52.65
CA HIS G 1202 40.89 -3.72 -52.30
C HIS G 1202 42.35 -3.58 -52.70
N PHE G 1203 43.11 -4.67 -52.71
CA PHE G 1203 44.50 -4.57 -53.16
C PHE G 1203 44.57 -4.29 -54.65
N ALA G 1204 43.78 -5.02 -55.44
CA ALA G 1204 43.72 -4.73 -56.86
C ALA G 1204 43.32 -3.29 -57.10
N GLU G 1205 42.34 -2.79 -56.34
CA GLU G 1205 41.94 -1.40 -56.46
C GLU G 1205 43.09 -0.48 -56.11
N THR G 1206 43.75 -0.75 -55.00
CA THR G 1206 44.84 0.08 -54.52
C THR G 1206 45.91 0.25 -55.58
N VAL G 1207 46.32 -0.84 -56.20
CA VAL G 1207 47.40 -0.77 -57.17
C VAL G 1207 46.91 -0.18 -58.48
N GLU G 1208 45.75 -0.65 -58.97
CA GLU G 1208 45.29 -0.25 -60.29
C GLU G 1208 44.89 1.22 -60.32
N GLY G 1209 44.45 1.76 -59.18
CA GLY G 1209 44.09 3.16 -59.12
C GLY G 1209 44.93 3.93 -58.12
N LEU G 1210 46.23 3.62 -58.08
CA LEU G 1210 47.11 4.18 -57.06
C LEU G 1210 47.40 5.65 -57.30
N THR G 1211 47.59 6.03 -58.57
CA THR G 1211 47.83 7.42 -58.93
C THR G 1211 46.66 8.31 -58.53
N THR G 1212 45.44 7.88 -58.83
CA THR G 1212 44.26 8.65 -58.45
C THR G 1212 44.21 8.85 -56.94
N ILE G 1213 44.43 7.79 -56.18
CA ILE G 1213 44.36 7.89 -54.72
C ILE G 1213 45.40 8.90 -54.22
N ARG G 1214 46.66 8.75 -54.66
CA ARG G 1214 47.65 9.75 -54.30
C ARG G 1214 47.23 11.16 -54.68
N ALA G 1215 46.57 11.33 -55.83
CA ALA G 1215 46.11 12.65 -56.23
C ALA G 1215 45.11 13.20 -55.23
N PHE G 1216 44.04 12.44 -54.97
CA PHE G 1216 43.03 12.88 -54.02
C PHE G 1216 43.55 13.04 -52.60
N ARG G 1217 44.74 12.49 -52.31
CA ARG G 1217 45.40 12.70 -51.02
C ARG G 1217 44.60 12.10 -49.87
N TYR G 1218 43.75 11.13 -50.18
CA TYR G 1218 42.90 10.50 -49.17
C TYR G 1218 43.51 9.20 -48.65
N GLU G 1219 44.84 9.07 -48.71
CA GLU G 1219 45.47 7.80 -48.39
C GLU G 1219 45.03 7.25 -47.04
N ALA G 1220 44.91 8.12 -46.03
CA ALA G 1220 44.49 7.64 -44.71
C ALA G 1220 43.16 6.93 -44.77
N ARG G 1221 42.27 7.38 -45.66
CA ARG G 1221 40.96 6.77 -45.74
C ARG G 1221 41.05 5.32 -46.18
N PHE G 1222 41.74 5.06 -47.29
CA PHE G 1222 41.85 3.68 -47.74
C PHE G 1222 42.73 2.86 -46.81
N GLN G 1223 43.67 3.51 -46.11
CA GLN G 1223 44.41 2.82 -45.06
C GLN G 1223 43.48 2.32 -43.97
N GLN G 1224 42.56 3.17 -43.53
CA GLN G 1224 41.60 2.74 -42.51
C GLN G 1224 40.70 1.63 -43.04
N LYS G 1225 40.25 1.78 -44.30
CA LYS G 1225 39.41 0.75 -44.90
C LYS G 1225 40.10 -0.60 -44.91
N LEU G 1226 41.39 -0.63 -45.29
CA LEU G 1226 42.10 -1.91 -45.31
C LEU G 1226 42.34 -2.42 -43.90
N LEU G 1227 42.69 -1.54 -42.96
CA LEU G 1227 42.76 -1.99 -41.59
C LEU G 1227 41.49 -2.71 -41.17
N GLU G 1228 40.34 -2.15 -41.52
CA GLU G 1228 39.07 -2.80 -41.20
C GLU G 1228 38.96 -4.16 -41.88
N TYR G 1229 39.29 -4.22 -43.17
CA TYR G 1229 39.24 -5.47 -43.91
C TYR G 1229 40.10 -6.54 -43.24
N THR G 1230 41.33 -6.18 -42.89
CA THR G 1230 42.25 -7.12 -42.27
C THR G 1230 41.72 -7.59 -40.93
N ASP G 1231 41.22 -6.65 -40.13
CA ASP G 1231 40.60 -7.01 -38.86
C ASP G 1231 39.48 -8.01 -39.09
N SER G 1232 38.72 -7.81 -40.16
CA SER G 1232 37.61 -8.71 -40.46
C SER G 1232 38.11 -10.11 -40.74
N ASN G 1233 39.10 -10.22 -41.64
CA ASN G 1233 39.67 -11.54 -41.93
C ASN G 1233 40.23 -12.17 -40.66
N ASN G 1234 40.87 -11.36 -39.83
CA ASN G 1234 41.47 -11.90 -38.61
C ASN G 1234 40.41 -12.49 -37.69
N ILE G 1235 39.31 -11.77 -37.50
CA ILE G 1235 38.27 -12.26 -36.61
C ILE G 1235 37.62 -13.50 -37.18
N ALA G 1236 37.45 -13.54 -38.51
CA ALA G 1236 36.94 -14.77 -39.14
C ALA G 1236 37.86 -15.94 -38.86
N SER G 1237 39.17 -15.73 -39.05
CA SER G 1237 40.13 -16.80 -38.81
C SER G 1237 40.12 -17.23 -37.35
N LEU G 1238 39.90 -16.29 -36.43
CA LEU G 1238 39.86 -16.66 -35.03
C LEU G 1238 38.62 -17.47 -34.72
N PHE G 1239 37.50 -17.14 -35.35
CA PHE G 1239 36.35 -18.04 -35.31
C PHE G 1239 36.76 -19.46 -35.72
N LEU G 1240 37.39 -19.56 -36.89
CA LEU G 1240 37.83 -20.85 -37.39
C LEU G 1240 38.65 -21.59 -36.36
N THR G 1241 39.63 -20.92 -35.80
CA THR G 1241 40.57 -21.57 -34.90
C THR G 1241 39.86 -22.02 -33.63
N ALA G 1242 39.06 -21.13 -33.03
CA ALA G 1242 38.31 -21.49 -31.84
C ALA G 1242 37.51 -22.76 -32.07
N ALA G 1243 36.75 -22.80 -33.16
CA ALA G 1243 35.97 -23.99 -33.46
C ALA G 1243 36.85 -25.22 -33.62
N ASN G 1244 37.93 -25.08 -34.39
CA ASN G 1244 38.79 -26.23 -34.67
C ASN G 1244 39.39 -26.77 -33.38
N ARG G 1245 39.82 -25.88 -32.49
CA ARG G 1245 40.44 -26.31 -31.25
C ARG G 1245 39.43 -26.92 -30.31
N TRP G 1246 38.19 -26.42 -30.32
CA TRP G 1246 37.17 -27.03 -29.49
C TRP G 1246 36.91 -28.48 -29.91
N LEU G 1247 36.76 -28.69 -31.21
CA LEU G 1247 36.58 -30.07 -31.67
C LEU G 1247 37.82 -30.90 -31.37
N GLU G 1248 38.99 -30.30 -31.55
CA GLU G 1248 40.25 -30.95 -31.23
C GLU G 1248 40.22 -31.49 -29.81
N VAL G 1249 39.86 -30.62 -28.86
CA VAL G 1249 39.80 -30.99 -27.46
C VAL G 1249 38.83 -32.14 -27.24
N ARG G 1250 37.62 -32.01 -27.79
CA ARG G 1250 36.60 -33.02 -27.55
C ARG G 1250 37.05 -34.38 -28.07
N MET G 1251 37.53 -34.43 -29.32
CA MET G 1251 37.97 -35.68 -29.89
C MET G 1251 39.14 -36.26 -29.08
N GLU G 1252 40.01 -35.40 -28.59
CA GLU G 1252 41.11 -35.88 -27.78
C GLU G 1252 40.61 -36.55 -26.52
N TYR G 1253 39.62 -35.96 -25.87
CA TYR G 1253 39.12 -36.57 -24.65
C TYR G 1253 38.43 -37.88 -24.94
N ILE G 1254 37.78 -37.99 -26.09
CA ILE G 1254 37.29 -39.29 -26.54
C ILE G 1254 38.43 -40.30 -26.59
N GLY G 1255 39.54 -39.90 -27.22
CA GLY G 1255 40.67 -40.81 -27.34
C GLY G 1255 41.22 -41.23 -26.00
N ALA G 1256 41.28 -40.29 -25.06
CA ALA G 1256 41.79 -40.61 -23.73
C ALA G 1256 40.88 -41.60 -23.02
N CYS G 1257 39.57 -41.41 -23.15
CA CYS G 1257 38.63 -42.38 -22.61
C CYS G 1257 38.86 -43.76 -23.21
N VAL G 1258 39.10 -43.80 -24.52
CA VAL G 1258 39.40 -45.06 -25.19
C VAL G 1258 40.61 -45.73 -24.57
N VAL G 1259 41.70 -44.98 -24.42
CA VAL G 1259 42.91 -45.52 -23.82
C VAL G 1259 42.61 -46.11 -22.46
N LEU G 1260 41.91 -45.35 -21.63
CA LEU G 1260 41.63 -45.78 -20.27
C LEU G 1260 40.83 -47.08 -20.26
N ILE G 1261 39.76 -47.12 -21.04
CA ILE G 1261 38.94 -48.32 -21.11
C ILE G 1261 39.78 -49.52 -21.48
N ALA G 1262 40.56 -49.39 -22.55
CA ALA G 1262 41.36 -50.51 -23.03
C ALA G 1262 42.32 -50.99 -21.94
N ALA G 1263 43.03 -50.06 -21.31
CA ALA G 1263 44.00 -50.44 -20.30
C ALA G 1263 43.34 -51.17 -19.15
N VAL G 1264 42.25 -50.61 -18.62
CA VAL G 1264 41.57 -51.21 -17.48
C VAL G 1264 41.07 -52.60 -17.82
N THR G 1265 40.36 -52.72 -18.94
CA THR G 1265 39.80 -54.01 -19.34
C THR G 1265 40.91 -55.04 -19.48
N SER G 1266 41.98 -54.66 -20.17
CA SER G 1266 43.06 -55.61 -20.43
C SER G 1266 43.69 -56.06 -19.13
N ILE G 1267 43.98 -55.13 -18.22
CA ILE G 1267 44.63 -55.48 -16.97
C ILE G 1267 43.75 -56.44 -16.16
N SER G 1268 42.49 -56.05 -15.94
CA SER G 1268 41.56 -56.90 -15.22
C SER G 1268 41.55 -58.30 -15.82
N ASN G 1269 41.21 -58.40 -17.10
CA ASN G 1269 41.12 -59.70 -17.75
C ASN G 1269 42.40 -60.50 -17.57
N SER G 1270 43.53 -59.93 -17.99
CA SER G 1270 44.80 -60.66 -17.99
C SER G 1270 45.13 -61.20 -16.62
N LEU G 1271 45.28 -60.31 -15.63
CA LEU G 1271 45.75 -60.81 -14.34
C LEU G 1271 44.71 -61.73 -13.70
N HIS G 1272 43.44 -61.57 -14.06
CA HIS G 1272 42.44 -62.51 -13.57
C HIS G 1272 42.34 -63.72 -14.48
N ARG G 1273 42.19 -63.49 -15.77
CA ARG G 1273 42.06 -64.55 -16.76
C ARG G 1273 43.24 -64.41 -17.72
N GLU G 1274 44.29 -65.20 -17.48
CA GLU G 1274 45.57 -65.02 -18.15
C GLU G 1274 45.40 -64.99 -19.66
N LEU G 1275 46.09 -64.06 -20.31
CA LEU G 1275 46.00 -63.93 -21.75
C LEU G 1275 47.30 -63.50 -22.45
N SER G 1276 48.47 -63.88 -21.95
CA SER G 1276 49.72 -63.47 -22.57
C SER G 1276 49.88 -61.94 -22.55
N ALA G 1277 50.10 -61.39 -21.35
CA ALA G 1277 50.09 -59.95 -21.10
C ALA G 1277 50.88 -59.15 -22.14
N GLY G 1278 51.80 -59.77 -22.87
CA GLY G 1278 52.33 -59.11 -24.04
C GLY G 1278 51.23 -58.54 -24.91
N LEU G 1279 50.15 -59.30 -25.07
CA LEU G 1279 48.98 -58.80 -25.78
C LEU G 1279 48.35 -57.61 -25.06
N VAL G 1280 48.43 -57.58 -23.73
CA VAL G 1280 47.88 -56.45 -22.98
C VAL G 1280 48.64 -55.18 -23.32
N GLY G 1281 49.97 -55.24 -23.17
CA GLY G 1281 50.79 -54.11 -23.59
C GLY G 1281 50.50 -53.70 -25.01
N LEU G 1282 50.31 -54.69 -25.89
CA LEU G 1282 50.03 -54.40 -27.29
C LEU G 1282 48.75 -53.61 -27.46
N GLY G 1283 47.66 -54.09 -26.86
CA GLY G 1283 46.40 -53.37 -26.96
C GLY G 1283 46.50 -51.97 -26.38
N LEU G 1284 47.18 -51.82 -25.26
CA LEU G 1284 47.18 -50.51 -24.61
C LEU G 1284 48.05 -49.52 -25.39
N THR G 1285 49.14 -49.99 -25.98
CA THR G 1285 49.93 -49.11 -26.83
C THR G 1285 49.17 -48.77 -28.10
N TYR G 1286 48.30 -49.66 -28.56
CA TYR G 1286 47.47 -49.26 -29.69
C TYR G 1286 46.38 -48.29 -29.26
N ALA G 1287 45.98 -48.33 -28.00
CA ALA G 1287 45.09 -47.30 -27.48
C ALA G 1287 45.81 -45.95 -27.49
N LEU G 1288 47.05 -45.91 -27.02
CA LEU G 1288 47.87 -44.72 -27.18
C LEU G 1288 47.96 -44.31 -28.64
N MET G 1289 48.18 -45.28 -29.52
CA MET G 1289 48.24 -45.03 -30.96
C MET G 1289 47.01 -44.27 -31.42
N VAL G 1290 45.83 -44.78 -31.08
CA VAL G 1290 44.58 -44.15 -31.48
C VAL G 1290 44.47 -42.76 -30.87
N SER G 1291 44.68 -42.65 -29.57
CA SER G 1291 44.58 -41.36 -28.89
C SER G 1291 45.48 -40.33 -29.58
N ASN G 1292 46.57 -40.79 -30.16
CA ASN G 1292 47.44 -39.91 -30.92
C ASN G 1292 46.82 -39.56 -32.27
N TYR G 1293 46.53 -40.57 -33.07
CA TYR G 1293 46.36 -40.33 -34.50
C TYR G 1293 44.91 -40.09 -34.90
N LEU G 1294 43.95 -40.36 -34.01
CA LEU G 1294 42.54 -40.17 -34.32
C LEU G 1294 42.22 -38.71 -34.58
N ASN G 1295 42.81 -37.83 -33.79
CA ASN G 1295 42.55 -36.41 -33.96
C ASN G 1295 43.18 -35.91 -35.25
N TRP G 1296 44.37 -36.41 -35.60
CA TRP G 1296 44.91 -36.10 -36.91
C TRP G 1296 43.99 -36.61 -38.00
N MET G 1297 43.41 -37.81 -37.82
CA MET G 1297 42.49 -38.34 -38.82
C MET G 1297 41.36 -37.36 -39.08
N VAL G 1298 40.76 -36.86 -37.99
CA VAL G 1298 39.66 -35.92 -38.14
C VAL G 1298 40.12 -34.64 -38.82
N ARG G 1299 41.22 -34.05 -38.34
CA ARG G 1299 41.67 -32.77 -38.90
C ARG G 1299 42.02 -32.91 -40.37
N ASN G 1300 42.64 -34.02 -40.75
CA ASN G 1300 42.99 -34.24 -42.15
C ASN G 1300 41.74 -34.49 -42.97
N LEU G 1301 40.74 -35.14 -42.39
CA LEU G 1301 39.45 -35.24 -43.07
C LEU G 1301 38.89 -33.87 -43.39
N ALA G 1302 38.94 -32.95 -42.42
CA ALA G 1302 38.44 -31.60 -42.64
C ALA G 1302 39.22 -30.89 -43.73
N ASP G 1303 40.55 -30.92 -43.63
CA ASP G 1303 41.37 -30.17 -44.57
C ASP G 1303 41.23 -30.73 -45.98
N MET G 1304 41.20 -32.06 -46.12
CA MET G 1304 40.99 -32.66 -47.42
C MET G 1304 39.57 -32.41 -47.93
N GLU G 1305 38.60 -32.29 -47.03
CA GLU G 1305 37.27 -31.86 -47.45
C GLU G 1305 37.34 -30.51 -48.12
N LEU G 1306 38.06 -29.57 -47.50
CA LEU G 1306 38.27 -28.27 -48.12
C LEU G 1306 38.91 -28.42 -49.50
N GLN G 1307 40.00 -29.18 -49.56
CA GLN G 1307 40.76 -29.29 -50.81
C GLN G 1307 39.93 -29.92 -51.92
N LEU G 1308 39.13 -30.93 -51.57
CA LEU G 1308 38.28 -31.58 -52.56
C LEU G 1308 37.10 -30.71 -52.94
N GLY G 1309 36.62 -29.85 -52.04
CA GLY G 1309 35.66 -28.84 -52.46
C GLY G 1309 36.26 -27.90 -53.50
N ALA G 1310 37.52 -27.54 -53.33
CA ALA G 1310 38.18 -26.72 -54.34
C ALA G 1310 38.30 -27.48 -55.67
N VAL G 1311 38.65 -28.76 -55.59
CA VAL G 1311 38.73 -29.58 -56.80
C VAL G 1311 37.38 -29.65 -57.49
N LYS G 1312 36.31 -29.82 -56.71
CA LYS G 1312 34.97 -29.85 -57.29
C LYS G 1312 34.63 -28.51 -57.92
N ARG G 1313 35.08 -27.41 -57.33
CA ARG G 1313 34.86 -26.11 -57.94
C ARG G 1313 35.50 -26.05 -59.31
N ILE G 1314 36.79 -26.37 -59.38
CA ILE G 1314 37.47 -26.40 -60.67
C ILE G 1314 36.74 -27.31 -61.65
N HIS G 1315 36.26 -28.45 -61.17
CA HIS G 1315 35.63 -29.41 -62.09
C HIS G 1315 34.29 -28.90 -62.59
N GLY G 1316 33.48 -28.33 -61.69
CA GLY G 1316 32.23 -27.71 -62.11
C GLY G 1316 32.49 -26.61 -63.11
N LEU G 1317 33.68 -26.01 -63.04
CA LEU G 1317 34.09 -25.11 -64.12
C LEU G 1317 34.55 -25.86 -65.36
N LEU G 1318 35.01 -27.11 -65.22
CA LEU G 1318 35.39 -27.87 -66.41
C LEU G 1318 34.22 -28.03 -67.37
N LYS G 1319 33.01 -28.07 -66.86
CA LYS G 1319 31.84 -28.03 -67.73
C LYS G 1319 31.83 -26.73 -68.51
N THR G 1320 31.89 -26.84 -69.84
CA THR G 1320 32.05 -25.67 -70.69
C THR G 1320 31.02 -25.72 -71.82
N GLU G 1321 30.72 -24.54 -72.35
CA GLU G 1321 29.72 -24.42 -73.40
C GLU G 1321 30.33 -24.71 -74.77
N ALA G 1322 29.47 -25.04 -75.72
CA ALA G 1322 29.89 -25.41 -77.08
C ALA G 1322 30.27 -24.16 -77.86
N GLU G 1323 31.50 -24.13 -78.37
CA GLU G 1323 31.97 -22.97 -79.13
C GLU G 1323 31.79 -23.18 -80.62
N SER G 1324 31.66 -24.43 -81.07
CA SER G 1324 31.40 -24.77 -82.47
C SER G 1324 32.49 -24.24 -83.39
N TYR G 1325 33.72 -24.76 -83.23
CA TYR G 1325 34.81 -24.31 -84.08
C TYR G 1325 34.66 -24.80 -85.51
N GLU G 1326 34.30 -26.07 -85.69
CA GLU G 1326 34.15 -26.64 -87.02
C GLU G 1326 32.94 -26.04 -87.74
N GLY G 1327 33.18 -25.38 -88.87
CA GLY G 1327 32.10 -24.91 -89.71
C GLY G 1327 31.71 -25.94 -90.76
N LEU G 1328 30.43 -25.99 -91.12
CA LEU G 1328 29.97 -26.99 -92.06
C LEU G 1328 30.33 -26.62 -93.51
N LEU G 1329 31.61 -26.44 -93.78
CA LEU G 1329 32.09 -26.15 -95.12
C LEU G 1329 33.43 -26.82 -95.33
N ALA G 1330 33.69 -27.24 -96.57
CA ALA G 1330 34.90 -27.98 -96.90
C ALA G 1330 36.08 -27.03 -96.95
N PRO G 1331 37.21 -27.36 -96.34
CA PRO G 1331 38.41 -26.55 -96.55
C PRO G 1331 38.98 -26.76 -97.94
N SER G 1332 38.68 -27.91 -98.56
CA SER G 1332 39.12 -28.14 -99.92
C SER G 1332 38.32 -27.31 -100.90
N LEU G 1333 37.03 -27.09 -100.61
CA LEU G 1333 36.24 -26.18 -101.43
C LEU G 1333 36.75 -24.76 -101.32
N ILE G 1334 37.51 -24.47 -100.26
CA ILE G 1334 38.03 -23.13 -100.03
C ILE G 1334 39.44 -23.03 -100.61
N PRO G 1335 39.72 -22.07 -101.50
CA PRO G 1335 41.10 -21.90 -101.98
C PRO G 1335 41.97 -21.20 -100.94
N LYS G 1336 43.29 -21.30 -101.17
CA LYS G 1336 44.25 -20.80 -100.19
C LYS G 1336 44.10 -19.31 -99.98
N ASN G 1337 44.45 -18.51 -100.99
CA ASN G 1337 44.22 -17.07 -100.95
C ASN G 1337 42.76 -16.78 -101.27
N TRP G 1338 41.89 -17.30 -100.42
CA TRP G 1338 40.46 -17.27 -100.71
C TRP G 1338 39.91 -15.86 -100.82
N PRO G 1339 39.94 -15.02 -99.78
CA PRO G 1339 39.22 -13.74 -99.88
C PRO G 1339 39.89 -12.79 -100.86
N ASP G 1340 39.85 -13.15 -102.14
CA ASP G 1340 40.57 -12.44 -103.18
C ASP G 1340 39.94 -11.09 -103.48
N GLN G 1341 38.68 -11.08 -103.93
CA GLN G 1341 38.01 -9.82 -104.22
C GLN G 1341 37.66 -9.09 -102.94
N GLY G 1342 36.86 -9.71 -102.09
CA GLY G 1342 36.43 -9.09 -100.85
C GLY G 1342 35.09 -8.41 -100.98
N LYS G 1343 34.36 -8.73 -102.04
CA LYS G 1343 33.02 -8.18 -102.20
C LYS G 1343 32.10 -8.75 -101.12
N ILE G 1344 31.35 -7.87 -100.47
CA ILE G 1344 30.55 -8.23 -99.31
C ILE G 1344 29.12 -7.75 -99.54
N GLN G 1345 28.18 -8.67 -99.44
CA GLN G 1345 26.76 -8.35 -99.54
C GLN G 1345 26.05 -8.88 -98.31
N ILE G 1346 25.55 -7.98 -97.48
CA ILE G 1346 24.76 -8.35 -96.31
C ILE G 1346 23.31 -8.08 -96.67
N GLN G 1347 22.38 -8.76 -96.00
CA GLN G 1347 20.96 -8.55 -96.22
C GLN G 1347 20.17 -9.10 -95.04
N ASN G 1348 19.22 -8.31 -94.55
CA ASN G 1348 18.38 -8.63 -93.39
C ASN G 1348 19.20 -9.11 -92.21
N LEU G 1349 20.45 -8.67 -92.10
CA LEU G 1349 21.35 -9.11 -91.05
C LEU G 1349 20.80 -8.67 -89.69
N SER G 1350 20.31 -9.63 -88.91
CA SER G 1350 19.71 -9.35 -87.61
C SER G 1350 20.49 -10.09 -86.54
N VAL G 1351 21.14 -9.34 -85.66
CA VAL G 1351 22.09 -9.88 -84.70
C VAL G 1351 21.62 -9.57 -83.30
N ARG G 1352 22.28 -10.20 -82.32
CA ARG G 1352 22.09 -9.95 -80.91
C ARG G 1352 23.17 -10.72 -80.16
N TYR G 1353 23.64 -10.15 -79.05
CA TYR G 1353 24.77 -10.74 -78.35
C TYR G 1353 24.42 -12.09 -77.76
N ASP G 1354 23.35 -12.16 -76.98
CA ASP G 1354 22.82 -13.42 -76.49
C ASP G 1354 21.38 -13.53 -76.93
N SER G 1355 20.77 -14.69 -76.68
CA SER G 1355 19.39 -14.90 -77.09
C SER G 1355 18.44 -14.05 -76.26
N SER G 1356 18.77 -13.81 -74.99
CA SER G 1356 17.86 -13.08 -74.11
C SER G 1356 17.80 -11.60 -74.46
N LEU G 1357 18.92 -11.03 -74.91
CA LEU G 1357 18.94 -9.61 -75.21
C LEU G 1357 18.24 -9.33 -76.53
N LYS G 1358 17.60 -8.16 -76.58
CA LYS G 1358 16.90 -7.72 -77.77
C LYS G 1358 17.88 -7.57 -78.93
N PRO G 1359 17.39 -7.75 -80.17
CA PRO G 1359 18.27 -7.59 -81.33
C PRO G 1359 18.85 -6.18 -81.40
N VAL G 1360 20.17 -6.12 -81.61
CA VAL G 1360 20.91 -4.87 -81.50
C VAL G 1360 21.11 -4.27 -82.90
N LEU G 1361 20.93 -5.08 -83.93
CA LEU G 1361 21.07 -4.62 -85.31
C LEU G 1361 20.28 -5.54 -86.22
N LYS G 1362 19.35 -4.97 -86.99
CA LYS G 1362 18.42 -5.80 -87.75
C LYS G 1362 18.12 -5.15 -89.10
N HIS G 1363 17.67 -5.99 -90.03
CA HIS G 1363 17.11 -5.57 -91.31
C HIS G 1363 18.05 -4.64 -92.07
N VAL G 1364 19.31 -5.07 -92.15
CA VAL G 1364 20.34 -4.28 -92.79
C VAL G 1364 20.87 -5.02 -94.00
N ASN G 1365 21.02 -4.31 -95.11
CA ASN G 1365 21.54 -4.88 -96.34
C ASN G 1365 22.55 -3.92 -96.98
N ALA G 1366 23.59 -4.51 -97.55
CA ALA G 1366 24.65 -3.73 -98.17
C ALA G 1366 25.52 -4.59 -99.07
N LEU G 1367 25.58 -4.26 -100.35
CA LEU G 1367 26.53 -4.86 -101.28
C LEU G 1367 27.76 -3.97 -101.26
N ILE G 1368 28.88 -4.52 -100.85
CA ILE G 1368 30.13 -3.78 -100.76
C ILE G 1368 31.08 -4.36 -101.80
N ALA G 1369 31.45 -3.54 -102.77
CA ALA G 1369 32.37 -3.93 -103.82
C ALA G 1369 33.78 -3.95 -103.23
N PRO G 1370 34.82 -4.27 -104.02
CA PRO G 1370 36.19 -3.99 -103.56
C PRO G 1370 36.33 -2.60 -102.94
N GLY G 1371 35.62 -1.62 -103.49
CA GLY G 1371 35.31 -0.39 -102.76
C GLY G 1371 36.40 0.07 -101.82
N GLN G 1372 37.57 0.41 -102.35
CA GLN G 1372 38.88 0.45 -101.66
C GLN G 1372 38.68 0.93 -100.22
N LYS G 1373 37.90 1.97 -99.98
CA LYS G 1373 37.63 2.46 -98.64
C LYS G 1373 36.19 2.95 -98.54
N ILE G 1374 35.39 2.25 -97.76
CA ILE G 1374 34.05 2.73 -97.46
C ILE G 1374 33.97 3.07 -95.98
N GLY G 1375 32.97 3.85 -95.61
CA GLY G 1375 32.89 4.35 -94.25
C GLY G 1375 31.60 4.04 -93.52
N ILE G 1376 31.73 3.72 -92.24
CA ILE G 1376 30.58 3.59 -91.34
C ILE G 1376 30.80 4.53 -90.16
N CYS G 1377 29.77 5.28 -89.80
CA CYS G 1377 29.86 6.20 -88.69
C CYS G 1377 28.51 6.29 -87.99
N GLY G 1378 28.41 7.21 -87.05
CA GLY G 1378 27.18 7.42 -86.33
C GLY G 1378 27.46 7.74 -84.87
N ARG G 1379 26.36 8.02 -84.15
CA ARG G 1379 26.44 8.22 -82.71
C ARG G 1379 26.68 6.90 -82.01
N THR G 1380 26.96 6.99 -80.71
CA THR G 1380 27.24 5.80 -79.92
C THR G 1380 26.01 4.90 -79.86
N GLY G 1381 26.26 3.65 -79.48
CA GLY G 1381 25.18 2.70 -79.26
C GLY G 1381 24.41 2.28 -80.48
N SER G 1382 24.65 2.90 -81.65
CA SER G 1382 23.95 2.52 -82.85
C SER G 1382 24.26 1.09 -83.30
N GLY G 1383 25.24 0.45 -82.68
CA GLY G 1383 25.61 -0.89 -83.05
C GLY G 1383 26.71 -0.98 -84.07
N LYS G 1384 27.53 0.05 -84.22
CA LYS G 1384 28.57 0.03 -85.24
C LYS G 1384 29.70 -0.92 -84.87
N SER G 1385 30.11 -0.92 -83.60
CA SER G 1385 31.06 -1.94 -83.16
C SER G 1385 30.43 -3.32 -83.24
N SER G 1386 29.15 -3.43 -82.93
CA SER G 1386 28.43 -4.69 -83.09
C SER G 1386 28.54 -5.18 -84.53
N PHE G 1387 28.22 -4.34 -85.50
CA PHE G 1387 28.32 -4.74 -86.90
C PHE G 1387 29.75 -5.05 -87.29
N SER G 1388 30.71 -4.33 -86.73
CA SER G 1388 32.10 -4.72 -86.93
C SER G 1388 32.32 -6.16 -86.51
N LEU G 1389 31.80 -6.53 -85.34
CA LEU G 1389 31.89 -7.89 -84.86
C LEU G 1389 30.92 -8.83 -85.57
N ALA G 1390 30.07 -8.31 -86.47
CA ALA G 1390 29.18 -9.19 -87.21
C ALA G 1390 29.94 -10.05 -88.21
N PHE G 1391 31.13 -9.62 -88.63
CA PHE G 1391 31.88 -10.41 -89.60
C PHE G 1391 32.44 -11.66 -88.94
N PHE G 1392 33.13 -11.49 -87.82
CA PHE G 1392 33.82 -12.58 -87.14
C PHE G 1392 32.88 -13.48 -86.35
N ARG G 1393 31.58 -13.34 -86.54
CA ARG G 1393 30.57 -14.14 -85.83
C ARG G 1393 30.73 -14.02 -84.33
N MET G 1394 31.27 -12.89 -83.85
CA MET G 1394 31.26 -12.59 -82.43
C MET G 1394 29.86 -12.50 -81.87
N VAL G 1395 28.86 -12.31 -82.72
CA VAL G 1395 27.47 -12.05 -82.31
C VAL G 1395 26.59 -13.18 -82.81
N ASP G 1396 25.41 -13.33 -82.18
CA ASP G 1396 24.59 -14.53 -82.40
C ASP G 1396 23.85 -14.51 -83.74
N THR G 1397 23.74 -13.36 -84.41
CA THR G 1397 23.18 -13.22 -85.76
C THR G 1397 22.00 -14.13 -86.06
N PHE G 1398 20.94 -14.02 -85.25
CA PHE G 1398 19.85 -14.99 -85.32
C PHE G 1398 19.14 -14.99 -86.66
N GLU G 1399 18.89 -13.82 -87.24
CA GLU G 1399 18.29 -13.75 -88.58
C GLU G 1399 19.34 -13.27 -89.57
N GLY G 1400 19.00 -13.37 -90.84
CA GLY G 1400 19.87 -12.85 -91.89
C GLY G 1400 21.18 -13.57 -92.04
N HIS G 1401 22.00 -13.11 -92.98
CA HIS G 1401 23.28 -13.74 -93.31
C HIS G 1401 24.17 -12.73 -94.03
N ILE G 1402 25.48 -13.00 -94.01
CA ILE G 1402 26.46 -12.21 -94.74
C ILE G 1402 27.18 -13.12 -95.74
N ILE G 1403 27.45 -12.59 -96.92
CA ILE G 1403 28.16 -13.30 -97.97
C ILE G 1403 29.51 -12.65 -98.16
N ILE G 1404 30.57 -13.39 -97.88
CA ILE G 1404 31.88 -12.97 -98.37
C ILE G 1404 31.97 -13.65 -99.72
N ASP G 1405 32.78 -13.09 -100.62
CA ASP G 1405 32.64 -13.36 -102.05
C ASP G 1405 32.48 -14.85 -102.31
N GLY G 1406 31.30 -15.22 -102.81
CA GLY G 1406 30.98 -16.59 -103.10
C GLY G 1406 30.20 -17.32 -102.03
N ILE G 1407 30.24 -16.89 -100.77
CA ILE G 1407 29.80 -17.77 -99.69
C ILE G 1407 29.25 -17.00 -98.50
N ASP G 1408 28.42 -17.69 -97.73
CA ASP G 1408 27.83 -17.26 -96.48
C ASP G 1408 28.88 -17.20 -95.38
N ILE G 1409 28.43 -16.91 -94.16
CA ILE G 1409 29.28 -16.99 -92.98
C ILE G 1409 28.94 -18.21 -92.13
N ALA G 1410 27.81 -18.86 -92.41
CA ALA G 1410 27.26 -19.87 -91.50
C ALA G 1410 28.01 -21.19 -91.51
N LYS G 1411 29.02 -21.35 -92.36
CA LYS G 1411 29.66 -22.65 -92.53
C LYS G 1411 31.17 -22.61 -92.40
N LEU G 1412 31.76 -21.45 -92.12
CA LEU G 1412 33.22 -21.54 -92.11
C LEU G 1412 33.72 -22.02 -90.75
N PRO G 1413 34.88 -22.67 -90.73
CA PRO G 1413 35.58 -22.88 -89.46
C PRO G 1413 36.00 -21.53 -88.90
N LEU G 1414 35.54 -21.25 -87.67
CA LEU G 1414 35.76 -19.93 -87.08
C LEU G 1414 37.24 -19.59 -87.02
N HIS G 1415 38.09 -20.58 -86.77
CA HIS G 1415 39.53 -20.37 -86.82
C HIS G 1415 39.98 -19.95 -88.21
N THR G 1416 39.58 -20.72 -89.23
CA THR G 1416 39.83 -20.30 -90.60
C THR G 1416 39.20 -18.96 -90.88
N LEU G 1417 38.00 -18.74 -90.34
CA LEU G 1417 37.31 -17.47 -90.52
C LEU G 1417 38.20 -16.30 -90.15
N ARG G 1418 38.63 -16.25 -88.89
CA ARG G 1418 39.32 -15.06 -88.40
C ARG G 1418 40.81 -15.11 -88.76
N SER G 1419 41.27 -16.26 -89.26
CA SER G 1419 42.68 -16.38 -89.64
C SER G 1419 42.97 -15.54 -90.86
N ARG G 1420 42.02 -15.43 -91.78
CA ARG G 1420 42.20 -14.77 -93.06
C ARG G 1420 41.63 -13.36 -93.12
N LEU G 1421 41.28 -12.79 -91.97
CA LEU G 1421 40.77 -11.43 -91.91
C LEU G 1421 41.54 -10.66 -90.84
N SER G 1422 41.05 -9.46 -90.53
CA SER G 1422 41.68 -8.60 -89.55
C SER G 1422 40.67 -7.61 -89.01
N ILE G 1423 41.08 -6.92 -87.94
CA ILE G 1423 40.26 -5.91 -87.27
C ILE G 1423 41.17 -5.10 -86.36
N ILE G 1424 40.84 -3.83 -86.14
CA ILE G 1424 41.52 -3.01 -85.14
C ILE G 1424 40.49 -2.65 -84.07
N LEU G 1425 40.69 -3.21 -82.88
CA LEU G 1425 39.80 -2.95 -81.76
C LEU G 1425 39.80 -1.47 -81.43
N GLN G 1426 38.66 -1.02 -80.89
CA GLN G 1426 38.54 0.33 -80.35
C GLN G 1426 39.62 0.58 -79.32
N ASP G 1427 39.68 -0.26 -78.29
CA ASP G 1427 40.64 -0.08 -77.21
C ASP G 1427 41.97 -0.73 -77.60
N PRO G 1428 43.10 -0.16 -77.19
CA PRO G 1428 44.39 -0.83 -77.39
C PRO G 1428 44.66 -1.84 -76.29
N VAL G 1429 45.05 -3.04 -76.69
CA VAL G 1429 45.43 -4.10 -75.77
C VAL G 1429 46.75 -4.66 -76.26
N LEU G 1430 47.69 -4.87 -75.35
CA LEU G 1430 49.05 -5.25 -75.71
C LEU G 1430 49.44 -6.57 -75.05
N PHE G 1431 50.70 -6.95 -75.26
CA PHE G 1431 51.23 -8.21 -74.80
C PHE G 1431 52.59 -7.99 -74.13
N SER G 1432 52.74 -8.53 -72.94
CA SER G 1432 54.02 -8.50 -72.27
C SER G 1432 55.03 -9.29 -73.07
N GLY G 1433 56.01 -8.60 -73.63
CA GLY G 1433 57.01 -9.22 -74.47
C GLY G 1433 57.74 -8.17 -75.27
N THR G 1434 58.16 -8.55 -76.47
CA THR G 1434 58.88 -7.66 -77.35
C THR G 1434 58.13 -7.46 -78.65
N ILE G 1435 58.61 -6.48 -79.42
CA ILE G 1435 57.93 -6.12 -80.66
C ILE G 1435 57.85 -7.31 -81.60
N ARG G 1436 58.91 -8.12 -81.64
CA ARG G 1436 58.83 -9.40 -82.34
C ARG G 1436 57.63 -10.22 -81.86
N PHE G 1437 57.51 -10.39 -80.56
CA PHE G 1437 56.41 -11.20 -80.03
C PHE G 1437 55.09 -10.44 -80.03
N ASN G 1438 55.16 -9.12 -79.84
CA ASN G 1438 53.91 -8.35 -79.83
C ASN G 1438 53.25 -8.36 -81.18
N LEU G 1439 54.02 -8.21 -82.26
CA LEU G 1439 53.47 -8.30 -83.61
C LEU G 1439 53.34 -9.72 -84.09
N ASP G 1440 54.40 -10.53 -83.95
CA ASP G 1440 54.46 -11.86 -84.52
C ASP G 1440 54.36 -12.88 -83.39
N PRO G 1441 53.18 -13.45 -83.17
CA PRO G 1441 53.12 -14.63 -82.30
C PRO G 1441 53.90 -15.80 -82.88
N GLU G 1442 53.68 -16.08 -84.16
CA GLU G 1442 54.57 -16.94 -84.92
C GLU G 1442 55.88 -16.19 -85.17
N ARG G 1443 56.78 -16.82 -85.93
CA ARG G 1443 57.95 -16.15 -86.43
C ARG G 1443 57.94 -16.03 -87.95
N LYS G 1444 56.80 -16.32 -88.59
CA LYS G 1444 56.75 -16.41 -90.03
C LYS G 1444 56.60 -15.03 -90.66
N CYS G 1445 57.59 -14.17 -90.40
CA CYS G 1445 57.63 -12.82 -90.94
C CYS G 1445 59.07 -12.33 -91.05
N SER G 1446 59.26 -11.20 -91.71
CA SER G 1446 60.59 -10.61 -91.90
C SER G 1446 60.66 -9.28 -91.16
N ASP G 1447 61.84 -8.96 -90.64
CA ASP G 1447 62.04 -7.68 -89.98
C ASP G 1447 61.79 -6.54 -90.95
N SER G 1448 62.08 -6.76 -92.24
CA SER G 1448 61.75 -5.76 -93.25
C SER G 1448 60.28 -5.39 -93.19
N THR G 1449 59.40 -6.38 -93.25
CA THR G 1449 57.96 -6.12 -93.16
C THR G 1449 57.56 -5.56 -91.80
N LEU G 1450 58.29 -5.92 -90.74
CA LEU G 1450 57.99 -5.36 -89.42
C LEU G 1450 58.24 -3.86 -89.41
N TRP G 1451 59.44 -3.46 -89.82
CA TRP G 1451 59.76 -2.05 -89.97
C TRP G 1451 58.82 -1.37 -90.94
N GLU G 1452 58.36 -2.08 -91.97
CA GLU G 1452 57.40 -1.51 -92.90
C GLU G 1452 56.09 -1.17 -92.21
N ALA G 1453 55.54 -2.12 -91.45
CA ALA G 1453 54.31 -1.88 -90.71
C ALA G 1453 54.50 -0.77 -89.68
N LEU G 1454 55.66 -0.74 -89.01
CA LEU G 1454 55.96 0.36 -88.10
C LEU G 1454 55.94 1.70 -88.82
N GLU G 1455 56.58 1.77 -89.99
CA GLU G 1455 56.67 3.01 -90.72
C GLU G 1455 55.29 3.48 -91.17
N ILE G 1456 54.56 2.64 -91.90
CA ILE G 1456 53.27 3.05 -92.43
C ILE G 1456 52.29 3.40 -91.31
N ALA G 1457 52.58 2.97 -90.08
CA ALA G 1457 51.83 3.40 -88.91
C ALA G 1457 52.51 4.55 -88.17
N GLN G 1458 53.64 5.03 -88.70
CA GLN G 1458 54.40 6.15 -88.10
C GLN G 1458 55.01 5.74 -86.75
N LEU G 1459 55.42 4.49 -86.64
CA LEU G 1459 56.10 4.00 -85.45
C LEU G 1459 57.60 3.85 -85.63
N LYS G 1460 58.06 3.43 -86.80
CA LYS G 1460 59.49 3.19 -87.03
C LYS G 1460 60.30 4.40 -86.60
N LEU G 1461 59.81 5.60 -86.90
CA LEU G 1461 60.51 6.81 -86.49
C LEU G 1461 60.71 6.85 -84.99
N VAL G 1462 59.69 6.52 -84.22
CA VAL G 1462 59.84 6.46 -82.77
C VAL G 1462 60.80 5.34 -82.38
N VAL G 1463 60.57 4.14 -82.91
CA VAL G 1463 61.34 2.97 -82.52
C VAL G 1463 62.83 3.20 -82.72
N LYS G 1464 63.21 3.98 -83.74
CA LYS G 1464 64.62 4.28 -83.95
C LYS G 1464 65.25 4.85 -82.69
N ALA G 1465 64.53 5.71 -81.98
CA ALA G 1465 65.06 6.26 -80.74
C ALA G 1465 65.14 5.23 -79.63
N LEU G 1466 64.42 4.12 -79.75
CA LEU G 1466 64.42 3.13 -78.69
C LEU G 1466 65.64 2.23 -78.80
N PRO G 1467 66.35 1.97 -77.71
CA PRO G 1467 67.60 1.19 -77.79
C PRO G 1467 67.39 -0.28 -78.09
N GLY G 1468 66.19 -0.82 -77.91
CA GLY G 1468 65.98 -2.25 -78.08
C GLY G 1468 66.19 -2.71 -79.50
N GLY G 1469 65.77 -1.90 -80.46
CA GLY G 1469 65.74 -2.33 -81.85
C GLY G 1469 64.53 -3.20 -82.08
N LEU G 1470 63.35 -2.63 -81.81
CA LEU G 1470 62.10 -3.40 -81.69
C LEU G 1470 62.32 -4.67 -80.88
N ASP G 1471 63.22 -4.58 -79.91
CA ASP G 1471 63.53 -5.67 -79.02
C ASP G 1471 63.37 -5.28 -77.56
N ALA G 1472 62.84 -4.09 -77.28
CA ALA G 1472 62.52 -3.70 -75.92
C ALA G 1472 61.38 -4.55 -75.38
N ILE G 1473 60.98 -4.26 -74.16
CA ILE G 1473 59.96 -5.02 -73.46
C ILE G 1473 58.76 -4.13 -73.19
N ILE G 1474 57.62 -4.49 -73.74
CA ILE G 1474 56.35 -3.90 -73.36
C ILE G 1474 55.89 -4.55 -72.07
N THR G 1475 55.75 -3.75 -71.01
CA THR G 1475 55.55 -4.26 -69.66
C THR G 1475 54.09 -4.16 -69.27
N GLU G 1476 53.48 -5.31 -68.99
CA GLU G 1476 52.13 -5.37 -68.41
C GLU G 1476 51.13 -4.60 -69.28
N GLY G 1477 50.89 -5.13 -70.47
CA GLY G 1477 49.85 -4.57 -71.33
C GLY G 1477 50.16 -3.21 -71.92
N GLY G 1478 51.34 -2.66 -71.67
CA GLY G 1478 51.72 -1.39 -72.24
C GLY G 1478 51.83 -0.22 -71.28
N GLU G 1479 52.30 -0.45 -70.06
CA GLU G 1479 52.49 0.63 -69.11
C GLU G 1479 53.71 1.49 -69.41
N ASN G 1480 54.38 1.26 -70.54
CA ASN G 1480 55.56 2.06 -70.86
C ASN G 1480 55.22 3.18 -71.83
N PHE G 1481 54.17 3.01 -72.62
CA PHE G 1481 53.84 3.94 -73.69
C PHE G 1481 52.45 4.52 -73.46
N SER G 1482 52.14 5.56 -74.22
CA SER G 1482 50.91 6.32 -74.06
C SER G 1482 49.73 5.60 -74.67
N GLN G 1483 48.52 6.09 -74.36
CA GLN G 1483 47.31 5.53 -74.94
C GLN G 1483 47.42 5.44 -76.45
N GLY G 1484 47.72 6.57 -77.08
CA GLY G 1484 47.82 6.61 -78.53
C GLY G 1484 48.97 5.77 -79.05
N GLN G 1485 50.07 5.72 -78.30
CA GLN G 1485 51.17 4.83 -78.66
C GLN G 1485 50.69 3.39 -78.79
N ARG G 1486 49.99 2.91 -77.75
CA ARG G 1486 49.50 1.54 -77.73
C ARG G 1486 48.49 1.30 -78.84
N GLN G 1487 47.61 2.28 -79.09
CA GLN G 1487 46.67 2.16 -80.20
C GLN G 1487 47.41 2.03 -81.52
N LEU G 1488 48.46 2.82 -81.70
CA LEU G 1488 49.30 2.70 -82.88
C LEU G 1488 49.89 1.31 -83.01
N PHE G 1489 50.43 0.78 -81.90
CA PHE G 1489 50.95 -0.59 -81.94
C PHE G 1489 49.89 -1.56 -82.43
N CYS G 1490 48.66 -1.42 -81.94
CA CYS G 1490 47.59 -2.32 -82.38
C CYS G 1490 47.31 -2.15 -83.87
N LEU G 1491 47.23 -0.91 -84.33
CA LEU G 1491 47.06 -0.65 -85.75
C LEU G 1491 48.13 -1.38 -86.56
N ALA G 1492 49.40 -1.16 -86.21
CA ALA G 1492 50.49 -1.80 -86.94
C ALA G 1492 50.37 -3.32 -86.90
N ARG G 1493 50.02 -3.88 -85.74
CA ARG G 1493 49.88 -5.33 -85.63
C ARG G 1493 48.84 -5.84 -86.61
N ALA G 1494 47.68 -5.19 -86.67
CA ALA G 1494 46.74 -5.52 -87.74
C ALA G 1494 47.39 -5.38 -89.10
N PHE G 1495 48.18 -4.31 -89.28
CA PHE G 1495 48.81 -4.00 -90.55
C PHE G 1495 49.85 -5.02 -90.95
N VAL G 1496 50.33 -5.84 -90.02
CA VAL G 1496 51.30 -6.88 -90.37
C VAL G 1496 50.70 -7.84 -91.38
N ARG G 1497 49.39 -8.04 -91.33
CA ARG G 1497 48.76 -8.99 -92.25
C ARG G 1497 48.59 -8.35 -93.62
N LYS G 1498 49.01 -9.08 -94.66
CA LYS G 1498 48.86 -8.62 -96.04
C LYS G 1498 47.44 -8.71 -96.53
N THR G 1499 46.50 -8.99 -95.63
CA THR G 1499 45.09 -9.06 -95.98
C THR G 1499 44.64 -7.77 -96.68
N SER G 1500 43.83 -7.93 -97.71
CA SER G 1500 43.31 -6.80 -98.47
C SER G 1500 41.89 -6.44 -98.08
N ILE G 1501 41.26 -7.18 -97.19
CA ILE G 1501 39.97 -6.80 -96.64
C ILE G 1501 40.03 -6.90 -95.13
N PHE G 1502 39.65 -5.83 -94.44
CA PHE G 1502 39.56 -5.82 -92.99
C PHE G 1502 38.79 -4.59 -92.57
N ILE G 1503 38.80 -4.31 -91.26
CA ILE G 1503 37.94 -3.31 -90.65
C ILE G 1503 38.66 -2.68 -89.48
N MET G 1504 38.20 -1.50 -89.08
CA MET G 1504 38.74 -0.75 -87.95
C MET G 1504 37.59 -0.21 -87.12
N ASP G 1505 37.72 -0.24 -85.80
CA ASP G 1505 36.67 0.26 -84.90
C ASP G 1505 37.12 1.59 -84.32
N GLU G 1506 36.85 2.67 -85.06
CA GLU G 1506 37.17 4.04 -84.64
C GLU G 1506 38.57 4.11 -84.05
N ALA G 1507 39.53 3.51 -84.77
CA ALA G 1507 40.88 3.38 -84.23
C ALA G 1507 41.51 4.74 -83.95
N THR G 1508 41.07 5.79 -84.66
CA THR G 1508 41.70 7.10 -84.57
C THR G 1508 41.24 7.90 -83.37
N ALA G 1509 40.29 7.38 -82.58
CA ALA G 1509 39.79 8.13 -81.43
C ALA G 1509 40.91 8.54 -80.49
N SER G 1510 41.86 7.63 -80.25
CA SER G 1510 42.96 7.95 -79.35
C SER G 1510 44.00 8.84 -80.02
N ILE G 1511 43.99 8.90 -81.35
CA ILE G 1511 45.02 9.60 -82.09
C ILE G 1511 44.67 11.08 -82.25
N ASP G 1512 45.68 11.93 -82.12
CA ASP G 1512 45.56 13.37 -82.35
C ASP G 1512 45.38 13.65 -83.84
N MET G 1513 45.19 14.93 -84.16
CA MET G 1513 44.80 15.29 -85.53
C MET G 1513 45.92 15.10 -86.54
N ALA G 1514 47.15 15.52 -86.20
CA ALA G 1514 48.24 15.46 -87.18
C ALA G 1514 48.51 14.03 -87.61
N THR G 1515 48.78 13.17 -86.63
CA THR G 1515 48.98 11.76 -86.92
C THR G 1515 47.74 11.14 -87.53
N GLU G 1516 46.55 11.63 -87.16
CA GLU G 1516 45.32 11.15 -87.78
C GLU G 1516 45.37 11.34 -89.29
N ASN G 1517 45.61 12.57 -89.73
CA ASN G 1517 45.69 12.86 -91.16
C ASN G 1517 46.78 12.04 -91.82
N ILE G 1518 47.99 12.11 -91.27
CA ILE G 1518 49.13 11.44 -91.92
C ILE G 1518 48.87 9.94 -92.02
N LEU G 1519 48.33 9.35 -90.96
CA LEU G 1519 48.15 7.90 -90.91
C LEU G 1519 47.06 7.47 -91.87
N GLN G 1520 45.91 8.16 -91.86
CA GLN G 1520 44.85 7.80 -92.77
C GLN G 1520 45.28 7.94 -94.22
N LYS G 1521 46.06 8.98 -94.53
CA LYS G 1521 46.60 9.11 -95.87
C LYS G 1521 47.49 7.93 -96.23
N VAL G 1522 48.46 7.62 -95.37
CA VAL G 1522 49.41 6.56 -95.68
C VAL G 1522 48.69 5.23 -95.83
N VAL G 1523 47.66 4.98 -95.01
CA VAL G 1523 47.01 3.68 -95.07
C VAL G 1523 46.11 3.59 -96.30
N MET G 1524 45.45 4.70 -96.67
CA MET G 1524 44.69 4.72 -97.92
C MET G 1524 45.59 4.44 -99.12
N THR G 1525 46.77 5.09 -99.15
CA THR G 1525 47.68 4.87 -100.26
C THR G 1525 48.22 3.45 -100.28
N ALA G 1526 48.94 3.05 -99.22
CA ALA G 1526 49.52 1.72 -99.14
C ALA G 1526 48.47 0.62 -99.26
N PHE G 1527 47.21 0.92 -98.93
CA PHE G 1527 46.11 -0.01 -99.11
C PHE G 1527 45.16 0.50 -100.18
N ALA G 1528 45.72 1.06 -101.26
CA ALA G 1528 44.90 1.46 -102.39
C ALA G 1528 44.13 0.28 -102.98
N ASP G 1529 44.75 -0.89 -103.05
CA ASP G 1529 44.06 -2.09 -103.49
C ASP G 1529 43.14 -2.64 -102.40
N ARG G 1530 43.60 -2.60 -101.15
CA ARG G 1530 42.88 -3.25 -100.08
C ARG G 1530 41.51 -2.62 -99.87
N THR G 1531 40.58 -3.44 -99.36
CA THR G 1531 39.23 -3.03 -99.04
C THR G 1531 39.09 -2.95 -97.53
N VAL G 1532 39.01 -1.74 -97.00
CA VAL G 1532 38.94 -1.51 -95.56
C VAL G 1532 37.59 -0.90 -95.23
N VAL G 1533 36.97 -1.39 -94.16
CA VAL G 1533 35.76 -0.80 -93.62
C VAL G 1533 36.16 0.02 -92.41
N THR G 1534 35.70 1.27 -92.36
CA THR G 1534 36.21 2.24 -91.40
C THR G 1534 35.10 2.70 -90.47
N ILE G 1535 35.21 2.32 -89.20
CA ILE G 1535 34.52 3.04 -88.15
C ILE G 1535 35.33 4.28 -87.81
N ALA G 1536 34.64 5.40 -87.65
CA ALA G 1536 35.33 6.66 -87.38
C ALA G 1536 34.57 7.44 -86.33
N HIS G 1537 35.18 7.58 -85.15
CA HIS G 1537 34.75 8.57 -84.17
C HIS G 1537 35.12 9.98 -84.60
N ARG G 1538 35.76 10.12 -85.76
CA ARG G 1538 36.05 11.41 -86.39
C ARG G 1538 35.52 11.37 -87.81
N VAL G 1539 34.43 12.11 -88.06
CA VAL G 1539 33.87 12.13 -89.40
C VAL G 1539 34.85 12.77 -90.37
N HIS G 1540 35.67 13.70 -89.90
CA HIS G 1540 36.70 14.32 -90.73
C HIS G 1540 37.61 13.29 -91.37
N THR G 1541 37.67 12.08 -90.81
CA THR G 1541 38.37 10.96 -91.43
C THR G 1541 37.48 10.22 -92.43
N ILE G 1542 36.16 10.21 -92.21
CA ILE G 1542 35.27 9.50 -93.12
C ILE G 1542 34.95 10.31 -94.36
N LEU G 1543 35.36 11.59 -94.42
CA LEU G 1543 35.07 12.40 -95.59
C LEU G 1543 35.82 11.90 -96.83
N SER G 1544 36.67 10.89 -96.67
CA SER G 1544 37.49 10.46 -97.80
C SER G 1544 37.03 9.13 -98.38
N ALA G 1545 36.27 8.34 -97.61
CA ALA G 1545 35.89 7.01 -98.05
C ALA G 1545 35.01 7.05 -99.29
N ASP G 1546 34.92 5.91 -100.00
CA ASP G 1546 34.08 5.82 -101.18
C ASP G 1546 32.60 5.92 -100.79
N LEU G 1547 32.17 5.12 -99.82
CA LEU G 1547 30.80 5.15 -99.34
C LEU G 1547 30.77 5.44 -97.85
N VAL G 1548 29.69 6.09 -97.43
CA VAL G 1548 29.47 6.46 -96.03
C VAL G 1548 28.23 5.75 -95.55
N ILE G 1549 28.33 5.09 -94.39
CA ILE G 1549 27.26 4.27 -93.86
C ILE G 1549 26.87 4.81 -92.51
N VAL G 1550 25.62 5.24 -92.37
CA VAL G 1550 25.14 5.93 -91.20
C VAL G 1550 24.13 5.05 -90.48
N LEU G 1551 24.39 4.79 -89.20
CA LEU G 1551 23.52 3.98 -88.36
C LEU G 1551 22.82 4.86 -87.34
N LYS G 1552 21.50 4.86 -87.34
CA LYS G 1552 20.81 5.70 -86.36
C LYS G 1552 20.51 4.90 -85.10
N ARG G 1553 19.68 3.86 -85.23
CA ARG G 1553 19.36 3.01 -84.09
C ARG G 1553 19.73 1.55 -84.36
N GLY G 1554 19.15 0.97 -85.40
CA GLY G 1554 19.34 -0.44 -85.67
C GLY G 1554 19.47 -0.73 -87.15
N ALA G 1555 19.75 0.30 -87.93
CA ALA G 1555 19.89 0.13 -89.37
C ALA G 1555 20.55 1.36 -89.97
N ILE G 1556 20.82 1.28 -91.26
CA ILE G 1556 21.48 2.34 -92.02
C ILE G 1556 20.42 3.30 -92.50
N LEU G 1557 20.77 4.58 -92.56
CA LEU G 1557 19.91 5.58 -93.16
C LEU G 1557 20.63 6.23 -94.34
N GLU G 1558 20.36 5.73 -95.53
CA GLU G 1558 20.86 6.31 -96.78
C GLU G 1558 22.38 6.33 -96.82
N PHE G 1559 22.97 5.15 -96.79
CA PHE G 1559 24.39 5.03 -97.07
C PHE G 1559 24.67 5.45 -98.51
N ASP G 1560 25.72 6.23 -98.71
CA ASP G 1560 25.93 6.88 -100.00
C ASP G 1560 27.35 7.43 -100.04
N LYS G 1561 27.71 8.00 -101.19
CA LYS G 1561 28.97 8.70 -101.34
C LYS G 1561 28.96 9.92 -100.42
N PRO G 1562 30.13 10.38 -99.96
CA PRO G 1562 30.14 11.51 -99.02
C PRO G 1562 29.61 12.80 -99.60
N GLU G 1563 29.99 13.11 -100.84
CA GLU G 1563 29.61 14.39 -101.45
C GLU G 1563 28.10 14.54 -101.53
N LYS G 1564 27.41 13.48 -101.97
CA LYS G 1564 25.96 13.53 -102.07
C LYS G 1564 25.29 13.74 -100.72
N LEU G 1565 25.76 13.04 -99.68
CA LEU G 1565 25.14 13.17 -98.36
C LEU G 1565 25.40 14.55 -97.76
N LEU G 1566 26.57 15.14 -98.03
CA LEU G 1566 26.87 16.45 -97.47
C LEU G 1566 26.18 17.56 -98.24
N SER G 1567 26.00 17.39 -99.56
CA SER G 1567 25.35 18.44 -100.34
C SER G 1567 23.84 18.34 -100.27
N ARG G 1568 23.31 17.15 -99.96
CA ARG G 1568 21.87 17.01 -99.75
C ARG G 1568 21.45 17.59 -98.41
N LYS G 1569 22.31 17.48 -97.39
CA LYS G 1569 22.12 18.04 -96.06
C LYS G 1569 21.03 17.29 -95.31
N ASP G 1570 20.29 16.44 -96.02
CA ASP G 1570 19.11 15.82 -95.42
C ASP G 1570 19.50 14.72 -94.45
N SER G 1571 20.55 13.98 -94.77
CA SER G 1571 21.09 13.02 -93.82
C SER G 1571 21.56 13.73 -92.56
N VAL G 1572 21.56 12.99 -91.46
CA VAL G 1572 22.05 13.55 -90.20
C VAL G 1572 23.57 13.63 -90.20
N PHE G 1573 24.24 12.93 -91.12
CA PHE G 1573 25.69 13.09 -91.23
C PHE G 1573 26.07 14.51 -91.62
N ALA G 1574 25.18 15.20 -92.34
CA ALA G 1574 25.39 16.61 -92.58
C ALA G 1574 25.51 17.38 -91.28
N SER G 1575 24.61 17.11 -90.33
CA SER G 1575 24.73 17.73 -89.02
C SER G 1575 25.98 17.26 -88.29
N PHE G 1576 26.37 16.00 -88.49
CA PHE G 1576 27.56 15.48 -87.84
C PHE G 1576 28.80 16.25 -88.29
N VAL G 1577 28.91 16.51 -89.59
CA VAL G 1577 30.04 17.26 -90.11
C VAL G 1577 29.92 18.75 -89.89
N ARG G 1578 28.70 19.28 -89.72
CA ARG G 1578 28.54 20.70 -89.46
C ARG G 1578 28.78 21.08 -88.01
N ALA G 1579 28.40 20.23 -87.06
CA ALA G 1579 28.69 20.51 -85.66
C ALA G 1579 30.20 20.57 -85.43
N ASP G 1580 30.96 19.79 -86.20
CA ASP G 1580 32.41 19.87 -86.14
C ASP G 1580 32.92 21.07 -86.93
N LYS G 1581 32.67 21.08 -88.24
CA LYS G 1581 33.16 22.09 -89.17
C LYS G 1581 34.69 22.06 -89.26
N PRO H 2 33.03 -32.67 40.08
CA PRO H 2 33.58 -31.45 40.69
C PRO H 2 32.71 -30.24 40.41
N LEU H 3 33.16 -29.05 40.83
CA LEU H 3 32.43 -27.79 40.60
C LEU H 3 31.03 -27.85 41.19
N ALA H 4 30.87 -28.57 42.30
CA ALA H 4 29.58 -28.65 42.95
C ALA H 4 29.33 -27.39 43.78
N PHE H 5 28.05 -27.06 43.94
CA PHE H 5 27.68 -25.83 44.62
C PHE H 5 28.27 -25.77 46.02
N CYS H 6 27.86 -26.68 46.90
CA CYS H 6 28.47 -26.82 48.22
C CYS H 6 28.81 -28.28 48.46
N GLY H 7 29.41 -28.92 47.45
CA GLY H 7 29.56 -30.36 47.40
C GLY H 7 30.86 -30.86 47.98
N SER H 8 30.76 -31.81 48.92
CA SER H 8 31.88 -32.62 49.38
C SER H 8 31.38 -34.06 49.51
N GLU H 9 32.21 -34.94 50.06
CA GLU H 9 31.90 -36.38 50.13
C GLU H 9 30.64 -36.58 50.98
N ASN H 10 30.18 -37.83 51.10
CA ASN H 10 28.88 -38.14 51.70
C ASN H 10 28.60 -37.37 52.99
N HIS H 11 29.63 -37.05 53.77
CA HIS H 11 29.45 -36.23 54.96
C HIS H 11 28.74 -34.92 54.63
N SER H 12 29.14 -34.27 53.53
CA SER H 12 28.47 -33.06 53.06
C SER H 12 27.46 -33.35 51.96
N ALA H 13 27.50 -34.52 51.34
CA ALA H 13 26.42 -34.91 50.45
C ALA H 13 25.14 -35.16 51.22
N ALA H 14 25.25 -35.32 52.55
CA ALA H 14 24.11 -35.29 53.44
C ALA H 14 23.86 -33.89 53.99
N TYR H 15 24.43 -32.87 53.36
CA TYR H 15 24.15 -31.48 53.72
C TYR H 15 23.01 -30.89 52.93
N ARG H 16 23.01 -31.08 51.61
CA ARG H 16 21.90 -30.61 50.79
C ARG H 16 20.57 -31.22 51.20
N VAL H 17 20.57 -32.16 52.14
CA VAL H 17 19.33 -32.71 52.65
C VAL H 17 18.51 -31.59 53.28
N ASP H 18 17.23 -31.85 53.48
CA ASP H 18 16.33 -30.84 54.03
C ASP H 18 15.70 -31.36 55.31
N GLN H 19 16.33 -31.02 56.43
CA GLN H 19 15.73 -31.14 57.76
C GLN H 19 15.08 -29.84 58.17
N GLY H 20 14.35 -29.23 57.24
CA GLY H 20 13.96 -27.84 57.31
C GLY H 20 14.61 -27.10 56.17
N VAL H 21 13.81 -26.69 55.18
CA VAL H 21 14.35 -26.19 53.92
C VAL H 21 15.20 -24.96 54.15
N LEU H 22 14.59 -23.90 54.71
CA LEU H 22 15.33 -22.66 54.89
C LEU H 22 16.43 -22.78 55.92
N ASN H 23 16.51 -23.91 56.63
CA ASN H 23 17.60 -24.09 57.57
C ASN H 23 18.90 -24.47 56.87
N ASN H 24 18.80 -24.90 55.61
CA ASN H 24 20.01 -25.24 54.87
C ASN H 24 20.68 -23.97 54.39
N GLY H 25 21.89 -23.71 54.91
CA GLY H 25 22.64 -22.56 54.45
C GLY H 25 22.92 -22.60 52.97
N CYS H 26 23.24 -23.77 52.43
CA CYS H 26 23.38 -23.88 50.98
C CYS H 26 22.15 -23.35 50.27
N PHE H 27 20.96 -23.61 50.82
CA PHE H 27 19.74 -23.24 50.12
C PHE H 27 19.55 -21.74 50.08
N VAL H 28 19.70 -21.06 51.21
CA VAL H 28 19.56 -19.61 51.19
C VAL H 28 20.70 -18.97 50.40
N ASP H 29 21.90 -19.55 50.48
CA ASP H 29 23.02 -19.07 49.69
C ASP H 29 22.70 -19.12 48.20
N ALA H 30 22.08 -20.21 47.75
CA ALA H 30 21.68 -20.32 46.36
C ALA H 30 20.51 -19.40 46.02
N LEU H 31 19.55 -19.28 46.92
CA LEU H 31 18.40 -18.42 46.69
C LEU H 31 18.84 -16.98 46.51
N ASN H 32 19.91 -16.58 47.19
CA ASN H 32 20.43 -15.23 47.05
C ASN H 32 21.08 -14.98 45.69
N VAL H 33 21.00 -15.93 44.77
CA VAL H 33 21.56 -15.75 43.44
C VAL H 33 20.42 -15.52 42.46
N VAL H 34 19.27 -16.11 42.77
CA VAL H 34 18.12 -16.02 41.86
C VAL H 34 17.80 -14.59 41.46
N PRO H 35 17.79 -13.60 42.35
CA PRO H 35 17.46 -12.24 41.89
C PRO H 35 18.49 -11.68 40.92
N HIS H 36 19.76 -11.91 41.20
CA HIS H 36 20.79 -11.32 40.37
C HIS H 36 20.75 -11.93 38.98
N VAL H 37 20.51 -13.24 38.93
CA VAL H 37 20.21 -13.90 37.66
C VAL H 37 19.04 -13.22 36.97
N PHE H 38 17.94 -13.06 37.68
CA PHE H 38 16.73 -12.47 37.10
C PHE H 38 17.06 -11.17 36.40
N LEU H 39 17.66 -10.22 37.12
CA LEU H 39 17.94 -8.92 36.52
C LEU H 39 18.93 -9.06 35.37
N LEU H 40 20.07 -9.70 35.63
CA LEU H 40 21.13 -9.84 34.66
C LEU H 40 20.63 -10.44 33.35
N PHE H 41 19.54 -11.19 33.41
CA PHE H 41 19.06 -11.77 32.16
C PHE H 41 17.79 -11.12 31.65
N ILE H 42 17.09 -10.34 32.46
CA ILE H 42 15.94 -9.60 31.93
C ILE H 42 16.37 -8.29 31.29
N THR H 43 17.51 -7.73 31.68
CA THR H 43 17.88 -6.41 31.20
C THR H 43 18.88 -6.41 30.06
N PHE H 44 19.65 -7.47 29.88
CA PHE H 44 20.63 -7.47 28.78
C PHE H 44 20.00 -7.21 27.42
N PRO H 45 18.98 -7.95 26.98
CA PRO H 45 18.42 -7.66 25.65
C PRO H 45 18.01 -6.21 25.48
N ILE H 46 17.29 -5.66 26.46
CA ILE H 46 16.79 -4.30 26.37
C ILE H 46 17.91 -3.32 26.65
N LEU H 47 19.11 -3.84 26.86
CA LEU H 47 20.30 -3.02 26.90
C LEU H 47 21.12 -3.14 25.63
N PHE H 48 21.21 -4.34 25.07
CA PHE H 48 21.87 -4.52 23.79
C PHE H 48 21.07 -3.95 22.63
N ILE H 49 19.80 -3.60 22.84
CA ILE H 49 19.06 -2.94 21.77
C ILE H 49 19.64 -1.57 21.48
N GLY H 50 20.14 -0.89 22.50
CA GLY H 50 20.74 0.41 22.31
C GLY H 50 22.25 0.35 22.23
N TRP H 51 22.85 -0.53 23.02
CA TRP H 51 24.31 -0.63 23.06
C TRP H 51 24.87 -1.20 21.77
N GLY H 52 24.21 -2.21 21.20
CA GLY H 52 24.72 -2.87 20.01
C GLY H 52 24.83 -1.98 18.80
N PHE H 68 14.59 10.87 37.31
CA PHE H 68 15.95 10.97 37.81
C PHE H 68 16.23 11.61 39.20
N PRO H 69 15.21 11.95 40.00
CA PRO H 69 15.52 12.59 41.28
C PRO H 69 16.25 11.64 42.22
N GLY H 70 17.13 12.19 43.03
CA GLY H 70 17.89 11.40 43.99
C GLY H 70 19.10 10.74 43.39
N HIS H 71 19.78 11.47 42.50
CA HIS H 71 21.01 11.00 41.87
C HIS H 71 22.03 10.63 42.93
N ASN H 72 22.50 11.64 43.66
CA ASN H 72 23.63 11.54 44.56
C ASN H 72 23.45 10.43 45.59
N LEU H 73 22.28 10.38 46.23
CA LEU H 73 22.03 9.35 47.24
C LEU H 73 22.11 7.96 46.63
N ARG H 74 21.41 7.75 45.51
CA ARG H 74 21.45 6.47 44.83
C ARG H 74 22.87 6.05 44.53
N TRP H 75 23.69 6.97 44.04
CA TRP H 75 25.03 6.60 43.63
C TRP H 75 25.93 6.34 44.83
N ILE H 76 25.78 7.11 45.91
CA ILE H 76 26.52 6.81 47.12
C ILE H 76 26.19 5.40 47.59
N LEU H 77 24.90 5.06 47.59
CA LEU H 77 24.50 3.70 47.95
C LEU H 77 25.16 2.68 47.03
N THR H 78 25.14 2.95 45.71
CA THR H 78 25.62 1.96 44.76
C THR H 78 27.11 1.72 44.92
N PHE H 79 27.88 2.77 45.18
CA PHE H 79 29.31 2.57 45.34
C PHE H 79 29.67 1.96 46.69
N MET H 80 28.96 2.33 47.75
CA MET H 80 29.15 1.63 49.03
C MET H 80 28.86 0.15 48.84
N LEU H 81 27.80 -0.16 48.11
CA LEU H 81 27.47 -1.53 47.78
C LEU H 81 28.60 -2.20 47.01
N LEU H 82 29.17 -1.48 46.04
CA LEU H 82 30.29 -2.01 45.30
C LEU H 82 31.43 -2.42 46.23
N PHE H 83 31.81 -1.50 47.12
CA PHE H 83 32.91 -1.78 48.04
C PHE H 83 32.61 -3.00 48.89
N VAL H 84 31.41 -3.06 49.47
CA VAL H 84 31.15 -4.15 50.39
C VAL H 84 30.99 -5.46 49.65
N LEU H 85 30.56 -5.42 48.39
CA LEU H 85 30.52 -6.65 47.63
C LEU H 85 31.92 -7.15 47.31
N VAL H 86 32.84 -6.23 47.02
CA VAL H 86 34.23 -6.65 46.88
C VAL H 86 34.71 -7.31 48.16
N CYS H 87 34.39 -6.71 49.29
CA CYS H 87 34.75 -7.30 50.58
C CYS H 87 34.17 -8.71 50.72
N GLU H 88 32.93 -8.90 50.29
CA GLU H 88 32.29 -10.20 50.44
C GLU H 88 32.93 -11.24 49.53
N ILE H 89 33.28 -10.84 48.30
CA ILE H 89 34.00 -11.75 47.42
C ILE H 89 35.31 -12.16 48.07
N ALA H 90 36.01 -11.21 48.68
CA ALA H 90 37.24 -11.54 49.39
C ALA H 90 36.97 -12.54 50.50
N GLU H 91 35.96 -12.28 51.33
CA GLU H 91 35.66 -13.17 52.44
C GLU H 91 35.35 -14.57 51.94
N GLY H 92 34.60 -14.68 50.85
CA GLY H 92 34.25 -15.97 50.31
C GLY H 92 35.48 -16.74 49.86
N ILE H 93 36.28 -16.12 49.00
CA ILE H 93 37.46 -16.81 48.48
C ILE H 93 38.39 -17.19 49.62
N LEU H 94 38.47 -16.35 50.65
CA LEU H 94 39.28 -16.72 51.80
C LEU H 94 38.72 -17.94 52.51
N SER H 95 37.45 -17.91 52.90
CA SER H 95 36.85 -18.98 53.66
C SER H 95 36.72 -20.26 52.86
N ASP H 96 36.97 -20.24 51.55
CA ASP H 96 37.00 -21.47 50.78
C ASP H 96 38.35 -22.17 50.84
N GLY H 97 39.35 -21.56 51.44
CA GLY H 97 40.66 -22.19 51.54
C GLY H 97 40.75 -23.33 52.52
N VAL H 98 39.75 -23.50 53.39
CA VAL H 98 39.81 -24.56 54.39
C VAL H 98 39.34 -25.89 53.81
N THR H 99 38.31 -25.85 52.95
CA THR H 99 37.84 -27.07 52.31
C THR H 99 38.78 -27.45 51.17
N GLU H 100 38.51 -28.60 50.55
CA GLU H 100 39.34 -29.10 49.46
C GLU H 100 38.53 -29.41 48.21
N SER H 101 37.22 -29.17 48.23
CA SER H 101 36.39 -29.37 47.06
C SER H 101 36.05 -28.09 46.31
N HIS H 102 36.52 -26.94 46.79
CA HIS H 102 36.31 -25.65 46.14
C HIS H 102 34.81 -25.34 46.02
N HIS H 103 34.08 -25.57 47.10
CA HIS H 103 32.67 -25.21 47.12
C HIS H 103 32.55 -23.71 46.87
N LEU H 104 31.95 -23.35 45.74
CA LEU H 104 32.01 -22.00 45.22
C LEU H 104 30.79 -21.17 45.58
N HIS H 105 29.93 -21.69 46.46
CA HIS H 105 28.75 -20.95 46.87
C HIS H 105 29.07 -19.80 47.79
N LEU H 106 30.27 -19.76 48.36
CA LEU H 106 30.65 -18.66 49.23
C LEU H 106 30.74 -17.35 48.46
N TYR H 107 31.31 -17.38 47.25
CA TYR H 107 31.59 -16.16 46.50
C TYR H 107 30.78 -15.99 45.24
N MET H 108 30.40 -17.09 44.58
CA MET H 108 29.60 -16.97 43.36
C MET H 108 28.41 -16.04 43.51
N PRO H 109 27.61 -16.12 44.58
CA PRO H 109 26.55 -15.12 44.74
C PRO H 109 27.08 -13.71 44.79
N ALA H 110 28.21 -13.48 45.45
CA ALA H 110 28.74 -12.13 45.52
C ALA H 110 29.28 -11.67 44.17
N GLY H 111 29.79 -12.60 43.36
CA GLY H 111 30.19 -12.24 42.01
C GLY H 111 29.01 -11.87 41.14
N MET H 112 27.93 -12.65 41.22
CA MET H 112 26.71 -12.28 40.53
C MET H 112 26.18 -10.95 41.03
N ALA H 113 26.34 -10.66 42.32
CA ALA H 113 25.95 -9.37 42.85
C ALA H 113 26.79 -8.23 42.28
N PHE H 114 28.10 -8.41 42.22
CA PHE H 114 28.97 -7.44 41.57
C PHE H 114 28.48 -7.15 40.16
N MET H 115 28.29 -8.21 39.36
CA MET H 115 27.83 -8.03 37.99
C MET H 115 26.46 -7.37 37.94
N ALA H 116 25.54 -7.78 38.82
CA ALA H 116 24.18 -7.25 38.78
C ALA H 116 24.14 -5.80 39.17
N ALA H 117 24.95 -5.40 40.14
CA ALA H 117 25.02 -3.99 40.49
C ALA H 117 25.58 -3.17 39.34
N VAL H 118 26.63 -3.68 38.69
CA VAL H 118 27.19 -2.99 37.54
C VAL H 118 26.13 -2.84 36.44
N THR H 119 25.36 -3.90 36.21
CA THR H 119 24.34 -3.85 35.18
C THR H 119 23.24 -2.88 35.54
N SER H 120 22.84 -2.86 36.82
CA SER H 120 21.87 -1.88 37.27
C SER H 120 22.37 -0.47 36.99
N VAL H 121 23.64 -0.21 37.29
CA VAL H 121 24.24 1.09 37.01
C VAL H 121 24.08 1.43 35.53
N VAL H 122 24.67 0.61 34.67
CA VAL H 122 24.71 0.94 33.24
C VAL H 122 23.30 1.03 32.67
N TYR H 123 22.43 0.14 33.11
CA TYR H 123 21.06 0.13 32.65
C TYR H 123 20.35 1.42 33.01
N TYR H 124 20.39 1.81 34.28
CA TYR H 124 19.72 3.05 34.64
C TYR H 124 20.35 4.24 33.96
N HIS H 125 21.65 4.21 33.70
CA HIS H 125 22.26 5.29 32.96
C HIS H 125 21.67 5.40 31.56
N ASN H 126 21.55 4.28 30.86
CA ASN H 126 21.00 4.29 29.51
C ASN H 126 19.48 4.43 29.49
N ILE H 127 18.81 4.36 30.64
CA ILE H 127 17.38 4.60 30.69
C ILE H 127 17.12 6.04 31.10
N GLU H 128 18.05 6.64 31.84
CA GLU H 128 17.88 8.01 32.30
C GLU H 128 17.74 8.99 31.15
N THR H 129 18.25 8.63 29.97
CA THR H 129 18.01 9.47 28.80
C THR H 129 16.51 9.56 28.49
N SER H 130 15.91 8.44 28.12
CA SER H 130 14.46 8.37 27.89
C SER H 130 13.90 7.41 28.93
N ASN H 131 13.60 7.95 30.10
CA ASN H 131 13.06 7.17 31.20
C ASN H 131 11.59 6.89 30.92
N PHE H 132 11.27 5.61 30.80
CA PHE H 132 9.90 5.16 30.77
C PHE H 132 9.70 4.47 32.10
N PRO H 133 9.61 5.22 33.18
CA PRO H 133 9.98 4.65 34.49
C PRO H 133 9.10 3.48 34.91
N LYS H 134 8.04 3.22 34.14
CA LYS H 134 7.36 1.93 34.22
C LYS H 134 8.27 0.82 33.73
N LEU H 135 9.19 1.14 32.81
CA LEU H 135 10.25 0.21 32.47
C LEU H 135 11.33 0.20 33.54
N LEU H 136 11.45 1.30 34.29
CA LEU H 136 12.47 1.36 35.33
C LEU H 136 12.06 0.58 36.57
N ILE H 137 10.77 0.43 36.82
CA ILE H 137 10.34 -0.28 38.03
C ILE H 137 10.62 -1.77 37.99
N ALA H 138 11.11 -2.29 36.86
CA ALA H 138 11.75 -3.59 36.92
C ALA H 138 12.76 -3.62 38.06
N LEU H 139 13.49 -2.51 38.24
CA LEU H 139 14.41 -2.33 39.36
C LEU H 139 13.67 -2.42 40.68
N LEU H 140 12.46 -1.86 40.74
CA LEU H 140 11.68 -1.95 41.97
C LEU H 140 11.51 -3.40 42.42
N VAL H 141 10.83 -4.20 41.59
CA VAL H 141 10.60 -5.60 41.89
C VAL H 141 11.92 -6.31 42.15
N TYR H 142 12.95 -5.99 41.36
CA TYR H 142 14.22 -6.67 41.51
C TYR H 142 14.86 -6.42 42.86
N TRP H 143 15.01 -5.15 43.23
CA TRP H 143 15.58 -4.85 44.53
C TRP H 143 14.72 -5.42 45.65
N THR H 144 13.40 -5.49 45.44
CA THR H 144 12.58 -6.14 46.46
C THR H 144 12.97 -7.60 46.62
N LEU H 145 13.15 -8.31 45.51
CA LEU H 145 13.56 -9.70 45.57
C LEU H 145 14.89 -9.85 46.30
N ALA H 146 15.87 -9.06 45.90
CA ALA H 146 17.19 -9.16 46.52
C ALA H 146 17.11 -8.86 48.01
N PHE H 147 16.37 -7.80 48.37
CA PHE H 147 16.22 -7.45 49.78
C PHE H 147 15.57 -8.57 50.56
N ILE H 148 14.52 -9.16 50.01
CA ILE H 148 13.84 -10.25 50.69
C ILE H 148 14.80 -11.40 50.95
N THR H 149 15.52 -11.82 49.91
CA THR H 149 16.43 -12.95 50.06
C THR H 149 17.51 -12.65 51.10
N LYS H 150 18.04 -11.43 51.10
CA LYS H 150 19.11 -11.12 52.04
C LYS H 150 18.58 -11.01 53.47
N THR H 151 17.38 -10.46 53.64
CA THR H 151 16.77 -10.48 54.96
C THR H 151 16.55 -11.90 55.46
N ILE H 152 16.10 -12.79 54.58
CA ILE H 152 15.93 -14.19 54.98
C ILE H 152 17.27 -14.77 55.40
N LYS H 153 18.30 -14.55 54.60
CA LYS H 153 19.63 -15.03 54.96
C LYS H 153 20.06 -14.51 56.31
N PHE H 154 19.84 -13.22 56.57
CA PHE H 154 20.26 -12.63 57.84
C PHE H 154 19.50 -13.24 59.02
N VAL H 155 18.17 -13.22 58.94
CA VAL H 155 17.35 -13.78 60.01
C VAL H 155 17.79 -15.20 60.33
N LYS H 156 17.82 -16.06 59.32
CA LYS H 156 18.23 -17.44 59.56
C LYS H 156 19.70 -17.54 59.91
N PHE H 157 20.47 -16.48 59.69
CA PHE H 157 21.85 -16.46 60.11
C PHE H 157 22.02 -16.11 61.57
N LEU H 158 21.02 -15.47 62.18
CA LEU H 158 21.08 -15.25 63.62
C LEU H 158 21.33 -16.56 64.35
N ASP H 159 20.39 -17.50 64.27
CA ASP H 159 20.64 -18.84 64.79
C ASP H 159 21.20 -19.68 63.66
N HIS H 160 21.32 -20.99 63.88
CA HIS H 160 21.70 -21.94 62.84
C HIS H 160 23.11 -21.69 62.31
N ALA H 161 23.80 -20.70 62.88
CA ALA H 161 25.16 -20.43 62.49
C ALA H 161 26.05 -20.25 63.71
N ILE H 162 27.26 -20.77 63.62
CA ILE H 162 28.26 -20.50 64.65
C ILE H 162 28.61 -19.02 64.73
N GLY H 163 28.42 -18.26 63.64
CA GLY H 163 28.78 -16.86 63.56
C GLY H 163 30.24 -16.65 63.96
N PHE H 164 31.07 -17.69 63.78
CA PHE H 164 32.48 -17.57 64.09
C PHE H 164 33.15 -16.53 63.21
N SER H 165 32.54 -16.25 62.06
CA SER H 165 32.95 -15.13 61.21
C SER H 165 31.96 -14.00 61.46
N GLN H 166 32.12 -13.31 62.59
CA GLN H 166 31.27 -12.15 62.87
C GLN H 166 31.27 -11.15 61.74
N LEU H 167 32.35 -11.12 60.94
CA LEU H 167 32.37 -10.28 59.75
C LEU H 167 31.28 -10.69 58.77
N ARG H 168 31.02 -12.00 58.67
CA ARG H 168 29.90 -12.45 57.87
C ARG H 168 28.60 -11.82 58.34
N PHE H 169 28.42 -11.75 59.67
CA PHE H 169 27.19 -11.19 60.25
C PHE H 169 27.07 -9.71 59.92
N CYS H 170 28.14 -8.95 60.15
CA CYS H 170 28.11 -7.53 59.86
C CYS H 170 27.85 -7.27 58.40
N LEU H 171 28.57 -7.95 57.50
CA LEU H 171 28.35 -7.72 56.08
C LEU H 171 26.93 -8.11 55.66
N THR H 172 26.38 -9.17 56.21
CA THR H 172 25.03 -9.55 55.85
C THR H 172 24.04 -8.46 56.22
N GLY H 173 24.04 -8.06 57.50
CA GLY H 173 23.17 -6.96 57.90
C GLY H 173 23.44 -5.70 57.10
N LEU H 174 24.70 -5.47 56.77
CA LEU H 174 25.07 -4.30 55.99
C LEU H 174 24.40 -4.32 54.63
N LEU H 175 24.49 -5.44 53.94
CA LEU H 175 23.84 -5.53 52.63
C LEU H 175 22.33 -5.38 52.76
N VAL H 176 21.75 -5.92 53.83
CA VAL H 176 20.33 -5.74 54.06
C VAL H 176 19.99 -4.26 54.12
N ILE H 177 20.74 -3.51 54.93
CA ILE H 177 20.47 -2.08 55.09
C ILE H 177 20.66 -1.34 53.77
N LEU H 178 21.65 -1.76 52.98
CA LEU H 178 21.88 -1.09 51.71
C LEU H 178 20.73 -1.33 50.74
N TYR H 179 20.26 -2.57 50.65
CA TYR H 179 19.12 -2.83 49.77
C TYR H 179 17.89 -2.07 50.25
N GLY H 180 17.72 -1.95 51.56
CA GLY H 180 16.60 -1.19 52.08
C GLY H 180 16.67 0.29 51.69
N MET H 181 17.85 0.89 51.85
CA MET H 181 18.03 2.27 51.45
C MET H 181 17.83 2.43 49.95
N LEU H 182 18.22 1.43 49.17
CA LEU H 182 17.97 1.49 47.75
C LEU H 182 16.48 1.47 47.46
N LEU H 183 15.75 0.58 48.13
CA LEU H 183 14.30 0.54 47.96
C LEU H 183 13.68 1.89 48.32
N LEU H 184 14.18 2.53 49.37
CA LEU H 184 13.65 3.84 49.75
C LEU H 184 13.93 4.87 48.67
N VAL H 185 15.13 4.85 48.09
CA VAL H 185 15.41 5.65 46.91
C VAL H 185 14.40 5.36 45.80
N GLU H 186 14.04 4.10 45.63
CA GLU H 186 13.13 3.74 44.55
C GLU H 186 11.73 4.30 44.81
N VAL H 187 11.25 4.26 46.05
CA VAL H 187 9.93 4.81 46.32
C VAL H 187 9.98 6.34 46.26
N ASN H 188 11.16 6.91 46.54
CA ASN H 188 11.33 8.34 46.36
C ASN H 188 11.15 8.74 44.90
N VAL H 189 11.88 8.08 44.00
CA VAL H 189 11.77 8.43 42.58
C VAL H 189 10.38 8.09 42.07
N ILE H 190 9.78 7.03 42.61
CA ILE H 190 8.40 6.70 42.24
C ILE H 190 7.48 7.86 42.60
N ARG H 191 7.43 8.22 43.88
CA ARG H 191 6.55 9.28 44.35
C ARG H 191 6.76 10.55 43.54
N VAL H 192 8.01 10.97 43.38
CA VAL H 192 8.30 12.17 42.61
C VAL H 192 7.74 12.04 41.20
N ARG H 193 7.81 10.85 40.62
CA ARG H 193 7.38 10.71 39.25
C ARG H 193 6.08 9.92 39.15
N ARG H 194 5.13 10.15 40.05
CA ARG H 194 4.14 9.19 40.58
C ARG H 194 3.61 8.19 39.56
N TYR H 195 4.02 8.24 38.28
CA TYR H 195 3.44 7.58 37.09
C TYR H 195 2.75 6.25 37.43
N ILE H 196 3.38 5.36 38.20
CA ILE H 196 3.10 3.92 38.18
C ILE H 196 1.62 3.63 38.00
N PHE H 197 0.79 4.27 38.83
CA PHE H 197 -0.64 4.28 38.57
C PHE H 197 -1.22 5.66 38.81
N PHE H 198 -0.44 6.55 39.42
CA PHE H 198 -0.91 7.91 39.67
C PHE H 198 -0.90 8.73 38.39
N LYS H 199 -1.62 9.84 38.42
CA LYS H 199 -1.82 10.62 37.19
C LYS H 199 -0.71 11.65 37.01
N THR H 200 -0.21 12.22 38.10
CA THR H 200 0.75 13.32 38.03
C THR H 200 2.17 12.80 37.91
N PRO H 201 2.83 13.00 36.79
CA PRO H 201 4.23 12.62 36.68
C PRO H 201 5.15 13.64 37.32
N ARG H 202 4.63 14.84 37.59
CA ARG H 202 5.45 16.00 37.94
C ARG H 202 6.65 16.12 37.01
N GLU H 203 6.42 16.09 35.71
CA GLU H 203 7.32 15.41 34.76
C GLU H 203 8.72 16.00 34.83
N VAL H 204 8.95 17.22 34.34
CA VAL H 204 10.34 17.63 34.16
C VAL H 204 10.47 19.11 33.82
N LYS H 205 11.63 19.68 34.14
CA LYS H 205 12.16 20.88 33.54
C LYS H 205 13.66 20.79 33.52
N PRO H 206 14.24 19.93 32.68
CA PRO H 206 15.67 19.63 32.78
C PRO H 206 16.52 20.70 32.12
N PRO H 207 17.28 21.47 32.90
CA PRO H 207 18.17 22.46 32.28
C PRO H 207 19.38 21.82 31.64
N GLU H 208 19.74 20.63 32.12
CA GLU H 208 20.94 19.94 31.64
C GLU H 208 20.96 19.89 30.12
N ASP H 209 19.83 19.53 29.51
CA ASP H 209 19.66 19.63 28.07
C ASP H 209 19.05 20.97 27.66
N LEU H 210 17.97 21.39 28.33
CA LEU H 210 17.23 22.57 27.87
C LEU H 210 18.06 23.83 28.03
N GLN H 211 18.46 24.16 29.27
CA GLN H 211 19.20 25.39 29.49
C GLN H 211 20.50 25.39 28.71
N ASP H 212 21.09 24.21 28.47
CA ASP H 212 22.28 24.12 27.65
C ASP H 212 22.01 24.67 26.25
N LEU H 213 20.86 24.31 25.68
CA LEU H 213 20.41 24.79 24.36
C LEU H 213 21.30 24.29 23.23
N GLY H 214 22.35 23.53 23.54
CA GLY H 214 23.14 22.93 22.49
C GLY H 214 24.57 23.43 22.42
N VAL H 215 24.93 24.37 23.29
CA VAL H 215 26.27 24.95 23.29
C VAL H 215 26.76 24.95 24.74
N ARG H 216 27.55 23.95 25.10
CA ARG H 216 27.99 23.80 26.47
C ARG H 216 29.20 22.87 26.50
N PHE H 217 29.97 23.00 27.59
CA PHE H 217 31.13 22.15 27.85
C PHE H 217 31.34 21.99 29.35
N LEU H 218 30.74 20.95 29.95
CA LEU H 218 30.95 20.73 31.38
C LEU H 218 30.34 19.40 31.81
N GLN H 219 30.41 19.12 33.09
CA GLN H 219 30.01 17.92 33.78
C GLN H 219 28.51 17.64 33.95
N PRO H 220 27.62 18.65 34.07
CA PRO H 220 26.29 18.34 34.63
C PRO H 220 25.58 17.20 33.91
N PHE H 221 25.48 17.24 32.59
CA PHE H 221 24.83 16.14 31.87
C PHE H 221 25.56 14.82 32.07
N VAL H 222 26.87 14.87 32.31
CA VAL H 222 27.62 13.65 32.59
C VAL H 222 27.29 13.17 34.01
N ASN H 223 27.45 11.87 34.20
CA ASN H 223 27.11 11.27 35.48
C ASN H 223 28.19 11.57 36.51
N LEU H 224 27.84 11.32 37.77
CA LEU H 224 28.80 11.48 38.85
C LEU H 224 30.07 10.68 38.58
N LEU H 225 29.92 9.48 38.02
CA LEU H 225 31.08 8.64 37.73
C LEU H 225 32.06 9.38 36.82
N SER H 226 31.61 9.80 35.65
CA SER H 226 32.47 10.59 34.78
C SER H 226 32.87 11.90 35.42
N LYS H 227 31.94 12.55 36.14
CA LYS H 227 32.26 13.73 36.92
C LYS H 227 33.44 13.49 37.86
N GLY H 228 33.78 12.22 38.10
CA GLY H 228 35.01 11.91 38.80
C GLY H 228 36.10 11.41 37.88
N THR H 229 35.75 10.89 36.71
CA THR H 229 36.74 10.19 35.89
C THR H 229 36.86 10.70 34.46
N TYR H 230 36.08 11.70 34.07
CA TYR H 230 36.36 12.46 32.85
C TYR H 230 36.22 11.62 31.60
N TRP H 231 35.19 10.78 31.55
CA TRP H 231 34.91 10.02 30.32
C TRP H 231 34.47 10.94 29.21
N TRP H 232 33.62 11.92 29.53
CA TRP H 232 33.25 12.94 28.56
C TRP H 232 34.47 13.69 28.05
N MET H 233 35.42 13.97 28.95
CA MET H 233 36.65 14.63 28.52
C MET H 233 37.47 13.71 27.63
N ASN H 234 37.40 12.41 27.87
CA ASN H 234 38.01 11.45 26.96
C ASN H 234 37.43 11.60 25.57
N ALA H 235 36.10 11.63 25.47
CA ALA H 235 35.48 11.87 24.17
C ALA H 235 35.94 13.20 23.58
N PHE H 236 35.99 14.24 24.39
CA PHE H 236 36.37 15.55 23.89
C PHE H 236 37.77 15.52 23.28
N ILE H 237 38.69 14.84 23.95
CA ILE H 237 40.05 14.72 23.42
C ILE H 237 40.08 13.80 22.21
N LYS H 238 39.09 12.91 22.09
CA LYS H 238 39.13 11.92 21.01
C LYS H 238 39.24 12.56 19.64
N THR H 239 38.54 13.68 19.44
CA THR H 239 38.63 14.37 18.15
C THR H 239 39.93 15.14 17.99
N ALA H 240 40.58 15.51 19.09
CA ALA H 240 41.77 16.35 18.99
C ALA H 240 42.92 15.64 18.30
N HIS H 241 42.85 14.31 18.17
CA HIS H 241 43.84 13.60 17.38
C HIS H 241 43.53 13.70 15.89
N LYS H 242 42.32 13.32 15.50
CA LYS H 242 41.92 13.30 14.11
C LYS H 242 41.79 14.69 13.49
N LYS H 243 41.67 15.74 14.30
CA LYS H 243 41.46 17.06 13.73
C LYS H 243 41.99 18.14 14.67
N PRO H 244 42.69 19.14 14.15
CA PRO H 244 43.16 20.24 15.00
C PRO H 244 41.99 21.06 15.53
N ILE H 245 41.99 21.28 16.84
CA ILE H 245 40.90 21.99 17.50
C ILE H 245 40.87 23.44 17.05
N ASP H 246 39.70 24.06 17.17
CA ASP H 246 39.50 25.45 16.81
C ASP H 246 38.58 26.11 17.82
N LEU H 247 38.59 27.45 17.81
CA LEU H 247 37.79 28.19 18.79
C LEU H 247 36.30 28.06 18.53
N ARG H 248 35.90 27.93 17.26
CA ARG H 248 34.51 27.60 16.97
C ARG H 248 34.24 26.15 17.37
N ALA H 249 35.23 25.27 17.18
CA ALA H 249 35.16 23.89 17.63
C ALA H 249 35.47 23.85 19.12
N ILE H 250 34.61 24.52 19.89
CA ILE H 250 34.80 24.69 21.32
C ILE H 250 33.44 24.84 21.98
N GLY H 251 33.28 24.19 23.13
CA GLY H 251 32.06 24.31 23.88
C GLY H 251 31.88 25.71 24.42
N LYS H 252 30.64 26.07 24.68
CA LYS H 252 30.31 27.37 25.24
C LYS H 252 30.32 27.29 26.76
N LEU H 253 29.70 28.25 27.42
CA LEU H 253 29.71 28.44 28.86
C LEU H 253 28.66 27.58 29.55
N PRO H 254 28.76 27.46 30.87
CA PRO H 254 27.57 27.12 31.66
C PRO H 254 26.79 28.37 31.98
N ILE H 255 25.49 28.20 32.20
CA ILE H 255 24.60 29.33 32.39
C ILE H 255 24.96 30.16 33.62
N ALA H 256 25.85 29.66 34.49
CA ALA H 256 26.24 30.36 35.70
C ALA H 256 27.66 30.89 35.64
N MET H 257 28.19 31.14 34.44
CA MET H 257 29.60 31.47 34.31
C MET H 257 29.81 32.97 34.25
N ARG H 258 30.38 33.51 35.33
CA ARG H 258 31.00 34.83 35.36
C ARG H 258 30.02 35.98 35.32
N ALA H 259 28.73 35.70 35.15
CA ALA H 259 27.73 36.75 35.27
C ALA H 259 26.95 36.59 36.56
N LEU H 260 26.41 35.40 36.79
CA LEU H 260 25.90 35.05 38.11
C LEU H 260 27.01 35.07 39.14
N THR H 261 28.24 34.75 38.74
CA THR H 261 29.38 34.88 39.64
C THR H 261 29.60 36.32 40.04
N ASN H 262 29.60 37.25 39.07
CA ASN H 262 29.77 38.65 39.41
C ASN H 262 28.62 39.17 40.26
N TYR H 263 27.40 38.73 39.95
CA TYR H 263 26.26 39.15 40.76
C TYR H 263 26.36 38.63 42.17
N GLN H 264 26.74 37.37 42.34
CA GLN H 264 26.97 36.81 43.66
C GLN H 264 28.07 37.53 44.41
N ARG H 265 29.14 37.91 43.73
CA ARG H 265 30.20 38.67 44.39
C ARG H 265 29.71 40.04 44.83
N LEU H 266 28.93 40.72 43.99
CA LEU H 266 28.39 42.01 44.37
C LEU H 266 27.44 41.87 45.56
N CYS H 267 26.59 40.84 45.54
CA CYS H 267 25.63 40.63 46.62
C CYS H 267 26.33 40.27 47.91
N GLU H 268 27.41 39.48 47.82
CA GLU H 268 28.14 39.11 49.02
C GLU H 268 28.95 40.27 49.56
N ALA H 269 29.49 41.12 48.68
CA ALA H 269 30.09 42.36 49.14
C ALA H 269 29.05 43.26 49.80
N PHE H 270 27.82 43.24 49.29
CA PHE H 270 26.74 44.00 49.92
C PHE H 270 26.44 43.45 51.31
N ASP H 271 26.39 42.13 51.44
CA ASP H 271 26.15 41.52 52.74
C ASP H 271 27.29 41.84 53.71
N ALA H 272 28.53 41.77 53.22
CA ALA H 272 29.66 42.12 54.06
C ALA H 272 29.69 43.58 54.43
N GLN H 273 29.13 44.44 53.58
CA GLN H 273 29.06 45.86 53.89
C GLN H 273 27.98 46.13 54.94
N VAL H 274 26.82 45.47 54.79
CA VAL H 274 25.81 45.53 55.84
C VAL H 274 26.37 45.04 57.17
N ARG H 275 27.17 43.98 57.15
CA ARG H 275 27.90 43.58 58.34
C ARG H 275 28.83 44.69 58.81
N LYS H 276 29.51 45.36 57.88
CA LYS H 276 30.34 46.50 58.23
C LYS H 276 29.49 47.69 58.67
N ASP H 277 28.33 47.87 58.05
CA ASP H 277 27.42 48.93 58.44
C ASP H 277 26.73 48.58 59.75
N ALA H 286 39.63 42.90 55.48
CA ALA H 286 39.89 43.34 54.12
C ALA H 286 38.93 42.70 53.14
N ILE H 287 39.35 42.57 51.89
CA ILE H 287 38.48 41.96 50.88
C ILE H 287 38.44 40.45 51.04
N TRP H 288 39.45 39.89 51.71
CA TRP H 288 39.42 38.46 52.02
C TRP H 288 38.13 38.07 52.69
N GLN H 289 37.66 38.91 53.62
CA GLN H 289 36.42 38.62 54.33
C GLN H 289 35.26 38.45 53.36
N ALA H 290 35.12 39.37 52.42
CA ALA H 290 34.05 39.29 51.44
C ALA H 290 34.23 38.08 50.52
N LEU H 291 35.46 37.84 50.07
CA LEU H 291 35.73 36.68 49.24
C LEU H 291 35.28 35.40 49.93
N SER H 292 35.78 35.17 51.15
CA SER H 292 35.39 34.01 51.94
C SER H 292 33.88 33.94 52.10
N HIS H 293 33.25 35.02 52.55
CA HIS H 293 31.80 35.01 52.74
C HIS H 293 31.07 34.65 51.46
N ALA H 294 31.64 34.98 50.31
CA ALA H 294 31.01 34.69 49.03
C ALA H 294 31.29 33.28 48.54
N PHE H 295 32.37 32.67 49.01
CA PHE H 295 33.03 31.65 48.22
C PHE H 295 33.46 30.41 49.00
N GLY H 296 33.41 30.43 50.33
CA GLY H 296 34.17 29.47 51.11
C GLY H 296 33.64 28.05 51.06
N ARG H 297 32.36 27.89 50.71
CA ARG H 297 31.76 26.56 50.77
C ARG H 297 32.35 25.63 49.72
N ARG H 298 32.59 26.15 48.51
CA ARG H 298 33.17 25.33 47.47
C ARG H 298 34.61 24.97 47.82
N LEU H 299 35.33 25.89 48.46
CA LEU H 299 36.68 25.60 48.89
C LEU H 299 36.70 24.50 49.95
N VAL H 300 35.84 24.61 50.96
CA VAL H 300 35.83 23.59 52.01
C VAL H 300 35.31 22.27 51.45
N LEU H 301 34.54 22.33 50.36
CA LEU H 301 34.15 21.11 49.68
C LEU H 301 35.34 20.41 49.04
N SER H 302 36.11 21.16 48.25
CA SER H 302 37.35 20.62 47.70
C SER H 302 38.26 20.12 48.81
N SER H 303 38.35 20.88 49.90
CA SER H 303 39.15 20.45 51.02
C SER H 303 38.66 19.11 51.56
N THR H 304 37.37 19.02 51.89
CA THR H 304 36.79 17.77 52.38
C THR H 304 37.15 16.60 51.48
N PHE H 305 37.10 16.82 50.16
CA PHE H 305 37.61 15.80 49.25
C PHE H 305 39.06 15.45 49.59
N ARG H 306 39.91 16.45 49.73
CA ARG H 306 41.33 16.19 49.97
C ARG H 306 41.54 15.44 51.29
N ILE H 307 40.79 15.83 52.32
CA ILE H 307 40.93 15.22 53.64
C ILE H 307 40.49 13.77 53.60
N LEU H 308 39.29 13.51 53.11
CA LEU H 308 38.84 12.13 52.99
C LEU H 308 39.85 11.33 52.19
N ALA H 309 40.32 11.88 51.06
CA ALA H 309 41.30 11.18 50.26
C ALA H 309 42.53 10.84 51.08
N ASP H 310 43.32 11.84 51.47
CA ASP H 310 44.61 11.53 52.08
C ASP H 310 44.45 10.75 53.38
N LEU H 311 43.33 10.90 54.09
CA LEU H 311 43.08 10.06 55.25
C LEU H 311 42.89 8.59 54.86
N LEU H 312 42.15 8.33 53.78
CA LEU H 312 42.04 6.98 53.28
C LEU H 312 43.40 6.44 52.85
N GLY H 313 44.06 7.14 51.92
CA GLY H 313 45.42 6.82 51.51
C GLY H 313 46.38 6.61 52.66
N PHE H 314 46.10 7.24 53.79
CA PHE H 314 46.90 7.06 54.99
C PHE H 314 46.77 5.63 55.53
N ALA H 315 45.77 4.88 55.09
CA ALA H 315 45.70 3.48 55.48
C ALA H 315 46.58 2.62 54.58
N GLY H 316 47.47 3.27 53.82
CA GLY H 316 48.40 2.58 52.97
C GLY H 316 49.42 1.77 53.74
N PRO H 317 50.22 2.43 54.59
CA PRO H 317 51.25 1.70 55.35
C PRO H 317 50.70 0.57 56.18
N LEU H 318 49.49 0.73 56.74
CA LEU H 318 48.86 -0.37 57.45
C LEU H 318 48.81 -1.61 56.58
N CYS H 319 48.47 -1.47 55.31
CA CYS H 319 48.49 -2.61 54.40
C CYS H 319 49.89 -3.20 54.29
N ILE H 320 50.91 -2.35 54.29
CA ILE H 320 52.27 -2.85 54.16
C ILE H 320 52.63 -3.70 55.37
N PHE H 321 52.39 -3.17 56.57
CA PHE H 321 52.64 -3.92 57.78
C PHE H 321 51.91 -5.24 57.78
N GLY H 322 50.62 -5.23 57.41
CA GLY H 322 49.87 -6.46 57.33
C GLY H 322 50.46 -7.45 56.36
N ILE H 323 50.84 -6.97 55.17
CA ILE H 323 51.54 -7.80 54.22
C ILE H 323 52.72 -8.51 54.87
N VAL H 324 53.62 -7.72 55.47
CA VAL H 324 54.88 -8.30 55.92
C VAL H 324 54.64 -9.28 57.07
N ASP H 325 53.77 -8.93 58.01
CA ASP H 325 53.63 -9.79 59.19
C ASP H 325 52.76 -10.99 58.89
N HIS H 326 51.79 -10.87 57.97
CA HIS H 326 51.07 -12.04 57.50
C HIS H 326 52.01 -12.99 56.76
N LEU H 327 53.03 -12.44 56.10
CA LEU H 327 54.01 -13.31 55.48
C LEU H 327 54.93 -13.94 56.52
N GLY H 328 55.15 -13.25 57.63
CA GLY H 328 56.11 -13.70 58.63
C GLY H 328 56.01 -15.19 58.95
N LYS H 329 54.82 -15.76 58.89
CA LYS H 329 54.64 -17.18 59.09
C LYS H 329 53.72 -17.76 58.03
N ALA H 353 45.25 -17.75 52.65
CA ALA H 353 46.17 -16.66 52.40
C ALA H 353 45.43 -15.32 52.30
N ASN H 354 45.54 -14.51 53.36
CA ASN H 354 44.84 -13.24 53.43
C ASN H 354 45.70 -12.04 53.06
N ALA H 355 46.98 -12.22 52.78
CA ALA H 355 47.79 -11.11 52.31
C ALA H 355 47.40 -10.70 50.89
N TYR H 356 47.01 -11.67 50.06
CA TYR H 356 46.55 -11.34 48.71
C TYR H 356 45.39 -10.36 48.75
N VAL H 357 44.33 -10.73 49.46
CA VAL H 357 43.14 -9.90 49.49
C VAL H 357 43.45 -8.58 50.16
N LEU H 358 44.39 -8.58 51.08
CA LEU H 358 44.80 -7.35 51.75
C LEU H 358 45.53 -6.41 50.78
N ALA H 359 46.37 -6.97 49.92
CA ALA H 359 47.06 -6.16 48.92
C ALA H 359 46.10 -5.61 47.89
N VAL H 360 45.16 -6.43 47.42
CA VAL H 360 44.21 -5.93 46.44
C VAL H 360 43.24 -4.96 47.12
N LEU H 361 43.08 -5.10 48.43
CA LEU H 361 42.37 -4.09 49.20
C LEU H 361 43.09 -2.76 49.15
N LEU H 362 44.41 -2.77 49.33
CA LEU H 362 45.19 -1.55 49.14
C LEU H 362 45.01 -1.01 47.73
N PHE H 363 44.93 -1.90 46.76
CA PHE H 363 44.70 -1.49 45.38
C PHE H 363 43.41 -0.69 45.26
N LEU H 364 42.30 -1.26 45.73
CA LEU H 364 41.02 -0.56 45.70
C LEU H 364 41.11 0.75 46.48
N ALA H 365 41.79 0.73 47.61
CA ALA H 365 41.99 1.92 48.42
C ALA H 365 42.63 3.03 47.61
N LEU H 366 43.73 2.75 46.91
CA LEU H 366 44.39 3.77 46.12
C LEU H 366 43.53 4.21 44.95
N LEU H 367 42.75 3.29 44.39
CA LEU H 367 41.83 3.68 43.33
C LEU H 367 40.89 4.79 43.80
N LEU H 368 40.12 4.52 44.85
CA LEU H 368 39.24 5.55 45.40
C LEU H 368 40.04 6.77 45.83
N GLN H 369 41.22 6.53 46.39
CA GLN H 369 42.08 7.58 46.89
C GLN H 369 42.36 8.64 45.85
N ARG H 370 42.80 8.23 44.70
CA ARG H 370 43.18 9.21 43.69
C ARG H 370 42.00 9.67 42.86
N THR H 371 40.94 8.86 42.73
CA THR H 371 39.74 9.42 42.12
C THR H 371 39.10 10.48 43.00
N PHE H 372 39.41 10.49 44.30
CA PHE H 372 39.03 11.57 45.19
C PHE H 372 40.01 12.74 45.17
N LEU H 373 41.31 12.45 45.03
CA LEU H 373 42.28 13.53 44.82
C LEU H 373 41.91 14.35 43.60
N GLN H 374 41.44 13.68 42.55
CA GLN H 374 41.00 14.39 41.36
C GLN H 374 39.84 15.33 41.67
N ALA H 375 38.86 14.84 42.42
CA ALA H 375 37.74 15.69 42.79
C ALA H 375 38.21 16.90 43.57
N SER H 376 39.02 16.66 44.61
CA SER H 376 39.61 17.75 45.38
C SER H 376 40.32 18.77 44.53
N TYR H 377 41.20 18.34 43.64
CA TYR H 377 41.96 19.25 42.79
C TYR H 377 41.09 19.99 41.80
N TYR H 378 40.16 19.30 41.16
CA TYR H 378 39.37 19.94 40.12
C TYR H 378 38.39 20.95 40.71
N VAL H 379 37.78 20.64 41.85
CA VAL H 379 36.91 21.64 42.46
C VAL H 379 37.69 22.92 42.68
N ALA H 380 38.92 22.80 43.18
CA ALA H 380 39.71 23.99 43.49
C ALA H 380 40.13 24.74 42.23
N ILE H 381 40.53 24.03 41.18
CA ILE H 381 40.90 24.74 39.96
C ILE H 381 39.69 25.44 39.35
N GLU H 382 38.52 24.80 39.46
CA GLU H 382 37.29 25.46 39.03
C GLU H 382 37.03 26.70 39.86
N THR H 383 37.22 26.61 41.18
CA THR H 383 37.14 27.78 42.04
C THR H 383 38.03 28.90 41.54
N GLY H 384 39.27 28.57 41.20
CA GLY H 384 40.22 29.56 40.73
C GLY H 384 39.71 30.26 39.49
N ILE H 385 39.12 29.48 38.58
CA ILE H 385 38.60 30.07 37.36
C ILE H 385 37.50 31.09 37.66
N ASN H 386 36.58 30.73 38.57
CA ASN H 386 35.47 31.62 38.89
C ASN H 386 35.98 32.90 39.53
N LEU H 387 36.89 32.78 40.49
CA LEU H 387 37.44 33.96 41.14
C LEU H 387 38.18 34.83 40.13
N ARG H 388 38.92 34.21 39.21
CA ARG H 388 39.60 34.98 38.17
C ARG H 388 38.61 35.81 37.38
N GLY H 389 37.55 35.17 36.88
CA GLY H 389 36.56 35.91 36.12
C GLY H 389 35.94 37.04 36.91
N ALA H 390 35.53 36.74 38.15
CA ALA H 390 34.86 37.75 38.97
C ALA H 390 35.78 38.93 39.26
N ILE H 391 37.04 38.66 39.59
CA ILE H 391 37.94 39.75 39.93
C ILE H 391 38.29 40.56 38.70
N GLN H 392 38.42 39.91 37.53
CA GLN H 392 38.64 40.68 36.32
C GLN H 392 37.45 41.59 36.05
N THR H 393 36.24 41.07 36.26
CA THR H 393 35.04 41.90 36.12
C THR H 393 35.08 43.11 37.04
N LYS H 394 35.35 42.87 38.33
CA LYS H 394 35.32 43.95 39.31
C LYS H 394 36.42 44.97 39.04
N ILE H 395 37.62 44.50 38.74
CA ILE H 395 38.72 45.40 38.40
C ILE H 395 38.35 46.25 37.19
N TYR H 396 37.78 45.63 36.16
CA TYR H 396 37.41 46.38 34.97
C TYR H 396 36.34 47.41 35.27
N ASN H 397 35.41 47.09 36.16
CA ASN H 397 34.42 48.07 36.57
C ASN H 397 35.09 49.24 37.28
N LYS H 398 36.05 48.95 38.15
CA LYS H 398 36.81 50.03 38.78
C LYS H 398 37.52 50.88 37.74
N ILE H 399 38.08 50.23 36.72
CA ILE H 399 38.71 50.96 35.62
C ILE H 399 37.72 51.91 35.00
N MET H 400 36.53 51.39 34.67
CA MET H 400 35.49 52.23 34.09
C MET H 400 35.11 53.35 35.03
N HIS H 401 35.36 53.17 36.32
CA HIS H 401 35.14 54.25 37.27
C HIS H 401 36.41 54.96 37.69
N LEU H 402 37.54 54.68 37.03
CA LEU H 402 38.79 55.28 37.46
C LEU H 402 38.83 56.76 37.13
N SER H 403 39.35 57.55 38.08
CA SER H 403 39.61 58.96 37.85
C SER H 403 40.86 59.12 37.01
N THR H 404 40.78 60.00 36.02
CA THR H 404 41.94 60.18 35.14
C THR H 404 43.10 60.79 35.89
N SER H 405 42.84 61.78 36.75
CA SER H 405 43.91 62.46 37.48
C SER H 405 44.77 61.46 38.25
N ASN H 406 44.16 60.39 38.72
CA ASN H 406 44.91 59.35 39.42
C ASN H 406 45.93 58.70 38.51
N LEU H 407 45.58 58.55 37.22
CA LEU H 407 46.52 57.97 36.27
C LEU H 407 47.51 59.01 35.75
N SER H 408 47.08 60.26 35.66
CA SER H 408 47.91 61.31 35.07
C SER H 408 49.01 61.75 36.02
N MET H 409 48.64 62.03 37.27
CA MET H 409 49.53 62.75 38.15
C MET H 409 50.44 61.83 38.95
N GLY H 410 49.96 60.67 39.33
CA GLY H 410 50.65 59.94 40.37
C GLY H 410 50.57 58.43 40.26
N GLU H 411 50.21 57.83 41.39
CA GLU H 411 50.52 56.45 41.81
C GLU H 411 50.42 55.49 40.63
N MET H 412 49.33 55.46 39.89
CA MET H 412 49.12 54.37 38.96
C MET H 412 49.48 54.75 37.54
N THR H 413 50.17 53.84 36.86
CA THR H 413 50.42 53.91 35.44
C THR H 413 49.73 52.74 34.76
N ALA H 414 49.30 52.96 33.52
CA ALA H 414 48.60 51.92 32.78
C ALA H 414 49.36 50.60 32.82
N GLY H 415 50.69 50.67 32.74
CA GLY H 415 51.51 49.49 32.81
C GLY H 415 51.19 48.60 33.98
N GLN H 416 51.32 49.11 35.21
CA GLN H 416 51.05 48.29 36.37
C GLN H 416 49.57 48.02 36.58
N ILE H 417 48.69 48.90 36.09
CA ILE H 417 47.26 48.65 36.23
C ILE H 417 46.85 47.43 35.41
N CYS H 418 47.45 47.25 34.24
CA CYS H 418 47.22 46.04 33.48
C CYS H 418 48.10 44.88 33.94
N ASN H 419 49.26 45.17 34.51
CA ASN H 419 50.12 44.11 35.01
C ASN H 419 49.50 43.43 36.21
N LEU H 420 48.72 44.17 37.01
CA LEU H 420 48.06 43.52 38.13
C LEU H 420 47.07 42.47 37.64
N VAL H 421 46.20 42.82 36.69
CA VAL H 421 45.29 41.80 36.19
C VAL H 421 46.03 40.73 35.41
N ALA H 422 47.21 41.04 34.89
CA ALA H 422 47.96 40.04 34.14
C ALA H 422 48.62 39.01 35.06
N ILE H 423 49.12 39.43 36.22
CA ILE H 423 49.96 38.59 37.06
C ILE H 423 49.31 38.31 38.41
N ASP H 424 48.80 39.34 39.08
CA ASP H 424 48.00 39.13 40.29
C ASP H 424 46.97 38.04 40.10
N THR H 425 46.23 38.09 38.99
CA THR H 425 45.18 37.11 38.77
C THR H 425 45.74 35.70 38.61
N ASN H 426 46.81 35.56 37.84
CA ASN H 426 47.44 34.26 37.71
C ASN H 426 47.93 33.74 39.05
N GLN H 427 48.46 34.64 39.89
CA GLN H 427 48.99 34.22 41.18
C GLN H 427 47.87 33.82 42.12
N LEU H 428 46.76 34.54 42.11
CA LEU H 428 45.63 34.14 42.93
C LEU H 428 45.03 32.84 42.43
N MET H 429 45.00 32.65 41.12
CA MET H 429 44.59 31.39 40.54
C MET H 429 45.45 30.25 41.07
N TRP H 430 46.77 30.43 41.07
CA TRP H 430 47.66 29.39 41.57
C TRP H 430 47.52 29.22 43.08
N PHE H 431 47.24 30.31 43.80
CA PHE H 431 47.04 30.22 45.24
C PHE H 431 45.82 29.38 45.55
N PHE H 432 44.75 29.56 44.79
CA PHE H 432 43.57 28.75 45.00
C PHE H 432 43.65 27.43 44.26
N PHE H 433 44.77 27.17 43.58
CA PHE H 433 45.12 25.79 43.28
C PHE H 433 45.67 25.09 44.52
N LEU H 434 46.65 25.71 45.17
CA LEU H 434 47.20 25.23 46.41
C LEU H 434 46.34 25.57 47.62
N CYS H 435 45.10 26.02 47.39
CA CYS H 435 44.22 26.37 48.49
C CYS H 435 43.93 25.18 49.41
N PRO H 436 43.33 24.08 48.94
CA PRO H 436 42.83 23.09 49.91
C PRO H 436 43.93 22.36 50.64
N ASN H 437 45.07 22.16 49.98
CA ASN H 437 46.20 21.49 50.61
C ASN H 437 46.50 22.11 51.96
N LEU H 438 46.39 23.43 52.05
CA LEU H 438 46.73 24.13 53.29
C LEU H 438 45.92 23.61 54.46
N TRP H 439 44.60 23.74 54.41
CA TRP H 439 43.76 23.22 55.47
C TRP H 439 43.84 21.71 55.57
N ALA H 440 44.29 21.03 54.52
CA ALA H 440 44.31 19.57 54.52
C ALA H 440 45.47 18.96 55.27
N MET H 441 46.68 19.51 55.11
CA MET H 441 47.86 18.86 55.69
C MET H 441 47.82 18.71 57.21
N PRO H 442 47.48 19.74 57.99
CA PRO H 442 47.52 19.56 59.45
C PRO H 442 46.65 18.41 59.93
N VAL H 443 45.44 18.25 59.41
CA VAL H 443 44.65 17.07 59.70
C VAL H 443 45.40 15.80 59.36
N GLN H 444 46.07 15.76 58.22
CA GLN H 444 46.92 14.63 57.83
C GLN H 444 48.06 14.38 58.80
N ILE H 445 48.81 15.43 59.15
CA ILE H 445 49.98 15.24 60.00
C ILE H 445 49.57 14.77 61.39
N ILE H 446 48.44 15.26 61.89
CA ILE H 446 48.00 14.84 63.22
C ILE H 446 47.64 13.37 63.22
N VAL H 447 46.92 12.91 62.20
CA VAL H 447 46.60 11.49 62.08
C VAL H 447 47.86 10.67 61.92
N GLY H 448 48.86 11.22 61.21
CA GLY H 448 50.12 10.52 61.09
C GLY H 448 50.80 10.30 62.43
N VAL H 449 50.84 11.34 63.26
CA VAL H 449 51.42 11.21 64.59
C VAL H 449 50.65 10.19 65.41
N ILE H 450 49.32 10.30 65.41
CA ILE H 450 48.50 9.41 66.21
C ILE H 450 48.73 7.96 65.79
N LEU H 451 48.88 7.74 64.48
CA LEU H 451 49.11 6.39 64.01
C LEU H 451 50.48 5.88 64.46
N LEU H 452 51.52 6.70 64.35
CA LEU H 452 52.82 6.32 64.90
C LEU H 452 52.71 5.91 66.35
N TYR H 453 51.91 6.63 67.13
CA TYR H 453 51.75 6.29 68.55
C TYR H 453 50.97 4.99 68.72
N TYR H 454 50.06 4.69 67.81
CA TYR H 454 49.35 3.41 67.85
C TYR H 454 50.00 2.36 66.96
N ILE H 455 51.00 2.71 66.18
CA ILE H 455 51.63 1.70 65.33
C ILE H 455 53.05 1.50 65.84
N LEU H 456 53.76 0.56 65.20
CA LEU H 456 55.01 -0.02 65.70
C LEU H 456 55.86 0.93 66.51
N GLY H 457 55.91 2.20 66.11
CA GLY H 457 56.60 3.20 66.90
C GLY H 457 55.83 3.59 68.15
N VAL H 458 55.00 2.67 68.66
CA VAL H 458 53.97 2.93 69.66
C VAL H 458 54.47 3.89 70.71
N SER H 459 55.66 3.62 71.25
CA SER H 459 56.31 4.56 72.13
C SER H 459 57.71 4.81 71.62
N ALA H 460 58.32 5.88 72.12
CA ALA H 460 59.66 6.27 71.73
C ALA H 460 59.80 6.37 70.21
N LEU H 461 58.78 6.94 69.55
CA LEU H 461 58.88 7.22 68.12
C LEU H 461 59.50 8.59 67.88
N ILE H 462 60.30 9.07 68.82
CA ILE H 462 60.59 10.48 69.04
C ILE H 462 60.85 11.25 67.75
N GLY H 463 61.34 10.56 66.72
CA GLY H 463 61.67 11.21 65.45
C GLY H 463 60.59 12.10 64.87
N ALA H 464 59.35 11.93 65.34
CA ALA H 464 58.28 12.82 64.91
C ALA H 464 58.50 14.23 65.43
N ALA H 465 59.16 14.38 66.58
CA ALA H 465 59.47 15.71 67.09
C ALA H 465 60.29 16.52 66.10
N VAL H 466 61.02 15.87 65.20
CA VAL H 466 61.78 16.59 64.19
C VAL H 466 60.84 17.40 63.30
N ILE H 467 59.83 16.73 62.72
CA ILE H 467 58.89 17.48 61.90
C ILE H 467 58.04 18.40 62.77
N ILE H 468 57.83 18.05 64.03
CA ILE H 468 57.09 18.93 64.93
C ILE H 468 57.80 20.27 65.07
N LEU H 469 59.13 20.22 65.17
CA LEU H 469 59.95 21.42 65.19
C LEU H 469 60.15 22.00 63.79
N LEU H 470 59.84 21.23 62.75
CA LEU H 470 59.99 21.73 61.38
C LEU H 470 59.01 22.87 61.07
N ALA H 471 57.78 22.77 61.56
CA ALA H 471 56.79 23.81 61.25
C ALA H 471 57.25 25.20 61.65
N PRO H 472 57.92 25.40 62.79
CA PRO H 472 58.56 26.71 63.01
C PRO H 472 59.60 27.07 61.96
N VAL H 473 60.41 26.11 61.51
CA VAL H 473 61.35 26.40 60.44
C VAL H 473 60.63 26.80 59.18
N GLN H 474 59.51 26.14 58.88
CA GLN H 474 58.72 26.50 57.71
C GLN H 474 58.16 27.91 57.81
N TYR H 475 57.52 28.23 58.94
CA TYR H 475 56.97 29.57 59.12
C TYR H 475 58.05 30.64 59.11
N PHE H 476 59.26 30.32 59.60
CA PHE H 476 60.34 31.28 59.56
C PHE H 476 60.82 31.52 58.14
N VAL H 477 61.05 30.45 57.38
CA VAL H 477 61.41 30.62 55.97
C VAL H 477 60.31 31.39 55.25
N ALA H 478 59.06 31.16 55.66
CA ALA H 478 57.94 31.89 55.09
C ALA H 478 58.09 33.39 55.31
N THR H 479 58.21 33.81 56.57
CA THR H 479 58.28 35.23 56.86
C THR H 479 59.54 35.85 56.26
N LYS H 480 60.60 35.07 56.12
CA LYS H 480 61.82 35.59 55.49
C LYS H 480 61.61 35.82 54.01
N LEU H 481 61.03 34.83 53.32
CA LEU H 481 60.67 35.01 51.92
C LEU H 481 59.73 36.18 51.76
N SER H 482 58.86 36.40 52.74
CA SER H 482 57.96 37.54 52.70
C SER H 482 58.71 38.86 52.81
N GLN H 483 59.65 38.95 53.75
CA GLN H 483 60.50 40.13 53.85
C GLN H 483 61.18 40.44 52.53
N ALA H 484 61.69 39.42 51.85
CA ALA H 484 62.38 39.62 50.59
C ALA H 484 61.45 39.89 49.41
N GLN H 485 60.21 39.38 49.47
CA GLN H 485 59.35 39.38 48.29
C GLN H 485 58.90 40.78 47.93
N ARG H 486 58.68 41.64 48.94
CA ARG H 486 58.30 43.01 48.65
C ARG H 486 59.37 43.73 47.84
N SER H 487 60.63 43.59 48.24
CA SER H 487 61.71 44.23 47.50
C SER H 487 61.85 43.64 46.11
N THR H 488 61.75 42.30 46.01
CA THR H 488 61.82 41.68 44.69
C THR H 488 60.73 42.22 43.77
N LEU H 489 59.52 42.36 44.30
CA LEU H 489 58.38 42.79 43.49
C LEU H 489 58.50 44.26 43.10
N GLU H 490 58.90 45.10 44.04
CA GLU H 490 59.07 46.51 43.72
C GLU H 490 60.19 46.71 42.69
N TYR H 491 61.25 45.92 42.77
CA TYR H 491 62.33 46.06 41.78
C TYR H 491 61.89 45.55 40.42
N SER H 492 61.14 44.45 40.39
CA SER H 492 60.54 44.01 39.13
C SER H 492 59.69 45.11 38.51
N ASN H 493 58.84 45.74 39.33
CA ASN H 493 57.98 46.81 38.81
C ASN H 493 58.82 47.97 38.30
N GLU H 494 59.86 48.33 39.02
CA GLU H 494 60.74 49.40 38.56
C GLU H 494 61.33 49.07 37.21
N ARG H 495 61.87 47.85 37.05
CA ARG H 495 62.46 47.46 35.78
C ARG H 495 61.42 47.45 34.67
N LEU H 496 60.19 47.06 34.99
CA LEU H 496 59.13 47.07 34.00
C LEU H 496 58.83 48.48 33.53
N LYS H 497 58.59 49.38 34.48
CA LYS H 497 58.50 50.81 34.15
C LYS H 497 59.67 51.25 33.29
N GLN H 498 60.89 50.81 33.63
CA GLN H 498 62.08 51.15 32.87
C GLN H 498 61.95 50.76 31.41
N THR H 499 61.82 49.47 31.16
CA THR H 499 61.79 48.94 29.79
C THR H 499 60.60 49.43 28.99
N ASN H 500 59.43 49.56 29.62
CA ASN H 500 58.26 50.09 28.95
C ASN H 500 58.60 51.47 28.42
N GLU H 501 58.85 52.38 29.36
CA GLU H 501 59.19 53.76 29.03
C GLU H 501 60.28 53.82 27.97
N MET H 502 61.28 52.94 28.07
CA MET H 502 62.38 52.94 27.13
C MET H 502 61.89 52.63 25.72
N LEU H 503 61.25 51.49 25.53
CA LEU H 503 60.89 51.08 24.19
C LEU H 503 59.69 51.83 23.65
N ARG H 504 59.04 52.67 24.46
CA ARG H 504 58.01 53.54 23.91
C ARG H 504 58.61 54.50 22.89
N GLY H 505 59.46 55.41 23.34
CA GLY H 505 60.17 56.30 22.45
C GLY H 505 61.56 55.81 22.10
N ILE H 506 61.67 54.55 21.68
CA ILE H 506 62.99 53.98 21.39
C ILE H 506 63.67 54.73 20.25
N LYS H 507 62.90 55.37 19.37
CA LYS H 507 63.51 56.16 18.30
C LYS H 507 64.25 57.37 18.87
N LEU H 508 63.67 58.02 19.88
CA LEU H 508 64.40 59.08 20.58
C LEU H 508 65.76 58.58 21.03
N LEU H 509 65.80 57.40 21.63
CA LEU H 509 67.05 56.87 22.13
C LEU H 509 68.03 56.56 21.01
N LYS H 510 67.55 55.91 19.94
CA LYS H 510 68.41 55.66 18.80
C LYS H 510 68.97 56.95 18.23
N LEU H 511 68.23 58.05 18.36
CA LEU H 511 68.65 59.32 17.77
C LEU H 511 69.61 60.10 18.66
N TYR H 512 69.31 60.23 19.95
CA TYR H 512 70.11 61.05 20.86
C TYR H 512 71.31 60.30 21.43
N ALA H 513 71.44 59.01 21.13
CA ALA H 513 72.54 58.19 21.61
C ALA H 513 72.61 58.22 23.15
N TRP H 514 71.48 57.89 23.77
CA TRP H 514 71.37 57.79 25.22
C TRP H 514 71.10 56.37 25.67
N GLU H 515 71.33 55.40 24.79
CA GLU H 515 70.94 54.02 25.04
C GLU H 515 71.93 53.27 25.91
N ASN H 516 73.22 53.57 25.79
CA ASN H 516 74.14 53.11 26.81
C ASN H 516 73.72 53.64 28.17
N ILE H 517 73.35 54.91 28.21
CA ILE H 517 72.99 55.57 29.47
C ILE H 517 71.77 54.91 30.09
N PHE H 518 70.66 54.91 29.34
CA PHE H 518 69.42 54.35 29.86
C PHE H 518 69.53 52.85 30.08
N ARG H 519 70.30 52.17 29.22
CA ARG H 519 70.47 50.73 29.36
C ARG H 519 71.22 50.38 30.64
N THR H 520 72.28 51.12 30.97
CA THR H 520 72.97 50.84 32.22
C THR H 520 72.15 51.30 33.42
N ARG H 521 71.35 52.35 33.24
CA ARG H 521 70.42 52.74 34.29
C ARG H 521 69.46 51.61 34.62
N VAL H 522 68.89 50.99 33.57
CA VAL H 522 68.03 49.83 33.77
C VAL H 522 68.82 48.66 34.32
N GLU H 523 70.07 48.52 33.91
CA GLU H 523 70.92 47.45 34.42
C GLU H 523 71.10 47.57 35.92
N THR H 524 71.17 48.80 36.44
CA THR H 524 71.22 48.99 37.88
C THR H 524 69.96 48.43 38.54
N THR H 525 68.80 48.80 38.01
CA THR H 525 67.54 48.26 38.53
C THR H 525 67.51 46.75 38.46
N ARG H 526 67.96 46.20 37.33
CA ARG H 526 68.00 44.76 37.16
C ARG H 526 68.99 44.12 38.13
N ARG H 527 70.02 44.86 38.52
CA ARG H 527 70.98 44.35 39.48
C ARG H 527 70.38 44.30 40.88
N LYS H 528 69.63 45.33 41.24
CA LYS H 528 68.89 45.29 42.50
C LYS H 528 67.91 44.13 42.51
N GLU H 529 67.17 43.98 41.40
CA GLU H 529 66.24 42.87 41.27
C GLU H 529 66.97 41.53 41.31
N MET H 530 68.14 41.45 40.71
CA MET H 530 68.97 40.26 40.75
C MET H 530 69.40 39.91 42.16
N THR H 531 69.80 40.92 42.93
CA THR H 531 70.20 40.68 44.31
C THR H 531 69.02 40.17 45.15
N SER H 532 67.86 40.81 44.98
CA SER H 532 66.70 40.41 45.77
C SER H 532 66.26 39.00 45.39
N LEU H 533 66.24 38.71 44.09
CA LEU H 533 65.92 37.36 43.64
C LEU H 533 67.01 36.39 44.07
N ARG H 534 68.22 36.87 44.28
CA ARG H 534 69.31 36.01 44.73
C ARG H 534 69.08 35.58 46.16
N ALA H 535 68.72 36.52 47.03
CA ALA H 535 68.31 36.16 48.38
C ALA H 535 67.12 35.22 48.34
N PHE H 536 66.16 35.51 47.46
CA PHE H 536 64.98 34.67 47.28
C PHE H 536 65.37 33.23 46.92
N ALA H 537 66.33 33.10 46.01
CA ALA H 537 66.75 31.78 45.57
C ALA H 537 67.50 31.05 46.67
N ILE H 538 68.35 31.76 47.40
CA ILE H 538 69.01 31.17 48.56
C ILE H 538 67.97 30.61 49.53
N TYR H 539 66.95 31.40 49.82
CA TYR H 539 65.96 31.00 50.81
C TYR H 539 65.12 29.83 50.32
N THR H 540 64.75 29.83 49.03
CA THR H 540 63.95 28.73 48.51
C THR H 540 64.79 27.46 48.43
N SER H 541 66.10 27.59 48.21
CA SER H 541 66.96 26.41 48.24
C SER H 541 67.10 25.89 49.66
N ILE H 542 67.15 26.79 50.64
CA ILE H 542 67.15 26.39 52.04
C ILE H 542 65.88 25.61 52.36
N SER H 543 64.74 26.11 51.89
CA SER H 543 63.49 25.41 52.11
C SER H 543 63.50 24.04 51.45
N ILE H 544 64.02 23.96 50.23
CA ILE H 544 64.05 22.69 49.50
C ILE H 544 64.90 21.67 50.25
N PHE H 545 66.10 22.08 50.66
CA PHE H 545 66.95 21.15 51.38
C PHE H 545 66.36 20.74 52.71
N MET H 546 65.85 21.69 53.49
CA MET H 546 65.23 21.31 54.75
C MET H 546 64.09 20.33 54.52
N ASN H 547 63.25 20.62 53.53
CA ASN H 547 62.18 19.72 53.10
C ASN H 547 62.70 18.31 52.89
N THR H 548 63.62 18.14 51.96
CA THR H 548 64.04 16.78 51.62
C THR H 548 65.00 16.20 52.66
N ALA H 549 65.46 17.00 53.62
CA ALA H 549 66.47 16.55 54.56
C ALA H 549 65.84 16.04 55.84
N ILE H 550 64.71 16.61 56.25
CA ILE H 550 64.08 16.15 57.48
C ILE H 550 63.56 14.71 57.40
N PRO H 551 63.19 14.15 56.24
CA PRO H 551 62.74 12.74 56.29
C PRO H 551 63.86 11.79 56.65
N ILE H 552 65.04 11.96 56.08
CA ILE H 552 66.13 11.06 56.44
C ILE H 552 66.55 11.29 57.88
N ALA H 553 66.47 12.53 58.35
CA ALA H 553 66.68 12.79 59.77
C ALA H 553 65.70 11.99 60.61
N ALA H 554 64.42 12.01 60.23
CA ALA H 554 63.40 11.32 61.00
C ALA H 554 63.64 9.81 61.00
N VAL H 555 63.95 9.24 59.84
CA VAL H 555 64.15 7.79 59.80
C VAL H 555 65.35 7.40 60.64
N LEU H 556 66.42 8.20 60.56
CA LEU H 556 67.60 7.91 61.36
C LEU H 556 67.28 7.95 62.84
N ILE H 557 66.64 9.03 63.28
CA ILE H 557 66.39 9.20 64.70
C ILE H 557 65.46 8.11 65.21
N THR H 558 64.41 7.79 64.46
CA THR H 558 63.52 6.71 64.87
C THR H 558 64.26 5.39 64.99
N PHE H 559 64.95 4.98 63.93
CA PHE H 559 65.57 3.67 63.93
C PHE H 559 66.68 3.56 64.96
N VAL H 560 67.36 4.65 65.29
CA VAL H 560 68.34 4.64 66.37
C VAL H 560 67.64 4.66 67.73
N GLY H 561 66.44 5.20 67.82
CA GLY H 561 65.70 5.23 69.08
C GLY H 561 65.60 3.88 69.75
N HIS H 562 65.48 2.82 68.94
CA HIS H 562 65.47 1.46 69.48
C HIS H 562 66.64 1.23 70.40
N VAL H 563 67.77 1.86 70.11
CA VAL H 563 68.99 1.60 70.84
C VAL H 563 69.53 2.90 71.44
N PRO H 573 62.38 -6.08 61.08
CA PRO H 573 61.32 -6.84 60.39
C PRO H 573 60.39 -5.93 59.61
N SER H 574 59.09 -6.05 59.87
CA SER H 574 58.09 -5.17 59.29
C SER H 574 58.05 -3.80 59.92
N VAL H 575 58.28 -3.69 61.23
CA VAL H 575 58.11 -2.43 61.94
C VAL H 575 58.94 -1.32 61.28
N ALA H 576 60.25 -1.50 61.20
CA ALA H 576 61.10 -0.42 60.72
C ALA H 576 60.69 0.04 59.33
N PHE H 577 60.53 -0.91 58.41
CA PHE H 577 60.26 -0.52 57.05
C PHE H 577 58.85 0.01 56.87
N ALA H 578 57.88 -0.50 57.63
CA ALA H 578 56.55 0.06 57.55
C ALA H 578 56.55 1.51 58.01
N SER H 579 57.28 1.81 59.07
CA SER H 579 57.40 3.20 59.50
C SER H 579 58.08 4.05 58.44
N LEU H 580 59.15 3.52 57.83
CA LEU H 580 59.81 4.22 56.74
C LEU H 580 58.88 4.46 55.55
N SER H 581 57.99 3.51 55.27
CA SER H 581 57.00 3.70 54.22
C SER H 581 56.08 4.85 54.57
N LEU H 582 55.57 4.86 55.80
CA LEU H 582 54.78 5.99 56.25
C LEU H 582 55.57 7.28 56.13
N PHE H 583 56.88 7.23 56.32
CA PHE H 583 57.68 8.45 56.25
C PHE H 583 57.80 8.96 54.82
N HIS H 584 57.97 8.06 53.86
CA HIS H 584 57.81 8.45 52.47
C HIS H 584 56.48 9.15 52.25
N ILE H 585 55.39 8.52 52.70
CA ILE H 585 54.06 9.05 52.45
C ILE H 585 53.87 10.40 53.14
N LEU H 586 54.54 10.60 54.27
CA LEU H 586 54.38 11.83 55.01
C LEU H 586 55.25 12.94 54.44
N VAL H 587 56.37 12.59 53.82
CA VAL H 587 57.20 13.59 53.16
C VAL H 587 56.65 13.97 51.79
N THR H 588 55.74 13.17 51.24
CA THR H 588 55.09 13.55 49.99
C THR H 588 54.44 14.94 50.08
N PRO H 589 53.59 15.24 51.08
CA PRO H 589 52.95 16.57 51.12
C PRO H 589 53.93 17.71 51.31
N LEU H 590 55.03 17.47 52.03
CA LEU H 590 55.99 18.54 52.35
C LEU H 590 56.65 19.09 51.09
N PHE H 591 57.00 18.20 50.15
CA PHE H 591 57.63 18.64 48.91
C PHE H 591 56.77 19.65 48.18
N LEU H 592 55.45 19.51 48.27
CA LEU H 592 54.56 20.48 47.65
C LEU H 592 54.34 21.69 48.56
N LEU H 593 54.31 21.46 49.88
CA LEU H 593 54.21 22.57 50.83
C LEU H 593 55.30 23.59 50.59
N SER H 594 56.47 23.11 50.17
CA SER H 594 57.57 24.01 49.82
C SER H 594 57.11 25.15 48.93
N SER H 595 56.35 24.83 47.87
CA SER H 595 55.84 25.85 46.97
C SER H 595 54.53 26.43 47.45
N VAL H 596 53.78 25.68 48.26
CA VAL H 596 52.54 26.18 48.84
C VAL H 596 52.80 27.46 49.63
N VAL H 597 53.84 27.45 50.47
CA VAL H 597 54.11 28.61 51.30
C VAL H 597 54.60 29.78 50.45
N ARG H 598 55.37 29.50 49.40
CA ARG H 598 55.79 30.55 48.46
C ARG H 598 54.58 31.23 47.83
N SER H 599 53.68 30.42 47.27
CA SER H 599 52.47 30.96 46.66
C SER H 599 51.62 31.70 47.68
N THR H 600 51.61 31.22 48.92
CA THR H 600 50.91 31.92 49.99
C THR H 600 51.45 33.33 50.14
N VAL H 601 52.76 33.46 50.31
CA VAL H 601 53.40 34.77 50.44
C VAL H 601 53.02 35.67 49.27
N LYS H 602 53.20 35.15 48.05
CA LYS H 602 52.97 35.99 46.88
C LYS H 602 51.52 36.42 46.78
N ALA H 603 50.59 35.55 47.15
CA ALA H 603 49.18 35.91 47.11
C ALA H 603 48.85 36.95 48.16
N LEU H 604 49.47 36.84 49.35
CA LEU H 604 49.26 37.85 50.38
C LEU H 604 49.63 39.22 49.85
N VAL H 605 50.85 39.34 49.30
CA VAL H 605 51.32 40.64 48.82
C VAL H 605 50.49 41.10 47.62
N SER H 606 50.05 40.16 46.81
CA SER H 606 49.29 40.49 45.61
C SER H 606 47.92 41.05 45.98
N VAL H 607 47.26 40.48 46.98
CA VAL H 607 45.98 41.01 47.41
C VAL H 607 46.17 42.33 48.13
N GLN H 608 47.31 42.49 48.82
CA GLN H 608 47.64 43.82 49.33
C GLN H 608 47.61 44.84 48.21
N LYS H 609 48.32 44.56 47.12
CA LYS H 609 48.33 45.47 45.97
C LYS H 609 46.92 45.63 45.39
N LEU H 610 46.12 44.55 45.43
CA LEU H 610 44.75 44.65 44.95
C LEU H 610 43.95 45.66 45.74
N SER H 611 43.85 45.46 47.05
CA SER H 611 43.14 46.42 47.89
C SER H 611 43.72 47.81 47.73
N GLU H 612 45.03 47.90 47.50
CA GLU H 612 45.64 49.18 47.19
C GLU H 612 44.99 49.82 45.97
N PHE H 613 44.78 49.04 44.92
CA PHE H 613 44.20 49.58 43.69
C PHE H 613 42.70 49.88 43.85
N LEU H 614 41.98 48.99 44.53
CA LEU H 614 40.52 49.13 44.63
C LEU H 614 40.08 50.38 45.37
N SER H 615 40.96 50.94 46.19
CA SER H 615 40.61 52.08 47.03
C SER H 615 40.85 53.42 46.34
N SER H 616 40.79 53.45 45.01
CA SER H 616 41.23 54.59 44.24
C SER H 616 40.11 55.63 44.07
N ALA H 617 40.50 56.79 43.54
CA ALA H 617 39.56 57.87 43.30
C ALA H 617 38.74 57.59 42.05
N GLU H 618 37.44 57.83 42.15
CA GLU H 618 36.50 57.47 41.09
C GLU H 618 35.82 58.71 40.53
N ILE H 619 35.67 58.75 39.21
CA ILE H 619 34.86 59.76 38.56
C ILE H 619 33.41 59.51 38.95
N ARG H 620 32.70 60.58 39.28
CA ARG H 620 31.30 60.48 39.67
C ARG H 620 30.57 61.79 39.44
N CYS H 677 22.46 78.55 24.72
CA CYS H 677 21.49 77.98 25.64
C CYS H 677 21.91 76.59 26.10
N CYS H 678 22.72 75.93 25.28
CA CYS H 678 23.17 74.56 25.54
C CYS H 678 24.27 74.58 26.58
N VAL H 679 25.00 73.47 26.66
CA VAL H 679 25.97 73.21 27.70
C VAL H 679 26.75 74.46 28.07
N GLN H 680 26.80 74.76 29.35
CA GLN H 680 27.27 76.03 29.87
C GLN H 680 27.69 75.88 31.32
N ILE H 681 28.41 76.88 31.83
CA ILE H 681 28.89 76.87 33.20
C ILE H 681 28.74 78.27 33.78
N MET H 682 28.33 78.35 35.05
CA MET H 682 28.26 79.62 35.78
C MET H 682 29.37 79.63 36.82
N GLY H 683 30.39 80.47 36.59
CA GLY H 683 31.46 80.65 37.54
C GLY H 683 32.22 79.37 37.84
N GLY H 684 32.74 78.73 36.79
CA GLY H 684 33.32 77.42 36.94
C GLY H 684 34.65 77.42 37.64
N TYR H 685 34.79 76.49 38.58
CA TYR H 685 36.04 76.24 39.27
C TYR H 685 36.37 74.77 39.05
N PHE H 686 37.59 74.49 38.62
CA PHE H 686 38.00 73.15 38.26
C PHE H 686 39.43 72.89 38.70
N THR H 687 39.75 71.64 38.97
CA THR H 687 41.10 71.28 39.38
C THR H 687 41.36 69.80 39.11
N TRP H 688 42.62 69.49 38.82
CA TRP H 688 43.02 68.10 38.58
C TRP H 688 43.05 67.30 39.86
N THR H 689 43.79 67.79 40.86
CA THR H 689 43.84 67.18 42.18
C THR H 689 43.30 68.15 43.21
N PRO H 690 42.50 67.70 44.17
CA PRO H 690 41.88 68.64 45.13
C PRO H 690 42.88 69.26 46.07
N ASP H 691 44.08 68.69 46.20
CA ASP H 691 45.08 69.23 47.11
C ASP H 691 45.84 70.40 46.51
N GLY H 692 45.91 70.48 45.19
CA GLY H 692 46.67 71.51 44.51
C GLY H 692 45.86 72.75 44.22
N ILE H 693 46.40 73.56 43.32
CA ILE H 693 45.74 74.82 42.94
C ILE H 693 44.57 74.52 42.01
N PRO H 694 43.48 75.28 42.06
CA PRO H 694 42.35 75.04 41.13
C PRO H 694 42.76 75.39 39.72
N THR H 695 42.62 74.41 38.81
CA THR H 695 42.98 74.62 37.42
C THR H 695 42.18 75.76 36.82
N LEU H 696 40.87 75.64 36.84
CA LEU H 696 39.99 76.65 36.30
C LEU H 696 39.34 77.41 37.45
N SER H 697 39.18 78.71 37.26
CA SER H 697 38.63 79.56 38.31
C SER H 697 37.75 80.63 37.67
N ASN H 698 36.46 80.61 38.00
CA ASN H 698 35.51 81.59 37.49
C ASN H 698 35.47 81.59 35.96
N ILE H 699 35.06 80.46 35.41
CA ILE H 699 34.83 80.35 33.98
C ILE H 699 33.34 80.29 33.72
N THR H 700 32.89 80.97 32.67
CA THR H 700 31.48 81.06 32.32
C THR H 700 31.34 80.70 30.85
N ILE H 701 30.56 79.66 30.56
CA ILE H 701 30.56 79.06 29.24
C ILE H 701 29.15 79.08 28.66
N ARG H 702 29.08 79.04 27.33
CA ARG H 702 27.82 79.05 26.60
C ARG H 702 28.10 78.64 25.17
N ILE H 703 27.41 77.61 24.69
CA ILE H 703 27.48 77.24 23.27
C ILE H 703 26.07 77.09 22.74
N PRO H 704 25.70 77.84 21.70
CA PRO H 704 24.38 77.64 21.12
C PRO H 704 24.33 76.35 20.32
N ARG H 705 23.14 75.75 20.28
CA ARG H 705 22.93 74.53 19.52
C ARG H 705 23.13 74.79 18.03
N GLY H 706 23.52 73.73 17.32
CA GLY H 706 23.77 73.85 15.89
C GLY H 706 24.75 74.92 15.51
N GLN H 707 25.67 75.27 16.41
CA GLN H 707 26.66 76.29 16.15
C GLN H 707 28.06 75.68 16.18
N LEU H 708 28.90 76.17 15.28
CA LEU H 708 30.32 75.83 15.25
C LEU H 708 31.10 76.87 16.04
N THR H 709 31.66 76.45 17.18
CA THR H 709 32.43 77.36 18.00
C THR H 709 33.88 76.89 18.08
N MET H 710 34.76 77.83 18.40
CA MET H 710 36.18 77.54 18.55
C MET H 710 36.64 78.04 19.90
N ILE H 711 37.70 77.40 20.41
CA ILE H 711 38.35 77.82 21.63
C ILE H 711 39.84 77.94 21.33
N VAL H 712 40.39 79.12 21.55
CA VAL H 712 41.79 79.41 21.26
C VAL H 712 42.42 80.00 22.50
N GLY H 713 43.74 80.11 22.47
CA GLY H 713 44.46 80.70 23.59
C GLY H 713 45.93 80.44 23.46
N GLN H 714 46.60 80.43 24.60
CA GLN H 714 48.03 80.13 24.64
C GLN H 714 48.22 78.62 24.73
N VAL H 715 49.46 78.18 24.60
CA VAL H 715 49.79 76.77 24.81
C VAL H 715 49.81 76.49 26.31
N GLY H 716 49.15 75.40 26.71
CA GLY H 716 48.99 75.15 28.12
C GLY H 716 48.03 76.09 28.81
N CYS H 717 47.41 77.02 28.06
CA CYS H 717 46.60 78.06 28.67
C CYS H 717 45.46 77.49 29.50
N GLY H 718 44.99 76.30 29.15
CA GLY H 718 43.86 75.71 29.84
C GLY H 718 42.69 75.44 28.91
N LYS H 719 42.97 75.25 27.61
CA LYS H 719 41.86 75.09 26.68
C LYS H 719 41.34 73.65 26.67
N SER H 720 42.23 72.65 26.61
CA SER H 720 41.73 71.27 26.67
C SER H 720 41.22 70.92 28.06
N SER H 721 41.77 71.55 29.10
CA SER H 721 41.33 71.23 30.44
C SER H 721 39.88 71.63 30.67
N LEU H 722 39.49 72.83 30.24
CA LEU H 722 38.10 73.22 30.35
C LEU H 722 37.19 72.22 29.65
N LEU H 723 37.66 71.67 28.53
CA LEU H 723 36.83 70.79 27.74
C LEU H 723 36.64 69.45 28.44
N LEU H 724 37.76 68.83 28.81
CA LEU H 724 37.69 67.61 29.63
C LEU H 724 36.84 67.82 30.87
N ALA H 725 36.93 69.00 31.50
CA ALA H 725 36.09 69.29 32.64
C ALA H 725 34.61 69.27 32.26
N ALA H 726 34.26 69.93 31.15
CA ALA H 726 32.91 69.86 30.63
C ALA H 726 32.48 68.43 30.32
N LEU H 727 33.44 67.51 30.17
CA LEU H 727 33.13 66.10 30.01
C LEU H 727 33.15 65.36 31.35
N GLY H 728 32.77 66.04 32.44
CA GLY H 728 32.71 65.42 33.75
C GLY H 728 34.01 64.87 34.28
N GLU H 729 35.13 65.14 33.60
CA GLU H 729 36.40 64.51 33.96
C GLU H 729 37.11 65.20 35.11
N MET H 730 37.15 66.53 35.12
CA MET H 730 38.00 67.27 36.04
C MET H 730 37.23 67.55 37.32
N GLN H 731 37.92 67.44 38.45
CA GLN H 731 37.30 67.73 39.73
C GLN H 731 36.97 69.21 39.79
N LYS H 732 35.69 69.54 39.66
CA LYS H 732 35.28 70.92 39.79
C LYS H 732 35.24 71.32 41.25
N VAL H 733 35.95 72.39 41.59
CA VAL H 733 35.84 72.93 42.93
C VAL H 733 34.48 73.58 43.12
N SER H 734 33.99 74.27 42.11
CA SER H 734 32.70 74.95 42.19
C SER H 734 32.27 75.25 40.76
N GLY H 735 31.02 75.69 40.63
CA GLY H 735 30.40 75.94 39.35
C GLY H 735 29.24 74.98 39.11
N ALA H 736 28.33 75.42 38.22
CA ALA H 736 27.17 74.64 37.84
C ALA H 736 27.21 74.41 36.34
N VAL H 737 27.00 73.15 35.93
CA VAL H 737 27.19 72.74 34.55
C VAL H 737 25.90 72.12 34.05
N PHE H 738 25.16 72.86 33.23
CA PHE H 738 23.88 72.42 32.70
C PHE H 738 24.08 71.85 31.30
N TRP H 739 23.32 70.81 30.96
CA TRP H 739 23.48 70.10 29.71
C TRP H 739 22.15 70.00 28.98
N SER H 740 22.18 70.25 27.67
CA SER H 740 21.00 70.25 26.82
C SER H 740 19.93 71.20 27.36
N ARG H 766 23.44 64.37 30.22
CA ARG H 766 24.53 64.32 29.26
C ARG H 766 24.09 63.66 27.97
N GLY H 767 24.95 63.69 26.96
CA GLY H 767 24.70 62.97 25.75
C GLY H 767 25.92 62.17 25.37
N PRO H 768 25.76 61.19 24.50
CA PRO H 768 26.93 60.46 24.01
C PRO H 768 27.77 61.35 23.12
N VAL H 769 28.35 62.39 23.71
CA VAL H 769 29.13 63.40 23.00
C VAL H 769 30.27 62.74 22.24
N ALA H 770 30.35 62.98 20.94
CA ALA H 770 31.49 62.53 20.17
C ALA H 770 32.76 63.18 20.70
N TYR H 771 33.90 62.54 20.46
CA TYR H 771 35.14 63.01 21.05
C TYR H 771 36.34 62.58 20.23
N ALA H 772 37.31 63.49 20.10
CA ALA H 772 38.61 63.19 19.52
C ALA H 772 39.66 63.83 20.41
N SER H 773 40.51 63.01 21.02
CA SER H 773 41.44 63.51 22.02
C SER H 773 42.49 64.43 21.41
N GLN H 774 43.20 65.15 22.28
CA GLN H 774 44.19 66.10 21.81
C GLN H 774 45.32 65.39 21.09
N LYS H 775 45.63 64.17 21.50
CA LYS H 775 46.46 63.31 20.70
C LYS H 775 45.62 62.19 20.12
N PRO H 776 45.88 61.80 18.88
CA PRO H 776 45.13 60.68 18.30
C PRO H 776 45.34 59.40 19.09
N TRP H 777 44.24 58.66 19.26
CA TRP H 777 44.25 57.33 19.83
C TRP H 777 43.54 56.39 18.88
N LEU H 778 43.71 55.10 19.08
CA LEU H 778 43.14 54.12 18.18
C LEU H 778 42.92 52.79 18.91
N LEU H 779 42.09 51.95 18.31
CA LEU H 779 41.88 50.61 18.82
C LEU H 779 42.79 49.65 18.05
N ASN H 780 42.90 48.42 18.53
CA ASN H 780 43.78 47.40 17.93
C ASN H 780 43.03 46.59 16.88
N ALA H 781 42.09 47.22 16.20
CA ALA H 781 41.16 46.52 15.33
C ALA H 781 41.20 47.13 13.93
N THR H 782 40.25 46.69 13.10
CA THR H 782 40.18 47.11 11.71
C THR H 782 40.07 48.63 11.60
N VAL H 783 40.65 49.16 10.53
CA VAL H 783 40.37 50.53 10.13
C VAL H 783 38.87 50.78 10.17
N GLU H 784 38.12 49.95 9.44
CA GLU H 784 36.66 50.03 9.50
C GLU H 784 36.16 49.85 10.93
N GLU H 785 36.80 48.98 11.70
CA GLU H 785 36.30 48.70 13.05
C GLU H 785 36.33 49.96 13.90
N ASN H 786 37.51 50.55 14.08
CA ASN H 786 37.63 51.69 14.97
C ASN H 786 36.93 52.92 14.39
N ILE H 787 36.81 52.98 13.06
CA ILE H 787 36.06 54.08 12.47
C ILE H 787 34.58 53.95 12.77
N ILE H 788 34.04 52.74 12.64
CA ILE H 788 32.62 52.51 12.91
C ILE H 788 32.30 52.78 14.37
N PHE H 789 33.09 52.22 15.28
CA PHE H 789 32.88 52.38 16.72
C PHE H 789 31.46 51.95 17.10
N GLU H 790 31.10 50.74 16.65
CA GLU H 790 29.83 50.11 17.01
C GLU H 790 28.63 50.93 16.56
N SER H 791 28.62 51.34 15.30
CA SER H 791 27.51 52.06 14.72
C SER H 791 26.95 51.32 13.52
N PRO H 792 25.66 51.48 13.22
CA PRO H 792 25.09 50.85 12.03
C PRO H 792 25.81 51.28 10.76
N PHE H 793 26.50 50.34 10.10
CA PHE H 793 27.35 50.69 8.98
C PHE H 793 26.54 51.32 7.86
N ASN H 794 26.96 52.49 7.41
CA ASN H 794 26.29 53.24 6.36
C ASN H 794 27.30 53.57 5.27
N LYS H 795 27.24 52.81 4.17
CA LYS H 795 28.13 53.06 3.03
C LYS H 795 28.20 54.53 2.70
N GLN H 796 27.04 55.19 2.62
CA GLN H 796 27.01 56.61 2.31
C GLN H 796 27.75 57.42 3.37
N ARG H 797 27.31 57.32 4.63
CA ARG H 797 27.98 58.04 5.70
C ARG H 797 29.43 57.62 5.82
N TYR H 798 29.72 56.35 5.59
CA TYR H 798 31.09 55.84 5.71
C TYR H 798 32.03 56.53 4.71
N LYS H 799 31.76 56.36 3.42
CA LYS H 799 32.63 56.97 2.43
C LYS H 799 32.57 58.49 2.48
N MET H 800 31.44 59.06 2.88
CA MET H 800 31.36 60.50 3.06
C MET H 800 32.36 60.98 4.10
N VAL H 801 32.37 60.33 5.26
CA VAL H 801 33.33 60.68 6.29
C VAL H 801 34.75 60.50 5.79
N ILE H 802 35.00 59.43 5.05
CA ILE H 802 36.39 59.17 4.64
C ILE H 802 36.87 60.21 3.66
N GLU H 803 36.06 60.51 2.63
CA GLU H 803 36.41 61.55 1.68
C GLU H 803 36.47 62.92 2.33
N ALA H 804 35.74 63.12 3.44
CA ALA H 804 35.94 64.33 4.24
C ALA H 804 37.35 64.36 4.80
N CYS H 805 37.78 63.27 5.43
CA CYS H 805 39.15 63.18 5.91
C CYS H 805 40.16 62.91 4.80
N SER H 806 39.69 62.59 3.59
CA SER H 806 40.54 62.36 2.42
C SER H 806 41.61 61.30 2.73
N LEU H 807 41.13 60.20 3.30
CA LEU H 807 41.98 59.10 3.71
C LEU H 807 42.07 58.02 2.64
N GLN H 808 41.23 58.08 1.61
CA GLN H 808 41.22 57.07 0.55
C GLN H 808 42.61 56.77 -0.02
N PRO H 809 43.46 57.75 -0.34
CA PRO H 809 44.80 57.39 -0.83
C PRO H 809 45.59 56.60 0.19
N ASP H 810 45.46 56.93 1.47
CA ASP H 810 46.13 56.19 2.51
C ASP H 810 45.49 54.84 2.78
N ILE H 811 44.21 54.68 2.44
CA ILE H 811 43.60 53.36 2.57
C ILE H 811 44.06 52.44 1.46
N ASP H 812 44.20 52.96 0.25
CA ASP H 812 44.71 52.16 -0.86
C ASP H 812 46.11 51.63 -0.56
N ILE H 813 46.96 52.43 0.09
CA ILE H 813 48.34 52.01 0.33
C ILE H 813 48.41 50.95 1.43
N LEU H 814 47.34 50.76 2.20
CA LEU H 814 47.34 49.75 3.25
C LEU H 814 47.34 48.35 2.66
N PRO H 815 47.98 47.38 3.35
CA PRO H 815 48.01 46.01 2.79
C PRO H 815 46.64 45.42 2.59
N HIS H 816 45.75 45.58 3.57
CA HIS H 816 44.38 45.12 3.45
C HIS H 816 43.39 46.29 3.36
N GLY H 817 43.87 47.48 3.02
CA GLY H 817 43.01 48.62 2.79
C GLY H 817 42.08 48.93 3.93
N ASP H 818 40.78 48.75 3.72
CA ASP H 818 39.82 49.03 4.75
C ASP H 818 39.91 47.99 5.87
N GLN H 819 40.01 46.72 5.52
CA GLN H 819 40.08 45.65 6.52
C GLN H 819 41.52 45.36 6.91
N THR H 820 42.23 46.44 7.25
CA THR H 820 43.59 46.36 7.77
C THR H 820 43.55 46.48 9.29
N GLN H 821 43.99 45.44 9.98
CA GLN H 821 44.08 45.50 11.44
C GLN H 821 45.21 46.44 11.82
N ILE H 822 44.89 47.44 12.62
CA ILE H 822 45.86 48.46 13.00
C ILE H 822 45.87 48.56 14.52
N GLY H 823 46.99 49.05 15.04
CA GLY H 823 47.06 49.35 16.46
C GLY H 823 48.38 48.92 17.05
N GLU H 824 48.42 48.92 18.39
CA GLU H 824 49.57 48.38 19.10
C GLU H 824 49.79 46.91 18.75
N ARG H 825 48.71 46.21 18.44
CA ARG H 825 48.82 44.89 17.83
C ARG H 825 48.87 44.94 16.32
N GLY H 826 48.09 45.80 15.69
CA GLY H 826 48.11 45.99 14.26
C GLY H 826 49.37 46.73 13.81
N ILE H 827 49.30 47.21 12.57
CA ILE H 827 50.46 47.85 11.95
C ILE H 827 50.49 49.34 12.29
N ASN H 828 51.70 49.87 12.44
CA ASN H 828 51.91 51.26 12.78
C ASN H 828 51.86 52.13 11.53
N LEU H 829 51.63 53.43 11.75
CA LEU H 829 51.46 54.35 10.64
C LEU H 829 51.64 55.77 11.16
N SER H 830 51.69 56.72 10.22
CA SER H 830 51.98 58.10 10.58
C SER H 830 50.86 58.70 11.42
N GLY H 831 51.27 59.59 12.33
CA GLY H 831 50.30 60.27 13.18
C GLY H 831 49.34 61.14 12.40
N GLY H 832 49.66 61.43 11.13
CA GLY H 832 48.69 62.10 10.29
C GLY H 832 47.46 61.24 10.04
N GLN H 833 47.67 60.00 9.59
CA GLN H 833 46.56 59.07 9.48
C GLN H 833 45.88 58.89 10.83
N ARG H 834 46.69 58.83 11.89
CA ARG H 834 46.13 58.67 13.23
C ARG H 834 45.15 59.79 13.55
N GLN H 835 45.54 61.03 13.26
CA GLN H 835 44.70 62.17 13.55
C GLN H 835 43.44 62.16 12.69
N ARG H 836 43.60 61.84 11.40
CA ARG H 836 42.44 61.82 10.51
C ARG H 836 41.44 60.77 10.95
N ILE H 837 41.92 59.62 11.42
CA ILE H 837 41.04 58.56 11.90
C ILE H 837 40.34 58.99 13.18
N SER H 838 41.09 59.61 14.09
CA SER H 838 40.45 60.14 15.29
C SER H 838 39.32 61.10 14.93
N VAL H 839 39.55 61.97 13.97
CA VAL H 839 38.49 62.89 13.56
C VAL H 839 37.32 62.13 12.97
N ALA H 840 37.60 61.15 12.11
CA ALA H 840 36.54 60.34 11.53
C ALA H 840 35.71 59.66 12.60
N ARG H 841 36.34 59.31 13.73
CA ARG H 841 35.60 58.67 14.82
C ARG H 841 34.42 59.54 15.25
N ALA H 842 34.67 60.83 15.45
CA ALA H 842 33.58 61.73 15.85
C ALA H 842 32.71 62.10 14.66
N LEU H 843 33.27 62.13 13.45
CA LEU H 843 32.48 62.50 12.29
C LEU H 843 31.40 61.47 12.01
N TYR H 844 31.79 60.23 11.78
CA TYR H 844 30.85 59.14 11.59
C TYR H 844 30.07 58.82 12.85
N GLN H 845 30.39 59.47 13.96
CA GLN H 845 29.75 59.14 15.23
C GLN H 845 28.25 59.43 15.19
N HIS H 846 27.83 60.36 14.34
CA HIS H 846 26.43 60.74 14.20
C HIS H 846 25.90 61.42 15.46
N ALA H 847 26.77 61.72 16.42
CA ALA H 847 26.33 62.27 17.69
C ALA H 847 25.81 63.69 17.52
N ASN H 848 24.88 64.07 18.39
CA ASN H 848 24.30 65.42 18.35
C ASN H 848 25.36 66.47 18.68
N VAL H 849 25.92 66.39 19.88
CA VAL H 849 26.98 67.29 20.30
C VAL H 849 28.31 66.63 19.96
N VAL H 850 28.96 67.11 18.91
CA VAL H 850 30.23 66.59 18.44
C VAL H 850 31.33 67.47 19.03
N PHE H 851 32.51 66.89 19.22
CA PHE H 851 33.59 67.57 19.92
C PHE H 851 34.92 67.17 19.31
N LEU H 852 35.82 68.14 19.15
CA LEU H 852 37.15 67.93 18.59
C LEU H 852 38.18 68.65 19.44
N ASP H 853 39.38 68.09 19.52
CA ASP H 853 40.50 68.70 20.22
C ASP H 853 41.72 68.65 19.29
N ASP H 854 42.14 69.83 18.83
CA ASP H 854 43.32 70.02 18.00
C ASP H 854 43.37 69.09 16.81
N PRO H 855 42.30 68.99 16.01
CA PRO H 855 42.31 68.06 14.88
C PRO H 855 43.25 68.47 13.77
N PHE H 856 43.95 69.59 13.92
CA PHE H 856 44.74 70.18 12.85
C PHE H 856 46.24 70.10 13.09
N SER H 857 46.66 69.71 14.29
CA SER H 857 48.07 69.77 14.65
C SER H 857 48.92 68.94 13.69
N ALA H 858 48.54 67.69 13.47
CA ALA H 858 49.35 66.82 12.64
C ALA H 858 49.25 67.20 11.17
N LEU H 859 48.04 67.44 10.67
CA LEU H 859 47.84 67.65 9.24
C LEU H 859 48.54 68.90 8.75
N ASP H 860 48.96 68.87 7.48
CA ASP H 860 49.48 70.06 6.84
C ASP H 860 48.30 70.86 6.28
N ILE H 861 48.59 71.95 5.58
CA ILE H 861 47.52 72.87 5.18
C ILE H 861 46.63 72.25 4.13
N HIS H 862 47.20 71.41 3.25
CA HIS H 862 46.36 70.71 2.27
C HIS H 862 45.24 69.96 2.96
N LEU H 863 45.60 69.01 3.82
CA LEU H 863 44.61 68.16 4.45
C LEU H 863 43.79 68.94 5.47
N SER H 864 44.39 69.94 6.13
CA SER H 864 43.62 70.76 7.05
C SER H 864 42.49 71.48 6.34
N ASP H 865 42.81 72.17 5.24
CA ASP H 865 41.78 72.84 4.46
C ASP H 865 40.73 71.85 3.97
N HIS H 866 41.17 70.77 3.33
CA HIS H 866 40.20 69.84 2.77
C HIS H 866 39.30 69.27 3.85
N LEU H 867 39.88 68.83 4.96
CA LEU H 867 39.10 68.28 6.04
C LEU H 867 38.13 69.30 6.58
N MET H 868 38.63 70.45 7.04
CA MET H 868 37.71 71.40 7.62
C MET H 868 36.61 71.79 6.65
N GLN H 869 36.95 72.15 5.41
CA GLN H 869 35.91 72.48 4.44
C GLN H 869 34.91 71.34 4.33
N ALA H 870 35.34 70.19 3.81
CA ALA H 870 34.38 69.12 3.54
C ALA H 870 33.64 68.69 4.80
N GLY H 871 34.37 68.16 5.79
CA GLY H 871 33.73 67.65 6.98
C GLY H 871 33.00 68.66 7.83
N ILE H 872 33.64 69.77 8.17
CA ILE H 872 32.99 70.76 9.04
C ILE H 872 31.81 71.39 8.34
N LEU H 873 31.94 71.64 7.03
CA LEU H 873 30.82 72.16 6.27
C LEU H 873 29.70 71.14 6.18
N GLU H 874 30.04 69.85 6.25
CA GLU H 874 28.99 68.83 6.30
C GLU H 874 28.33 68.80 7.67
N LEU H 875 29.10 69.01 8.72
CA LEU H 875 28.54 69.07 10.08
C LEU H 875 27.58 70.23 10.19
N LEU H 876 28.04 71.45 9.88
CA LEU H 876 27.15 72.59 9.76
C LEU H 876 26.09 72.40 8.69
N ARG H 877 26.29 71.46 7.77
CA ARG H 877 25.25 71.11 6.81
C ARG H 877 24.20 70.23 7.44
N ASP H 878 24.55 69.43 8.45
CA ASP H 878 23.55 68.74 9.24
C ASP H 878 22.68 69.76 9.96
N ASP H 879 21.46 69.34 10.31
CA ASP H 879 20.44 70.26 10.79
C ASP H 879 20.90 71.01 12.04
N LYS H 880 21.22 70.27 13.09
CA LYS H 880 21.55 70.89 14.36
C LYS H 880 22.73 70.17 15.01
N ARG H 881 23.56 69.53 14.19
CA ARG H 881 24.68 68.75 14.72
C ARG H 881 25.72 69.73 15.24
N THR H 882 25.55 70.13 16.49
CA THR H 882 26.50 71.03 17.12
C THR H 882 27.88 70.37 17.19
N VAL H 883 28.89 71.09 16.74
CA VAL H 883 30.27 70.61 16.76
C VAL H 883 31.16 71.69 17.36
N VAL H 884 31.98 71.29 18.34
CA VAL H 884 32.86 72.20 19.07
C VAL H 884 34.28 71.72 18.87
N LEU H 885 35.22 72.65 18.71
CA LEU H 885 36.61 72.28 18.50
C LEU H 885 37.54 73.35 19.05
N VAL H 886 38.84 73.10 18.87
CA VAL H 886 39.90 74.04 19.16
C VAL H 886 40.90 73.98 18.02
N THR H 887 41.76 74.99 17.95
CA THR H 887 42.71 75.12 16.85
C THR H 887 43.97 75.81 17.32
N HIS H 888 45.05 75.60 16.56
CA HIS H 888 46.30 76.34 16.73
C HIS H 888 46.48 77.43 15.68
N LYS H 889 45.70 77.40 14.60
CA LYS H 889 45.73 78.45 13.59
C LYS H 889 44.43 79.23 13.63
N LEU H 890 44.49 80.52 13.30
CA LEU H 890 43.39 81.43 13.47
C LEU H 890 42.77 81.87 12.14
N GLN H 891 43.10 81.20 11.05
CA GLN H 891 42.64 81.62 9.73
C GLN H 891 41.14 81.37 9.57
N TYR H 892 40.65 80.28 10.14
CA TYR H 892 39.23 79.95 10.08
C TYR H 892 38.41 80.66 11.13
N LEU H 893 39.00 81.62 11.83
CA LEU H 893 38.23 82.37 12.83
C LEU H 893 37.12 83.19 12.23
N PRO H 894 37.21 83.72 11.01
CA PRO H 894 36.00 84.23 10.34
C PRO H 894 35.07 83.13 9.88
N HIS H 895 35.46 81.86 10.00
CA HIS H 895 34.57 80.74 9.71
C HIS H 895 33.91 80.19 10.96
N ALA H 896 34.35 80.61 12.13
CA ALA H 896 33.71 80.19 13.37
C ALA H 896 32.43 80.99 13.59
N ASP H 897 31.48 80.36 14.28
CA ASP H 897 30.24 81.04 14.64
C ASP H 897 30.36 81.69 16.02
N TRP H 898 30.66 80.89 17.03
CA TRP H 898 30.93 81.37 18.38
C TRP H 898 32.40 81.14 18.66
N ILE H 899 32.96 81.91 19.59
CA ILE H 899 34.37 81.82 19.91
C ILE H 899 34.53 81.92 21.41
N ILE H 900 35.49 81.19 21.96
CA ILE H 900 35.87 81.31 23.36
C ILE H 900 37.36 81.57 23.41
N ALA H 901 37.75 82.64 24.12
CA ALA H 901 39.16 83.01 24.26
C ALA H 901 39.51 82.87 25.74
N MET H 902 40.63 82.20 26.01
CA MET H 902 41.13 82.06 27.37
C MET H 902 42.65 82.05 27.38
N LYS H 903 43.22 82.36 28.54
CA LYS H 903 44.65 82.37 28.72
C LYS H 903 44.96 82.13 30.19
N ASP H 904 45.89 81.22 30.46
CA ASP H 904 46.29 80.91 31.83
C ASP H 904 45.10 80.45 32.67
N GLY H 905 44.32 79.54 32.11
CA GLY H 905 43.24 78.90 32.84
C GLY H 905 42.06 79.78 33.15
N THR H 906 41.83 80.86 32.42
CA THR H 906 40.68 81.72 32.63
C THR H 906 40.18 82.27 31.31
N ILE H 907 38.87 82.20 31.10
CA ILE H 907 38.27 82.75 29.90
C ILE H 907 38.56 84.24 29.81
N GLN H 908 38.65 84.73 28.58
CA GLN H 908 38.91 86.15 28.33
C GLN H 908 37.74 86.79 27.60
N ARG H 909 37.31 86.21 26.47
CA ARG H 909 36.34 86.84 25.60
C ARG H 909 35.47 85.79 24.92
N GLU H 910 34.48 86.28 24.19
CA GLU H 910 33.57 85.44 23.43
C GLU H 910 32.67 86.34 22.61
N GLY H 911 32.22 85.82 21.47
CA GLY H 911 31.47 86.62 20.52
C GLY H 911 32.20 86.78 19.20
N THR H 912 31.48 86.63 18.09
CA THR H 912 32.14 86.48 16.80
C THR H 912 32.81 87.77 16.34
N LEU H 913 32.01 88.79 16.02
CA LEU H 913 32.53 89.96 15.33
C LEU H 913 32.56 91.19 16.21
N LYS H 914 31.42 91.59 16.79
CA LYS H 914 31.39 92.82 17.57
C LYS H 914 32.22 92.69 18.84
N ASP H 915 32.12 91.53 19.51
CA ASP H 915 32.85 91.34 20.75
C ASP H 915 34.35 91.26 20.51
N PHE H 916 34.77 90.88 19.30
CA PHE H 916 36.18 90.89 18.98
C PHE H 916 36.69 92.31 18.77
N GLN H 917 35.99 93.10 17.96
CA GLN H 917 36.52 94.39 17.52
C GLN H 917 36.86 95.31 18.70
N ARG H 918 36.30 95.05 19.88
CA ARG H 918 36.59 95.89 21.04
C ARG H 918 38.03 95.70 21.51
N SER H 919 38.63 94.56 21.18
CA SER H 919 40.04 94.35 21.50
C SER H 919 40.94 94.82 20.36
N GLU H 920 41.76 95.84 20.62
CA GLU H 920 42.86 96.14 19.71
C GLU H 920 44.01 95.16 19.93
N CYS H 921 44.23 94.77 21.18
CA CYS H 921 45.38 93.93 21.52
C CYS H 921 45.19 92.50 21.03
N GLN H 922 44.13 91.84 21.48
CA GLN H 922 43.89 90.46 21.07
C GLN H 922 43.73 90.35 19.56
N LEU H 923 43.13 91.36 18.95
CA LEU H 923 42.83 91.27 17.52
C LEU H 923 44.04 91.66 16.68
N PHE H 924 44.93 92.47 17.22
CA PHE H 924 46.23 92.67 16.57
C PHE H 924 47.09 91.42 16.71
N GLU H 925 46.95 90.72 17.84
CA GLU H 925 47.60 89.42 17.99
C GLU H 925 47.12 88.45 16.94
N HIS H 926 45.80 88.30 16.81
CA HIS H 926 45.24 87.53 15.71
C HIS H 926 45.61 88.10 14.34
N TRP H 927 46.00 89.38 14.30
CA TRP H 927 46.42 90.04 13.08
C TRP H 927 47.92 89.96 12.86
N LYS H 928 48.68 89.46 13.85
CA LYS H 928 50.11 89.25 13.66
C LYS H 928 50.36 88.36 12.46
N THR H 929 49.51 87.35 12.26
CA THR H 929 49.59 86.50 11.08
C THR H 929 48.81 87.06 9.91
N LEU H 930 47.64 87.64 10.16
CA LEU H 930 46.80 88.19 9.10
C LEU H 930 46.51 87.18 8.00
N GLU H 994 63.89 16.15 20.82
CA GLU H 994 63.95 16.99 19.62
C GLU H 994 63.98 18.47 20.00
N ILE H 995 62.87 19.17 19.73
CA ILE H 995 62.76 20.57 20.14
C ILE H 995 62.95 20.74 21.66
N PRO H 996 62.29 19.96 22.52
CA PRO H 996 62.57 20.10 23.96
C PRO H 996 64.02 19.85 24.32
N TRP H 997 64.65 18.83 23.76
CA TRP H 997 66.06 18.60 24.01
C TRP H 997 66.88 19.84 23.70
N ARG H 998 66.65 20.44 22.53
CA ARG H 998 67.45 21.58 22.10
C ARG H 998 67.19 22.80 22.97
N ALA H 999 65.92 23.08 23.29
CA ALA H 999 65.61 24.25 24.10
C ALA H 999 66.19 24.13 25.51
N CYS H 1000 66.02 22.97 26.14
CA CYS H 1000 66.61 22.76 27.46
C CYS H 1000 68.13 22.77 27.40
N ALA H 1001 68.70 22.29 26.28
CA ALA H 1001 70.15 22.29 26.14
C ALA H 1001 70.70 23.70 26.04
N LYS H 1002 70.04 24.58 25.29
CA LYS H 1002 70.46 25.98 25.29
C LYS H 1002 70.25 26.63 26.65
N TYR H 1003 69.15 26.30 27.33
CA TYR H 1003 68.94 26.80 28.69
C TYR H 1003 70.12 26.47 29.59
N LEU H 1004 70.47 25.19 29.66
CA LEU H 1004 71.59 24.78 30.50
C LEU H 1004 72.92 25.27 29.94
N SER H 1005 73.00 25.47 28.63
CA SER H 1005 74.19 26.05 28.02
C SER H 1005 74.45 27.45 28.54
N SER H 1006 73.38 28.20 28.81
CA SER H 1006 73.52 29.46 29.52
C SER H 1006 74.26 29.27 30.83
N ALA H 1007 74.11 28.12 31.47
CA ALA H 1007 74.85 27.78 32.67
C ALA H 1007 76.16 27.10 32.30
N GLY H 1008 77.12 27.19 33.23
CA GLY H 1008 78.39 26.54 33.01
C GLY H 1008 78.24 25.04 32.88
N ILE H 1009 79.09 24.45 32.04
CA ILE H 1009 79.08 22.99 31.89
C ILE H 1009 79.34 22.32 33.24
N LEU H 1010 80.11 22.98 34.10
CA LEU H 1010 80.41 22.44 35.42
C LEU H 1010 79.14 22.35 36.26
N LEU H 1011 78.19 23.26 36.02
CA LEU H 1011 76.86 23.16 36.62
C LEU H 1011 76.11 21.93 36.14
N LEU H 1012 76.24 21.60 34.85
CA LEU H 1012 75.63 20.36 34.36
C LEU H 1012 76.22 19.16 35.09
N SER H 1013 77.55 19.12 35.16
CA SER H 1013 78.20 18.03 35.90
C SER H 1013 77.70 17.97 37.34
N LEU H 1014 77.78 19.08 38.07
CA LEU H 1014 77.47 19.06 39.49
C LEU H 1014 76.01 18.67 39.72
N LEU H 1015 75.09 19.25 38.95
CA LEU H 1015 73.67 18.89 39.07
C LEU H 1015 73.43 17.42 38.83
N VAL H 1016 73.96 16.89 37.73
CA VAL H 1016 73.65 15.50 37.37
C VAL H 1016 74.24 14.54 38.38
N PHE H 1017 75.53 14.70 38.70
CA PHE H 1017 76.13 13.86 39.73
C PHE H 1017 75.36 13.97 41.04
N SER H 1018 74.94 15.18 41.41
CA SER H 1018 74.23 15.38 42.66
C SER H 1018 72.95 14.57 42.69
N GLN H 1019 72.06 14.79 41.73
CA GLN H 1019 70.80 14.04 41.67
C GLN H 1019 71.07 12.54 41.71
N LEU H 1020 71.90 12.06 40.79
CA LEU H 1020 72.11 10.62 40.65
C LEU H 1020 72.64 10.01 41.93
N LEU H 1021 73.80 10.47 42.39
CA LEU H 1021 74.40 9.93 43.60
C LEU H 1021 73.45 10.07 44.78
N LYS H 1022 72.77 11.21 44.89
CA LYS H 1022 71.81 11.44 45.96
C LYS H 1022 70.82 10.29 46.06
N HIS H 1023 70.04 10.09 45.00
CA HIS H 1023 68.91 9.18 45.13
C HIS H 1023 69.36 7.73 44.98
N MET H 1024 70.49 7.49 44.33
CA MET H 1024 71.08 6.15 44.37
C MET H 1024 71.55 5.80 45.77
N VAL H 1025 71.98 6.80 46.53
CA VAL H 1025 72.31 6.56 47.93
C VAL H 1025 71.05 6.39 48.77
N LEU H 1026 69.97 7.12 48.46
CA LEU H 1026 68.69 6.83 49.11
C LEU H 1026 68.33 5.35 48.93
N VAL H 1027 68.33 4.89 47.69
CA VAL H 1027 68.06 3.48 47.39
C VAL H 1027 69.04 2.58 48.12
N ALA H 1028 70.32 2.93 48.10
CA ALA H 1028 71.32 2.11 48.76
C ALA H 1028 71.02 1.96 50.23
N ILE H 1029 70.83 3.08 50.93
CA ILE H 1029 70.65 3.05 52.37
C ILE H 1029 69.40 2.27 52.74
N ASP H 1030 68.29 2.46 52.03
CA ASP H 1030 67.10 1.76 52.51
C ASP H 1030 67.01 0.32 52.02
N TYR H 1031 67.43 0.05 50.77
CA TYR H 1031 67.53 -1.34 50.33
C TYR H 1031 68.56 -2.11 51.14
N TRP H 1032 69.49 -1.41 51.77
CA TRP H 1032 70.45 -2.04 52.65
C TRP H 1032 69.94 -2.12 54.08
N LEU H 1033 69.01 -1.24 54.45
CA LEU H 1033 68.16 -1.47 55.61
C LEU H 1033 67.38 -2.75 55.46
N ALA H 1034 67.02 -3.11 54.23
CA ALA H 1034 66.44 -4.43 54.01
C ALA H 1034 67.35 -5.53 54.53
N LYS H 1035 68.66 -5.36 54.36
CA LYS H 1035 69.65 -6.28 54.93
C LYS H 1035 69.75 -6.15 56.44
N TRP H 1036 69.16 -5.10 57.01
CA TRP H 1036 69.19 -4.85 58.45
C TRP H 1036 68.08 -5.60 59.19
N THR H 1037 66.99 -5.94 58.50
CA THR H 1037 65.86 -6.63 59.12
C THR H 1037 66.06 -8.13 59.25
N ASP H 1038 67.28 -8.63 59.11
CA ASP H 1038 67.54 -10.04 59.36
C ASP H 1038 68.95 -10.25 59.91
N THR H 1061 75.42 -1.17 66.55
CA THR H 1061 76.03 -2.25 65.79
C THR H 1061 76.86 -1.71 64.64
N VAL H 1062 77.52 -2.61 63.92
CA VAL H 1062 78.35 -2.21 62.78
C VAL H 1062 77.49 -1.65 61.67
N TYR H 1063 76.61 -2.48 61.11
CA TYR H 1063 75.65 -2.03 60.12
C TYR H 1063 74.95 -0.77 60.60
N ALA H 1064 74.66 -0.67 61.89
CA ALA H 1064 74.01 0.51 62.44
C ALA H 1064 74.85 1.76 62.17
N MET H 1065 76.13 1.72 62.55
CA MET H 1065 76.98 2.91 62.43
C MET H 1065 77.16 3.31 60.97
N VAL H 1066 77.35 2.34 60.09
CA VAL H 1066 77.55 2.70 58.70
C VAL H 1066 76.21 3.11 58.05
N PHE H 1067 75.12 2.55 58.55
CA PHE H 1067 73.79 3.04 58.22
C PHE H 1067 73.69 4.54 58.50
N THR H 1068 74.12 4.94 59.70
CA THR H 1068 74.12 6.36 60.05
C THR H 1068 75.00 7.18 59.11
N VAL H 1069 76.18 6.65 58.75
CA VAL H 1069 77.04 7.44 57.89
C VAL H 1069 76.42 7.53 56.50
N LEU H 1070 75.67 6.52 56.08
CA LEU H 1070 74.91 6.63 54.85
C LEU H 1070 73.87 7.72 54.95
N CYS H 1071 73.16 7.79 56.08
CA CYS H 1071 72.23 8.91 56.28
C CYS H 1071 72.93 10.26 56.10
N SER H 1072 74.09 10.41 56.75
CA SER H 1072 74.82 11.67 56.66
C SER H 1072 75.21 11.99 55.23
N LEU H 1073 75.64 10.97 54.48
CA LEU H 1073 75.95 11.18 53.08
C LEU H 1073 74.72 11.67 52.34
N GLY H 1074 73.58 11.04 52.59
CA GLY H 1074 72.35 11.47 51.95
C GLY H 1074 72.06 12.92 52.20
N ILE H 1075 72.22 13.37 53.45
CA ILE H 1075 71.82 14.74 53.78
C ILE H 1075 72.78 15.75 53.14
N VAL H 1076 74.09 15.47 53.20
CA VAL H 1076 75.02 16.42 52.61
C VAL H 1076 74.84 16.47 51.10
N LEU H 1077 74.52 15.33 50.49
CA LEU H 1077 74.38 15.30 49.05
C LEU H 1077 73.08 15.98 48.62
N CYS H 1078 72.04 15.90 49.45
CA CYS H 1078 70.85 16.70 49.20
C CYS H 1078 71.17 18.19 49.24
N LEU H 1079 72.02 18.61 50.19
CA LEU H 1079 72.33 20.03 50.30
C LEU H 1079 73.07 20.51 49.06
N VAL H 1080 74.13 19.80 48.67
CA VAL H 1080 74.83 20.22 47.46
C VAL H 1080 73.89 20.21 46.27
N THR H 1081 72.97 19.23 46.20
CA THR H 1081 72.00 19.18 45.12
C THR H 1081 71.20 20.47 45.04
N SER H 1082 70.49 20.80 46.12
CA SER H 1082 69.59 21.95 46.09
C SER H 1082 70.35 23.24 45.83
N VAL H 1083 71.54 23.38 46.43
CA VAL H 1083 72.34 24.58 46.19
C VAL H 1083 72.69 24.70 44.72
N THR H 1084 73.12 23.60 44.11
CA THR H 1084 73.43 23.63 42.69
C THR H 1084 72.23 24.08 41.88
N VAL H 1085 71.06 23.55 42.25
CA VAL H 1085 69.82 23.88 41.54
C VAL H 1085 69.59 25.39 41.55
N GLU H 1086 69.54 25.96 42.75
CA GLU H 1086 69.26 27.40 42.84
C GLU H 1086 70.31 28.21 42.09
N TRP H 1087 71.60 27.84 42.24
CA TRP H 1087 72.66 28.67 41.67
C TRP H 1087 72.63 28.62 40.15
N THR H 1088 72.35 27.45 39.58
CA THR H 1088 72.29 27.36 38.13
C THR H 1088 71.07 28.11 37.59
N GLY H 1089 69.93 28.02 38.28
CA GLY H 1089 68.79 28.80 37.85
C GLY H 1089 69.10 30.28 37.82
N LEU H 1090 69.75 30.77 38.86
CA LEU H 1090 70.06 32.20 38.94
C LEU H 1090 71.06 32.60 37.86
N LYS H 1091 72.10 31.79 37.64
CA LYS H 1091 73.10 32.14 36.63
C LYS H 1091 72.49 32.17 35.24
N VAL H 1092 71.65 31.18 34.93
CA VAL H 1092 70.98 31.19 33.64
C VAL H 1092 70.13 32.42 33.49
N ALA H 1093 69.33 32.76 34.52
CA ALA H 1093 68.46 33.92 34.42
C ALA H 1093 69.27 35.18 34.17
N LYS H 1094 70.41 35.31 34.85
CA LYS H 1094 71.25 36.49 34.69
C LYS H 1094 71.77 36.62 33.26
N ARG H 1095 72.42 35.56 32.78
CA ARG H 1095 72.91 35.56 31.41
C ARG H 1095 71.78 35.86 30.44
N LEU H 1096 70.60 35.27 30.66
CA LEU H 1096 69.46 35.49 29.78
C LEU H 1096 69.09 36.95 29.71
N HIS H 1097 68.77 37.54 30.87
CA HIS H 1097 68.28 38.91 30.86
C HIS H 1097 69.30 39.85 30.24
N ARG H 1098 70.58 39.74 30.65
CA ARG H 1098 71.57 40.65 30.13
C ARG H 1098 71.74 40.50 28.63
N SER H 1099 71.95 39.26 28.17
CA SER H 1099 72.18 39.04 26.75
C SER H 1099 71.00 39.50 25.92
N LEU H 1100 69.78 39.21 26.38
CA LEU H 1100 68.60 39.60 25.62
C LEU H 1100 68.45 41.10 25.58
N LEU H 1101 68.59 41.77 26.73
CA LEU H 1101 68.49 43.22 26.75
C LEU H 1101 69.50 43.86 25.80
N ASN H 1102 70.74 43.36 25.83
CA ASN H 1102 71.77 43.87 24.93
C ASN H 1102 71.38 43.66 23.47
N ARG H 1103 71.05 42.42 23.10
CA ARG H 1103 70.77 42.15 21.70
C ARG H 1103 69.54 42.92 21.22
N ILE H 1104 68.60 43.19 22.12
CA ILE H 1104 67.38 43.89 21.74
C ILE H 1104 67.66 45.36 21.52
N ILE H 1105 68.22 46.04 22.52
CA ILE H 1105 68.48 47.47 22.37
C ILE H 1105 69.35 47.72 21.14
N LEU H 1106 70.27 46.80 20.84
CA LEU H 1106 71.15 46.94 19.70
C LEU H 1106 70.49 46.66 18.37
N ALA H 1107 69.24 46.23 18.34
CA ALA H 1107 68.59 45.97 17.07
C ALA H 1107 68.31 47.29 16.35
N PRO H 1108 68.35 47.31 15.02
CA PRO H 1108 68.12 48.56 14.29
C PRO H 1108 66.66 49.01 14.32
N MET H 1109 66.38 50.13 13.67
CA MET H 1109 65.04 50.71 13.72
C MET H 1109 64.05 49.94 12.87
N ARG H 1110 64.53 49.22 11.85
CA ARG H 1110 63.63 48.43 11.02
C ARG H 1110 62.86 47.43 11.87
N PHE H 1111 63.52 46.81 12.85
CA PHE H 1111 62.84 45.88 13.73
C PHE H 1111 61.78 46.57 14.56
N PHE H 1112 62.16 47.65 15.25
CA PHE H 1112 61.21 48.34 16.13
C PHE H 1112 60.00 48.85 15.35
N GLU H 1113 60.22 49.43 14.18
CA GLU H 1113 59.11 49.94 13.39
C GLU H 1113 58.32 48.81 12.74
N THR H 1114 58.94 47.65 12.56
CA THR H 1114 58.22 46.52 11.99
C THR H 1114 57.49 45.74 13.07
N THR H 1115 58.21 45.29 14.10
CA THR H 1115 57.64 44.49 15.16
C THR H 1115 56.76 45.34 16.07
N PRO H 1116 55.61 44.81 16.49
CA PRO H 1116 54.79 45.50 17.49
C PRO H 1116 55.44 45.43 18.87
N LEU H 1117 55.33 46.54 19.62
CA LEU H 1117 56.08 46.67 20.86
C LEU H 1117 55.60 45.70 21.92
N GLY H 1118 54.30 45.46 22.00
CA GLY H 1118 53.77 44.60 23.05
C GLY H 1118 54.43 43.23 23.06
N SER H 1119 54.63 42.65 21.87
CA SER H 1119 55.25 41.34 21.80
C SER H 1119 56.66 41.38 22.36
N ILE H 1120 57.56 42.10 21.70
CA ILE H 1120 58.96 42.16 22.13
C ILE H 1120 59.10 42.60 23.57
N LEU H 1121 58.14 43.38 24.09
CA LEU H 1121 58.10 43.79 25.47
C LEU H 1121 57.74 42.66 26.42
N ASN H 1122 56.81 41.80 25.99
CA ASN H 1122 56.30 40.77 26.90
C ASN H 1122 57.40 39.80 27.32
N ARG H 1123 58.45 39.67 26.49
CA ARG H 1123 59.48 38.70 26.79
C ARG H 1123 60.35 39.15 27.96
N PHE H 1124 60.43 40.46 28.19
CA PHE H 1124 61.02 40.95 29.42
C PHE H 1124 59.98 41.03 30.52
N SER H 1125 58.74 41.36 30.15
CA SER H 1125 57.70 41.61 31.14
C SER H 1125 57.34 40.34 31.90
N SER H 1126 56.85 39.32 31.18
CA SER H 1126 56.33 38.10 31.79
C SER H 1126 57.19 36.88 31.50
N ASP H 1127 57.84 36.82 30.33
CA ASP H 1127 58.60 35.62 29.99
C ASP H 1127 59.85 35.50 30.85
N CYS H 1128 60.60 36.59 30.98
CA CYS H 1128 61.75 36.57 31.87
C CYS H 1128 61.32 36.39 33.32
N ASN H 1129 60.16 36.92 33.68
CA ASN H 1129 59.60 36.68 35.01
C ASN H 1129 59.36 35.20 35.25
N THR H 1130 58.60 34.57 34.35
CA THR H 1130 58.41 33.12 34.36
C THR H 1130 59.72 32.41 34.57
N ILE H 1131 60.70 32.70 33.71
CA ILE H 1131 62.00 32.03 33.82
C ILE H 1131 62.56 32.22 35.23
N ASP H 1132 62.90 33.46 35.57
CA ASP H 1132 63.76 33.72 36.70
C ASP H 1132 63.07 33.48 38.04
N GLN H 1133 61.76 33.24 38.08
CA GLN H 1133 61.24 32.86 39.38
C GLN H 1133 60.28 31.67 39.31
N HIS H 1134 60.32 30.87 38.24
CA HIS H 1134 59.62 29.61 38.26
C HIS H 1134 60.39 28.45 37.64
N ILE H 1135 61.45 28.69 36.87
CA ILE H 1135 62.16 27.57 36.27
C ILE H 1135 62.74 26.67 37.35
N PRO H 1136 63.53 27.17 38.30
CA PRO H 1136 64.16 26.25 39.27
C PRO H 1136 63.15 25.40 40.01
N SER H 1137 62.01 25.96 40.36
CA SER H 1137 60.97 25.18 41.02
C SER H 1137 60.55 24.00 40.15
N THR H 1138 60.18 24.28 38.90
CA THR H 1138 59.71 23.21 38.02
C THR H 1138 60.81 22.22 37.72
N LEU H 1139 62.04 22.71 37.52
CA LEU H 1139 63.14 21.83 37.20
C LEU H 1139 63.44 20.87 38.35
N GLU H 1140 63.47 21.37 39.59
CA GLU H 1140 63.70 20.47 40.71
C GLU H 1140 62.54 19.51 40.92
N CYS H 1141 61.31 19.99 40.73
CA CYS H 1141 60.16 19.09 40.81
C CYS H 1141 60.32 17.95 39.83
N LEU H 1142 60.54 18.28 38.56
CA LEU H 1142 60.73 17.27 37.52
C LEU H 1142 61.91 16.37 37.84
N SER H 1143 63.01 16.94 38.31
CA SER H 1143 64.22 16.17 38.52
C SER H 1143 64.02 15.14 39.61
N ARG H 1144 63.62 15.58 40.80
CA ARG H 1144 63.34 14.63 41.87
C ARG H 1144 62.27 13.63 41.46
N SER H 1145 61.21 14.07 40.79
CA SER H 1145 60.14 13.16 40.42
C SER H 1145 60.66 12.06 39.51
N THR H 1146 61.31 12.44 38.40
CA THR H 1146 61.73 11.45 37.42
C THR H 1146 62.83 10.56 37.97
N LEU H 1147 63.66 11.09 38.87
CA LEU H 1147 64.76 10.26 39.34
C LEU H 1147 64.29 9.29 40.41
N LEU H 1148 63.47 9.74 41.37
CA LEU H 1148 62.81 8.80 42.27
C LEU H 1148 62.04 7.76 41.47
N CYS H 1149 61.38 8.19 40.40
CA CYS H 1149 60.64 7.25 39.56
C CYS H 1149 61.55 6.17 39.02
N VAL H 1150 62.50 6.55 38.15
CA VAL H 1150 63.35 5.56 37.48
C VAL H 1150 64.07 4.69 38.48
N SER H 1151 64.53 5.28 39.59
CA SER H 1151 65.15 4.48 40.63
C SER H 1151 64.20 3.40 41.14
N ALA H 1152 63.00 3.78 41.56
CA ALA H 1152 62.07 2.79 42.11
C ALA H 1152 61.69 1.76 41.07
N LEU H 1153 61.59 2.18 39.80
CA LEU H 1153 61.38 1.23 38.71
C LEU H 1153 62.46 0.17 38.71
N ALA H 1154 63.73 0.60 38.64
CA ALA H 1154 64.84 -0.33 38.62
C ALA H 1154 64.81 -1.24 39.85
N VAL H 1155 64.42 -0.67 41.00
CA VAL H 1155 64.50 -1.44 42.24
C VAL H 1155 63.40 -2.49 42.29
N ILE H 1156 62.18 -2.12 41.91
CA ILE H 1156 61.10 -3.10 41.91
C ILE H 1156 61.35 -4.16 40.87
N SER H 1157 62.02 -3.79 39.79
CA SER H 1157 62.48 -4.80 38.85
C SER H 1157 63.47 -5.75 39.53
N TYR H 1158 64.37 -5.20 40.33
CA TYR H 1158 65.44 -6.01 40.92
C TYR H 1158 64.90 -6.97 41.98
N VAL H 1159 64.07 -6.45 42.89
CA VAL H 1159 63.61 -7.24 44.02
C VAL H 1159 62.70 -8.36 43.56
N THR H 1160 62.00 -8.17 42.45
CA THR H 1160 61.28 -9.25 41.76
C THR H 1160 61.62 -9.20 40.29
N PRO H 1161 62.58 -10.00 39.85
CA PRO H 1161 62.95 -10.00 38.43
C PRO H 1161 61.80 -10.40 37.53
N VAL H 1162 60.73 -10.92 38.12
CA VAL H 1162 59.54 -11.25 37.34
C VAL H 1162 58.87 -9.98 36.84
N PHE H 1163 58.96 -8.89 37.61
CA PHE H 1163 58.15 -7.72 37.34
C PHE H 1163 58.45 -7.07 36.00
N LEU H 1164 59.65 -7.29 35.45
CA LEU H 1164 60.04 -6.58 34.23
C LEU H 1164 59.09 -6.90 33.08
N VAL H 1165 58.62 -8.14 33.02
CA VAL H 1165 57.74 -8.57 31.93
C VAL H 1165 56.42 -7.81 31.99
N ALA H 1166 55.92 -7.56 33.21
CA ALA H 1166 54.73 -6.74 33.35
C ALA H 1166 55.04 -5.29 33.03
N LEU H 1167 56.23 -4.84 33.41
CA LEU H 1167 56.60 -3.44 33.23
C LEU H 1167 56.63 -3.06 31.76
N LEU H 1168 57.17 -3.94 30.92
CA LEU H 1168 57.42 -3.58 29.53
C LEU H 1168 56.18 -3.09 28.76
N PRO H 1169 55.02 -3.77 28.80
CA PRO H 1169 53.88 -3.27 28.03
C PRO H 1169 53.29 -2.01 28.63
N LEU H 1170 53.36 -1.92 29.96
CA LEU H 1170 52.83 -0.74 30.65
C LEU H 1170 53.56 0.52 30.22
N ALA H 1171 54.89 0.43 30.07
CA ALA H 1171 55.65 1.58 29.59
C ALA H 1171 55.23 1.97 28.18
N ILE H 1172 54.95 0.99 27.34
CA ILE H 1172 54.51 1.28 25.97
C ILE H 1172 53.17 2.00 26.00
N VAL H 1173 52.25 1.51 26.82
CA VAL H 1173 50.95 2.15 26.95
C VAL H 1173 51.12 3.59 27.43
N CYS H 1174 51.92 3.77 28.48
CA CYS H 1174 52.25 5.11 28.96
C CYS H 1174 52.73 6.00 27.83
N TYR H 1175 53.76 5.54 27.09
CA TYR H 1175 54.35 6.34 26.03
C TYR H 1175 53.30 6.75 25.00
N PHE H 1176 52.47 5.79 24.56
CA PHE H 1176 51.53 6.10 23.50
C PHE H 1176 50.44 7.06 23.98
N ILE H 1177 49.86 6.79 25.15
CA ILE H 1177 48.76 7.67 25.56
C ILE H 1177 49.28 9.04 25.99
N GLN H 1178 50.53 9.13 26.46
CA GLN H 1178 51.05 10.44 26.81
C GLN H 1178 51.38 11.25 25.57
N LYS H 1179 51.89 10.60 24.52
CA LYS H 1179 52.08 11.32 23.26
C LYS H 1179 50.74 11.78 22.71
N TYR H 1180 49.71 10.93 22.85
CA TYR H 1180 48.36 11.34 22.50
C TYR H 1180 47.93 12.58 23.26
N PHE H 1181 48.06 12.56 24.58
CA PHE H 1181 47.66 13.72 25.35
C PHE H 1181 48.47 14.96 24.97
N ARG H 1182 49.75 14.78 24.68
CA ARG H 1182 50.56 15.94 24.34
C ARG H 1182 50.17 16.54 23.01
N VAL H 1183 49.81 15.69 22.04
CA VAL H 1183 49.37 16.23 20.75
C VAL H 1183 48.02 16.91 20.91
N ALA H 1184 47.27 16.54 21.95
CA ALA H 1184 46.09 17.34 22.28
C ALA H 1184 46.45 18.65 22.98
N SER H 1185 47.40 18.59 23.93
CA SER H 1185 47.62 19.71 24.83
C SER H 1185 48.40 20.82 24.15
N ARG H 1186 49.17 20.50 23.11
CA ARG H 1186 49.85 21.56 22.37
C ARG H 1186 48.84 22.49 21.70
N ASP H 1187 47.92 21.92 20.94
CA ASP H 1187 46.83 22.71 20.35
C ASP H 1187 46.05 23.42 21.46
N LEU H 1188 45.81 22.74 22.58
CA LEU H 1188 45.09 23.38 23.66
C LEU H 1188 45.81 24.62 24.16
N GLN H 1189 47.10 24.49 24.50
CA GLN H 1189 47.83 25.59 25.11
C GLN H 1189 48.00 26.75 24.14
N GLN H 1190 48.17 26.43 22.85
CA GLN H 1190 48.14 27.50 21.85
C GLN H 1190 46.82 28.24 21.89
N LEU H 1191 45.71 27.51 21.97
CA LEU H 1191 44.40 28.14 22.05
C LEU H 1191 44.29 29.01 23.30
N ASP H 1192 44.87 28.54 24.41
CA ASP H 1192 44.83 29.31 25.65
C ASP H 1192 45.59 30.62 25.50
N ASP H 1193 46.79 30.56 24.90
CA ASP H 1193 47.55 31.77 24.61
C ASP H 1193 46.73 32.75 23.76
N THR H 1194 46.15 32.26 22.67
CA THR H 1194 45.51 33.16 21.72
C THR H 1194 44.18 33.67 22.25
N THR H 1195 43.62 32.98 23.25
CA THR H 1195 42.41 33.49 23.91
C THR H 1195 42.77 34.40 25.07
N GLN H 1196 43.99 34.32 25.56
CA GLN H 1196 44.44 35.16 26.66
C GLN H 1196 44.92 36.52 26.19
N LEU H 1197 45.53 36.60 25.00
CA LEU H 1197 46.04 37.87 24.51
C LEU H 1197 44.98 38.97 24.42
N PRO H 1198 43.79 38.75 23.84
CA PRO H 1198 42.82 39.86 23.73
C PRO H 1198 42.41 40.43 25.06
N LEU H 1199 42.56 39.71 26.17
CA LEU H 1199 42.33 40.31 27.47
C LEU H 1199 43.24 41.51 27.68
N LEU H 1200 44.54 41.28 27.58
CA LEU H 1200 45.49 42.37 27.78
C LEU H 1200 45.31 43.44 26.71
N SER H 1201 44.99 43.03 25.48
CA SER H 1201 44.76 44.02 24.43
C SER H 1201 43.60 44.94 24.80
N HIS H 1202 42.46 44.37 25.18
CA HIS H 1202 41.30 45.18 25.53
C HIS H 1202 41.57 46.02 26.78
N PHE H 1203 42.40 45.53 27.68
CA PHE H 1203 42.72 46.32 28.86
C PHE H 1203 43.56 47.54 28.49
N ALA H 1204 44.58 47.33 27.67
CA ALA H 1204 45.38 48.45 27.18
C ALA H 1204 44.49 49.45 26.47
N GLU H 1205 43.55 48.97 25.66
CA GLU H 1205 42.61 49.86 24.98
C GLU H 1205 41.78 50.63 26.00
N THR H 1206 41.23 49.90 26.98
CA THR H 1206 40.36 50.50 27.98
C THR H 1206 41.05 51.65 28.69
N VAL H 1207 42.29 51.45 29.11
CA VAL H 1207 42.97 52.49 29.87
C VAL H 1207 43.43 53.61 28.95
N GLU H 1208 44.04 53.25 27.81
CA GLU H 1208 44.64 54.25 26.96
C GLU H 1208 43.59 55.13 26.29
N GLY H 1209 42.39 54.61 26.08
CA GLY H 1209 41.32 55.40 25.51
C GLY H 1209 40.13 55.52 26.42
N LEU H 1210 40.40 55.69 27.71
CA LEU H 1210 39.34 55.66 28.72
C LEU H 1210 38.47 56.92 28.65
N THR H 1211 39.10 58.07 28.43
CA THR H 1211 38.36 59.33 28.32
C THR H 1211 37.39 59.30 27.15
N THR H 1212 37.83 58.82 26.00
CA THR H 1212 36.94 58.72 24.84
C THR H 1212 35.75 57.83 25.15
N ILE H 1213 35.98 56.66 25.75
CA ILE H 1213 34.89 55.75 26.06
C ILE H 1213 33.89 56.41 26.99
N ARG H 1214 34.37 57.00 28.09
CA ARG H 1214 33.46 57.76 28.95
C ARG H 1214 32.70 58.83 28.19
N ALA H 1215 33.34 59.51 27.24
CA ALA H 1215 32.64 60.52 26.45
C ALA H 1215 31.50 59.90 25.66
N PHE H 1216 31.79 58.88 24.86
CA PHE H 1216 30.76 58.23 24.07
C PHE H 1216 29.70 57.56 24.92
N ARG H 1217 29.94 57.37 26.21
CA ARG H 1217 28.94 56.86 27.15
C ARG H 1217 28.52 55.43 26.80
N TYR H 1218 29.38 54.71 26.08
CA TYR H 1218 29.08 53.35 25.67
C TYR H 1218 29.67 52.32 26.62
N GLU H 1219 29.89 52.68 27.88
CA GLU H 1219 30.61 51.82 28.80
C GLU H 1219 30.03 50.41 28.84
N ALA H 1220 28.71 50.28 28.83
CA ALA H 1220 28.09 48.95 28.88
C ALA H 1220 28.57 48.09 27.72
N ARG H 1221 28.82 48.71 26.57
CA ARG H 1221 29.24 47.93 25.42
C ARG H 1221 30.59 47.27 25.65
N PHE H 1222 31.59 48.05 26.06
CA PHE H 1222 32.90 47.46 26.30
C PHE H 1222 32.88 46.56 27.52
N GLN H 1223 31.98 46.83 28.47
CA GLN H 1223 31.79 45.89 29.58
C GLN H 1223 31.32 44.54 29.08
N GLN H 1224 30.36 44.53 28.16
CA GLN H 1224 29.91 43.25 27.60
C GLN H 1224 31.02 42.58 26.81
N LYS H 1225 31.76 43.37 26.03
CA LYS H 1225 32.87 42.81 25.26
C LYS H 1225 33.88 42.12 26.17
N LEU H 1226 34.24 42.76 27.28
CA LEU H 1226 35.20 42.14 28.19
C LEU H 1226 34.60 40.93 28.88
N LEU H 1227 33.34 41.01 29.30
CA LEU H 1227 32.71 39.81 29.82
C LEU H 1227 32.86 38.66 28.86
N GLU H 1228 32.63 38.89 27.57
CA GLU H 1228 32.81 37.84 26.57
C GLU H 1228 34.24 37.34 26.54
N TYR H 1229 35.20 38.27 26.52
CA TYR H 1229 36.62 37.89 26.50
C TYR H 1229 36.97 37.00 27.68
N THR H 1230 36.53 37.40 28.87
CA THR H 1230 36.82 36.64 30.08
C THR H 1230 36.19 35.27 30.02
N ASP H 1231 34.93 35.22 29.60
CA ASP H 1231 34.28 33.93 29.40
C ASP H 1231 35.09 33.05 28.47
N SER H 1232 35.64 33.65 27.42
CA SER H 1232 36.43 32.89 26.46
C SER H 1232 37.65 32.29 27.12
N ASN H 1233 38.42 33.13 27.83
CA ASN H 1233 39.59 32.62 28.54
C ASN H 1233 39.20 31.53 29.52
N ASN H 1234 38.07 31.71 30.19
CA ASN H 1234 37.64 30.73 31.18
C ASN H 1234 37.36 29.39 30.53
N ILE H 1235 36.64 29.40 29.40
CA ILE H 1235 36.32 28.14 28.75
C ILE H 1235 37.57 27.48 28.20
N ALA H 1236 38.52 28.28 27.70
CA ALA H 1236 39.79 27.72 27.27
C ALA H 1236 40.50 27.03 28.44
N SER H 1237 40.56 27.71 29.58
CA SER H 1237 41.21 27.12 30.74
C SER H 1237 40.49 25.86 31.20
N LEU H 1238 39.17 25.83 31.07
CA LEU H 1238 38.45 24.62 31.47
C LEU H 1238 38.74 23.47 30.53
N PHE H 1239 38.88 23.75 29.23
CA PHE H 1239 39.44 22.77 28.32
C PHE H 1239 40.75 22.21 28.85
N LEU H 1240 41.68 23.13 29.16
CA LEU H 1240 42.98 22.73 29.68
C LEU H 1240 42.84 21.79 30.87
N THR H 1241 42.01 22.19 31.83
CA THR H 1241 41.92 21.44 33.06
C THR H 1241 41.29 20.07 32.82
N ALA H 1242 40.21 20.02 32.05
CA ALA H 1242 39.60 18.73 31.73
C ALA H 1242 40.61 17.78 31.13
N ALA H 1243 41.37 18.26 30.13
CA ALA H 1243 42.38 17.40 29.52
C ALA H 1243 43.41 16.94 30.54
N ASN H 1244 43.93 17.89 31.34
CA ASN H 1244 44.97 17.58 32.29
C ASN H 1244 44.50 16.55 33.29
N ARG H 1245 43.27 16.69 33.77
CA ARG H 1245 42.76 15.77 34.77
C ARG H 1245 42.47 14.41 34.17
N TRP H 1246 42.05 14.36 32.90
CA TRP H 1246 41.85 13.06 32.27
C TRP H 1246 43.15 12.30 32.19
N LEU H 1247 44.22 12.97 31.73
CA LEU H 1247 45.51 12.29 31.69
C LEU H 1247 45.96 11.93 33.09
N GLU H 1248 45.71 12.82 34.05
CA GLU H 1248 46.03 12.56 35.44
C GLU H 1248 45.43 11.24 35.89
N VAL H 1249 44.13 11.08 35.65
CA VAL H 1249 43.41 9.87 36.03
C VAL H 1249 44.02 8.64 35.37
N ARG H 1250 44.25 8.72 34.07
CA ARG H 1250 44.75 7.56 33.33
C ARG H 1250 46.11 7.12 33.87
N MET H 1251 47.03 8.08 34.00
CA MET H 1251 48.35 7.75 34.51
C MET H 1251 48.28 7.20 35.92
N GLU H 1252 47.36 7.73 36.72
CA GLU H 1252 47.20 7.21 38.07
C GLU H 1252 46.78 5.75 38.05
N TYR H 1253 45.84 5.40 37.17
CA TYR H 1253 45.39 4.02 37.14
C TYR H 1253 46.51 3.11 36.65
N ILE H 1254 47.35 3.60 35.74
CA ILE H 1254 48.55 2.86 35.40
C ILE H 1254 49.38 2.58 36.65
N GLY H 1255 49.61 3.62 37.46
CA GLY H 1255 50.40 3.44 38.66
C GLY H 1255 49.80 2.43 39.62
N ALA H 1256 48.47 2.47 39.75
CA ALA H 1256 47.80 1.53 40.65
C ALA H 1256 47.97 0.10 40.15
N CYS H 1257 47.85 -0.10 38.83
CA CYS H 1257 48.10 -1.43 38.27
C CYS H 1257 49.52 -1.87 38.58
N VAL H 1258 50.48 -0.95 38.47
CA VAL H 1258 51.86 -1.26 38.80
C VAL H 1258 51.97 -1.75 40.24
N VAL H 1259 51.40 -1.00 41.17
CA VAL H 1259 51.44 -1.38 42.58
C VAL H 1259 50.89 -2.78 42.76
N LEU H 1260 49.73 -3.04 42.18
CA LEU H 1260 49.08 -4.33 42.35
C LEU H 1260 49.95 -5.46 41.83
N ILE H 1261 50.46 -5.31 40.62
CA ILE H 1261 51.32 -6.34 40.03
C ILE H 1261 52.49 -6.62 40.95
N ALA H 1262 53.18 -5.58 41.38
CA ALA H 1262 54.36 -5.77 42.22
C ALA H 1262 54.00 -6.52 43.50
N ALA H 1263 52.93 -6.08 44.16
CA ALA H 1263 52.56 -6.70 45.43
C ALA H 1263 52.25 -8.18 45.23
N VAL H 1264 51.41 -8.49 44.25
CA VAL H 1264 51.00 -9.87 44.02
C VAL H 1264 52.22 -10.74 43.71
N THR H 1265 53.04 -10.30 42.76
CA THR H 1265 54.20 -11.07 42.36
C THR H 1265 55.10 -11.34 43.55
N SER H 1266 55.38 -10.28 44.32
CA SER H 1266 56.28 -10.41 45.44
C SER H 1266 55.74 -11.38 46.48
N ILE H 1267 54.46 -11.26 46.80
CA ILE H 1267 53.87 -12.14 47.82
C ILE H 1267 53.95 -13.59 47.38
N SER H 1268 53.44 -13.87 46.17
CA SER H 1268 53.50 -15.23 45.65
C SER H 1268 54.92 -15.78 45.73
N ASN H 1269 55.86 -15.09 45.08
CA ASN H 1269 57.24 -15.57 45.05
C ASN H 1269 57.75 -15.82 46.47
N SER H 1270 57.70 -14.80 47.33
CA SER H 1270 58.31 -14.89 48.65
C SER H 1270 57.75 -16.07 49.43
N LEU H 1271 56.44 -16.08 49.68
CA LEU H 1271 55.92 -17.12 50.55
C LEU H 1271 56.08 -18.49 49.91
N HIS H 1272 56.13 -18.56 48.58
CA HIS H 1272 56.40 -19.83 47.94
C HIS H 1272 57.89 -20.08 47.81
N ARG H 1273 58.63 -19.11 47.29
CA ARG H 1273 60.07 -19.20 47.09
C ARG H 1273 60.71 -18.11 47.93
N GLU H 1274 61.16 -18.47 49.13
CA GLU H 1274 61.57 -17.49 50.13
C GLU H 1274 62.60 -16.52 49.57
N LEU H 1275 62.42 -15.23 49.89
CA LEU H 1275 63.33 -14.21 49.39
C LEU H 1275 63.58 -13.05 50.36
N SER H 1276 63.57 -13.27 51.68
CA SER H 1276 63.78 -12.18 52.62
C SER H 1276 62.69 -11.12 52.49
N ALA H 1277 61.47 -11.47 52.92
CA ALA H 1277 60.27 -10.67 52.72
C ALA H 1277 60.46 -9.19 53.03
N GLY H 1278 61.47 -8.83 53.82
CA GLY H 1278 61.84 -7.43 53.91
C GLY H 1278 61.98 -6.82 52.53
N LEU H 1279 62.58 -7.57 51.59
CA LEU H 1279 62.64 -7.13 50.21
C LEU H 1279 61.25 -7.00 49.60
N VAL H 1280 60.31 -7.85 50.01
CA VAL H 1280 58.95 -7.75 49.49
C VAL H 1280 58.32 -6.43 49.90
N GLY H 1281 58.34 -6.15 51.20
CA GLY H 1281 57.86 -4.85 51.66
C GLY H 1281 58.55 -3.72 50.94
N LEU H 1282 59.86 -3.85 50.71
CA LEU H 1282 60.61 -2.82 50.03
C LEU H 1282 60.08 -2.57 48.61
N GLY H 1283 59.95 -3.64 47.84
CA GLY H 1283 59.44 -3.48 46.48
C GLY H 1283 58.05 -2.89 46.46
N LEU H 1284 57.18 -3.33 47.37
CA LEU H 1284 55.81 -2.86 47.31
C LEU H 1284 55.68 -1.41 47.75
N THR H 1285 56.49 -1.00 48.72
CA THR H 1285 56.50 0.41 49.08
C THR H 1285 57.10 1.25 47.96
N TYR H 1286 58.00 0.68 47.17
CA TYR H 1286 58.46 1.45 46.02
C TYR H 1286 57.41 1.48 44.92
N ALA H 1287 56.54 0.47 44.88
CA ALA H 1287 55.37 0.55 44.00
C ALA H 1287 54.47 1.69 44.42
N LEU H 1288 54.18 1.79 45.72
CA LEU H 1288 53.49 2.97 46.23
C LEU H 1288 54.22 4.24 45.86
N MET H 1289 55.55 4.24 46.01
CA MET H 1289 56.37 5.39 45.65
C MET H 1289 56.08 5.82 44.22
N VAL H 1290 56.14 4.87 43.28
CA VAL H 1290 55.90 5.18 41.88
C VAL H 1290 54.48 5.68 41.67
N SER H 1291 53.50 4.94 42.20
CA SER H 1291 52.10 5.34 42.04
C SER H 1291 51.88 6.77 42.54
N ASN H 1292 52.69 7.19 43.50
CA ASN H 1292 52.63 8.57 43.97
C ASN H 1292 53.29 9.51 42.96
N TYR H 1293 54.56 9.27 42.64
CA TYR H 1293 55.37 10.33 42.07
C TYR H 1293 55.40 10.30 40.54
N LEU H 1294 54.91 9.22 39.93
CA LEU H 1294 54.92 9.11 38.47
C LEU H 1294 54.04 10.18 37.84
N ASN H 1295 52.89 10.43 38.44
CA ASN H 1295 51.97 11.42 37.90
C ASN H 1295 52.55 12.81 38.05
N TRP H 1296 53.21 13.08 39.18
CA TRP H 1296 53.95 14.33 39.30
C TRP H 1296 55.02 14.43 38.22
N MET H 1297 55.71 13.33 37.95
CA MET H 1297 56.73 13.33 36.90
C MET H 1297 56.15 13.81 35.59
N VAL H 1298 55.01 13.23 35.21
CA VAL H 1298 54.37 13.63 33.96
C VAL H 1298 53.96 15.09 33.99
N ARG H 1299 53.27 15.51 35.05
CA ARG H 1299 52.76 16.88 35.09
C ARG H 1299 53.91 17.89 35.06
N ASN H 1300 55.01 17.58 35.74
CA ASN H 1300 56.16 18.48 35.74
C ASN H 1300 56.84 18.46 34.39
N LEU H 1301 56.84 17.32 33.71
CA LEU H 1301 57.33 17.30 32.34
C LEU H 1301 56.52 18.26 31.47
N ALA H 1302 55.20 18.25 31.61
CA ALA H 1302 54.36 19.15 30.82
C ALA H 1302 54.64 20.60 31.15
N ASP H 1303 54.67 20.93 32.44
CA ASP H 1303 54.85 22.33 32.84
C ASP H 1303 56.22 22.84 32.43
N MET H 1304 57.26 22.03 32.60
CA MET H 1304 58.59 22.42 32.16
C MET H 1304 58.68 22.48 30.66
N GLU H 1305 57.91 21.66 29.94
CA GLU H 1305 57.83 21.81 28.50
C GLU H 1305 57.33 23.19 28.13
N LEU H 1306 56.26 23.64 28.81
CA LEU H 1306 55.79 25.01 28.61
C LEU H 1306 56.89 26.01 28.89
N GLN H 1307 57.54 25.89 30.04
CA GLN H 1307 58.53 26.89 30.44
C GLN H 1307 59.71 26.93 29.48
N LEU H 1308 60.15 25.78 29.01
CA LEU H 1308 61.25 25.72 28.05
C LEU H 1308 60.82 26.19 26.68
N GLY H 1309 59.55 26.02 26.30
CA GLY H 1309 59.07 26.69 25.10
C GLY H 1309 59.16 28.19 25.22
N ALA H 1310 58.84 28.73 26.40
CA ALA H 1310 59.01 30.17 26.61
C ALA H 1310 60.48 30.57 26.50
N VAL H 1311 61.36 29.77 27.08
CA VAL H 1311 62.80 30.05 26.99
C VAL H 1311 63.25 30.03 25.55
N LYS H 1312 62.77 29.05 24.77
CA LYS H 1312 63.12 29.01 23.35
C LYS H 1312 62.58 30.21 22.62
N ARG H 1313 61.40 30.70 23.00
CA ARG H 1313 60.88 31.92 22.39
C ARG H 1313 61.84 33.09 22.63
N ILE H 1314 62.19 33.32 23.89
CA ILE H 1314 63.16 34.38 24.20
C ILE H 1314 64.44 34.18 23.41
N HIS H 1315 64.91 32.94 23.29
CA HIS H 1315 66.19 32.71 22.63
C HIS H 1315 66.09 32.95 21.12
N GLY H 1316 65.01 32.49 20.50
CA GLY H 1316 64.79 32.79 19.10
C GLY H 1316 64.71 34.29 18.87
N LEU H 1317 64.31 35.02 19.90
CA LEU H 1317 64.44 36.47 19.84
C LEU H 1317 65.87 36.94 20.10
N LEU H 1318 66.69 36.15 20.79
CA LEU H 1318 68.08 36.55 20.99
C LEU H 1318 68.80 36.71 19.66
N LYS H 1319 68.40 35.96 18.63
CA LYS H 1319 68.91 36.19 17.29
C LYS H 1319 68.53 37.59 16.83
N THR H 1320 69.54 38.42 16.57
CA THR H 1320 69.31 39.83 16.29
C THR H 1320 70.06 40.22 15.03
N GLU H 1321 69.58 41.27 14.37
CA GLU H 1321 70.17 41.74 13.13
C GLU H 1321 71.36 42.66 13.40
N ALA H 1322 72.22 42.79 12.39
CA ALA H 1322 73.45 43.58 12.51
C ALA H 1322 73.12 45.07 12.42
N GLU H 1323 73.52 45.82 13.44
CA GLU H 1323 73.25 47.25 13.48
C GLU H 1323 74.43 48.05 12.96
N SER H 1324 75.63 47.45 12.94
CA SER H 1324 76.83 48.08 12.39
C SER H 1324 77.16 49.40 13.09
N TYR H 1325 77.49 49.33 14.38
CA TYR H 1325 77.83 50.55 15.12
C TYR H 1325 79.16 51.11 14.67
N GLU H 1326 80.18 50.27 14.52
CA GLU H 1326 81.49 50.73 14.12
C GLU H 1326 81.50 51.22 12.68
N GLY H 1327 81.84 52.49 12.49
CA GLY H 1327 82.03 53.04 11.16
C GLY H 1327 83.46 52.92 10.70
N LEU H 1328 83.68 52.72 9.41
CA LEU H 1328 85.03 52.52 8.90
C LEU H 1328 85.80 53.84 8.78
N LEU H 1329 85.93 54.56 9.90
CA LEU H 1329 86.69 55.81 9.94
C LEU H 1329 87.39 55.91 11.29
N ALA H 1330 88.56 56.53 11.27
CA ALA H 1330 89.39 56.64 12.46
C ALA H 1330 88.81 57.69 13.40
N PRO H 1331 88.69 57.41 14.69
CA PRO H 1331 88.34 58.47 15.62
C PRO H 1331 89.47 59.44 15.83
N SER H 1332 90.71 58.98 15.60
CA SER H 1332 91.87 59.87 15.69
C SER H 1332 91.91 60.84 14.52
N LEU H 1333 91.47 60.39 13.34
CA LEU H 1333 91.34 61.28 12.21
C LEU H 1333 90.27 62.34 12.46
N ILE H 1334 89.38 62.07 13.41
CA ILE H 1334 88.29 62.99 13.72
C ILE H 1334 88.70 63.89 14.88
N PRO H 1335 88.66 65.22 14.74
CA PRO H 1335 88.94 66.09 15.88
C PRO H 1335 87.77 66.14 16.87
N LYS H 1336 88.07 66.64 18.06
CA LYS H 1336 87.09 66.63 19.15
C LYS H 1336 85.87 67.46 18.79
N ASN H 1337 86.03 68.78 18.71
CA ASN H 1337 84.95 69.64 18.24
C ASN H 1337 84.89 69.60 16.72
N TRP H 1338 84.60 68.39 16.21
CA TRP H 1338 84.72 68.17 14.78
C TRP H 1338 83.75 69.02 13.98
N PRO H 1339 82.43 68.90 14.12
CA PRO H 1339 81.54 69.60 13.18
C PRO H 1339 81.58 71.10 13.39
N ASP H 1340 82.74 71.70 13.07
CA ASP H 1340 82.99 73.12 13.35
C ASP H 1340 82.19 74.02 12.43
N GLN H 1341 82.43 73.93 11.11
CA GLN H 1341 81.70 74.76 10.17
C GLN H 1341 80.26 74.29 10.04
N GLY H 1342 80.07 73.05 9.62
CA GLY H 1342 78.74 72.51 9.44
C GLY H 1342 78.26 72.64 8.02
N LYS H 1343 79.19 72.89 7.09
CA LYS H 1343 78.83 72.94 5.69
C LYS H 1343 78.43 71.55 5.21
N ILE H 1344 77.30 71.47 4.51
CA ILE H 1344 76.70 70.20 4.12
C ILE H 1344 76.44 70.23 2.62
N GLN H 1345 76.98 69.24 1.92
CA GLN H 1345 76.75 69.08 0.49
C GLN H 1345 76.22 67.68 0.24
N ILE H 1346 74.96 67.57 -0.18
CA ILE H 1346 74.36 66.30 -0.55
C ILE H 1346 74.34 66.26 -2.07
N GLN H 1347 74.30 65.07 -2.65
CA GLN H 1347 74.24 64.91 -4.10
C GLN H 1347 73.76 63.49 -4.42
N ASN H 1348 72.80 63.40 -5.34
CA ASN H 1348 72.16 62.15 -5.77
C ASN H 1348 71.73 61.30 -4.59
N LEU H 1349 71.41 61.91 -3.46
CA LEU H 1349 71.06 61.20 -2.25
C LEU H 1349 69.76 60.42 -2.49
N SER H 1350 69.86 59.09 -2.57
CA SER H 1350 68.73 58.23 -2.86
C SER H 1350 68.56 57.26 -1.70
N VAL H 1351 67.44 57.39 -0.98
CA VAL H 1351 67.22 56.70 0.27
C VAL H 1351 65.99 55.81 0.13
N ARG H 1352 65.80 54.95 1.14
CA ARG H 1352 64.63 54.11 1.30
C ARG H 1352 64.71 53.43 2.65
N TYR H 1353 63.56 53.23 3.28
CA TYR H 1353 63.56 52.72 4.65
C TYR H 1353 64.09 51.30 4.72
N ASP H 1354 63.54 50.40 3.92
CA ASP H 1354 64.06 49.05 3.78
C ASP H 1354 64.37 48.82 2.31
N SER H 1355 64.98 47.68 2.02
CA SER H 1355 65.34 47.37 0.64
C SER H 1355 64.10 47.09 -0.20
N SER H 1356 63.06 46.52 0.40
CA SER H 1356 61.88 46.13 -0.36
C SER H 1356 61.07 47.34 -0.77
N LEU H 1357 61.03 48.38 0.06
CA LEU H 1357 60.23 49.55 -0.25
C LEU H 1357 60.91 50.40 -1.31
N LYS H 1358 60.06 51.02 -2.14
CA LYS H 1358 60.55 51.89 -3.21
C LYS H 1358 61.30 53.08 -2.62
N PRO H 1359 62.27 53.61 -3.36
CA PRO H 1359 63.01 54.78 -2.87
C PRO H 1359 62.08 55.96 -2.60
N VAL H 1360 62.26 56.55 -1.42
CA VAL H 1360 61.34 57.57 -0.91
C VAL H 1360 61.89 58.96 -1.20
N LEU H 1361 63.18 59.04 -1.50
CA LEU H 1361 63.82 60.32 -1.81
C LEU H 1361 65.06 60.05 -2.64
N LYS H 1362 65.15 60.66 -3.83
CA LYS H 1362 66.21 60.32 -4.76
C LYS H 1362 66.67 61.55 -5.51
N HIS H 1363 67.90 61.47 -6.02
CA HIS H 1363 68.47 62.43 -6.98
C HIS H 1363 68.38 63.86 -6.46
N VAL H 1364 68.81 64.02 -5.21
CA VAL H 1364 68.75 65.30 -4.54
C VAL H 1364 70.17 65.78 -4.23
N ASN H 1365 70.43 67.04 -4.51
CA ASN H 1365 71.73 67.65 -4.24
C ASN H 1365 71.54 69.03 -3.62
N ALA H 1366 72.42 69.35 -2.68
CA ALA H 1366 72.36 70.62 -1.99
C ALA H 1366 73.66 70.92 -1.24
N LEU H 1367 74.32 72.01 -1.60
CA LEU H 1367 75.44 72.52 -0.83
C LEU H 1367 74.87 73.51 0.18
N ILE H 1368 75.04 73.21 1.46
CA ILE H 1368 74.53 74.05 2.52
C ILE H 1368 75.71 74.64 3.25
N ALA H 1369 75.82 75.96 3.20
CA ALA H 1369 76.89 76.70 3.86
C ALA H 1369 76.57 76.74 5.36
N PRO H 1370 77.40 77.37 6.19
CA PRO H 1370 76.97 77.69 7.56
C PRO H 1370 75.56 78.25 7.60
N GLY H 1371 75.19 79.06 6.62
CA GLY H 1371 73.79 79.31 6.29
C GLY H 1371 72.86 79.33 7.48
N GLN H 1372 73.06 80.29 8.39
CA GLN H 1372 72.62 80.26 9.81
C GLN H 1372 71.26 79.57 9.91
N LYS H 1373 70.31 79.86 9.04
CA LYS H 1373 69.00 79.22 9.05
C LYS H 1373 68.51 79.03 7.63
N ILE H 1374 68.41 77.78 7.20
CA ILE H 1374 67.80 77.47 5.92
C ILE H 1374 66.51 76.70 6.19
N GLY H 1375 65.63 76.67 5.19
CA GLY H 1375 64.32 76.07 5.39
C GLY H 1375 63.97 74.97 4.43
N ILE H 1376 63.30 73.93 4.93
CA ILE H 1376 62.71 72.89 4.10
C ILE H 1376 61.23 72.81 4.45
N CYS H 1377 60.38 72.74 3.45
CA CYS H 1377 58.95 72.67 3.65
C CYS H 1377 58.33 71.83 2.54
N GLY H 1378 57.01 71.79 2.52
CA GLY H 1378 56.27 71.06 1.51
C GLY H 1378 55.05 70.40 2.10
N ARG H 1379 54.29 69.76 1.21
CA ARG H 1379 53.15 68.96 1.62
C ARG H 1379 53.61 67.67 2.28
N THR H 1380 52.66 66.96 2.88
CA THR H 1380 52.97 65.72 3.56
C THR H 1380 53.51 64.67 2.58
N GLY H 1381 54.16 63.66 3.14
CA GLY H 1381 54.61 62.54 2.36
C GLY H 1381 55.72 62.82 1.38
N SER H 1382 56.09 64.09 1.18
CA SER H 1382 57.18 64.41 0.26
C SER H 1382 58.51 63.84 0.69
N GLY H 1383 58.60 63.31 1.91
CA GLY H 1383 59.85 62.76 2.41
C GLY H 1383 60.69 63.73 3.19
N LYS H 1384 60.09 64.79 3.75
CA LYS H 1384 60.89 65.78 4.46
C LYS H 1384 61.38 65.25 5.80
N SER H 1385 60.52 64.53 6.53
CA SER H 1385 60.99 63.86 7.73
C SER H 1385 62.00 62.77 7.37
N SER H 1386 61.78 62.09 6.24
CA SER H 1386 62.75 61.13 5.76
C SER H 1386 64.11 61.78 5.58
N PHE H 1387 64.16 62.90 4.85
CA PHE H 1387 65.42 63.58 4.65
C PHE H 1387 66.01 64.09 5.96
N SER H 1388 65.15 64.51 6.89
CA SER H 1388 65.66 64.82 8.22
C SER H 1388 66.41 63.63 8.80
N LEU H 1389 65.82 62.44 8.69
CA LEU H 1389 66.47 61.23 9.15
C LEU H 1389 67.58 60.76 8.22
N ALA H 1390 67.78 61.44 7.09
CA ALA H 1390 68.88 61.07 6.20
C ALA H 1390 70.23 61.39 6.81
N PHE H 1391 70.29 62.34 7.74
CA PHE H 1391 71.57 62.69 8.34
C PHE H 1391 72.04 61.57 9.27
N PHE H 1392 71.17 61.15 10.19
CA PHE H 1392 71.52 60.20 11.22
C PHE H 1392 71.56 58.76 10.71
N ARG H 1393 71.52 58.57 9.39
CA ARG H 1393 71.53 57.25 8.77
C ARG H 1393 70.40 56.37 9.30
N MET H 1394 69.30 56.98 9.73
CA MET H 1394 68.09 56.24 10.04
C MET H 1394 67.55 55.48 8.85
N VAL H 1395 67.96 55.87 7.64
CA VAL H 1395 67.41 55.33 6.40
C VAL H 1395 68.52 54.62 5.63
N ASP H 1396 68.13 53.73 4.71
CA ASP H 1396 69.08 52.81 4.09
C ASP H 1396 69.96 53.47 3.03
N THR H 1397 69.59 54.66 2.54
CA THR H 1397 70.40 55.48 1.62
C THR H 1397 71.19 54.69 0.59
N PHE H 1398 70.49 53.89 -0.22
CA PHE H 1398 71.17 52.93 -1.08
C PHE H 1398 72.07 53.61 -2.11
N GLU H 1399 71.63 54.71 -2.72
CA GLU H 1399 72.46 55.45 -3.65
C GLU H 1399 72.86 56.77 -3.01
N GLY H 1400 73.82 57.45 -3.64
CA GLY H 1400 74.22 58.77 -3.20
C GLY H 1400 74.91 58.79 -1.86
N HIS H 1401 75.30 59.99 -1.42
CA HIS H 1401 76.04 60.19 -0.18
C HIS H 1401 75.88 61.63 0.29
N ILE H 1402 76.13 61.86 1.58
CA ILE H 1402 76.14 63.19 2.18
C ILE H 1402 77.51 63.46 2.76
N ILE H 1403 77.97 64.69 2.61
CA ILE H 1403 79.26 65.13 3.13
C ILE H 1403 79.00 66.13 4.24
N ILE H 1404 79.40 65.78 5.46
CA ILE H 1404 79.52 66.80 6.48
C ILE H 1404 80.95 67.27 6.35
N ASP H 1405 81.22 68.50 6.77
CA ASP H 1405 82.41 69.23 6.31
C ASP H 1405 83.65 68.35 6.36
N GLY H 1406 84.19 68.06 5.17
CA GLY H 1406 85.35 67.22 5.04
C GLY H 1406 85.08 65.77 4.72
N ILE H 1407 83.90 65.23 5.01
CA ILE H 1407 83.76 63.78 5.04
C ILE H 1407 82.34 63.34 4.69
N ASP H 1408 82.24 62.10 4.24
CA ASP H 1408 81.03 61.36 3.93
C ASP H 1408 80.27 61.00 5.21
N ILE H 1409 79.20 60.24 5.04
CA ILE H 1409 78.48 59.67 6.18
C ILE H 1409 78.74 58.18 6.31
N ALA H 1410 79.33 57.56 5.28
CA ALA H 1410 79.40 56.11 5.18
C ALA H 1410 80.39 55.45 6.13
N LYS H 1411 81.15 56.22 6.90
CA LYS H 1411 82.24 55.67 7.69
C LYS H 1411 82.20 56.09 9.15
N LEU H 1412 81.22 56.88 9.56
CA LEU H 1412 81.35 57.26 10.97
C LEU H 1412 80.78 56.18 11.89
N PRO H 1413 81.30 56.10 13.11
CA PRO H 1413 80.60 55.34 14.15
C PRO H 1413 79.26 56.00 14.45
N LEU H 1414 78.18 55.24 14.29
CA LEU H 1414 76.84 55.80 14.42
C LEU H 1414 76.64 56.46 15.77
N HIS H 1415 77.23 55.89 16.82
CA HIS H 1415 77.19 56.52 18.13
C HIS H 1415 77.89 57.87 18.11
N THR H 1416 79.12 57.91 17.60
CA THR H 1416 79.79 59.18 17.41
C THR H 1416 78.99 60.08 16.49
N LEU H 1417 78.38 59.49 15.45
CA LEU H 1417 77.58 60.25 14.52
C LEU H 1417 76.53 61.07 15.26
N ARG H 1418 75.63 60.40 15.99
CA ARG H 1418 74.49 61.10 16.55
C ARG H 1418 74.86 61.76 17.88
N SER H 1419 76.05 61.47 18.40
CA SER H 1419 76.49 62.08 19.64
C SER H 1419 76.75 63.57 19.45
N ARG H 1420 77.26 63.95 18.28
CA ARG H 1420 77.70 65.31 17.99
C ARG H 1420 76.69 66.11 17.19
N LEU H 1421 75.46 65.63 17.05
CA LEU H 1421 74.42 66.34 16.33
C LEU H 1421 73.17 66.40 17.20
N SER H 1422 72.07 66.84 16.59
CA SER H 1422 70.81 66.97 17.31
C SER H 1422 69.66 66.96 16.31
N ILE H 1423 68.45 66.85 16.85
CA ILE H 1423 67.21 66.82 16.08
C ILE H 1423 66.05 67.05 17.03
N ILE H 1424 64.98 67.65 16.54
CA ILE H 1424 63.73 67.75 17.30
C ILE H 1424 62.67 66.96 16.55
N LEU H 1425 62.25 65.85 17.15
CA LEU H 1425 61.23 65.01 16.56
C LEU H 1425 59.93 65.77 16.37
N GLN H 1426 59.18 65.37 15.36
CA GLN H 1426 57.84 65.88 15.14
C GLN H 1426 56.99 65.71 16.40
N ASP H 1427 56.88 64.46 16.87
CA ASP H 1427 56.06 64.18 18.04
C ASP H 1427 56.87 64.40 19.31
N PRO H 1428 56.23 64.89 20.38
CA PRO H 1428 56.93 64.98 21.67
C PRO H 1428 56.89 63.64 22.40
N VAL H 1429 58.06 63.22 22.88
CA VAL H 1429 58.21 62.00 23.68
C VAL H 1429 59.03 62.38 24.91
N LEU H 1430 58.59 61.93 26.08
CA LEU H 1430 59.19 62.34 27.34
C LEU H 1430 59.70 61.13 28.12
N PHE H 1431 60.19 61.42 29.32
CA PHE H 1431 60.79 60.42 30.19
C PHE H 1431 60.25 60.56 31.60
N SER H 1432 59.80 59.44 32.15
CA SER H 1432 59.39 59.42 33.55
C SER H 1432 60.58 59.74 34.43
N GLY H 1433 60.53 60.89 35.09
CA GLY H 1433 61.62 61.34 35.94
C GLY H 1433 61.47 62.82 36.21
N THR H 1434 62.60 63.49 36.36
CA THR H 1434 62.62 64.91 36.66
C THR H 1434 63.33 65.68 35.56
N ILE H 1435 63.20 66.99 35.63
CA ILE H 1435 63.77 67.85 34.60
C ILE H 1435 65.27 67.64 34.49
N ARG H 1436 65.94 67.47 35.63
CA ARG H 1436 67.34 67.03 35.61
C ARG H 1436 67.52 65.80 34.75
N PHE H 1437 66.73 64.76 35.00
CA PHE H 1437 66.88 63.52 34.25
C PHE H 1437 66.26 63.62 32.87
N ASN H 1438 65.17 64.39 32.73
CA ASN H 1438 64.54 64.52 31.43
C ASN H 1438 65.47 65.21 30.43
N LEU H 1439 66.15 66.26 30.85
CA LEU H 1439 67.12 66.94 29.99
C LEU H 1439 68.48 66.26 30.00
N ASP H 1440 69.01 65.95 31.18
CA ASP H 1440 70.37 65.45 31.33
C ASP H 1440 70.30 63.98 31.72
N PRO H 1441 70.49 63.07 30.77
CA PRO H 1441 70.72 61.67 31.15
C PRO H 1441 72.00 61.52 31.95
N GLU H 1442 73.09 62.11 31.46
CA GLU H 1442 74.28 62.32 32.26
C GLU H 1442 74.00 63.41 33.29
N ARG H 1443 75.02 63.77 34.05
CA ARG H 1443 74.96 64.94 34.92
C ARG H 1443 75.94 66.02 34.48
N LYS H 1444 76.52 65.89 33.30
CA LYS H 1444 77.59 66.78 32.87
C LYS H 1444 77.02 68.08 32.31
N CYS H 1445 76.29 68.80 33.16
CA CYS H 1445 75.71 70.09 32.81
C CYS H 1445 75.52 70.94 34.06
N SER H 1446 75.18 72.21 33.87
CA SER H 1446 74.97 73.15 34.96
C SER H 1446 73.52 73.58 34.98
N ASP H 1447 72.98 73.82 36.18
CA ASP H 1447 71.62 74.31 36.31
C ASP H 1447 71.47 75.65 35.61
N SER H 1448 72.53 76.44 35.58
CA SER H 1448 72.50 77.70 34.82
C SER H 1448 72.11 77.44 33.37
N THR H 1449 72.82 76.52 32.71
CA THR H 1449 72.49 76.19 31.32
C THR H 1449 71.11 75.54 31.20
N LEU H 1450 70.67 74.82 32.24
CA LEU H 1450 69.34 74.23 32.20
C LEU H 1450 68.27 75.30 32.17
N TRP H 1451 68.34 76.23 33.13
CA TRP H 1451 67.46 77.39 33.13
C TRP H 1451 67.59 78.20 31.85
N GLU H 1452 68.79 78.25 31.27
CA GLU H 1452 68.99 78.96 30.01
C GLU H 1452 68.18 78.31 28.90
N ALA H 1453 68.30 76.99 28.76
CA ALA H 1453 67.53 76.27 27.74
C ALA H 1453 66.04 76.39 27.99
N LEU H 1454 65.62 76.34 29.25
CA LEU H 1454 64.22 76.56 29.58
C LEU H 1454 63.76 77.94 29.14
N GLU H 1455 64.56 78.97 29.41
CA GLU H 1455 64.19 80.33 29.08
C GLU H 1455 64.09 80.51 27.57
N ILE H 1456 65.16 80.20 26.84
CA ILE H 1456 65.14 80.41 25.40
C ILE H 1456 64.07 79.59 24.71
N ALA H 1457 63.53 78.59 25.39
CA ALA H 1457 62.37 77.85 24.91
C ALA H 1457 61.08 78.36 25.54
N GLN H 1458 61.16 79.39 26.39
CA GLN H 1458 59.99 79.98 27.06
C GLN H 1458 59.37 79.00 28.06
N LEU H 1459 60.22 78.21 28.71
CA LEU H 1459 59.77 77.30 29.76
C LEU H 1459 60.10 77.80 31.16
N LYS H 1460 61.24 78.43 31.36
CA LYS H 1460 61.64 78.88 32.69
C LYS H 1460 60.53 79.67 33.37
N LEU H 1461 59.85 80.53 32.59
CA LEU H 1461 58.74 81.28 33.14
C LEU H 1461 57.68 80.37 33.73
N VAL H 1462 57.32 79.31 33.02
CA VAL H 1462 56.36 78.35 33.56
C VAL H 1462 56.95 77.64 34.77
N VAL H 1463 58.16 77.11 34.64
CA VAL H 1463 58.77 76.31 35.68
C VAL H 1463 58.82 77.06 37.00
N LYS H 1464 59.01 78.39 36.94
CA LYS H 1464 59.02 79.18 38.16
C LYS H 1464 57.77 78.92 39.01
N ALA H 1465 56.61 78.80 38.35
CA ALA H 1465 55.38 78.52 39.07
C ALA H 1465 55.36 77.10 39.64
N LEU H 1466 56.18 76.22 39.12
CA LEU H 1466 56.16 74.83 39.58
C LEU H 1466 56.95 74.69 40.87
N PRO H 1467 56.42 74.00 41.88
CA PRO H 1467 57.10 73.93 43.18
C PRO H 1467 58.35 73.07 43.18
N GLY H 1468 58.53 72.21 42.18
CA GLY H 1468 59.66 71.29 42.21
C GLY H 1468 61.00 72.00 42.11
N GLY H 1469 61.07 73.05 41.31
CA GLY H 1469 62.34 73.67 40.99
C GLY H 1469 63.05 72.85 39.94
N LEU H 1470 62.39 72.69 38.78
CA LEU H 1470 62.78 71.70 37.78
C LEU H 1470 63.14 70.37 38.44
N ASP H 1471 62.45 70.07 39.53
CA ASP H 1471 62.62 68.83 40.26
C ASP H 1471 61.31 68.08 40.42
N ALA H 1472 60.24 68.52 39.77
CA ALA H 1472 59.00 67.78 39.76
C ALA H 1472 59.17 66.49 38.97
N ILE H 1473 58.08 65.74 38.87
CA ILE H 1473 58.08 64.44 38.23
C ILE H 1473 57.18 64.49 37.00
N ILE H 1474 57.77 64.25 35.84
CA ILE H 1474 57.00 64.00 34.63
C ILE H 1474 56.54 62.54 34.65
N THR H 1475 55.24 62.34 34.65
CA THR H 1475 54.64 61.03 34.91
C THR H 1475 54.20 60.38 33.62
N GLU H 1476 54.79 59.21 33.32
CA GLU H 1476 54.37 58.37 32.21
C GLU H 1476 54.36 59.15 30.89
N GLY H 1477 55.55 59.52 30.44
CA GLY H 1477 55.69 60.13 29.14
C GLY H 1477 55.16 61.54 29.02
N GLY H 1478 54.64 62.12 30.10
CA GLY H 1478 54.16 63.47 30.08
C GLY H 1478 52.67 63.65 30.23
N GLU H 1479 52.00 62.84 31.04
CA GLU H 1479 50.58 63.00 31.27
C GLU H 1479 50.25 64.17 32.19
N ASN H 1480 51.24 64.97 32.58
CA ASN H 1480 50.95 66.10 33.46
C ASN H 1480 50.81 67.39 32.68
N PHE H 1481 51.43 67.47 31.50
CA PHE H 1481 51.49 68.71 30.74
C PHE H 1481 50.84 68.52 29.37
N SER H 1482 50.60 69.63 28.68
CA SER H 1482 49.87 69.64 27.43
C SER H 1482 50.75 69.17 26.29
N GLN H 1483 50.11 68.93 25.13
CA GLN H 1483 50.86 68.55 23.93
C GLN H 1483 51.97 69.54 23.65
N GLY H 1484 51.61 70.82 23.57
CA GLY H 1484 52.60 71.83 23.27
C GLY H 1484 53.63 71.97 24.37
N GLN H 1485 53.22 71.80 25.63
CA GLN H 1485 54.16 71.78 26.73
C GLN H 1485 55.25 70.74 26.50
N ARG H 1486 54.84 69.51 26.21
CA ARG H 1486 55.77 68.41 25.99
C ARG H 1486 56.66 68.67 24.78
N GLN H 1487 56.08 69.22 23.72
CA GLN H 1487 56.88 69.58 22.55
C GLN H 1487 57.94 70.61 22.92
N LEU H 1488 57.56 71.60 23.73
CA LEU H 1488 58.53 72.56 24.23
C LEU H 1488 59.63 71.89 25.01
N PHE H 1489 59.28 70.98 25.92
CA PHE H 1489 60.31 70.24 26.64
C PHE H 1489 61.28 69.57 25.69
N CYS H 1490 60.78 68.95 24.62
CA CYS H 1490 61.66 68.30 23.66
C CYS H 1490 62.57 69.31 22.97
N LEU H 1491 61.99 70.43 22.54
CA LEU H 1491 62.80 71.50 21.96
C LEU H 1491 63.93 71.89 22.89
N ALA H 1492 63.61 72.20 24.14
CA ALA H 1492 64.63 72.60 25.11
C ALA H 1492 65.68 71.51 25.27
N ARG H 1493 65.25 70.25 25.37
CA ARG H 1493 66.20 69.16 25.51
C ARG H 1493 67.19 69.13 24.36
N ALA H 1494 66.71 69.24 23.14
CA ALA H 1494 67.63 69.44 22.02
C ALA H 1494 68.51 70.65 22.25
N PHE H 1495 67.93 71.73 22.75
CA PHE H 1495 68.63 72.99 22.96
C PHE H 1495 69.70 72.90 24.03
N VAL H 1496 69.66 71.87 24.88
CA VAL H 1496 70.70 71.71 25.89
C VAL H 1496 72.06 71.56 25.23
N ARG H 1497 72.11 70.97 24.04
CA ARG H 1497 73.37 70.75 23.37
C ARG H 1497 73.87 72.03 22.73
N LYS H 1498 75.13 72.37 22.98
CA LYS H 1498 75.76 73.55 22.40
C LYS H 1498 76.08 73.36 20.93
N THR H 1499 75.60 72.27 20.33
CA THR H 1499 75.82 72.03 18.92
C THR H 1499 75.35 73.21 18.08
N SER H 1500 76.13 73.54 17.07
CA SER H 1500 75.83 74.64 16.17
C SER H 1500 75.22 74.19 14.86
N ILE H 1501 75.09 72.88 14.63
CA ILE H 1501 74.37 72.37 13.48
C ILE H 1501 73.39 71.30 13.95
N PHE H 1502 72.13 71.46 13.58
CA PHE H 1502 71.10 70.47 13.89
C PHE H 1502 69.88 70.77 13.04
N ILE H 1503 68.78 70.10 13.35
CA ILE H 1503 67.59 70.10 12.51
C ILE H 1503 66.36 69.96 13.40
N MET H 1504 65.20 70.36 12.85
CA MET H 1504 63.91 70.28 13.52
C MET H 1504 62.89 69.72 12.54
N ASP H 1505 61.99 68.87 13.03
CA ASP H 1505 60.96 68.27 12.19
C ASP H 1505 59.61 68.92 12.52
N GLU H 1506 59.35 70.07 11.87
CA GLU H 1506 58.11 70.81 12.04
C GLU H 1506 57.72 70.91 13.50
N ALA H 1507 58.70 71.28 14.34
CA ALA H 1507 58.50 71.27 15.78
C ALA H 1507 57.36 72.19 16.20
N THR H 1508 57.08 73.24 15.41
CA THR H 1508 56.13 74.26 15.78
C THR H 1508 54.68 73.85 15.52
N ALA H 1509 54.45 72.69 14.93
CA ALA H 1509 53.09 72.26 14.62
C ALA H 1509 52.20 72.26 15.86
N SER H 1510 52.74 71.80 16.99
CA SER H 1510 51.93 71.75 18.21
C SER H 1510 51.83 73.13 18.85
N ILE H 1511 52.72 74.05 18.48
CA ILE H 1511 52.80 75.35 19.14
C ILE H 1511 51.82 76.33 18.49
N ASP H 1512 51.19 77.15 19.34
CA ASP H 1512 50.32 78.23 18.89
C ASP H 1512 51.14 79.36 18.27
N MET H 1513 50.44 80.39 17.78
CA MET H 1513 51.12 81.40 16.98
C MET H 1513 52.02 82.31 17.82
N ALA H 1514 51.56 82.76 18.98
CA ALA H 1514 52.33 83.71 19.76
C ALA H 1514 53.67 83.12 20.18
N THR H 1515 53.63 81.97 20.85
CA THR H 1515 54.84 81.28 21.22
C THR H 1515 55.64 80.88 19.98
N GLU H 1516 54.96 80.58 18.87
CA GLU H 1516 55.67 80.29 17.63
C GLU H 1516 56.59 81.43 17.24
N ASN H 1517 56.03 82.64 17.12
CA ASN H 1517 56.82 83.81 16.77
C ASN H 1517 57.94 84.04 17.78
N ILE H 1518 57.58 84.10 19.07
CA ILE H 1518 58.57 84.43 20.08
C ILE H 1518 59.69 83.41 20.08
N LEU H 1519 59.35 82.13 19.97
CA LEU H 1519 60.33 81.06 20.07
C LEU H 1519 61.25 81.07 18.87
N GLN H 1520 60.68 81.17 17.66
CA GLN H 1520 61.51 81.19 16.47
C GLN H 1520 62.45 82.38 16.47
N LYS H 1521 61.96 83.54 16.94
CA LYS H 1521 62.84 84.70 17.06
C LYS H 1521 63.99 84.42 18.04
N VAL H 1522 63.66 83.94 19.23
CA VAL H 1522 64.68 83.73 20.24
C VAL H 1522 65.70 82.71 19.77
N VAL H 1523 65.25 81.67 19.06
CA VAL H 1523 66.19 80.63 18.65
C VAL H 1523 67.06 81.10 17.50
N MET H 1524 66.49 81.89 16.57
CA MET H 1524 67.30 82.49 15.52
C MET H 1524 68.38 83.40 16.11
N THR H 1525 68.01 84.22 17.10
CA THR H 1525 68.99 85.10 17.72
C THR H 1525 70.05 84.32 18.48
N ALA H 1526 69.64 83.57 19.50
CA ALA H 1526 70.57 82.80 20.32
C ALA H 1526 71.38 81.81 19.49
N PHE H 1527 70.86 81.40 18.34
CA PHE H 1527 71.59 80.54 17.42
C PHE H 1527 71.92 81.29 16.14
N ALA H 1528 72.30 82.57 16.29
CA ALA H 1528 72.76 83.33 15.14
C ALA H 1528 73.96 82.70 14.46
N ASP H 1529 74.89 82.14 15.24
CA ASP H 1529 76.01 81.40 14.69
C ASP H 1529 75.59 80.02 14.21
N ARG H 1530 74.73 79.36 14.96
CA ARG H 1530 74.39 77.97 14.69
C ARG H 1530 73.72 77.83 13.32
N THR H 1531 73.90 76.64 12.74
CA THR H 1531 73.30 76.28 11.47
C THR H 1531 72.18 75.28 11.72
N VAL H 1532 70.94 75.73 11.56
CA VAL H 1532 69.78 74.89 11.83
C VAL H 1532 69.03 74.66 10.53
N VAL H 1533 68.60 73.42 10.32
CA VAL H 1533 67.74 73.07 9.20
C VAL H 1533 66.33 72.95 9.75
N THR H 1534 65.38 73.61 9.11
CA THR H 1534 64.03 73.80 9.66
C THR H 1534 63.00 73.13 8.77
N ILE H 1535 62.38 72.07 9.28
CA ILE H 1535 61.10 71.64 8.77
C ILE H 1535 60.02 72.51 9.41
N ALA H 1536 59.06 72.93 8.60
CA ALA H 1536 58.03 73.82 9.09
C ALA H 1536 56.68 73.42 8.51
N HIS H 1537 55.80 72.92 9.37
CA HIS H 1537 54.39 72.79 9.04
C HIS H 1537 53.70 74.15 9.03
N ARG H 1538 54.45 75.22 9.30
CA ARG H 1538 53.99 76.60 9.18
C ARG H 1538 54.97 77.35 8.30
N VAL H 1539 54.56 77.67 7.07
CA VAL H 1539 55.44 78.41 6.17
C VAL H 1539 55.72 79.79 6.74
N HIS H 1540 54.77 80.37 7.47
CA HIS H 1540 54.96 81.66 8.10
C HIS H 1540 56.20 81.68 8.99
N THR H 1541 56.68 80.51 9.41
CA THR H 1541 57.94 80.38 10.11
C THR H 1541 59.12 80.27 9.15
N ILE H 1542 58.90 79.71 7.96
CA ILE H 1542 60.00 79.55 7.00
C ILE H 1542 60.26 80.83 6.22
N LEU H 1543 59.41 81.85 6.36
CA LEU H 1543 59.64 83.09 5.63
C LEU H 1543 60.89 83.82 6.10
N SER H 1544 61.55 83.30 7.14
CA SER H 1544 62.69 84.02 7.69
C SER H 1544 64.03 83.36 7.34
N ALA H 1545 64.02 82.08 6.97
CA ALA H 1545 65.25 81.34 6.73
C ALA H 1545 66.03 81.93 5.56
N ASP H 1546 67.33 81.60 5.51
CA ASP H 1546 68.18 82.05 4.40
C ASP H 1546 67.75 81.40 3.10
N LEU H 1547 67.62 80.08 3.09
CA LEU H 1547 67.18 79.34 1.92
C LEU H 1547 65.93 78.54 2.23
N VAL H 1548 65.12 78.35 1.19
CA VAL H 1548 63.87 77.61 1.30
C VAL H 1548 63.96 76.41 0.37
N ILE H 1549 63.63 75.24 0.89
CA ILE H 1549 63.79 73.98 0.17
C ILE H 1549 62.43 73.32 0.06
N VAL H 1550 61.97 73.13 -1.17
CA VAL H 1550 60.62 72.65 -1.44
C VAL H 1550 60.70 71.27 -2.04
N LEU H 1551 60.00 70.32 -1.42
CA LEU H 1551 59.95 68.93 -1.87
C LEU H 1551 58.56 68.63 -2.41
N LYS H 1552 58.48 68.21 -3.67
CA LYS H 1552 57.17 67.91 -4.22
C LYS H 1552 56.85 66.43 -4.02
N ARG H 1553 57.63 65.55 -4.65
CA ARG H 1553 57.42 64.12 -4.49
C ARG H 1553 58.67 63.43 -3.96
N GLY H 1554 59.78 63.56 -4.68
CA GLY H 1554 60.99 62.84 -4.31
C GLY H 1554 62.24 63.67 -4.53
N ALA H 1555 62.07 64.98 -4.65
CA ALA H 1555 63.20 65.87 -4.87
C ALA H 1555 62.76 67.30 -4.62
N ILE H 1556 63.74 68.20 -4.70
CA ILE H 1556 63.55 69.61 -4.46
C ILE H 1556 63.14 70.26 -5.78
N LEU H 1557 62.29 71.27 -5.70
CA LEU H 1557 61.94 72.08 -6.86
C LEU H 1557 62.33 73.53 -6.59
N GLU H 1558 63.52 73.91 -7.07
CA GLU H 1558 64.00 75.28 -7.04
C GLU H 1558 64.09 75.81 -5.61
N PHE H 1559 64.95 75.17 -4.82
CA PHE H 1559 65.32 75.72 -3.53
C PHE H 1559 66.04 77.06 -3.73
N ASP H 1560 65.68 78.05 -2.93
CA ASP H 1560 66.12 79.41 -3.19
C ASP H 1560 65.85 80.26 -1.95
N LYS H 1561 66.26 81.51 -2.01
CA LYS H 1561 65.93 82.50 -0.99
C LYS H 1561 64.42 82.71 -0.98
N PRO H 1562 63.84 83.07 0.16
CA PRO H 1562 62.38 83.21 0.21
C PRO H 1562 61.83 84.31 -0.67
N GLU H 1563 62.49 85.47 -0.71
CA GLU H 1563 61.97 86.62 -1.45
C GLU H 1563 61.85 86.30 -2.94
N LYS H 1564 62.87 85.64 -3.51
CA LYS H 1564 62.82 85.29 -4.92
C LYS H 1564 61.69 84.32 -5.23
N LEU H 1565 61.49 83.31 -4.39
CA LEU H 1565 60.44 82.33 -4.64
C LEU H 1565 59.06 82.94 -4.50
N LEU H 1566 58.89 83.88 -3.56
CA LEU H 1566 57.57 84.49 -3.37
C LEU H 1566 57.28 85.54 -4.43
N SER H 1567 58.31 86.24 -4.92
CA SER H 1567 58.07 87.26 -5.93
C SER H 1567 58.01 86.68 -7.33
N ARG H 1568 58.60 85.50 -7.53
CA ARG H 1568 58.48 84.82 -8.81
C ARG H 1568 57.10 84.18 -8.96
N LYS H 1569 56.53 83.69 -7.86
CA LYS H 1569 55.18 83.13 -7.78
C LYS H 1569 55.14 81.77 -8.50
N ASP H 1570 56.20 81.43 -9.22
CA ASP H 1570 56.16 80.24 -10.07
C ASP H 1570 56.29 78.98 -9.24
N SER H 1571 57.10 79.02 -8.19
CA SER H 1571 57.15 77.92 -7.25
C SER H 1571 55.79 77.71 -6.60
N VAL H 1572 55.55 76.47 -6.17
CA VAL H 1572 54.30 76.17 -5.48
C VAL H 1572 54.33 76.69 -4.05
N PHE H 1573 55.52 77.06 -3.54
CA PHE H 1573 55.56 77.69 -2.23
C PHE H 1573 54.84 79.02 -2.23
N ALA H 1574 54.80 79.69 -3.39
CA ALA H 1574 53.97 80.88 -3.51
C ALA H 1574 52.53 80.55 -3.18
N SER H 1575 52.01 79.46 -3.74
CA SER H 1575 50.65 79.04 -3.39
C SER H 1575 50.55 78.65 -1.94
N PHE H 1576 51.60 78.05 -1.39
CA PHE H 1576 51.60 77.64 0.00
C PHE H 1576 51.43 78.84 0.92
N VAL H 1577 52.16 79.92 0.63
CA VAL H 1577 52.06 81.14 1.43
C VAL H 1577 50.82 81.96 1.10
N ARG H 1578 50.26 81.81 -0.10
CA ARG H 1578 49.05 82.55 -0.45
C ARG H 1578 47.77 81.92 0.10
N ALA H 1579 47.71 80.59 0.13
CA ALA H 1579 46.56 79.93 0.74
C ALA H 1579 46.43 80.29 2.21
N ASP H 1580 47.56 80.53 2.87
CA ASP H 1580 47.55 81.00 4.25
C ASP H 1580 47.27 82.49 4.31
N LYS H 1581 48.17 83.29 3.72
CA LYS H 1581 48.13 84.75 3.76
C LYS H 1581 48.29 85.28 5.19
PG ATP I . 9.22 24.71 22.53
O1G ATP I . 8.82 24.68 21.07
O2G ATP I . 10.60 24.14 22.80
O3G ATP I . 8.91 26.01 23.22
PB ATP I . 6.65 23.84 22.99
O1B ATP I . 6.30 25.28 22.76
O2B ATP I . 5.92 23.03 24.04
O3B ATP I . 8.23 23.67 23.21
PA ATP I . 5.10 23.16 20.87
O1A ATP I . 5.16 24.20 19.78
O2A ATP I . 4.08 23.23 21.98
O3A ATP I . 6.50 23.08 21.59
O5' ATP I . 5.05 21.71 20.19
C5' ATP I . 3.88 20.92 20.26
C4' ATP I . 4.35 19.49 20.45
O4' ATP I . 5.65 19.37 19.88
C3' ATP I . 4.48 19.16 21.93
O3' ATP I . 3.56 18.12 22.28
C2' ATP I . 5.91 18.69 22.13
O2' ATP I . 5.93 17.37 22.68
C1' ATP I . 6.53 18.66 20.75
N9 ATP I . 7.85 19.32 20.79
C8 ATP I . 8.10 20.60 21.12
N7 ATP I . 9.43 20.87 21.06
C5 ATP I . 10.05 19.75 20.68
C6 ATP I . 11.45 19.33 20.40
N6 ATP I . 12.49 20.19 20.54
N1 ATP I . 11.66 18.05 20.04
C2 ATP I . 10.65 17.18 19.90
N3 ATP I . 9.37 17.49 20.11
C4 ATP I . 9.00 18.73 20.50
PG ATP J . -33.04 4.58 10.18
O1G ATP J . -32.03 5.40 9.42
O2G ATP J . -32.73 4.39 11.65
O3G ATP J . -34.48 4.91 9.86
PB ATP J . -32.90 2.94 7.98
O1B ATP J . -33.72 4.03 7.35
O2B ATP J . -33.17 1.48 7.67
O3B ATP J . -32.85 3.11 9.57
PA ATP J . -30.95 3.28 6.11
O1A ATP J . -30.90 4.72 5.66
O2A ATP J . -31.83 2.26 5.42
O3A ATP J . -31.35 3.22 7.65
O5' ATP J . -29.47 2.70 6.19
C5' ATP J . -28.98 1.82 5.18
C4' ATP J . -28.05 0.85 5.89
O4' ATP J . -27.44 1.55 6.98
C3' ATP J . -28.84 -0.30 6.48
O3' ATP J . -28.39 -1.53 5.90
C2' ATP J . -28.56 -0.29 7.97
O2' ATP J . -28.04 -1.55 8.41
C1' ATP J . -27.51 0.78 8.17
N9 ATP J . -27.91 1.64 9.31
C8 ATP J . -29.03 2.39 9.41
N7 ATP J . -29.06 3.05 10.59
C5 ATP J . -27.94 2.72 11.27
C6 ATP J . -27.32 3.08 12.57
N6 ATP J . -27.93 3.89 13.45
N1 ATP J . -26.14 2.49 12.88
C2 ATP J . -25.52 1.65 12.05
N3 ATP J . -26.02 1.30 10.84
C4 ATP J . -27.20 1.79 10.41
PG ATP K . -12.34 -14.32 -29.37
O1G ATP K . -12.37 -12.94 -28.76
O2G ATP K . -13.18 -15.35 -28.67
O3G ATP K . -12.43 -14.33 -30.88
PB ATP K . -9.63 -13.85 -29.52
O1B ATP K . -10.05 -12.97 -30.67
O2B ATP K . -8.37 -14.67 -29.60
O3B ATP K . -10.84 -14.81 -29.08
PA ATP K . -8.58 -11.67 -28.28
O1A ATP K . -9.38 -10.44 -28.59
O2A ATP K . -7.42 -12.10 -29.14
O3A ATP K . -9.56 -12.93 -28.21
O5' ATP K . -8.10 -11.63 -26.76
C5' ATP K . -6.72 -11.51 -26.44
C4' ATP K . -6.52 -12.34 -25.19
O4' ATP K . -7.76 -12.40 -24.50
C3' ATP K . -6.14 -13.77 -25.57
O3' ATP K . -4.82 -14.05 -25.09
C2' ATP K . -7.17 -14.66 -24.88
O2' ATP K . -6.52 -15.59 -24.00
C1' ATP K . -8.04 -13.73 -24.07
N9 ATP K . -9.46 -14.07 -24.29
C8 ATP K . -10.12 -14.02 -25.46
N7 ATP K . -11.41 -14.42 -25.31
C5 ATP K . -11.58 -14.72 -24.00
C6 ATP K . -12.69 -15.20 -23.15
N6 ATP K . -13.90 -15.46 -23.66
N1 ATP K . -12.42 -15.42 -21.85
C2 ATP K . -11.21 -15.19 -21.33
N3 ATP K . -10.16 -14.75 -22.03
C4 ATP K . -10.28 -14.51 -23.36
PG ATP L . 29.83 5.87 -17.00
O1G ATP L . 30.83 6.89 -17.50
O2G ATP L . 30.07 4.45 -17.46
O3G ATP L . 28.39 6.32 -17.06
PB ATP L . 29.81 7.09 -14.53
O1B ATP L . 29.97 8.34 -15.34
O2B ATP L . 30.51 6.95 -13.20
O3B ATP L . 30.12 5.80 -15.41
PA ATP L . 27.45 8.06 -13.59
O1A ATP L . 26.72 8.85 -14.66
O2A ATP L . 28.42 8.70 -12.64
O3A ATP L . 28.25 6.87 -14.29
O5' ATP L . 26.38 7.21 -12.76
C5' ATP L . 26.12 7.50 -11.40
C4' ATP L . 25.88 6.15 -10.74
O4' ATP L . 25.39 5.26 -11.72
C3' ATP L . 27.19 5.57 -10.21
O3' ATP L . 27.13 5.50 -8.79
C2' ATP L . 27.30 4.19 -10.81
O2' ATP L . 27.36 3.19 -9.79
C1' ATP L . 26.04 3.99 -11.63
N9 ATP L . 26.40 3.48 -12.97
C8 ATP L . 27.14 4.13 -13.89
N7 ATP L . 27.28 3.38 -15.01
C5 ATP L . 26.60 2.23 -14.81
C6 ATP L . 26.32 1.00 -15.60
N6 ATP L . 26.82 0.82 -16.84
N1 ATP L . 25.57 0.04 -15.01
C2 ATP L . 25.09 0.18 -13.77
N3 ATP L . 25.29 1.28 -13.01
C4 ATP L . 26.03 2.31 -13.46
PB ADP M . -45.84 57.31 44.02
O1B ADP M . -46.22 57.08 42.58
O2B ADP M . -44.80 58.38 44.23
O3B ADP M . -47.01 57.36 44.99
PA ADP M . -44.50 55.78 45.93
O1A ADP M . -44.71 57.07 46.70
O2A ADP M . -45.01 54.49 46.51
O3A ADP M . -45.13 55.93 44.46
O5' ADP M . -42.94 55.61 45.63
C5' ADP M . -42.23 56.59 44.89
C4' ADP M . -40.82 56.07 44.65
O4' ADP M . -40.46 55.23 45.75
C3' ADP M . -40.73 55.23 43.39
O3' ADP M . -39.77 55.83 42.51
C2' ADP M . -40.24 53.86 43.82
O2' ADP M . -39.08 53.49 43.07
C1' ADP M . -39.88 54.01 45.29
N9 ADP M . -40.46 52.90 46.07
C8 ADP M . -41.75 52.75 46.39
N7 ADP M . -41.96 51.61 47.10
C5 ADP M . -40.75 51.02 47.25
C6 ADP M . -40.25 49.79 47.89
N6 ADP M . -41.07 48.94 48.56
N1 ADP M . -38.92 49.53 47.81
C2 ADP M . -38.08 50.36 47.17
N3 ADP M . -38.47 51.50 46.55
C4 ADP M . -39.78 51.87 46.56
MG MG N . -65.78 44.98 37.36
MG MG O . -47.88 55.53 45.65
PG ATP P . -66.29 48.18 39.11
O1G ATP P . -66.74 48.82 37.81
O2G ATP P . -64.85 48.38 39.48
O3G ATP P . -67.28 48.31 40.25
PB ATP P . -67.68 46.07 38.04
O1B ATP P . -68.87 46.92 38.37
O2B ATP P . -67.36 45.85 36.59
O3B ATP P . -66.37 46.62 38.75
PA ATP P . -68.83 43.56 38.16
O1A ATP P . -69.53 44.22 37.02
O2A ATP P . -68.09 42.25 37.94
O3A ATP P . -67.81 44.64 38.75
O5' ATP P . -69.85 43.39 39.41
C5' ATP P . -71.26 43.29 39.23
C4' ATP P . -71.90 42.77 40.51
O4' ATP P . -71.65 41.37 40.63
C3' ATP P . -71.34 43.44 41.75
O3' ATP P . -72.40 44.07 42.48
C2' ATP P . -70.73 42.34 42.60
O2' ATP P . -71.30 42.38 43.92
C1' ATP P . -71.10 41.05 41.90
N9 ATP P . -69.87 40.26 41.69
C8 ATP P . -68.71 40.73 41.21
N7 ATP P . -67.78 39.75 41.13
C5 ATP P . -68.35 38.63 41.58
C6 ATP P . -67.92 37.22 41.75
N6 ATP P . -66.67 36.85 41.44
N1 ATP P . -68.82 36.35 42.25
C2 ATP P . -70.07 36.74 42.56
N3 ATP P . -70.53 37.99 42.43
C4 ATP P . -69.72 38.96 41.94
PB ADP Q . -73.91 -4.62 -42.30
O1B ADP Q . -72.76 -3.95 -42.99
O2B ADP Q . -74.76 -3.71 -41.46
O3B ADP Q . -74.69 -5.59 -43.17
PA ADP Q . -74.10 -6.50 -40.25
O1A ADP Q . -75.55 -6.20 -40.48
O2A ADP Q . -73.61 -7.94 -40.35
O3A ADP Q . -73.20 -5.62 -41.26
O5' ADP Q . -73.67 -5.93 -38.81
C5' ADP Q . -73.80 -4.54 -38.52
C4' ADP Q . -73.18 -4.31 -37.15
O4' ADP Q . -73.34 -5.49 -36.38
C3' ADP Q . -71.70 -4.01 -37.24
O3' ADP Q . -71.45 -2.73 -36.68
C2' ADP Q . -71.01 -5.08 -36.42
O2' ADP Q . -70.15 -4.47 -35.44
C1' ADP Q . -72.12 -5.84 -35.72
N9 ADP Q . -71.91 -7.29 -35.86
C8 ADP Q . -72.11 -8.02 -36.98
N7 ADP Q . -71.81 -9.32 -36.77
C5 ADP Q . -71.43 -9.45 -35.49
C6 ADP Q . -70.98 -10.56 -34.61
N6 ADP Q . -70.89 -11.83 -35.07
N1 ADP Q . -70.66 -10.25 -33.34
C2 ADP Q . -70.74 -9.00 -32.85
N3 ADP Q . -71.15 -7.95 -33.59
C4 ADP Q . -71.49 -8.11 -34.90
MG MG R . -61.64 -14.88 -60.69
MG MG S . -73.91 -7.56 -43.48
PG ATP T . -65.16 -14.01 -61.31
O1G ATP T . -64.73 -12.87 -62.19
O2G ATP T . -65.49 -13.67 -59.88
O3G ATP T . -66.11 -14.98 -61.96
PB ATP T . -62.99 -15.18 -62.52
O1B ATP T . -63.91 -15.19 -63.71
O2B ATP T . -61.81 -14.26 -62.55
O3B ATP T . -63.82 -14.86 -61.18
PA ATP T . -61.37 -17.33 -63.11
O1A ATP T . -61.07 -16.34 -64.20
O2A ATP T . -60.25 -17.85 -62.23
O3A ATP T . -62.49 -16.66 -62.18
O5' ATP T . -62.18 -18.58 -63.72
C5' ATP T . -62.07 -18.98 -65.10
C4' ATP T . -62.64 -20.39 -65.27
O4' ATP T . -61.71 -21.34 -64.75
C3' ATP T . -63.96 -20.57 -64.53
O3' ATP T . -64.98 -20.95 -65.46
C2' ATP T . -63.75 -21.68 -63.54
O2' ATP T . -64.73 -22.72 -63.74
C1' ATP T . -62.35 -22.23 -63.82
N9 ATP T . -61.57 -22.24 -62.57
C8 ATP T . -61.50 -21.23 -61.69
N7 ATP T . -60.70 -21.55 -60.65
C5 ATP T . -60.24 -22.80 -60.86
C6 ATP T . -59.36 -23.74 -60.16
N6 ATP T . -58.79 -23.40 -58.98
N1 ATP T . -59.14 -24.94 -60.72
C2 ATP T . -59.71 -25.28 -61.90
N3 ATP T . -60.53 -24.47 -62.59
C4 ATP T . -60.82 -23.24 -62.14
PB ADP U . 28.59 1.55 -80.53
O1B ADP U . 28.64 2.84 -79.75
O2B ADP U . 27.30 1.34 -81.28
O3B ADP U . 29.84 1.23 -81.33
PA ADP U . 28.50 -1.14 -79.82
O1A ADP U . 28.36 -1.23 -81.32
O2A ADP U . 29.61 -1.89 -79.13
O3A ADP U . 28.62 0.40 -79.40
O5' ADP U . 27.11 -1.58 -79.15
C5' ADP U . 25.90 -0.89 -79.45
C4' ADP U . 24.81 -1.44 -78.55
O4' ADP U . 25.10 -2.81 -78.28
C3' ADP U . 24.75 -0.71 -77.22
O3' ADP U . 23.45 -0.13 -77.07
C2' ADP U . 24.97 -1.76 -76.15
O2' ADP U . 23.91 -1.73 -75.19
C1' ADP U . 24.96 -3.09 -76.89
N9 ADP U . 26.11 -3.91 -76.45
C8 ADP U . 27.40 -3.71 -76.80
N7 ADP U . 28.20 -4.65 -76.23
C5 ADP U . 27.43 -5.45 -75.50
C6 ADP U . 27.63 -6.65 -74.64
N6 ADP U . 28.86 -7.17 -74.45
N1 ADP U . 26.54 -7.19 -74.07
C2 ADP U . 25.31 -6.69 -74.25
N3 ADP U . 25.05 -5.62 -75.01
C4 ADP U . 26.05 -4.97 -75.65
MG MG V . 49.42 10.78 -71.86
MG MG W . 31.51 0.36 -80.31
PG ATP X . 49.03 10.65 -75.52
O1G ATP X . 48.84 12.15 -75.56
O2G ATP X . 47.77 9.83 -75.52
O3G ATP X . 50.13 10.14 -76.42
PB ATP X . 50.83 11.37 -73.57
O1B ATP X . 51.62 11.86 -74.74
O2B ATP X . 50.27 12.37 -72.63
O3B ATP X . 49.63 10.43 -74.06
PA ATP X . 52.87 10.82 -71.80
O1A ATP X . 52.94 12.30 -71.98
O2A ATP X . 52.69 10.24 -70.41
O3A ATP X . 51.69 10.29 -72.74
O5' ATP X . 54.15 10.12 -72.50
C5' ATP X . 55.39 10.81 -72.67
C4' ATP X . 56.49 9.80 -73.01
O4' ATP X . 56.86 9.10 -71.82
C3' ATP X . 56.03 8.77 -74.03
O3' ATP X . 56.90 8.80 -75.17
C2' ATP X . 56.16 7.41 -73.36
O2' ATP X . 56.97 6.54 -74.14
C1' ATP X . 56.81 7.68 -72.02
N9 ATP X . 55.99 7.08 -70.94
C8 ATP X . 54.66 7.20 -70.83
N7 ATP X . 54.21 6.54 -69.74
C5 ATP X . 55.27 5.99 -69.14
C6 ATP X . 55.50 5.17 -67.93
N6 ATP X . 54.46 4.79 -67.15
N1 ATP X . 56.77 4.80 -67.66
C2 ATP X . 57.80 5.18 -68.44
N3 ATP X . 57.67 5.92 -69.54
C4 ATP X . 56.45 6.35 -69.94
PB ADP Y . 56.51 63.68 5.45
O1B ADP Y . 55.05 64.04 5.48
O2B ADP Y . 57.11 63.63 4.06
O3B ADP Y . 57.36 64.38 6.47
PA ADP Y . 57.94 61.36 6.03
O1A ADP Y . 59.05 62.25 5.52
O2A ADP Y . 58.05 60.75 7.40
O3A ADP Y . 56.55 62.17 5.97
O5' ADP Y . 57.70 60.17 4.98
C5' ADP Y . 57.35 60.47 3.63
C4' ADP Y . 57.05 59.15 2.94
O4' ADP Y . 57.86 58.13 3.54
C3' ADP Y . 55.60 58.73 3.10
O3' ADP Y . 55.01 58.61 1.80
C2' ADP Y . 55.62 57.38 3.78
O2' ADP Y . 54.86 56.43 3.02
C1' ADP Y . 57.08 56.97 3.82
N9 ADP Y . 57.43 56.50 5.17
C8 ADP Y . 57.60 57.27 6.27
N7 ADP Y . 57.92 56.51 7.36
C5 ADP Y . 57.95 55.22 6.95
C6 ADP Y . 58.21 53.92 7.58
N6 ADP Y . 58.53 53.82 8.90
N1 ADP Y . 58.14 52.82 6.81
C2 ADP Y . 57.84 52.88 5.50
N3 ADP Y . 57.59 54.04 4.86
C4 ADP Y . 57.62 55.22 5.51
MG MG Z . 45.08 70.71 25.78
MG MG AA . 57.38 63.65 8.49
PG ATP BA . 47.69 72.95 24.48
O1G ATP BA . 46.63 73.93 24.02
O2G ATP BA . 48.21 71.99 23.44
O3G ATP BA . 48.75 73.54 25.38
PB ATP BA . 45.92 72.69 26.56
O1B ATP BA . 46.43 74.06 26.91
O2B ATP BA . 44.52 72.57 26.09
O3B ATP BA . 46.87 72.01 25.48
PA ATP BA . 45.20 71.79 29.07
O1A ATP BA . 44.27 72.94 28.82
O2A ATP BA . 44.63 70.42 29.37
O3A ATP BA . 46.16 71.69 27.80
O5' ATP BA . 46.25 72.19 30.21
C5' ATP BA . 45.96 73.16 31.22
C4' ATP BA . 46.98 73.05 32.36
O4' ATP BA . 46.67 71.90 33.15
C3' ATP BA . 48.40 72.89 31.85
O3' ATP BA . 49.21 73.94 32.36
C2' ATP BA . 48.91 71.56 32.39
O2' ATP BA . 50.13 71.76 33.10
C1' ATP BA . 47.82 71.07 33.31
N9 ATP BA . 47.45 69.69 32.93
C8 ATP BA . 47.22 69.26 31.68
N7 ATP BA . 46.90 67.95 31.66
C5 ATP BA . 46.94 67.51 32.92
C6 ATP BA . 46.70 66.23 33.61
N6 ATP BA . 46.36 65.13 32.90
N1 ATP BA . 46.83 66.20 34.95
C2 ATP BA . 47.18 67.30 35.65
N3 ATP BA . 47.40 68.49 35.09
C4 ATP BA . 47.30 68.66 33.76
#